data_8W1I
#
_entry.id   8W1I
#
_cell.length_a   1.00
_cell.length_b   1.00
_cell.length_c   1.00
_cell.angle_alpha   90.00
_cell.angle_beta   90.00
_cell.angle_gamma   90.00
#
_symmetry.space_group_name_H-M   'P 1'
#
_entity_poly.entity_id   1
_entity_poly.type   'polypeptide(L)'
_entity_poly.pdbx_seq_one_letter_code
;MAAQNEQRPERIKTTPYLEGDVLSSDSGPLLSVFALQEIMQKVRQVQADYMTATREVDFTVPDVQKILDDIKALAAEQVY
KIVKVPSISFRHIVMQSRDRVLRVDTYYEEMSQVGDVITEDEPEKFYSTIIKKVRFIRGKGSFILHDIPTRDHRGMEVAE
PEVLGVEFKNVLPVLTAEHRAMIQNALDGSIIENGNVATRDVDVFIGACSEPVYRIYNRLQGYIEAVQLQELRNSIGWLE
RLGHRKRITYSQEVLTDFRRQDTIWVLALQLPVNPQVVWDVPRSSIANLIMNIATCLPTGEYIAPNPRISSITLTQRITT
TGPFAILTGSTPTAQQLNDVRKIYLALMFPGQIILDLKIDPGERMDPAVRMVAGVVGHLLFTAGGRFTNLTQNMARQLDI
ALNDYLLYMYNTRVQVNYGPTGEPLDFQIGRNQYDCNVFRADFATGTGYNGWATIDVEYREPAPYVHAQRYIRYCGIDSR
ELINPTTYGIGMTYHCYNEMLRMLVAAGKDSEAAYFRSMLPFHMVRFARINQIINEDLHSVFSLPDDMFNALLPDLIAGA
HQNADPVVLDVSWISLWFAFNRSFEPTHRNEMLEVAPLIESVYASELSVMKVDMRHLSLMQRRFPDVLIQARPSHFWKAV
LNDSPEAVKAVMNLSHSHNFINIRDMMRWVMLPSLQPSLKLALEEEAWAAANDFEDLMLTDQVYMHRDMLPEPRLDDIER
FRQEGFYYTNMLEAPPEIDRVVQYTYEIARLQANMGQFRAALRRIMDDDDWVRFGGVLRTVRVKFYDARPPDDVLQGLPF
SYDTNERGGLAYATIKYATETTIFYLIYNVEFSNTPDSLVLINPTYTMTKVFINKRIVERVRVGQILAVLNRRFVAYKGK
MRIMDITQSLKMGTKLAAPTV
;
_entity_poly.pdbx_strand_id   A,B,D,E,F,G,H,I,J,K
#
# COMPACT_ATOMS: atom_id res chain seq x y z
N PHE A 59 35.85 -12.51 32.14
CA PHE A 59 36.30 -12.36 33.51
C PHE A 59 37.80 -12.05 33.56
N THR A 60 38.48 -12.56 34.57
CA THR A 60 39.90 -12.26 34.75
C THR A 60 40.76 -13.14 33.86
N VAL A 61 41.91 -12.61 33.46
CA VAL A 61 42.95 -13.45 32.86
C VAL A 61 43.48 -14.39 33.93
N PRO A 62 43.70 -15.68 33.64
CA PRO A 62 43.97 -16.65 34.71
C PRO A 62 45.23 -16.37 35.54
N ASP A 63 46.17 -15.58 35.04
CA ASP A 63 47.41 -15.36 35.79
C ASP A 63 47.15 -14.60 37.09
N VAL A 64 46.35 -13.53 37.02
CA VAL A 64 46.09 -12.73 38.22
C VAL A 64 45.21 -13.51 39.20
N GLN A 65 44.31 -14.34 38.67
CA GLN A 65 43.52 -15.21 39.53
C GLN A 65 44.43 -16.19 40.27
N LYS A 66 45.43 -16.74 39.58
CA LYS A 66 46.41 -17.60 40.23
C LYS A 66 47.20 -16.85 41.29
N ILE A 67 47.59 -15.60 40.99
CA ILE A 67 48.36 -14.81 41.95
C ILE A 67 47.55 -14.52 43.20
N LEU A 68 46.26 -14.17 43.04
CA LEU A 68 45.44 -13.92 44.22
C LEU A 68 45.15 -15.20 44.99
N ASP A 69 45.06 -16.33 44.29
CA ASP A 69 44.97 -17.61 45.00
C ASP A 69 46.21 -17.87 45.84
N ASP A 70 47.38 -17.55 45.29
CA ASP A 70 48.61 -17.67 46.07
C ASP A 70 48.63 -16.68 47.23
N ILE A 71 48.05 -15.49 47.04
CA ILE A 71 47.92 -14.53 48.14
C ILE A 71 47.12 -15.14 49.28
N LYS A 72 45.95 -15.71 48.96
CA LYS A 72 45.12 -16.32 49.98
C LYS A 72 45.81 -17.52 50.62
N ALA A 73 46.60 -18.27 49.83
CA ALA A 73 47.36 -19.37 50.39
C ALA A 73 48.41 -18.88 51.38
N LEU A 74 49.09 -17.79 51.06
CA LEU A 74 50.08 -17.23 51.97
C LEU A 74 49.40 -16.62 53.19
N ALA A 75 48.17 -16.15 53.07
CA ALA A 75 47.41 -15.61 54.18
C ALA A 75 47.14 -16.66 55.27
N ALA A 76 47.00 -17.93 54.90
CA ALA A 76 46.54 -18.95 55.82
C ALA A 76 47.68 -19.71 56.49
N GLU A 77 48.83 -19.09 56.67
CA GLU A 77 49.95 -19.72 57.37
C GLU A 77 50.21 -19.01 58.69
N GLN A 78 50.69 -19.77 59.67
CA GLN A 78 51.00 -19.24 61.00
C GLN A 78 52.49 -19.38 61.28
N VAL A 79 53.08 -18.34 61.86
CA VAL A 79 54.51 -18.31 62.12
C VAL A 79 54.76 -18.68 63.58
N TYR A 80 53.81 -18.35 64.44
CA TYR A 80 53.99 -18.57 65.86
C TYR A 80 53.95 -20.06 66.18
N LYS A 81 54.44 -20.41 67.37
CA LYS A 81 54.40 -21.78 67.85
C LYS A 81 53.85 -21.82 69.27
N ILE A 82 53.37 -23.01 69.65
CA ILE A 82 52.85 -23.27 70.98
C ILE A 82 53.58 -24.49 71.53
N VAL A 83 54.32 -24.32 72.62
CA VAL A 83 55.11 -25.39 73.20
C VAL A 83 54.81 -25.49 74.68
N LYS A 84 55.40 -26.50 75.30
CA LYS A 84 55.28 -26.78 76.72
C LYS A 84 56.49 -26.31 77.52
N VAL A 85 57.67 -26.40 76.92
CA VAL A 85 58.92 -25.95 77.52
C VAL A 85 59.60 -25.01 76.53
N PRO A 86 60.16 -23.88 76.97
CA PRO A 86 60.84 -22.98 76.04
C PRO A 86 62.12 -23.61 75.50
N SER A 87 62.62 -23.03 74.41
CA SER A 87 63.81 -23.55 73.76
C SER A 87 65.01 -23.46 74.69
N ILE A 88 65.89 -24.46 74.62
CA ILE A 88 67.04 -24.53 75.51
C ILE A 88 68.03 -23.43 75.13
N SER A 89 68.48 -22.66 76.12
CA SER A 89 69.33 -21.51 75.89
C SER A 89 70.74 -21.68 76.44
N PHE A 90 70.93 -22.50 77.46
CA PHE A 90 72.22 -22.64 78.11
C PHE A 90 72.54 -24.11 78.30
N ARG A 91 73.82 -24.43 78.21
CA ARG A 91 74.31 -25.79 78.39
C ARG A 91 75.48 -25.77 79.35
N HIS A 92 75.64 -26.88 80.06
CA HIS A 92 76.73 -27.06 81.00
C HIS A 92 77.60 -28.23 80.57
N ILE A 93 78.90 -28.01 80.58
CA ILE A 93 79.88 -29.07 80.33
C ILE A 93 80.68 -29.27 81.61
N VAL A 94 80.77 -30.51 82.05
CA VAL A 94 81.44 -30.85 83.30
C VAL A 94 82.92 -31.09 83.00
N MET A 95 83.77 -30.54 83.86
CA MET A 95 85.20 -30.76 83.79
C MET A 95 85.56 -31.95 84.67
N GLN A 96 86.85 -32.12 84.95
CA GLN A 96 87.27 -32.92 86.08
C GLN A 96 87.10 -32.16 87.39
N SER A 97 86.64 -30.91 87.33
CA SER A 97 86.35 -30.12 88.51
C SER A 97 84.99 -30.50 89.07
N ARG A 98 84.94 -30.76 90.36
CA ARG A 98 83.69 -31.15 91.02
C ARG A 98 82.96 -29.97 91.64
N ASP A 99 83.44 -28.74 91.46
CA ASP A 99 82.73 -27.57 91.93
C ASP A 99 82.65 -26.45 90.90
N ARG A 100 83.27 -26.61 89.73
CA ARG A 100 83.22 -25.61 88.68
C ARG A 100 82.95 -26.30 87.35
N VAL A 101 82.02 -25.73 86.58
CA VAL A 101 81.68 -26.26 85.27
C VAL A 101 81.80 -25.14 84.24
N LEU A 102 81.64 -25.50 82.97
CA LEU A 102 81.69 -24.53 81.88
C LEU A 102 80.27 -24.29 81.39
N ARG A 103 79.79 -23.07 81.57
CA ARG A 103 78.48 -22.66 81.08
C ARG A 103 78.65 -22.00 79.72
N VAL A 104 77.90 -22.49 78.74
CA VAL A 104 77.91 -21.97 77.38
C VAL A 104 76.48 -21.66 76.97
N ASP A 105 76.21 -20.40 76.64
CA ASP A 105 74.94 -20.05 76.04
C ASP A 105 74.87 -20.57 74.60
N THR A 106 73.95 -21.51 74.36
CA THR A 106 73.95 -22.28 73.13
C THR A 106 73.50 -21.47 71.91
N TYR A 107 72.96 -20.27 72.12
CA TYR A 107 72.57 -19.43 70.99
C TYR A 107 73.78 -19.11 70.12
N TYR A 108 74.90 -18.74 70.74
CA TYR A 108 76.08 -18.32 69.98
C TYR A 108 76.63 -19.46 69.13
N GLU A 109 76.80 -20.64 69.70
CA GLU A 109 77.29 -21.77 68.90
C GLU A 109 76.26 -22.19 67.85
N GLU A 110 74.98 -22.08 68.19
CA GLU A 110 73.93 -22.46 67.23
C GLU A 110 73.96 -21.57 66.00
N MET A 111 74.15 -20.27 66.19
CA MET A 111 74.20 -19.37 65.04
C MET A 111 75.61 -19.20 64.53
N SER A 112 76.57 -19.86 65.15
CA SER A 112 77.95 -19.84 64.67
C SER A 112 78.14 -20.81 63.49
N GLN A 113 77.19 -21.71 63.29
CA GLN A 113 77.34 -22.76 62.28
C GLN A 113 76.41 -22.58 61.09
N VAL A 114 75.85 -21.38 60.92
CA VAL A 114 74.90 -21.13 59.84
C VAL A 114 75.53 -20.18 58.84
N GLY A 115 75.06 -20.22 57.61
CA GLY A 115 75.58 -19.45 56.49
C GLY A 115 77.00 -19.82 56.05
N ASP A 116 77.29 -19.59 54.77
CA ASP A 116 78.64 -19.72 54.20
C ASP A 116 79.45 -18.42 54.31
N VAL A 117 80.74 -18.46 54.00
CA VAL A 117 81.71 -17.35 54.15
C VAL A 117 81.43 -16.13 53.26
N ILE A 118 82.29 -15.10 53.35
CA ILE A 118 82.11 -13.78 52.74
C ILE A 118 83.40 -13.27 52.11
N THR A 119 83.26 -12.41 51.12
CA THR A 119 84.32 -11.58 50.56
C THR A 119 83.69 -10.25 50.14
N GLU A 120 84.45 -9.15 50.12
CA GLU A 120 84.00 -7.88 49.54
C GLU A 120 83.69 -7.99 48.03
N ASP A 121 84.17 -9.06 47.41
CA ASP A 121 83.90 -9.45 46.03
C ASP A 121 82.44 -9.89 45.78
N GLU A 122 81.65 -10.18 46.82
CA GLU A 122 80.25 -10.61 46.70
C GLU A 122 79.28 -9.92 47.68
N PRO A 123 79.10 -8.58 47.59
CA PRO A 123 78.25 -7.85 48.53
C PRO A 123 76.79 -8.32 48.50
N GLU A 124 76.26 -8.71 47.34
CA GLU A 124 74.89 -9.24 47.24
C GLU A 124 74.75 -10.57 48.00
N LYS A 125 75.79 -11.41 47.98
CA LYS A 125 75.83 -12.62 48.80
C LYS A 125 75.86 -12.23 50.26
N PHE A 126 76.66 -11.25 50.65
CA PHE A 126 76.70 -10.76 52.02
C PHE A 126 75.33 -10.32 52.48
N TYR A 127 74.63 -9.48 51.72
CA TYR A 127 73.27 -9.07 52.03
C TYR A 127 72.32 -10.26 52.17
N SER A 128 72.39 -11.20 51.24
CA SER A 128 71.57 -12.42 51.29
C SER A 128 71.81 -13.18 52.59
N THR A 129 73.07 -13.25 53.01
CA THR A 129 73.44 -13.88 54.28
C THR A 129 72.85 -13.13 55.45
N ILE A 130 72.94 -11.80 55.47
CA ILE A 130 72.41 -10.98 56.54
C ILE A 130 70.90 -11.20 56.69
N ILE A 131 70.17 -11.23 55.59
CA ILE A 131 68.74 -11.51 55.59
C ILE A 131 68.48 -12.90 56.19
N LYS A 132 69.33 -13.87 55.85
CA LYS A 132 69.16 -15.21 56.39
C LYS A 132 69.33 -15.21 57.91
N LYS A 133 70.28 -14.43 58.41
CA LYS A 133 70.54 -14.39 59.85
C LYS A 133 69.39 -13.72 60.59
N VAL A 134 68.85 -12.63 60.03
CA VAL A 134 67.75 -11.97 60.71
C VAL A 134 66.49 -12.81 60.64
N ARG A 135 66.29 -13.58 59.56
CA ARG A 135 65.16 -14.49 59.53
C ARG A 135 65.37 -15.63 60.52
N PHE A 136 66.61 -16.05 60.71
CA PHE A 136 66.92 -17.04 61.74
C PHE A 136 66.51 -16.56 63.11
N ILE A 137 66.95 -15.35 63.49
CA ILE A 137 66.59 -14.85 64.81
C ILE A 137 65.10 -14.56 64.91
N ARG A 138 64.45 -14.19 63.80
CA ARG A 138 63.00 -13.98 63.82
C ARG A 138 62.26 -15.29 64.08
N GLY A 139 62.68 -16.36 63.41
CA GLY A 139 62.01 -17.64 63.61
C GLY A 139 62.36 -18.33 64.90
N LYS A 140 63.47 -17.97 65.53
CA LYS A 140 63.93 -18.68 66.72
C LYS A 140 62.97 -18.50 67.90
N GLY A 141 62.44 -17.30 68.08
CA GLY A 141 61.64 -16.99 69.25
C GLY A 141 60.14 -16.93 69.08
N SER A 142 59.62 -17.33 67.92
CA SER A 142 58.18 -17.17 67.63
C SER A 142 57.40 -18.33 68.23
N PHE A 143 57.39 -18.38 69.57
CA PHE A 143 56.69 -19.44 70.28
C PHE A 143 56.00 -18.88 71.51
N ILE A 144 54.87 -19.50 71.86
CA ILE A 144 54.05 -19.10 73.00
C ILE A 144 53.97 -20.28 73.96
N LEU A 145 54.20 -20.00 75.25
CA LEU A 145 54.19 -21.04 76.26
C LEU A 145 52.75 -21.36 76.67
N HIS A 146 52.41 -22.64 76.63
CA HIS A 146 51.11 -23.11 77.09
C HIS A 146 51.25 -24.50 77.68
N ASP A 147 50.39 -24.79 78.67
CA ASP A 147 50.33 -26.09 79.34
C ASP A 147 51.67 -26.44 79.97
N ILE A 148 52.19 -25.53 80.78
CA ILE A 148 53.50 -25.70 81.43
C ILE A 148 53.36 -26.61 82.64
N PRO A 149 54.21 -27.63 82.76
CA PRO A 149 54.11 -28.55 83.91
C PRO A 149 54.59 -27.92 85.20
N THR A 150 54.12 -28.47 86.31
CA THR A 150 54.51 -28.02 87.63
C THR A 150 54.23 -29.12 88.64
N ARG A 151 54.82 -28.96 89.82
CA ARG A 151 54.57 -29.80 90.97
C ARG A 151 54.02 -28.93 92.10
N ASP A 152 53.84 -29.54 93.27
CA ASP A 152 53.30 -28.83 94.42
C ASP A 152 53.97 -29.35 95.67
N HIS A 153 54.60 -28.47 96.44
CA HIS A 153 55.11 -28.85 97.74
C HIS A 153 55.24 -27.60 98.61
N ARG A 154 55.32 -27.84 99.93
CA ARG A 154 55.38 -26.79 100.94
C ARG A 154 54.21 -25.80 100.79
N GLY A 155 53.05 -26.35 100.46
CA GLY A 155 51.87 -25.53 100.24
C GLY A 155 52.04 -24.53 99.12
N MET A 156 52.85 -24.85 98.11
CA MET A 156 53.10 -23.89 97.04
C MET A 156 53.38 -24.64 95.74
N GLU A 157 52.87 -24.10 94.64
CA GLU A 157 53.12 -24.66 93.33
C GLU A 157 54.54 -24.33 92.90
N VAL A 158 55.26 -25.33 92.41
CA VAL A 158 56.69 -25.23 92.15
C VAL A 158 56.96 -25.60 90.71
N ALA A 159 57.80 -24.82 90.04
CA ALA A 159 58.19 -25.09 88.67
C ALA A 159 59.06 -26.34 88.58
N GLU A 160 59.32 -26.76 87.31
CA GLU A 160 60.13 -27.89 86.87
C GLU A 160 61.53 -27.44 86.49
N PRO A 161 62.54 -28.29 86.68
CA PRO A 161 63.89 -27.93 86.21
C PRO A 161 63.98 -27.84 84.70
N GLU A 162 63.08 -28.52 83.97
CA GLU A 162 63.11 -28.46 82.51
C GLU A 162 62.59 -27.12 82.00
N VAL A 163 61.49 -26.63 82.58
CA VAL A 163 60.92 -25.36 82.15
C VAL A 163 61.79 -24.18 82.53
N LEU A 164 62.82 -24.41 83.36
CA LEU A 164 63.79 -23.36 83.68
C LEU A 164 64.54 -22.89 82.45
N GLY A 165 64.59 -23.70 81.40
CA GLY A 165 65.28 -23.36 80.18
C GLY A 165 66.75 -23.72 80.16
N VAL A 166 67.30 -24.18 81.28
CA VAL A 166 68.71 -24.50 81.40
C VAL A 166 68.85 -25.98 81.76
N GLU A 167 69.90 -26.61 81.28
CA GLU A 167 70.20 -28.01 81.56
C GLU A 167 71.46 -28.09 82.39
N PHE A 168 71.35 -28.72 83.57
CA PHE A 168 72.48 -29.00 84.45
C PHE A 168 72.39 -30.43 84.96
N LYS A 169 71.76 -31.31 84.19
CA LYS A 169 71.43 -32.64 84.68
C LYS A 169 72.58 -33.63 84.59
N ASN A 170 73.73 -33.21 84.08
CA ASN A 170 74.91 -34.05 84.03
C ASN A 170 75.98 -33.64 85.02
N VAL A 171 75.65 -32.78 85.97
CA VAL A 171 76.60 -32.38 87.01
C VAL A 171 76.14 -32.77 88.41
N LEU A 172 74.92 -33.31 88.56
CA LEU A 172 74.47 -33.77 89.86
C LEU A 172 75.30 -34.90 90.47
N PRO A 173 75.58 -36.02 89.76
CA PRO A 173 76.21 -37.16 90.46
C PRO A 173 77.62 -36.91 90.95
N VAL A 174 78.33 -35.89 90.44
CA VAL A 174 79.66 -35.56 90.96
C VAL A 174 79.60 -34.56 92.09
N LEU A 175 78.41 -34.06 92.45
CA LEU A 175 78.28 -33.08 93.50
C LEU A 175 78.48 -33.72 94.87
N THR A 176 78.46 -32.88 95.89
CA THR A 176 78.57 -33.31 97.27
C THR A 176 77.23 -33.09 97.98
N ALA A 177 77.20 -33.36 99.29
CA ALA A 177 75.95 -33.22 100.05
C ALA A 177 75.53 -31.76 100.17
N GLU A 178 76.49 -30.88 100.46
CA GLU A 178 76.16 -29.47 100.65
C GLU A 178 75.64 -28.84 99.38
N HIS A 179 76.26 -29.16 98.24
CA HIS A 179 75.81 -28.60 96.96
C HIS A 179 74.42 -29.12 96.60
N ARG A 180 74.17 -30.42 96.84
CA ARG A 180 72.85 -30.97 96.57
C ARG A 180 71.80 -30.33 97.45
N ALA A 181 72.11 -30.13 98.73
CA ALA A 181 71.17 -29.46 99.63
C ALA A 181 70.90 -28.03 99.20
N MET A 182 71.95 -27.31 98.78
CA MET A 182 71.78 -25.92 98.37
C MET A 182 70.94 -25.82 97.11
N ILE A 183 71.20 -26.69 96.13
CA ILE A 183 70.42 -26.65 94.89
C ILE A 183 68.99 -27.09 95.15
N GLN A 184 68.79 -27.99 96.13
CA GLN A 184 67.44 -28.39 96.52
C GLN A 184 66.68 -27.22 97.13
N ASN A 185 67.32 -26.49 98.04
CA ASN A 185 66.68 -25.33 98.66
C ASN A 185 66.39 -24.25 97.62
N ALA A 186 67.33 -24.04 96.69
CA ALA A 186 67.13 -23.04 95.65
C ALA A 186 66.00 -23.42 94.71
N LEU A 187 65.88 -24.72 94.38
CA LEU A 187 64.75 -25.19 93.61
C LEU A 187 63.45 -24.94 94.35
N ASP A 188 63.46 -25.18 95.67
CA ASP A 188 62.31 -24.85 96.49
C ASP A 188 62.04 -23.35 96.52
N GLY A 189 63.05 -22.53 96.22
CA GLY A 189 62.87 -21.09 96.23
C GLY A 189 61.97 -20.59 95.12
N SER A 190 62.02 -21.23 93.96
CA SER A 190 61.26 -20.77 92.80
C SER A 190 59.76 -20.86 93.06
N ILE A 191 59.02 -19.82 92.67
CA ILE A 191 57.61 -19.70 92.97
C ILE A 191 56.86 -19.38 91.69
N ILE A 192 55.53 -19.34 91.80
CA ILE A 192 54.63 -18.97 90.72
C ILE A 192 53.72 -17.87 91.24
N GLU A 193 53.29 -16.99 90.34
CA GLU A 193 52.44 -15.86 90.70
C GLU A 193 51.16 -15.92 89.88
N ASN A 194 50.02 -15.92 90.58
CA ASN A 194 48.71 -16.01 89.94
C ASN A 194 48.29 -14.61 89.54
N GLY A 195 48.79 -14.15 88.39
CA GLY A 195 48.55 -12.80 87.92
C GLY A 195 47.33 -12.73 87.01
N ASN A 196 47.12 -11.52 86.49
CA ASN A 196 45.97 -11.25 85.64
C ASN A 196 46.38 -10.42 84.44
N VAL A 197 45.70 -10.64 83.34
CA VAL A 197 45.79 -9.76 82.17
C VAL A 197 44.42 -9.74 81.49
N ALA A 198 43.92 -8.52 81.26
CA ALA A 198 42.60 -8.29 80.66
C ALA A 198 41.51 -9.07 81.40
N THR A 199 41.62 -9.10 82.72
CA THR A 199 40.72 -9.86 83.61
C THR A 199 40.68 -11.33 83.22
N ARG A 200 41.87 -11.94 83.11
CA ARG A 200 42.00 -13.36 82.84
C ARG A 200 43.20 -13.91 83.60
N ASP A 201 43.00 -15.06 84.24
CA ASP A 201 44.02 -15.65 85.10
C ASP A 201 45.20 -16.12 84.27
N VAL A 202 46.41 -15.74 84.69
CA VAL A 202 47.66 -16.16 84.07
C VAL A 202 48.67 -16.46 85.17
N ASP A 203 49.80 -17.04 84.79
CA ASP A 203 50.85 -17.41 85.73
C ASP A 203 52.14 -16.71 85.33
N VAL A 204 52.95 -16.32 86.32
CA VAL A 204 54.23 -15.68 86.07
C VAL A 204 55.29 -16.37 86.93
N PHE A 205 56.42 -16.72 86.31
CA PHE A 205 57.52 -17.34 87.03
C PHE A 205 58.84 -16.83 86.48
N ILE A 206 59.93 -17.40 86.99
CA ILE A 206 61.29 -16.97 86.69
C ILE A 206 61.98 -18.07 85.89
N GLY A 207 62.51 -17.69 84.73
CA GLY A 207 63.31 -18.57 83.91
C GLY A 207 64.44 -17.84 83.23
N ALA A 208 65.14 -18.52 82.32
CA ALA A 208 66.34 -18.00 81.69
C ALA A 208 66.18 -17.98 80.18
N CYS A 209 66.63 -16.88 79.56
CA CYS A 209 66.57 -16.72 78.12
C CYS A 209 67.60 -15.67 77.69
N SER A 210 68.16 -15.87 76.50
CA SER A 210 69.08 -14.90 75.94
C SER A 210 68.34 -13.60 75.60
N GLU A 211 69.06 -12.49 75.70
CA GLU A 211 68.45 -11.18 75.48
C GLU A 211 67.85 -11.00 74.08
N PRO A 212 68.52 -11.37 72.97
CA PRO A 212 67.87 -11.21 71.66
C PRO A 212 66.57 -11.99 71.51
N VAL A 213 66.50 -13.21 72.06
CA VAL A 213 65.26 -13.96 72.00
C VAL A 213 64.24 -13.39 72.95
N TYR A 214 64.69 -12.97 74.14
CA TYR A 214 63.79 -12.43 75.15
C TYR A 214 63.12 -11.14 74.67
N ARG A 215 63.83 -10.34 73.88
CA ARG A 215 63.24 -9.11 73.35
C ARG A 215 62.05 -9.43 72.44
N ILE A 216 62.23 -10.38 71.52
CA ILE A 216 61.14 -10.72 70.62
C ILE A 216 60.00 -11.39 71.36
N TYR A 217 60.33 -12.22 72.36
CA TYR A 217 59.28 -12.85 73.16
C TYR A 217 58.45 -11.80 73.90
N ASN A 218 59.12 -10.79 74.47
CA ASN A 218 58.41 -9.71 75.15
C ASN A 218 57.54 -8.93 74.15
N ARG A 219 58.08 -8.68 72.96
CA ARG A 219 57.31 -7.94 71.96
C ARG A 219 56.06 -8.71 71.55
N LEU A 220 56.18 -10.02 71.36
CA LEU A 220 55.00 -10.81 71.00
C LEU A 220 54.01 -10.87 72.15
N GLN A 221 54.49 -10.88 73.39
CA GLN A 221 53.58 -10.80 74.53
C GLN A 221 52.82 -9.47 74.52
N GLY A 222 53.53 -8.38 74.21
CA GLY A 222 52.85 -7.10 74.09
C GLY A 222 51.84 -7.08 72.96
N TYR A 223 52.16 -7.69 71.82
CA TYR A 223 51.24 -7.77 70.70
C TYR A 223 50.00 -8.55 71.09
N ILE A 224 50.16 -9.70 71.76
CA ILE A 224 48.98 -10.49 72.10
C ILE A 224 48.16 -9.77 73.17
N GLU A 225 48.80 -9.02 74.08
CA GLU A 225 48.03 -8.21 75.02
C GLU A 225 47.22 -7.14 74.30
N ALA A 226 47.83 -6.47 73.33
CA ALA A 226 47.12 -5.45 72.56
C ALA A 226 45.97 -6.07 71.76
N VAL A 227 46.16 -7.25 71.19
CA VAL A 227 45.11 -7.94 70.46
C VAL A 227 43.98 -8.28 71.40
N GLN A 228 44.30 -8.84 72.58
CA GLN A 228 43.27 -9.21 73.54
C GLN A 228 42.62 -8.01 74.20
N LEU A 229 43.16 -6.80 74.02
CA LEU A 229 42.58 -5.63 74.69
C LEU A 229 41.55 -4.91 73.81
N GLN A 230 41.96 -4.40 72.65
CA GLN A 230 41.12 -3.45 71.95
C GLN A 230 40.90 -3.78 70.48
N GLU A 231 41.85 -4.43 69.84
CA GLU A 231 41.89 -4.46 68.38
C GLU A 231 40.71 -5.22 67.77
N LEU A 232 40.36 -6.36 68.38
CA LEU A 232 39.36 -7.25 67.80
C LEU A 232 37.97 -6.61 67.80
N ARG A 233 37.62 -5.84 68.82
CA ARG A 233 36.32 -5.17 68.87
C ARG A 233 36.18 -4.18 67.74
N ASN A 234 37.17 -3.33 67.52
CA ASN A 234 37.08 -2.35 66.44
C ASN A 234 37.21 -3.03 65.07
N SER A 235 37.96 -4.12 64.98
CA SER A 235 37.94 -4.95 63.78
C SER A 235 36.52 -5.44 63.47
N ILE A 236 35.81 -6.01 64.45
CA ILE A 236 34.43 -6.48 64.28
C ILE A 236 33.52 -5.34 63.87
N GLY A 237 33.64 -4.20 64.55
CA GLY A 237 32.80 -3.06 64.22
C GLY A 237 33.02 -2.55 62.81
N TRP A 238 34.26 -2.50 62.37
CA TRP A 238 34.58 -1.99 61.04
C TRP A 238 34.08 -2.94 59.96
N LEU A 239 34.31 -4.24 60.11
CA LEU A 239 33.76 -5.19 59.15
C LEU A 239 32.23 -5.20 59.17
N GLU A 240 31.59 -4.98 60.32
CA GLU A 240 30.13 -4.95 60.35
C GLU A 240 29.59 -3.69 59.69
N ARG A 241 30.26 -2.55 59.84
CA ARG A 241 29.92 -1.32 59.09
C ARG A 241 30.05 -1.58 57.60
N LEU A 242 31.12 -2.26 57.19
CA LEU A 242 31.29 -2.59 55.78
C LEU A 242 30.17 -3.51 55.31
N GLY A 243 29.76 -4.46 56.15
CA GLY A 243 28.65 -5.33 55.78
C GLY A 243 27.33 -4.59 55.67
N HIS A 244 27.13 -3.58 56.53
CA HIS A 244 25.93 -2.76 56.42
C HIS A 244 25.91 -1.99 55.12
N ARG A 245 27.02 -1.33 54.78
CA ARG A 245 27.01 -0.47 53.61
C ARG A 245 27.03 -1.28 52.31
N LYS A 246 27.76 -2.39 52.27
CA LYS A 246 27.96 -3.13 51.03
C LYS A 246 26.96 -4.26 50.85
N ARG A 247 25.92 -4.32 51.70
CA ARG A 247 24.86 -5.32 51.59
C ARG A 247 25.42 -6.74 51.65
N ILE A 248 26.36 -6.96 52.56
CA ILE A 248 27.00 -8.25 52.77
C ILE A 248 26.76 -8.65 54.22
N THR A 249 26.45 -9.92 54.43
CA THR A 249 26.20 -10.42 55.78
C THR A 249 27.41 -11.23 56.24
N TYR A 250 27.93 -10.88 57.41
CA TYR A 250 29.01 -11.61 58.07
C TYR A 250 28.47 -12.40 59.24
N SER A 251 29.37 -13.05 59.96
CA SER A 251 28.99 -13.90 61.08
C SER A 251 29.95 -13.75 62.25
N GLN A 252 29.43 -14.04 63.45
CA GLN A 252 30.22 -14.01 64.68
C GLN A 252 30.01 -15.29 65.49
N GLU A 253 29.64 -16.39 64.83
CA GLU A 253 29.27 -17.60 65.54
C GLU A 253 30.43 -18.17 66.35
N VAL A 254 31.63 -18.14 65.79
CA VAL A 254 32.78 -18.73 66.45
C VAL A 254 33.20 -17.97 67.69
N LEU A 255 32.67 -16.77 67.90
CA LEU A 255 32.93 -16.00 69.10
C LEU A 255 31.89 -16.23 70.19
N THR A 256 30.94 -17.14 69.97
CA THR A 256 29.75 -17.26 70.81
C THR A 256 29.45 -18.73 71.15
N ASP A 257 30.44 -19.47 71.61
CA ASP A 257 30.17 -20.78 72.20
C ASP A 257 30.04 -20.66 73.72
N PHE A 258 29.60 -21.75 74.35
CA PHE A 258 29.39 -21.68 75.79
C PHE A 258 30.69 -21.73 76.58
N ARG A 259 31.84 -21.85 75.90
CA ARG A 259 33.15 -21.68 76.50
C ARG A 259 33.83 -20.40 76.00
N ARG A 260 33.05 -19.35 75.74
CA ARG A 260 33.63 -18.13 75.18
C ARG A 260 34.38 -17.34 76.24
N GLN A 261 33.92 -17.37 77.49
CA GLN A 261 34.38 -16.43 78.49
C GLN A 261 35.82 -16.66 78.91
N ASP A 262 36.30 -17.90 78.86
CA ASP A 262 37.62 -18.21 79.39
C ASP A 262 38.52 -18.75 78.28
N THR A 263 38.51 -18.09 77.12
CA THR A 263 39.29 -18.50 75.97
C THR A 263 40.10 -17.31 75.47
N ILE A 264 41.37 -17.57 75.13
CA ILE A 264 42.28 -16.53 74.66
C ILE A 264 42.34 -16.58 73.15
N TRP A 265 42.14 -15.44 72.50
CA TRP A 265 42.07 -15.35 71.05
C TRP A 265 43.41 -14.95 70.47
N VAL A 266 43.66 -15.36 69.23
CA VAL A 266 44.85 -14.96 68.48
C VAL A 266 44.41 -14.56 67.08
N LEU A 267 44.83 -13.36 66.65
CA LEU A 267 44.70 -12.83 65.30
C LEU A 267 46.06 -12.39 64.75
N ALA A 268 46.42 -12.84 63.55
CA ALA A 268 47.65 -12.39 62.90
C ALA A 268 47.49 -11.10 62.10
N LEU A 269 46.27 -10.81 61.62
CA LEU A 269 45.96 -9.72 60.69
C LEU A 269 45.05 -8.68 61.32
N GLN A 270 45.47 -7.43 61.37
CA GLN A 270 44.60 -6.34 61.81
C GLN A 270 43.58 -5.97 60.74
N LEU A 271 42.37 -5.62 61.17
CA LEU A 271 41.29 -5.32 60.19
C LEU A 271 41.56 -3.97 59.53
N PRO A 272 41.84 -2.89 60.29
CA PRO A 272 42.19 -1.62 59.66
C PRO A 272 43.37 -1.85 58.72
N VAL A 273 43.16 -1.61 57.42
CA VAL A 273 44.24 -1.79 56.41
C VAL A 273 44.64 -0.40 55.90
N ASN A 274 45.28 0.40 56.77
CA ASN A 274 45.59 1.78 56.40
C ASN A 274 45.68 1.93 54.86
N PRO A 275 44.66 2.47 54.19
CA PRO A 275 44.60 2.50 52.73
C PRO A 275 45.77 3.26 52.11
N GLN A 276 46.30 4.26 52.82
CA GLN A 276 47.40 5.04 52.31
C GLN A 276 48.57 4.16 51.89
N VAL A 277 48.81 3.03 52.57
CA VAL A 277 49.92 2.15 52.20
C VAL A 277 49.75 1.53 50.81
N VAL A 278 48.54 1.17 50.40
CA VAL A 278 48.32 0.68 49.02
C VAL A 278 48.40 1.83 48.03
N TRP A 279 47.92 3.01 48.40
CA TRP A 279 47.99 4.12 47.47
C TRP A 279 49.38 4.72 47.30
N ASP A 280 50.21 4.68 48.32
CA ASP A 280 51.59 5.17 48.26
C ASP A 280 52.48 4.50 47.23
N VAL A 281 52.08 3.36 46.69
CA VAL A 281 52.86 2.66 45.67
C VAL A 281 52.97 3.56 44.46
N PRO A 282 54.17 3.93 44.04
CA PRO A 282 54.32 4.82 42.89
C PRO A 282 53.85 4.17 41.59
N ARG A 283 53.23 5.00 40.74
CA ARG A 283 52.75 4.64 39.39
C ARG A 283 52.04 3.27 39.36
N SER A 284 51.19 3.04 40.35
CA SER A 284 50.45 1.79 40.47
C SER A 284 48.97 1.95 40.16
N SER A 285 48.55 3.12 39.67
CA SER A 285 47.13 3.40 39.48
C SER A 285 46.50 2.43 38.50
N ILE A 286 47.19 2.11 37.41
CA ILE A 286 46.66 1.17 36.43
C ILE A 286 46.57 -0.24 37.04
N ALA A 287 47.56 -0.61 37.87
CA ALA A 287 47.52 -1.92 38.53
C ALA A 287 46.36 -1.98 39.51
N ASN A 288 46.17 -0.91 40.29
CA ASN A 288 45.04 -0.86 41.21
C ASN A 288 43.72 -0.98 40.46
N LEU A 289 43.62 -0.33 39.30
CA LEU A 289 42.40 -0.37 38.52
C LEU A 289 42.13 -1.78 38.00
N ILE A 290 43.15 -2.42 37.41
CA ILE A 290 42.93 -3.71 36.78
C ILE A 290 42.65 -4.78 37.82
N MET A 291 43.35 -4.74 38.95
CA MET A 291 43.07 -5.73 39.99
C MET A 291 41.78 -5.42 40.73
N ASN A 292 41.37 -4.15 40.79
CA ASN A 292 40.04 -3.82 41.30
C ASN A 292 38.96 -4.45 40.45
N ILE A 293 39.01 -4.24 39.13
CA ILE A 293 37.97 -4.79 38.29
C ILE A 293 38.10 -6.30 38.19
N ALA A 294 39.28 -6.84 38.51
CA ALA A 294 39.43 -8.29 38.58
C ALA A 294 38.73 -8.87 39.80
N THR A 295 38.88 -8.23 40.96
CA THR A 295 38.42 -8.79 42.22
C THR A 295 36.98 -8.40 42.56
N CYS A 296 36.46 -7.32 41.98
CA CYS A 296 35.18 -6.78 42.44
C CYS A 296 34.10 -6.67 41.37
N LEU A 297 34.43 -6.67 40.09
CA LEU A 297 33.43 -6.42 39.06
C LEU A 297 32.58 -7.66 38.82
N PRO A 298 31.25 -7.57 38.96
CA PRO A 298 30.39 -8.72 38.70
C PRO A 298 29.89 -8.77 37.26
N THR A 299 29.21 -9.86 36.92
CA THR A 299 28.74 -10.12 35.57
C THR A 299 27.25 -10.43 35.58
N GLY A 300 26.54 -9.90 34.59
CA GLY A 300 25.11 -10.11 34.48
C GLY A 300 24.66 -10.50 33.09
N GLU A 301 23.44 -10.14 32.71
CA GLU A 301 22.89 -10.45 31.39
C GLU A 301 22.30 -9.20 30.78
N TYR A 302 22.18 -9.22 29.45
CA TYR A 302 21.71 -8.08 28.68
C TYR A 302 20.31 -8.35 28.15
N ILE A 303 19.41 -7.39 28.37
CA ILE A 303 17.98 -7.56 28.08
C ILE A 303 17.53 -6.42 27.18
N ALA A 304 16.60 -6.73 26.27
CA ALA A 304 15.93 -5.83 25.34
C ALA A 304 14.55 -5.47 25.86
N PRO A 305 14.01 -4.31 25.50
CA PRO A 305 12.65 -3.95 25.93
C PRO A 305 11.60 -4.55 25.01
N ASN A 306 10.33 -4.22 25.23
CA ASN A 306 9.26 -4.74 24.38
C ASN A 306 9.36 -4.15 22.99
N PRO A 307 9.42 -4.97 21.94
CA PRO A 307 9.56 -4.43 20.58
C PRO A 307 8.37 -3.64 20.09
N ARG A 308 7.20 -3.76 20.72
CA ARG A 308 6.05 -2.97 20.30
C ARG A 308 6.31 -1.48 20.46
N ILE A 309 7.19 -1.12 21.40
CA ILE A 309 7.55 0.28 21.61
C ILE A 309 8.19 0.87 20.35
N SER A 310 9.22 0.19 19.83
CA SER A 310 9.86 0.64 18.61
C SER A 310 8.94 0.46 17.41
N SER A 311 8.03 -0.50 17.47
CA SER A 311 7.07 -0.68 16.39
C SER A 311 6.16 0.52 16.24
N ILE A 312 5.61 1.01 17.36
CA ILE A 312 4.62 2.08 17.28
C ILE A 312 5.26 3.46 17.27
N THR A 313 6.47 3.60 17.81
CA THR A 313 7.06 4.92 17.92
C THR A 313 7.79 5.32 16.63
N LEU A 314 8.79 4.54 16.23
CA LEU A 314 9.61 4.91 15.09
C LEU A 314 9.12 4.30 13.78
N THR A 315 8.08 3.48 13.82
CA THR A 315 7.41 2.96 12.61
C THR A 315 5.91 3.08 12.75
N GLN A 316 5.44 4.22 13.26
CA GLN A 316 4.00 4.47 13.30
C GLN A 316 3.43 4.50 11.89
N ARG A 317 4.12 5.14 10.97
CA ARG A 317 3.80 5.06 9.56
C ARG A 317 4.56 3.89 8.95
N ILE A 318 3.98 3.30 7.90
CA ILE A 318 4.57 2.14 7.24
C ILE A 318 5.05 2.49 5.84
N THR A 319 4.33 3.34 5.11
CA THR A 319 4.76 3.74 3.78
C THR A 319 6.10 4.44 3.81
N THR A 320 6.30 5.36 4.76
CA THR A 320 7.57 6.05 4.88
C THR A 320 8.45 5.38 5.93
N THR A 321 9.66 5.89 6.07
CA THR A 321 10.60 5.39 7.06
C THR A 321 11.58 6.49 7.42
N GLY A 322 12.23 6.32 8.56
CA GLY A 322 13.26 7.24 8.99
C GLY A 322 14.58 6.53 9.19
N PRO A 323 15.64 7.29 9.44
CA PRO A 323 16.93 6.64 9.78
C PRO A 323 16.84 5.76 11.01
N PHE A 324 16.09 6.21 12.01
CA PHE A 324 15.89 5.40 13.21
C PHE A 324 15.12 4.13 12.90
N ALA A 325 14.14 4.20 12.00
CA ALA A 325 13.39 3.00 11.63
C ALA A 325 14.26 2.02 10.86
N ILE A 326 15.22 2.51 10.08
CA ILE A 326 16.14 1.59 9.41
C ILE A 326 17.07 0.95 10.43
N LEU A 327 17.55 1.72 11.40
CA LEU A 327 18.45 1.15 12.40
C LEU A 327 17.73 0.25 13.41
N THR A 328 16.40 0.36 13.53
CA THR A 328 15.71 -0.51 14.49
C THR A 328 15.59 -1.93 13.98
N GLY A 329 15.79 -2.15 12.69
CA GLY A 329 15.84 -3.49 12.12
C GLY A 329 17.24 -4.08 12.08
N SER A 330 18.21 -3.44 12.68
CA SER A 330 19.58 -3.93 12.65
C SER A 330 19.71 -5.21 13.47
N THR A 331 20.78 -5.96 13.20
CA THR A 331 21.07 -7.19 13.91
C THR A 331 22.52 -7.16 14.40
N PRO A 332 22.79 -7.70 15.58
CA PRO A 332 24.13 -7.59 16.16
C PRO A 332 25.11 -8.56 15.52
N THR A 333 26.39 -8.25 15.71
CA THR A 333 27.49 -9.19 15.56
C THR A 333 28.28 -9.21 16.87
N ALA A 334 29.32 -10.04 16.92
CA ALA A 334 30.07 -10.20 18.17
C ALA A 334 30.87 -8.95 18.52
N GLN A 335 31.39 -8.25 17.51
CA GLN A 335 32.19 -7.07 17.77
C GLN A 335 31.37 -5.96 18.42
N GLN A 336 30.09 -5.83 18.04
CA GLN A 336 29.26 -4.81 18.66
C GLN A 336 28.93 -5.17 20.11
N LEU A 337 28.75 -6.45 20.40
CA LEU A 337 28.57 -6.87 21.79
C LEU A 337 29.81 -6.56 22.62
N ASN A 338 30.99 -6.84 22.08
CA ASN A 338 32.23 -6.51 22.76
C ASN A 338 32.36 -5.01 22.96
N ASP A 339 31.94 -4.22 21.96
CA ASP A 339 32.01 -2.77 22.07
C ASP A 339 31.04 -2.24 23.12
N VAL A 340 29.84 -2.82 23.20
CA VAL A 340 28.89 -2.41 24.23
C VAL A 340 29.45 -2.76 25.61
N ARG A 341 30.11 -3.91 25.71
CA ARG A 341 30.81 -4.25 26.94
C ARG A 341 31.86 -3.20 27.28
N LYS A 342 32.60 -2.75 26.28
CA LYS A 342 33.61 -1.72 26.49
C LYS A 342 32.98 -0.41 26.97
N ILE A 343 31.83 -0.04 26.38
CA ILE A 343 31.14 1.19 26.76
C ILE A 343 30.71 1.12 28.21
N TYR A 344 30.10 0.00 28.60
CA TYR A 344 29.64 -0.14 29.99
C TYR A 344 30.83 -0.18 30.96
N LEU A 345 31.93 -0.81 30.53
CA LEU A 345 33.13 -0.83 31.36
C LEU A 345 33.67 0.58 31.56
N ALA A 346 33.67 1.39 30.51
CA ALA A 346 34.10 2.78 30.65
C ALA A 346 33.15 3.56 31.57
N LEU A 347 31.85 3.31 31.44
CA LEU A 347 30.88 4.05 32.24
C LEU A 347 30.96 3.71 33.71
N MET A 348 31.26 2.45 34.04
CA MET A 348 31.36 2.06 35.45
C MET A 348 32.59 2.67 36.14
N PHE A 349 33.55 3.19 35.38
CA PHE A 349 34.74 3.83 35.94
C PHE A 349 34.97 5.16 35.25
N PRO A 350 34.34 6.24 35.72
CA PRO A 350 34.57 7.54 35.12
C PRO A 350 35.98 8.04 35.40
N GLY A 351 36.49 8.85 34.48
CA GLY A 351 37.83 9.40 34.62
C GLY A 351 38.96 8.50 34.19
N GLN A 352 39.05 7.30 34.75
CA GLN A 352 40.19 6.42 34.46
C GLN A 352 40.06 5.76 33.09
N ILE A 353 38.85 5.40 32.69
CA ILE A 353 38.60 4.79 31.38
C ILE A 353 37.89 5.80 30.51
N ILE A 354 38.50 6.13 29.38
CA ILE A 354 37.98 7.15 28.48
C ILE A 354 37.74 6.55 27.11
N LEU A 355 36.58 6.83 26.54
CA LEU A 355 36.15 6.27 25.27
C LEU A 355 36.74 7.06 24.11
N ASP A 356 37.12 6.34 23.06
CA ASP A 356 37.57 6.93 21.81
C ASP A 356 36.90 6.22 20.66
N LEU A 357 37.17 6.69 19.44
CA LEU A 357 36.55 6.15 18.24
C LEU A 357 37.62 5.55 17.33
N LYS A 358 37.21 4.54 16.57
CA LYS A 358 38.02 4.01 15.48
C LYS A 358 37.13 3.77 14.29
N ILE A 359 37.73 3.86 13.11
CA ILE A 359 37.08 3.50 11.84
C ILE A 359 37.97 2.49 11.16
N ASP A 360 37.47 1.27 11.00
CA ASP A 360 38.25 0.22 10.38
C ASP A 360 38.55 0.58 8.93
N PRO A 361 39.77 0.30 8.45
CA PRO A 361 40.07 0.59 7.04
C PRO A 361 39.17 -0.13 6.06
N GLY A 362 38.74 -1.35 6.39
CA GLY A 362 37.84 -2.08 5.51
C GLY A 362 36.38 -1.70 5.65
N GLU A 363 36.08 -0.66 6.43
CA GLU A 363 34.70 -0.29 6.72
C GLU A 363 34.34 1.06 6.13
N ARG A 364 33.05 1.26 5.90
CA ARG A 364 32.48 2.52 5.45
C ARG A 364 31.27 2.87 6.32
N MET A 365 31.22 4.10 6.79
CA MET A 365 30.12 4.51 7.66
C MET A 365 28.88 4.85 6.84
N ASP A 366 27.74 4.86 7.53
CA ASP A 366 26.49 5.27 6.92
C ASP A 366 26.03 6.59 7.51
N PRO A 367 25.43 7.47 6.71
CA PRO A 367 24.93 8.74 7.26
C PRO A 367 23.90 8.56 8.34
N ALA A 368 22.91 7.68 8.11
CA ALA A 368 21.92 7.41 9.15
C ALA A 368 22.59 6.94 10.42
N VAL A 369 23.59 6.06 10.29
CA VAL A 369 24.32 5.54 11.44
C VAL A 369 24.95 6.69 12.23
N ARG A 370 25.61 7.61 11.54
CA ARG A 370 26.37 8.64 12.25
C ARG A 370 25.46 9.67 12.89
N MET A 371 24.39 10.10 12.19
CA MET A 371 23.52 11.08 12.84
C MET A 371 22.77 10.48 14.02
N VAL A 372 22.29 9.23 13.89
CA VAL A 372 21.68 8.56 15.04
C VAL A 372 22.69 8.44 16.17
N ALA A 373 23.94 8.13 15.81
CA ALA A 373 25.00 8.00 16.80
C ALA A 373 25.17 9.29 17.59
N GLY A 374 25.21 10.42 16.88
CA GLY A 374 25.35 11.70 17.58
C GLY A 374 24.18 11.99 18.50
N VAL A 375 22.96 11.88 17.96
CA VAL A 375 21.81 12.32 18.74
C VAL A 375 21.57 11.40 19.94
N VAL A 376 21.96 10.14 19.84
CA VAL A 376 21.74 9.21 20.95
C VAL A 376 22.88 9.27 21.97
N GLY A 377 24.12 9.40 21.50
CA GLY A 377 25.25 9.56 22.41
C GLY A 377 25.26 10.88 23.15
N HIS A 378 24.54 11.88 22.66
CA HIS A 378 24.31 13.04 23.51
C HIS A 378 23.46 12.69 24.73
N LEU A 379 22.69 11.61 24.68
CA LEU A 379 21.89 11.23 25.84
C LEU A 379 22.57 10.16 26.69
N LEU A 380 23.37 9.28 26.10
CA LEU A 380 23.99 8.22 26.90
C LEU A 380 25.02 8.74 27.89
N PHE A 381 25.75 9.79 27.56
CA PHE A 381 27.02 10.06 28.22
C PHE A 381 26.96 11.25 29.18
N THR A 382 27.71 11.13 30.27
CA THR A 382 27.97 12.21 31.21
C THR A 382 29.48 12.46 31.24
N ALA A 383 29.90 13.58 30.68
CA ALA A 383 31.32 13.86 30.53
C ALA A 383 31.66 15.32 30.80
N GLY A 384 30.98 15.94 31.77
CA GLY A 384 31.22 17.34 32.07
C GLY A 384 31.10 17.60 33.55
N GLY A 385 31.08 18.88 33.89
CA GLY A 385 30.92 19.29 35.29
C GLY A 385 32.23 19.21 36.07
N ARG A 386 32.30 18.25 36.99
CA ARG A 386 33.49 18.06 37.81
C ARG A 386 34.29 16.83 37.43
N PHE A 387 33.74 15.94 36.62
CA PHE A 387 34.45 14.82 36.04
C PHE A 387 34.27 14.84 34.53
N THR A 388 34.69 13.77 33.88
CA THR A 388 34.55 13.65 32.43
C THR A 388 34.57 12.18 32.05
N ASN A 389 34.15 11.90 30.82
CA ASN A 389 34.11 10.54 30.29
C ASN A 389 34.77 10.38 28.93
N LEU A 390 34.85 11.44 28.14
CA LEU A 390 35.34 11.36 26.77
C LEU A 390 36.31 12.50 26.48
N THR A 391 37.25 12.26 25.57
CA THR A 391 38.17 13.31 25.16
C THR A 391 37.43 14.34 24.30
N GLN A 392 38.12 15.45 24.04
CA GLN A 392 37.51 16.55 23.28
C GLN A 392 37.14 16.11 21.88
N ASN A 393 37.90 15.18 21.31
CA ASN A 393 37.62 14.70 19.95
C ASN A 393 36.24 14.04 19.88
N MET A 394 35.91 13.23 20.89
CA MET A 394 34.58 12.65 20.98
C MET A 394 33.51 13.73 20.98
N ALA A 395 33.74 14.82 21.72
CA ALA A 395 32.80 15.92 21.74
C ALA A 395 32.63 16.52 20.35
N ARG A 396 33.74 16.65 19.61
CA ARG A 396 33.65 17.25 18.29
C ARG A 396 32.89 16.36 17.30
N GLN A 397 33.17 15.05 17.30
CA GLN A 397 32.40 14.17 16.43
C GLN A 397 30.91 14.17 16.80
N LEU A 398 30.60 14.10 18.09
CA LEU A 398 29.19 14.07 18.48
C LEU A 398 28.48 15.36 18.10
N ASP A 399 29.11 16.51 18.33
CA ASP A 399 28.47 17.77 18.01
C ASP A 399 28.29 17.95 16.50
N ILE A 400 29.27 17.55 15.70
CA ILE A 400 29.09 17.70 14.25
C ILE A 400 28.03 16.74 13.75
N ALA A 401 27.92 15.54 14.33
CA ALA A 401 26.84 14.65 13.96
C ALA A 401 25.48 15.25 14.32
N LEU A 402 25.40 15.91 15.48
CA LEU A 402 24.17 16.57 15.87
C LEU A 402 23.80 17.68 14.89
N ASN A 403 24.80 18.48 14.48
CA ASN A 403 24.55 19.55 13.53
C ASN A 403 24.06 18.99 12.20
N ASP A 404 24.60 17.85 11.78
CA ASP A 404 24.11 17.22 10.57
C ASP A 404 22.68 16.71 10.73
N TYR A 405 22.36 16.11 11.88
CA TYR A 405 21.02 15.61 12.10
C TYR A 405 20.00 16.75 12.18
N LEU A 406 20.43 17.92 12.62
CA LEU A 406 19.50 19.03 12.78
C LEU A 406 19.23 19.77 11.47
N LEU A 407 19.66 19.24 10.33
CA LEU A 407 19.49 19.95 9.08
C LEU A 407 19.14 19.04 7.90
N TYR A 408 18.86 17.76 8.14
CA TYR A 408 18.59 16.87 7.00
C TYR A 408 17.23 17.13 6.38
N MET A 409 16.25 17.56 7.18
CA MET A 409 14.91 17.89 6.69
C MET A 409 14.61 19.32 7.14
N TYR A 410 15.06 20.29 6.36
CA TYR A 410 14.85 21.70 6.67
C TYR A 410 13.81 22.24 5.70
N ASN A 411 12.64 22.60 6.23
CA ASN A 411 11.49 22.92 5.40
C ASN A 411 10.89 24.27 5.81
N THR A 412 9.87 24.68 5.05
CA THR A 412 9.30 26.01 5.19
C THR A 412 8.65 26.21 6.55
N ARG A 413 7.97 25.19 7.07
CA ARG A 413 7.23 25.34 8.32
C ARG A 413 8.13 25.59 9.52
N VAL A 414 9.44 25.38 9.38
CA VAL A 414 10.40 25.69 10.43
C VAL A 414 11.37 26.73 9.91
N GLN A 415 11.40 27.89 10.56
CA GLN A 415 12.34 28.95 10.21
C GLN A 415 13.53 28.89 11.15
N VAL A 416 14.74 28.83 10.59
CA VAL A 416 15.95 28.68 11.36
C VAL A 416 16.82 29.92 11.17
N ASN A 417 17.16 30.57 12.28
CA ASN A 417 18.04 31.73 12.27
C ASN A 417 19.48 31.24 12.39
N TYR A 418 20.21 31.27 11.27
CA TYR A 418 21.60 30.82 11.27
C TYR A 418 22.48 31.81 12.03
N GLY A 419 23.31 31.28 12.93
CA GLY A 419 24.25 32.10 13.63
C GLY A 419 25.37 32.55 12.73
N PRO A 420 25.89 33.76 12.98
CA PRO A 420 26.97 34.28 12.12
C PRO A 420 28.27 33.50 12.23
N THR A 421 28.51 32.85 13.37
CA THR A 421 29.80 32.21 13.61
C THR A 421 29.96 30.96 12.75
N GLY A 422 31.21 30.61 12.47
CA GLY A 422 31.55 29.39 11.78
C GLY A 422 31.57 28.16 12.64
N GLU A 423 31.32 28.33 13.94
CA GLU A 423 31.22 27.18 14.82
C GLU A 423 29.97 26.38 14.50
N PRO A 424 30.07 25.06 14.33
CA PRO A 424 28.88 24.25 14.02
C PRO A 424 27.92 24.24 15.19
N LEU A 425 26.64 23.95 14.86
CA LEU A 425 25.53 23.96 15.82
C LEU A 425 25.26 25.37 16.36
N ASP A 426 25.25 26.36 15.47
CA ASP A 426 25.02 27.76 15.83
C ASP A 426 23.81 28.29 15.07
N PHE A 427 22.62 28.07 15.62
CA PHE A 427 21.39 28.58 15.03
C PHE A 427 20.25 28.50 16.04
N GLN A 428 19.18 29.25 15.74
CA GLN A 428 17.95 29.28 16.52
C GLN A 428 16.84 28.60 15.75
N ILE A 429 16.06 27.76 16.44
CA ILE A 429 15.01 26.98 15.81
C ILE A 429 13.75 27.06 16.66
N GLY A 430 12.60 26.92 16.01
CA GLY A 430 11.32 26.90 16.69
C GLY A 430 10.63 28.26 16.70
N ARG A 431 9.34 28.22 17.07
CA ARG A 431 8.57 29.46 17.17
C ARG A 431 9.05 30.32 18.34
N ASN A 432 9.47 29.70 19.44
CA ASN A 432 10.11 30.43 20.52
C ASN A 432 11.54 30.84 20.19
N GLN A 433 12.08 30.33 19.08
CA GLN A 433 13.47 30.54 18.69
C GLN A 433 14.43 30.11 19.80
N TYR A 434 14.29 28.84 20.19
CA TYR A 434 15.12 28.28 21.23
C TYR A 434 16.58 28.27 20.82
N ASP A 435 17.45 28.71 21.71
CA ASP A 435 18.86 28.86 21.38
C ASP A 435 19.56 27.51 21.49
N CYS A 436 20.06 27.00 20.36
CA CYS A 436 20.76 25.73 20.32
C CYS A 436 22.26 25.89 20.56
N ASN A 437 22.75 27.11 20.74
CA ASN A 437 24.16 27.32 21.04
C ASN A 437 24.53 26.83 22.43
N VAL A 438 23.55 26.56 23.28
CA VAL A 438 23.83 26.12 24.65
C VAL A 438 24.52 24.77 24.65
N PHE A 439 24.18 23.90 23.70
CA PHE A 439 24.56 22.49 23.79
C PHE A 439 25.93 22.20 23.21
N ARG A 440 26.84 23.17 23.20
CA ARG A 440 28.24 22.85 22.98
C ARG A 440 28.75 21.93 24.08
N ALA A 441 29.69 21.08 23.74
CA ALA A 441 30.26 20.12 24.68
C ALA A 441 31.56 20.70 25.23
N ASP A 442 31.44 21.45 26.33
CA ASP A 442 32.59 21.99 27.06
C ASP A 442 32.62 21.36 28.45
N PHE A 443 33.80 20.88 28.83
CA PHE A 443 33.94 20.22 30.13
C PHE A 443 33.77 21.20 31.28
N ALA A 444 34.02 22.49 31.03
CA ALA A 444 33.93 23.49 32.09
C ALA A 444 32.49 23.64 32.58
N THR A 445 31.56 23.85 31.65
CA THR A 445 30.16 23.98 32.02
C THR A 445 29.41 22.66 31.98
N GLY A 446 29.92 21.67 31.26
CA GLY A 446 29.30 20.36 31.23
C GLY A 446 28.13 20.19 30.29
N THR A 447 27.83 21.20 29.47
CA THR A 447 26.68 21.12 28.57
C THR A 447 26.88 20.02 27.53
N GLY A 448 25.78 19.38 27.16
CA GLY A 448 25.79 18.30 26.20
C GLY A 448 25.88 16.91 26.78
N TYR A 449 25.90 16.77 28.10
CA TYR A 449 26.02 15.49 28.78
C TYR A 449 24.88 15.32 29.77
N ASN A 450 24.86 14.16 30.43
CA ASN A 450 23.83 13.89 31.41
C ASN A 450 24.09 14.60 32.73
N GLY A 451 25.35 14.75 33.11
CA GLY A 451 25.67 15.37 34.37
C GLY A 451 25.54 16.87 34.41
N TRP A 452 25.17 17.47 33.28
CA TRP A 452 24.95 18.91 33.23
C TRP A 452 23.82 19.34 34.16
N ALA A 453 24.10 20.34 34.99
CA ALA A 453 23.16 20.91 35.96
C ALA A 453 22.60 19.83 36.88
N THR A 454 23.48 18.98 37.41
CA THR A 454 23.06 17.87 38.24
C THR A 454 24.12 17.58 39.30
N ILE A 455 23.67 17.35 40.53
CA ILE A 455 24.58 16.96 41.59
C ILE A 455 25.08 15.54 41.34
N ASP A 456 26.40 15.36 41.38
CA ASP A 456 27.03 14.08 41.12
C ASP A 456 27.91 13.59 42.26
N VAL A 457 28.60 14.49 42.94
CA VAL A 457 29.54 14.14 44.00
C VAL A 457 29.08 14.78 45.30
N GLU A 458 28.95 13.97 46.35
CA GLU A 458 28.59 14.47 47.66
C GLU A 458 29.37 13.71 48.72
N TYR A 459 29.23 14.16 49.97
CA TYR A 459 29.92 13.57 51.11
C TYR A 459 28.88 13.44 52.23
N ARG A 460 28.20 12.30 52.27
CA ARG A 460 27.03 12.16 53.13
C ARG A 460 27.38 11.76 54.55
N GLU A 461 28.02 10.60 54.71
CA GLU A 461 28.29 10.03 56.03
C GLU A 461 29.71 9.52 56.08
N PRO A 462 30.29 9.36 57.29
CA PRO A 462 31.63 8.76 57.40
C PRO A 462 31.70 7.38 56.81
N ALA A 463 32.46 7.25 55.72
CA ALA A 463 32.57 6.00 55.00
C ALA A 463 33.44 5.00 55.75
N PRO A 464 33.21 3.70 55.55
CA PRO A 464 34.14 2.71 56.10
C PRO A 464 35.57 2.88 55.60
N TYR A 465 35.78 3.11 54.31
CA TYR A 465 37.14 3.30 53.76
C TYR A 465 37.38 4.80 53.62
N VAL A 466 38.22 5.37 54.48
CA VAL A 466 38.46 6.83 54.56
C VAL A 466 39.15 7.41 53.32
N HIS A 467 39.78 6.54 52.52
CA HIS A 467 40.30 6.84 51.18
C HIS A 467 39.22 6.90 50.10
N ALA A 468 37.96 6.59 50.42
CA ALA A 468 36.87 6.56 49.44
C ALA A 468 35.62 7.03 50.15
N GLN A 469 35.42 8.36 50.16
CA GLN A 469 34.30 8.99 50.83
C GLN A 469 33.10 9.22 49.91
N ARG A 470 33.20 8.85 48.64
CA ARG A 470 32.32 9.42 47.63
C ARG A 470 31.11 8.54 47.36
N TYR A 471 29.95 9.19 47.30
CA TYR A 471 28.74 8.63 46.72
C TYR A 471 28.50 9.35 45.39
N ILE A 472 28.29 8.59 44.32
CA ILE A 472 28.14 9.16 42.99
C ILE A 472 26.71 8.88 42.54
N ARG A 473 25.99 9.94 42.21
CA ARG A 473 24.57 9.90 41.89
C ARG A 473 24.36 10.48 40.50
N TYR A 474 24.00 9.63 39.55
CA TYR A 474 23.79 10.10 38.19
C TYR A 474 22.34 10.54 38.00
N CYS A 475 22.16 11.73 37.41
CA CYS A 475 20.86 12.26 37.01
C CYS A 475 19.89 12.39 38.17
N GLY A 476 20.40 12.66 39.37
CA GLY A 476 19.56 12.91 40.51
C GLY A 476 19.02 11.69 41.21
N ILE A 477 19.32 10.49 40.71
CA ILE A 477 18.91 9.27 41.38
C ILE A 477 19.69 9.13 42.68
N ASP A 478 19.10 8.41 43.64
CA ASP A 478 19.79 8.07 44.88
C ASP A 478 20.04 6.57 44.92
N SER A 479 21.18 6.18 45.47
CA SER A 479 21.62 4.79 45.44
C SER A 479 21.27 4.04 46.72
N ARG A 480 20.38 4.58 47.53
CA ARG A 480 19.98 3.93 48.77
C ARG A 480 18.65 3.20 48.65
N GLU A 481 17.88 3.44 47.60
CA GLU A 481 16.60 2.78 47.43
C GLU A 481 16.75 1.60 46.49
N LEU A 482 16.24 0.44 46.92
CA LEU A 482 16.18 -0.72 46.04
C LEU A 482 15.20 -0.44 44.91
N ILE A 483 15.54 -0.93 43.72
CA ILE A 483 14.84 -0.58 42.50
C ILE A 483 13.99 -1.75 42.04
N ASN A 484 12.70 -1.50 41.85
CA ASN A 484 11.81 -2.44 41.19
C ASN A 484 11.83 -2.13 39.70
N PRO A 485 12.62 -2.85 38.90
CA PRO A 485 12.87 -2.41 37.53
C PRO A 485 11.67 -2.49 36.62
N THR A 486 10.64 -3.25 36.96
CA THR A 486 9.46 -3.32 36.10
C THR A 486 8.53 -2.13 36.29
N THR A 487 8.64 -1.40 37.40
CA THR A 487 7.75 -0.29 37.69
C THR A 487 8.47 1.02 37.98
N TYR A 488 9.72 0.98 38.42
CA TYR A 488 10.45 2.20 38.68
C TYR A 488 10.71 2.95 37.38
N GLY A 489 10.86 4.26 37.48
CA GLY A 489 11.26 5.06 36.35
C GLY A 489 10.16 5.64 35.51
N ILE A 490 8.90 5.48 35.90
CA ILE A 490 7.81 5.95 35.07
C ILE A 490 7.81 7.47 34.97
N GLY A 491 7.87 8.16 36.11
CA GLY A 491 7.61 9.59 36.10
C GLY A 491 8.57 10.55 36.76
N MET A 492 9.88 10.32 36.67
CA MET A 492 10.85 11.28 37.17
C MET A 492 11.56 11.91 35.98
N THR A 493 12.08 13.12 36.19
CA THR A 493 12.72 13.82 35.07
C THR A 493 13.79 14.78 35.60
N TYR A 494 14.71 15.15 34.72
CA TYR A 494 15.74 16.12 35.04
C TYR A 494 15.81 17.13 33.89
N HIS A 495 16.75 18.07 34.01
CA HIS A 495 16.74 19.24 33.13
C HIS A 495 17.18 18.89 31.71
N CYS A 496 18.24 18.09 31.57
CA CYS A 496 18.82 17.84 30.25
C CYS A 496 17.87 17.08 29.35
N TYR A 497 17.19 16.07 29.87
CA TYR A 497 16.31 15.25 29.04
C TYR A 497 15.11 16.07 28.58
N ASN A 498 14.57 16.90 29.47
CA ASN A 498 13.45 17.76 29.11
C ASN A 498 13.86 18.78 28.05
N GLU A 499 15.03 19.41 28.21
CA GLU A 499 15.47 20.37 27.21
C GLU A 499 15.75 19.68 25.89
N MET A 500 16.24 18.45 25.94
CA MET A 500 16.48 17.70 24.71
C MET A 500 15.18 17.40 23.97
N LEU A 501 14.15 16.94 24.68
CA LEU A 501 12.90 16.65 24.01
C LEU A 501 12.22 17.94 23.53
N ARG A 502 12.39 19.03 24.28
CA ARG A 502 11.86 20.31 23.84
C ARG A 502 12.53 20.78 22.56
N MET A 503 13.84 20.59 22.45
CA MET A 503 14.54 20.90 21.20
C MET A 503 14.07 19.99 20.06
N LEU A 504 13.84 18.71 20.36
CA LEU A 504 13.41 17.78 19.33
C LEU A 504 12.03 18.16 18.79
N VAL A 505 11.10 18.52 19.67
CA VAL A 505 9.81 19.03 19.21
C VAL A 505 10.01 20.34 18.44
N ALA A 506 10.90 21.19 18.95
CA ALA A 506 11.25 22.41 18.24
C ALA A 506 11.86 22.12 16.88
N ALA A 507 12.47 20.95 16.71
CA ALA A 507 12.97 20.53 15.41
C ALA A 507 11.89 19.87 14.56
N GLY A 508 10.69 19.67 15.10
CA GLY A 508 9.61 19.07 14.36
C GLY A 508 9.64 17.55 14.28
N LYS A 509 10.57 16.90 14.96
CA LYS A 509 10.70 15.44 14.91
C LYS A 509 9.79 14.83 15.97
N ASP A 510 8.62 14.39 15.53
CA ASP A 510 7.66 13.79 16.45
C ASP A 510 8.09 12.38 16.87
N SER A 511 8.55 11.58 15.90
CA SER A 511 8.74 10.15 16.13
C SER A 511 9.83 9.89 17.16
N GLU A 512 10.95 10.60 17.06
CA GLU A 512 12.04 10.44 18.02
C GLU A 512 11.61 10.86 19.42
N ALA A 513 10.82 11.93 19.50
CA ALA A 513 10.30 12.36 20.79
C ALA A 513 9.44 11.28 21.43
N ALA A 514 8.54 10.70 20.65
CA ALA A 514 7.69 9.63 21.18
C ALA A 514 8.53 8.44 21.61
N TYR A 515 9.55 8.08 20.82
CA TYR A 515 10.39 6.93 21.11
C TYR A 515 11.15 7.14 22.42
N PHE A 516 11.79 8.28 22.55
CA PHE A 516 12.59 8.55 23.74
C PHE A 516 11.71 8.69 24.98
N ARG A 517 10.54 9.30 24.83
CA ARG A 517 9.63 9.41 25.97
C ARG A 517 9.15 8.02 26.40
N SER A 518 8.91 7.13 25.44
CA SER A 518 8.51 5.78 25.77
C SER A 518 9.61 5.05 26.53
N MET A 519 10.86 5.17 26.08
CA MET A 519 11.93 4.43 26.73
C MET A 519 12.66 5.20 27.82
N LEU A 520 12.12 6.34 28.25
CA LEU A 520 12.64 7.00 29.45
C LEU A 520 12.77 6.09 30.67
N PRO A 521 11.74 5.30 31.06
CA PRO A 521 11.96 4.39 32.20
C PRO A 521 13.02 3.35 31.93
N PHE A 522 13.20 2.96 30.68
CA PHE A 522 14.23 2.00 30.32
C PHE A 522 15.62 2.56 30.60
N HIS A 523 15.84 3.82 30.21
CA HIS A 523 17.09 4.49 30.55
C HIS A 523 17.25 4.63 32.06
N MET A 524 16.15 4.93 32.76
CA MET A 524 16.29 5.08 34.21
C MET A 524 16.65 3.76 34.89
N VAL A 525 16.04 2.66 34.48
CA VAL A 525 16.37 1.39 35.13
C VAL A 525 17.80 0.98 34.79
N ARG A 526 18.26 1.31 33.58
CA ARG A 526 19.70 1.20 33.28
C ARG A 526 20.53 1.92 34.34
N PHE A 527 20.33 3.23 34.46
CA PHE A 527 21.15 4.02 35.38
C PHE A 527 20.94 3.60 36.82
N ALA A 528 19.78 3.01 37.14
CA ALA A 528 19.53 2.50 38.47
C ALA A 528 20.46 1.32 38.78
N ARG A 529 20.50 0.33 37.88
CA ARG A 529 21.42 -0.78 38.07
C ARG A 529 22.86 -0.30 38.09
N ILE A 530 23.17 0.72 37.28
CA ILE A 530 24.53 1.24 37.22
C ILE A 530 24.93 1.88 38.55
N ASN A 531 24.06 2.70 39.13
CA ASN A 531 24.41 3.31 40.40
C ASN A 531 24.47 2.27 41.50
N GLN A 532 23.65 1.23 41.41
CA GLN A 532 23.75 0.13 42.36
C GLN A 532 25.14 -0.51 42.29
N ILE A 533 25.58 -0.85 41.09
CA ILE A 533 26.85 -1.56 40.94
C ILE A 533 28.03 -0.64 41.25
N ILE A 534 27.84 0.68 41.15
CA ILE A 534 28.96 1.59 41.41
C ILE A 534 29.06 1.91 42.90
N ASN A 535 27.94 2.23 43.54
CA ASN A 535 27.95 2.65 44.93
C ASN A 535 27.79 1.49 45.91
N GLU A 536 27.67 0.26 45.43
CA GLU A 536 27.48 -0.88 46.32
C GLU A 536 28.71 -1.77 46.38
N ASP A 537 29.18 -2.25 45.23
CA ASP A 537 30.24 -3.26 45.19
C ASP A 537 31.64 -2.66 45.07
N LEU A 538 31.81 -1.58 44.33
CA LEU A 538 33.15 -1.14 43.94
C LEU A 538 33.86 -0.33 45.00
N HIS A 539 33.23 -0.06 46.14
CA HIS A 539 33.85 0.77 47.17
C HIS A 539 34.88 -0.05 47.92
N SER A 540 36.15 0.23 47.69
CA SER A 540 37.25 -0.47 48.34
C SER A 540 38.50 0.41 48.29
N VAL A 541 39.59 -0.02 48.92
CA VAL A 541 40.86 0.70 48.90
C VAL A 541 41.43 0.83 47.48
N PHE A 542 40.95 0.06 46.50
CA PHE A 542 41.51 0.14 45.17
C PHE A 542 40.96 1.32 44.37
N SER A 543 39.91 1.97 44.86
CA SER A 543 39.36 3.11 44.15
C SER A 543 40.37 4.25 44.11
N LEU A 544 40.25 5.08 43.09
CA LEU A 544 41.16 6.22 42.95
C LEU A 544 40.95 7.20 44.10
N PRO A 545 42.02 7.82 44.59
CA PRO A 545 41.90 8.67 45.79
C PRO A 545 41.11 9.93 45.52
N ASP A 546 40.73 10.59 46.62
CA ASP A 546 39.81 11.73 46.53
C ASP A 546 40.47 12.90 45.82
N ASP A 547 41.68 13.28 46.23
CA ASP A 547 42.38 14.39 45.59
C ASP A 547 42.70 14.06 44.14
N MET A 548 43.10 12.82 43.87
CA MET A 548 43.35 12.42 42.48
C MET A 548 42.08 12.49 41.65
N PHE A 549 40.96 12.04 42.21
CA PHE A 549 39.68 12.14 41.51
C PHE A 549 39.32 13.59 41.23
N ASN A 550 39.59 14.47 42.19
CA ASN A 550 39.41 15.89 41.96
C ASN A 550 40.30 16.38 40.83
N ALA A 551 41.51 15.85 40.74
CA ALA A 551 42.51 16.32 39.78
C ALA A 551 42.27 15.82 38.37
N LEU A 552 41.23 15.01 38.14
CA LEU A 552 41.04 14.40 36.83
C LEU A 552 40.76 15.44 35.76
N LEU A 553 39.80 16.34 36.02
CA LEU A 553 39.46 17.36 35.03
C LEU A 553 40.61 18.31 34.71
N PRO A 554 41.35 18.88 35.70
CA PRO A 554 42.54 19.65 35.32
C PRO A 554 43.58 18.83 34.58
N ASP A 555 43.70 17.54 34.91
CA ASP A 555 44.63 16.67 34.21
C ASP A 555 44.28 16.56 32.74
N LEU A 556 42.99 16.38 32.43
CA LEU A 556 42.59 16.24 31.03
C LEU A 556 42.67 17.56 30.28
N ILE A 557 42.21 18.65 30.89
CA ILE A 557 42.12 19.88 30.13
C ILE A 557 43.46 20.61 30.04
N ALA A 558 44.36 20.40 31.01
CA ALA A 558 45.61 21.15 31.00
C ALA A 558 46.54 20.67 29.90
N GLY A 559 46.70 19.37 29.75
CA GLY A 559 47.61 18.81 28.78
C GLY A 559 48.91 18.27 29.32
N ALA A 560 49.00 18.03 30.62
CA ALA A 560 50.19 17.45 31.24
C ALA A 560 49.85 16.09 31.83
N HIS A 561 50.87 15.42 32.37
CA HIS A 561 50.72 14.08 32.91
C HIS A 561 51.49 13.91 34.20
N GLN A 562 51.37 14.88 35.12
CA GLN A 562 51.99 14.76 36.43
C GLN A 562 51.41 13.58 37.21
N ASN A 563 50.09 13.39 37.14
CA ASN A 563 49.45 12.23 37.71
C ASN A 563 49.41 11.11 36.68
N ALA A 564 48.74 10.01 37.03
CA ALA A 564 48.64 8.87 36.13
C ALA A 564 47.79 9.23 34.92
N ASP A 565 48.28 8.88 33.75
CA ASP A 565 47.52 9.04 32.52
C ASP A 565 46.39 8.03 32.51
N PRO A 566 45.13 8.45 32.41
CA PRO A 566 44.04 7.47 32.34
C PRO A 566 44.15 6.60 31.11
N VAL A 567 43.81 5.32 31.28
CA VAL A 567 43.83 4.39 30.15
C VAL A 567 42.71 4.76 29.20
N VAL A 568 42.95 4.58 27.90
CA VAL A 568 42.05 5.03 26.86
C VAL A 568 41.49 3.81 26.14
N LEU A 569 40.22 3.91 25.76
CA LEU A 569 39.51 2.81 25.13
C LEU A 569 38.82 3.31 23.87
N ASP A 570 38.68 2.44 22.87
CA ASP A 570 38.14 2.81 21.58
C ASP A 570 37.07 1.82 21.11
N VAL A 571 35.98 2.36 20.55
CA VAL A 571 34.84 1.57 20.08
C VAL A 571 34.36 2.08 18.72
N SER A 572 33.26 1.52 18.24
CA SER A 572 32.69 1.84 16.94
C SER A 572 31.46 2.74 17.07
N TRP A 573 31.06 3.33 15.94
CA TRP A 573 29.97 4.31 15.93
C TRP A 573 28.63 3.65 16.21
N ILE A 574 28.31 2.58 15.49
CA ILE A 574 27.01 1.94 15.63
C ILE A 574 26.86 1.25 16.98
N SER A 575 27.97 1.09 17.71
CA SER A 575 27.94 0.41 18.99
C SER A 575 27.09 1.12 20.03
N LEU A 576 26.99 2.45 19.96
CA LEU A 576 26.27 3.17 21.00
C LEU A 576 24.77 2.89 20.94
N TRP A 577 24.22 2.72 19.73
CA TRP A 577 22.82 2.35 19.62
C TRP A 577 22.54 1.01 20.28
N PHE A 578 23.44 0.04 20.08
CA PHE A 578 23.22 -1.26 20.70
C PHE A 578 23.46 -1.19 22.20
N ALA A 579 24.31 -0.27 22.63
CA ALA A 579 24.45 -0.01 24.06
C ALA A 579 23.16 0.53 24.64
N PHE A 580 22.47 1.41 23.93
CA PHE A 580 21.26 2.02 24.48
C PHE A 580 20.06 1.10 24.38
N ASN A 581 20.17 0.00 23.64
CA ASN A 581 19.05 -0.92 23.53
C ASN A 581 19.32 -2.28 24.14
N ARG A 582 20.45 -2.45 24.84
CA ARG A 582 20.70 -3.62 25.66
C ARG A 582 21.02 -3.17 27.08
N SER A 583 20.32 -3.72 28.06
CA SER A 583 20.45 -3.31 29.45
C SER A 583 21.16 -4.38 30.25
N PHE A 584 22.07 -3.95 31.13
CA PHE A 584 22.92 -4.84 31.90
C PHE A 584 22.31 -5.11 33.26
N GLU A 585 22.27 -6.38 33.65
CA GLU A 585 21.71 -6.80 34.94
C GLU A 585 22.75 -7.59 35.72
N PRO A 586 23.06 -7.21 36.96
CA PRO A 586 23.99 -7.99 37.81
C PRO A 586 23.28 -9.13 38.54
N THR A 587 22.99 -10.19 37.77
CA THR A 587 22.29 -11.35 38.33
C THR A 587 23.22 -12.35 39.00
N HIS A 588 24.53 -12.21 38.85
CA HIS A 588 25.47 -13.09 39.52
C HIS A 588 26.67 -12.26 39.97
N ARG A 589 26.96 -12.30 41.27
CA ARG A 589 28.02 -11.48 41.82
C ARG A 589 29.34 -12.24 41.88
N ASN A 590 30.44 -11.48 41.95
CA ASN A 590 31.76 -12.07 41.89
C ASN A 590 32.05 -12.88 43.16
N GLU A 591 32.82 -13.94 43.00
CA GLU A 591 33.05 -14.90 44.07
C GLU A 591 33.99 -14.37 45.15
N MET A 592 34.95 -13.52 44.78
CA MET A 592 36.02 -13.13 45.69
C MET A 592 35.73 -11.82 46.40
N LEU A 593 34.45 -11.50 46.62
CA LEU A 593 34.11 -10.27 47.31
C LEU A 593 34.36 -10.38 48.81
N GLU A 594 33.96 -11.48 49.43
CA GLU A 594 34.01 -11.62 50.88
C GLU A 594 35.41 -11.93 51.40
N VAL A 595 36.43 -11.87 50.55
CA VAL A 595 37.80 -12.11 50.97
C VAL A 595 38.69 -10.90 50.78
N ALA A 596 38.12 -9.76 50.37
CA ALA A 596 38.93 -8.57 50.08
C ALA A 596 39.67 -8.01 51.29
N PRO A 597 39.05 -7.88 52.48
CA PRO A 597 39.73 -7.27 53.62
C PRO A 597 40.95 -8.08 54.07
N LEU A 598 40.84 -9.40 53.99
CA LEU A 598 41.94 -10.32 54.23
C LEU A 598 43.10 -10.04 53.27
N ILE A 599 42.78 -9.89 51.99
CA ILE A 599 43.74 -9.62 50.93
C ILE A 599 44.48 -8.33 51.20
N GLU A 600 43.78 -7.28 51.62
CA GLU A 600 44.43 -6.02 51.95
C GLU A 600 45.37 -6.16 53.13
N SER A 601 44.94 -6.82 54.20
CA SER A 601 45.75 -6.90 55.40
C SER A 601 47.06 -7.65 55.12
N VAL A 602 47.00 -8.75 54.37
CA VAL A 602 48.23 -9.44 54.00
C VAL A 602 49.06 -8.58 53.07
N TYR A 603 48.49 -8.03 51.99
CA TYR A 603 49.24 -7.28 51.01
C TYR A 603 49.99 -6.13 51.64
N ALA A 604 49.28 -5.35 52.45
CA ALA A 604 49.86 -4.26 53.22
C ALA A 604 50.98 -4.75 54.12
N SER A 605 50.84 -5.92 54.72
CA SER A 605 51.89 -6.46 55.55
C SER A 605 53.15 -6.74 54.73
N GLU A 606 53.14 -7.47 53.61
CA GLU A 606 54.44 -7.69 52.97
C GLU A 606 55.01 -6.39 52.39
N LEU A 607 54.14 -5.46 51.98
CA LEU A 607 54.69 -4.17 51.56
C LEU A 607 55.39 -3.45 52.71
N SER A 608 54.83 -3.52 53.91
CA SER A 608 55.53 -2.94 55.06
C SER A 608 56.81 -3.70 55.37
N VAL A 609 56.82 -5.02 55.14
CA VAL A 609 58.04 -5.80 55.31
C VAL A 609 59.14 -5.29 54.39
N MET A 610 58.82 -5.12 53.11
CA MET A 610 59.80 -4.59 52.18
C MET A 610 60.18 -3.16 52.52
N LYS A 611 59.24 -2.41 53.10
CA LYS A 611 59.53 -1.03 53.51
C LYS A 611 60.59 -0.99 54.60
N VAL A 612 60.42 -1.77 55.66
CA VAL A 612 61.42 -1.76 56.73
C VAL A 612 62.73 -2.36 56.24
N ASP A 613 62.66 -3.34 55.35
CA ASP A 613 63.88 -3.92 54.78
C ASP A 613 64.70 -2.86 54.05
N MET A 614 64.05 -2.08 53.18
CA MET A 614 64.74 -0.99 52.51
C MET A 614 65.24 0.05 53.50
N ARG A 615 64.40 0.42 54.48
CA ARG A 615 64.77 1.46 55.43
C ARG A 615 66.06 1.13 56.14
N HIS A 616 66.20 -0.10 56.64
CA HIS A 616 67.39 -0.32 57.43
C HIS A 616 68.54 -0.79 56.54
N LEU A 617 68.25 -1.48 55.42
CA LEU A 617 69.31 -1.94 54.54
C LEU A 617 69.95 -0.80 53.75
N SER A 618 69.34 0.39 53.75
CA SER A 618 70.00 1.53 53.15
C SER A 618 71.31 1.87 53.83
N LEU A 619 71.38 1.76 55.16
CA LEU A 619 72.51 2.26 55.93
C LEU A 619 73.66 1.27 56.04
N MET A 620 73.71 0.26 55.16
CA MET A 620 74.76 -0.75 55.27
C MET A 620 76.14 -0.17 54.98
N GLN A 621 76.26 0.64 53.94
CA GLN A 621 77.59 1.04 53.48
C GLN A 621 78.26 2.00 54.44
N ARG A 622 77.49 2.90 55.07
CA ARG A 622 78.09 3.89 55.95
C ARG A 622 78.68 3.23 57.20
N ARG A 623 78.10 2.12 57.65
CA ARG A 623 78.64 1.45 58.82
C ARG A 623 79.91 0.69 58.49
N PHE A 624 79.95 0.08 57.30
CA PHE A 624 81.09 -0.74 56.87
C PHE A 624 81.52 -0.27 55.49
N PRO A 625 82.40 0.73 55.43
CA PRO A 625 82.86 1.22 54.12
C PRO A 625 83.83 0.28 53.42
N ASP A 626 84.65 -0.45 54.18
CA ASP A 626 85.79 -1.21 53.65
C ASP A 626 85.43 -2.61 53.09
N VAL A 627 84.15 -2.99 53.08
CA VAL A 627 83.70 -4.29 52.57
C VAL A 627 82.50 -4.21 51.64
N LEU A 628 81.79 -3.09 51.61
CA LEU A 628 80.71 -2.81 50.66
C LEU A 628 81.15 -1.77 49.62
N ILE A 629 82.46 -1.64 49.42
CA ILE A 629 83.13 -0.51 48.77
C ILE A 629 82.52 -0.19 47.40
N GLN A 630 82.36 -1.24 46.60
CA GLN A 630 82.10 -1.18 45.16
C GLN A 630 80.62 -1.33 44.77
N ALA A 631 79.74 -1.59 45.74
CA ALA A 631 78.35 -1.97 45.51
C ALA A 631 77.44 -0.75 45.16
N ARG A 632 76.13 -1.08 45.10
CA ARG A 632 75.10 -0.05 44.80
C ARG A 632 73.75 -0.54 45.37
N PRO A 633 72.87 0.36 45.87
CA PRO A 633 71.54 0.02 46.38
C PRO A 633 70.84 -1.07 45.59
N SER A 634 71.12 -1.16 44.29
CA SER A 634 70.56 -2.23 43.46
C SER A 634 70.94 -3.60 43.99
N HIS A 635 72.10 -3.76 44.63
CA HIS A 635 72.54 -5.06 45.15
C HIS A 635 71.57 -5.55 46.22
N PHE A 636 71.22 -4.74 47.23
CA PHE A 636 70.26 -5.24 48.20
C PHE A 636 68.84 -5.19 47.66
N TRP A 637 68.56 -4.36 46.66
CA TRP A 637 67.27 -4.43 45.98
C TRP A 637 67.04 -5.82 45.40
N LYS A 638 68.00 -6.32 44.62
CA LYS A 638 67.86 -7.66 44.08
C LYS A 638 67.98 -8.72 45.17
N ALA A 639 68.72 -8.42 46.25
CA ALA A 639 68.82 -9.37 47.34
C ALA A 639 67.47 -9.61 48.00
N VAL A 640 66.73 -8.55 48.28
CA VAL A 640 65.40 -8.74 48.88
C VAL A 640 64.41 -9.26 47.85
N LEU A 641 64.64 -8.99 46.56
CA LEU A 641 63.81 -9.64 45.55
C LEU A 641 64.05 -11.14 45.53
N ASN A 642 65.25 -11.58 45.92
CA ASN A 642 65.53 -13.00 46.02
C ASN A 642 64.85 -13.62 47.24
N ASP A 643 64.62 -12.82 48.29
CA ASP A 643 64.12 -13.33 49.56
C ASP A 643 62.72 -12.80 49.87
N SER A 644 61.85 -12.77 48.87
CA SER A 644 60.44 -12.46 49.05
C SER A 644 59.60 -13.41 48.22
N PRO A 645 58.36 -13.67 48.64
CA PRO A 645 57.49 -14.56 47.85
C PRO A 645 57.18 -13.95 46.49
N GLU A 646 56.78 -14.83 45.56
CA GLU A 646 56.58 -14.47 44.17
C GLU A 646 55.33 -13.63 43.92
N ALA A 647 54.33 -13.74 44.80
CA ALA A 647 53.02 -13.16 44.51
C ALA A 647 53.06 -11.64 44.48
N VAL A 648 53.63 -11.00 45.50
CA VAL A 648 53.74 -9.55 45.50
C VAL A 648 54.65 -9.09 44.36
N LYS A 649 55.65 -9.90 44.01
CA LYS A 649 56.51 -9.58 42.88
C LYS A 649 55.71 -9.50 41.59
N ALA A 650 54.82 -10.46 41.36
CA ALA A 650 53.92 -10.36 40.22
C ALA A 650 52.98 -9.18 40.35
N VAL A 651 52.58 -8.84 41.57
CA VAL A 651 51.63 -7.75 41.77
C VAL A 651 52.22 -6.43 41.28
N MET A 652 53.49 -6.18 41.63
CA MET A 652 54.17 -4.96 41.13
C MET A 652 54.53 -5.17 39.65
N ASN A 653 54.72 -6.43 39.23
CA ASN A 653 55.04 -6.70 37.83
C ASN A 653 53.93 -6.19 36.91
N LEU A 654 52.67 -6.36 37.32
CA LEU A 654 51.57 -5.82 36.51
C LEU A 654 51.61 -4.30 36.36
N SER A 655 52.36 -3.59 37.20
CA SER A 655 52.47 -2.14 37.06
C SER A 655 53.82 -1.68 36.53
N HIS A 656 54.91 -2.04 37.21
CA HIS A 656 56.22 -1.47 36.90
C HIS A 656 56.76 -1.94 35.56
N SER A 657 56.18 -2.97 34.97
CA SER A 657 56.57 -3.38 33.63
C SER A 657 56.18 -2.32 32.60
N HIS A 658 55.17 -1.53 32.91
CA HIS A 658 54.59 -0.60 31.95
C HIS A 658 55.14 0.82 32.07
N ASN A 659 55.92 1.09 33.11
CA ASN A 659 56.55 2.38 33.28
C ASN A 659 57.81 2.20 34.13
N PHE A 660 58.86 2.90 33.76
CA PHE A 660 60.16 2.69 34.37
C PHE A 660 60.18 3.16 35.81
N ILE A 661 60.93 2.43 36.64
CA ILE A 661 61.21 2.83 38.01
C ILE A 661 62.69 2.71 38.28
N ASN A 662 63.12 3.40 39.34
CA ASN A 662 64.52 3.68 39.61
C ASN A 662 64.73 3.71 41.11
N ILE A 663 66.00 3.82 41.53
CA ILE A 663 66.35 3.64 42.94
C ILE A 663 65.75 4.75 43.80
N ARG A 664 65.84 5.99 43.32
CA ARG A 664 65.32 7.14 44.07
C ARG A 664 63.83 6.90 44.40
N ASP A 665 63.08 6.36 43.44
CA ASP A 665 61.66 6.13 43.65
C ASP A 665 61.43 5.22 44.85
N MET A 666 62.20 4.12 44.92
CA MET A 666 62.15 3.25 46.09
C MET A 666 62.57 4.00 47.35
N MET A 667 63.58 4.85 47.23
CA MET A 667 64.12 5.58 48.37
C MET A 667 63.10 6.55 48.95
N ARG A 668 62.52 7.39 48.09
CA ARG A 668 61.47 8.31 48.53
C ARG A 668 60.24 7.55 49.00
N TRP A 669 60.05 6.34 48.47
CA TRP A 669 58.97 5.48 48.93
C TRP A 669 59.24 4.96 50.34
N VAL A 670 60.52 4.84 50.72
CA VAL A 670 60.85 4.47 52.09
C VAL A 670 60.42 5.57 53.06
N MET A 671 60.72 6.82 52.72
CA MET A 671 60.50 7.94 53.62
C MET A 671 59.02 8.22 53.86
N LEU A 672 58.14 7.63 53.07
CA LEU A 672 56.71 7.67 53.38
C LEU A 672 56.50 6.87 54.66
N PRO A 673 55.97 7.47 55.73
CA PRO A 673 55.88 6.76 57.02
C PRO A 673 54.73 5.78 57.12
N SER A 674 54.06 5.45 56.01
CA SER A 674 52.95 4.49 55.97
C SER A 674 53.44 3.06 56.26
N LEU A 675 53.08 2.53 57.43
CA LEU A 675 53.32 1.14 57.82
C LEU A 675 52.08 0.53 58.47
N GLN A 676 51.80 -0.76 58.20
CA GLN A 676 50.55 -1.43 58.58
C GLN A 676 50.72 -2.25 59.87
N PRO A 677 49.98 -1.96 60.96
CA PRO A 677 50.04 -2.76 62.19
C PRO A 677 49.73 -4.24 61.93
N SER A 678 50.67 -5.11 62.30
CA SER A 678 50.64 -6.55 62.04
C SER A 678 51.73 -7.22 62.89
N LEU A 679 51.56 -8.51 63.25
CA LEU A 679 52.56 -9.17 64.09
C LEU A 679 53.94 -9.28 63.41
N LYS A 680 54.00 -9.68 62.14
CA LYS A 680 55.30 -9.84 61.49
C LYS A 680 56.08 -8.54 61.47
N LEU A 681 55.39 -7.42 61.27
CA LEU A 681 56.03 -6.12 61.33
C LEU A 681 56.65 -5.87 62.70
N ALA A 682 55.91 -6.14 63.77
CA ALA A 682 56.43 -5.94 65.13
C ALA A 682 57.66 -6.80 65.36
N LEU A 683 57.55 -8.09 65.03
CA LEU A 683 58.66 -9.01 65.23
C LEU A 683 59.88 -8.59 64.44
N GLU A 684 59.70 -8.21 63.18
CA GLU A 684 60.85 -7.89 62.35
C GLU A 684 61.47 -6.57 62.76
N GLU A 685 60.65 -5.60 63.15
CA GLU A 685 61.20 -4.32 63.60
C GLU A 685 62.05 -4.52 64.85
N GLU A 686 61.52 -5.23 65.84
CA GLU A 686 62.32 -5.43 67.04
C GLU A 686 63.47 -6.41 66.80
N ALA A 687 63.38 -7.26 65.79
CA ALA A 687 64.48 -8.15 65.46
C ALA A 687 65.63 -7.39 64.82
N TRP A 688 65.34 -6.52 63.86
CA TRP A 688 66.39 -5.69 63.29
C TRP A 688 66.97 -4.74 64.33
N ALA A 689 66.12 -4.23 65.24
CA ALA A 689 66.63 -3.43 66.35
C ALA A 689 67.46 -4.26 67.31
N ALA A 690 67.21 -5.58 67.36
CA ALA A 690 68.07 -6.47 68.14
C ALA A 690 69.32 -6.87 67.39
N ALA A 691 69.43 -6.52 66.11
CA ALA A 691 70.58 -6.87 65.29
C ALA A 691 71.43 -5.66 64.92
N ASN A 692 71.41 -4.62 65.76
CA ASN A 692 72.23 -3.44 65.50
C ASN A 692 73.71 -3.75 65.64
N ASP A 693 74.06 -4.57 66.63
CA ASP A 693 75.45 -4.99 66.83
C ASP A 693 75.76 -6.16 65.91
N PHE A 694 76.76 -6.01 65.06
CA PHE A 694 77.18 -7.10 64.19
C PHE A 694 78.13 -8.06 64.89
N GLU A 695 78.60 -7.72 66.09
CA GLU A 695 79.44 -8.64 66.84
C GLU A 695 78.64 -9.86 67.28
N ASP A 696 77.34 -9.66 67.56
CA ASP A 696 76.42 -10.77 67.77
C ASP A 696 76.03 -11.46 66.47
N LEU A 697 76.73 -11.21 65.38
CA LEU A 697 76.48 -11.84 64.10
C LEU A 697 77.67 -12.66 63.60
N MET A 698 78.65 -12.92 64.47
CA MET A 698 79.83 -13.74 64.13
C MET A 698 80.65 -13.13 62.99
N LEU A 699 80.67 -11.81 62.84
CA LEU A 699 81.61 -11.10 61.98
C LEU A 699 82.45 -10.18 62.86
N THR A 700 83.78 -10.30 62.77
CA THR A 700 84.68 -9.48 63.58
C THR A 700 85.97 -9.22 62.81
N ASP A 701 86.74 -8.26 63.32
CA ASP A 701 88.03 -7.92 62.75
C ASP A 701 89.12 -7.87 63.83
N GLN A 702 88.79 -8.18 65.08
CA GLN A 702 89.75 -8.08 66.18
C GLN A 702 90.62 -9.35 66.26
N VAL A 703 91.24 -9.67 65.13
CA VAL A 703 92.04 -10.87 64.98
C VAL A 703 93.51 -10.46 64.96
N TYR A 704 94.37 -11.34 65.47
CA TYR A 704 95.80 -11.06 65.57
C TYR A 704 96.59 -12.35 65.36
N MET A 705 97.62 -12.26 64.53
CA MET A 705 98.62 -13.31 64.40
C MET A 705 99.71 -13.00 65.42
N HIS A 706 99.67 -13.68 66.57
CA HIS A 706 100.64 -13.42 67.61
C HIS A 706 101.09 -14.74 68.23
N ARG A 707 102.39 -14.83 68.48
CA ARG A 707 103.01 -16.01 69.05
C ARG A 707 102.85 -15.99 70.57
N ASP A 708 102.29 -17.07 71.12
CA ASP A 708 102.17 -17.25 72.55
C ASP A 708 102.42 -18.71 72.88
N MET A 709 102.59 -19.00 74.16
CA MET A 709 102.97 -20.34 74.61
C MET A 709 101.83 -20.99 75.37
N LEU A 710 101.59 -22.25 75.06
CA LEU A 710 100.59 -23.01 75.80
C LEU A 710 101.10 -23.31 77.21
N PRO A 711 100.27 -23.09 78.23
CA PRO A 711 100.67 -23.49 79.58
C PRO A 711 100.68 -24.99 79.73
N GLU A 712 101.74 -25.51 80.34
CA GLU A 712 101.90 -26.93 80.62
C GLU A 712 102.25 -27.06 82.10
N PRO A 713 101.26 -26.96 82.99
CA PRO A 713 101.55 -26.76 84.41
C PRO A 713 102.19 -27.98 85.05
N ARG A 714 102.70 -27.76 86.26
CA ARG A 714 103.30 -28.82 87.07
C ARG A 714 102.22 -29.45 87.93
N LEU A 715 102.09 -30.77 87.84
CA LEU A 715 101.07 -31.51 88.60
C LEU A 715 101.62 -31.91 89.97
N ASP A 716 102.02 -30.89 90.73
CA ASP A 716 102.60 -31.12 92.05
C ASP A 716 101.56 -31.61 93.05
N ASP A 717 100.28 -31.41 92.77
CA ASP A 717 99.20 -32.05 93.53
C ASP A 717 98.07 -32.38 92.57
N ILE A 718 97.78 -33.66 92.41
CA ILE A 718 96.76 -34.09 91.46
C ILE A 718 95.38 -33.69 91.93
N GLU A 719 95.10 -33.85 93.23
CA GLU A 719 93.74 -33.63 93.74
C GLU A 719 93.35 -32.17 93.68
N ARG A 720 94.21 -31.28 94.17
CA ARG A 720 93.91 -29.85 94.16
C ARG A 720 93.79 -29.33 92.73
N PHE A 721 94.65 -29.81 91.83
CA PHE A 721 94.59 -29.38 90.44
C PHE A 721 93.32 -29.89 89.77
N ARG A 722 92.88 -31.10 90.13
CA ARG A 722 91.66 -31.64 89.55
C ARG A 722 90.41 -30.97 90.08
N GLN A 723 90.44 -30.52 91.34
CA GLN A 723 89.27 -29.83 91.89
C GLN A 723 89.01 -28.52 91.15
N GLU A 724 90.06 -27.82 90.75
CA GLU A 724 89.90 -26.62 89.95
C GLU A 724 89.77 -26.99 88.48
N GLY A 725 88.99 -26.20 87.76
CA GLY A 725 88.82 -26.43 86.34
C GLY A 725 89.69 -25.51 85.51
N PHE A 726 90.79 -26.02 84.99
CA PHE A 726 91.73 -25.21 84.21
C PHE A 726 91.57 -25.54 82.73
N TYR A 727 91.47 -24.49 81.91
CA TYR A 727 91.27 -24.66 80.47
C TYR A 727 92.08 -23.59 79.74
N TYR A 728 92.33 -23.84 78.47
CA TYR A 728 93.00 -22.88 77.61
C TYR A 728 92.04 -22.32 76.58
N THR A 729 92.23 -21.04 76.26
CA THR A 729 91.54 -20.42 75.15
C THR A 729 92.40 -19.29 74.63
N ASN A 730 92.51 -19.19 73.30
CA ASN A 730 93.17 -18.06 72.67
C ASN A 730 92.30 -16.80 72.63
N MET A 731 91.21 -16.78 73.37
CA MET A 731 90.38 -15.59 73.49
C MET A 731 91.14 -14.46 74.17
N LEU A 732 90.94 -13.24 73.69
CA LEU A 732 91.53 -12.05 74.28
C LEU A 732 90.46 -11.29 75.05
N GLU A 733 90.74 -10.98 76.31
CA GLU A 733 89.79 -10.23 77.12
C GLU A 733 89.59 -8.82 76.57
N ALA A 734 90.67 -8.19 76.10
CA ALA A 734 90.57 -6.85 75.56
C ALA A 734 91.62 -6.70 74.46
N PRO A 735 91.37 -5.87 73.45
CA PRO A 735 92.39 -5.62 72.44
C PRO A 735 93.57 -4.88 73.06
N PRO A 736 94.76 -5.11 72.54
CA PRO A 736 95.96 -4.55 73.16
C PRO A 736 96.11 -3.06 72.82
N GLU A 737 97.22 -2.49 73.30
CA GLU A 737 97.55 -1.11 72.99
C GLU A 737 97.93 -0.96 71.52
N ILE A 738 97.74 0.24 70.99
CA ILE A 738 97.98 0.48 69.57
C ILE A 738 99.48 0.41 69.26
N ASP A 739 100.33 0.57 70.27
CA ASP A 739 101.77 0.57 70.04
C ASP A 739 102.33 -0.80 69.69
N ARG A 740 101.62 -1.87 70.02
CA ARG A 740 102.04 -3.21 69.64
C ARG A 740 101.34 -3.72 68.38
N VAL A 741 100.48 -2.90 67.77
CA VAL A 741 99.70 -3.29 66.61
C VAL A 741 100.06 -2.38 65.45
N VAL A 742 100.42 -2.98 64.32
CA VAL A 742 100.67 -2.23 63.08
C VAL A 742 99.70 -2.72 62.02
N GLN A 743 98.91 -1.79 61.48
CA GLN A 743 97.86 -2.14 60.54
C GLN A 743 98.46 -2.47 59.18
N TYR A 744 98.02 -3.59 58.60
CA TYR A 744 98.49 -4.03 57.31
C TYR A 744 97.35 -4.08 56.30
N THR A 745 97.65 -3.62 55.10
CA THR A 745 96.74 -3.66 53.97
C THR A 745 97.36 -4.50 52.87
N TYR A 746 96.65 -4.60 51.75
CA TYR A 746 97.19 -5.32 50.60
C TYR A 746 98.35 -4.57 49.97
N GLU A 747 98.35 -3.23 50.05
CA GLU A 747 99.35 -2.43 49.36
C GLU A 747 100.71 -2.53 50.03
N ILE A 748 100.73 -2.45 51.37
CA ILE A 748 102.00 -2.57 52.09
C ILE A 748 102.58 -3.97 51.91
N ALA A 749 101.72 -4.99 51.92
CA ALA A 749 102.19 -6.36 51.68
C ALA A 749 102.71 -6.52 50.26
N ARG A 750 102.05 -5.89 49.30
CA ARG A 750 102.50 -5.98 47.91
C ARG A 750 103.87 -5.33 47.73
N LEU A 751 104.09 -4.16 48.35
CA LEU A 751 105.41 -3.56 48.23
C LEU A 751 106.45 -4.32 49.03
N GLN A 752 106.05 -4.93 50.15
CA GLN A 752 106.96 -5.77 50.92
C GLN A 752 107.43 -6.96 50.10
N ALA A 753 106.52 -7.58 49.34
CA ALA A 753 106.94 -8.64 48.44
C ALA A 753 107.77 -8.09 47.29
N ASN A 754 107.45 -6.88 46.82
CA ASN A 754 108.17 -6.29 45.69
C ASN A 754 109.63 -6.06 46.03
N MET A 755 109.91 -5.57 47.23
CA MET A 755 111.30 -5.33 47.59
C MET A 755 112.07 -6.63 47.75
N GLY A 756 111.38 -7.73 48.03
CA GLY A 756 112.04 -8.98 48.34
C GLY A 756 112.46 -9.12 49.79
N GLN A 757 111.74 -8.48 50.71
CA GLN A 757 112.00 -8.58 52.15
C GLN A 757 110.70 -8.81 52.90
N PHE A 758 109.80 -9.62 52.33
CA PHE A 758 108.49 -9.80 52.93
C PHE A 758 108.57 -10.68 54.18
N ARG A 759 109.01 -11.92 54.01
CA ARG A 759 108.99 -12.87 55.13
C ARG A 759 109.94 -12.44 56.24
N ALA A 760 111.10 -11.89 55.88
CA ALA A 760 112.10 -11.49 56.88
C ALA A 760 111.55 -10.41 57.80
N ALA A 761 110.79 -9.45 57.24
CA ALA A 761 110.18 -8.41 58.05
C ALA A 761 109.18 -9.02 59.03
N LEU A 762 108.40 -9.99 58.59
CA LEU A 762 107.43 -10.63 59.48
C LEU A 762 108.12 -11.42 60.58
N ARG A 763 109.20 -12.12 60.26
CA ARG A 763 109.95 -12.83 61.28
C ARG A 763 110.58 -11.86 62.28
N ARG A 764 111.06 -10.71 61.79
CA ARG A 764 111.61 -9.69 62.68
C ARG A 764 110.55 -9.13 63.61
N ILE A 765 109.37 -8.84 63.06
CA ILE A 765 108.28 -8.31 63.88
C ILE A 765 107.84 -9.33 64.91
N MET A 766 107.81 -10.61 64.53
CA MET A 766 107.42 -11.62 65.50
C MET A 766 108.50 -11.85 66.55
N ASP A 767 109.76 -11.63 66.19
CA ASP A 767 110.81 -11.55 67.20
C ASP A 767 110.57 -10.37 68.13
N ASP A 768 110.05 -9.26 67.59
CA ASP A 768 109.72 -8.10 68.40
C ASP A 768 108.52 -8.32 69.30
N ASP A 769 107.81 -9.44 69.12
CA ASP A 769 106.66 -9.82 69.94
C ASP A 769 105.54 -8.78 69.81
N ASP A 770 105.07 -8.60 68.59
CA ASP A 770 104.07 -7.60 68.26
C ASP A 770 102.75 -8.27 67.88
N TRP A 771 101.79 -7.46 67.46
CA TRP A 771 100.48 -7.91 67.03
C TRP A 771 100.21 -7.38 65.63
N VAL A 772 99.55 -8.19 64.80
CA VAL A 772 99.31 -7.86 63.41
C VAL A 772 97.81 -7.96 63.13
N ARG A 773 97.24 -6.90 62.55
CA ARG A 773 95.84 -6.87 62.15
C ARG A 773 95.80 -6.89 60.62
N PHE A 774 95.76 -8.08 60.06
CA PHE A 774 95.80 -8.26 58.61
C PHE A 774 94.46 -7.81 58.03
N GLY A 775 94.42 -6.56 57.55
CA GLY A 775 93.26 -6.06 56.85
C GLY A 775 92.09 -5.76 57.78
N GLY A 776 91.19 -4.92 57.26
CA GLY A 776 89.99 -4.57 57.99
C GLY A 776 88.78 -5.31 57.46
N VAL A 777 88.94 -6.19 56.48
CA VAL A 777 87.82 -6.96 55.90
C VAL A 777 87.31 -7.96 56.94
N LEU A 778 86.08 -7.76 57.42
CA LEU A 778 85.43 -8.62 58.42
C LEU A 778 85.60 -10.10 58.07
N ARG A 779 85.96 -10.87 59.12
CA ARG A 779 86.19 -12.32 58.93
C ARG A 779 85.05 -13.15 59.55
N THR A 780 84.85 -14.36 59.06
CA THR A 780 83.84 -15.32 59.54
C THR A 780 84.49 -16.22 60.59
N VAL A 781 83.76 -16.54 61.67
CA VAL A 781 84.32 -17.16 62.86
C VAL A 781 83.53 -18.42 63.21
N ARG A 782 84.22 -19.39 63.79
CA ARG A 782 83.65 -20.67 64.18
C ARG A 782 84.09 -21.01 65.59
N VAL A 783 83.19 -21.63 66.36
CA VAL A 783 83.45 -22.03 67.73
C VAL A 783 83.78 -23.52 67.75
N LYS A 784 84.71 -23.92 68.61
CA LYS A 784 85.16 -25.29 68.70
C LYS A 784 85.46 -25.67 70.14
N PHE A 785 85.27 -26.95 70.46
CA PHE A 785 85.66 -27.54 71.73
C PHE A 785 86.40 -28.84 71.45
N TYR A 786 87.38 -29.16 72.30
CA TYR A 786 88.18 -30.35 72.13
C TYR A 786 88.59 -30.89 73.49
N ASP A 787 88.94 -32.18 73.53
CA ASP A 787 89.51 -32.78 74.73
C ASP A 787 91.01 -33.02 74.62
N ALA A 788 91.55 -33.04 73.41
CA ALA A 788 92.96 -33.29 73.18
C ALA A 788 93.57 -32.06 72.50
N ARG A 789 94.83 -32.19 72.08
CA ARG A 789 95.46 -31.12 71.33
C ARG A 789 94.78 -30.96 69.97
N PRO A 790 94.66 -29.72 69.49
CA PRO A 790 94.10 -29.50 68.17
C PRO A 790 95.11 -29.88 67.11
N PRO A 791 94.69 -30.05 65.85
CA PRO A 791 95.65 -30.34 64.78
C PRO A 791 96.58 -29.16 64.52
N ASP A 792 97.72 -29.49 63.91
CA ASP A 792 98.75 -28.49 63.60
C ASP A 792 98.22 -27.42 62.66
N ASP A 793 97.29 -27.79 61.76
CA ASP A 793 96.81 -26.85 60.75
C ASP A 793 96.10 -25.65 61.38
N VAL A 794 95.29 -25.90 62.41
CA VAL A 794 94.57 -24.81 63.04
C VAL A 794 95.44 -24.07 64.06
N LEU A 795 96.51 -24.71 64.54
CA LEU A 795 97.32 -24.10 65.58
C LEU A 795 98.45 -23.25 64.99
N GLN A 796 99.31 -23.85 64.19
CA GLN A 796 100.48 -23.17 63.64
C GLN A 796 100.18 -22.41 62.36
N GLY A 797 98.92 -22.37 61.92
CA GLY A 797 98.62 -21.84 60.60
C GLY A 797 98.80 -20.34 60.53
N LEU A 798 98.99 -19.83 59.30
CA LEU A 798 99.16 -18.40 59.03
C LEU A 798 97.86 -17.80 58.55
N PRO A 799 97.54 -16.57 58.93
CA PRO A 799 96.29 -15.95 58.49
C PRO A 799 96.40 -15.32 57.10
N PHE A 800 97.41 -15.72 56.33
CA PHE A 800 97.59 -15.17 55.00
C PHE A 800 98.09 -16.28 54.07
N SER A 801 98.26 -15.93 52.81
CA SER A 801 98.80 -16.83 51.80
C SER A 801 99.77 -16.04 50.93
N TYR A 802 100.85 -16.71 50.52
CA TYR A 802 101.92 -16.06 49.77
C TYR A 802 102.49 -17.07 48.79
N ASP A 803 102.38 -16.78 47.50
CA ASP A 803 102.99 -17.65 46.49
C ASP A 803 103.78 -16.81 45.51
N THR A 804 104.78 -17.45 44.91
CA THR A 804 105.65 -16.80 43.94
C THR A 804 106.15 -17.85 42.96
N ASN A 805 105.94 -17.59 41.67
CA ASN A 805 106.37 -18.49 40.61
C ASN A 805 107.12 -17.71 39.54
N GLU A 806 107.53 -18.42 38.50
CA GLU A 806 108.24 -17.86 37.37
C GLU A 806 107.57 -18.30 36.08
N ARG A 807 107.49 -17.38 35.13
CA ARG A 807 106.97 -17.72 33.80
C ARG A 807 107.67 -16.84 32.77
N GLY A 808 108.29 -17.48 31.79
CA GLY A 808 108.90 -16.77 30.67
C GLY A 808 109.95 -15.76 31.08
N GLY A 809 110.76 -16.07 32.08
CA GLY A 809 111.75 -15.13 32.54
C GLY A 809 111.23 -14.02 33.41
N LEU A 810 109.97 -14.10 33.84
CA LEU A 810 109.40 -13.10 34.73
C LEU A 810 109.01 -13.73 36.05
N ALA A 811 109.14 -12.93 37.11
CA ALA A 811 108.82 -13.35 38.47
C ALA A 811 107.46 -12.81 38.84
N TYR A 812 106.56 -13.71 39.23
CA TYR A 812 105.18 -13.37 39.55
C TYR A 812 104.88 -13.81 40.98
N ALA A 813 103.99 -13.08 41.65
CA ALA A 813 103.68 -13.35 43.05
C ALA A 813 102.26 -12.92 43.38
N THR A 814 101.69 -13.52 44.43
CA THR A 814 100.38 -13.13 44.91
C THR A 814 100.30 -13.36 46.41
N ILE A 815 99.71 -12.41 47.12
CA ILE A 815 99.56 -12.47 48.57
C ILE A 815 98.10 -12.19 48.92
N LYS A 816 97.49 -13.13 49.64
CA LYS A 816 96.10 -13.04 50.07
C LYS A 816 95.99 -13.04 51.58
N TYR A 817 94.85 -12.57 52.08
CA TYR A 817 94.52 -12.60 53.50
C TYR A 817 93.44 -13.64 53.75
N ALA A 818 93.60 -14.39 54.84
CA ALA A 818 92.62 -15.42 55.17
C ALA A 818 91.30 -14.77 55.54
N THR A 819 90.19 -15.21 54.95
CA THR A 819 88.87 -14.61 55.21
C THR A 819 88.05 -15.40 56.23
N GLU A 820 88.42 -16.66 56.45
CA GLU A 820 87.85 -17.58 57.44
C GLU A 820 88.80 -17.77 58.61
N THR A 821 88.27 -17.69 59.81
CA THR A 821 88.99 -17.93 61.05
C THR A 821 88.07 -18.64 62.03
N THR A 822 88.65 -19.10 63.14
CA THR A 822 87.87 -19.84 64.12
C THR A 822 88.38 -19.56 65.53
N ILE A 823 87.50 -19.80 66.49
CA ILE A 823 87.84 -19.71 67.91
C ILE A 823 87.64 -21.11 68.49
N PHE A 824 88.43 -21.45 69.51
CA PHE A 824 88.35 -22.78 70.08
C PHE A 824 88.72 -22.76 71.56
N TYR A 825 88.32 -23.82 72.25
CA TYR A 825 88.56 -24.01 73.67
C TYR A 825 89.25 -25.36 73.88
N LEU A 826 90.19 -25.41 74.83
CA LEU A 826 90.98 -26.61 75.06
C LEU A 826 90.84 -27.05 76.51
N ILE A 827 90.53 -28.33 76.69
CA ILE A 827 90.31 -28.92 78.01
C ILE A 827 91.48 -29.84 78.33
N TYR A 828 91.97 -29.77 79.57
CA TYR A 828 93.07 -30.61 80.02
C TYR A 828 92.52 -31.67 80.96
N ASN A 829 92.79 -32.94 80.65
CA ASN A 829 92.41 -34.07 81.49
C ASN A 829 93.67 -34.70 82.05
N VAL A 830 93.64 -34.99 83.35
CA VAL A 830 94.82 -35.47 84.07
C VAL A 830 94.46 -36.80 84.74
N GLU A 831 95.35 -37.78 84.58
CA GLU A 831 95.19 -39.08 85.23
C GLU A 831 95.89 -39.08 86.58
N PHE A 832 95.44 -39.98 87.46
CA PHE A 832 96.03 -40.09 88.80
C PHE A 832 97.47 -40.54 88.74
N SER A 833 97.77 -41.54 87.92
CA SER A 833 99.12 -42.13 87.87
C SER A 833 99.96 -41.41 86.81
N ASN A 834 100.11 -40.10 87.00
CA ASN A 834 100.88 -39.25 86.12
C ASN A 834 101.94 -38.52 86.92
N THR A 835 103.11 -38.31 86.33
CA THR A 835 104.17 -37.58 86.99
C THR A 835 103.81 -36.09 87.05
N PRO A 836 104.30 -35.37 88.06
CA PRO A 836 104.05 -33.92 88.13
C PRO A 836 104.59 -33.14 86.93
N ASP A 837 105.66 -33.62 86.29
CA ASP A 837 106.24 -32.97 85.13
C ASP A 837 105.94 -33.73 83.85
N SER A 838 104.78 -34.41 83.79
CA SER A 838 104.44 -35.21 82.62
C SER A 838 104.29 -34.36 81.37
N LEU A 839 103.67 -33.20 81.50
CA LEU A 839 103.47 -32.31 80.37
C LEU A 839 104.66 -31.40 80.12
N VAL A 840 105.71 -31.49 80.94
CA VAL A 840 106.86 -30.61 80.81
C VAL A 840 107.68 -31.04 79.61
N LEU A 841 107.94 -30.10 78.70
CA LEU A 841 108.70 -30.35 77.48
C LEU A 841 109.90 -29.42 77.44
N ILE A 842 110.91 -29.83 76.66
CA ILE A 842 112.10 -29.00 76.50
C ILE A 842 111.77 -27.73 75.71
N ASN A 843 110.78 -27.79 74.83
CA ASN A 843 110.42 -26.67 73.97
C ASN A 843 108.91 -26.50 73.99
N PRO A 844 108.39 -25.44 74.60
CA PRO A 844 106.94 -25.22 74.58
C PRO A 844 106.44 -24.89 73.19
N THR A 845 105.17 -25.22 72.94
CA THR A 845 104.59 -25.03 71.63
C THR A 845 104.24 -23.56 71.39
N TYR A 846 104.06 -23.23 70.12
CA TYR A 846 103.68 -21.89 69.70
C TYR A 846 102.23 -21.89 69.25
N THR A 847 101.52 -20.82 69.56
CA THR A 847 100.16 -20.61 69.07
C THR A 847 100.10 -19.28 68.33
N MET A 848 99.23 -19.21 67.33
CA MET A 848 99.24 -18.12 66.38
C MET A 848 98.02 -17.21 66.45
N THR A 849 96.83 -17.75 66.67
CA THR A 849 95.58 -17.02 66.53
C THR A 849 95.19 -16.39 67.87
N LYS A 850 94.83 -15.10 67.84
CA LYS A 850 94.33 -14.41 69.02
C LYS A 850 93.17 -13.51 68.60
N VAL A 851 91.97 -13.84 69.06
CA VAL A 851 90.76 -13.13 68.67
C VAL A 851 90.11 -12.58 69.94
N PHE A 852 89.39 -11.49 69.80
CA PHE A 852 88.77 -10.79 70.93
C PHE A 852 87.25 -10.79 70.80
N ILE A 853 86.57 -10.95 71.94
CA ILE A 853 85.11 -10.81 72.01
C ILE A 853 84.76 -9.93 73.21
N ASN A 854 83.74 -9.09 73.01
CA ASN A 854 83.13 -8.38 74.14
C ASN A 854 82.23 -9.31 74.94
N LYS A 855 81.43 -10.12 74.27
CA LYS A 855 80.40 -10.92 74.94
C LYS A 855 81.02 -12.11 75.65
N ARG A 856 80.64 -12.33 76.91
CA ARG A 856 81.13 -13.45 77.69
C ARG A 856 80.45 -14.73 77.20
N ILE A 857 81.02 -15.30 76.14
CA ILE A 857 80.40 -16.43 75.46
C ILE A 857 80.43 -17.69 76.32
N VAL A 858 81.56 -17.95 76.98
CA VAL A 858 81.78 -19.17 77.73
C VAL A 858 82.37 -18.78 79.08
N GLU A 859 81.84 -19.36 80.15
CA GLU A 859 82.28 -18.94 81.48
C GLU A 859 82.45 -20.11 82.42
N ARG A 860 83.51 -20.08 83.23
CA ARG A 860 83.68 -21.05 84.29
C ARG A 860 82.92 -20.59 85.52
N VAL A 861 82.08 -21.47 86.06
CA VAL A 861 81.11 -21.08 87.08
C VAL A 861 81.18 -22.08 88.24
N ARG A 862 81.15 -21.55 89.46
CA ARG A 862 81.07 -22.35 90.67
C ARG A 862 79.64 -22.86 90.86
N VAL A 863 79.45 -23.71 91.88
CA VAL A 863 78.17 -24.42 92.04
C VAL A 863 77.04 -23.44 92.34
N GLY A 864 77.24 -22.56 93.33
CA GLY A 864 76.16 -21.66 93.73
C GLY A 864 75.84 -20.60 92.72
N GLN A 865 76.78 -20.29 91.83
CA GLN A 865 76.59 -19.24 90.84
C GLN A 865 76.01 -19.76 89.53
N ILE A 866 75.66 -21.04 89.46
CA ILE A 866 75.14 -21.62 88.22
C ILE A 866 73.77 -21.01 87.90
N LEU A 867 72.89 -20.95 88.89
CA LEU A 867 71.53 -20.49 88.68
C LEU A 867 71.38 -18.98 88.85
N ALA A 868 72.48 -18.24 88.82
CA ALA A 868 72.38 -16.78 88.83
C ALA A 868 71.73 -16.24 87.57
N VAL A 869 71.62 -17.06 86.52
CA VAL A 869 70.99 -16.66 85.28
C VAL A 869 69.49 -16.45 85.42
N LEU A 870 68.91 -16.84 86.56
CA LEU A 870 67.46 -16.72 86.78
C LEU A 870 67.11 -15.25 87.00
N ASN A 871 66.99 -14.53 85.89
CA ASN A 871 66.50 -13.15 85.93
C ASN A 871 65.57 -12.83 84.77
N ARG A 872 64.93 -13.83 84.17
CA ARG A 872 63.98 -13.61 83.09
C ARG A 872 62.57 -13.88 83.58
N ARG A 873 61.65 -12.98 83.27
CA ARG A 873 60.25 -13.13 83.67
C ARG A 873 59.49 -13.82 82.55
N PHE A 874 58.88 -14.97 82.86
CA PHE A 874 58.12 -15.74 81.88
C PHE A 874 56.66 -15.82 82.30
N VAL A 875 55.78 -15.68 81.31
CA VAL A 875 54.34 -15.64 81.53
C VAL A 875 53.72 -16.83 80.82
N ALA A 876 52.80 -17.51 81.50
CA ALA A 876 52.15 -18.70 80.97
C ALA A 876 50.65 -18.59 81.19
N TYR A 877 49.91 -19.36 80.40
CA TYR A 877 48.47 -19.49 80.54
C TYR A 877 48.15 -20.87 81.09
N LYS A 878 47.00 -20.97 81.75
CA LYS A 878 46.64 -22.20 82.45
C LYS A 878 46.48 -23.35 81.47
N GLY A 879 46.81 -24.55 81.94
CA GLY A 879 46.55 -25.75 81.15
C GLY A 879 45.08 -26.07 80.98
N LYS A 880 44.22 -25.44 81.77
CA LYS A 880 42.78 -25.55 81.59
C LYS A 880 42.23 -24.54 80.60
N MET A 881 43.05 -23.61 80.11
CA MET A 881 42.62 -22.65 79.10
C MET A 881 42.54 -23.33 77.74
N ARG A 882 42.25 -22.54 76.70
CA ARG A 882 42.32 -23.02 75.33
C ARG A 882 42.49 -21.83 74.40
N ILE A 883 43.12 -22.08 73.25
CA ILE A 883 43.37 -21.07 72.24
C ILE A 883 42.87 -21.59 70.90
N MET A 884 42.30 -20.69 70.10
CA MET A 884 41.96 -20.98 68.72
C MET A 884 42.46 -19.85 67.84
N ASP A 885 42.59 -20.14 66.54
CA ASP A 885 42.88 -19.11 65.56
C ASP A 885 41.59 -18.54 65.01
N ILE A 886 41.58 -17.23 64.76
CA ILE A 886 40.41 -16.52 64.29
C ILE A 886 40.67 -15.85 62.94
N THR A 887 41.94 -15.81 62.52
CA THR A 887 42.41 -15.02 61.39
C THR A 887 41.71 -15.42 60.10
N GLN A 888 41.61 -16.71 59.82
CA GLN A 888 40.97 -17.16 58.58
C GLN A 888 39.46 -16.94 58.60
N SER A 889 38.86 -16.82 59.79
CA SER A 889 37.42 -16.67 59.91
C SER A 889 36.92 -15.35 59.34
N LEU A 890 37.82 -14.43 59.04
CA LEU A 890 37.55 -13.22 58.29
C LEU A 890 36.92 -13.52 56.92
N LYS A 891 37.27 -14.65 56.29
CA LYS A 891 36.87 -14.91 54.91
C LYS A 891 35.40 -15.23 54.75
N MET A 892 34.70 -15.61 55.82
CA MET A 892 33.32 -16.03 55.70
C MET A 892 32.40 -14.85 55.43
N GLY A 893 31.30 -15.11 54.74
CA GLY A 893 30.32 -14.08 54.47
C GLY A 893 29.45 -14.41 53.28
N THR A 894 28.22 -13.91 53.27
CA THR A 894 27.31 -14.16 52.17
C THR A 894 26.88 -12.83 51.54
N LYS A 895 26.58 -12.89 50.25
CA LYS A 895 26.19 -11.72 49.48
C LYS A 895 24.69 -11.72 49.26
N LEU A 896 24.03 -10.66 49.72
CA LEU A 896 22.58 -10.55 49.61
C LEU A 896 22.26 -10.12 48.18
N ALA A 897 21.79 -11.06 47.37
CA ALA A 897 21.34 -10.72 46.03
C ALA A 897 20.15 -9.78 46.13
N ALA A 898 20.16 -8.72 45.32
CA ALA A 898 19.06 -7.78 45.32
C ALA A 898 17.82 -8.44 44.72
N PRO A 899 16.63 -7.98 45.09
CA PRO A 899 15.43 -8.44 44.40
C PRO A 899 15.47 -8.03 42.93
N THR A 900 14.92 -8.89 42.07
CA THR A 900 14.91 -8.63 40.64
C THR A 900 13.64 -9.23 40.04
N VAL A 901 13.29 -8.73 38.87
CA VAL A 901 12.05 -9.15 38.21
C VAL A 901 12.33 -10.17 37.13
N GLN B 7 -12.41 -29.07 81.30
CA GLN B 7 -12.70 -28.62 82.66
C GLN B 7 -12.05 -27.28 82.96
N ARG B 8 -10.82 -27.10 82.51
CA ARG B 8 -10.13 -25.84 82.69
C ARG B 8 -10.66 -24.82 81.68
N PRO B 9 -11.08 -23.64 82.13
CA PRO B 9 -11.90 -22.77 81.26
C PRO B 9 -11.19 -22.16 80.06
N GLU B 10 -9.86 -22.07 80.03
CA GLU B 10 -9.23 -21.49 78.85
C GLU B 10 -8.95 -22.50 77.76
N ARG B 11 -9.17 -23.80 78.00
CA ARG B 11 -9.00 -24.78 76.95
C ARG B 11 -10.27 -25.09 76.20
N ILE B 12 -11.42 -24.61 76.66
CA ILE B 12 -12.67 -24.80 75.93
C ILE B 12 -12.84 -23.65 74.94
N LYS B 13 -13.33 -23.97 73.74
CA LYS B 13 -13.46 -23.02 72.66
C LYS B 13 -14.85 -23.09 72.06
N THR B 14 -15.33 -21.94 71.60
CA THR B 14 -16.64 -21.84 70.98
C THR B 14 -16.63 -21.10 69.64
N THR B 15 -15.47 -20.70 69.14
CA THR B 15 -15.40 -19.90 67.94
C THR B 15 -14.51 -20.56 66.90
N PRO B 16 -14.86 -20.46 65.61
CA PRO B 16 -14.09 -21.11 64.54
C PRO B 16 -12.89 -20.28 64.05
N TYR B 17 -12.09 -19.79 64.99
CA TYR B 17 -10.90 -19.01 64.67
C TYR B 17 -9.63 -19.52 65.34
N LEU B 18 -9.77 -20.19 66.48
CA LEU B 18 -8.64 -20.68 67.25
C LEU B 18 -8.47 -22.18 67.17
N GLU B 19 -8.90 -22.79 66.07
CA GLU B 19 -8.85 -24.25 65.90
C GLU B 19 -8.32 -24.57 64.52
N GLY B 20 -7.49 -25.62 64.45
CA GLY B 20 -6.93 -26.04 63.19
C GLY B 20 -6.26 -27.38 63.34
N ASP B 21 -5.68 -27.86 62.23
CA ASP B 21 -4.97 -29.13 62.24
C ASP B 21 -3.65 -29.00 62.98
N VAL B 22 -3.29 -30.06 63.71
CA VAL B 22 -2.10 -30.04 64.54
C VAL B 22 -0.88 -30.35 63.68
N LEU B 23 0.15 -29.51 63.79
CA LEU B 23 1.36 -29.73 63.02
C LEU B 23 2.25 -30.79 63.64
N SER B 24 2.50 -30.67 64.94
CA SER B 24 3.40 -31.60 65.63
C SER B 24 3.11 -31.53 67.12
N SER B 25 3.77 -32.40 67.87
CA SER B 25 3.68 -32.40 69.32
C SER B 25 5.10 -32.46 69.91
N ASP B 26 5.20 -32.12 71.19
CA ASP B 26 6.50 -32.08 71.85
C ASP B 26 6.34 -32.24 73.34
N SER B 27 7.44 -32.61 74.00
CA SER B 27 7.49 -32.77 75.44
C SER B 27 8.89 -32.40 75.92
N GLY B 28 8.99 -32.16 77.24
CA GLY B 28 10.23 -31.81 77.87
C GLY B 28 11.39 -32.76 77.66
N PRO B 29 11.19 -34.07 77.82
CA PRO B 29 12.33 -35.00 77.62
C PRO B 29 13.00 -34.90 76.27
N LEU B 30 12.23 -34.77 75.18
CA LEU B 30 12.85 -34.65 73.87
C LEU B 30 13.59 -33.33 73.73
N LEU B 31 12.98 -32.25 74.22
CA LEU B 31 13.57 -30.92 74.09
C LEU B 31 14.86 -30.80 74.89
N SER B 32 14.93 -31.42 76.06
CA SER B 32 16.14 -31.33 76.88
C SER B 32 17.34 -31.96 76.17
N VAL B 33 17.17 -33.21 75.71
CA VAL B 33 18.28 -33.90 75.07
C VAL B 33 18.62 -33.24 73.74
N PHE B 34 17.61 -32.74 73.02
CA PHE B 34 17.89 -32.00 71.79
C PHE B 34 18.69 -30.74 72.07
N ALA B 35 18.31 -29.99 73.12
CA ALA B 35 19.00 -28.75 73.45
C ALA B 35 20.46 -29.01 73.78
N LEU B 36 20.71 -30.02 74.62
CA LEU B 36 22.09 -30.38 74.93
C LEU B 36 22.84 -30.80 73.68
N GLN B 37 22.15 -31.48 72.77
CA GLN B 37 22.81 -31.91 71.54
C GLN B 37 23.25 -30.72 70.69
N GLU B 38 22.38 -29.72 70.49
CA GLU B 38 22.83 -28.63 69.62
C GLU B 38 23.90 -27.79 70.32
N ILE B 39 23.81 -27.64 71.65
CA ILE B 39 24.85 -26.91 72.35
C ILE B 39 26.20 -27.61 72.19
N MET B 40 26.23 -28.93 72.37
CA MET B 40 27.50 -29.64 72.33
C MET B 40 28.05 -29.68 70.90
N GLN B 41 27.15 -29.85 69.92
CA GLN B 41 27.56 -29.85 68.52
C GLN B 41 28.14 -28.50 68.12
N LYS B 42 27.59 -27.41 68.63
CA LYS B 42 28.10 -26.08 68.29
C LYS B 42 29.55 -25.92 68.72
N VAL B 43 29.86 -26.31 69.97
CA VAL B 43 31.23 -26.16 70.44
C VAL B 43 32.15 -27.16 69.75
N ARG B 44 31.64 -28.35 69.39
CA ARG B 44 32.47 -29.28 68.63
C ARG B 44 32.83 -28.72 67.26
N GLN B 45 31.86 -28.12 66.57
CA GLN B 45 32.15 -27.50 65.28
C GLN B 45 33.13 -26.34 65.44
N VAL B 46 32.98 -25.57 66.53
CA VAL B 46 33.92 -24.49 66.83
C VAL B 46 35.33 -25.05 66.97
N GLN B 47 35.48 -26.12 67.76
CA GLN B 47 36.79 -26.69 67.99
C GLN B 47 37.38 -27.30 66.72
N ALA B 48 36.52 -27.88 65.87
CA ALA B 48 37.00 -28.58 64.69
C ALA B 48 37.40 -27.60 63.59
N ASP B 49 36.71 -26.48 63.46
CA ASP B 49 36.94 -25.60 62.32
C ASP B 49 38.23 -24.79 62.44
N TYR B 50 39.00 -24.94 63.51
CA TYR B 50 40.24 -24.19 63.68
C TYR B 50 41.26 -25.08 64.37
N MET B 51 42.34 -24.46 64.85
CA MET B 51 43.41 -25.16 65.55
C MET B 51 43.35 -24.81 67.03
N THR B 52 43.40 -25.83 67.88
CA THR B 52 43.26 -25.67 69.33
C THR B 52 44.32 -26.51 70.03
N ALA B 53 44.95 -25.91 71.05
CA ALA B 53 45.95 -26.59 71.88
C ALA B 53 45.53 -26.49 73.34
N THR B 54 44.95 -27.56 73.85
CA THR B 54 44.43 -27.60 75.22
C THR B 54 44.37 -29.04 75.69
N ARG B 55 43.88 -29.23 76.91
CA ARG B 55 43.71 -30.57 77.45
C ARG B 55 42.63 -31.32 76.68
N GLU B 56 42.88 -32.62 76.46
CA GLU B 56 41.95 -33.45 75.71
C GLU B 56 40.68 -33.68 76.52
N VAL B 57 39.54 -33.73 75.84
CA VAL B 57 38.25 -33.96 76.48
C VAL B 57 37.28 -34.53 75.45
N ASP B 58 36.54 -35.56 75.86
CA ASP B 58 35.58 -36.23 75.01
C ASP B 58 34.18 -35.69 75.30
N PHE B 59 33.37 -35.61 74.27
CA PHE B 59 32.05 -34.99 74.34
C PHE B 59 30.96 -36.01 74.02
N THR B 60 30.23 -36.43 75.04
CA THR B 60 29.11 -37.36 74.88
C THR B 60 27.87 -36.79 75.54
N VAL B 61 26.73 -37.06 74.93
CA VAL B 61 25.44 -36.55 75.38
C VAL B 61 24.85 -37.54 76.36
N PRO B 62 24.38 -37.10 77.53
CA PRO B 62 23.90 -38.04 78.56
C PRO B 62 22.40 -38.27 78.50
N ASP B 63 21.92 -39.21 79.30
CA ASP B 63 20.49 -39.51 79.42
C ASP B 63 19.96 -38.86 80.70
N VAL B 64 19.11 -37.86 80.54
CA VAL B 64 18.50 -37.23 81.71
C VAL B 64 17.50 -38.18 82.37
N GLN B 65 16.78 -38.97 81.59
CA GLN B 65 15.77 -39.86 82.16
C GLN B 65 16.39 -40.92 83.04
N LYS B 66 17.54 -41.48 82.62
CA LYS B 66 18.24 -42.45 83.44
C LYS B 66 18.67 -41.84 84.77
N ILE B 67 19.18 -40.60 84.75
CA ILE B 67 19.65 -40.01 85.98
C ILE B 67 18.48 -39.67 86.89
N LEU B 68 17.32 -39.34 86.31
CA LEU B 68 16.14 -39.10 87.12
C LEU B 68 15.64 -40.39 87.77
N ASP B 69 15.66 -41.48 87.00
CA ASP B 69 15.28 -42.77 87.57
C ASP B 69 16.23 -43.18 88.68
N ASP B 70 17.53 -42.94 88.48
CA ASP B 70 18.51 -43.32 89.49
C ASP B 70 18.38 -42.45 90.74
N ILE B 71 18.04 -41.16 90.56
CA ILE B 71 17.76 -40.31 91.70
C ILE B 71 16.56 -40.82 92.48
N LYS B 72 15.49 -41.21 91.77
CA LYS B 72 14.32 -41.77 92.44
C LYS B 72 14.68 -43.03 93.21
N ALA B 73 15.51 -43.90 92.61
CA ALA B 73 15.93 -45.12 93.27
C ALA B 73 16.79 -44.84 94.50
N LEU B 74 17.74 -43.92 94.39
CA LEU B 74 18.59 -43.58 95.52
C LEU B 74 17.79 -42.93 96.64
N ALA B 75 16.71 -42.22 96.30
CA ALA B 75 15.84 -41.67 97.32
C ALA B 75 15.22 -42.76 98.19
N ALA B 76 15.04 -43.96 97.64
CA ALA B 76 14.50 -45.06 98.42
C ALA B 76 15.56 -45.77 99.26
N GLU B 77 16.83 -45.38 99.15
CA GLU B 77 17.87 -46.04 99.92
C GLU B 77 17.84 -45.57 101.36
N GLN B 78 17.84 -46.52 102.29
CA GLN B 78 17.86 -46.26 103.72
C GLN B 78 19.28 -46.44 104.25
N VAL B 79 19.70 -45.51 105.11
CA VAL B 79 21.07 -45.49 105.63
C VAL B 79 21.08 -46.04 107.04
N TYR B 80 19.94 -46.54 107.51
CA TYR B 80 19.81 -47.09 108.85
C TYR B 80 19.58 -48.58 108.77
N LYS B 81 20.16 -49.31 109.72
CA LYS B 81 20.02 -50.76 109.81
C LYS B 81 19.37 -51.11 111.14
N ILE B 82 18.53 -52.14 111.14
CA ILE B 82 17.90 -52.64 112.36
C ILE B 82 18.35 -54.07 112.58
N VAL B 83 18.89 -54.33 113.77
CA VAL B 83 19.33 -55.65 114.21
C VAL B 83 18.87 -55.83 115.65
N LYS B 84 18.46 -57.05 116.00
CA LYS B 84 17.98 -57.29 117.36
C LYS B 84 19.10 -57.14 118.39
N VAL B 85 20.32 -57.50 118.02
CA VAL B 85 21.42 -57.62 118.99
C VAL B 85 22.52 -56.62 118.66
N PRO B 86 23.09 -55.95 119.66
CA PRO B 86 24.30 -55.15 119.43
C PRO B 86 25.54 -56.03 119.38
N SER B 87 26.56 -55.52 118.68
CA SER B 87 27.77 -56.29 118.48
C SER B 87 28.58 -56.40 119.77
N ILE B 88 29.66 -57.16 119.69
CA ILE B 88 30.57 -57.36 120.82
C ILE B 88 31.34 -56.07 121.03
N SER B 89 31.30 -55.54 122.26
CA SER B 89 32.07 -54.32 122.55
C SER B 89 33.51 -54.66 122.91
N PHE B 90 33.70 -55.57 123.85
CA PHE B 90 35.02 -55.86 124.41
C PHE B 90 35.35 -57.34 124.29
N ARG B 91 36.65 -57.62 124.21
CA ARG B 91 37.19 -58.96 124.06
C ARG B 91 38.04 -59.31 125.27
N HIS B 92 37.92 -60.55 125.73
CA HIS B 92 38.70 -61.06 126.84
C HIS B 92 39.73 -62.06 126.32
N ILE B 93 40.86 -62.14 127.02
CA ILE B 93 41.92 -63.09 126.70
C ILE B 93 42.43 -63.71 127.99
N VAL B 94 42.62 -65.03 127.99
CA VAL B 94 43.00 -65.77 129.19
C VAL B 94 44.45 -66.18 129.08
N MET B 95 45.27 -65.71 130.02
CA MET B 95 46.66 -66.14 130.15
C MET B 95 46.73 -67.32 131.12
N GLN B 96 47.94 -67.66 131.57
CA GLN B 96 48.10 -68.80 132.47
C GLN B 96 47.47 -68.56 133.83
N SER B 97 47.23 -67.31 134.19
CA SER B 97 46.53 -67.00 135.44
C SER B 97 45.03 -67.08 135.22
N ARG B 98 44.34 -67.84 136.07
CA ARG B 98 42.90 -67.97 135.96
C ARG B 98 42.15 -66.94 136.80
N ASP B 99 42.87 -66.01 137.45
CA ASP B 99 42.24 -64.97 138.24
C ASP B 99 42.28 -63.60 137.57
N ARG B 100 43.20 -63.39 136.64
CA ARG B 100 43.39 -62.11 135.97
C ARG B 100 43.32 -62.33 134.46
N VAL B 101 42.52 -61.52 133.77
CA VAL B 101 42.27 -61.72 132.34
C VAL B 101 42.49 -60.42 131.59
N LEU B 102 42.98 -60.54 130.36
CA LEU B 102 43.22 -59.41 129.47
C LEU B 102 41.90 -58.88 128.92
N ARG B 103 41.80 -57.56 128.84
CA ARG B 103 40.69 -56.87 128.21
C ARG B 103 41.22 -56.02 127.06
N VAL B 104 40.63 -56.23 125.87
CA VAL B 104 40.96 -55.50 124.64
C VAL B 104 39.64 -54.98 124.08
N ASP B 105 39.72 -53.90 123.30
CA ASP B 105 38.55 -53.38 122.60
C ASP B 105 38.57 -53.89 121.17
N THR B 106 37.49 -54.56 120.76
CA THR B 106 37.38 -55.03 119.38
C THR B 106 37.22 -53.87 118.41
N TYR B 107 36.60 -52.78 118.86
CA TYR B 107 36.37 -51.63 118.00
C TYR B 107 37.67 -51.02 117.53
N TYR B 108 38.67 -50.93 118.41
CA TYR B 108 39.98 -50.40 118.02
C TYR B 108 40.67 -51.28 116.98
N GLU B 109 40.62 -52.61 117.16
CA GLU B 109 41.23 -53.50 116.19
C GLU B 109 40.53 -53.40 114.84
N GLU B 110 39.20 -53.32 114.85
CA GLU B 110 38.48 -53.14 113.59
C GLU B 110 38.82 -51.79 112.96
N MET B 111 39.03 -50.75 113.76
CA MET B 111 39.51 -49.48 113.25
C MET B 111 40.87 -49.65 112.58
N SER B 112 41.75 -50.42 113.20
CA SER B 112 43.08 -50.65 112.63
C SER B 112 42.98 -51.36 111.29
N GLN B 113 42.06 -52.32 111.18
CA GLN B 113 41.90 -53.03 109.91
C GLN B 113 41.22 -52.15 108.86
N VAL B 114 40.21 -51.37 109.25
CA VAL B 114 39.56 -50.47 108.31
C VAL B 114 40.56 -49.43 107.82
N GLY B 115 40.59 -49.20 106.52
CA GLY B 115 41.55 -48.28 105.92
C GLY B 115 42.84 -48.98 105.56
N ASP B 116 43.77 -48.19 105.04
CA ASP B 116 45.07 -48.69 104.63
C ASP B 116 46.16 -47.84 105.29
N VAL B 117 47.41 -48.21 105.01
CA VAL B 117 48.54 -47.65 105.77
C VAL B 117 48.77 -46.20 105.39
N ILE B 118 49.57 -45.54 106.20
CA ILE B 118 49.95 -44.14 106.00
C ILE B 118 51.22 -44.05 105.18
N THR B 119 51.22 -43.13 104.21
CA THR B 119 52.40 -42.85 103.42
C THR B 119 52.42 -41.35 103.15
N GLU B 120 53.51 -40.70 103.57
CA GLU B 120 53.61 -39.24 103.45
C GLU B 120 53.64 -38.78 102.00
N ASP B 121 54.01 -39.66 101.07
CA ASP B 121 54.10 -39.27 99.67
C ASP B 121 52.73 -39.15 99.01
N GLU B 122 51.70 -39.74 99.60
CA GLU B 122 50.39 -39.83 98.94
C GLU B 122 49.34 -39.02 99.70
N PRO B 123 49.05 -37.79 99.28
CA PRO B 123 48.02 -36.99 99.96
C PRO B 123 46.60 -37.49 99.77
N GLU B 124 46.19 -37.70 98.53
CA GLU B 124 44.79 -38.08 98.27
C GLU B 124 44.49 -39.47 98.79
N LYS B 125 45.49 -40.35 98.80
CA LYS B 125 45.32 -41.64 99.46
C LYS B 125 45.10 -41.47 100.95
N PHE B 126 45.81 -40.52 101.57
CA PHE B 126 45.59 -40.22 102.98
C PHE B 126 44.17 -39.71 103.21
N TYR B 127 43.70 -38.80 102.36
CA TYR B 127 42.33 -38.31 102.48
C TYR B 127 41.33 -39.45 102.34
N SER B 128 41.56 -40.32 101.35
CA SER B 128 40.64 -41.43 101.10
C SER B 128 40.58 -42.37 102.29
N THR B 129 41.74 -42.67 102.89
CA THR B 129 41.74 -43.53 104.07
C THR B 129 41.00 -42.88 105.23
N ILE B 130 41.22 -41.58 105.44
CA ILE B 130 40.53 -40.89 106.53
C ILE B 130 39.02 -40.93 106.34
N ILE B 131 38.56 -40.64 105.12
CA ILE B 131 37.12 -40.58 104.91
C ILE B 131 36.53 -41.99 104.89
N LYS B 132 37.34 -43.01 104.57
CA LYS B 132 36.91 -44.39 104.77
C LYS B 132 36.69 -44.69 106.24
N LYS B 133 37.59 -44.20 107.10
CA LYS B 133 37.36 -44.28 108.54
C LYS B 133 36.05 -43.60 108.91
N VAL B 134 35.74 -42.49 108.25
CA VAL B 134 34.51 -41.75 108.54
C VAL B 134 33.27 -42.59 108.23
N ARG B 135 33.28 -43.19 107.03
CA ARG B 135 32.17 -44.09 106.65
C ARG B 135 32.07 -45.20 107.68
N PHE B 136 33.20 -45.79 108.07
CA PHE B 136 33.10 -46.92 109.00
C PHE B 136 32.53 -46.49 110.34
N ILE B 137 32.90 -45.29 110.81
CA ILE B 137 32.32 -44.77 112.05
C ILE B 137 30.82 -44.65 111.93
N ARG B 138 30.35 -44.07 110.82
CA ARG B 138 28.91 -43.87 110.69
C ARG B 138 28.19 -45.20 110.47
N GLY B 139 28.82 -46.16 109.80
CA GLY B 139 28.18 -47.45 109.60
C GLY B 139 28.06 -48.25 110.87
N LYS B 140 29.10 -48.23 111.71
CA LYS B 140 29.01 -48.94 112.98
C LYS B 140 28.25 -48.16 114.04
N GLY B 141 27.99 -46.87 113.81
CA GLY B 141 27.23 -46.10 114.77
C GLY B 141 25.73 -46.13 114.57
N SER B 142 25.27 -46.48 113.38
CA SER B 142 23.86 -46.36 113.00
C SER B 142 23.19 -47.72 113.08
N PHE B 143 22.46 -47.97 114.16
CA PHE B 143 21.68 -49.18 114.31
C PHE B 143 20.61 -48.96 115.38
N ILE B 144 19.48 -49.65 115.23
CA ILE B 144 18.37 -49.59 116.18
C ILE B 144 18.04 -51.00 116.62
N LEU B 145 17.93 -51.20 117.93
CA LEU B 145 17.63 -52.50 118.50
C LEU B 145 16.12 -52.70 118.58
N HIS B 146 15.67 -53.89 118.20
CA HIS B 146 14.26 -54.24 118.20
C HIS B 146 14.12 -55.72 118.53
N ASP B 147 13.09 -56.04 119.31
CA ASP B 147 12.77 -57.41 119.71
C ASP B 147 13.97 -58.07 120.42
N ILE B 148 14.34 -57.48 121.54
CA ILE B 148 15.40 -58.08 122.37
C ILE B 148 14.87 -59.36 123.00
N PRO B 149 15.67 -60.40 123.17
CA PRO B 149 15.21 -61.58 123.91
C PRO B 149 15.13 -61.32 125.40
N THR B 150 14.27 -62.09 126.06
CA THR B 150 14.04 -61.99 127.49
C THR B 150 13.98 -63.39 128.08
N ARG B 151 14.16 -63.47 129.40
CA ARG B 151 14.13 -64.76 130.08
C ARG B 151 13.57 -64.55 131.48
N ASP B 152 13.05 -65.62 132.07
CA ASP B 152 12.41 -65.59 133.38
C ASP B 152 13.22 -66.40 134.36
N HIS B 153 13.61 -65.76 135.48
CA HIS B 153 14.39 -66.40 136.52
C HIS B 153 13.80 -66.01 137.87
N ARG B 154 13.29 -67.01 138.60
CA ARG B 154 12.66 -66.81 139.90
C ARG B 154 11.52 -65.80 139.81
N GLY B 155 10.77 -65.84 138.71
CA GLY B 155 9.67 -64.93 138.49
C GLY B 155 10.09 -63.54 138.06
N MET B 156 11.37 -63.29 137.84
CA MET B 156 11.90 -61.99 137.52
C MET B 156 12.45 -61.96 136.10
N GLU B 157 12.48 -60.77 135.51
CA GLU B 157 12.95 -60.59 134.14
C GLU B 157 14.48 -60.53 134.11
N VAL B 158 15.09 -61.25 133.16
CA VAL B 158 16.53 -61.19 132.93
C VAL B 158 16.79 -61.15 131.43
N ALA B 159 18.00 -60.70 131.08
CA ALA B 159 18.44 -60.65 129.70
C ALA B 159 19.47 -61.75 129.43
N GLU B 160 19.72 -61.98 128.14
CA GLU B 160 20.61 -63.03 127.70
C GLU B 160 22.05 -62.54 127.59
N PRO B 161 23.04 -63.44 127.73
CA PRO B 161 24.44 -63.00 127.73
C PRO B 161 25.02 -62.76 126.35
N GLU B 162 24.20 -62.78 125.29
CA GLU B 162 24.72 -62.48 123.97
C GLU B 162 24.24 -61.12 123.47
N VAL B 163 23.26 -60.52 124.16
CA VAL B 163 22.81 -59.18 123.80
C VAL B 163 23.47 -58.09 124.63
N LEU B 164 24.14 -58.44 125.73
CA LEU B 164 24.80 -57.43 126.54
C LEU B 164 26.08 -56.93 125.87
N GLY B 165 26.63 -57.67 124.92
CA GLY B 165 27.79 -57.22 124.19
C GLY B 165 29.12 -57.79 124.64
N VAL B 166 29.13 -58.81 125.50
CA VAL B 166 30.36 -59.49 125.90
C VAL B 166 30.14 -60.98 125.81
N GLU B 167 31.22 -61.73 125.60
CA GLU B 167 31.19 -63.18 125.62
C GLU B 167 32.13 -63.69 126.73
N PHE B 168 31.62 -64.60 127.54
CA PHE B 168 32.41 -65.16 128.63
C PHE B 168 32.15 -66.65 128.84
N LYS B 169 31.66 -67.35 127.81
CA LYS B 169 31.36 -68.78 127.95
C LYS B 169 32.62 -69.59 128.20
N ASN B 170 33.72 -69.26 127.52
CA ASN B 170 34.99 -69.93 127.76
C ASN B 170 35.61 -69.56 129.10
N VAL B 171 35.06 -68.56 129.80
CA VAL B 171 35.60 -68.19 131.11
C VAL B 171 35.11 -69.16 132.18
N LEU B 172 33.97 -69.82 131.95
CA LEU B 172 33.42 -70.73 132.96
C LEU B 172 34.36 -71.84 133.41
N PRO B 173 35.10 -72.55 132.55
CA PRO B 173 35.98 -73.61 133.06
C PRO B 173 37.06 -73.14 134.02
N VAL B 174 37.59 -71.92 133.85
CA VAL B 174 38.70 -71.47 134.68
C VAL B 174 38.23 -70.88 136.00
N LEU B 175 36.97 -71.04 136.36
CA LEU B 175 36.42 -70.48 137.58
C LEU B 175 36.24 -71.55 138.65
N THR B 176 36.39 -71.15 139.91
CA THR B 176 36.10 -72.01 141.04
C THR B 176 34.68 -71.73 141.55
N ALA B 177 34.32 -72.32 142.69
CA ALA B 177 32.92 -72.35 143.12
C ALA B 177 32.37 -70.95 143.34
N GLU B 178 33.06 -70.14 144.15
CA GLU B 178 32.65 -68.76 144.36
C GLU B 178 32.70 -67.97 143.06
N HIS B 179 33.58 -68.37 142.14
CA HIS B 179 33.83 -67.56 140.95
C HIS B 179 32.68 -67.67 139.96
N ARG B 180 32.34 -68.89 139.50
CA ARG B 180 31.16 -68.92 138.65
C ARG B 180 29.86 -68.74 139.45
N ALA B 181 29.90 -68.91 140.77
CA ALA B 181 28.76 -68.52 141.60
C ALA B 181 28.47 -67.03 141.45
N MET B 182 29.50 -66.20 141.60
CA MET B 182 29.29 -64.76 141.46
C MET B 182 29.06 -64.35 140.02
N ILE B 183 29.60 -65.10 139.06
CA ILE B 183 29.30 -64.80 137.66
C ILE B 183 27.81 -65.03 137.37
N GLN B 184 27.27 -66.16 137.85
CA GLN B 184 25.84 -66.40 137.66
C GLN B 184 25.00 -65.42 138.47
N ASN B 185 25.51 -64.99 139.63
CA ASN B 185 24.83 -63.94 140.38
C ASN B 185 24.81 -62.64 139.60
N ALA B 186 25.88 -62.34 138.87
CA ALA B 186 25.91 -61.15 138.03
C ALA B 186 24.95 -61.27 136.85
N LEU B 187 24.86 -62.47 136.27
CA LEU B 187 23.88 -62.70 135.20
C LEU B 187 22.46 -62.49 135.71
N ASP B 188 22.16 -62.99 136.91
CA ASP B 188 20.87 -62.69 137.53
C ASP B 188 20.74 -61.21 137.86
N GLY B 189 21.86 -60.53 138.11
CA GLY B 189 21.81 -59.10 138.34
C GLY B 189 21.63 -58.30 137.07
N SER B 190 22.04 -58.86 135.94
CA SER B 190 21.81 -58.20 134.65
C SER B 190 20.33 -58.34 134.32
N ILE B 191 19.55 -57.33 134.69
CA ILE B 191 18.11 -57.35 134.49
C ILE B 191 17.73 -56.20 133.59
N ILE B 192 16.54 -56.31 133.02
CA ILE B 192 15.99 -55.28 132.15
C ILE B 192 15.06 -54.39 132.96
N GLU B 193 15.30 -53.08 132.91
CA GLU B 193 14.59 -52.16 133.78
C GLU B 193 13.14 -52.02 133.37
N ASN B 194 12.34 -51.44 134.28
CA ASN B 194 10.88 -51.29 134.14
C ASN B 194 10.20 -52.57 133.65
N GLY B 195 10.70 -53.71 134.13
CA GLY B 195 10.21 -54.99 133.65
C GLY B 195 8.92 -55.45 134.26
N ASN B 196 8.36 -54.69 135.20
CA ASN B 196 7.10 -55.09 135.82
C ASN B 196 5.89 -54.42 135.18
N VAL B 197 6.06 -53.65 134.12
CA VAL B 197 4.94 -52.97 133.49
C VAL B 197 4.18 -53.95 132.61
N ALA B 198 2.87 -54.08 132.85
CA ALA B 198 2.06 -55.03 132.10
C ALA B 198 1.90 -54.61 130.65
N THR B 199 1.72 -53.31 130.39
CA THR B 199 1.60 -52.78 129.05
C THR B 199 2.91 -52.19 128.54
N ARG B 200 4.03 -52.79 128.95
CA ARG B 200 5.35 -52.27 128.61
C ARG B 200 5.60 -52.31 127.11
N ASP B 201 6.21 -51.25 126.59
CA ASP B 201 6.61 -51.17 125.20
C ASP B 201 8.11 -50.96 125.00
N VAL B 202 8.83 -50.53 126.03
CA VAL B 202 10.24 -50.20 125.92
C VAL B 202 11.05 -51.17 126.77
N ASP B 203 12.19 -51.60 126.24
CA ASP B 203 13.16 -52.40 126.99
C ASP B 203 14.45 -51.58 127.10
N VAL B 204 14.78 -51.19 128.32
CA VAL B 204 15.96 -50.37 128.60
C VAL B 204 16.95 -51.23 129.36
N PHE B 205 18.19 -51.27 128.89
CA PHE B 205 19.19 -52.16 129.44
C PHE B 205 20.49 -51.41 129.72
N ILE B 206 21.22 -51.89 130.72
CA ILE B 206 22.49 -51.30 131.13
C ILE B 206 23.62 -52.24 130.70
N GLY B 207 24.62 -51.67 130.02
CA GLY B 207 25.74 -52.48 129.55
C GLY B 207 26.80 -51.61 128.92
N ALA B 208 27.69 -52.26 128.18
CA ALA B 208 28.81 -51.57 127.57
C ALA B 208 28.62 -51.39 126.08
N CYS B 209 29.32 -50.40 125.52
CA CYS B 209 29.26 -50.10 124.10
C CYS B 209 30.48 -49.28 123.73
N SER B 210 30.77 -49.23 122.42
CA SER B 210 31.83 -48.38 121.92
C SER B 210 31.40 -46.92 121.98
N GLU B 211 32.30 -46.06 122.45
CA GLU B 211 31.93 -44.67 122.74
C GLU B 211 31.48 -43.89 121.52
N PRO B 212 32.17 -43.91 120.37
CA PRO B 212 31.58 -43.26 119.19
C PRO B 212 30.29 -43.92 118.74
N VAL B 213 30.25 -45.26 118.77
CA VAL B 213 29.06 -46.00 118.37
C VAL B 213 27.91 -45.65 119.30
N TYR B 214 28.16 -45.61 120.61
CA TYR B 214 27.10 -45.28 121.55
C TYR B 214 26.68 -43.83 121.44
N ARG B 215 27.61 -42.93 121.11
CA ARG B 215 27.25 -41.53 120.89
C ARG B 215 26.30 -41.40 119.70
N ILE B 216 26.62 -42.10 118.61
CA ILE B 216 25.76 -42.05 117.44
C ILE B 216 24.41 -42.69 117.74
N TYR B 217 24.42 -43.76 118.54
CA TYR B 217 23.16 -44.39 118.96
C TYR B 217 22.31 -43.44 119.79
N ASN B 218 22.95 -42.70 120.71
CA ASN B 218 22.22 -41.77 121.55
C ASN B 218 21.62 -40.63 120.73
N ARG B 219 22.40 -40.07 119.81
CA ARG B 219 21.79 -39.03 118.99
C ARG B 219 20.76 -39.60 118.02
N LEU B 220 20.87 -40.89 117.67
CA LEU B 220 19.86 -41.50 116.83
C LEU B 220 18.53 -41.63 117.57
N GLN B 221 18.56 -42.05 118.83
CA GLN B 221 17.31 -42.12 119.57
C GLN B 221 16.78 -40.72 119.89
N GLY B 222 17.67 -39.74 120.07
CA GLY B 222 17.22 -38.37 120.15
C GLY B 222 16.53 -37.91 118.88
N TYR B 223 17.06 -38.32 117.72
CA TYR B 223 16.43 -38.02 116.45
C TYR B 223 15.07 -38.69 116.32
N ILE B 224 14.95 -39.92 116.81
CA ILE B 224 13.66 -40.61 116.83
C ILE B 224 12.65 -39.83 117.67
N GLU B 225 13.07 -39.38 118.85
CA GLU B 225 12.14 -38.70 119.74
C GLU B 225 11.81 -37.29 119.26
N ALA B 226 12.72 -36.63 118.56
CA ALA B 226 12.54 -35.22 118.23
C ALA B 226 11.54 -35.02 117.09
N VAL B 227 11.85 -35.57 115.91
CA VAL B 227 11.01 -35.33 114.74
C VAL B 227 9.70 -36.08 114.88
N GLN B 228 8.60 -35.39 114.64
CA GLN B 228 7.27 -35.97 114.85
C GLN B 228 6.29 -35.33 113.87
N LEU B 229 4.99 -35.47 114.17
CA LEU B 229 3.93 -35.23 113.20
C LEU B 229 3.84 -33.77 112.76
N GLN B 230 4.23 -32.83 113.62
CA GLN B 230 4.04 -31.42 113.28
C GLN B 230 4.96 -30.99 112.15
N GLU B 231 6.14 -31.60 112.04
CA GLU B 231 7.02 -31.35 110.90
C GLU B 231 6.40 -31.87 109.61
N LEU B 232 5.73 -33.03 109.68
CA LEU B 232 4.95 -33.50 108.55
C LEU B 232 3.85 -32.52 108.20
N ARG B 233 3.23 -31.92 109.22
CA ARG B 233 2.20 -30.91 108.99
C ARG B 233 2.77 -29.73 108.22
N ASN B 234 3.94 -29.24 108.64
CA ASN B 234 4.58 -28.12 107.96
C ASN B 234 4.94 -28.48 106.53
N SER B 235 5.46 -29.69 106.33
CA SER B 235 5.87 -30.15 105.00
C SER B 235 4.67 -30.21 104.06
N ILE B 236 3.57 -30.80 104.53
CA ILE B 236 2.41 -30.94 103.67
C ILE B 236 1.72 -29.58 103.48
N GLY B 237 1.87 -28.66 104.43
CA GLY B 237 1.37 -27.31 104.21
C GLY B 237 2.14 -26.58 103.13
N TRP B 238 3.47 -26.74 103.11
CA TRP B 238 4.24 -26.17 102.01
C TRP B 238 3.88 -26.85 100.69
N LEU B 239 3.62 -28.15 100.71
CA LEU B 239 3.17 -28.83 99.51
C LEU B 239 1.84 -28.27 99.03
N GLU B 240 0.94 -27.95 99.97
CA GLU B 240 -0.31 -27.29 99.63
C GLU B 240 -0.09 -25.92 99.01
N ARG B 241 0.86 -25.15 99.53
CA ARG B 241 1.14 -23.83 98.97
C ARG B 241 1.68 -23.95 97.54
N LEU B 242 2.58 -24.91 97.30
CA LEU B 242 3.04 -25.16 95.93
C LEU B 242 1.89 -25.59 95.02
N GLY B 243 0.99 -26.45 95.52
CA GLY B 243 -0.14 -26.86 94.72
C GLY B 243 -1.09 -25.73 94.40
N HIS B 244 -1.27 -24.82 95.36
CA HIS B 244 -2.03 -23.60 95.10
C HIS B 244 -1.37 -22.77 94.01
N ARG B 245 -0.04 -22.66 94.07
CA ARG B 245 0.69 -21.93 93.04
C ARG B 245 0.50 -22.55 91.66
N LYS B 246 0.60 -23.88 91.57
CA LYS B 246 0.49 -24.52 90.27
C LYS B 246 -0.97 -24.66 89.84
N ARG B 247 -1.89 -24.65 90.80
CA ARG B 247 -3.33 -24.84 90.55
C ARG B 247 -3.59 -26.19 89.90
N ILE B 248 -3.36 -27.25 90.67
CA ILE B 248 -3.69 -28.60 90.28
C ILE B 248 -4.99 -29.00 90.96
N THR B 249 -5.65 -30.01 90.42
CA THR B 249 -6.79 -30.59 91.11
C THR B 249 -6.31 -31.41 92.30
N TYR B 250 -7.11 -31.44 93.36
CA TYR B 250 -6.74 -32.16 94.58
C TYR B 250 -7.51 -33.45 94.72
N SER B 251 -6.87 -34.43 95.37
CA SER B 251 -7.58 -35.63 95.78
C SER B 251 -8.65 -35.26 96.79
N GLN B 252 -9.87 -35.77 96.57
CA GLN B 252 -10.96 -35.49 97.50
C GLN B 252 -10.77 -36.23 98.81
N GLU B 253 -9.83 -37.18 98.86
CA GLU B 253 -9.34 -37.69 100.12
C GLU B 253 -8.59 -36.60 100.88
N VAL B 254 -8.85 -36.52 102.19
CA VAL B 254 -8.20 -35.54 103.05
C VAL B 254 -7.53 -36.26 104.22
N LEU B 255 -6.28 -35.87 104.49
CA LEU B 255 -5.42 -36.54 105.45
C LEU B 255 -5.80 -36.11 106.86
N THR B 256 -6.12 -37.08 107.71
CA THR B 256 -6.41 -36.84 109.12
C THR B 256 -5.26 -37.37 109.96
N ASP B 257 -4.74 -36.52 110.85
CA ASP B 257 -3.56 -36.92 111.62
C ASP B 257 -3.91 -37.79 112.81
N PHE B 258 -4.70 -38.83 112.58
CA PHE B 258 -4.94 -39.86 113.57
C PHE B 258 -3.80 -40.88 113.49
N ARG B 259 -3.13 -41.11 114.61
CA ARG B 259 -1.99 -41.99 114.65
C ARG B 259 -2.36 -43.24 115.45
N ARG B 260 -1.97 -44.39 114.92
CA ARG B 260 -2.20 -45.63 115.65
C ARG B 260 -1.28 -45.70 116.86
N GLN B 261 -1.66 -46.55 117.81
CA GLN B 261 -0.91 -46.72 119.04
C GLN B 261 0.25 -47.69 118.89
N ASP B 262 0.42 -48.29 117.72
CA ASP B 262 1.47 -49.25 117.44
C ASP B 262 2.14 -48.95 116.11
N THR B 263 2.50 -47.70 115.88
CA THR B 263 3.18 -47.28 114.65
C THR B 263 4.33 -46.33 114.96
N ILE B 264 5.39 -46.45 114.17
CA ILE B 264 6.55 -45.55 114.25
C ILE B 264 6.88 -45.06 112.85
N TRP B 265 7.01 -43.75 112.69
CA TRP B 265 7.38 -43.13 111.43
C TRP B 265 8.82 -42.64 111.52
N VAL B 266 9.53 -42.66 110.40
CA VAL B 266 10.88 -42.13 110.33
C VAL B 266 11.01 -41.26 109.09
N LEU B 267 11.75 -40.16 109.23
CA LEU B 267 11.95 -39.19 108.16
C LEU B 267 13.42 -38.78 108.13
N ALA B 268 13.97 -38.65 106.92
CA ALA B 268 15.34 -38.22 106.74
C ALA B 268 15.47 -36.93 105.93
N LEU B 269 14.35 -36.26 105.64
CA LEU B 269 14.35 -35.04 104.84
C LEU B 269 13.54 -33.96 105.53
N GLN B 270 13.96 -32.72 105.33
CA GLN B 270 13.19 -31.53 105.70
C GLN B 270 12.69 -30.89 104.42
N LEU B 271 11.37 -30.84 104.25
CA LEU B 271 10.76 -30.52 102.96
C LEU B 271 10.95 -29.06 102.55
N PRO B 272 10.94 -28.07 103.46
CA PRO B 272 11.46 -26.75 103.09
C PRO B 272 12.91 -26.84 102.66
N VAL B 273 13.28 -26.04 101.65
CA VAL B 273 14.56 -26.17 100.99
C VAL B 273 15.24 -24.81 100.93
N ASN B 274 16.57 -24.81 101.08
CA ASN B 274 17.37 -23.60 100.89
C ASN B 274 17.90 -23.60 99.46
N PRO B 275 17.41 -22.71 98.59
CA PRO B 275 17.80 -22.79 97.16
C PRO B 275 19.22 -22.32 96.89
N GLN B 276 19.79 -21.47 97.75
CA GLN B 276 21.14 -21.00 97.51
C GLN B 276 22.16 -22.11 97.65
N VAL B 277 21.88 -23.12 98.47
CA VAL B 277 22.73 -24.30 98.53
C VAL B 277 22.80 -24.96 97.16
N VAL B 278 21.67 -25.04 96.47
CA VAL B 278 21.66 -25.57 95.12
C VAL B 278 22.41 -24.64 94.18
N TRP B 279 22.18 -23.34 94.29
CA TRP B 279 22.67 -22.38 93.30
C TRP B 279 24.14 -22.01 93.48
N ASP B 280 24.78 -22.40 94.58
CA ASP B 280 26.16 -22.01 94.83
C ASP B 280 27.18 -22.91 94.14
N VAL B 281 26.73 -23.97 93.49
CA VAL B 281 27.64 -24.92 92.83
C VAL B 281 28.36 -24.21 91.69
N PRO B 282 29.69 -24.34 91.57
CA PRO B 282 30.41 -23.65 90.50
C PRO B 282 30.08 -24.23 89.14
N ARG B 283 29.87 -23.35 88.16
CA ARG B 283 29.61 -23.70 86.76
C ARG B 283 28.45 -24.70 86.66
N SER B 284 27.28 -24.24 87.10
CA SER B 284 26.13 -25.14 87.22
C SER B 284 24.83 -24.52 86.74
N SER B 285 24.86 -23.29 86.20
CA SER B 285 23.63 -22.65 85.72
C SER B 285 22.99 -23.47 84.61
N ILE B 286 23.82 -23.97 83.68
CA ILE B 286 23.30 -24.80 82.58
C ILE B 286 22.68 -26.08 83.12
N ALA B 287 23.23 -26.63 84.19
CA ALA B 287 22.62 -27.79 84.83
C ALA B 287 21.24 -27.45 85.36
N ASN B 288 21.12 -26.31 86.04
CA ASN B 288 19.83 -25.91 86.58
C ASN B 288 18.82 -25.72 85.46
N LEU B 289 19.25 -25.12 84.35
CA LEU B 289 18.35 -24.95 83.21
C LEU B 289 17.93 -26.29 82.62
N ILE B 290 18.85 -27.25 82.52
CA ILE B 290 18.47 -28.51 81.86
C ILE B 290 17.53 -29.31 82.75
N MET B 291 17.74 -29.30 84.08
CA MET B 291 16.74 -29.96 84.92
C MET B 291 15.42 -29.21 84.92
N ASN B 292 15.46 -27.87 84.82
CA ASN B 292 14.21 -27.12 84.75
C ASN B 292 13.40 -27.51 83.52
N ILE B 293 14.09 -27.63 82.37
CA ILE B 293 13.43 -28.07 81.15
C ILE B 293 12.91 -29.49 81.31
N ALA B 294 13.73 -30.38 81.88
CA ALA B 294 13.34 -31.78 81.98
C ALA B 294 12.20 -31.98 82.97
N THR B 295 12.02 -31.07 83.92
CA THR B 295 11.02 -31.25 84.96
C THR B 295 9.73 -30.48 84.69
N CYS B 296 9.81 -29.16 84.54
CA CYS B 296 8.61 -28.34 84.59
C CYS B 296 7.84 -28.28 83.27
N LEU B 297 8.45 -28.69 82.16
CA LEU B 297 7.79 -28.50 80.88
C LEU B 297 6.71 -29.57 80.68
N PRO B 298 5.47 -29.18 80.47
CA PRO B 298 4.40 -30.16 80.23
C PRO B 298 4.43 -30.63 78.78
N THR B 299 3.49 -31.53 78.46
CA THR B 299 3.36 -32.06 77.12
C THR B 299 2.47 -31.15 76.29
N GLY B 300 3.00 -30.67 75.17
CA GLY B 300 2.26 -29.72 74.35
C GLY B 300 2.31 -30.03 72.87
N GLU B 301 1.74 -29.15 72.05
CA GLU B 301 1.73 -29.36 70.61
C GLU B 301 1.63 -28.03 69.89
N TYR B 302 1.93 -28.08 68.59
CA TYR B 302 1.99 -26.90 67.73
C TYR B 302 0.75 -26.83 66.85
N ILE B 303 0.14 -25.66 66.78
CA ILE B 303 -1.13 -25.45 66.10
C ILE B 303 -0.92 -24.41 65.01
N ALA B 304 -1.46 -24.72 63.82
CA ALA B 304 -1.48 -23.79 62.69
C ALA B 304 -2.68 -22.86 62.80
N PRO B 305 -2.58 -21.64 62.27
CA PRO B 305 -3.71 -20.70 62.33
C PRO B 305 -4.80 -21.10 61.34
N ASN B 306 -5.93 -20.44 61.47
CA ASN B 306 -7.07 -20.72 60.62
C ASN B 306 -6.75 -20.36 59.18
N PRO B 307 -7.08 -21.22 58.21
CA PRO B 307 -6.81 -20.89 56.81
C PRO B 307 -7.61 -19.71 56.30
N ARG B 308 -8.72 -19.36 56.94
CA ARG B 308 -9.60 -18.32 56.44
C ARG B 308 -9.10 -16.91 56.71
N ILE B 309 -7.99 -16.76 57.45
CA ILE B 309 -7.48 -15.42 57.74
C ILE B 309 -6.88 -14.79 56.47
N SER B 310 -6.18 -15.58 55.66
CA SER B 310 -5.49 -15.01 54.51
C SER B 310 -6.46 -14.68 53.38
N SER B 311 -7.54 -15.45 53.24
CA SER B 311 -8.43 -15.28 52.10
C SER B 311 -9.86 -15.57 52.54
N ILE B 312 -10.80 -15.02 51.77
CA ILE B 312 -12.22 -15.31 51.94
C ILE B 312 -12.84 -15.45 50.57
N THR B 313 -13.70 -16.44 50.42
CA THR B 313 -14.39 -16.66 49.15
C THR B 313 -15.59 -15.74 49.02
N LEU B 314 -16.01 -15.52 47.78
CA LEU B 314 -17.20 -14.76 47.48
C LEU B 314 -18.15 -15.50 46.55
N THR B 315 -17.62 -16.29 45.62
CA THR B 315 -18.44 -17.11 44.75
C THR B 315 -17.63 -18.36 44.38
N GLN B 316 -18.09 -19.08 43.36
CA GLN B 316 -17.41 -20.30 42.95
C GLN B 316 -16.01 -20.02 42.41
N ARG B 317 -15.84 -18.93 41.66
CA ARG B 317 -14.61 -18.68 40.95
C ARG B 317 -13.78 -17.53 41.49
N ILE B 318 -14.40 -16.52 42.07
CA ILE B 318 -13.72 -15.31 42.54
C ILE B 318 -13.43 -15.45 44.02
N THR B 319 -12.18 -15.21 44.41
CA THR B 319 -11.78 -15.31 45.81
C THR B 319 -10.56 -14.43 46.02
N THR B 320 -10.48 -13.81 47.19
CA THR B 320 -9.33 -13.02 47.57
C THR B 320 -8.09 -13.90 47.71
N THR B 321 -6.92 -13.26 47.59
CA THR B 321 -5.64 -13.94 47.76
C THR B 321 -4.80 -13.19 48.78
N GLY B 322 -3.96 -13.94 49.49
CA GLY B 322 -3.14 -13.38 50.54
C GLY B 322 -1.96 -12.58 50.01
N PRO B 323 -1.58 -11.53 50.74
CA PRO B 323 -0.39 -10.76 50.34
C PRO B 323 0.89 -11.58 50.38
N PHE B 324 0.98 -12.56 51.26
CA PHE B 324 2.13 -13.45 51.35
C PHE B 324 1.80 -14.84 50.84
N ALA B 325 1.04 -14.91 49.74
CA ALA B 325 0.61 -16.20 49.21
C ALA B 325 1.80 -17.04 48.76
N ILE B 326 2.83 -16.40 48.20
CA ILE B 326 3.99 -17.14 47.73
C ILE B 326 4.75 -17.77 48.90
N LEU B 327 4.77 -17.12 50.06
CA LEU B 327 5.46 -17.69 51.22
C LEU B 327 4.56 -18.58 52.06
N THR B 328 3.24 -18.45 51.96
CA THR B 328 2.36 -19.28 52.77
C THR B 328 2.47 -20.75 52.38
N GLY B 329 2.53 -21.04 51.08
CA GLY B 329 2.67 -22.40 50.60
C GLY B 329 4.07 -22.93 50.75
N SER B 330 4.54 -23.08 51.98
CA SER B 330 5.88 -23.56 52.27
C SER B 330 5.84 -24.48 53.48
N THR B 331 6.76 -25.45 53.51
CA THR B 331 6.82 -26.42 54.58
C THR B 331 8.27 -26.59 55.01
N PRO B 332 8.56 -26.53 56.31
CA PRO B 332 9.95 -26.59 56.77
C PRO B 332 10.56 -27.97 56.61
N THR B 333 11.90 -28.01 56.68
CA THR B 333 12.64 -29.26 56.70
C THR B 333 12.97 -29.62 58.15
N ALA B 334 13.82 -30.63 58.32
CA ALA B 334 14.24 -31.03 59.66
C ALA B 334 15.00 -29.90 60.36
N GLN B 335 15.96 -29.28 59.67
CA GLN B 335 16.73 -28.20 60.26
C GLN B 335 15.83 -27.00 60.59
N GLN B 336 14.90 -26.69 59.69
CA GLN B 336 14.00 -25.56 59.93
C GLN B 336 13.05 -25.85 61.09
N LEU B 337 12.58 -27.09 61.20
CA LEU B 337 11.76 -27.47 62.36
C LEU B 337 12.56 -27.34 63.65
N ASN B 338 13.83 -27.77 63.63
CA ASN B 338 14.69 -27.63 64.79
C ASN B 338 14.88 -26.16 65.15
N ASP B 339 15.04 -25.30 64.13
CA ASP B 339 15.19 -23.87 64.37
C ASP B 339 13.92 -23.28 64.99
N VAL B 340 12.76 -23.75 64.54
CA VAL B 340 11.50 -23.32 65.15
C VAL B 340 11.47 -23.71 66.63
N ARG B 341 11.93 -24.93 66.93
CA ARG B 341 12.04 -25.35 68.32
C ARG B 341 12.95 -24.43 69.11
N LYS B 342 14.10 -24.07 68.54
CA LYS B 342 15.03 -23.20 69.23
C LYS B 342 14.42 -21.83 69.50
N ILE B 343 13.68 -21.29 68.53
CA ILE B 343 13.03 -20.00 68.73
C ILE B 343 12.02 -20.08 69.86
N TYR B 344 11.22 -21.15 69.90
CA TYR B 344 10.22 -21.23 70.97
C TYR B 344 10.87 -21.47 72.32
N LEU B 345 12.03 -22.14 72.35
CA LEU B 345 12.75 -22.28 73.61
C LEU B 345 13.30 -20.94 74.10
N ALA B 346 13.88 -20.16 73.20
CA ALA B 346 14.32 -18.81 73.56
C ALA B 346 13.15 -17.95 73.99
N LEU B 347 11.96 -18.22 73.43
CA LEU B 347 10.76 -17.49 73.82
C LEU B 347 10.32 -17.88 75.23
N MET B 348 10.37 -19.17 75.56
CA MET B 348 9.79 -19.65 76.81
C MET B 348 10.68 -19.35 78.01
N PHE B 349 12.00 -19.28 77.83
CA PHE B 349 12.91 -18.70 78.82
C PHE B 349 13.45 -17.35 78.38
N PRO B 350 13.07 -16.25 79.03
CA PRO B 350 13.65 -14.95 78.70
C PRO B 350 14.89 -14.68 79.55
N GLY B 351 15.98 -14.29 78.88
CA GLY B 351 17.13 -13.74 79.57
C GLY B 351 18.39 -14.59 79.53
N GLN B 352 18.25 -15.90 79.70
CA GLN B 352 19.40 -16.78 79.77
C GLN B 352 19.69 -17.50 78.47
N ILE B 353 18.87 -17.31 77.44
CA ILE B 353 19.06 -17.95 76.15
C ILE B 353 19.21 -16.87 75.09
N ILE B 354 20.27 -16.97 74.29
CA ILE B 354 20.50 -16.04 73.20
C ILE B 354 20.43 -16.80 71.88
N LEU B 355 19.98 -16.11 70.85
CA LEU B 355 19.85 -16.64 69.50
C LEU B 355 20.94 -16.06 68.61
N ASP B 356 21.07 -16.63 67.42
CA ASP B 356 21.93 -16.06 66.39
C ASP B 356 21.40 -16.49 65.02
N LEU B 357 21.97 -15.88 63.99
CA LEU B 357 21.52 -16.08 62.62
C LEU B 357 22.61 -16.76 61.82
N LYS B 358 22.24 -17.78 61.06
CA LYS B 358 23.18 -18.63 60.35
C LYS B 358 23.22 -18.28 58.87
N ILE B 359 24.43 -18.14 58.34
CA ILE B 359 24.67 -18.01 56.91
C ILE B 359 25.58 -19.14 56.47
N ASP B 360 25.33 -19.65 55.26
CA ASP B 360 26.22 -20.61 54.59
C ASP B 360 25.83 -20.63 53.14
N PRO B 361 26.78 -20.78 52.22
CA PRO B 361 26.45 -20.70 50.79
C PRO B 361 25.55 -21.82 50.29
N GLY B 362 25.45 -22.93 51.02
CA GLY B 362 24.77 -24.12 50.54
C GLY B 362 23.27 -24.01 50.38
N GLU B 363 22.66 -22.92 50.83
CA GLU B 363 21.22 -22.73 50.77
C GLU B 363 20.89 -21.51 49.94
N ARG B 364 19.76 -21.58 49.23
CA ARG B 364 19.33 -20.52 48.33
C ARG B 364 17.91 -20.11 48.70
N MET B 365 17.69 -18.80 48.82
CA MET B 365 16.38 -18.24 49.16
C MET B 365 16.14 -16.99 48.33
N ASP B 366 14.86 -16.65 48.19
CA ASP B 366 14.50 -15.35 47.64
C ASP B 366 14.85 -14.27 48.64
N PRO B 367 15.19 -13.06 48.17
CA PRO B 367 15.52 -11.97 49.12
C PRO B 367 14.40 -11.59 50.06
N ALA B 368 13.14 -11.91 49.75
CA ALA B 368 12.02 -11.47 50.57
C ALA B 368 12.00 -12.11 51.95
N VAL B 369 12.78 -13.17 52.18
CA VAL B 369 12.80 -13.80 53.50
C VAL B 369 13.32 -12.84 54.55
N ARG B 370 14.40 -12.11 54.26
CA ARG B 370 14.89 -11.10 55.19
C ARG B 370 13.97 -9.88 55.21
N MET B 371 13.37 -9.57 54.07
CA MET B 371 12.48 -8.42 53.94
C MET B 371 11.32 -8.52 54.91
N VAL B 372 10.70 -9.69 55.01
CA VAL B 372 9.63 -9.89 55.97
C VAL B 372 10.20 -10.32 57.33
N ALA B 373 11.43 -10.84 57.35
CA ALA B 373 12.02 -11.32 58.59
C ALA B 373 12.33 -10.18 59.54
N GLY B 374 12.70 -9.02 59.00
CA GLY B 374 12.86 -7.86 59.86
C GLY B 374 11.59 -7.50 60.59
N VAL B 375 10.46 -7.52 59.87
CA VAL B 375 9.16 -7.23 60.48
C VAL B 375 8.85 -8.25 61.56
N VAL B 376 9.03 -9.52 61.25
CA VAL B 376 8.64 -10.54 62.22
C VAL B 376 9.59 -10.52 63.43
N GLY B 377 10.85 -10.16 63.21
CA GLY B 377 11.77 -10.03 64.34
C GLY B 377 11.39 -8.89 65.25
N HIS B 378 11.03 -7.74 64.67
CA HIS B 378 10.58 -6.63 65.52
C HIS B 378 9.24 -6.91 66.17
N LEU B 379 8.44 -7.82 65.63
CA LEU B 379 7.17 -8.16 66.25
C LEU B 379 7.20 -9.42 67.11
N LEU B 380 8.34 -10.09 67.23
CA LEU B 380 8.31 -11.41 67.86
C LEU B 380 9.25 -11.55 69.06
N PHE B 381 10.26 -10.69 69.20
CA PHE B 381 11.10 -10.68 70.38
C PHE B 381 10.94 -9.40 71.19
N THR B 382 11.39 -9.46 72.44
CA THR B 382 11.54 -8.31 73.32
C THR B 382 13.01 -8.09 73.58
N ALA B 383 13.49 -6.87 73.33
CA ALA B 383 14.91 -6.55 73.46
C ALA B 383 15.09 -5.24 74.22
N GLY B 384 14.42 -5.10 75.35
CA GLY B 384 14.59 -3.92 76.17
C GLY B 384 13.75 -4.00 77.42
N GLY B 385 14.00 -3.03 78.31
CA GLY B 385 13.34 -3.00 79.59
C GLY B 385 14.30 -3.34 80.72
N ARG B 386 14.05 -4.46 81.38
CA ARG B 386 14.89 -4.88 82.51
C ARG B 386 15.62 -6.20 82.26
N PHE B 387 15.70 -6.64 81.01
CA PHE B 387 16.39 -7.87 80.64
C PHE B 387 16.80 -7.76 79.17
N THR B 388 17.17 -8.90 78.59
CA THR B 388 17.49 -8.95 77.17
C THR B 388 17.16 -10.32 76.61
N ASN B 389 16.96 -10.37 75.29
CA ASN B 389 16.82 -11.61 74.55
C ASN B 389 17.67 -11.67 73.29
N LEU B 390 18.00 -10.52 72.69
CA LEU B 390 18.81 -10.47 71.49
C LEU B 390 20.23 -10.06 71.83
N THR B 391 21.12 -10.23 70.86
CA THR B 391 22.43 -9.62 70.88
C THR B 391 22.51 -8.52 69.82
N GLN B 392 23.59 -7.74 69.88
CA GLN B 392 23.63 -6.49 69.15
C GLN B 392 23.69 -6.68 67.64
N ASN B 393 24.47 -7.67 67.17
CA ASN B 393 24.70 -7.79 65.74
C ASN B 393 23.43 -8.16 64.98
N MET B 394 22.67 -9.14 65.48
CA MET B 394 21.44 -9.49 64.80
C MET B 394 20.35 -8.46 65.00
N ALA B 395 20.39 -7.70 66.09
CA ALA B 395 19.48 -6.57 66.23
C ALA B 395 19.74 -5.54 65.14
N ARG B 396 21.02 -5.24 64.89
CA ARG B 396 21.37 -4.34 63.79
C ARG B 396 20.94 -4.90 62.44
N GLN B 397 21.10 -6.22 62.27
CA GLN B 397 20.68 -6.86 61.03
C GLN B 397 19.17 -6.72 60.83
N LEU B 398 18.39 -6.94 61.88
CA LEU B 398 16.95 -6.75 61.81
C LEU B 398 16.59 -5.30 61.51
N ASP B 399 17.33 -4.36 62.09
CA ASP B 399 17.09 -2.94 61.80
C ASP B 399 17.31 -2.66 60.31
N ILE B 400 18.39 -3.19 59.74
CA ILE B 400 18.66 -3.01 58.33
C ILE B 400 17.56 -3.64 57.49
N ALA B 401 17.09 -4.83 57.90
CA ALA B 401 16.02 -5.49 57.17
C ALA B 401 14.73 -4.68 57.18
N LEU B 402 14.36 -4.14 58.34
CA LEU B 402 13.15 -3.34 58.43
C LEU B 402 13.28 -2.06 57.61
N ASN B 403 14.47 -1.45 57.63
CA ASN B 403 14.72 -0.27 56.80
C ASN B 403 14.56 -0.61 55.33
N ASP B 404 15.08 -1.76 54.90
CA ASP B 404 14.99 -2.14 53.50
C ASP B 404 13.56 -2.48 53.11
N TYR B 405 12.78 -3.03 54.05
CA TYR B 405 11.38 -3.32 53.73
C TYR B 405 10.56 -2.05 53.60
N LEU B 406 10.74 -1.10 54.51
CA LEU B 406 10.12 0.21 54.35
C LEU B 406 10.67 0.96 53.16
N LEU B 407 11.83 0.52 52.65
CA LEU B 407 12.58 1.20 51.62
C LEU B 407 12.30 0.68 50.21
N TYR B 408 12.20 -0.63 50.02
CA TYR B 408 11.89 -1.20 48.71
C TYR B 408 10.37 -1.29 48.58
N MET B 409 9.79 -0.44 47.75
CA MET B 409 8.35 -0.35 47.60
C MET B 409 8.02 -0.46 46.11
N TYR B 410 7.06 -1.34 45.81
CA TYR B 410 6.75 -1.73 44.43
C TYR B 410 5.74 -0.82 43.74
N ASN B 411 4.90 -0.11 44.50
CA ASN B 411 3.89 0.77 43.89
C ASN B 411 4.52 2.11 43.51
N THR B 412 3.67 3.09 43.21
CA THR B 412 4.14 4.43 42.89
C THR B 412 4.81 5.07 44.09
N ARG B 413 6.01 5.61 43.88
CA ARG B 413 6.87 6.02 44.97
C ARG B 413 6.34 7.28 45.67
N VAL B 414 6.67 7.38 46.96
CA VAL B 414 6.42 8.59 47.73
C VAL B 414 7.77 9.21 48.09
N GLN B 415 7.73 10.44 48.57
CA GLN B 415 8.96 11.17 48.85
C GLN B 415 9.57 10.71 50.17
N VAL B 416 10.89 10.85 50.26
CA VAL B 416 11.65 10.49 51.45
C VAL B 416 12.64 11.61 51.74
N ASN B 417 12.88 11.88 53.02
CA ASN B 417 13.84 12.89 53.45
C ASN B 417 14.86 12.22 54.36
N TYR B 418 16.08 12.06 53.86
CA TYR B 418 17.12 11.36 54.59
C TYR B 418 17.70 12.23 55.71
N GLY B 419 18.20 11.56 56.73
CA GLY B 419 18.73 12.23 57.89
C GLY B 419 20.23 12.44 57.81
N PRO B 420 20.82 12.93 58.90
CA PRO B 420 22.24 13.27 58.89
C PRO B 420 23.19 12.07 58.81
N THR B 421 23.01 11.10 59.70
CA THR B 421 24.01 10.05 59.83
C THR B 421 23.70 8.87 58.90
N GLY B 422 24.70 8.00 58.75
CA GLY B 422 24.63 6.81 57.94
C GLY B 422 24.05 5.59 58.64
N GLU B 423 23.63 5.74 59.89
CA GLU B 423 22.88 4.67 60.55
C GLU B 423 21.56 4.45 59.80
N PRO B 424 21.13 3.19 59.64
CA PRO B 424 19.82 2.94 59.03
C PRO B 424 18.69 3.56 59.84
N LEU B 425 17.54 3.72 59.17
CA LEU B 425 16.33 4.30 59.72
C LEU B 425 16.48 5.78 60.06
N ASP B 426 17.40 6.49 59.42
CA ASP B 426 17.55 7.93 59.63
C ASP B 426 16.92 8.69 58.47
N PHE B 427 15.58 8.74 58.49
CA PHE B 427 14.85 9.46 57.46
C PHE B 427 13.41 9.63 57.90
N GLN B 428 12.68 10.44 57.13
CA GLN B 428 11.24 10.63 57.27
C GLN B 428 10.57 10.31 55.94
N ILE B 429 9.32 9.89 56.01
CA ILE B 429 8.65 9.29 54.86
C ILE B 429 7.20 9.74 54.82
N GLY B 430 6.65 9.77 53.60
CA GLY B 430 5.22 9.80 53.42
C GLY B 430 4.57 11.16 53.63
N ARG B 431 3.25 11.16 53.47
CA ARG B 431 2.46 12.38 53.54
C ARG B 431 2.34 12.91 54.97
N ASN B 432 2.30 12.03 55.96
CA ASN B 432 2.15 12.46 57.34
C ASN B 432 3.52 12.71 57.97
N GLN B 433 4.59 12.46 57.22
CA GLN B 433 5.97 12.73 57.64
C GLN B 433 6.32 12.00 58.94
N TYR B 434 5.98 10.71 58.98
CA TYR B 434 6.24 9.91 60.17
C TYR B 434 7.73 9.61 60.30
N ASP B 435 8.21 9.62 61.53
CA ASP B 435 9.62 9.41 61.82
C ASP B 435 9.84 7.94 62.16
N CYS B 436 10.69 7.26 61.39
CA CYS B 436 11.06 5.88 61.65
C CYS B 436 12.22 5.75 62.62
N ASN B 437 12.87 6.87 62.97
CA ASN B 437 14.02 6.83 63.86
C ASN B 437 13.70 6.27 65.23
N VAL B 438 12.42 6.30 65.63
CA VAL B 438 12.03 5.75 66.91
C VAL B 438 12.09 4.22 66.95
N PHE B 439 12.28 3.57 65.81
CA PHE B 439 12.32 2.11 65.81
C PHE B 439 13.73 1.53 65.80
N ARG B 440 14.76 2.34 66.01
CA ARG B 440 16.08 1.78 66.21
C ARG B 440 16.16 1.10 67.57
N ALA B 441 16.98 0.06 67.63
CA ALA B 441 17.07 -0.77 68.83
C ALA B 441 18.22 -0.30 69.70
N ASP B 442 17.92 0.00 70.95
CA ASP B 442 18.92 0.30 71.96
C ASP B 442 18.59 -0.53 73.19
N PHE B 443 19.61 -1.14 73.78
CA PHE B 443 19.36 -2.06 74.90
C PHE B 443 18.91 -1.31 76.15
N ALA B 444 19.43 -0.10 76.37
CA ALA B 444 19.05 0.64 77.57
C ALA B 444 17.61 1.14 77.49
N THR B 445 17.14 1.46 76.28
CA THR B 445 15.78 1.97 76.10
C THR B 445 14.80 0.87 75.70
N GLY B 446 15.06 0.18 74.61
CA GLY B 446 14.26 -0.97 74.22
C GLY B 446 13.16 -0.73 73.20
N THR B 447 13.32 0.28 72.34
CA THR B 447 12.29 0.57 71.36
C THR B 447 12.24 -0.50 70.28
N GLY B 448 11.12 -0.53 69.56
CA GLY B 448 10.99 -1.36 68.38
C GLY B 448 10.67 -2.81 68.61
N TYR B 449 10.35 -3.21 69.83
CA TYR B 449 10.05 -4.60 70.13
C TYR B 449 8.84 -4.66 71.07
N ASN B 450 8.47 -5.87 71.46
CA ASN B 450 7.24 -6.06 72.23
C ASN B 450 7.34 -5.46 73.62
N GLY B 451 8.55 -5.36 74.18
CA GLY B 451 8.71 -4.79 75.51
C GLY B 451 8.79 -3.29 75.56
N TRP B 452 8.72 -2.60 74.42
CA TRP B 452 8.79 -1.15 74.44
C TRP B 452 7.48 -0.54 74.91
N ALA B 453 7.60 0.61 75.59
CA ALA B 453 6.47 1.43 76.00
C ALA B 453 5.50 0.66 76.89
N THR B 454 6.05 -0.15 77.80
CA THR B 454 5.23 -0.96 78.67
C THR B 454 6.07 -1.40 79.87
N ILE B 455 5.47 -2.24 80.71
CA ILE B 455 6.13 -2.83 81.86
C ILE B 455 6.18 -4.33 81.63
N ASP B 456 7.37 -4.91 81.74
CA ASP B 456 7.60 -6.29 81.34
C ASP B 456 7.60 -7.29 82.49
N VAL B 457 7.81 -6.84 83.72
CA VAL B 457 7.94 -7.74 84.87
C VAL B 457 7.32 -7.05 86.08
N GLU B 458 6.78 -7.84 87.00
CA GLU B 458 6.07 -7.27 88.13
C GLU B 458 6.21 -8.15 89.37
N TYR B 459 5.91 -7.57 90.52
CA TYR B 459 6.04 -8.23 91.82
C TYR B 459 4.67 -8.31 92.49
N ARG B 460 4.45 -9.38 93.25
CA ARG B 460 3.18 -9.65 93.90
C ARG B 460 3.44 -10.24 95.28
N GLU B 461 2.41 -10.88 95.85
CA GLU B 461 2.40 -11.60 97.11
C GLU B 461 3.55 -12.59 97.23
N PRO B 462 3.93 -13.02 98.44
CA PRO B 462 5.07 -13.94 98.58
C PRO B 462 4.87 -15.24 97.80
N ALA B 463 5.93 -15.67 97.14
CA ALA B 463 6.02 -16.84 96.29
C ALA B 463 6.44 -18.07 97.10
N PRO B 464 6.06 -19.27 96.63
CA PRO B 464 6.52 -20.49 97.32
C PRO B 464 8.01 -20.63 97.37
N TYR B 465 8.72 -20.26 96.32
CA TYR B 465 10.17 -20.28 96.29
C TYR B 465 10.68 -18.86 96.55
N VAL B 466 11.71 -18.75 97.40
CA VAL B 466 12.12 -17.44 97.88
C VAL B 466 13.10 -16.73 96.95
N HIS B 467 13.72 -17.46 96.01
CA HIS B 467 14.76 -16.84 95.20
C HIS B 467 14.19 -15.92 94.12
N ALA B 468 12.97 -16.18 93.66
CA ALA B 468 12.38 -15.42 92.57
C ALA B 468 10.90 -15.24 92.84
N GLN B 469 10.47 -14.00 93.00
CA GLN B 469 9.07 -13.66 93.16
C GLN B 469 8.45 -13.07 91.91
N ARG B 470 9.25 -12.91 90.85
CA ARG B 470 8.82 -12.13 89.70
C ARG B 470 7.73 -12.83 88.91
N TYR B 471 6.90 -12.03 88.26
CA TYR B 471 5.88 -12.49 87.32
C TYR B 471 6.10 -11.76 86.01
N ILE B 472 6.23 -12.51 84.93
CA ILE B 472 6.59 -11.95 83.64
C ILE B 472 5.33 -11.50 82.91
N ARG B 473 5.39 -10.29 82.36
CA ARG B 473 4.26 -9.65 81.68
C ARG B 473 4.71 -9.31 80.26
N TYR B 474 4.53 -10.26 79.34
CA TYR B 474 4.84 -9.99 77.95
C TYR B 474 3.82 -9.03 77.36
N CYS B 475 4.32 -8.13 76.50
CA CYS B 475 3.53 -7.16 75.73
C CYS B 475 2.52 -6.40 76.60
N GLY B 476 2.87 -6.22 77.88
CA GLY B 476 2.03 -5.48 78.79
C GLY B 476 0.71 -6.13 79.14
N ILE B 477 0.54 -7.41 78.82
CA ILE B 477 -0.72 -8.11 79.05
C ILE B 477 -0.49 -9.23 80.06
N ASP B 478 -1.36 -9.28 81.05
CA ASP B 478 -1.32 -10.32 82.07
C ASP B 478 -1.98 -11.59 81.54
N SER B 479 -2.23 -12.56 82.43
CA SER B 479 -2.87 -13.80 82.03
C SER B 479 -4.32 -13.90 82.51
N ARG B 480 -4.84 -12.86 83.15
CA ARG B 480 -6.15 -12.92 83.77
C ARG B 480 -7.28 -12.48 82.85
N GLU B 481 -6.97 -12.10 81.61
CA GLU B 481 -8.04 -11.80 80.66
C GLU B 481 -8.66 -13.06 80.07
N LEU B 482 -7.99 -14.20 80.16
CA LEU B 482 -8.58 -15.42 79.64
C LEU B 482 -9.75 -15.88 80.50
N ILE B 483 -9.61 -15.83 81.82
CA ILE B 483 -10.75 -16.11 82.68
C ILE B 483 -11.79 -15.00 82.62
N ASN B 484 -11.37 -13.76 82.41
CA ASN B 484 -12.29 -12.63 82.37
C ASN B 484 -11.71 -11.52 81.50
N PRO B 485 -12.16 -11.38 80.27
CA PRO B 485 -11.57 -10.40 79.37
C PRO B 485 -11.84 -8.97 79.81
N THR B 486 -11.02 -8.05 79.31
CA THR B 486 -11.01 -6.66 79.77
C THR B 486 -11.55 -5.67 78.75
N THR B 487 -11.09 -5.73 77.51
CA THR B 487 -11.54 -4.81 76.47
C THR B 487 -12.25 -5.60 75.37
N TYR B 488 -12.85 -4.87 74.43
CA TYR B 488 -13.59 -5.50 73.35
C TYR B 488 -12.62 -6.10 72.34
N GLY B 489 -13.18 -6.67 71.27
CA GLY B 489 -12.36 -7.37 70.30
C GLY B 489 -11.36 -6.47 69.60
N ILE B 490 -11.80 -5.28 69.19
CA ILE B 490 -10.89 -4.33 68.56
C ILE B 490 -9.94 -3.73 69.59
N GLY B 491 -10.42 -3.52 70.82
CA GLY B 491 -9.68 -2.77 71.82
C GLY B 491 -8.41 -3.42 72.32
N MET B 492 -8.16 -4.68 71.97
CA MET B 492 -6.94 -5.37 72.38
C MET B 492 -5.79 -4.89 71.50
N THR B 493 -4.82 -4.21 72.12
CA THR B 493 -3.63 -3.75 71.41
C THR B 493 -2.55 -3.38 72.43
N TYR B 494 -1.35 -3.13 71.92
CA TYR B 494 -0.28 -2.57 72.73
C TYR B 494 0.57 -1.66 71.84
N HIS B 495 1.46 -0.91 72.49
CA HIS B 495 1.98 0.32 71.91
C HIS B 495 2.81 0.06 70.65
N CYS B 496 3.74 -0.89 70.72
CA CYS B 496 4.62 -1.14 69.58
C CYS B 496 3.82 -1.65 68.39
N TYR B 497 2.78 -2.44 68.64
CA TYR B 497 1.94 -2.91 67.56
C TYR B 497 1.19 -1.75 66.90
N ASN B 498 0.72 -0.81 67.72
CA ASN B 498 0.06 0.39 67.21
C ASN B 498 1.00 1.20 66.35
N GLU B 499 2.23 1.40 66.82
CA GLU B 499 3.21 2.19 66.06
C GLU B 499 3.56 1.48 64.76
N MET B 500 3.68 0.16 64.80
CA MET B 500 4.01 -0.63 63.61
C MET B 500 2.91 -0.51 62.56
N LEU B 501 1.65 -0.66 62.99
CA LEU B 501 0.52 -0.53 62.08
C LEU B 501 0.42 0.89 61.52
N ARG B 502 0.64 1.90 62.37
CA ARG B 502 0.55 3.28 61.90
C ARG B 502 1.64 3.57 60.89
N MET B 503 2.84 3.02 61.09
CA MET B 503 3.91 3.17 60.10
C MET B 503 3.53 2.53 58.78
N LEU B 504 3.00 1.30 58.83
CA LEU B 504 2.65 0.61 57.59
C LEU B 504 1.55 1.34 56.83
N VAL B 505 0.58 1.91 57.56
CA VAL B 505 -0.41 2.76 56.91
C VAL B 505 0.28 3.99 56.32
N ALA B 506 1.21 4.58 57.06
CA ALA B 506 1.96 5.72 56.55
C ALA B 506 2.83 5.34 55.37
N ALA B 507 3.34 4.10 55.35
CA ALA B 507 4.18 3.64 54.26
C ALA B 507 3.41 3.35 52.99
N GLY B 508 2.10 3.62 52.96
CA GLY B 508 1.29 3.31 51.81
C GLY B 508 0.94 1.85 51.66
N LYS B 509 1.33 1.03 52.62
CA LYS B 509 1.15 -0.42 52.54
C LYS B 509 -0.12 -0.77 53.29
N ASP B 510 -1.07 -1.40 52.60
CA ASP B 510 -2.42 -1.57 53.13
C ASP B 510 -2.81 -3.03 53.32
N SER B 511 -2.57 -3.88 52.32
CA SER B 511 -2.97 -5.28 52.42
C SER B 511 -2.22 -5.98 53.55
N GLU B 512 -0.92 -5.69 53.68
CA GLU B 512 -0.14 -6.25 54.78
C GLU B 512 -0.68 -5.76 56.12
N ALA B 513 -1.09 -4.49 56.18
CA ALA B 513 -1.69 -3.96 57.39
C ALA B 513 -2.97 -4.69 57.73
N ALA B 514 -3.79 -5.00 56.72
CA ALA B 514 -5.03 -5.74 56.97
C ALA B 514 -4.72 -7.15 57.47
N TYR B 515 -3.74 -7.82 56.85
CA TYR B 515 -3.37 -9.16 57.29
C TYR B 515 -2.90 -9.16 58.73
N PHE B 516 -2.08 -8.18 59.10
CA PHE B 516 -1.58 -8.12 60.48
C PHE B 516 -2.69 -7.77 61.46
N ARG B 517 -3.60 -6.86 61.08
CA ARG B 517 -4.68 -6.48 61.98
C ARG B 517 -5.60 -7.66 62.23
N SER B 518 -5.83 -8.48 61.21
CA SER B 518 -6.50 -9.75 61.43
C SER B 518 -5.66 -10.66 62.32
N MET B 519 -4.34 -10.64 62.13
CA MET B 519 -3.45 -11.61 62.76
C MET B 519 -3.29 -11.37 64.26
N LEU B 520 -3.50 -10.14 64.71
CA LEU B 520 -3.14 -9.73 66.07
C LEU B 520 -3.67 -10.59 67.21
N PRO B 521 -4.97 -10.94 67.29
CA PRO B 521 -5.44 -11.66 68.49
C PRO B 521 -4.81 -13.03 68.67
N PHE B 522 -4.48 -13.73 67.58
CA PHE B 522 -3.77 -14.99 67.70
C PHE B 522 -2.42 -14.79 68.37
N HIS B 523 -1.70 -13.74 67.96
CA HIS B 523 -0.45 -13.37 68.58
C HIS B 523 -0.64 -13.11 70.06
N MET B 524 -1.66 -12.33 70.42
CA MET B 524 -1.83 -11.93 71.81
C MET B 524 -2.24 -13.12 72.68
N VAL B 525 -3.07 -14.02 72.15
CA VAL B 525 -3.46 -15.17 72.97
C VAL B 525 -2.29 -16.15 73.10
N ARG B 526 -1.45 -16.26 72.07
CA ARG B 526 -0.26 -17.09 72.20
C ARG B 526 0.64 -16.56 73.30
N PHE B 527 0.82 -15.24 73.35
CA PHE B 527 1.66 -14.69 74.41
C PHE B 527 0.97 -14.74 75.76
N ALA B 528 -0.36 -14.73 75.80
CA ALA B 528 -1.07 -14.95 77.06
C ALA B 528 -0.82 -16.36 77.58
N ARG B 529 -0.85 -17.35 76.70
CA ARG B 529 -0.58 -18.72 77.12
C ARG B 529 0.87 -18.88 77.57
N ILE B 530 1.82 -18.24 76.87
CA ILE B 530 3.21 -18.34 77.32
C ILE B 530 3.40 -17.62 78.66
N ASN B 531 2.65 -16.55 78.90
CA ASN B 531 2.71 -15.90 80.21
C ASN B 531 2.21 -16.83 81.30
N GLN B 532 1.11 -17.54 81.04
CA GLN B 532 0.62 -18.52 82.01
C GLN B 532 1.66 -19.60 82.26
N ILE B 533 2.30 -20.09 81.18
CA ILE B 533 3.29 -21.16 81.32
C ILE B 533 4.45 -20.69 82.19
N ILE B 534 4.96 -19.49 81.92
CA ILE B 534 6.10 -19.00 82.70
C ILE B 534 5.70 -18.77 84.15
N ASN B 535 4.51 -18.21 84.38
CA ASN B 535 4.10 -17.90 85.74
C ASN B 535 3.89 -19.15 86.58
N GLU B 536 3.23 -20.16 86.02
CA GLU B 536 2.72 -21.28 86.81
C GLU B 536 3.59 -22.53 86.70
N ASP B 537 3.95 -22.92 85.48
CA ASP B 537 4.57 -24.22 85.28
C ASP B 537 6.00 -24.24 85.80
N LEU B 538 6.75 -23.18 85.58
CA LEU B 538 8.20 -23.23 85.68
C LEU B 538 8.71 -22.94 87.09
N HIS B 539 7.84 -22.71 88.06
CA HIS B 539 8.25 -22.35 89.41
C HIS B 539 8.94 -23.53 90.07
N SER B 540 10.25 -23.43 90.22
CA SER B 540 11.05 -24.54 90.74
C SER B 540 12.34 -23.98 91.33
N VAL B 541 13.02 -24.82 92.10
CA VAL B 541 14.28 -24.41 92.73
C VAL B 541 15.37 -24.19 91.68
N PHE B 542 15.26 -24.87 90.53
CA PHE B 542 16.26 -24.72 89.48
C PHE B 542 16.20 -23.37 88.80
N SER B 543 15.14 -22.59 89.04
CA SER B 543 14.94 -21.34 88.33
C SER B 543 16.00 -20.31 88.70
N LEU B 544 16.10 -19.28 87.88
CA LEU B 544 17.06 -18.21 88.11
C LEU B 544 16.53 -17.27 89.18
N PRO B 545 17.31 -16.97 90.21
CA PRO B 545 16.87 -16.00 91.22
C PRO B 545 16.87 -14.59 90.65
N ASP B 546 16.20 -13.69 91.38
CA ASP B 546 15.98 -12.34 90.87
C ASP B 546 17.28 -11.55 90.76
N ASP B 547 18.27 -11.84 91.60
CA ASP B 547 19.52 -11.10 91.55
C ASP B 547 20.23 -11.31 90.22
N MET B 548 20.32 -12.56 89.77
CA MET B 548 20.97 -12.86 88.50
C MET B 548 20.21 -12.25 87.33
N PHE B 549 18.88 -12.35 87.37
CA PHE B 549 18.06 -11.82 86.29
C PHE B 549 18.18 -10.30 86.19
N ASN B 550 18.25 -9.63 87.34
CA ASN B 550 18.37 -8.17 87.32
C ASN B 550 19.81 -7.72 87.12
N ALA B 551 20.78 -8.62 87.24
CA ALA B 551 22.16 -8.27 87.00
C ALA B 551 22.61 -8.58 85.57
N LEU B 552 21.96 -9.52 84.90
CA LEU B 552 22.47 -10.01 83.61
C LEU B 552 22.49 -8.91 82.55
N LEU B 553 21.41 -8.13 82.46
CA LEU B 553 21.34 -7.09 81.43
C LEU B 553 22.44 -6.03 81.58
N PRO B 554 22.70 -5.46 82.75
CA PRO B 554 23.89 -4.60 82.87
C PRO B 554 25.18 -5.32 82.58
N ASP B 555 25.27 -6.61 82.89
CA ASP B 555 26.48 -7.37 82.60
C ASP B 555 26.74 -7.45 81.11
N LEU B 556 25.71 -7.74 80.32
CA LEU B 556 25.90 -7.88 78.88
C LEU B 556 26.07 -6.52 78.21
N ILE B 557 25.33 -5.51 78.66
CA ILE B 557 25.45 -4.21 78.00
C ILE B 557 26.73 -3.48 78.41
N ALA B 558 27.29 -3.79 79.57
CA ALA B 558 28.54 -3.17 80.00
C ALA B 558 29.74 -4.06 79.74
N GLY B 559 29.54 -5.29 79.25
CA GLY B 559 30.64 -6.20 79.05
C GLY B 559 31.28 -6.71 80.32
N ALA B 560 30.60 -6.57 81.46
CA ALA B 560 31.16 -6.97 82.73
C ALA B 560 31.34 -8.49 82.80
N HIS B 561 32.35 -8.91 83.54
CA HIS B 561 32.66 -10.32 83.66
C HIS B 561 31.62 -11.01 84.54
N GLN B 562 30.93 -12.00 83.96
CA GLN B 562 29.77 -12.62 84.60
C GLN B 562 30.05 -14.09 84.90
N ASN B 563 29.46 -14.58 85.97
CA ASN B 563 29.65 -15.98 86.35
C ASN B 563 28.67 -16.91 85.63
N ALA B 564 27.54 -16.39 85.19
CA ALA B 564 26.50 -17.19 84.54
C ALA B 564 26.26 -16.64 83.14
N ASP B 565 26.97 -17.18 82.17
CA ASP B 565 26.83 -16.73 80.80
C ASP B 565 25.48 -17.17 80.23
N PRO B 566 24.74 -16.29 79.57
CA PRO B 566 23.59 -16.75 78.80
C PRO B 566 24.03 -17.68 77.68
N VAL B 567 23.22 -18.69 77.42
CA VAL B 567 23.55 -19.67 76.39
C VAL B 567 23.09 -19.15 75.04
N VAL B 568 24.00 -19.15 74.07
CA VAL B 568 23.74 -18.59 72.75
C VAL B 568 23.44 -19.73 71.79
N LEU B 569 22.33 -19.62 71.07
CA LEU B 569 21.92 -20.60 70.07
C LEU B 569 21.87 -19.94 68.70
N ASP B 570 21.35 -20.68 67.72
CA ASP B 570 21.34 -20.22 66.34
C ASP B 570 20.15 -20.81 65.60
N VAL B 571 19.43 -19.97 64.86
CA VAL B 571 18.27 -20.39 64.08
C VAL B 571 18.44 -19.84 62.66
N SER B 572 17.48 -20.18 61.80
CA SER B 572 17.46 -19.71 60.42
C SER B 572 16.46 -18.57 60.26
N TRP B 573 16.58 -17.87 59.13
CA TRP B 573 15.79 -16.67 58.91
C TRP B 573 14.31 -16.98 58.75
N ILE B 574 13.98 -17.92 57.87
CA ILE B 574 12.58 -18.24 57.58
C ILE B 574 11.93 -18.92 58.77
N SER B 575 12.74 -19.45 59.70
CA SER B 575 12.20 -20.09 60.88
C SER B 575 11.44 -19.10 61.75
N LEU B 576 11.86 -17.83 61.76
CA LEU B 576 11.13 -16.82 62.52
C LEU B 576 9.71 -16.66 61.97
N TRP B 577 9.58 -16.58 60.64
CA TRP B 577 8.25 -16.43 60.07
C TRP B 577 7.42 -17.69 60.28
N PHE B 578 8.05 -18.87 60.21
CA PHE B 578 7.29 -20.09 60.48
C PHE B 578 6.81 -20.14 61.92
N ALA B 579 7.69 -19.80 62.88
CA ALA B 579 7.29 -19.76 64.28
C ALA B 579 6.23 -18.70 64.52
N PHE B 580 6.17 -17.68 63.68
CA PHE B 580 5.11 -16.68 63.78
C PHE B 580 3.75 -17.27 63.45
N ASN B 581 3.70 -18.33 62.65
CA ASN B 581 2.44 -18.96 62.25
C ASN B 581 2.17 -20.25 63.00
N ARG B 582 2.47 -20.28 64.30
CA ARG B 582 2.23 -21.47 65.13
C ARG B 582 1.80 -21.04 66.51
N SER B 583 1.28 -22.00 67.27
CA SER B 583 0.93 -21.76 68.66
C SER B 583 1.23 -23.01 69.48
N PHE B 584 1.53 -22.79 70.75
CA PHE B 584 1.86 -23.89 71.66
C PHE B 584 0.68 -24.15 72.58
N GLU B 585 0.23 -25.40 72.62
CA GLU B 585 -0.91 -25.80 73.43
C GLU B 585 -0.54 -26.98 74.31
N PRO B 586 -0.44 -26.81 75.62
CA PRO B 586 -0.12 -27.93 76.52
C PRO B 586 -1.34 -28.77 76.89
N THR B 587 -1.71 -29.75 76.07
CA THR B 587 -2.93 -30.52 76.32
C THR B 587 -2.86 -31.37 77.59
N HIS B 588 -1.67 -31.63 78.13
CA HIS B 588 -1.53 -32.24 79.45
C HIS B 588 -0.31 -31.69 80.16
N ARG B 589 -0.31 -31.86 81.47
CA ARG B 589 0.76 -31.48 82.37
C ARG B 589 1.70 -32.65 82.63
N ASN B 590 2.94 -32.32 82.99
CA ASN B 590 3.97 -33.34 83.19
C ASN B 590 3.64 -34.23 84.38
N GLU B 591 3.83 -35.54 84.20
CA GLU B 591 3.50 -36.48 85.26
C GLU B 591 4.52 -36.44 86.39
N MET B 592 5.82 -36.36 86.05
CA MET B 592 6.84 -36.35 87.08
C MET B 592 6.83 -35.05 87.89
N LEU B 593 6.15 -34.02 87.39
CA LEU B 593 5.84 -32.86 88.20
C LEU B 593 5.15 -33.24 89.50
N GLU B 594 4.30 -34.27 89.46
CA GLU B 594 3.60 -34.69 90.67
C GLU B 594 4.56 -35.25 91.72
N VAL B 595 5.79 -35.57 91.35
CA VAL B 595 6.81 -35.93 92.32
C VAL B 595 8.03 -35.02 92.21
N ALA B 596 7.82 -33.79 91.75
CA ALA B 596 8.94 -32.86 91.53
C ALA B 596 9.70 -32.48 92.79
N PRO B 597 9.07 -31.96 93.89
CA PRO B 597 9.86 -31.29 94.93
C PRO B 597 10.81 -32.19 95.71
N LEU B 598 10.28 -33.31 96.23
CA LEU B 598 11.08 -34.17 97.10
C LEU B 598 12.38 -34.59 96.44
N ILE B 599 12.36 -34.77 95.12
CA ILE B 599 13.56 -35.13 94.35
C ILE B 599 14.70 -34.18 94.70
N GLU B 600 14.50 -32.88 94.46
CA GLU B 600 15.61 -31.97 94.67
C GLU B 600 16.01 -31.91 96.14
N SER B 601 15.06 -32.20 97.04
CA SER B 601 15.38 -32.26 98.46
C SER B 601 16.52 -33.25 98.70
N VAL B 602 16.37 -34.46 98.16
CA VAL B 602 17.44 -35.45 98.26
C VAL B 602 18.71 -34.89 97.68
N TYR B 603 18.60 -34.31 96.47
CA TYR B 603 19.68 -33.56 95.84
C TYR B 603 20.34 -32.65 96.85
N ALA B 604 19.56 -31.72 97.41
CA ALA B 604 20.09 -30.73 98.34
C ALA B 604 20.80 -31.41 99.50
N SER B 605 20.15 -32.44 100.06
CA SER B 605 20.70 -33.09 101.24
C SER B 605 22.09 -33.65 100.94
N GLU B 606 22.22 -34.32 99.80
CA GLU B 606 23.49 -34.94 99.48
C GLU B 606 24.56 -33.88 99.29
N LEU B 607 24.18 -32.75 98.67
CA LEU B 607 25.09 -31.63 98.51
C LEU B 607 25.66 -31.21 99.85
N SER B 608 24.77 -31.06 100.85
CA SER B 608 25.19 -30.65 102.18
C SER B 608 26.29 -31.56 102.68
N VAL B 609 26.10 -32.87 102.50
CA VAL B 609 27.05 -33.85 102.99
C VAL B 609 28.43 -33.55 102.46
N MET B 610 28.54 -33.33 101.13
CA MET B 610 29.84 -33.06 100.55
C MET B 610 30.47 -31.84 101.18
N LYS B 611 29.71 -30.74 101.25
CA LYS B 611 30.26 -29.51 101.80
C LYS B 611 30.84 -29.77 103.18
N VAL B 612 30.11 -30.55 103.98
CA VAL B 612 30.55 -30.84 105.34
C VAL B 612 31.95 -31.44 105.33
N ASP B 613 32.12 -32.59 104.67
CA ASP B 613 33.42 -33.22 104.83
C ASP B 613 34.47 -32.44 104.06
N MET B 614 34.02 -31.69 103.04
CA MET B 614 34.93 -30.80 102.32
C MET B 614 35.66 -29.90 103.30
N ARG B 615 34.89 -29.24 104.16
CA ARG B 615 35.49 -28.31 105.11
C ARG B 615 36.46 -29.04 106.02
N HIS B 616 36.07 -30.23 106.48
CA HIS B 616 36.92 -30.96 107.40
C HIS B 616 38.24 -31.31 106.77
N LEU B 617 38.23 -31.63 105.47
CA LEU B 617 39.49 -31.97 104.82
C LEU B 617 40.41 -30.75 104.78
N SER B 618 39.85 -29.57 104.51
CA SER B 618 40.64 -28.35 104.55
C SER B 618 41.29 -28.17 105.89
N LEU B 619 40.62 -28.63 106.95
CA LEU B 619 41.17 -28.52 108.30
C LEU B 619 42.57 -29.13 108.38
N MET B 620 42.75 -30.33 107.82
CA MET B 620 44.06 -30.96 107.95
C MET B 620 45.15 -30.17 107.23
N GLN B 621 44.80 -29.47 106.15
CA GLN B 621 45.83 -28.66 105.49
C GLN B 621 46.32 -27.57 106.42
N ARG B 622 45.42 -27.01 107.23
CA ARG B 622 45.85 -26.10 108.28
C ARG B 622 46.44 -26.85 109.47
N ARG B 623 45.95 -28.06 109.75
CA ARG B 623 46.40 -28.74 110.97
C ARG B 623 47.79 -29.34 110.79
N PHE B 624 48.09 -29.89 109.62
CA PHE B 624 49.31 -30.68 109.43
C PHE B 624 50.03 -30.26 108.16
N PRO B 625 51.11 -29.49 108.27
CA PRO B 625 51.89 -29.12 107.08
C PRO B 625 52.86 -30.22 106.65
N ASP B 626 53.43 -30.94 107.61
CA ASP B 626 54.50 -31.89 107.30
C ASP B 626 53.95 -33.15 106.63
N VAL B 627 52.80 -33.64 107.10
CA VAL B 627 52.15 -34.76 106.45
C VAL B 627 51.68 -34.35 105.06
N LEU B 628 51.27 -33.10 104.90
CA LEU B 628 50.68 -32.62 103.66
C LEU B 628 51.58 -31.57 103.02
N ILE B 629 52.88 -31.86 102.96
CA ILE B 629 53.81 -30.95 102.29
C ILE B 629 53.42 -30.74 100.84
N GLN B 630 53.06 -31.82 100.15
CA GLN B 630 52.69 -31.78 98.74
C GLN B 630 51.17 -31.74 98.54
N ALA B 631 50.46 -31.05 99.42
CA ALA B 631 49.01 -31.00 99.31
C ALA B 631 48.57 -30.04 98.22
N ARG B 632 47.67 -30.52 97.36
CA ARG B 632 46.97 -29.72 96.39
C ARG B 632 45.49 -30.03 96.65
N PRO B 633 44.64 -29.01 96.80
CA PRO B 633 43.26 -29.27 97.27
C PRO B 633 42.46 -30.16 96.34
N SER B 634 42.87 -30.26 95.08
CA SER B 634 42.24 -31.21 94.17
C SER B 634 42.40 -32.65 94.66
N HIS B 635 43.43 -32.93 95.46
CA HIS B 635 43.59 -34.27 96.03
C HIS B 635 42.37 -34.69 96.83
N PHE B 636 42.02 -33.91 97.86
CA PHE B 636 40.85 -34.26 98.64
C PHE B 636 39.55 -34.02 97.87
N TRP B 637 39.56 -33.10 96.90
CA TRP B 637 38.40 -32.97 96.02
C TRP B 637 38.08 -34.29 95.33
N LYS B 638 39.07 -34.86 94.65
CA LYS B 638 38.88 -36.13 93.96
C LYS B 638 38.66 -37.27 94.96
N ALA B 639 39.26 -37.17 96.15
CA ALA B 639 39.10 -38.23 97.15
C ALA B 639 37.65 -38.35 97.60
N VAL B 640 37.01 -37.23 97.95
CA VAL B 640 35.59 -37.28 98.26
C VAL B 640 34.78 -37.65 97.03
N LEU B 641 35.15 -37.09 95.87
CA LEU B 641 34.36 -37.32 94.66
C LEU B 641 34.46 -38.76 94.17
N ASN B 642 35.38 -39.56 94.70
CA ASN B 642 35.39 -40.98 94.36
C ASN B 642 34.28 -41.72 95.07
N ASP B 643 34.24 -41.64 96.40
CA ASP B 643 33.24 -42.35 97.20
C ASP B 643 32.04 -41.43 97.42
N SER B 644 31.15 -41.44 96.44
CA SER B 644 29.96 -40.61 96.46
C SER B 644 28.95 -41.19 95.48
N PRO B 645 27.67 -40.88 95.64
CA PRO B 645 26.68 -41.38 94.66
C PRO B 645 26.91 -40.79 93.28
N GLU B 646 26.96 -41.66 92.28
CA GLU B 646 27.27 -41.25 90.91
C GLU B 646 26.20 -40.35 90.31
N ALA B 647 25.00 -40.34 90.88
CA ALA B 647 23.91 -39.56 90.29
C ALA B 647 24.19 -38.06 90.35
N VAL B 648 24.53 -37.56 91.54
CA VAL B 648 24.77 -36.12 91.70
C VAL B 648 26.03 -35.71 90.93
N LYS B 649 27.02 -36.59 90.91
CA LYS B 649 28.22 -36.33 90.12
C LYS B 649 27.89 -36.22 88.65
N ALA B 650 26.99 -37.07 88.14
CA ALA B 650 26.57 -36.94 86.75
C ALA B 650 25.78 -35.66 86.52
N VAL B 651 24.99 -35.25 87.51
CA VAL B 651 24.30 -33.96 87.44
C VAL B 651 25.29 -32.84 87.26
N MET B 652 26.34 -32.81 88.07
CA MET B 652 27.33 -31.74 87.98
C MET B 652 28.19 -31.85 86.72
N ASN B 653 28.49 -33.06 86.27
CA ASN B 653 29.32 -33.27 85.09
C ASN B 653 28.54 -33.13 83.78
N LEU B 654 27.21 -33.01 83.84
CA LEU B 654 26.47 -32.63 82.65
C LEU B 654 26.97 -31.28 82.14
N SER B 655 27.44 -30.42 83.05
CA SER B 655 28.12 -29.20 82.65
C SER B 655 29.39 -29.49 81.87
N HIS B 656 30.02 -30.63 82.12
CA HIS B 656 31.31 -31.03 81.56
C HIS B 656 32.42 -30.06 81.91
N SER B 657 32.24 -29.26 82.96
CA SER B 657 33.25 -28.33 83.44
C SER B 657 34.12 -28.93 84.53
N HIS B 658 33.98 -30.23 84.81
CA HIS B 658 34.79 -30.86 85.85
C HIS B 658 36.26 -30.90 85.45
N ASN B 659 36.55 -30.91 84.15
CA ASN B 659 37.91 -30.80 83.67
C ASN B 659 38.40 -29.36 83.63
N PHE B 660 37.59 -28.41 84.09
CA PHE B 660 37.93 -26.99 84.06
C PHE B 660 37.84 -26.36 85.45
N ILE B 661 37.46 -27.13 86.47
CA ILE B 661 37.32 -26.57 87.81
C ILE B 661 38.68 -26.16 88.36
N ASN B 662 38.79 -24.89 88.72
CA ASN B 662 40.02 -24.34 89.28
C ASN B 662 39.95 -24.33 90.80
N ILE B 663 41.05 -23.89 91.41
CA ILE B 663 41.10 -23.80 92.87
C ILE B 663 40.22 -22.68 93.38
N ARG B 664 40.07 -21.59 92.62
CA ARG B 664 39.32 -20.44 93.10
C ARG B 664 37.85 -20.76 93.27
N ASP B 665 37.24 -21.39 92.26
CA ASP B 665 35.84 -21.78 92.35
C ASP B 665 35.63 -22.77 93.49
N MET B 666 36.55 -23.72 93.61
CA MET B 666 36.41 -24.79 94.59
C MET B 666 36.52 -24.26 96.03
N MET B 667 37.49 -23.39 96.29
CA MET B 667 37.61 -22.77 97.61
C MET B 667 36.49 -21.76 97.89
N ARG B 668 36.04 -21.02 96.87
CA ARG B 668 34.88 -20.15 97.04
C ARG B 668 33.63 -20.96 97.39
N TRP B 669 33.55 -22.19 96.88
CA TRP B 669 32.50 -23.09 97.36
C TRP B 669 32.80 -23.58 98.76
N VAL B 670 34.08 -23.64 99.13
CA VAL B 670 34.46 -24.20 100.44
C VAL B 670 33.97 -23.32 101.58
N MET B 671 34.23 -22.01 101.54
CA MET B 671 34.07 -21.31 102.83
C MET B 671 32.59 -21.07 103.20
N LEU B 672 31.65 -21.29 102.30
CA LEU B 672 30.24 -21.04 102.61
C LEU B 672 29.69 -22.08 103.59
N PRO B 673 29.06 -21.67 104.68
CA PRO B 673 28.40 -22.63 105.60
C PRO B 673 26.94 -22.91 105.30
N SER B 674 26.43 -22.53 104.12
CA SER B 674 25.03 -22.79 103.78
C SER B 674 24.76 -24.28 103.75
N LEU B 675 23.62 -24.68 104.30
CA LEU B 675 23.36 -26.09 104.57
C LEU B 675 21.87 -26.34 104.68
N GLN B 676 21.47 -27.56 104.33
CA GLN B 676 20.10 -28.03 104.50
C GLN B 676 20.13 -29.35 105.27
N PRO B 677 19.48 -29.46 106.42
CA PRO B 677 19.70 -30.62 107.29
C PRO B 677 19.06 -31.90 106.76
N SER B 678 19.67 -33.03 107.13
CA SER B 678 19.10 -34.35 106.90
C SER B 678 19.68 -35.29 107.95
N LEU B 679 19.06 -36.48 108.06
CA LEU B 679 19.41 -37.41 109.13
C LEU B 679 20.85 -37.91 108.99
N LYS B 680 21.20 -38.44 107.81
CA LYS B 680 22.57 -38.90 107.61
C LYS B 680 23.55 -37.75 107.66
N LEU B 681 23.10 -36.55 107.28
CA LEU B 681 23.94 -35.37 107.45
C LEU B 681 24.25 -35.12 108.93
N ALA B 682 23.22 -35.23 109.78
CA ALA B 682 23.41 -35.02 111.21
C ALA B 682 24.40 -36.04 111.77
N LEU B 683 24.21 -37.30 111.40
CA LEU B 683 25.19 -38.33 111.76
C LEU B 683 26.57 -37.99 111.21
N GLU B 684 26.62 -37.32 110.06
CA GLU B 684 27.90 -36.96 109.47
C GLU B 684 28.64 -35.93 110.31
N GLU B 685 27.92 -34.89 110.74
CA GLU B 685 28.54 -33.84 111.56
C GLU B 685 29.03 -34.47 112.88
N GLU B 686 28.22 -35.36 113.47
CA GLU B 686 28.63 -35.95 114.74
C GLU B 686 29.80 -36.90 114.57
N ALA B 687 29.84 -37.65 113.48
CA ALA B 687 31.01 -38.48 113.19
C ALA B 687 32.26 -37.63 113.03
N TRP B 688 32.15 -36.50 112.32
CA TRP B 688 33.30 -35.62 112.16
C TRP B 688 33.66 -34.91 113.45
N ALA B 689 32.69 -34.69 114.34
CA ALA B 689 32.99 -34.13 115.65
C ALA B 689 33.79 -35.10 116.49
N ALA B 690 33.42 -36.40 116.44
CA ALA B 690 34.27 -37.41 117.04
C ALA B 690 35.62 -37.47 116.35
N ALA B 691 35.65 -37.22 115.04
CA ALA B 691 36.87 -37.24 114.26
C ALA B 691 37.73 -35.99 114.45
N ASN B 692 37.22 -34.97 115.14
CA ASN B 692 38.06 -33.84 115.51
C ASN B 692 39.12 -34.26 116.50
N ASP B 693 38.85 -35.29 117.29
CA ASP B 693 39.85 -35.94 118.13
C ASP B 693 40.54 -36.97 117.25
N PHE B 694 41.69 -36.59 116.69
CA PHE B 694 42.41 -37.44 115.75
C PHE B 694 42.92 -38.72 116.39
N GLU B 695 42.96 -38.80 117.72
CA GLU B 695 43.37 -40.00 118.41
C GLU B 695 42.34 -41.12 118.30
N ASP B 696 41.12 -40.80 117.87
CA ASP B 696 40.06 -41.80 117.76
C ASP B 696 40.21 -42.71 116.54
N LEU B 697 41.13 -42.41 115.63
CA LEU B 697 41.34 -43.20 114.42
C LEU B 697 42.74 -43.78 114.33
N MET B 698 43.43 -43.94 115.46
CA MET B 698 44.82 -44.39 115.52
C MET B 698 45.71 -43.57 114.59
N LEU B 699 45.69 -42.27 114.83
CA LEU B 699 46.54 -41.33 114.10
C LEU B 699 47.54 -40.72 115.07
N THR B 700 48.13 -41.55 115.91
CA THR B 700 48.98 -41.04 116.98
C THR B 700 50.25 -40.43 116.42
N ASP B 701 50.85 -39.56 117.23
CA ASP B 701 52.13 -38.94 116.90
C ASP B 701 53.11 -39.00 118.05
N GLN B 702 52.79 -39.76 119.11
CA GLN B 702 53.67 -39.90 120.27
C GLN B 702 54.48 -41.18 120.08
N VAL B 703 55.75 -41.03 119.72
CA VAL B 703 56.68 -42.15 119.59
C VAL B 703 57.93 -41.80 120.37
N TYR B 704 58.29 -42.65 121.33
CA TYR B 704 59.43 -42.43 122.20
C TYR B 704 60.42 -43.57 122.06
N MET B 705 61.71 -43.25 122.13
CA MET B 705 62.77 -44.25 122.01
C MET B 705 63.89 -43.96 122.99
N HIS B 706 64.37 -45.00 123.66
CA HIS B 706 65.43 -44.91 124.65
C HIS B 706 66.01 -46.30 124.87
N ARG B 707 67.06 -46.38 125.69
CA ARG B 707 67.60 -47.68 126.06
C ARG B 707 66.62 -48.40 126.98
N ASP B 708 66.14 -49.56 126.54
CA ASP B 708 65.23 -50.36 127.34
C ASP B 708 65.47 -51.83 127.02
N MET B 709 65.13 -52.69 127.98
CA MET B 709 65.42 -54.11 127.91
C MET B 709 64.23 -54.91 128.41
N LEU B 710 64.17 -56.17 128.00
CA LEU B 710 63.11 -57.07 128.43
C LEU B 710 63.35 -57.50 129.87
N PRO B 711 62.36 -57.36 130.75
CA PRO B 711 62.57 -57.72 132.16
C PRO B 711 62.82 -59.20 132.33
N GLU B 712 63.63 -59.53 133.33
CA GLU B 712 64.06 -60.90 133.59
C GLU B 712 63.65 -61.29 135.00
N PRO B 713 62.42 -61.74 135.19
CA PRO B 713 62.00 -62.22 136.52
C PRO B 713 62.75 -63.47 136.91
N ARG B 714 62.97 -63.61 138.22
CA ARG B 714 63.63 -64.79 138.75
C ARG B 714 62.60 -65.89 139.01
N LEU B 715 62.89 -67.09 138.51
CA LEU B 715 61.95 -68.21 138.60
C LEU B 715 62.12 -68.87 139.96
N ASP B 716 61.34 -68.42 140.94
CA ASP B 716 61.35 -69.03 142.27
C ASP B 716 60.39 -70.20 142.34
N ASP B 717 59.11 -69.95 142.09
CA ASP B 717 58.10 -70.99 142.04
C ASP B 717 57.34 -70.89 140.72
N ILE B 718 57.16 -72.01 140.05
CA ILE B 718 56.48 -72.01 138.75
C ILE B 718 55.01 -71.66 138.93
N GLU B 719 54.34 -72.30 139.90
CA GLU B 719 52.91 -72.07 140.08
C GLU B 719 52.60 -70.66 140.56
N ARG B 720 53.52 -70.04 141.32
CA ARG B 720 53.36 -68.65 141.69
C ARG B 720 53.37 -67.77 140.44
N PHE B 721 54.28 -68.06 139.51
CA PHE B 721 54.34 -67.34 138.25
C PHE B 721 53.10 -67.60 137.41
N ARG B 722 52.55 -68.82 137.47
CA ARG B 722 51.31 -69.13 136.79
C ARG B 722 50.15 -68.28 137.33
N GLN B 723 50.01 -68.24 138.65
CA GLN B 723 48.91 -67.51 139.27
C GLN B 723 49.05 -66.01 139.08
N GLU B 724 50.28 -65.49 139.06
CA GLU B 724 50.46 -64.05 138.90
C GLU B 724 50.25 -63.61 137.46
N GLY B 725 51.00 -64.20 136.52
CA GLY B 725 50.87 -63.83 135.13
C GLY B 725 51.52 -62.50 134.78
N PHE B 726 52.84 -62.45 134.88
CA PHE B 726 53.58 -61.25 134.49
C PHE B 726 53.50 -61.05 132.98
N TYR B 727 53.52 -59.78 132.58
CA TYR B 727 53.40 -59.42 131.18
C TYR B 727 54.23 -58.16 130.93
N TYR B 728 54.57 -57.94 129.66
CA TYR B 728 55.32 -56.76 129.27
C TYR B 728 54.65 -56.13 128.08
N THR B 729 54.94 -54.85 127.85
CA THR B 729 54.58 -54.22 126.59
C THR B 729 55.57 -53.09 126.30
N ASN B 730 55.89 -52.91 125.02
CA ASN B 730 56.65 -51.75 124.58
C ASN B 730 55.79 -50.48 124.62
N MET B 731 54.49 -50.64 124.78
CA MET B 731 53.57 -49.52 124.88
C MET B 731 53.85 -48.68 126.11
N LEU B 732 53.68 -47.37 125.98
CA LEU B 732 53.73 -46.46 127.13
C LEU B 732 52.31 -46.15 127.58
N GLU B 733 51.98 -46.56 128.80
CA GLU B 733 50.69 -46.22 129.38
C GLU B 733 50.58 -44.72 129.64
N ALA B 734 51.69 -44.05 129.88
CA ALA B 734 51.76 -42.62 130.12
C ALA B 734 53.14 -42.12 129.70
N PRO B 735 53.21 -40.93 129.12
CA PRO B 735 54.51 -40.39 128.73
C PRO B 735 55.35 -40.06 129.96
N PRO B 736 56.66 -40.19 129.86
CA PRO B 736 57.55 -39.80 130.97
C PRO B 736 57.65 -38.28 131.07
N GLU B 737 58.53 -37.83 131.96
CA GLU B 737 58.71 -36.40 132.16
C GLU B 737 59.47 -35.79 130.98
N ILE B 738 59.42 -34.46 130.89
CA ILE B 738 59.80 -33.76 129.66
C ILE B 738 61.30 -33.58 129.50
N ASP B 739 62.08 -33.55 130.60
CA ASP B 739 63.51 -33.25 130.49
C ASP B 739 64.24 -34.32 129.69
N ARG B 740 63.89 -35.59 129.91
CA ARG B 740 64.59 -36.66 129.21
C ARG B 740 64.15 -36.77 127.75
N VAL B 741 62.99 -36.19 127.41
CA VAL B 741 62.48 -36.26 126.05
C VAL B 741 63.02 -35.10 125.24
N VAL B 742 63.54 -35.39 124.04
CA VAL B 742 64.04 -34.38 123.13
C VAL B 742 63.16 -34.36 121.90
N GLN B 743 62.86 -33.17 121.40
CA GLN B 743 62.00 -33.02 120.24
C GLN B 743 62.79 -33.18 118.96
N TYR B 744 62.13 -33.69 117.91
CA TYR B 744 62.77 -33.90 116.63
C TYR B 744 61.73 -33.72 115.52
N THR B 745 62.18 -33.19 114.39
CA THR B 745 61.29 -32.80 113.31
C THR B 745 61.70 -33.46 112.00
N TYR B 746 60.84 -33.27 111.00
CA TYR B 746 61.07 -33.85 109.68
C TYR B 746 62.25 -33.21 108.97
N GLU B 747 62.30 -31.88 108.96
CA GLU B 747 63.32 -31.17 108.18
C GLU B 747 64.70 -31.35 108.79
N ILE B 748 64.80 -31.30 110.12
CA ILE B 748 66.07 -31.54 110.78
C ILE B 748 66.52 -32.98 110.56
N ALA B 749 65.57 -33.92 110.53
CA ALA B 749 65.90 -35.31 110.22
C ALA B 749 66.49 -35.43 108.82
N ARG B 750 65.88 -34.75 107.84
CA ARG B 750 66.40 -34.78 106.49
C ARG B 750 67.80 -34.17 106.42
N LEU B 751 68.00 -33.05 107.12
CA LEU B 751 69.30 -32.39 107.12
C LEU B 751 70.38 -33.28 107.73
N GLN B 752 70.09 -33.91 108.87
CA GLN B 752 71.07 -34.79 109.50
C GLN B 752 71.30 -36.04 108.68
N ALA B 753 70.27 -36.52 107.95
CA ALA B 753 70.47 -37.63 107.05
C ALA B 753 71.42 -37.26 105.92
N ASN B 754 71.28 -36.06 105.37
CA ASN B 754 72.20 -35.62 104.33
C ASN B 754 73.61 -35.45 104.86
N MET B 755 73.74 -34.89 106.07
CA MET B 755 75.06 -34.84 106.70
C MET B 755 75.53 -36.22 107.12
N GLY B 756 74.61 -37.12 107.43
CA GLY B 756 74.95 -38.48 107.81
C GLY B 756 75.27 -38.69 109.27
N GLN B 757 75.27 -37.62 110.08
CA GLN B 757 75.51 -37.72 111.51
C GLN B 757 74.24 -38.07 112.28
N PHE B 758 73.13 -38.30 111.57
CA PHE B 758 71.87 -38.64 112.23
C PHE B 758 72.00 -39.93 113.03
N ARG B 759 72.62 -40.95 112.45
CA ARG B 759 72.87 -42.19 113.19
C ARG B 759 73.80 -41.93 114.37
N ALA B 760 74.79 -41.04 114.18
CA ALA B 760 75.68 -40.70 115.27
C ALA B 760 74.94 -39.99 116.39
N ALA B 761 74.02 -39.09 116.06
CA ALA B 761 73.22 -38.44 117.09
C ALA B 761 72.32 -39.44 117.81
N LEU B 762 71.76 -40.38 117.05
CA LEU B 762 70.96 -41.44 117.65
C LEU B 762 71.78 -42.25 118.65
N ARG B 763 72.99 -42.64 118.25
CA ARG B 763 73.84 -43.43 119.14
C ARG B 763 74.27 -42.61 120.35
N ARG B 764 74.51 -41.32 120.15
CA ARG B 764 74.92 -40.46 121.26
C ARG B 764 73.83 -40.37 122.32
N ILE B 765 72.61 -40.01 121.91
CA ILE B 765 71.54 -39.90 122.89
C ILE B 765 71.16 -41.28 123.41
N MET B 766 71.34 -42.31 122.58
CA MET B 766 71.09 -43.68 122.97
C MET B 766 72.00 -44.09 124.12
N ASP B 767 73.27 -43.68 124.03
CA ASP B 767 74.21 -43.87 125.13
C ASP B 767 73.82 -43.05 126.35
N ASP B 768 73.31 -41.83 126.13
CA ASP B 768 72.91 -41.01 127.26
C ASP B 768 71.62 -41.49 127.91
N ASP B 769 70.97 -42.51 127.36
CA ASP B 769 69.93 -43.29 128.02
C ASP B 769 68.64 -42.50 128.23
N ASP B 770 68.51 -41.36 127.56
CA ASP B 770 67.30 -40.57 127.66
C ASP B 770 66.36 -40.85 126.50
N TRP B 771 65.11 -40.45 126.66
CA TRP B 771 64.09 -40.69 125.65
C TRP B 771 64.33 -39.80 124.43
N VAL B 772 63.80 -40.23 123.28
CA VAL B 772 63.86 -39.45 122.04
C VAL B 772 62.47 -39.48 121.40
N ARG B 773 62.01 -38.33 120.91
CA ARG B 773 60.71 -38.20 120.29
C ARG B 773 60.84 -38.14 118.77
N PHE B 774 60.14 -39.03 118.08
CA PHE B 774 59.90 -38.96 116.64
C PHE B 774 58.40 -38.84 116.41
N GLY B 775 57.92 -37.62 116.18
CA GLY B 775 56.50 -37.40 116.01
C GLY B 775 56.17 -36.29 115.02
N GLY B 776 54.95 -35.76 115.12
CA GLY B 776 54.49 -34.71 114.23
C GLY B 776 53.83 -35.21 112.97
N VAL B 777 53.90 -36.51 112.69
CA VAL B 777 53.29 -37.11 111.52
C VAL B 777 52.42 -38.27 112.00
N LEU B 778 51.18 -38.33 111.51
CA LEU B 778 50.26 -39.39 111.90
C LEU B 778 50.77 -40.74 111.43
N ARG B 779 50.71 -41.73 112.30
CA ARG B 779 51.12 -43.09 111.98
C ARG B 779 50.04 -44.07 112.42
N THR B 780 49.88 -45.14 111.65
CA THR B 780 48.91 -46.16 112.00
C THR B 780 49.39 -46.97 113.19
N VAL B 781 48.44 -47.56 113.90
CA VAL B 781 48.71 -48.30 115.14
C VAL B 781 48.28 -49.75 114.93
N ARG B 782 49.22 -50.67 115.15
CA ARG B 782 48.95 -52.10 115.09
C ARG B 782 49.32 -52.73 116.43
N VAL B 783 48.39 -53.47 117.03
CA VAL B 783 48.65 -54.20 118.26
C VAL B 783 48.32 -55.66 118.00
N LYS B 784 49.35 -56.51 117.99
CA LYS B 784 49.18 -57.93 117.76
C LYS B 784 49.96 -58.69 118.83
N PHE B 785 49.34 -59.73 119.38
CA PHE B 785 49.85 -60.41 120.55
C PHE B 785 50.72 -61.58 120.16
N TYR B 786 51.96 -61.60 120.67
CA TYR B 786 52.94 -62.63 120.37
C TYR B 786 53.35 -63.33 121.66
N ASP B 787 52.99 -64.61 121.79
CA ASP B 787 53.42 -65.38 122.95
C ASP B 787 54.88 -65.77 122.85
N ALA B 788 55.33 -66.19 121.66
CA ALA B 788 56.70 -66.61 121.43
C ALA B 788 57.55 -65.39 121.06
N ARG B 789 58.77 -65.63 120.62
CA ARG B 789 59.65 -64.53 120.26
C ARG B 789 59.24 -63.94 118.91
N PRO B 790 59.04 -62.62 118.84
CA PRO B 790 58.70 -61.99 117.56
C PRO B 790 59.91 -61.91 116.63
N PRO B 791 59.71 -61.59 115.37
CA PRO B 791 60.83 -61.17 114.53
C PRO B 791 61.31 -59.78 114.93
N ASP B 792 62.48 -59.41 114.38
CA ASP B 792 63.13 -58.18 114.79
C ASP B 792 62.37 -56.94 114.33
N ASP B 793 61.69 -57.03 113.17
CA ASP B 793 61.10 -55.85 112.56
C ASP B 793 60.00 -55.24 113.42
N VAL B 794 59.16 -56.08 114.03
CA VAL B 794 58.10 -55.57 114.88
C VAL B 794 58.67 -54.96 116.15
N LEU B 795 59.60 -55.68 116.81
CA LEU B 795 60.17 -55.20 118.06
C LEU B 795 61.09 -54.00 117.83
N GLN B 796 61.78 -53.96 116.71
CA GLN B 796 62.66 -52.84 116.36
C GLN B 796 61.97 -52.07 115.24
N GLY B 797 61.08 -51.16 115.62
CA GLY B 797 60.40 -50.33 114.65
C GLY B 797 61.07 -48.98 114.48
N LEU B 798 61.87 -48.85 113.43
CA LEU B 798 62.61 -47.62 113.20
C LEU B 798 61.76 -46.65 112.40
N PRO B 799 61.49 -45.44 112.91
CA PRO B 799 60.67 -44.48 112.15
C PRO B 799 61.29 -44.07 110.82
N PHE B 800 62.61 -44.04 110.72
CA PHE B 800 63.25 -43.80 109.43
C PHE B 800 63.27 -45.08 108.62
N SER B 801 62.86 -44.99 107.35
CA SER B 801 62.78 -46.14 106.47
C SER B 801 63.59 -45.86 105.22
N TYR B 802 64.67 -46.61 105.02
CA TYR B 802 65.51 -46.43 103.85
C TYR B 802 64.78 -46.95 102.61
N ASP B 803 64.91 -46.21 101.52
CA ASP B 803 64.23 -46.55 100.27
C ASP B 803 65.15 -47.35 99.34
N THR B 814 68.53 -41.97 101.16
CA THR B 814 67.60 -41.12 101.88
C THR B 814 66.76 -41.93 102.84
N ILE B 815 66.07 -41.24 103.75
CA ILE B 815 65.18 -41.88 104.71
C ILE B 815 63.85 -41.14 104.70
N LYS B 816 62.81 -41.84 105.14
CA LYS B 816 61.50 -41.25 105.38
C LYS B 816 61.25 -41.26 106.88
N TYR B 817 61.01 -40.07 107.43
CA TYR B 817 61.09 -39.87 108.88
C TYR B 817 59.99 -40.60 109.64
N ALA B 818 58.82 -40.76 109.03
CA ALA B 818 57.68 -41.38 109.69
C ALA B 818 57.43 -42.76 109.11
N THR B 819 57.29 -43.76 109.98
CA THR B 819 57.00 -45.12 109.57
C THR B 819 56.10 -45.77 110.60
N GLU B 820 55.18 -46.63 110.14
CA GLU B 820 54.30 -47.35 111.05
C GLU B 820 55.05 -48.44 111.78
N THR B 821 54.61 -48.73 113.01
CA THR B 821 55.22 -49.75 113.84
C THR B 821 54.13 -50.51 114.59
N THR B 822 54.22 -51.83 114.59
CA THR B 822 53.28 -52.67 115.29
C THR B 822 53.64 -52.71 116.78
N ILE B 823 52.66 -52.42 117.63
CA ILE B 823 52.88 -52.32 119.07
C ILE B 823 52.78 -53.70 119.70
N PHE B 824 53.74 -54.00 120.58
CA PHE B 824 53.94 -55.33 121.14
C PHE B 824 53.36 -55.42 122.54
N TYR B 825 52.59 -56.48 122.78
CA TYR B 825 52.29 -56.96 124.12
C TYR B 825 52.81 -58.39 124.26
N LEU B 826 53.70 -58.60 125.22
CA LEU B 826 54.30 -59.90 125.48
C LEU B 826 53.66 -60.58 126.68
N ILE B 827 53.23 -61.82 126.49
CA ILE B 827 52.66 -62.66 127.55
C ILE B 827 53.69 -63.71 127.92
N TYR B 828 53.89 -63.91 129.22
CA TYR B 828 54.88 -64.84 129.74
C TYR B 828 54.21 -66.18 130.07
N ASN B 829 54.72 -67.26 129.48
CA ASN B 829 54.22 -68.61 129.71
C ASN B 829 55.39 -69.50 130.12
N VAL B 830 55.18 -70.30 131.17
CA VAL B 830 56.24 -71.10 131.77
C VAL B 830 55.70 -72.48 132.11
N GLU B 831 56.61 -73.47 132.16
CA GLU B 831 56.29 -74.84 132.51
C GLU B 831 56.91 -75.19 133.85
N PHE B 832 56.38 -76.27 134.46
CA PHE B 832 56.88 -76.70 135.77
C PHE B 832 58.29 -77.28 135.68
N SER B 833 58.62 -77.96 134.58
CA SER B 833 59.91 -78.62 134.43
C SER B 833 60.99 -77.67 133.96
N ASN B 834 60.69 -76.38 133.81
CA ASN B 834 61.72 -75.41 133.47
C ASN B 834 62.62 -75.14 134.67
N THR B 835 63.92 -75.03 134.40
CA THR B 835 64.89 -74.72 135.44
C THR B 835 64.68 -73.30 135.94
N PRO B 836 65.11 -73.01 137.18
CA PRO B 836 64.98 -71.63 137.69
C PRO B 836 65.76 -70.61 136.87
N ASP B 837 66.76 -71.03 136.10
CA ASP B 837 67.52 -70.13 135.24
C ASP B 837 67.35 -70.47 133.76
N SER B 838 66.22 -71.07 133.38
CA SER B 838 65.98 -71.37 131.97
C SER B 838 65.82 -70.11 131.14
N LEU B 839 65.15 -69.09 131.69
CA LEU B 839 65.02 -67.81 131.02
C LEU B 839 66.26 -66.94 131.16
N VAL B 840 67.24 -67.34 131.98
CA VAL B 840 68.45 -66.56 132.14
C VAL B 840 69.28 -66.66 130.87
N LEU B 841 69.54 -65.51 130.25
CA LEU B 841 70.31 -65.42 129.02
C LEU B 841 71.53 -64.54 129.24
N ILE B 842 72.64 -64.94 128.61
CA ILE B 842 73.90 -64.22 128.80
C ILE B 842 73.82 -62.82 128.20
N ASN B 843 73.10 -62.67 127.08
CA ASN B 843 72.91 -61.37 126.47
C ASN B 843 71.47 -60.93 126.63
N PRO B 844 71.21 -59.80 127.28
CA PRO B 844 69.82 -59.36 127.47
C PRO B 844 69.21 -58.87 126.17
N THR B 845 67.99 -59.33 125.90
CA THR B 845 67.27 -58.90 124.72
C THR B 845 66.80 -57.46 124.87
N TYR B 846 66.92 -56.68 123.79
CA TYR B 846 66.69 -55.25 123.82
C TYR B 846 65.51 -54.85 122.94
N THR B 847 64.87 -53.74 123.32
CA THR B 847 63.81 -53.13 122.52
C THR B 847 63.90 -51.62 122.67
N MET B 848 63.35 -50.90 121.67
CA MET B 848 63.48 -49.44 121.67
C MET B 848 62.24 -48.67 121.29
N THR B 849 61.22 -49.29 120.70
CA THR B 849 60.05 -48.55 120.21
C THR B 849 59.03 -48.40 121.33
N LYS B 850 58.58 -47.16 121.56
CA LYS B 850 57.54 -46.90 122.54
C LYS B 850 56.53 -45.90 121.98
N VAL B 851 55.25 -46.13 122.28
CA VAL B 851 54.15 -45.35 121.72
C VAL B 851 53.21 -44.99 122.87
N PHE B 852 52.53 -43.84 122.73
CA PHE B 852 51.49 -43.41 123.65
C PHE B 852 50.18 -43.24 122.90
N ILE B 853 49.09 -43.73 123.49
CA ILE B 853 47.78 -43.72 122.84
C ILE B 853 46.72 -42.96 123.63
N ASN B 854 46.94 -42.72 124.93
CA ASN B 854 46.06 -41.93 125.78
C ASN B 854 44.67 -42.55 125.94
N LYS B 855 44.56 -43.88 125.86
CA LYS B 855 43.35 -44.55 126.26
C LYS B 855 43.71 -45.96 126.71
N ARG B 856 42.85 -46.54 127.56
CA ARG B 856 43.07 -47.88 128.11
C ARG B 856 42.54 -48.91 127.12
N ILE B 857 43.35 -49.17 126.09
CA ILE B 857 42.97 -50.12 125.04
C ILE B 857 43.11 -51.56 125.50
N VAL B 858 44.18 -51.88 126.22
CA VAL B 858 44.44 -53.23 126.74
C VAL B 858 44.77 -53.12 128.22
N GLU B 859 44.09 -53.91 129.04
CA GLU B 859 44.28 -53.78 130.48
C GLU B 859 43.90 -55.07 131.19
N ARG B 860 44.59 -55.37 132.29
CA ARG B 860 44.34 -56.60 133.03
C ARG B 860 43.25 -56.36 134.06
N VAL B 861 42.24 -57.23 134.08
CA VAL B 861 41.13 -57.10 135.01
C VAL B 861 41.00 -58.39 135.82
N ARG B 862 40.79 -58.22 137.12
CA ARG B 862 40.50 -59.35 137.99
C ARG B 862 39.05 -59.79 137.73
N VAL B 863 38.72 -61.00 138.18
CA VAL B 863 37.47 -61.66 137.75
C VAL B 863 36.25 -60.80 138.07
N GLY B 864 36.21 -60.20 139.27
CA GLY B 864 35.10 -59.33 139.61
C GLY B 864 34.99 -58.09 138.75
N GLN B 865 36.06 -57.71 138.08
CA GLN B 865 36.04 -56.58 137.17
C GLN B 865 35.53 -56.94 135.78
N ILE B 866 35.21 -58.22 135.54
CA ILE B 866 34.81 -58.65 134.21
C ILE B 866 33.56 -57.90 133.74
N LEU B 867 32.58 -57.75 134.62
CA LEU B 867 31.39 -56.96 134.32
C LEU B 867 31.48 -55.54 134.91
N ALA B 868 32.68 -54.98 134.98
CA ALA B 868 32.88 -53.64 135.50
C ALA B 868 32.72 -52.56 134.44
N VAL B 869 32.17 -52.90 133.27
CA VAL B 869 32.06 -51.97 132.16
C VAL B 869 30.62 -51.60 131.85
N LEU B 870 29.66 -51.99 132.70
CA LEU B 870 28.24 -51.90 132.35
C LEU B 870 27.69 -50.61 132.94
N ASN B 871 27.81 -49.52 132.17
CA ASN B 871 27.40 -48.21 132.67
C ASN B 871 26.70 -47.37 131.61
N ARG B 872 26.20 -47.97 130.54
CA ARG B 872 25.66 -47.24 129.40
C ARG B 872 24.27 -47.77 129.08
N ARG B 873 23.36 -46.87 128.72
CA ARG B 873 21.94 -47.17 128.64
C ARG B 873 21.51 -47.37 127.18
N PHE B 874 20.90 -48.53 126.91
CA PHE B 874 20.43 -48.88 125.57
C PHE B 874 18.92 -49.03 125.58
N VAL B 875 18.30 -48.66 124.46
CA VAL B 875 16.85 -48.67 124.30
C VAL B 875 16.50 -49.62 123.17
N ALA B 876 15.42 -50.38 123.35
CA ALA B 876 14.94 -51.28 122.32
C ALA B 876 13.42 -51.37 122.39
N TYR B 877 12.82 -51.72 121.25
CA TYR B 877 11.38 -51.89 121.16
C TYR B 877 11.00 -53.37 121.25
N LYS B 878 9.72 -53.61 121.49
CA LYS B 878 9.19 -54.96 121.48
C LYS B 878 9.09 -55.47 120.03
N GLY B 879 9.03 -56.79 119.89
CA GLY B 879 8.85 -57.38 118.57
C GLY B 879 7.55 -57.01 117.90
N LYS B 880 6.52 -56.66 118.67
CA LYS B 880 5.26 -56.19 118.09
C LYS B 880 5.41 -54.83 117.44
N MET B 881 6.49 -54.11 117.70
CA MET B 881 6.67 -52.77 117.18
C MET B 881 7.11 -52.82 115.73
N ARG B 882 6.47 -52.02 114.89
CA ARG B 882 6.79 -51.97 113.47
C ARG B 882 7.34 -50.59 113.13
N ILE B 883 8.32 -50.57 112.24
CA ILE B 883 8.96 -49.34 111.80
C ILE B 883 8.69 -49.19 110.31
N MET B 884 8.11 -48.06 109.93
CA MET B 884 7.77 -47.80 108.53
C MET B 884 8.40 -46.49 108.09
N ASP B 885 9.17 -46.56 107.01
CA ASP B 885 9.74 -45.36 106.40
C ASP B 885 8.62 -44.56 105.75
N ILE B 886 8.61 -43.25 105.98
CA ILE B 886 7.50 -42.42 105.52
C ILE B 886 8.07 -41.24 104.74
N THR B 887 9.34 -41.35 104.36
CA THR B 887 9.93 -40.35 103.48
C THR B 887 9.29 -40.39 102.10
N GLN B 888 8.86 -41.58 101.64
CA GLN B 888 8.39 -41.77 100.28
C GLN B 888 7.03 -41.15 99.99
N SER B 889 6.25 -40.83 101.02
CA SER B 889 4.85 -40.46 100.84
C SER B 889 4.62 -38.96 100.92
N LEU B 890 5.56 -38.15 100.43
CA LEU B 890 5.44 -36.69 100.49
C LEU B 890 5.08 -36.19 99.09
N LYS B 891 3.78 -36.21 98.77
CA LYS B 891 3.30 -35.86 97.45
C LYS B 891 2.14 -34.88 97.59
N MET B 892 2.03 -33.95 96.63
CA MET B 892 1.10 -32.83 96.79
C MET B 892 -0.36 -33.23 96.66
N GLY B 893 -0.65 -34.47 96.31
CA GLY B 893 -2.02 -34.96 96.30
C GLY B 893 -2.60 -35.18 97.68
N THR B 894 -1.78 -35.11 98.73
CA THR B 894 -2.25 -35.26 100.10
C THR B 894 -2.66 -33.90 100.65
N LYS B 895 -3.90 -33.79 101.13
CA LYS B 895 -4.43 -32.54 101.64
C LYS B 895 -4.95 -32.78 103.05
N LEU B 896 -4.68 -31.82 103.94
CA LEU B 896 -5.01 -31.99 105.35
C LEU B 896 -6.50 -31.79 105.62
N ALA B 897 -7.08 -32.72 106.39
CA ALA B 897 -8.44 -32.52 106.88
C ALA B 897 -8.52 -31.30 107.78
N ALA B 898 -7.53 -31.14 108.66
CA ALA B 898 -7.36 -29.89 109.39
C ALA B 898 -6.20 -29.13 108.77
N PRO B 899 -6.45 -28.07 108.02
CA PRO B 899 -5.36 -27.37 107.34
C PRO B 899 -4.41 -26.68 108.31
N THR B 900 -3.20 -26.42 107.83
CA THR B 900 -2.19 -25.74 108.64
C THR B 900 -2.67 -24.35 109.01
N VAL B 901 -2.30 -23.91 110.20
CA VAL B 901 -2.73 -22.61 110.72
C VAL B 901 -2.08 -21.48 109.91
N PHE C 59 43.88 4.69 -22.94
CA PHE C 59 45.19 5.33 -22.85
C PHE C 59 45.62 5.90 -24.19
N THR C 60 46.92 5.91 -24.44
CA THR C 60 47.43 6.52 -25.66
C THR C 60 47.17 5.66 -26.88
N VAL C 61 47.02 6.32 -28.02
CA VAL C 61 47.05 5.60 -29.30
C VAL C 61 48.46 5.06 -29.51
N PRO C 62 48.64 3.83 -30.00
CA PRO C 62 49.98 3.22 -30.01
C PRO C 62 51.04 3.98 -30.82
N ASP C 63 50.65 4.85 -31.75
CA ASP C 63 51.66 5.58 -32.51
C ASP C 63 52.45 6.53 -31.62
N VAL C 64 51.78 7.21 -30.69
CA VAL C 64 52.45 8.15 -29.81
C VAL C 64 53.36 7.40 -28.82
N GLN C 65 52.90 6.26 -28.33
CA GLN C 65 53.73 5.43 -27.47
C GLN C 65 54.99 4.99 -28.22
N LYS C 66 54.82 4.56 -29.47
CA LYS C 66 55.97 4.15 -30.28
C LYS C 66 56.94 5.31 -30.49
N ILE C 67 56.41 6.49 -30.80
CA ILE C 67 57.30 7.60 -31.12
C ILE C 67 58.00 8.11 -29.87
N LEU C 68 57.36 8.05 -28.70
CA LEU C 68 58.04 8.48 -27.48
C LEU C 68 59.10 7.46 -27.07
N ASP C 69 58.83 6.17 -27.31
CA ASP C 69 59.88 5.17 -27.08
C ASP C 69 61.06 5.40 -28.02
N ASP C 70 60.78 5.79 -29.26
CA ASP C 70 61.86 6.14 -30.17
C ASP C 70 62.63 7.37 -29.69
N ILE C 71 61.92 8.34 -29.10
CA ILE C 71 62.60 9.51 -28.55
C ILE C 71 63.54 9.11 -27.43
N LYS C 72 63.06 8.27 -26.51
CA LYS C 72 63.90 7.82 -25.40
C LYS C 72 65.09 7.02 -25.91
N ALA C 73 64.89 6.23 -26.97
CA ALA C 73 66.02 5.54 -27.60
C ALA C 73 67.01 6.52 -28.20
N LEU C 74 66.51 7.59 -28.83
CA LEU C 74 67.38 8.61 -29.42
C LEU C 74 68.07 9.44 -28.35
N ALA C 75 67.60 9.42 -27.11
CA ALA C 75 68.23 10.07 -25.99
C ALA C 75 69.56 9.42 -25.59
N ALA C 76 69.72 8.13 -25.86
CA ALA C 76 70.67 7.28 -25.15
C ALA C 76 71.90 6.93 -25.98
N GLU C 77 72.17 7.63 -27.07
CA GLU C 77 73.39 7.39 -27.83
C GLU C 77 74.46 8.40 -27.46
N GLN C 78 75.68 8.13 -27.94
CA GLN C 78 76.87 8.86 -27.53
C GLN C 78 77.58 9.39 -28.77
N VAL C 79 77.88 10.69 -28.77
CA VAL C 79 78.55 11.31 -29.90
C VAL C 79 80.03 11.47 -29.58
N TYR C 80 80.35 11.67 -28.31
CA TYR C 80 81.74 11.88 -27.93
C TYR C 80 82.50 10.56 -27.98
N LYS C 81 83.82 10.64 -27.96
CA LYS C 81 84.67 9.46 -27.94
C LYS C 81 85.79 9.64 -26.92
N ILE C 82 86.34 8.51 -26.49
CA ILE C 82 87.45 8.46 -25.55
C ILE C 82 88.54 7.61 -26.18
N VAL C 83 89.69 8.21 -26.47
CA VAL C 83 90.80 7.52 -27.11
C VAL C 83 92.07 7.77 -26.30
N LYS C 84 93.17 7.23 -26.82
CA LYS C 84 94.50 7.34 -26.23
C LYS C 84 95.41 8.25 -27.03
N VAL C 85 95.27 8.23 -28.35
CA VAL C 85 96.04 9.09 -29.26
C VAL C 85 95.02 9.82 -30.15
N PRO C 86 95.18 11.12 -30.38
CA PRO C 86 94.23 11.83 -31.26
C PRO C 86 94.40 11.40 -32.71
N SER C 87 93.41 11.78 -33.52
CA SER C 87 93.43 11.43 -34.93
C SER C 87 94.62 12.06 -35.64
N ILE C 88 95.33 11.25 -36.42
CA ILE C 88 96.55 11.71 -37.08
C ILE C 88 96.19 12.62 -38.24
N SER C 89 96.82 13.79 -38.29
CA SER C 89 96.47 14.81 -39.25
C SER C 89 97.55 15.11 -40.26
N PHE C 90 98.82 14.86 -39.94
CA PHE C 90 99.92 15.23 -40.81
C PHE C 90 100.69 13.97 -41.22
N ARG C 91 101.10 13.94 -42.49
CA ARG C 91 101.85 12.83 -43.04
C ARG C 91 103.06 13.40 -43.78
N HIS C 92 104.13 12.62 -43.82
CA HIS C 92 105.32 12.98 -44.56
C HIS C 92 105.55 12.02 -45.70
N ILE C 93 105.74 12.56 -46.90
CA ILE C 93 106.17 11.80 -48.06
C ILE C 93 107.65 12.07 -48.27
N VAL C 94 108.43 10.99 -48.29
CA VAL C 94 109.87 11.08 -48.50
C VAL C 94 110.17 10.83 -49.97
N MET C 95 110.90 11.76 -50.56
CA MET C 95 111.33 11.65 -51.94
C MET C 95 112.74 11.05 -51.96
N GLN C 96 113.43 11.15 -53.09
CA GLN C 96 114.85 10.89 -53.08
C GLN C 96 115.64 11.97 -52.34
N SER C 97 114.98 13.03 -51.87
CA SER C 97 115.62 14.05 -51.05
C SER C 97 115.72 13.58 -49.61
N ARG C 98 116.92 13.64 -49.06
CA ARG C 98 117.16 13.15 -47.71
C ARG C 98 117.05 14.23 -46.64
N ASP C 99 116.90 15.50 -47.03
CA ASP C 99 116.77 16.59 -46.07
C ASP C 99 115.50 17.40 -46.26
N ARG C 100 114.73 17.16 -47.31
CA ARG C 100 113.48 17.86 -47.56
C ARG C 100 112.41 16.83 -47.88
N VAL C 101 111.26 16.94 -47.20
CA VAL C 101 110.16 16.03 -47.42
C VAL C 101 108.91 16.84 -47.73
N LEU C 102 107.86 16.15 -48.15
CA LEU C 102 106.57 16.78 -48.44
C LEU C 102 105.64 16.54 -47.26
N ARG C 103 105.35 17.60 -46.51
CA ARG C 103 104.38 17.53 -45.42
C ARG C 103 103.00 17.81 -46.00
N VAL C 104 102.08 16.89 -45.77
CA VAL C 104 100.71 16.97 -46.25
C VAL C 104 99.77 16.79 -45.07
N ASP C 105 98.88 17.74 -44.86
CA ASP C 105 97.82 17.57 -43.88
C ASP C 105 96.68 16.73 -44.47
N THR C 106 96.45 15.55 -43.87
CA THR C 106 95.52 14.60 -44.44
C THR C 106 94.08 15.01 -44.28
N TYR C 107 93.80 16.07 -43.52
CA TYR C 107 92.43 16.53 -43.34
C TYR C 107 91.84 17.04 -44.66
N TYR C 108 92.64 17.75 -45.44
CA TYR C 108 92.16 18.30 -46.71
C TYR C 108 91.82 17.20 -47.69
N GLU C 109 92.74 16.26 -47.91
CA GLU C 109 92.45 15.13 -48.78
C GLU C 109 91.32 14.28 -48.22
N GLU C 110 91.15 14.26 -46.89
CA GLU C 110 90.07 13.48 -46.30
C GLU C 110 88.72 14.05 -46.66
N MET C 111 88.56 15.38 -46.61
CA MET C 111 87.30 15.91 -47.14
C MET C 111 87.22 15.74 -48.65
N SER C 112 88.37 15.79 -49.33
CA SER C 112 88.39 15.79 -50.79
C SER C 112 87.77 14.54 -51.40
N GLN C 113 87.61 13.46 -50.63
CA GLN C 113 87.11 12.19 -51.14
C GLN C 113 85.70 11.88 -50.68
N VAL C 114 84.94 12.88 -50.24
CA VAL C 114 83.60 12.69 -49.68
C VAL C 114 82.61 13.48 -50.52
N GLY C 115 81.47 12.88 -50.82
CA GLY C 115 80.38 13.56 -51.49
C GLY C 115 80.39 13.32 -52.99
N ASP C 116 79.36 13.85 -53.63
CA ASP C 116 79.17 13.74 -55.07
C ASP C 116 79.28 15.12 -55.72
N VAL C 117 79.30 15.11 -57.05
CA VAL C 117 79.62 16.32 -57.81
C VAL C 117 78.51 17.34 -57.66
N ILE C 118 78.88 18.61 -57.55
CA ILE C 118 77.92 19.69 -57.40
C ILE C 118 77.50 20.16 -58.79
N THR C 119 76.19 20.29 -58.99
CA THR C 119 75.66 20.78 -60.25
C THR C 119 74.60 21.83 -59.95
N GLU C 120 74.48 22.82 -60.84
CA GLU C 120 73.50 23.88 -60.66
C GLU C 120 72.06 23.40 -60.82
N ASP C 121 71.85 22.26 -61.48
CA ASP C 121 70.49 21.80 -61.76
C ASP C 121 69.79 21.27 -60.51
N GLU C 122 70.56 20.80 -59.52
CA GLU C 122 69.99 20.20 -58.31
C GLU C 122 70.54 20.86 -57.06
N PRO C 123 70.02 22.04 -56.72
CA PRO C 123 70.49 22.72 -55.49
C PRO C 123 70.18 21.96 -54.22
N GLU C 124 69.13 21.12 -54.20
CA GLU C 124 68.82 20.36 -53.01
C GLU C 124 69.92 19.34 -52.71
N LYS C 125 70.49 18.73 -53.76
CA LYS C 125 71.63 17.84 -53.55
C LYS C 125 72.85 18.62 -53.09
N PHE C 126 73.00 19.88 -53.55
CA PHE C 126 74.06 20.73 -53.04
C PHE C 126 73.90 20.97 -51.55
N TYR C 127 72.67 21.27 -51.12
CA TYR C 127 72.41 21.45 -49.69
C TYR C 127 72.68 20.17 -48.92
N SER C 128 72.28 19.03 -49.47
CA SER C 128 72.50 17.75 -48.80
C SER C 128 73.98 17.47 -48.64
N THR C 129 74.77 17.76 -49.67
CA THR C 129 76.21 17.58 -49.57
C THR C 129 76.84 18.52 -48.55
N ILE C 130 76.37 19.77 -48.52
CA ILE C 130 76.89 20.73 -47.54
C ILE C 130 76.60 20.25 -46.12
N ILE C 131 75.37 19.79 -45.87
CA ILE C 131 75.01 19.27 -44.57
C ILE C 131 75.84 18.03 -44.23
N LYS C 132 76.07 17.17 -45.23
CA LYS C 132 76.82 15.95 -44.99
C LYS C 132 78.27 16.27 -44.62
N LYS C 133 78.87 17.23 -45.30
CA LYS C 133 80.26 17.60 -44.99
C LYS C 133 80.35 18.29 -43.63
N VAL C 134 79.34 19.10 -43.28
CA VAL C 134 79.33 19.74 -41.98
C VAL C 134 79.18 18.71 -40.87
N ARG C 135 78.31 17.72 -41.07
CA ARG C 135 78.22 16.64 -40.09
C ARG C 135 79.49 15.82 -40.03
N PHE C 136 80.18 15.67 -41.17
CA PHE C 136 81.46 14.98 -41.19
C PHE C 136 82.47 15.69 -40.30
N ILE C 137 82.63 17.00 -40.48
CA ILE C 137 83.58 17.73 -39.64
C ILE C 137 83.09 17.80 -38.19
N ARG C 138 81.77 17.78 -37.97
CA ARG C 138 81.25 17.81 -36.60
C ARG C 138 81.60 16.53 -35.85
N GLY C 139 81.31 15.38 -36.46
CA GLY C 139 81.65 14.12 -35.83
C GLY C 139 83.11 13.76 -35.89
N LYS C 140 83.90 14.51 -36.67
CA LYS C 140 85.31 14.18 -36.84
C LYS C 140 86.10 14.36 -35.54
N GLY C 141 85.86 15.46 -34.81
CA GLY C 141 86.66 15.78 -33.65
C GLY C 141 86.03 15.52 -32.30
N SER C 142 84.93 14.77 -32.24
CA SER C 142 84.21 14.57 -30.98
C SER C 142 84.85 13.45 -30.17
N PHE C 143 86.06 13.74 -29.68
CA PHE C 143 86.80 12.76 -28.89
C PHE C 143 87.50 13.46 -27.74
N ILE C 144 87.68 12.70 -26.65
CA ILE C 144 88.31 13.20 -25.43
C ILE C 144 89.53 12.34 -25.14
N LEU C 145 90.66 12.99 -24.89
CA LEU C 145 91.90 12.28 -24.59
C LEU C 145 91.87 11.75 -23.16
N HIS C 146 92.22 10.48 -23.01
CA HIS C 146 92.26 9.83 -21.70
C HIS C 146 93.28 8.70 -21.75
N ASP C 147 94.02 8.54 -20.66
CA ASP C 147 95.05 7.51 -20.50
C ASP C 147 96.13 7.67 -21.58
N ILE C 148 96.84 8.78 -21.52
CA ILE C 148 97.83 9.12 -22.54
C ILE C 148 99.19 8.57 -22.13
N PRO C 149 99.90 7.88 -23.03
CA PRO C 149 101.17 7.26 -22.67
C PRO C 149 102.31 8.27 -22.58
N THR C 150 103.35 7.88 -21.85
CA THR C 150 104.52 8.71 -21.63
C THR C 150 105.68 7.85 -21.14
N ARG C 151 106.87 8.43 -21.17
CA ARG C 151 108.05 7.85 -20.54
C ARG C 151 108.67 8.92 -19.64
N ASP C 152 109.83 8.60 -19.06
CA ASP C 152 110.44 9.46 -18.04
C ASP C 152 111.94 9.53 -18.24
N HIS C 153 112.47 10.74 -18.41
CA HIS C 153 113.91 10.95 -18.44
C HIS C 153 114.19 12.42 -18.13
N ARG C 154 115.44 12.71 -17.79
CA ARG C 154 115.86 14.02 -17.27
C ARG C 154 115.00 14.44 -16.08
N GLY C 155 114.62 13.47 -15.27
CA GLY C 155 113.74 13.72 -14.14
C GLY C 155 112.42 14.35 -14.54
N MET C 156 111.93 14.06 -15.74
CA MET C 156 110.67 14.66 -16.19
C MET C 156 109.96 13.68 -17.12
N GLU C 157 108.63 13.73 -17.06
CA GLU C 157 107.82 12.88 -17.91
C GLU C 157 107.71 13.51 -19.29
N VAL C 158 108.05 12.73 -20.32
CA VAL C 158 108.01 13.20 -21.70
C VAL C 158 107.01 12.35 -22.46
N ALA C 159 106.36 12.97 -23.44
CA ALA C 159 105.32 12.31 -24.21
C ALA C 159 105.94 11.34 -25.22
N GLU C 160 105.11 10.77 -26.07
CA GLU C 160 105.40 9.82 -27.13
C GLU C 160 105.33 10.51 -28.49
N PRO C 161 106.12 10.06 -29.46
CA PRO C 161 105.97 10.59 -30.83
C PRO C 161 104.61 10.30 -31.44
N GLU C 162 103.92 9.26 -30.98
CA GLU C 162 102.59 8.95 -31.50
C GLU C 162 101.55 9.95 -31.00
N VAL C 163 101.57 10.24 -29.70
CA VAL C 163 100.57 11.14 -29.13
C VAL C 163 100.82 12.58 -29.56
N LEU C 164 101.97 12.86 -30.17
CA LEU C 164 102.21 14.15 -30.81
C LEU C 164 101.21 14.43 -31.92
N GLY C 165 100.60 13.39 -32.48
CA GLY C 165 99.67 13.54 -33.58
C GLY C 165 100.30 13.59 -34.94
N VAL C 166 101.63 13.52 -35.02
CA VAL C 166 102.36 13.67 -36.27
C VAL C 166 103.13 12.38 -36.53
N GLU C 167 102.99 11.84 -37.72
CA GLU C 167 103.69 10.64 -38.13
C GLU C 167 104.84 11.02 -39.04
N PHE C 168 106.07 10.67 -38.63
CA PHE C 168 107.25 10.89 -39.45
C PHE C 168 108.20 9.71 -39.33
N LYS C 169 107.68 8.52 -39.05
CA LYS C 169 108.53 7.37 -38.77
C LYS C 169 109.27 6.88 -40.02
N ASN C 170 108.84 7.29 -41.21
CA ASN C 170 109.41 6.80 -42.45
C ASN C 170 110.49 7.72 -43.01
N VAL C 171 110.95 8.70 -42.24
CA VAL C 171 112.07 9.55 -42.66
C VAL C 171 113.29 9.39 -41.77
N LEU C 172 113.19 8.62 -40.69
CA LEU C 172 114.35 8.39 -39.83
C LEU C 172 115.51 7.68 -40.51
N PRO C 173 115.35 6.53 -41.19
CA PRO C 173 116.55 5.78 -41.62
C PRO C 173 117.33 6.43 -42.75
N VAL C 174 116.76 7.41 -43.46
CA VAL C 174 117.53 8.14 -44.47
C VAL C 174 118.21 9.37 -43.92
N LEU C 175 118.02 9.66 -42.63
CA LEU C 175 118.60 10.85 -42.04
C LEU C 175 120.10 10.68 -41.81
N THR C 176 120.70 11.71 -41.22
CA THR C 176 122.11 11.70 -40.88
C THR C 176 122.29 11.71 -39.37
N ALA C 177 123.55 11.77 -38.93
CA ALA C 177 123.84 11.75 -37.50
C ALA C 177 123.41 13.04 -36.83
N GLU C 178 123.73 14.18 -37.45
CA GLU C 178 123.35 15.47 -36.88
C GLU C 178 121.84 15.63 -36.82
N HIS C 179 121.14 15.15 -37.85
CA HIS C 179 119.69 15.22 -37.84
C HIS C 179 119.09 14.35 -36.75
N ARG C 180 119.67 13.15 -36.54
CA ARG C 180 119.19 12.29 -35.47
C ARG C 180 119.44 12.92 -34.10
N ALA C 181 120.60 13.56 -33.93
CA ALA C 181 120.87 14.25 -32.67
C ALA C 181 119.89 15.40 -32.44
N MET C 182 119.61 16.18 -33.50
CA MET C 182 118.70 17.30 -33.36
C MET C 182 117.28 16.83 -33.08
N ILE C 183 116.84 15.75 -33.73
CA ILE C 183 115.49 15.25 -33.49
C ILE C 183 115.41 14.64 -32.09
N GLN C 184 116.51 14.07 -31.60
CA GLN C 184 116.54 13.57 -30.22
C GLN C 184 116.41 14.72 -29.23
N ASN C 185 117.15 15.82 -29.45
CA ASN C 185 117.05 16.98 -28.58
C ASN C 185 115.65 17.59 -28.62
N ALA C 186 115.06 17.67 -29.81
CA ALA C 186 113.72 18.23 -29.94
C ALA C 186 112.69 17.36 -29.25
N LEU C 187 112.83 16.04 -29.35
CA LEU C 187 111.97 15.13 -28.61
C LEU C 187 112.13 15.35 -27.11
N ASP C 188 113.38 15.53 -26.66
CA ASP C 188 113.63 15.81 -25.25
C ASP C 188 113.07 17.16 -24.83
N GLY C 189 112.81 18.05 -25.80
CA GLY C 189 112.31 19.38 -25.46
C GLY C 189 110.91 19.38 -24.89
N SER C 190 110.04 18.50 -25.37
CA SER C 190 108.63 18.54 -25.00
C SER C 190 108.43 18.22 -23.53
N ILE C 191 107.49 18.91 -22.90
CA ILE C 191 107.22 18.78 -21.47
C ILE C 191 105.72 18.64 -21.26
N ILE C 192 105.36 18.13 -20.08
CA ILE C 192 103.97 18.05 -19.64
C ILE C 192 103.87 18.71 -18.27
N GLU C 193 102.96 19.68 -18.16
CA GLU C 193 102.76 20.43 -16.93
C GLU C 193 101.59 19.86 -16.13
N ASN C 194 101.80 19.72 -14.83
CA ASN C 194 100.79 19.18 -13.92
C ASN C 194 99.86 20.33 -13.53
N GLY C 195 98.87 20.60 -14.38
CA GLY C 195 97.96 21.70 -14.18
C GLY C 195 96.74 21.28 -13.37
N ASN C 196 95.81 22.23 -13.25
CA ASN C 196 94.62 22.02 -12.46
C ASN C 196 93.40 22.58 -13.19
N VAL C 197 92.25 21.96 -12.94
CA VAL C 197 90.97 22.48 -13.39
C VAL C 197 89.91 22.07 -12.39
N ALA C 198 89.12 23.06 -11.94
CA ALA C 198 88.08 22.88 -10.93
C ALA C 198 88.62 22.17 -9.68
N THR C 199 89.86 22.53 -9.31
CA THR C 199 90.61 21.92 -8.22
C THR C 199 90.69 20.40 -8.44
N ARG C 200 91.07 20.02 -9.66
CA ARG C 200 91.35 18.62 -9.99
C ARG C 200 92.53 18.56 -10.96
N ASP C 201 93.51 17.72 -10.64
CA ASP C 201 94.75 17.68 -11.38
C ASP C 201 94.56 17.14 -12.79
N VAL C 202 95.20 17.79 -13.76
CA VAL C 202 95.18 17.40 -15.16
C VAL C 202 96.58 17.62 -15.73
N ASP C 203 96.77 17.22 -16.98
CA ASP C 203 98.05 17.32 -17.66
C ASP C 203 97.94 18.27 -18.84
N VAL C 204 99.03 18.98 -19.11
CA VAL C 204 99.10 19.92 -20.23
C VAL C 204 100.30 19.53 -21.09
N PHE C 205 100.11 19.45 -22.40
CA PHE C 205 101.23 19.18 -23.27
C PHE C 205 101.00 19.86 -24.62
N ILE C 206 101.96 19.67 -25.52
CA ILE C 206 101.98 20.33 -26.81
C ILE C 206 101.88 19.27 -27.90
N GLY C 207 100.86 19.39 -28.74
CA GLY C 207 100.69 18.52 -29.89
C GLY C 207 100.28 19.30 -31.11
N ALA C 208 100.03 18.61 -32.22
CA ALA C 208 99.71 19.24 -33.49
C ALA C 208 98.37 18.74 -34.01
N CYS C 209 97.54 19.69 -34.46
CA CYS C 209 96.24 19.36 -35.02
C CYS C 209 95.77 20.52 -35.89
N SER C 210 94.94 20.20 -36.89
CA SER C 210 94.38 21.23 -37.75
C SER C 210 93.40 22.10 -36.97
N GLU C 211 93.32 23.36 -37.39
CA GLU C 211 92.47 24.33 -36.69
C GLU C 211 90.98 23.96 -36.65
N PRO C 212 90.33 23.54 -37.74
CA PRO C 212 88.89 23.23 -37.63
C PRO C 212 88.56 22.13 -36.62
N VAL C 213 89.41 21.10 -36.50
CA VAL C 213 89.21 20.13 -35.44
C VAL C 213 89.57 20.72 -34.08
N TYR C 214 90.61 21.56 -34.05
CA TYR C 214 91.10 22.11 -32.80
C TYR C 214 90.05 23.01 -32.13
N ARG C 215 89.29 23.76 -32.94
CA ARG C 215 88.26 24.63 -32.37
C ARG C 215 87.14 23.82 -31.73
N ILE C 216 86.72 22.73 -32.37
CA ILE C 216 85.69 21.89 -31.78
C ILE C 216 86.20 21.21 -30.52
N TYR C 217 87.47 20.78 -30.54
CA TYR C 217 88.06 20.20 -29.34
C TYR C 217 88.08 21.20 -28.19
N ASN C 218 88.45 22.45 -28.50
CA ASN C 218 88.46 23.49 -27.48
C ASN C 218 87.05 23.75 -26.96
N ARG C 219 86.07 23.77 -27.85
CA ARG C 219 84.69 24.02 -27.43
C ARG C 219 84.17 22.91 -26.54
N LEU C 220 84.48 21.66 -26.86
CA LEU C 220 84.06 20.56 -25.99
C LEU C 220 84.79 20.60 -24.66
N GLN C 221 86.05 21.05 -24.66
CA GLN C 221 86.73 21.26 -23.40
C GLN C 221 86.03 22.33 -22.56
N GLY C 222 85.60 23.41 -23.20
CA GLY C 222 84.85 24.42 -22.48
C GLY C 222 83.54 23.91 -21.94
N TYR C 223 82.82 23.10 -22.73
CA TYR C 223 81.56 22.51 -22.29
C TYR C 223 81.79 21.60 -21.10
N ILE C 224 82.82 20.75 -21.14
CA ILE C 224 83.03 19.83 -20.03
C ILE C 224 83.49 20.60 -18.78
N GLU C 225 84.27 21.67 -18.96
CA GLU C 225 84.64 22.50 -17.81
C GLU C 225 83.42 23.16 -17.19
N ALA C 226 82.51 23.68 -18.02
CA ALA C 226 81.29 24.28 -17.50
C ALA C 226 80.43 23.24 -16.79
N VAL C 227 80.34 22.02 -17.32
CA VAL C 227 79.59 20.95 -16.65
C VAL C 227 80.23 20.66 -15.31
N GLN C 228 81.56 20.52 -15.28
CA GLN C 228 82.26 20.23 -14.03
C GLN C 228 82.21 21.40 -13.04
N LEU C 229 81.82 22.59 -13.48
CA LEU C 229 81.84 23.75 -12.59
C LEU C 229 80.50 23.96 -11.88
N GLN C 230 79.43 24.22 -12.64
CA GLN C 230 78.22 24.73 -12.01
C GLN C 230 76.95 23.98 -12.41
N GLU C 231 76.91 23.40 -13.60
CA GLU C 231 75.63 22.99 -14.17
C GLU C 231 74.96 21.88 -13.38
N LEU C 232 75.74 20.88 -12.97
CA LEU C 232 75.18 19.68 -12.36
C LEU C 232 74.58 19.97 -10.99
N ARG C 233 75.16 20.88 -10.19
CA ARG C 233 74.58 21.21 -8.90
C ARG C 233 73.20 21.83 -9.05
N ASN C 234 73.06 22.80 -9.95
CA ASN C 234 71.76 23.46 -10.12
C ASN C 234 70.78 22.54 -10.83
N SER C 235 71.24 21.66 -11.72
CA SER C 235 70.41 20.58 -12.25
C SER C 235 69.86 19.69 -11.14
N ILE C 236 70.70 19.24 -10.21
CA ILE C 236 70.26 18.42 -9.09
C ILE C 236 69.26 19.19 -8.22
N GLY C 237 69.53 20.47 -7.96
CA GLY C 237 68.63 21.25 -7.11
C GLY C 237 67.27 21.43 -7.75
N TRP C 238 67.26 21.74 -9.04
CA TRP C 238 66.04 21.88 -9.81
C TRP C 238 65.28 20.57 -9.77
N LEU C 239 65.96 19.46 -10.03
CA LEU C 239 65.32 18.16 -10.04
C LEU C 239 64.75 17.80 -8.67
N GLU C 240 65.45 18.10 -7.59
CA GLU C 240 64.94 17.82 -6.25
C GLU C 240 63.76 18.71 -5.90
N ARG C 241 63.71 19.96 -6.39
CA ARG C 241 62.52 20.79 -6.20
C ARG C 241 61.33 20.17 -6.91
N LEU C 242 61.52 19.64 -8.13
CA LEU C 242 60.45 18.87 -8.76
C LEU C 242 60.07 17.67 -7.92
N GLY C 243 61.05 17.00 -7.32
CA GLY C 243 60.74 15.86 -6.49
C GLY C 243 59.93 16.22 -5.27
N HIS C 244 60.20 17.39 -4.69
CA HIS C 244 59.41 17.87 -3.57
C HIS C 244 57.98 18.20 -3.99
N ARG C 245 57.84 18.99 -5.05
CA ARG C 245 56.51 19.48 -5.42
C ARG C 245 55.64 18.36 -5.98
N LYS C 246 56.22 17.48 -6.79
CA LYS C 246 55.47 16.48 -7.54
C LYS C 246 55.22 15.22 -6.73
N ARG C 247 55.67 15.18 -5.47
CA ARG C 247 55.53 14.01 -4.60
C ARG C 247 56.16 12.76 -5.23
N ILE C 248 57.35 12.94 -5.81
CA ILE C 248 58.07 11.89 -6.50
C ILE C 248 59.46 11.81 -5.90
N THR C 249 59.94 10.61 -5.61
CA THR C 249 61.20 10.43 -4.91
C THR C 249 62.28 9.99 -5.88
N TYR C 250 63.44 10.64 -5.82
CA TYR C 250 64.61 10.32 -6.64
C TYR C 250 65.78 9.91 -5.75
N SER C 251 66.92 9.67 -6.40
CA SER C 251 68.11 9.14 -5.73
C SER C 251 69.37 9.84 -6.22
N GLN C 252 70.42 9.75 -5.39
CA GLN C 252 71.74 10.27 -5.70
C GLN C 252 72.84 9.26 -5.42
N GLU C 253 72.52 7.96 -5.47
CA GLU C 253 73.45 6.92 -5.05
C GLU C 253 74.72 6.94 -5.90
N VAL C 254 74.59 7.21 -7.19
CA VAL C 254 75.71 7.11 -8.10
C VAL C 254 76.74 8.21 -7.86
N LEU C 255 76.38 9.25 -7.13
CA LEU C 255 77.32 10.31 -6.77
C LEU C 255 78.02 10.04 -5.45
N THR C 256 77.81 8.89 -4.83
CA THR C 256 78.17 8.66 -3.44
C THR C 256 78.91 7.34 -3.24
N ASP C 257 79.93 7.08 -4.05
CA ASP C 257 80.86 6.00 -3.75
C ASP C 257 82.12 6.56 -3.09
N PHE C 258 82.96 5.67 -2.59
CA PHE C 258 84.19 6.12 -1.93
C PHE C 258 85.27 6.55 -2.92
N ARG C 259 84.97 6.62 -4.21
CA ARG C 259 85.85 7.22 -5.20
C ARG C 259 85.31 8.56 -5.71
N ARG C 260 84.20 9.04 -5.14
CA ARG C 260 83.49 10.19 -5.71
C ARG C 260 84.35 11.44 -5.78
N GLN C 261 85.40 11.53 -4.95
CA GLN C 261 86.20 12.74 -4.91
C GLN C 261 87.09 12.87 -6.14
N ASP C 262 87.49 11.76 -6.76
CA ASP C 262 88.45 11.82 -7.85
C ASP C 262 87.91 11.16 -9.12
N THR C 263 86.70 11.53 -9.52
CA THR C 263 86.10 11.01 -10.73
C THR C 263 85.56 12.17 -11.57
N ILE C 264 85.79 12.10 -12.87
CA ILE C 264 85.35 13.13 -13.81
C ILE C 264 83.92 12.83 -14.23
N TRP C 265 83.04 13.81 -14.11
CA TRP C 265 81.65 13.63 -14.46
C TRP C 265 81.40 14.11 -15.89
N VAL C 266 80.48 13.43 -16.58
CA VAL C 266 80.04 13.83 -17.91
C VAL C 266 78.53 13.76 -17.96
N LEU C 267 77.88 14.82 -18.47
CA LEU C 267 76.45 14.86 -18.80
C LEU C 267 76.24 15.31 -20.25
N ALA C 268 75.40 14.60 -20.99
CA ALA C 268 75.14 14.93 -22.37
C ALA C 268 74.02 15.96 -22.57
N LEU C 269 73.00 15.91 -21.71
CA LEU C 269 71.82 16.75 -21.76
C LEU C 269 71.83 17.75 -20.61
N GLN C 270 71.68 19.04 -20.88
CA GLN C 270 71.52 20.01 -19.81
C GLN C 270 70.13 19.85 -19.19
N LEU C 271 70.00 19.93 -17.87
CA LEU C 271 68.73 19.59 -17.21
C LEU C 271 67.68 20.72 -17.24
N PRO C 272 67.92 21.92 -16.68
CA PRO C 272 66.91 22.98 -16.68
C PRO C 272 66.51 23.37 -18.11
N VAL C 273 65.24 23.19 -18.44
CA VAL C 273 64.71 23.41 -19.79
C VAL C 273 63.96 24.74 -19.87
N ASN C 274 64.31 25.55 -20.86
CA ASN C 274 63.68 26.84 -21.15
C ASN C 274 62.25 26.64 -21.68
N PRO C 275 61.18 27.05 -20.97
CA PRO C 275 59.82 26.77 -21.40
C PRO C 275 59.45 27.41 -22.75
N GLN C 276 60.01 28.57 -23.06
CA GLN C 276 59.73 29.23 -24.32
C GLN C 276 60.20 28.37 -25.49
N VAL C 277 61.26 27.58 -25.35
CA VAL C 277 61.73 26.75 -26.44
C VAL C 277 60.69 25.73 -26.90
N VAL C 278 59.95 25.11 -25.99
CA VAL C 278 58.78 24.29 -26.36
C VAL C 278 57.61 25.16 -26.79
N TRP C 279 57.36 26.28 -26.12
CA TRP C 279 56.17 27.07 -26.42
C TRP C 279 56.19 27.85 -27.72
N ASP C 280 57.35 28.31 -28.16
CA ASP C 280 57.50 29.09 -29.39
C ASP C 280 57.09 28.35 -30.65
N VAL C 281 56.89 27.03 -30.62
CA VAL C 281 56.44 26.30 -31.78
C VAL C 281 55.09 26.87 -32.20
N PRO C 282 54.96 27.36 -33.43
CA PRO C 282 53.69 27.95 -33.87
C PRO C 282 52.59 26.90 -33.96
N ARG C 283 51.37 27.30 -33.56
CA ARG C 283 50.13 26.54 -33.69
C ARG C 283 50.29 25.08 -33.25
N SER C 284 51.00 24.89 -32.14
CA SER C 284 51.24 23.56 -31.58
C SER C 284 50.55 23.36 -30.23
N SER C 285 49.61 24.25 -29.87
CA SER C 285 48.94 24.14 -28.58
C SER C 285 48.18 22.83 -28.46
N ILE C 286 47.51 22.41 -29.53
CA ILE C 286 46.81 21.14 -29.50
C ILE C 286 47.79 19.98 -29.38
N ALA C 287 48.95 20.09 -30.05
CA ALA C 287 49.96 19.05 -29.94
C ALA C 287 50.53 18.97 -28.54
N ASN C 288 50.81 20.11 -27.93
CA ASN C 288 51.28 20.13 -26.55
C ASN C 288 50.23 19.53 -25.62
N LEU C 289 48.95 19.85 -25.85
CA LEU C 289 47.87 19.30 -25.05
C LEU C 289 47.81 17.78 -25.16
N ILE C 290 47.81 17.25 -26.38
CA ILE C 290 47.63 15.82 -26.57
C ILE C 290 48.84 15.06 -26.06
N MET C 291 50.05 15.58 -26.25
CA MET C 291 51.22 14.88 -25.73
C MET C 291 51.32 15.01 -24.22
N ASN C 292 50.81 16.12 -23.65
CA ASN C 292 50.72 16.23 -22.20
C ASN C 292 49.81 15.16 -21.62
N ILE C 293 48.60 15.03 -22.18
CA ILE C 293 47.68 14.03 -21.65
C ILE C 293 48.16 12.62 -21.99
N ALA C 294 49.02 12.49 -22.99
CA ALA C 294 49.60 11.19 -23.29
C ALA C 294 50.63 10.79 -22.24
N THR C 295 51.47 11.75 -21.83
CA THR C 295 52.62 11.42 -20.98
C THR C 295 52.36 11.58 -19.49
N CYS C 296 51.29 12.29 -19.10
CA CYS C 296 51.10 12.63 -17.70
C CYS C 296 49.77 12.20 -17.10
N LEU C 297 48.76 11.87 -17.91
CA LEU C 297 47.43 11.59 -17.38
C LEU C 297 47.37 10.19 -16.77
N PRO C 298 47.01 10.05 -15.49
CA PRO C 298 46.88 8.73 -14.89
C PRO C 298 45.46 8.20 -14.97
N THR C 299 45.30 6.93 -14.56
CA THR C 299 44.05 6.21 -14.67
C THR C 299 43.69 5.56 -13.33
N GLY C 300 42.46 5.78 -12.88
CA GLY C 300 41.97 5.24 -11.64
C GLY C 300 40.71 4.42 -11.86
N GLU C 301 39.85 4.41 -10.84
CA GLU C 301 38.60 3.68 -10.86
C GLU C 301 37.46 4.55 -10.37
N TYR C 302 36.25 4.16 -10.75
CA TYR C 302 35.03 4.87 -10.41
C TYR C 302 34.28 4.13 -9.32
N ILE C 303 33.83 4.86 -8.30
CA ILE C 303 33.05 4.25 -7.21
C ILE C 303 31.89 5.17 -6.86
N ALA C 304 30.73 4.57 -6.55
CA ALA C 304 29.49 5.14 -6.10
C ALA C 304 29.40 5.10 -4.57
N PRO C 305 28.66 6.03 -3.96
CA PRO C 305 28.52 6.00 -2.50
C PRO C 305 27.50 4.96 -2.05
N ASN C 306 27.21 4.93 -0.76
CA ASN C 306 26.28 3.93 -0.21
C ASN C 306 24.87 4.16 -0.74
N PRO C 307 24.22 3.13 -1.27
CA PRO C 307 22.87 3.32 -1.83
C PRO C 307 21.81 3.65 -0.80
N ARG C 308 22.06 3.41 0.49
CA ARG C 308 21.08 3.78 1.51
C ARG C 308 20.83 5.28 1.52
N ILE C 309 21.80 6.07 1.09
CA ILE C 309 21.64 7.52 1.00
C ILE C 309 20.48 7.87 0.08
N SER C 310 20.60 7.49 -1.20
CA SER C 310 19.53 7.72 -2.16
C SER C 310 18.26 6.96 -1.81
N SER C 311 18.38 5.85 -1.08
CA SER C 311 17.19 5.15 -0.61
C SER C 311 16.38 6.01 0.35
N ILE C 312 17.04 6.68 1.28
CA ILE C 312 16.32 7.43 2.31
C ILE C 312 15.98 8.84 1.87
N THR C 313 16.71 9.43 0.92
CA THR C 313 16.45 10.83 0.62
C THR C 313 15.42 11.02 -0.49
N LEU C 314 15.39 10.15 -1.50
CA LEU C 314 14.42 10.29 -2.59
C LEU C 314 13.41 9.15 -2.65
N THR C 315 13.50 8.18 -1.75
CA THR C 315 12.44 7.19 -1.59
C THR C 315 12.07 7.09 -0.12
N GLN C 316 12.16 8.20 0.61
CA GLN C 316 11.59 8.26 1.94
C GLN C 316 10.11 7.95 1.90
N ARG C 317 9.40 8.56 0.96
CA ARG C 317 8.05 8.15 0.64
C ARG C 317 8.10 7.09 -0.45
N ILE C 318 7.26 6.07 -0.30
CA ILE C 318 7.22 4.95 -1.23
C ILE C 318 6.05 5.05 -2.20
N THR C 319 4.88 5.48 -1.71
CA THR C 319 3.72 5.62 -2.59
C THR C 319 3.98 6.67 -3.67
N THR C 320 4.49 7.83 -3.28
CA THR C 320 4.77 8.87 -4.27
C THR C 320 6.12 8.61 -4.94
N THR C 321 6.45 9.46 -5.89
CA THR C 321 7.72 9.38 -6.58
C THR C 321 8.06 10.74 -7.17
N GLY C 322 9.33 10.92 -7.48
CA GLY C 322 9.79 12.12 -8.13
C GLY C 322 10.65 11.78 -9.34
N PRO C 323 11.03 12.80 -10.11
CA PRO C 323 11.95 12.55 -11.23
C PRO C 323 13.28 11.95 -10.79
N PHE C 324 13.82 12.42 -9.66
CA PHE C 324 15.08 11.89 -9.16
C PHE C 324 14.92 10.43 -8.71
N ALA C 325 13.74 10.04 -8.25
CA ALA C 325 13.51 8.66 -7.86
C ALA C 325 13.59 7.74 -9.07
N ILE C 326 13.15 8.20 -10.24
CA ILE C 326 13.25 7.40 -11.44
C ILE C 326 14.66 7.43 -12.04
N LEU C 327 15.38 8.54 -11.88
CA LEU C 327 16.74 8.59 -12.41
C LEU C 327 17.78 7.95 -11.48
N THR C 328 17.43 7.69 -10.22
CA THR C 328 18.38 7.02 -9.34
C THR C 328 18.37 5.51 -9.52
N GLY C 329 17.29 4.93 -10.03
CA GLY C 329 17.23 3.52 -10.34
C GLY C 329 17.66 3.18 -11.74
N SER C 330 18.10 4.16 -12.53
CA SER C 330 18.52 3.91 -13.90
C SER C 330 19.84 3.14 -13.93
N THR C 331 20.10 2.51 -15.07
CA THR C 331 21.35 1.81 -15.29
C THR C 331 21.98 2.31 -16.58
N PRO C 332 23.30 2.48 -16.60
CA PRO C 332 23.97 3.08 -17.75
C PRO C 332 24.23 2.08 -18.87
N THR C 333 24.82 2.59 -19.94
CA THR C 333 25.42 1.79 -21.00
C THR C 333 26.86 2.27 -21.22
N ALA C 334 27.53 1.69 -22.21
CA ALA C 334 28.93 2.02 -22.45
C ALA C 334 29.13 3.45 -22.91
N GLN C 335 28.20 3.98 -23.71
CA GLN C 335 28.31 5.35 -24.18
C GLN C 335 28.27 6.35 -23.03
N GLN C 336 27.48 6.06 -21.98
CA GLN C 336 27.44 6.96 -20.83
C GLN C 336 28.75 6.92 -20.05
N LEU C 337 29.38 5.75 -19.96
CA LEU C 337 30.69 5.67 -19.33
C LEU C 337 31.74 6.45 -20.13
N ASN C 338 31.70 6.32 -21.45
CA ASN C 338 32.61 7.11 -22.28
C ASN C 338 32.35 8.61 -22.13
N ASP C 339 31.06 8.99 -22.01
CA ASP C 339 30.72 10.39 -21.80
C ASP C 339 31.21 10.90 -20.45
N VAL C 340 31.11 10.07 -19.41
CA VAL C 340 31.62 10.47 -18.10
C VAL C 340 33.14 10.61 -18.17
N ARG C 341 33.80 9.72 -18.90
CA ARG C 341 35.21 9.89 -19.20
C ARG C 341 35.49 11.24 -19.83
N LYS C 342 34.66 11.63 -20.80
CA LYS C 342 34.82 12.91 -21.46
C LYS C 342 34.62 14.08 -20.50
N ILE C 343 33.63 13.97 -19.61
CA ILE C 343 33.36 15.04 -18.65
C ILE C 343 34.54 15.22 -17.72
N TYR C 344 35.06 14.12 -17.18
CA TYR C 344 36.19 14.23 -16.28
C TYR C 344 37.44 14.71 -17.01
N LEU C 345 37.59 14.34 -18.28
CA LEU C 345 38.68 14.88 -19.09
C LEU C 345 38.54 16.40 -19.23
N ALA C 346 37.32 16.89 -19.41
CA ALA C 346 37.10 18.33 -19.49
C ALA C 346 37.45 19.00 -18.17
N LEU C 347 37.04 18.41 -17.06
CA LEU C 347 37.33 19.02 -15.76
C LEU C 347 38.79 18.92 -15.36
N MET C 348 39.55 18.00 -15.94
CA MET C 348 40.99 17.98 -15.66
C MET C 348 41.76 19.01 -16.48
N PHE C 349 41.13 19.63 -17.47
CA PHE C 349 41.78 20.65 -18.29
C PHE C 349 40.80 21.78 -18.56
N PRO C 350 40.77 22.80 -17.71
CA PRO C 350 39.87 23.93 -17.94
C PRO C 350 40.30 24.75 -19.14
N GLY C 351 39.32 25.32 -19.81
CA GLY C 351 39.58 26.19 -20.95
C GLY C 351 39.91 25.52 -22.27
N GLN C 352 40.91 24.66 -22.30
CA GLN C 352 41.31 24.02 -23.55
C GLN C 352 40.29 22.98 -24.01
N ILE C 353 39.62 22.31 -23.07
CA ILE C 353 38.58 21.34 -23.38
C ILE C 353 37.24 21.95 -22.98
N ILE C 354 36.32 22.05 -23.93
CA ILE C 354 35.00 22.61 -23.69
C ILE C 354 33.96 21.58 -24.10
N LEU C 355 32.98 21.35 -23.22
CA LEU C 355 31.94 20.37 -23.48
C LEU C 355 30.77 21.01 -24.21
N ASP C 356 30.22 20.29 -25.17
CA ASP C 356 29.03 20.70 -25.88
C ASP C 356 28.00 19.59 -25.77
N LEU C 357 26.87 19.76 -26.45
CA LEU C 357 25.76 18.83 -26.37
C LEU C 357 25.53 18.17 -27.72
N LYS C 358 25.10 16.92 -27.69
CA LYS C 358 24.55 16.26 -28.86
C LYS C 358 23.23 15.62 -28.48
N ILE C 359 22.32 15.57 -29.45
CA ILE C 359 21.09 14.79 -29.36
C ILE C 359 21.05 13.90 -30.58
N ASP C 360 21.17 12.59 -30.37
CA ASP C 360 21.23 11.66 -31.49
C ASP C 360 19.91 11.67 -32.25
N PRO C 361 19.96 11.58 -33.58
CA PRO C 361 18.70 11.52 -34.35
C PRO C 361 17.82 10.35 -33.97
N GLY C 362 18.41 9.21 -33.62
CA GLY C 362 17.63 8.07 -33.20
C GLY C 362 17.21 8.10 -31.75
N GLU C 363 17.46 9.19 -31.05
CA GLU C 363 17.20 9.28 -29.62
C GLU C 363 16.11 10.31 -29.31
N ARG C 364 15.56 10.20 -28.09
CA ARG C 364 14.56 11.12 -27.58
C ARG C 364 14.87 11.44 -26.13
N MET C 365 14.70 12.71 -25.75
CA MET C 365 14.95 13.11 -24.37
C MET C 365 13.70 12.91 -23.53
N ASP C 366 13.90 12.90 -22.21
CA ASP C 366 12.80 12.82 -21.27
C ASP C 366 12.75 14.07 -20.42
N PRO C 367 11.55 14.53 -20.03
CA PRO C 367 11.47 15.75 -19.23
C PRO C 367 12.16 15.63 -17.88
N ALA C 368 11.93 14.52 -17.16
CA ALA C 368 12.64 14.30 -15.91
C ALA C 368 14.15 14.36 -16.15
N VAL C 369 14.61 13.73 -17.23
CA VAL C 369 16.02 13.72 -17.57
C VAL C 369 16.55 15.15 -17.74
N ARG C 370 15.80 16.00 -18.46
CA ARG C 370 16.34 17.31 -18.78
C ARG C 370 16.31 18.25 -17.56
N MET C 371 15.24 18.23 -16.77
CA MET C 371 15.23 19.10 -15.61
C MET C 371 16.28 18.66 -14.59
N VAL C 372 16.41 17.36 -14.37
CA VAL C 372 17.47 16.86 -13.50
C VAL C 372 18.83 17.24 -14.06
N ALA C 373 18.99 17.16 -15.38
CA ALA C 373 20.25 17.49 -16.01
C ALA C 373 20.62 18.95 -15.75
N GLY C 374 19.65 19.85 -15.88
CA GLY C 374 19.92 21.25 -15.62
C GLY C 374 20.29 21.52 -14.17
N VAL C 375 19.48 21.00 -13.24
CA VAL C 375 19.71 21.34 -11.84
C VAL C 375 21.01 20.73 -11.33
N VAL C 376 21.43 19.60 -11.89
CA VAL C 376 22.70 18.98 -11.50
C VAL C 376 23.89 19.65 -12.20
N GLY C 377 23.71 20.06 -13.45
CA GLY C 377 24.77 20.75 -14.17
C GLY C 377 25.07 22.13 -13.64
N HIS C 378 24.12 22.74 -12.93
CA HIS C 378 24.49 23.96 -12.21
C HIS C 378 25.52 23.69 -11.12
N LEU C 379 25.67 22.45 -10.67
CA LEU C 379 26.59 22.13 -9.60
C LEU C 379 27.84 21.38 -10.07
N LEU C 380 27.79 20.70 -11.21
CA LEU C 380 28.97 19.95 -11.63
C LEU C 380 30.03 20.77 -12.37
N PHE C 381 29.79 22.04 -12.67
CA PHE C 381 30.76 22.80 -13.47
C PHE C 381 31.08 24.15 -12.85
N THR C 382 32.32 24.57 -13.07
CA THR C 382 32.76 25.95 -12.89
C THR C 382 33.17 26.48 -14.26
N ALA C 383 32.47 27.52 -14.72
CA ALA C 383 32.68 28.02 -16.07
C ALA C 383 32.57 29.54 -16.16
N GLY C 384 33.01 30.25 -15.12
CA GLY C 384 32.92 31.69 -15.12
C GLY C 384 34.07 32.31 -14.36
N GLY C 385 33.94 33.59 -14.09
CA GLY C 385 34.96 34.32 -13.32
C GLY C 385 36.13 34.74 -14.21
N ARG C 386 37.26 34.03 -14.05
CA ARG C 386 38.46 34.33 -14.83
C ARG C 386 38.77 33.27 -15.86
N PHE C 387 38.16 32.09 -15.76
CA PHE C 387 38.25 31.05 -16.77
C PHE C 387 36.84 30.62 -17.16
N THR C 388 36.76 29.53 -17.91
CA THR C 388 35.47 29.00 -18.34
C THR C 388 35.62 27.53 -18.67
N ASN C 389 34.48 26.84 -18.75
CA ASN C 389 34.43 25.42 -19.07
C ASN C 389 33.48 25.08 -20.20
N LEU C 390 32.43 25.87 -20.38
CA LEU C 390 31.34 25.55 -21.30
C LEU C 390 30.98 26.78 -22.15
N THR C 391 30.55 26.52 -23.38
CA THR C 391 30.14 27.58 -24.28
C THR C 391 28.80 28.15 -23.82
N GLN C 392 28.41 29.26 -24.44
CA GLN C 392 27.20 29.98 -24.03
C GLN C 392 25.96 29.13 -24.22
N ASN C 393 25.93 28.30 -25.28
CA ASN C 393 24.78 27.46 -25.55
C ASN C 393 24.51 26.50 -24.40
N MET C 394 25.58 25.93 -23.83
CA MET C 394 25.45 25.10 -22.63
C MET C 394 24.73 25.84 -21.53
N ALA C 395 25.15 27.09 -21.28
CA ALA C 395 24.56 27.90 -20.22
C ALA C 395 23.08 28.16 -20.49
N ARG C 396 22.74 28.46 -21.74
CA ARG C 396 21.34 28.76 -22.07
C ARG C 396 20.46 27.53 -21.86
N GLN C 397 20.91 26.35 -22.28
CA GLN C 397 20.05 25.18 -22.06
C GLN C 397 19.97 24.80 -20.59
N LEU C 398 21.07 24.95 -19.85
CA LEU C 398 21.01 24.66 -18.41
C LEU C 398 20.04 25.61 -17.71
N ASP C 399 20.06 26.88 -18.09
CA ASP C 399 19.14 27.84 -17.49
C ASP C 399 17.70 27.56 -17.88
N ILE C 400 17.46 27.13 -19.12
CA ILE C 400 16.10 26.78 -19.53
C ILE C 400 15.60 25.58 -18.73
N ALA C 401 16.46 24.58 -18.53
CA ALA C 401 16.07 23.43 -17.73
C ALA C 401 15.79 23.83 -16.30
N LEU C 402 16.57 24.78 -15.76
CA LEU C 402 16.29 25.28 -14.42
C LEU C 402 14.95 25.98 -14.35
N ASN C 403 14.65 26.83 -15.33
CA ASN C 403 13.38 27.54 -15.34
C ASN C 403 12.21 26.58 -15.46
N ASP C 404 12.43 25.44 -16.11
CA ASP C 404 11.40 24.42 -16.14
C ASP C 404 11.27 23.72 -14.79
N TYR C 405 12.40 23.39 -14.15
CA TYR C 405 12.35 22.66 -12.89
C TYR C 405 11.76 23.51 -11.77
N LEU C 406 11.91 24.82 -11.82
CA LEU C 406 11.31 25.64 -10.77
C LEU C 406 9.86 25.99 -11.05
N LEU C 407 9.18 25.25 -11.93
CA LEU C 407 7.80 25.59 -12.23
C LEU C 407 6.91 24.36 -12.46
N TYR C 408 7.40 23.14 -12.30
CA TYR C 408 6.57 21.99 -12.66
C TYR C 408 5.49 21.73 -11.62
N MET C 409 5.79 22.00 -10.35
CA MET C 409 4.83 21.79 -9.25
C MET C 409 4.67 23.13 -8.56
N TYR C 410 3.78 23.96 -9.09
CA TYR C 410 3.56 25.31 -8.59
C TYR C 410 2.18 25.36 -7.94
N ASN C 411 2.15 25.61 -6.63
CA ASN C 411 0.95 25.44 -5.83
C ASN C 411 0.69 26.68 -4.99
N THR C 412 -0.42 26.65 -4.25
CA THR C 412 -0.88 27.82 -3.52
C THR C 412 0.09 28.21 -2.40
N ARG C 413 0.67 27.22 -1.72
CA ARG C 413 1.50 27.52 -0.56
C ARG C 413 2.78 28.25 -0.90
N VAL C 414 3.12 28.34 -2.18
CA VAL C 414 4.27 29.12 -2.64
C VAL C 414 3.76 30.20 -3.58
N GLN C 415 3.97 31.46 -3.21
CA GLN C 415 3.61 32.59 -4.05
C GLN C 415 4.85 33.08 -4.79
N VAL C 416 4.77 33.11 -6.11
CA VAL C 416 5.91 33.46 -6.96
C VAL C 416 5.54 34.71 -7.75
N ASN C 417 6.36 35.74 -7.62
CA ASN C 417 6.16 36.99 -8.36
C ASN C 417 6.98 36.90 -9.65
N TYR C 418 6.29 36.79 -10.78
CA TYR C 418 6.97 36.70 -12.06
C TYR C 418 7.57 38.04 -12.43
N GLY C 419 8.81 38.01 -12.92
CA GLY C 419 9.46 39.21 -13.40
C GLY C 419 8.86 39.69 -14.69
N PRO C 420 8.85 41.01 -14.90
CA PRO C 420 8.26 41.56 -16.13
C PRO C 420 9.00 41.17 -17.40
N THR C 421 10.31 40.92 -17.32
CA THR C 421 11.10 40.67 -18.51
C THR C 421 10.74 39.32 -19.14
N GLY C 422 10.93 39.24 -20.45
CA GLY C 422 10.76 37.99 -21.17
C GLY C 422 11.92 37.03 -21.06
N GLU C 423 12.98 37.43 -20.39
CA GLU C 423 14.09 36.52 -20.15
C GLU C 423 13.64 35.40 -19.21
N PRO C 424 13.96 34.15 -19.53
CA PRO C 424 13.60 33.04 -18.64
C PRO C 424 14.35 33.12 -17.32
N LEU C 425 13.80 32.42 -16.32
CA LEU C 425 14.32 32.43 -14.95
C LEU C 425 14.25 33.81 -14.31
N ASP C 426 13.11 34.48 -14.47
CA ASP C 426 12.92 35.85 -13.96
C ASP C 426 11.67 35.86 -13.06
N PHE C 427 11.87 35.53 -11.78
CA PHE C 427 10.80 35.60 -10.79
C PHE C 427 11.44 35.58 -9.40
N GLN C 428 10.61 35.86 -8.39
CA GLN C 428 11.03 35.75 -7.00
C GLN C 428 10.11 34.78 -6.26
N ILE C 429 10.72 33.95 -5.40
CA ILE C 429 10.07 32.83 -4.74
C ILE C 429 10.42 32.83 -3.26
N GLY C 430 9.53 32.29 -2.44
CA GLY C 430 9.76 32.10 -1.03
C GLY C 430 9.12 33.18 -0.18
N ARG C 431 9.16 32.97 1.13
CA ARG C 431 8.67 33.98 2.06
C ARG C 431 9.58 35.20 2.09
N ASN C 432 10.89 34.99 1.94
CA ASN C 432 11.80 36.12 1.79
C ASN C 432 11.72 36.74 0.39
N GLN C 433 11.06 36.07 -0.54
CA GLN C 433 10.90 36.53 -1.92
C GLN C 433 12.25 36.84 -2.55
N TYR C 434 13.11 35.83 -2.55
CA TYR C 434 14.48 36.00 -3.01
C TYR C 434 14.53 36.28 -4.51
N ASP C 435 15.44 37.15 -4.92
CA ASP C 435 15.59 37.47 -6.33
C ASP C 435 16.40 36.39 -7.03
N CYS C 436 15.74 35.57 -7.83
CA CYS C 436 16.37 34.47 -8.53
C CYS C 436 17.08 34.91 -9.81
N ASN C 437 17.13 36.21 -10.07
CA ASN C 437 17.81 36.73 -11.26
C ASN C 437 19.32 36.54 -11.21
N VAL C 438 19.89 36.18 -10.05
CA VAL C 438 21.33 36.03 -9.94
C VAL C 438 21.82 34.87 -10.80
N PHE C 439 21.04 33.81 -10.91
CA PHE C 439 21.53 32.56 -11.47
C PHE C 439 21.62 32.59 -12.99
N ARG C 440 21.59 33.75 -13.61
CA ARG C 440 22.01 33.86 -15.00
C ARG C 440 23.48 33.47 -15.11
N ALA C 441 23.82 32.79 -16.19
CA ALA C 441 25.18 32.31 -16.42
C ALA C 441 25.89 33.28 -17.34
N ASP C 442 26.53 34.29 -16.75
CA ASP C 442 27.39 35.22 -17.46
C ASP C 442 28.83 34.94 -17.05
N PHE C 443 29.72 34.81 -18.05
CA PHE C 443 31.12 34.54 -17.76
C PHE C 443 31.78 35.72 -17.05
N ALA C 444 31.21 36.92 -17.21
CA ALA C 444 31.77 38.10 -16.56
C ALA C 444 31.70 37.99 -15.05
N THR C 445 30.51 37.69 -14.52
CA THR C 445 30.37 37.52 -13.08
C THR C 445 30.62 36.08 -12.65
N GLY C 446 30.46 35.11 -13.54
CA GLY C 446 30.66 33.73 -13.20
C GLY C 446 29.55 33.06 -12.42
N THR C 447 28.41 33.74 -12.27
CA THR C 447 27.32 33.19 -11.48
C THR C 447 26.62 32.07 -12.23
N GLY C 448 26.17 31.06 -11.48
CA GLY C 448 25.59 29.87 -12.05
C GLY C 448 26.52 28.69 -12.14
N TYR C 449 27.75 28.83 -11.65
CA TYR C 449 28.77 27.79 -11.68
C TYR C 449 29.28 27.54 -10.27
N ASN C 450 30.37 26.79 -10.17
CA ASN C 450 30.91 26.46 -8.86
C ASN C 450 31.99 27.44 -8.41
N GLY C 451 32.72 28.02 -9.34
CA GLY C 451 33.76 28.96 -8.98
C GLY C 451 33.30 30.36 -8.72
N TRP C 452 32.00 30.59 -8.77
CA TRP C 452 31.45 31.91 -8.49
C TRP C 452 31.79 32.37 -7.07
N ALA C 453 32.30 33.61 -6.98
CA ALA C 453 32.71 34.23 -5.72
C ALA C 453 33.70 33.36 -4.95
N THR C 454 34.72 32.86 -5.67
CA THR C 454 35.70 31.96 -5.08
C THR C 454 37.05 32.18 -5.72
N ILE C 455 38.10 32.19 -4.89
CA ILE C 455 39.46 32.30 -5.41
C ILE C 455 39.83 31.00 -6.11
N ASP C 456 40.29 31.12 -7.36
CA ASP C 456 40.66 29.98 -8.19
C ASP C 456 42.11 30.02 -8.64
N VAL C 457 42.61 31.18 -9.04
CA VAL C 457 43.96 31.33 -9.55
C VAL C 457 44.78 32.11 -8.53
N GLU C 458 45.97 31.63 -8.23
CA GLU C 458 46.83 32.30 -7.27
C GLU C 458 48.28 32.00 -7.59
N TYR C 459 49.18 32.81 -7.05
CA TYR C 459 50.61 32.72 -7.30
C TYR C 459 51.30 32.66 -5.95
N ARG C 460 51.44 31.46 -5.40
CA ARG C 460 51.84 31.30 -4.01
C ARG C 460 53.36 31.40 -3.83
N GLU C 461 54.11 30.52 -4.48
CA GLU C 461 55.55 30.41 -4.27
C GLU C 461 56.25 30.33 -5.62
N PRO C 462 57.56 30.65 -5.67
CA PRO C 462 58.31 30.45 -6.92
C PRO C 462 58.27 29.02 -7.40
N ALA C 463 57.61 28.80 -8.53
CA ALA C 463 57.36 27.47 -9.03
C ALA C 463 58.60 26.91 -9.70
N PRO C 464 58.75 25.58 -9.72
CA PRO C 464 59.84 24.97 -10.51
C PRO C 464 59.80 25.32 -11.98
N TYR C 465 58.61 25.23 -12.62
CA TYR C 465 58.45 25.55 -14.04
C TYR C 465 58.07 27.02 -14.16
N VAL C 466 59.04 27.85 -14.54
CA VAL C 466 59.01 29.31 -14.37
C VAL C 466 57.86 30.02 -15.10
N HIS C 467 57.35 29.43 -16.17
CA HIS C 467 56.20 29.94 -16.91
C HIS C 467 54.82 29.48 -16.38
N ALA C 468 54.77 28.64 -15.32
CA ALA C 468 53.54 28.10 -14.75
C ALA C 468 53.62 28.22 -13.22
N GLN C 469 53.05 29.29 -12.68
CA GLN C 469 53.10 29.58 -11.26
C GLN C 469 51.85 29.17 -10.51
N ARG C 470 50.91 28.51 -11.17
CA ARG C 470 49.55 28.46 -10.66
C ARG C 470 49.38 27.39 -9.59
N TYR C 471 48.34 27.58 -8.78
CA TYR C 471 47.79 26.55 -7.92
C TYR C 471 46.28 26.74 -7.91
N ILE C 472 45.58 25.86 -8.61
CA ILE C 472 44.16 26.06 -8.92
C ILE C 472 43.35 25.35 -7.84
N ARG C 473 42.50 26.11 -7.16
CA ARG C 473 41.77 25.64 -5.99
C ARG C 473 40.27 25.78 -6.27
N TYR C 474 39.58 24.66 -6.40
CA TYR C 474 38.16 24.67 -6.66
C TYR C 474 37.39 24.73 -5.36
N CYS C 475 36.49 25.72 -5.25
CA CYS C 475 35.58 25.88 -4.11
C CYS C 475 36.33 26.07 -2.79
N GLY C 476 37.56 26.55 -2.85
CA GLY C 476 38.28 26.96 -1.66
C GLY C 476 39.13 25.91 -0.98
N ILE C 477 39.08 24.66 -1.43
CA ILE C 477 39.93 23.63 -0.85
C ILE C 477 41.36 23.84 -1.30
N ASP C 478 42.31 23.27 -0.56
CA ASP C 478 43.73 23.45 -0.85
C ASP C 478 44.39 22.13 -1.23
N SER C 479 45.41 22.21 -2.08
CA SER C 479 46.05 21.04 -2.66
C SER C 479 47.29 20.58 -1.91
N ARG C 480 47.52 21.12 -0.72
CA ARG C 480 48.70 20.76 0.06
C ARG C 480 48.41 19.74 1.16
N GLU C 481 47.16 19.62 1.59
CA GLU C 481 46.80 18.61 2.57
C GLU C 481 46.41 17.32 1.86
N LEU C 482 46.99 16.21 2.28
CA LEU C 482 46.57 14.92 1.76
C LEU C 482 45.19 14.58 2.31
N ILE C 483 44.38 13.93 1.48
CA ILE C 483 42.95 13.75 1.75
C ILE C 483 42.69 12.33 2.24
N ASN C 484 42.01 12.22 3.38
CA ASN C 484 41.51 10.96 3.91
C ASN C 484 40.04 10.86 3.52
N PRO C 485 39.73 10.23 2.39
CA PRO C 485 38.40 10.41 1.78
C PRO C 485 37.26 9.74 2.54
N THR C 486 37.55 8.86 3.49
CA THR C 486 36.45 8.22 4.22
C THR C 486 35.81 9.17 5.22
N THR C 487 36.57 10.12 5.76
CA THR C 487 36.09 11.02 6.80
C THR C 487 36.20 12.49 6.44
N TYR C 488 37.08 12.87 5.52
CA TYR C 488 37.20 14.25 5.10
C TYR C 488 35.90 14.75 4.48
N GLY C 489 35.59 16.01 4.73
CA GLY C 489 34.52 16.67 4.02
C GLY C 489 33.16 16.68 4.67
N ILE C 490 33.08 16.30 5.94
CA ILE C 490 31.80 16.33 6.64
C ILE C 490 31.31 17.78 6.77
N GLY C 491 32.21 18.69 7.12
CA GLY C 491 31.80 20.04 7.49
C GLY C 491 32.51 21.17 6.78
N MET C 492 32.78 21.03 5.49
CA MET C 492 33.34 22.11 4.70
C MET C 492 32.28 22.62 3.73
N THR C 493 32.33 23.92 3.43
CA THR C 493 31.30 24.53 2.60
C THR C 493 31.83 25.79 1.94
N TYR C 494 31.04 26.31 1.01
CA TYR C 494 31.29 27.60 0.36
C TYR C 494 29.96 28.32 0.10
N HIS C 495 29.99 29.34 -0.75
CA HIS C 495 28.82 30.21 -0.92
C HIS C 495 27.76 29.58 -1.81
N CYS C 496 28.14 29.15 -3.02
CA CYS C 496 27.17 28.77 -4.03
C CYS C 496 26.37 27.55 -3.62
N TYR C 497 27.02 26.57 -2.99
CA TYR C 497 26.32 25.36 -2.59
C TYR C 497 25.26 25.67 -1.54
N ASN C 498 25.62 26.49 -0.55
CA ASN C 498 24.68 26.88 0.50
C ASN C 498 23.50 27.66 -0.07
N GLU C 499 23.78 28.60 -0.98
CA GLU C 499 22.70 29.36 -1.59
C GLU C 499 21.81 28.46 -2.43
N MET C 500 22.40 27.48 -3.12
CA MET C 500 21.59 26.53 -3.89
C MET C 500 20.68 25.73 -2.97
N LEU C 501 21.20 25.31 -1.81
CA LEU C 501 20.36 24.64 -0.83
C LEU C 501 19.22 25.55 -0.37
N ARG C 502 19.53 26.82 -0.12
CA ARG C 502 18.52 27.76 0.35
C ARG C 502 17.42 27.96 -0.68
N MET C 503 17.77 28.07 -1.95
CA MET C 503 16.72 28.25 -2.96
C MET C 503 16.00 26.95 -3.27
N LEU C 504 16.65 25.80 -3.11
CA LEU C 504 15.94 24.53 -3.24
C LEU C 504 14.87 24.40 -2.18
N VAL C 505 15.21 24.74 -0.93
CA VAL C 505 14.19 24.77 0.11
C VAL C 505 13.15 25.83 -0.19
N ALA C 506 13.59 26.98 -0.72
CA ALA C 506 12.67 28.05 -1.08
C ALA C 506 11.69 27.62 -2.15
N ALA C 507 12.04 26.64 -2.98
CA ALA C 507 11.11 26.06 -3.93
C ALA C 507 10.23 24.98 -3.31
N GLY C 508 10.45 24.66 -2.04
CA GLY C 508 9.70 23.60 -1.38
C GLY C 508 10.20 22.20 -1.60
N LYS C 509 11.27 22.03 -2.38
CA LYS C 509 11.79 20.70 -2.71
C LYS C 509 12.68 20.23 -1.56
N ASP C 510 12.05 19.53 -0.61
CA ASP C 510 12.80 19.04 0.55
C ASP C 510 13.75 17.91 0.17
N SER C 511 13.28 16.97 -0.65
CA SER C 511 14.01 15.72 -0.88
C SER C 511 15.33 15.98 -1.57
N GLU C 512 15.34 16.86 -2.57
CA GLU C 512 16.58 17.19 -3.28
C GLU C 512 17.57 17.88 -2.34
N ALA C 513 17.07 18.73 -1.44
CA ALA C 513 17.93 19.37 -0.46
C ALA C 513 18.59 18.33 0.43
N ALA C 514 17.81 17.36 0.90
CA ALA C 514 18.37 16.30 1.73
C ALA C 514 19.41 15.49 0.96
N TYR C 515 19.13 15.22 -0.32
CA TYR C 515 20.03 14.43 -1.14
C TYR C 515 21.38 15.12 -1.31
N PHE C 516 21.34 16.40 -1.70
CA PHE C 516 22.57 17.14 -1.92
C PHE C 516 23.32 17.36 -0.60
N ARG C 517 22.60 17.62 0.48
CA ARG C 517 23.28 17.78 1.77
C ARG C 517 23.93 16.47 2.20
N SER C 518 23.28 15.34 1.90
CA SER C 518 23.83 14.06 2.27
C SER C 518 25.14 13.79 1.54
N MET C 519 25.16 14.02 0.23
CA MET C 519 26.38 13.73 -0.53
C MET C 519 27.24 14.95 -0.82
N LEU C 520 27.09 16.02 -0.04
CA LEU C 520 28.12 17.05 0.04
C LEU C 520 29.53 16.50 0.25
N PRO C 521 29.80 15.59 1.21
CA PRO C 521 31.17 15.07 1.33
C PRO C 521 31.65 14.35 0.08
N PHE C 522 30.78 13.54 -0.54
CA PHE C 522 31.12 12.87 -1.79
C PHE C 522 31.52 13.86 -2.87
N HIS C 523 30.67 14.87 -3.06
CA HIS C 523 30.91 15.95 -4.01
C HIS C 523 32.28 16.59 -3.80
N MET C 524 32.56 17.01 -2.58
CA MET C 524 33.78 17.77 -2.39
C MET C 524 35.01 16.87 -2.40
N VAL C 525 34.88 15.59 -2.03
CA VAL C 525 36.07 14.73 -2.05
C VAL C 525 36.45 14.38 -3.48
N ARG C 526 35.46 14.25 -4.38
CA ARG C 526 35.91 13.97 -5.75
C ARG C 526 36.48 15.21 -6.41
N PHE C 527 35.96 16.42 -6.10
CA PHE C 527 36.77 17.58 -6.45
C PHE C 527 38.12 17.62 -5.72
N ALA C 528 38.25 17.03 -4.54
CA ALA C 528 39.57 16.97 -3.91
C ALA C 528 40.52 16.09 -4.70
N ARG C 529 40.04 14.94 -5.18
CA ARG C 529 40.85 14.07 -6.01
C ARG C 529 41.23 14.75 -7.31
N ILE C 530 40.28 15.45 -7.93
CA ILE C 530 40.59 16.19 -9.16
C ILE C 530 41.60 17.29 -8.88
N ASN C 531 41.46 17.94 -7.72
CA ASN C 531 42.41 18.95 -7.30
C ASN C 531 43.82 18.38 -7.20
N GLN C 532 43.95 17.20 -6.61
CA GLN C 532 45.25 16.55 -6.53
C GLN C 532 45.80 16.25 -7.93
N ILE C 533 44.96 15.64 -8.77
CA ILE C 533 45.41 15.21 -10.10
C ILE C 533 45.78 16.40 -10.97
N ILE C 534 45.23 17.58 -10.68
CA ILE C 534 45.57 18.77 -11.43
C ILE C 534 46.80 19.46 -10.87
N ASN C 535 46.94 19.51 -9.55
CA ASN C 535 47.99 20.34 -8.98
C ASN C 535 49.26 19.59 -8.58
N GLU C 536 49.38 18.29 -8.86
CA GLU C 536 50.71 17.70 -8.70
C GLU C 536 51.20 16.96 -9.93
N ASP C 537 50.34 16.23 -10.62
CA ASP C 537 50.80 15.44 -11.77
C ASP C 537 51.05 16.31 -13.00
N LEU C 538 50.18 17.26 -13.29
CA LEU C 538 50.11 17.85 -14.61
C LEU C 538 51.04 19.05 -14.79
N HIS C 539 51.84 19.38 -13.79
CA HIS C 539 52.75 20.52 -13.90
C HIS C 539 53.95 20.11 -14.73
N SER C 540 54.07 20.67 -15.93
CA SER C 540 55.16 20.34 -16.84
C SER C 540 55.30 21.49 -17.83
N VAL C 541 56.31 21.44 -18.69
CA VAL C 541 56.48 22.43 -19.76
C VAL C 541 55.32 22.40 -20.76
N PHE C 542 54.46 21.38 -20.74
CA PHE C 542 53.36 21.33 -21.68
C PHE C 542 52.16 22.13 -21.22
N SER C 543 52.17 22.64 -19.98
CA SER C 543 51.04 23.38 -19.46
C SER C 543 50.88 24.69 -20.21
N LEU C 544 49.70 25.29 -20.04
CA LEU C 544 49.37 26.48 -20.80
C LEU C 544 50.10 27.68 -20.21
N PRO C 545 50.81 28.46 -21.02
CA PRO C 545 51.56 29.60 -20.49
C PRO C 545 50.65 30.68 -19.92
N ASP C 546 51.20 31.47 -18.99
CA ASP C 546 50.37 32.35 -18.17
C ASP C 546 49.70 33.44 -18.99
N ASP C 547 50.48 34.17 -19.79
CA ASP C 547 49.87 35.16 -20.68
C ASP C 547 48.99 34.47 -21.71
N MET C 548 49.41 33.28 -22.15
CA MET C 548 48.58 32.48 -23.04
C MET C 548 47.27 32.11 -22.37
N PHE C 549 47.33 31.76 -21.08
CA PHE C 549 46.15 31.33 -20.34
C PHE C 549 45.21 32.49 -20.06
N ASN C 550 45.75 33.69 -19.89
CA ASN C 550 44.92 34.83 -19.52
C ASN C 550 43.90 35.18 -20.60
N ALA C 551 44.15 34.81 -21.84
CA ALA C 551 43.38 35.33 -22.97
C ALA C 551 42.15 34.50 -23.31
N LEU C 552 41.94 33.35 -22.67
CA LEU C 552 40.87 32.45 -23.09
C LEU C 552 39.50 33.07 -22.89
N LEU C 553 39.28 33.73 -21.76
CA LEU C 553 37.99 34.39 -21.55
C LEU C 553 37.75 35.50 -22.56
N PRO C 554 38.69 36.43 -22.83
CA PRO C 554 38.49 37.31 -24.00
C PRO C 554 38.41 36.56 -25.31
N ASP C 555 39.13 35.45 -25.45
CA ASP C 555 39.05 34.65 -26.67
C ASP C 555 37.65 34.09 -26.85
N LEU C 556 37.05 33.56 -25.79
CA LEU C 556 35.74 32.95 -25.91
C LEU C 556 34.66 34.01 -26.11
N ILE C 557 34.72 35.11 -25.35
CA ILE C 557 33.62 36.05 -25.41
C ILE C 557 33.73 37.03 -26.59
N ALA C 558 34.94 37.24 -27.13
CA ALA C 558 35.09 38.20 -28.22
C ALA C 558 34.51 37.64 -29.52
N GLY C 559 34.82 36.39 -29.83
CA GLY C 559 34.38 35.77 -31.05
C GLY C 559 35.40 35.73 -32.17
N ALA C 560 36.66 36.05 -31.90
CA ALA C 560 37.73 35.97 -32.89
C ALA C 560 38.66 34.81 -32.54
N HIS C 561 39.62 34.56 -33.42
CA HIS C 561 40.52 33.43 -33.27
C HIS C 561 41.95 33.80 -33.61
N GLN C 562 42.41 34.96 -33.11
CA GLN C 562 43.85 35.25 -33.17
C GLN C 562 44.64 34.25 -32.35
N ASN C 563 44.10 33.86 -31.21
CA ASN C 563 44.69 32.85 -30.35
C ASN C 563 44.39 31.46 -30.92
N ALA C 564 45.06 30.45 -30.37
CA ALA C 564 44.71 29.07 -30.68
C ALA C 564 43.30 28.78 -30.20
N ASP C 565 42.50 28.20 -31.07
CA ASP C 565 41.14 27.84 -30.73
C ASP C 565 41.15 26.56 -29.88
N PRO C 566 40.61 26.59 -28.66
CA PRO C 566 40.54 25.36 -27.87
C PRO C 566 39.66 24.32 -28.54
N VAL C 567 40.03 23.04 -28.35
CA VAL C 567 39.24 21.96 -28.91
C VAL C 567 37.91 21.87 -28.18
N VAL C 568 36.93 21.26 -28.84
CA VAL C 568 35.58 21.15 -28.30
C VAL C 568 35.21 19.69 -28.17
N LEU C 569 34.28 19.41 -27.28
CA LEU C 569 33.84 18.05 -26.97
C LEU C 569 32.35 18.05 -26.75
N ASP C 570 31.70 16.92 -26.99
CA ASP C 570 30.24 16.83 -26.92
C ASP C 570 29.78 15.56 -26.21
N VAL C 571 28.80 15.72 -25.31
CA VAL C 571 28.24 14.61 -24.53
C VAL C 571 26.72 14.73 -24.47
N SER C 572 26.08 13.84 -23.71
CA SER C 572 24.64 13.77 -23.59
C SER C 572 24.15 14.35 -22.26
N TRP C 573 22.82 14.37 -22.10
CA TRP C 573 22.23 15.00 -20.91
C TRP C 573 22.30 14.09 -19.69
N ILE C 574 21.85 12.84 -19.82
CA ILE C 574 21.94 11.90 -18.70
C ILE C 574 23.39 11.57 -18.35
N SER C 575 24.32 11.90 -19.24
CA SER C 575 25.73 11.69 -18.99
C SER C 575 26.19 12.44 -17.75
N LEU C 576 25.74 13.68 -17.57
CA LEU C 576 26.15 14.41 -16.39
C LEU C 576 25.54 13.82 -15.13
N TRP C 577 24.32 13.27 -15.21
CA TRP C 577 23.79 12.53 -14.07
C TRP C 577 24.67 11.34 -13.71
N PHE C 578 25.05 10.53 -14.69
CA PHE C 578 25.88 9.39 -14.35
C PHE C 578 27.29 9.80 -13.97
N ALA C 579 27.69 11.02 -14.29
CA ALA C 579 28.96 11.54 -13.79
C ALA C 579 28.83 12.02 -12.35
N PHE C 580 27.66 12.54 -11.97
CA PHE C 580 27.49 13.13 -10.64
C PHE C 580 27.67 12.08 -9.55
N ASN C 581 26.99 10.95 -9.66
CA ASN C 581 26.98 9.96 -8.59
C ASN C 581 28.13 8.98 -8.68
N ARG C 582 29.24 9.39 -9.27
CA ARG C 582 30.46 8.59 -9.30
C ARG C 582 31.62 9.44 -8.83
N SER C 583 32.68 8.78 -8.37
CA SER C 583 33.90 9.47 -7.98
C SER C 583 35.11 8.74 -8.55
N PHE C 584 36.12 9.51 -8.93
CA PHE C 584 37.33 9.03 -9.56
C PHE C 584 38.42 8.87 -8.52
N GLU C 585 39.21 7.80 -8.64
CA GLU C 585 40.34 7.57 -7.76
C GLU C 585 41.58 7.23 -8.58
N PRO C 586 42.69 7.95 -8.39
CA PRO C 586 43.95 7.64 -9.10
C PRO C 586 44.77 6.56 -8.39
N THR C 587 44.30 5.32 -8.53
CA THR C 587 44.94 4.19 -7.89
C THR C 587 46.16 3.67 -8.66
N HIS C 588 46.33 4.07 -9.91
CA HIS C 588 47.51 3.69 -10.68
C HIS C 588 47.95 4.87 -11.55
N ARG C 589 49.09 5.45 -11.22
CA ARG C 589 49.60 6.60 -11.95
C ARG C 589 50.36 6.16 -13.20
N ASN C 590 50.49 7.07 -14.15
CA ASN C 590 51.14 6.76 -15.41
C ASN C 590 52.63 6.47 -15.19
N GLU C 591 53.15 5.54 -15.98
CA GLU C 591 54.49 5.01 -15.77
C GLU C 591 55.58 5.83 -16.45
N MET C 592 55.22 6.81 -17.28
CA MET C 592 56.20 7.60 -18.00
C MET C 592 56.46 8.95 -17.35
N LEU C 593 56.20 9.06 -16.04
CA LEU C 593 56.42 10.33 -15.36
C LEU C 593 57.90 10.61 -15.13
N GLU C 594 58.65 9.58 -14.71
CA GLU C 594 60.04 9.79 -14.32
C GLU C 594 60.95 10.14 -15.49
N VAL C 595 60.47 10.01 -16.73
CA VAL C 595 61.30 10.28 -17.89
C VAL C 595 60.97 11.59 -18.58
N ALA C 596 60.03 12.37 -18.04
CA ALA C 596 59.59 13.60 -18.70
C ALA C 596 60.68 14.66 -18.84
N PRO C 597 61.51 14.95 -17.83
CA PRO C 597 62.52 16.00 -17.94
C PRO C 597 63.56 15.67 -19.01
N LEU C 598 63.95 14.39 -19.09
CA LEU C 598 64.83 13.90 -20.14
C LEU C 598 64.22 14.14 -21.51
N ILE C 599 62.92 13.84 -21.66
CA ILE C 599 62.20 13.99 -22.92
C ILE C 599 62.23 15.45 -23.36
N GLU C 600 62.00 16.38 -22.44
CA GLU C 600 62.07 17.79 -22.80
C GLU C 600 63.46 18.21 -23.23
N SER C 601 64.50 17.77 -22.51
CA SER C 601 65.85 18.20 -22.85
C SER C 601 66.26 17.72 -24.23
N VAL C 602 65.96 16.46 -24.58
CA VAL C 602 66.21 16.01 -25.95
C VAL C 602 65.37 16.80 -26.93
N TYR C 603 64.06 16.93 -26.70
CA TYR C 603 63.17 17.57 -27.66
C TYR C 603 63.62 19.00 -27.95
N ALA C 604 63.94 19.75 -26.91
CA ALA C 604 64.46 21.10 -26.99
C ALA C 604 65.79 21.17 -27.73
N SER C 605 66.65 20.17 -27.53
CA SER C 605 67.91 20.11 -28.26
C SER C 605 67.63 19.94 -29.74
N GLU C 606 66.82 18.98 -30.16
CA GLU C 606 66.57 18.83 -31.60
C GLU C 606 65.95 20.09 -32.19
N LEU C 607 65.03 20.72 -31.46
CA LEU C 607 64.43 21.95 -31.96
C LEU C 607 65.47 23.04 -32.18
N SER C 608 66.40 23.19 -31.23
CA SER C 608 67.45 24.19 -31.39
C SER C 608 68.38 23.84 -32.54
N VAL C 609 68.62 22.54 -32.76
CA VAL C 609 69.46 22.13 -33.89
C VAL C 609 68.83 22.55 -35.21
N MET C 610 67.53 22.27 -35.39
CA MET C 610 66.91 22.70 -36.64
C MET C 610 66.80 24.22 -36.71
N LYS C 611 66.69 24.89 -35.56
CA LYS C 611 66.66 26.35 -35.56
C LYS C 611 67.97 26.92 -36.10
N VAL C 612 69.10 26.48 -35.57
CA VAL C 612 70.37 27.02 -36.05
C VAL C 612 70.64 26.62 -37.49
N ASP C 613 70.18 25.42 -37.91
CA ASP C 613 70.31 25.05 -39.30
C ASP C 613 69.53 26.00 -40.20
N MET C 614 68.30 26.36 -39.81
CA MET C 614 67.54 27.35 -40.55
C MET C 614 68.26 28.69 -40.58
N ARG C 615 68.74 29.13 -39.41
CA ARG C 615 69.37 30.44 -39.30
C ARG C 615 70.54 30.58 -40.26
N HIS C 616 71.39 29.57 -40.34
CA HIS C 616 72.56 29.80 -41.17
C HIS C 616 72.26 29.43 -42.62
N LEU C 617 71.50 28.37 -42.86
CA LEU C 617 71.25 27.90 -44.22
C LEU C 617 70.31 28.80 -45.01
N SER C 618 69.54 29.66 -44.35
CA SER C 618 68.74 30.61 -45.13
C SER C 618 69.59 31.65 -45.83
N LEU C 619 70.87 31.75 -45.50
CA LEU C 619 71.76 32.75 -46.06
C LEU C 619 72.65 32.20 -47.16
N MET C 620 72.27 31.09 -47.78
CA MET C 620 73.12 30.50 -48.83
C MET C 620 73.06 31.30 -50.12
N GLN C 621 71.87 31.76 -50.52
CA GLN C 621 71.71 32.32 -51.86
C GLN C 621 72.43 33.64 -51.99
N ARG C 622 72.48 34.44 -50.93
CA ARG C 622 73.14 35.74 -51.02
C ARG C 622 74.63 35.57 -51.25
N ARG C 623 75.26 34.61 -50.57
CA ARG C 623 76.69 34.40 -50.73
C ARG C 623 77.01 33.89 -52.13
N PHE C 624 76.16 33.01 -52.67
CA PHE C 624 76.37 32.39 -53.97
C PHE C 624 75.13 32.62 -54.82
N PRO C 625 75.12 33.69 -55.62
CA PRO C 625 73.95 33.94 -56.48
C PRO C 625 73.92 33.07 -57.72
N ASP C 626 75.06 32.76 -58.32
CA ASP C 626 75.10 32.16 -59.64
C ASP C 626 74.87 30.65 -59.63
N VAL C 627 74.76 30.03 -58.46
CA VAL C 627 74.53 28.58 -58.39
C VAL C 627 73.21 28.24 -57.71
N LEU C 628 72.57 29.20 -57.07
CA LEU C 628 71.27 29.01 -56.44
C LEU C 628 70.23 29.90 -57.10
N ILE C 629 70.28 29.96 -58.43
CA ILE C 629 69.46 30.91 -59.18
C ILE C 629 67.98 30.57 -59.05
N GLN C 630 67.63 29.31 -59.29
CA GLN C 630 66.25 28.87 -59.33
C GLN C 630 65.77 28.32 -58.00
N ALA C 631 66.59 28.39 -56.96
CA ALA C 631 66.30 27.72 -55.70
C ALA C 631 65.18 28.41 -54.94
N ARG C 632 64.77 27.77 -53.85
CA ARG C 632 63.71 28.22 -52.98
C ARG C 632 64.08 27.86 -51.56
N PRO C 633 63.54 28.55 -50.55
CA PRO C 633 63.72 28.08 -49.17
C PRO C 633 63.18 26.67 -48.93
N SER C 634 62.17 26.26 -49.69
CA SER C 634 61.66 24.90 -49.59
C SER C 634 62.75 23.87 -49.90
N HIS C 635 63.73 24.24 -50.71
CA HIS C 635 64.81 23.31 -51.04
C HIS C 635 65.60 22.91 -49.80
N PHE C 636 66.08 23.89 -49.02
CA PHE C 636 66.78 23.51 -47.81
C PHE C 636 65.83 23.03 -46.72
N TRP C 637 64.54 23.40 -46.80
CA TRP C 637 63.54 22.80 -45.92
C TRP C 637 63.52 21.29 -46.08
N LYS C 638 63.39 20.80 -47.32
CA LYS C 638 63.48 19.36 -47.54
C LYS C 638 64.88 18.82 -47.32
N ALA C 639 65.92 19.64 -47.50
CA ALA C 639 67.27 19.16 -47.22
C ALA C 639 67.42 18.80 -45.75
N VAL C 640 66.89 19.63 -44.85
CA VAL C 640 67.01 19.29 -43.44
C VAL C 640 65.97 18.26 -43.02
N LEU C 641 64.84 18.18 -43.73
CA LEU C 641 63.89 17.12 -43.43
C LEU C 641 64.46 15.76 -43.81
N ASN C 642 65.34 15.72 -44.82
CA ASN C 642 66.00 14.46 -45.17
C ASN C 642 67.09 14.10 -44.18
N ASP C 643 67.61 15.07 -43.43
CA ASP C 643 68.73 14.86 -42.53
C ASP C 643 68.36 15.13 -41.06
N SER C 644 67.20 14.63 -40.64
CA SER C 644 66.80 14.68 -39.25
C SER C 644 66.10 13.38 -38.87
N PRO C 645 66.19 12.97 -37.61
CA PRO C 645 65.47 11.77 -37.19
C PRO C 645 63.96 11.97 -37.25
N GLU C 646 63.24 10.85 -37.29
CA GLU C 646 61.80 10.85 -37.53
C GLU C 646 60.98 11.31 -36.33
N ALA C 647 61.59 11.36 -35.14
CA ALA C 647 60.82 11.62 -33.91
C ALA C 647 60.20 13.01 -33.92
N VAL C 648 61.02 14.04 -34.15
CA VAL C 648 60.49 15.39 -34.12
C VAL C 648 59.58 15.61 -35.33
N LYS C 649 59.83 14.90 -36.42
CA LYS C 649 58.94 14.97 -37.58
C LYS C 649 57.55 14.47 -37.22
N ALA C 650 57.45 13.36 -36.48
CA ALA C 650 56.14 12.89 -36.04
C ALA C 650 55.52 13.85 -35.02
N VAL C 651 56.36 14.42 -34.15
CA VAL C 651 55.83 15.34 -33.14
C VAL C 651 55.19 16.55 -33.81
N MET C 652 55.86 17.13 -34.81
CA MET C 652 55.26 18.22 -35.56
C MET C 652 54.18 17.74 -36.52
N ASN C 653 54.15 16.43 -36.83
CA ASN C 653 53.04 15.88 -37.60
C ASN C 653 51.74 15.93 -36.81
N LEU C 654 51.79 15.61 -35.51
CA LEU C 654 50.57 15.72 -34.69
C LEU C 654 50.02 17.14 -34.65
N SER C 655 50.85 18.15 -34.87
CA SER C 655 50.37 19.53 -34.89
C SER C 655 49.99 20.02 -36.28
N HIS C 656 50.96 20.04 -37.20
CA HIS C 656 50.80 20.65 -38.51
C HIS C 656 49.80 19.93 -39.40
N SER C 657 49.35 18.74 -39.00
CA SER C 657 48.32 18.05 -39.76
C SER C 657 47.01 18.85 -39.74
N HIS C 658 46.66 19.43 -38.60
CA HIS C 658 45.39 20.14 -38.49
C HIS C 658 45.45 21.50 -39.18
N ASN C 659 46.55 22.23 -39.05
CA ASN C 659 46.64 23.60 -39.53
C ASN C 659 47.91 23.81 -40.35
N PHE C 660 47.84 24.74 -41.29
CA PHE C 660 48.88 24.94 -42.30
C PHE C 660 49.92 25.95 -41.81
N ILE C 661 51.14 25.78 -42.31
CA ILE C 661 52.26 26.66 -42.01
C ILE C 661 52.96 27.04 -43.31
N ASN C 662 53.66 28.17 -43.29
CA ASN C 662 54.38 28.62 -44.47
C ASN C 662 55.81 29.00 -44.12
N ILE C 663 56.57 29.49 -45.11
CA ILE C 663 58.00 29.70 -44.90
C ILE C 663 58.27 30.88 -43.98
N ARG C 664 57.41 31.91 -44.03
CA ARG C 664 57.62 33.05 -43.13
C ARG C 664 57.27 32.70 -41.69
N ASP C 665 56.39 31.71 -41.50
CA ASP C 665 56.18 31.19 -40.16
C ASP C 665 57.48 30.62 -39.61
N MET C 666 58.18 29.85 -40.42
CA MET C 666 59.48 29.31 -40.01
C MET C 666 60.50 30.42 -39.82
N MET C 667 60.46 31.44 -40.67
CA MET C 667 61.41 32.55 -40.55
C MET C 667 61.22 33.33 -39.26
N ARG C 668 59.98 33.63 -38.91
CA ARG C 668 59.70 34.27 -37.62
C ARG C 668 60.02 33.33 -36.47
N TRP C 669 59.88 32.02 -36.70
CA TRP C 669 60.20 31.03 -35.69
C TRP C 669 61.70 31.01 -35.39
N VAL C 670 62.51 31.27 -36.42
CA VAL C 670 63.96 31.10 -36.26
C VAL C 670 64.65 32.41 -35.87
N MET C 671 64.07 33.57 -36.24
CA MET C 671 64.45 34.81 -35.55
C MET C 671 64.08 34.84 -34.07
N LEU C 672 63.24 33.93 -33.59
CA LEU C 672 63.04 33.84 -32.15
C LEU C 672 64.34 33.36 -31.50
N PRO C 673 64.87 34.09 -30.51
CA PRO C 673 66.20 33.77 -29.99
C PRO C 673 66.24 32.63 -28.99
N SER C 674 65.14 31.88 -28.81
CA SER C 674 65.06 30.78 -27.85
C SER C 674 65.88 29.56 -28.31
N LEU C 675 66.95 29.23 -27.59
CA LEU C 675 67.77 28.03 -27.84
C LEU C 675 68.16 27.37 -26.50
N GLN C 676 68.15 26.03 -26.45
CA GLN C 676 68.35 25.25 -25.22
C GLN C 676 69.82 24.79 -25.11
N PRO C 677 70.53 25.03 -24.00
CA PRO C 677 71.93 24.62 -23.87
C PRO C 677 72.12 23.11 -23.99
N SER C 678 73.06 22.67 -24.82
CA SER C 678 73.42 21.27 -25.01
C SER C 678 74.79 21.17 -25.65
N LEU C 679 75.49 20.04 -25.51
CA LEU C 679 76.75 19.85 -26.22
C LEU C 679 76.55 19.88 -27.73
N LYS C 680 75.53 19.23 -28.29
CA LYS C 680 75.43 19.16 -29.74
C LYS C 680 75.31 20.56 -30.33
N LEU C 681 74.54 21.43 -29.68
CA LEU C 681 74.41 22.81 -30.12
C LEU C 681 75.77 23.51 -30.12
N ALA C 682 76.55 23.32 -29.05
CA ALA C 682 77.86 23.95 -28.97
C ALA C 682 78.77 23.48 -30.10
N LEU C 683 78.83 22.16 -30.28
CA LEU C 683 79.69 21.59 -31.32
C LEU C 683 79.27 22.07 -32.70
N GLU C 684 77.99 22.01 -33.01
CA GLU C 684 77.55 22.43 -34.34
C GLU C 684 77.75 23.93 -34.53
N GLU C 685 77.51 24.74 -33.49
CA GLU C 685 77.61 26.17 -33.68
C GLU C 685 79.06 26.55 -33.99
N GLU C 686 80.00 25.99 -33.24
CA GLU C 686 81.38 26.32 -33.54
C GLU C 686 81.85 25.65 -34.82
N ALA C 687 81.21 24.55 -35.22
CA ALA C 687 81.53 23.91 -36.50
C ALA C 687 81.08 24.77 -37.68
N TRP C 688 79.84 25.26 -37.65
CA TRP C 688 79.36 26.11 -38.73
C TRP C 688 80.11 27.43 -38.74
N ALA C 689 80.53 27.91 -37.57
CA ALA C 689 81.42 29.07 -37.53
C ALA C 689 82.77 28.75 -38.16
N ALA C 690 83.26 27.53 -37.95
CA ALA C 690 84.51 27.10 -38.58
C ALA C 690 84.32 26.80 -40.06
N ALA C 691 83.12 26.37 -40.47
CA ALA C 691 82.83 26.04 -41.85
C ALA C 691 82.31 27.23 -42.64
N ASN C 692 82.63 28.46 -42.21
CA ASN C 692 82.13 29.63 -42.90
C ASN C 692 82.85 29.87 -44.22
N ASP C 693 84.15 29.56 -44.27
CA ASP C 693 84.92 29.72 -45.50
C ASP C 693 84.73 28.51 -46.39
N PHE C 694 84.09 28.73 -47.55
CA PHE C 694 83.85 27.63 -48.48
C PHE C 694 85.11 27.18 -49.19
N GLU C 695 86.23 27.89 -49.03
CA GLU C 695 87.51 27.38 -49.50
C GLU C 695 87.84 26.06 -48.83
N ASP C 696 87.61 25.96 -47.51
CA ASP C 696 87.73 24.69 -46.81
C ASP C 696 86.65 23.70 -47.22
N LEU C 697 85.62 24.16 -47.94
CA LEU C 697 84.54 23.30 -48.40
C LEU C 697 84.80 22.73 -49.79
N MET C 698 86.09 22.58 -50.15
CA MET C 698 86.57 21.89 -51.36
C MET C 698 85.82 22.29 -52.64
N LEU C 699 85.32 23.53 -52.70
CA LEU C 699 84.64 24.03 -53.89
C LEU C 699 85.21 25.40 -54.24
N THR C 700 85.54 25.60 -55.50
CA THR C 700 86.18 26.82 -55.94
C THR C 700 85.84 27.10 -57.39
N ASP C 701 86.16 28.32 -57.82
CA ASP C 701 85.99 28.75 -59.19
C ASP C 701 87.29 29.27 -59.79
N GLN C 702 88.37 29.32 -59.00
CA GLN C 702 89.64 29.88 -59.45
C GLN C 702 90.38 28.87 -60.34
N VAL C 703 89.74 28.55 -61.47
CA VAL C 703 90.25 27.56 -62.40
C VAL C 703 90.57 28.25 -63.72
N TYR C 704 91.57 27.72 -64.42
CA TYR C 704 92.05 28.31 -65.65
C TYR C 704 92.57 27.23 -66.59
N MET C 705 92.32 27.43 -67.87
CA MET C 705 92.86 26.59 -68.94
C MET C 705 94.05 27.35 -69.52
N HIS C 706 95.25 26.99 -69.08
CA HIS C 706 96.42 27.73 -69.55
C HIS C 706 97.57 26.76 -69.86
N ARG C 707 98.09 26.90 -71.07
CA ARG C 707 99.20 26.08 -71.58
C ARG C 707 100.49 26.49 -70.91
N ASP C 708 101.12 25.55 -70.21
CA ASP C 708 102.46 25.69 -69.68
C ASP C 708 103.25 24.43 -69.96
N MET C 709 104.57 24.52 -69.77
CA MET C 709 105.48 23.45 -70.13
C MET C 709 106.02 22.79 -68.87
N LEU C 710 106.01 21.46 -68.86
CA LEU C 710 106.59 20.74 -67.75
C LEU C 710 108.10 20.94 -67.72
N PRO C 711 108.70 21.16 -66.55
CA PRO C 711 110.15 21.23 -66.47
C PRO C 711 110.78 19.90 -66.84
N GLU C 712 111.88 19.99 -67.58
CA GLU C 712 112.64 18.81 -68.05
C GLU C 712 114.09 19.07 -67.68
N PRO C 713 114.47 18.71 -66.46
CA PRO C 713 115.70 19.27 -65.87
C PRO C 713 116.98 18.72 -66.50
N ARG C 714 118.06 19.45 -66.23
CA ARG C 714 119.39 19.07 -66.67
C ARG C 714 120.12 18.46 -65.48
N LEU C 715 120.59 17.22 -65.65
CA LEU C 715 121.24 16.48 -64.56
C LEU C 715 122.76 16.60 -64.66
N ASP C 716 123.24 17.84 -64.46
CA ASP C 716 124.68 18.06 -64.41
C ASP C 716 125.32 17.33 -63.23
N ASP C 717 124.65 17.34 -62.09
CA ASP C 717 125.07 16.56 -60.93
C ASP C 717 123.88 15.78 -60.42
N ILE C 718 124.01 14.45 -60.40
CA ILE C 718 122.92 13.61 -59.92
C ILE C 718 122.78 13.73 -58.41
N GLU C 719 123.90 13.83 -57.68
CA GLU C 719 123.86 13.82 -56.23
C GLU C 719 123.23 15.10 -55.67
N ARG C 720 123.66 16.26 -56.18
CA ARG C 720 123.10 17.52 -55.70
C ARG C 720 121.61 17.62 -56.04
N PHE C 721 121.23 17.16 -57.24
CA PHE C 721 119.82 17.17 -57.62
C PHE C 721 119.02 16.21 -56.76
N ARG C 722 119.62 15.08 -56.38
CA ARG C 722 118.91 14.12 -55.53
C ARG C 722 118.75 14.64 -54.10
N GLN C 723 119.73 15.37 -53.59
CA GLN C 723 119.58 15.90 -52.23
C GLN C 723 118.43 16.89 -52.15
N GLU C 724 118.26 17.73 -53.17
CA GLU C 724 117.11 18.62 -53.19
C GLU C 724 115.86 17.86 -53.63
N GLY C 725 114.71 18.32 -53.17
CA GLY C 725 113.46 17.71 -53.54
C GLY C 725 112.71 18.53 -54.56
N PHE C 726 112.58 18.01 -55.77
CA PHE C 726 111.87 18.70 -56.85
C PHE C 726 110.52 18.04 -57.09
N TYR C 727 109.48 18.87 -57.17
CA TYR C 727 108.13 18.39 -57.43
C TYR C 727 107.44 19.36 -58.38
N TYR C 728 106.43 18.86 -59.07
CA TYR C 728 105.61 19.68 -59.94
C TYR C 728 104.18 19.72 -59.43
N THR C 729 103.57 20.89 -59.54
CA THR C 729 102.14 21.06 -59.31
C THR C 729 101.65 22.22 -60.17
N ASN C 730 100.47 22.05 -60.75
CA ASN C 730 99.84 23.16 -61.43
C ASN C 730 99.05 24.08 -60.49
N MET C 731 99.34 23.99 -59.20
CA MET C 731 98.79 24.92 -58.22
C MET C 731 99.25 26.34 -58.54
N LEU C 732 98.34 27.29 -58.36
CA LEU C 732 98.60 28.70 -58.66
C LEU C 732 98.83 29.45 -57.37
N GLU C 733 99.97 30.14 -57.27
CA GLU C 733 100.28 30.90 -56.07
C GLU C 733 99.33 32.07 -55.89
N ALA C 734 99.00 32.77 -56.97
CA ALA C 734 98.11 33.92 -56.90
C ALA C 734 97.31 34.01 -58.19
N PRO C 735 96.07 34.56 -58.15
CA PRO C 735 95.30 34.77 -59.36
C PRO C 735 96.09 35.71 -60.28
N PRO C 736 96.05 35.51 -61.60
CA PRO C 736 96.75 36.36 -62.57
C PRO C 736 96.11 37.74 -62.64
N GLU C 737 96.74 38.66 -63.38
CA GLU C 737 96.15 39.97 -63.59
C GLU C 737 94.92 39.86 -64.47
N ILE C 738 93.95 40.76 -64.26
CA ILE C 738 92.68 40.68 -64.95
C ILE C 738 92.82 40.94 -66.44
N ASP C 739 93.94 41.52 -66.89
CA ASP C 739 94.16 41.77 -68.30
C ASP C 739 94.54 40.51 -69.09
N ARG C 740 94.91 39.43 -68.42
CA ARG C 740 95.25 38.19 -69.11
C ARG C 740 94.13 37.16 -69.09
N VAL C 741 92.98 37.49 -68.52
CA VAL C 741 91.86 36.56 -68.42
C VAL C 741 90.59 37.23 -68.91
N VAL C 742 89.75 36.45 -69.59
CA VAL C 742 88.44 36.91 -70.05
C VAL C 742 87.39 35.98 -69.47
N GLN C 743 86.30 36.56 -68.98
CA GLN C 743 85.23 35.77 -68.39
C GLN C 743 84.31 35.24 -69.47
N TYR C 744 84.03 33.94 -69.43
CA TYR C 744 83.16 33.29 -70.41
C TYR C 744 81.97 32.67 -69.72
N THR C 745 80.80 32.88 -70.29
CA THR C 745 79.54 32.30 -69.85
C THR C 745 79.00 31.38 -70.95
N TYR C 746 77.83 30.81 -70.70
CA TYR C 746 77.17 30.00 -71.70
C TYR C 746 76.74 30.84 -72.90
N GLU C 747 76.38 32.11 -72.68
CA GLU C 747 75.82 32.92 -73.74
C GLU C 747 76.88 33.32 -74.77
N ILE C 748 78.04 33.77 -74.30
CA ILE C 748 79.11 34.15 -75.23
C ILE C 748 79.60 32.93 -76.00
N ALA C 749 79.70 31.77 -75.33
CA ALA C 749 80.09 30.55 -76.01
C ALA C 749 79.05 30.14 -77.04
N ARG C 750 77.77 30.31 -76.71
CA ARG C 750 76.71 29.97 -77.66
C ARG C 750 76.78 30.84 -78.90
N LEU C 751 76.98 32.14 -78.73
CA LEU C 751 77.08 33.00 -79.91
C LEU C 751 78.38 32.73 -80.68
N GLN C 752 79.45 32.38 -79.97
CA GLN C 752 80.71 32.02 -80.61
C GLN C 752 80.53 30.80 -81.49
N ALA C 753 79.82 29.79 -81.00
CA ALA C 753 79.53 28.62 -81.83
C ALA C 753 78.56 28.97 -82.95
N ASN C 754 77.62 29.88 -82.67
CA ASN C 754 76.61 30.25 -83.67
C ASN C 754 77.23 30.91 -84.88
N MET C 755 78.21 31.79 -84.67
CA MET C 755 78.81 32.48 -85.80
C MET C 755 79.63 31.52 -86.66
N GLY C 756 80.08 30.41 -86.12
CA GLY C 756 80.96 29.51 -86.82
C GLY C 756 82.43 29.81 -86.67
N GLN C 757 82.84 30.50 -85.61
CA GLN C 757 84.24 30.82 -85.34
C GLN C 757 84.58 30.55 -83.89
N PHE C 758 84.10 29.43 -83.35
CA PHE C 758 84.29 29.10 -81.95
C PHE C 758 85.71 28.63 -81.66
N ARG C 759 86.09 27.49 -82.25
CA ARG C 759 87.39 26.90 -81.94
C ARG C 759 88.54 27.79 -82.38
N ALA C 760 88.39 28.46 -83.53
CA ALA C 760 89.45 29.32 -84.03
C ALA C 760 89.74 30.47 -83.07
N ALA C 761 88.68 31.02 -82.46
CA ALA C 761 88.87 32.07 -81.46
C ALA C 761 89.66 31.56 -80.28
N LEU C 762 89.37 30.35 -79.82
CA LEU C 762 90.10 29.78 -78.70
C LEU C 762 91.56 29.54 -79.05
N ARG C 763 91.82 29.01 -80.26
CA ARG C 763 93.21 28.80 -80.66
C ARG C 763 93.96 30.12 -80.77
N ARG C 764 93.30 31.17 -81.28
CA ARG C 764 93.93 32.48 -81.37
C ARG C 764 94.25 33.05 -79.99
N ILE C 765 93.24 33.06 -79.10
CA ILE C 765 93.43 33.65 -77.79
C ILE C 765 94.43 32.84 -76.97
N MET C 766 94.59 31.55 -77.29
CA MET C 766 95.59 30.81 -76.54
C MET C 766 96.97 30.99 -77.17
N ASP C 767 97.04 31.24 -78.47
CA ASP C 767 98.29 31.72 -79.05
C ASP C 767 98.69 33.05 -78.43
N ASP C 768 97.70 33.83 -77.98
CA ASP C 768 97.97 35.04 -77.20
C ASP C 768 98.51 34.74 -75.81
N ASP C 769 98.48 33.47 -75.39
CA ASP C 769 98.99 33.02 -74.09
C ASP C 769 98.26 33.72 -72.94
N ASP C 770 96.96 33.44 -72.86
CA ASP C 770 96.08 34.06 -71.88
C ASP C 770 95.48 33.00 -70.95
N TRP C 771 94.52 33.45 -70.14
CA TRP C 771 93.86 32.61 -69.15
C TRP C 771 92.36 32.68 -69.40
N VAL C 772 91.66 31.59 -69.09
CA VAL C 772 90.23 31.49 -69.33
C VAL C 772 89.55 31.01 -68.05
N ARG C 773 88.52 31.73 -67.62
CA ARG C 773 87.72 31.36 -66.45
C ARG C 773 86.36 30.91 -66.97
N PHE C 774 86.25 29.63 -67.30
CA PHE C 774 85.02 29.08 -67.87
C PHE C 774 83.94 29.05 -66.79
N GLY C 775 83.08 30.05 -66.80
CA GLY C 775 81.91 30.05 -65.93
C GLY C 775 82.25 30.37 -64.49
N GLY C 776 81.22 30.80 -63.76
CA GLY C 776 81.37 31.09 -62.36
C GLY C 776 80.81 29.98 -61.49
N VAL C 777 80.41 28.89 -62.14
CA VAL C 777 79.84 27.75 -61.45
C VAL C 777 80.94 27.03 -60.69
N LEU C 778 80.68 26.73 -59.41
CA LEU C 778 81.66 26.05 -58.57
C LEU C 778 81.93 24.64 -59.09
N ARG C 779 83.10 24.13 -58.77
CA ARG C 779 83.51 22.79 -59.19
C ARG C 779 84.04 22.00 -58.01
N THR C 780 83.84 20.68 -58.07
CA THR C 780 84.41 19.78 -57.08
C THR C 780 85.90 19.61 -57.34
N VAL C 781 86.69 19.56 -56.27
CA VAL C 781 88.14 19.45 -56.37
C VAL C 781 88.58 18.07 -55.87
N ARG C 782 89.64 17.55 -56.49
CA ARG C 782 90.13 16.20 -56.22
C ARG C 782 91.66 16.22 -56.14
N VAL C 783 92.21 15.51 -55.16
CA VAL C 783 93.65 15.49 -54.90
C VAL C 783 94.25 14.18 -55.38
N LYS C 784 95.38 14.27 -56.08
CA LYS C 784 96.15 13.12 -56.54
C LYS C 784 97.63 13.27 -56.21
N PHE C 785 98.29 12.14 -56.02
CA PHE C 785 99.75 12.02 -55.94
C PHE C 785 100.19 10.93 -56.90
N TYR C 786 101.32 11.13 -57.57
CA TYR C 786 101.82 10.14 -58.51
C TYR C 786 103.34 10.08 -58.43
N ASP C 787 103.89 8.99 -58.97
CA ASP C 787 105.33 8.85 -59.13
C ASP C 787 105.78 8.93 -60.57
N ALA C 788 104.89 8.71 -61.53
CA ALA C 788 105.21 8.75 -62.95
C ALA C 788 104.38 9.85 -63.61
N ARG C 789 104.44 9.90 -64.93
CA ARG C 789 103.63 10.85 -65.67
C ARG C 789 102.15 10.51 -65.52
N PRO C 790 101.27 11.50 -65.45
CA PRO C 790 99.84 11.23 -65.39
C PRO C 790 99.33 10.81 -66.76
N PRO C 791 98.14 10.23 -66.84
CA PRO C 791 97.57 9.90 -68.15
C PRO C 791 97.25 11.15 -68.96
N ASP C 792 97.19 10.95 -70.28
CA ASP C 792 96.93 12.06 -71.20
C ASP C 792 95.57 12.69 -70.97
N ASP C 793 94.60 11.91 -70.45
CA ASP C 793 93.25 12.42 -70.28
C ASP C 793 93.21 13.58 -69.28
N VAL C 794 93.96 13.47 -68.19
CA VAL C 794 93.95 14.54 -67.20
C VAL C 794 94.93 15.66 -67.58
N LEU C 795 95.93 15.35 -68.40
CA LEU C 795 96.92 16.37 -68.74
C LEU C 795 96.44 17.24 -69.89
N GLN C 796 96.19 16.64 -71.06
CA GLN C 796 95.81 17.39 -72.25
C GLN C 796 94.33 17.74 -72.29
N GLY C 797 93.56 17.37 -71.27
CA GLY C 797 92.12 17.50 -71.35
C GLY C 797 91.68 18.96 -71.34
N LEU C 798 90.51 19.21 -71.90
CA LEU C 798 89.80 20.48 -72.04
C LEU C 798 88.77 20.66 -70.94
N PRO C 799 88.53 21.88 -70.51
CA PRO C 799 87.58 22.12 -69.41
C PRO C 799 86.16 22.31 -69.89
N PHE C 800 85.85 21.89 -71.11
CA PHE C 800 84.52 22.11 -71.66
C PHE C 800 84.15 20.95 -72.56
N SER C 801 83.05 21.11 -73.29
CA SER C 801 82.59 20.12 -74.25
C SER C 801 81.84 20.84 -75.36
N TYR C 802 81.98 20.33 -76.58
CA TYR C 802 81.41 20.98 -77.76
C TYR C 802 81.07 19.91 -78.78
N ASP C 803 79.79 19.76 -79.09
CA ASP C 803 79.36 18.81 -80.10
C ASP C 803 78.42 19.46 -81.10
N THR C 804 78.41 18.90 -82.31
CA THR C 804 77.60 19.42 -83.40
C THR C 804 77.26 18.26 -84.33
N ASN C 805 75.98 18.12 -84.64
CA ASN C 805 75.51 17.07 -85.54
C ASN C 805 74.49 17.62 -86.52
N GLU C 806 74.11 16.76 -87.46
CA GLU C 806 73.15 17.11 -88.50
C GLU C 806 71.90 16.27 -88.32
N ARG C 807 70.74 16.88 -88.48
CA ARG C 807 69.47 16.15 -88.39
C ARG C 807 68.42 16.83 -89.25
N GLY C 808 67.90 16.09 -90.22
CA GLY C 808 66.76 16.53 -91.00
C GLY C 808 66.95 17.85 -91.72
N GLY C 809 68.14 18.09 -92.27
CA GLY C 809 68.40 19.34 -92.93
C GLY C 809 68.78 20.48 -92.02
N LEU C 810 68.98 20.22 -90.73
CA LEU C 810 69.33 21.25 -89.76
C LEU C 810 70.62 20.90 -89.05
N ALA C 811 71.28 21.93 -88.54
CA ALA C 811 72.52 21.79 -87.77
C ALA C 811 72.21 22.03 -86.30
N TYR C 812 72.65 21.09 -85.45
CA TYR C 812 72.44 21.18 -84.01
C TYR C 812 73.80 21.23 -83.32
N ALA C 813 73.89 22.01 -82.25
CA ALA C 813 75.14 22.16 -81.53
C ALA C 813 74.85 22.38 -80.05
N THR C 814 75.67 21.75 -79.20
CA THR C 814 75.54 21.91 -77.75
C THR C 814 76.93 22.11 -77.15
N ILE C 815 77.02 22.94 -76.12
CA ILE C 815 78.27 23.24 -75.42
C ILE C 815 78.06 23.08 -73.93
N LYS C 816 79.02 22.43 -73.27
CA LYS C 816 79.03 22.16 -71.84
C LYS C 816 80.28 22.75 -71.20
N TYR C 817 80.18 23.03 -69.91
CA TYR C 817 81.29 23.46 -69.07
C TYR C 817 81.60 22.35 -68.07
N ALA C 818 82.89 22.06 -67.87
CA ALA C 818 83.26 20.99 -66.97
C ALA C 818 82.91 21.35 -65.53
N THR C 819 82.40 20.36 -64.81
CA THR C 819 82.04 20.52 -63.40
C THR C 819 83.01 19.83 -62.46
N GLU C 820 83.86 18.94 -62.96
CA GLU C 820 84.82 18.20 -62.16
C GLU C 820 86.22 18.66 -62.49
N THR C 821 86.96 19.09 -61.48
CA THR C 821 88.35 19.49 -61.64
C THR C 821 89.20 18.86 -60.54
N THR C 822 90.49 18.69 -60.82
CA THR C 822 91.36 18.00 -59.89
C THR C 822 92.68 18.72 -59.75
N ILE C 823 93.31 18.50 -58.60
CA ILE C 823 94.65 18.99 -58.30
C ILE C 823 95.53 17.77 -58.07
N PHE C 824 96.76 17.82 -58.59
CA PHE C 824 97.64 16.67 -58.54
C PHE C 824 99.08 17.11 -58.37
N TYR C 825 99.90 16.22 -57.84
CA TYR C 825 101.31 16.48 -57.55
C TYR C 825 102.15 15.42 -58.25
N LEU C 826 103.27 15.86 -58.82
CA LEU C 826 104.14 14.99 -59.62
C LEU C 826 105.53 14.96 -59.00
N ILE C 827 106.07 13.75 -58.83
CA ILE C 827 107.37 13.53 -58.22
C ILE C 827 108.33 13.02 -59.28
N TYR C 828 109.56 13.53 -59.27
CA TYR C 828 110.59 13.08 -60.20
C TYR C 828 111.57 12.15 -59.46
N ASN C 829 111.70 10.93 -59.95
CA ASN C 829 112.65 9.96 -59.43
C ASN C 829 113.70 9.69 -60.50
N VAL C 830 114.97 9.81 -60.13
CA VAL C 830 116.07 9.68 -61.07
C VAL C 830 116.92 8.48 -60.68
N GLU C 831 117.57 7.89 -61.69
CA GLU C 831 118.50 6.79 -61.50
C GLU C 831 119.93 7.30 -61.64
N PHE C 832 120.86 6.61 -60.96
CA PHE C 832 122.24 7.07 -60.92
C PHE C 832 122.91 6.99 -62.30
N SER C 833 122.66 5.92 -63.03
CA SER C 833 123.28 5.72 -64.35
C SER C 833 122.39 6.29 -65.45
N ASN C 834 122.17 7.60 -65.38
CA ASN C 834 121.32 8.32 -66.32
C ASN C 834 122.11 9.46 -66.94
N THR C 835 121.80 9.76 -68.20
CA THR C 835 122.44 10.88 -68.87
C THR C 835 121.90 12.20 -68.33
N PRO C 836 122.70 13.26 -68.35
CA PRO C 836 122.20 14.58 -67.92
C PRO C 836 121.01 15.09 -68.74
N ASP C 837 120.95 14.77 -70.03
CA ASP C 837 119.85 15.19 -70.89
C ASP C 837 118.87 14.07 -71.16
N SER C 838 118.70 13.15 -70.20
CA SER C 838 117.81 12.01 -70.38
C SER C 838 116.37 12.46 -70.58
N LEU C 839 115.92 13.43 -69.80
CA LEU C 839 114.55 13.91 -69.90
C LEU C 839 114.38 14.99 -70.97
N VAL C 840 115.46 15.38 -71.64
CA VAL C 840 115.39 16.43 -72.65
C VAL C 840 114.69 15.89 -73.89
N LEU C 841 113.65 16.61 -74.33
CA LEU C 841 112.85 16.22 -75.47
C LEU C 841 112.89 17.34 -76.52
N ILE C 842 112.66 16.97 -77.78
CA ILE C 842 112.63 17.97 -78.84
C ILE C 842 111.41 18.87 -78.70
N ASN C 843 110.33 18.35 -78.11
CA ASN C 843 109.09 19.09 -77.98
C ASN C 843 108.58 18.95 -76.55
N PRO C 844 108.52 20.03 -75.78
CA PRO C 844 107.98 19.95 -74.42
C PRO C 844 106.48 19.70 -74.43
N THR C 845 105.99 19.11 -73.35
CA THR C 845 104.59 18.75 -73.25
C THR C 845 103.74 19.96 -72.83
N TYR C 846 102.47 19.91 -73.20
CA TYR C 846 101.53 20.97 -72.89
C TYR C 846 100.59 20.52 -71.76
N THR C 847 100.45 21.37 -70.76
CA THR C 847 99.47 21.16 -69.70
C THR C 847 98.53 22.35 -69.67
N MET C 848 97.24 22.08 -69.47
CA MET C 848 96.22 23.11 -69.63
C MET C 848 95.26 23.18 -68.45
N THR C 849 95.71 22.81 -67.25
CA THR C 849 94.89 22.91 -66.05
C THR C 849 95.64 23.69 -65.00
N LYS C 850 95.00 24.74 -64.46
CA LYS C 850 95.61 25.56 -63.43
C LYS C 850 94.55 25.93 -62.39
N VAL C 851 94.83 25.68 -61.12
CA VAL C 851 93.89 25.93 -60.05
C VAL C 851 94.62 26.66 -58.93
N PHE C 852 93.96 27.65 -58.32
CA PHE C 852 94.54 28.45 -57.26
C PHE C 852 93.84 28.15 -55.93
N ILE C 853 94.64 28.02 -54.87
CA ILE C 853 94.14 27.82 -53.51
C ILE C 853 94.94 28.72 -52.57
N ASN C 854 94.23 29.45 -51.71
CA ASN C 854 94.91 30.20 -50.64
C ASN C 854 95.65 29.26 -49.69
N LYS C 855 94.98 28.21 -49.24
CA LYS C 855 95.52 27.37 -48.18
C LYS C 855 96.73 26.58 -48.65
N ARG C 856 97.75 26.53 -47.81
CA ARG C 856 98.98 25.80 -48.12
C ARG C 856 98.76 24.33 -47.80
N ILE C 857 98.22 23.61 -48.78
CA ILE C 857 97.83 22.22 -48.56
C ILE C 857 99.05 21.33 -48.40
N VAL C 858 100.07 21.52 -49.22
CA VAL C 858 101.24 20.64 -49.28
C VAL C 858 102.48 21.52 -49.25
N GLU C 859 103.46 21.17 -48.44
CA GLU C 859 104.64 22.02 -48.33
C GLU C 859 105.91 21.21 -48.30
N ARG C 860 106.95 21.72 -48.95
CA ARG C 860 108.28 21.11 -48.85
C ARG C 860 108.99 21.66 -47.62
N VAL C 861 109.49 20.76 -46.77
CA VAL C 861 110.01 21.12 -45.45
C VAL C 861 111.42 20.59 -45.31
N ARG C 862 112.28 21.42 -44.72
CA ARG C 862 113.65 21.07 -44.35
C ARG C 862 113.66 20.18 -43.10
N VAL C 863 114.86 19.92 -42.59
CA VAL C 863 115.02 18.95 -41.51
C VAL C 863 114.46 19.48 -40.19
N GLY C 864 114.76 20.73 -39.84
CA GLY C 864 114.37 21.24 -38.54
C GLY C 864 113.00 21.87 -38.51
N GLN C 865 112.46 22.22 -39.67
CA GLN C 865 111.21 22.97 -39.75
C GLN C 865 109.99 22.06 -39.64
N ILE C 866 110.19 20.74 -39.55
CA ILE C 866 109.06 19.83 -39.39
C ILE C 866 108.40 20.02 -38.03
N LEU C 867 109.20 20.15 -36.98
CA LEU C 867 108.68 20.22 -35.62
C LEU C 867 108.22 21.61 -35.22
N ALA C 868 108.33 22.59 -36.12
CA ALA C 868 107.75 23.90 -35.86
C ALA C 868 106.23 23.86 -35.82
N VAL C 869 105.62 22.78 -36.30
CA VAL C 869 104.17 22.61 -36.26
C VAL C 869 103.65 22.48 -34.83
N LEU C 870 104.53 22.25 -33.87
CA LEU C 870 104.10 22.03 -32.50
C LEU C 870 103.63 23.33 -31.85
N ASN C 871 102.37 23.68 -32.07
CA ASN C 871 101.81 24.86 -31.41
C ASN C 871 100.37 24.64 -30.95
N ARG C 872 99.98 23.41 -30.66
CA ARG C 872 98.63 23.10 -30.20
C ARG C 872 98.68 22.73 -28.72
N ARG C 873 97.91 23.46 -27.91
CA ARG C 873 97.88 23.27 -26.47
C ARG C 873 96.83 22.22 -26.13
N PHE C 874 97.27 21.03 -25.70
CA PHE C 874 96.38 19.90 -25.51
C PHE C 874 96.28 19.52 -24.03
N VAL C 875 95.05 19.19 -23.63
CA VAL C 875 94.71 18.86 -22.25
C VAL C 875 94.63 17.33 -22.15
N ALA C 876 95.03 16.80 -20.99
CA ALA C 876 94.96 15.38 -20.73
C ALA C 876 94.43 15.13 -19.34
N TYR C 877 93.74 14.00 -19.18
CA TYR C 877 93.32 13.50 -17.87
C TYR C 877 94.14 12.27 -17.53
N LYS C 878 94.51 12.15 -16.26
CA LYS C 878 95.45 11.12 -15.84
C LYS C 878 94.86 9.72 -16.05
N GLY C 879 95.73 8.76 -16.31
CA GLY C 879 95.30 7.37 -16.44
C GLY C 879 94.82 6.78 -15.14
N LYS C 880 95.14 7.40 -14.01
CA LYS C 880 94.60 6.97 -12.73
C LYS C 880 93.25 7.60 -12.41
N MET C 881 92.69 8.38 -13.34
CA MET C 881 91.35 8.90 -13.18
C MET C 881 90.34 7.90 -13.77
N ARG C 882 89.06 8.21 -13.63
CA ARG C 882 88.01 7.44 -14.29
C ARG C 882 86.89 8.38 -14.70
N ILE C 883 86.20 8.02 -15.77
CA ILE C 883 85.13 8.82 -16.34
C ILE C 883 83.88 7.98 -16.45
N MET C 884 82.76 8.55 -15.98
CA MET C 884 81.46 7.93 -16.14
C MET C 884 80.49 8.97 -16.67
N ASP C 885 79.31 8.51 -17.08
CA ASP C 885 78.22 9.40 -17.43
C ASP C 885 76.95 9.00 -16.68
N ILE C 886 76.15 9.99 -16.33
CA ILE C 886 74.93 9.76 -15.55
C ILE C 886 73.77 10.43 -16.28
N THR C 887 73.82 10.52 -17.61
CA THR C 887 72.75 11.17 -18.36
C THR C 887 71.48 10.32 -18.29
N GLN C 888 71.59 9.01 -18.50
CA GLN C 888 70.40 8.17 -18.38
C GLN C 888 69.94 8.07 -16.93
N SER C 889 70.84 8.34 -15.99
CA SER C 889 70.48 8.36 -14.57
C SER C 889 69.46 9.42 -14.24
N LEU C 890 69.14 10.34 -15.16
CA LEU C 890 68.02 11.25 -14.99
C LEU C 890 66.70 10.47 -14.89
N LYS C 891 66.56 9.32 -15.55
CA LYS C 891 65.26 8.66 -15.65
C LYS C 891 64.84 7.95 -14.37
N MET C 892 65.75 7.71 -13.43
CA MET C 892 65.41 6.90 -12.26
C MET C 892 64.50 7.68 -11.32
N GLY C 893 63.60 6.96 -10.66
CA GLY C 893 62.72 7.58 -9.69
C GLY C 893 61.49 6.73 -9.41
N THR C 894 60.88 6.94 -8.24
CA THR C 894 59.69 6.20 -7.84
C THR C 894 58.59 7.18 -7.48
N LYS C 895 57.34 6.74 -7.68
CA LYS C 895 56.19 7.57 -7.38
C LYS C 895 55.64 7.22 -6.00
N LEU C 896 55.31 8.25 -5.23
CA LEU C 896 54.74 8.09 -3.91
C LEU C 896 53.22 8.06 -4.08
N ALA C 897 52.65 6.86 -4.07
CA ALA C 897 51.21 6.73 -4.09
C ALA C 897 50.62 7.37 -2.84
N ALA C 898 49.58 8.17 -3.04
CA ALA C 898 48.92 8.81 -1.91
C ALA C 898 48.20 7.75 -1.08
N PRO C 899 48.03 7.98 0.22
CA PRO C 899 47.20 7.09 1.02
C PRO C 899 45.78 7.07 0.50
N THR C 900 45.16 5.90 0.54
CA THR C 900 43.81 5.74 0.03
C THR C 900 43.05 4.78 0.93
N VAL C 901 41.73 4.84 0.84
CA VAL C 901 40.87 4.03 1.70
C VAL C 901 40.26 2.86 0.95
N PHE D 59 -8.36 8.49 -48.29
CA PHE D 59 -8.10 9.39 -49.40
C PHE D 59 -9.34 9.64 -50.23
N THR D 60 -9.16 9.92 -51.52
CA THR D 60 -10.29 10.28 -52.37
C THR D 60 -11.13 9.05 -52.71
N VAL D 61 -12.42 9.30 -52.94
CA VAL D 61 -13.28 8.28 -53.54
C VAL D 61 -12.81 8.06 -54.98
N PRO D 62 -12.73 6.81 -55.46
CA PRO D 62 -12.06 6.56 -56.75
C PRO D 62 -12.68 7.26 -57.96
N ASP D 63 -13.97 7.64 -57.89
CA ASP D 63 -14.58 8.31 -59.03
C ASP D 63 -13.94 9.67 -59.31
N VAL D 64 -13.69 10.45 -58.27
CA VAL D 64 -13.09 11.77 -58.46
C VAL D 64 -11.65 11.63 -58.93
N GLN D 65 -10.93 10.64 -58.43
CA GLN D 65 -9.57 10.40 -58.91
C GLN D 65 -9.58 10.03 -60.39
N LYS D 66 -10.57 9.24 -60.81
CA LYS D 66 -10.78 8.98 -62.23
C LYS D 66 -11.07 10.27 -63.00
N ILE D 67 -11.79 11.19 -62.37
CA ILE D 67 -12.09 12.47 -63.01
C ILE D 67 -10.81 13.29 -63.21
N LEU D 68 -9.94 13.33 -62.20
CA LEU D 68 -8.64 13.99 -62.38
C LEU D 68 -7.82 13.32 -63.48
N ASP D 69 -7.83 11.99 -63.53
CA ASP D 69 -7.10 11.31 -64.59
C ASP D 69 -7.64 11.66 -65.97
N ASP D 70 -8.97 11.73 -66.09
CA ASP D 70 -9.58 12.13 -67.36
C ASP D 70 -9.25 13.58 -67.70
N ILE D 71 -9.16 14.44 -66.69
CA ILE D 71 -8.79 15.84 -66.92
C ILE D 71 -7.37 15.93 -67.47
N LYS D 72 -6.45 15.21 -66.84
CA LYS D 72 -5.05 15.20 -67.30
C LYS D 72 -4.95 14.60 -68.69
N ALA D 73 -5.80 13.62 -69.01
CA ALA D 73 -5.88 13.14 -70.39
C ALA D 73 -6.39 14.23 -71.33
N LEU D 74 -7.38 14.99 -70.87
CA LEU D 74 -7.93 16.09 -71.66
C LEU D 74 -6.93 17.22 -71.86
N ALA D 75 -5.90 17.31 -71.05
CA ALA D 75 -4.82 18.28 -71.20
C ALA D 75 -3.94 18.00 -72.41
N ALA D 76 -3.83 16.74 -72.81
CA ALA D 76 -2.71 16.27 -73.62
C ALA D 76 -3.05 16.09 -75.11
N GLU D 77 -4.20 16.58 -75.56
CA GLU D 77 -4.52 16.50 -76.98
C GLU D 77 -4.24 17.83 -77.68
N GLN D 78 -4.06 17.75 -78.98
CA GLN D 78 -3.56 18.85 -79.80
C GLN D 78 -4.53 19.12 -80.93
N VAL D 79 -4.93 20.38 -81.08
CA VAL D 79 -5.90 20.75 -82.10
C VAL D 79 -5.17 21.30 -83.31
N TYR D 80 -3.97 21.84 -83.11
CA TYR D 80 -3.24 22.43 -84.22
C TYR D 80 -2.61 21.34 -85.06
N LYS D 81 -2.26 21.70 -86.30
CA LYS D 81 -1.59 20.79 -87.21
C LYS D 81 -0.40 21.49 -87.86
N ILE D 82 0.52 20.67 -88.37
CA ILE D 82 1.72 21.15 -89.07
C ILE D 82 1.77 20.41 -90.40
N VAL D 83 1.67 21.16 -91.49
CA VAL D 83 1.70 20.59 -92.83
C VAL D 83 2.72 21.36 -93.67
N LYS D 84 2.80 20.97 -94.94
CA LYS D 84 3.67 21.64 -95.90
C LYS D 84 2.89 22.52 -96.88
N VAL D 85 1.67 22.13 -97.20
CA VAL D 85 0.81 22.89 -98.11
C VAL D 85 -0.54 23.05 -97.44
N PRO D 86 -1.15 24.24 -97.44
CA PRO D 86 -2.45 24.42 -96.81
C PRO D 86 -3.55 23.67 -97.55
N SER D 87 -4.70 23.57 -96.89
CA SER D 87 -5.84 22.87 -97.47
C SER D 87 -6.28 23.55 -98.76
N ILE D 88 -6.48 22.74 -99.80
CA ILE D 88 -6.82 23.29 -101.12
C ILE D 88 -8.24 23.81 -101.10
N SER D 89 -8.41 25.06 -101.52
CA SER D 89 -9.70 25.73 -101.47
C SER D 89 -10.32 25.97 -102.83
N PHE D 90 -9.55 26.38 -103.83
CA PHE D 90 -10.10 26.74 -105.12
C PHE D 90 -9.77 25.64 -106.12
N ARG D 91 -10.82 25.11 -106.74
CA ARG D 91 -10.71 24.11 -107.79
C ARG D 91 -11.15 24.71 -109.11
N HIS D 92 -10.58 24.19 -110.19
CA HIS D 92 -10.93 24.62 -111.53
C HIS D 92 -11.45 23.44 -112.32
N ILE D 93 -12.56 23.65 -113.02
CA ILE D 93 -13.13 22.67 -113.94
C ILE D 93 -13.00 23.21 -115.35
N VAL D 94 -12.43 22.40 -116.23
CA VAL D 94 -12.16 22.79 -117.60
C VAL D 94 -13.39 22.51 -118.45
N MET D 95 -13.77 23.49 -119.26
CA MET D 95 -14.86 23.35 -120.21
C MET D 95 -14.35 22.89 -121.56
N GLN D 96 -15.25 22.85 -122.54
CA GLN D 96 -14.85 22.84 -123.93
C GLN D 96 -14.29 24.19 -124.35
N SER D 97 -14.50 25.23 -123.54
CA SER D 97 -13.88 26.52 -123.72
C SER D 97 -12.40 26.42 -123.42
N ARG D 98 -11.57 26.89 -124.35
CA ARG D 98 -10.12 26.83 -124.18
C ARG D 98 -9.54 28.11 -123.60
N ASP D 99 -10.38 29.10 -123.30
CA ASP D 99 -9.91 30.32 -122.66
C ASP D 99 -10.68 30.68 -121.40
N ARG D 100 -11.75 29.96 -121.07
CA ARG D 100 -12.54 30.22 -119.88
C ARG D 100 -12.83 28.91 -119.17
N VAL D 101 -12.65 28.90 -117.84
CA VAL D 101 -12.91 27.74 -117.02
C VAL D 101 -13.85 28.13 -115.89
N LEU D 102 -14.32 27.12 -115.15
CA LEU D 102 -15.22 27.34 -114.04
C LEU D 102 -14.43 27.21 -112.75
N ARG D 103 -14.31 28.32 -112.02
CA ARG D 103 -13.64 28.33 -110.72
C ARG D 103 -14.67 28.17 -109.62
N VAL D 104 -14.42 27.21 -108.74
CA VAL D 104 -15.30 26.91 -107.61
C VAL D 104 -14.45 26.94 -106.34
N ASP D 105 -15.03 27.38 -105.24
CA ASP D 105 -14.37 27.31 -103.94
C ASP D 105 -14.91 26.09 -103.21
N THR D 106 -14.07 25.06 -103.07
CA THR D 106 -14.53 23.78 -102.52
C THR D 106 -14.96 23.88 -101.06
N TYR D 107 -14.58 24.96 -100.37
CA TYR D 107 -15.10 25.19 -99.03
C TYR D 107 -16.61 25.29 -99.04
N TYR D 108 -17.17 25.90 -100.09
CA TYR D 108 -18.62 26.08 -100.13
C TYR D 108 -19.36 24.77 -100.32
N GLU D 109 -18.90 23.91 -101.24
CA GLU D 109 -19.56 22.63 -101.42
C GLU D 109 -19.36 21.72 -100.21
N GLU D 110 -18.14 21.72 -99.64
CA GLU D 110 -17.89 20.94 -98.43
C GLU D 110 -18.76 21.43 -97.28
N MET D 111 -18.97 22.75 -97.23
CA MET D 111 -19.92 23.36 -96.30
C MET D 111 -21.34 22.87 -96.55
N SER D 112 -21.71 22.75 -97.81
CA SER D 112 -23.06 22.35 -98.19
C SER D 112 -23.35 20.88 -97.95
N GLN D 113 -22.32 20.02 -97.91
CA GLN D 113 -22.51 18.58 -97.90
C GLN D 113 -22.44 17.96 -96.50
N VAL D 114 -22.58 18.77 -95.45
CA VAL D 114 -22.50 18.27 -94.08
C VAL D 114 -23.78 18.65 -93.33
N GLY D 115 -24.33 17.69 -92.60
CA GLY D 115 -25.38 17.96 -91.64
C GLY D 115 -26.65 17.17 -91.92
N ASP D 116 -27.59 17.32 -91.00
CA ASP D 116 -28.91 16.71 -91.09
C ASP D 116 -29.95 17.80 -91.37
N VAL D 117 -31.02 17.39 -92.06
CA VAL D 117 -32.00 18.35 -92.57
C VAL D 117 -32.72 19.03 -91.41
N ILE D 118 -32.80 20.36 -91.47
CA ILE D 118 -33.36 21.14 -90.38
C ILE D 118 -34.87 21.21 -90.55
N THR D 119 -35.59 20.99 -89.45
CA THR D 119 -37.03 21.15 -89.43
C THR D 119 -37.40 21.96 -88.19
N GLU D 120 -38.48 22.73 -88.29
CA GLU D 120 -38.90 23.56 -87.17
C GLU D 120 -39.47 22.75 -86.01
N ASP D 121 -39.74 21.46 -86.22
CA ASP D 121 -40.30 20.64 -85.15
C ASP D 121 -39.25 20.27 -84.10
N GLU D 122 -37.98 20.23 -84.48
CA GLU D 122 -36.90 19.80 -83.57
C GLU D 122 -35.79 20.85 -83.46
N PRO D 123 -35.99 21.87 -82.64
CA PRO D 123 -34.96 22.92 -82.53
C PRO D 123 -33.67 22.46 -81.87
N GLU D 124 -33.73 21.45 -81.01
CA GLU D 124 -32.50 20.98 -80.36
C GLU D 124 -31.57 20.34 -81.38
N LYS D 125 -32.13 19.67 -82.39
CA LYS D 125 -31.30 19.15 -83.47
C LYS D 125 -30.71 20.29 -84.28
N PHE D 126 -31.45 21.39 -84.46
CA PHE D 126 -30.88 22.57 -85.10
C PHE D 126 -29.70 23.12 -84.32
N TYR D 127 -29.83 23.20 -83.00
CA TYR D 127 -28.72 23.64 -82.16
C TYR D 127 -27.53 22.69 -82.29
N SER D 128 -27.79 21.38 -82.30
CA SER D 128 -26.72 20.41 -82.41
C SER D 128 -25.97 20.54 -83.72
N THR D 129 -26.71 20.73 -84.82
CA THR D 129 -26.07 20.94 -86.11
C THR D 129 -25.28 22.24 -86.15
N ILE D 130 -25.80 23.31 -85.54
CA ILE D 130 -25.07 24.57 -85.53
C ILE D 130 -23.76 24.42 -84.78
N ILE D 131 -23.81 23.77 -83.61
CA ILE D 131 -22.60 23.55 -82.82
C ILE D 131 -21.62 22.68 -83.61
N LYS D 132 -22.12 21.62 -84.25
CA LYS D 132 -21.26 20.72 -85.01
C LYS D 132 -20.58 21.44 -86.16
N LYS D 133 -21.32 22.31 -86.85
CA LYS D 133 -20.73 23.04 -87.96
C LYS D 133 -19.70 24.08 -87.48
N VAL D 134 -19.97 24.72 -86.34
CA VAL D 134 -18.99 25.66 -85.80
C VAL D 134 -17.71 24.92 -85.41
N ARG D 135 -17.85 23.75 -84.79
CA ARG D 135 -16.68 22.93 -84.50
C ARG D 135 -15.97 22.49 -85.77
N PHE D 136 -16.75 22.23 -86.83
CA PHE D 136 -16.19 21.83 -88.11
C PHE D 136 -15.29 22.93 -88.68
N ILE D 137 -15.83 24.14 -88.77
CA ILE D 137 -15.05 25.25 -89.32
C ILE D 137 -13.90 25.60 -88.38
N ARG D 138 -14.06 25.39 -87.08
CA ARG D 138 -12.94 25.59 -86.17
C ARG D 138 -11.82 24.61 -86.44
N GLY D 139 -12.17 23.35 -86.70
CA GLY D 139 -11.15 22.35 -86.94
C GLY D 139 -10.52 22.44 -88.31
N LYS D 140 -11.21 23.08 -89.27
CA LYS D 140 -10.70 23.11 -90.65
C LYS D 140 -9.40 23.89 -90.76
N GLY D 141 -9.28 25.00 -90.03
CA GLY D 141 -8.14 25.88 -90.21
C GLY D 141 -7.02 25.77 -89.20
N SER D 142 -7.02 24.78 -88.32
CA SER D 142 -6.05 24.71 -87.24
C SER D 142 -4.77 24.03 -87.73
N PHE D 143 -4.06 24.73 -88.60
CA PHE D 143 -2.83 24.21 -89.18
C PHE D 143 -1.77 25.30 -89.23
N ILE D 144 -0.51 24.90 -89.16
CA ILE D 144 0.63 25.80 -89.23
C ILE D 144 1.55 25.33 -90.35
N LEU D 145 1.96 26.26 -91.22
CA LEU D 145 2.82 25.94 -92.34
C LEU D 145 4.27 25.84 -91.87
N HIS D 146 4.96 24.81 -92.34
CA HIS D 146 6.35 24.59 -91.99
C HIS D 146 7.03 23.83 -93.11
N ASP D 147 8.29 24.16 -93.37
CA ASP D 147 9.14 23.48 -94.36
C ASP D 147 8.55 23.59 -95.77
N ILE D 148 8.47 24.82 -96.25
CA ILE D 148 7.85 25.10 -97.54
C ILE D 148 8.85 24.79 -98.66
N PRO D 149 8.43 24.10 -99.71
CA PRO D 149 9.32 23.87 -100.85
C PRO D 149 9.35 25.04 -101.80
N THR D 150 10.46 25.17 -102.52
CA THR D 150 10.67 26.28 -103.43
C THR D 150 11.78 25.91 -104.40
N ARG D 151 11.88 26.69 -105.47
CA ARG D 151 12.99 26.63 -106.41
C ARG D 151 13.63 28.01 -106.48
N ASP D 152 14.63 28.14 -107.35
CA ASP D 152 15.45 29.35 -107.39
C ASP D 152 15.72 29.71 -108.83
N HIS D 153 15.31 30.92 -109.23
CA HIS D 153 15.70 31.48 -110.51
C HIS D 153 15.61 33.01 -110.41
N ARG D 154 16.28 33.67 -111.37
CA ARG D 154 16.46 35.12 -111.34
C ARG D 154 17.13 35.59 -110.06
N GLY D 155 18.04 34.76 -109.55
CA GLY D 155 18.69 34.99 -108.26
C GLY D 155 17.66 35.14 -107.14
N MET D 156 16.52 34.44 -107.21
CA MET D 156 15.41 34.63 -106.30
C MET D 156 14.71 33.30 -106.03
N GLU D 157 14.33 33.09 -104.77
CA GLU D 157 13.55 31.93 -104.41
C GLU D 157 12.09 32.17 -104.78
N VAL D 158 11.52 31.22 -105.52
CA VAL D 158 10.08 31.32 -105.94
C VAL D 158 9.36 30.06 -105.49
N ALA D 159 8.16 30.19 -104.92
CA ALA D 159 7.41 29.02 -104.40
C ALA D 159 6.91 28.12 -105.53
N GLU D 160 6.02 27.18 -105.21
CA GLU D 160 5.52 26.21 -106.23
C GLU D 160 4.00 26.34 -106.37
N PRO D 161 3.38 25.83 -107.46
CA PRO D 161 1.93 26.01 -107.67
C PRO D 161 1.08 25.28 -106.64
N GLU D 162 1.63 24.27 -105.97
CA GLU D 162 0.86 23.57 -104.94
C GLU D 162 0.70 24.42 -103.68
N VAL D 163 1.79 25.06 -103.23
CA VAL D 163 1.72 25.88 -102.03
C VAL D 163 0.88 27.14 -102.27
N LEU D 164 0.58 27.45 -103.53
CA LEU D 164 -0.36 28.51 -103.84
C LEU D 164 -1.76 28.22 -103.31
N GLY D 165 -2.07 26.94 -103.08
CA GLY D 165 -3.38 26.53 -102.61
C GLY D 165 -4.42 26.36 -103.69
N VAL D 166 -4.08 26.65 -104.94
CA VAL D 166 -5.01 26.59 -106.06
C VAL D 166 -4.53 25.53 -107.03
N GLU D 167 -5.43 24.63 -107.40
CA GLU D 167 -5.14 23.62 -108.41
C GLU D 167 -5.73 24.07 -109.74
N PHE D 168 -4.87 24.18 -110.76
CA PHE D 168 -5.28 24.51 -112.12
C PHE D 168 -4.57 23.61 -113.11
N LYS D 169 -4.16 22.43 -112.66
CA LYS D 169 -3.23 21.61 -113.43
C LYS D 169 -3.92 20.81 -114.53
N ASN D 170 -5.24 20.91 -114.65
CA ASN D 170 -5.96 20.23 -115.71
C ASN D 170 -6.40 21.17 -116.83
N VAL D 171 -5.85 22.39 -116.87
CA VAL D 171 -6.15 23.32 -117.94
C VAL D 171 -4.93 23.66 -118.78
N LEU D 172 -3.74 23.22 -118.37
CA LEU D 172 -2.54 23.50 -119.16
C LEU D 172 -2.54 22.87 -120.56
N PRO D 173 -2.85 21.58 -120.77
CA PRO D 173 -2.68 21.03 -122.13
C PRO D 173 -3.60 21.61 -123.18
N VAL D 174 -4.78 22.12 -122.79
CA VAL D 174 -5.67 22.74 -123.76
C VAL D 174 -5.36 24.22 -123.98
N LEU D 175 -4.37 24.76 -123.28
CA LEU D 175 -4.02 26.16 -123.40
C LEU D 175 -3.32 26.45 -124.72
N THR D 176 -3.01 27.72 -124.94
CA THR D 176 -2.27 28.14 -126.12
C THR D 176 -0.86 28.55 -125.73
N ALA D 177 -0.08 28.99 -126.72
CA ALA D 177 1.31 29.38 -126.47
C ALA D 177 1.38 30.69 -125.70
N GLU D 178 0.58 31.67 -126.11
CA GLU D 178 0.62 32.97 -125.44
C GLU D 178 0.15 32.85 -123.99
N HIS D 179 -0.87 32.04 -123.74
CA HIS D 179 -1.34 31.87 -122.37
C HIS D 179 -0.32 31.08 -121.53
N ARG D 180 0.41 30.15 -122.16
CA ARG D 180 1.46 29.47 -121.43
C ARG D 180 2.61 30.42 -121.08
N ALA D 181 2.94 31.33 -122.00
CA ALA D 181 3.94 32.34 -121.68
C ALA D 181 3.47 33.25 -120.56
N MET D 182 2.19 33.64 -120.58
CA MET D 182 1.67 34.53 -119.55
C MET D 182 1.64 33.83 -118.20
N ILE D 183 1.23 32.57 -118.16
CA ILE D 183 1.20 31.84 -116.89
C ILE D 183 2.63 31.62 -116.38
N GLN D 184 3.59 31.44 -117.29
CA GLN D 184 4.99 31.33 -116.88
C GLN D 184 5.47 32.64 -116.26
N ASN D 185 5.15 33.77 -116.88
CA ASN D 185 5.55 35.07 -116.34
C ASN D 185 4.89 35.33 -114.99
N ALA D 186 3.61 35.00 -114.87
CA ALA D 186 2.90 35.21 -113.61
C ALA D 186 3.47 34.32 -112.50
N LEU D 187 3.84 33.08 -112.84
CA LEU D 187 4.53 32.23 -111.88
C LEU D 187 5.85 32.85 -111.46
N ASP D 188 6.58 33.42 -112.42
CA ASP D 188 7.81 34.13 -112.11
C ASP D 188 7.55 35.37 -111.27
N GLY D 189 6.32 35.88 -111.28
CA GLY D 189 6.03 37.08 -110.52
C GLY D 189 6.07 36.89 -109.01
N SER D 190 5.63 35.73 -108.54
CA SER D 190 5.54 35.49 -107.10
C SER D 190 6.94 35.46 -106.48
N ILE D 191 7.08 36.07 -105.30
CA ILE D 191 8.37 36.22 -104.64
C ILE D 191 8.25 35.79 -103.18
N ILE D 192 9.38 35.82 -102.49
CA ILE D 192 9.49 35.50 -101.08
C ILE D 192 10.08 36.71 -100.37
N GLU D 193 9.67 36.92 -99.13
CA GLU D 193 10.18 38.02 -98.32
C GLU D 193 10.78 37.47 -97.04
N ASN D 194 12.06 37.79 -96.81
CA ASN D 194 12.79 37.30 -95.64
C ASN D 194 12.50 38.24 -94.48
N GLY D 195 11.33 38.07 -93.86
CA GLY D 195 10.89 38.92 -92.79
C GLY D 195 11.37 38.44 -91.44
N ASN D 196 10.95 39.17 -90.41
CA ASN D 196 11.35 38.87 -89.05
C ASN D 196 10.15 38.95 -88.12
N VAL D 197 10.18 38.11 -87.08
CA VAL D 197 9.28 38.25 -85.95
C VAL D 197 10.01 37.80 -84.69
N ALA D 198 10.01 38.66 -83.66
CA ALA D 198 10.70 38.42 -82.40
C ALA D 198 12.17 38.07 -82.62
N THR D 199 12.80 38.76 -83.58
CA THR D 199 14.20 38.57 -83.96
C THR D 199 14.46 37.12 -84.39
N ARG D 200 13.58 36.61 -85.24
CA ARG D 200 13.80 35.31 -85.87
C ARG D 200 13.38 35.38 -87.34
N ASP D 201 14.19 34.77 -88.20
CA ASP D 201 13.94 34.81 -89.64
C ASP D 201 12.70 34.02 -89.98
N VAL D 202 11.82 34.62 -90.78
CA VAL D 202 10.62 33.97 -91.29
C VAL D 202 10.46 34.33 -92.76
N ASP D 203 9.58 33.60 -93.44
CA ASP D 203 9.32 33.82 -94.86
C ASP D 203 7.87 34.25 -95.05
N VAL D 204 7.65 35.21 -95.95
CA VAL D 204 6.32 35.71 -96.25
C VAL D 204 6.11 35.65 -97.76
N PHE D 205 4.97 35.11 -98.18
CA PHE D 205 4.65 35.04 -99.59
C PHE D 205 3.15 35.25 -99.78
N ILE D 206 2.71 35.11 -101.03
CA ILE D 206 1.34 35.39 -101.44
C ILE D 206 0.69 34.07 -101.82
N GLY D 207 -0.42 33.75 -101.16
CA GLY D 207 -1.22 32.59 -101.48
C GLY D 207 -2.70 32.88 -101.42
N ALA D 208 -3.53 31.87 -101.66
CA ALA D 208 -4.97 32.04 -101.75
C ALA D 208 -5.68 31.17 -100.71
N CYS D 209 -6.67 31.75 -100.04
CA CYS D 209 -7.46 31.03 -99.04
C CYS D 209 -8.79 31.75 -98.86
N SER D 210 -9.80 30.98 -98.48
CA SER D 210 -11.11 31.55 -98.18
C SER D 210 -11.06 32.42 -96.93
N GLU D 211 -11.92 33.42 -96.89
CA GLU D 211 -11.93 34.38 -95.79
C GLU D 211 -12.21 33.74 -94.42
N PRO D 212 -13.22 32.87 -94.24
CA PRO D 212 -13.43 32.31 -92.89
C PRO D 212 -12.25 31.51 -92.37
N VAL D 213 -11.55 30.76 -93.23
CA VAL D 213 -10.35 30.07 -92.78
C VAL D 213 -9.21 31.06 -92.57
N TYR D 214 -9.15 32.10 -93.40
CA TYR D 214 -8.07 33.07 -93.30
C TYR D 214 -8.12 33.84 -91.99
N ARG D 215 -9.32 34.15 -91.52
CA ARG D 215 -9.45 34.84 -90.23
C ARG D 215 -8.89 34.00 -89.10
N ILE D 216 -9.21 32.71 -89.07
CA ILE D 216 -8.74 31.85 -88.00
C ILE D 216 -7.22 31.65 -88.11
N TYR D 217 -6.72 31.52 -89.33
CA TYR D 217 -5.27 31.39 -89.52
C TYR D 217 -4.54 32.63 -89.02
N ASN D 218 -5.06 33.81 -89.34
CA ASN D 218 -4.45 35.04 -88.85
C ASN D 218 -4.54 35.14 -87.33
N ARG D 219 -5.66 34.72 -86.75
CA ARG D 219 -5.79 34.75 -85.30
C ARG D 219 -4.79 33.83 -84.63
N LEU D 220 -4.57 32.64 -85.18
CA LEU D 220 -3.58 31.74 -84.60
C LEU D 220 -2.18 32.27 -84.79
N GLN D 221 -1.91 32.97 -85.89
CA GLN D 221 -0.63 33.63 -86.06
C GLN D 221 -0.43 34.69 -84.99
N GLY D 222 -1.46 35.47 -84.70
CA GLY D 222 -1.37 36.45 -83.63
C GLY D 222 -1.16 35.82 -82.27
N TYR D 223 -1.85 34.71 -82.01
CA TYR D 223 -1.70 33.99 -80.75
C TYR D 223 -0.28 33.49 -80.61
N ILE D 224 0.29 32.87 -81.65
CA ILE D 224 1.64 32.34 -81.51
C ILE D 224 2.64 33.48 -81.38
N GLU D 225 2.41 34.62 -82.05
CA GLU D 225 3.29 35.77 -81.87
C GLU D 225 3.24 36.29 -80.44
N ALA D 226 2.04 36.38 -79.86
CA ALA D 226 1.91 36.82 -78.49
C ALA D 226 2.55 35.84 -77.52
N VAL D 227 2.43 34.54 -77.77
CA VAL D 227 3.09 33.53 -76.93
C VAL D 227 4.58 33.70 -77.02
N GLN D 228 5.12 33.88 -78.24
CA GLN D 228 6.55 34.03 -78.42
C GLN D 228 7.08 35.37 -77.93
N LEU D 229 6.20 36.33 -77.63
CA LEU D 229 6.67 37.64 -77.20
C LEU D 229 6.82 37.74 -75.68
N GLN D 230 5.73 37.51 -74.95
CA GLN D 230 5.74 37.87 -73.53
C GLN D 230 5.26 36.75 -72.60
N GLU D 231 4.38 35.88 -73.08
CA GLU D 231 3.62 35.03 -72.16
C GLU D 231 4.51 34.03 -71.41
N LEU D 232 5.42 33.38 -72.14
CA LEU D 232 6.19 32.27 -71.58
C LEU D 232 7.11 32.72 -70.44
N ARG D 233 7.74 33.88 -70.56
CA ARG D 233 8.61 34.38 -69.50
C ARG D 233 7.82 34.65 -68.22
N ASN D 234 6.67 35.30 -68.31
CA ASN D 234 5.90 35.58 -67.10
C ASN D 234 5.25 34.31 -66.55
N SER D 235 4.90 33.37 -67.41
CA SER D 235 4.50 32.02 -66.98
C SER D 235 5.59 31.34 -66.16
N ILE D 236 6.83 31.35 -66.63
CA ILE D 236 7.95 30.75 -65.91
C ILE D 236 8.20 31.47 -64.59
N GLY D 237 8.17 32.80 -64.62
CA GLY D 237 8.41 33.55 -63.40
C GLY D 237 7.35 33.33 -62.33
N TRP D 238 6.09 33.28 -62.74
CA TRP D 238 4.98 33.01 -61.86
C TRP D 238 5.09 31.60 -61.29
N LEU D 239 5.43 30.63 -62.12
CA LEU D 239 5.63 29.27 -61.65
C LEU D 239 6.79 29.18 -60.67
N GLU D 240 7.87 29.91 -60.90
CA GLU D 240 9.01 29.86 -59.98
C GLU D 240 8.70 30.54 -58.65
N ARG D 241 7.88 31.59 -58.70
CA ARG D 241 7.44 32.23 -57.43
C ARG D 241 6.63 31.19 -56.66
N LEU D 242 5.74 30.47 -57.35
CA LEU D 242 4.98 29.41 -56.71
C LEU D 242 5.89 28.35 -56.12
N GLY D 243 6.94 27.97 -56.87
CA GLY D 243 7.88 26.99 -56.37
C GLY D 243 8.63 27.45 -55.14
N HIS D 244 8.92 28.75 -55.07
CA HIS D 244 9.39 29.35 -53.82
C HIS D 244 8.38 29.15 -52.70
N ARG D 245 7.18 29.70 -52.86
CA ARG D 245 6.28 29.82 -51.71
C ARG D 245 5.77 28.47 -51.24
N LYS D 246 5.70 27.48 -52.13
CA LYS D 246 5.18 26.17 -51.77
C LYS D 246 6.27 25.11 -51.63
N ARG D 247 7.53 25.52 -51.65
CA ARG D 247 8.67 24.63 -51.38
C ARG D 247 8.71 23.44 -52.35
N ILE D 248 8.48 23.72 -53.62
CA ILE D 248 8.49 22.71 -54.68
C ILE D 248 9.52 23.12 -55.71
N THR D 249 10.34 22.18 -56.16
CA THR D 249 11.44 22.49 -57.06
C THR D 249 11.10 22.05 -58.47
N TYR D 250 11.23 22.96 -59.43
CA TYR D 250 10.95 22.67 -60.83
C TYR D 250 12.24 22.78 -61.66
N SER D 251 12.11 22.41 -62.93
CA SER D 251 13.24 22.43 -63.85
C SER D 251 12.93 23.26 -65.08
N GLN D 252 13.97 23.85 -65.67
CA GLN D 252 13.89 24.58 -66.92
C GLN D 252 14.68 23.86 -68.01
N GLU D 253 14.86 22.55 -67.83
CA GLU D 253 15.78 21.78 -68.68
C GLU D 253 15.34 21.77 -70.14
N VAL D 254 14.05 21.96 -70.40
CA VAL D 254 13.57 21.94 -71.77
C VAL D 254 14.11 23.14 -72.54
N LEU D 255 14.25 24.29 -71.88
CA LEU D 255 14.66 25.52 -72.52
C LEU D 255 16.18 25.65 -72.62
N THR D 256 16.92 24.55 -72.51
CA THR D 256 18.37 24.60 -72.33
C THR D 256 19.09 23.58 -73.21
N ASP D 257 18.83 23.58 -74.51
CA ASP D 257 19.72 22.89 -75.44
C ASP D 257 20.51 23.91 -76.26
N PHE D 258 21.60 23.44 -76.88
CA PHE D 258 22.45 24.33 -77.65
C PHE D 258 21.85 24.72 -78.99
N ARG D 259 20.60 24.33 -79.26
CA ARG D 259 19.84 24.79 -80.41
C ARG D 259 18.78 25.81 -80.00
N ARG D 260 18.65 26.10 -78.71
CA ARG D 260 17.52 26.88 -78.19
C ARG D 260 17.42 28.28 -78.78
N GLN D 261 18.52 28.86 -79.25
CA GLN D 261 18.48 30.24 -79.71
C GLN D 261 17.74 30.38 -81.03
N ASP D 262 17.69 29.32 -81.83
CA ASP D 262 17.03 29.38 -83.13
C ASP D 262 15.85 28.40 -83.17
N THR D 263 15.02 28.42 -82.14
CA THR D 263 13.87 27.53 -82.06
C THR D 263 12.61 28.32 -81.76
N ILE D 264 11.51 27.92 -82.39
CA ILE D 264 10.18 28.48 -82.13
C ILE D 264 9.54 27.64 -81.05
N TRP D 265 8.72 28.27 -80.20
CA TRP D 265 8.02 27.56 -79.13
C TRP D 265 6.52 27.60 -79.35
N VAL D 266 5.82 26.56 -78.88
CA VAL D 266 4.37 26.50 -78.93
C VAL D 266 3.87 26.06 -77.56
N LEU D 267 2.96 26.85 -76.97
CA LEU D 267 2.19 26.52 -75.76
C LEU D 267 0.68 26.66 -76.03
N ALA D 268 -0.10 25.62 -75.77
CA ALA D 268 -1.56 25.69 -75.93
C ALA D 268 -2.30 26.23 -74.69
N LEU D 269 -1.77 25.96 -73.50
CA LEU D 269 -2.39 26.32 -72.23
C LEU D 269 -1.67 27.52 -71.61
N GLN D 270 -2.40 28.59 -71.31
CA GLN D 270 -1.79 29.74 -70.65
C GLN D 270 -1.56 29.44 -69.18
N LEU D 271 -0.45 29.89 -68.59
CA LEU D 271 -0.08 29.46 -67.24
C LEU D 271 -0.66 30.33 -66.13
N PRO D 272 -0.58 31.68 -66.17
CA PRO D 272 -1.08 32.52 -65.09
C PRO D 272 -2.62 32.56 -65.07
N VAL D 273 -3.23 31.50 -64.53
CA VAL D 273 -4.67 31.30 -64.49
C VAL D 273 -5.35 32.41 -63.70
N ASN D 274 -6.42 32.97 -64.24
CA ASN D 274 -7.26 33.95 -63.54
C ASN D 274 -8.20 33.24 -62.57
N PRO D 275 -7.97 33.32 -61.24
CA PRO D 275 -8.77 32.62 -60.24
C PRO D 275 -10.26 32.94 -60.33
N GLN D 276 -10.60 34.13 -60.81
CA GLN D 276 -11.97 34.57 -60.85
C GLN D 276 -12.89 33.59 -61.57
N VAL D 277 -12.43 32.90 -62.63
CA VAL D 277 -13.31 31.93 -63.30
C VAL D 277 -13.64 30.71 -62.46
N VAL D 278 -12.76 30.22 -61.57
CA VAL D 278 -13.17 29.14 -60.67
C VAL D 278 -14.16 29.67 -59.64
N TRP D 279 -13.91 30.84 -59.09
CA TRP D 279 -14.81 31.36 -58.06
C TRP D 279 -16.16 31.85 -58.54
N ASP D 280 -16.26 32.39 -59.75
CA ASP D 280 -17.52 32.88 -60.32
C ASP D 280 -18.62 31.83 -60.47
N VAL D 281 -18.26 30.55 -60.44
CA VAL D 281 -19.20 29.44 -60.59
C VAL D 281 -20.22 29.54 -59.47
N PRO D 282 -21.50 29.67 -59.79
CA PRO D 282 -22.51 29.86 -58.73
C PRO D 282 -22.71 28.60 -57.91
N ARG D 283 -22.65 28.76 -56.59
CA ARG D 283 -23.04 27.73 -55.62
C ARG D 283 -22.17 26.48 -55.78
N SER D 284 -20.86 26.67 -55.74
CA SER D 284 -19.88 25.60 -55.83
C SER D 284 -18.80 25.69 -54.75
N SER D 285 -19.06 26.41 -53.66
CA SER D 285 -18.08 26.51 -52.58
C SER D 285 -17.78 25.15 -51.99
N ILE D 286 -18.82 24.33 -51.82
CA ILE D 286 -18.61 22.96 -51.38
C ILE D 286 -17.82 22.18 -52.42
N ALA D 287 -18.06 22.46 -53.70
CA ALA D 287 -17.33 21.79 -54.78
C ALA D 287 -15.86 22.16 -54.76
N ASN D 288 -15.58 23.46 -54.62
CA ASN D 288 -14.19 23.90 -54.55
C ASN D 288 -13.51 23.33 -53.30
N LEU D 289 -14.26 23.23 -52.19
CA LEU D 289 -13.71 22.65 -50.97
C LEU D 289 -13.31 21.19 -51.17
N ILE D 290 -14.24 20.38 -51.69
CA ILE D 290 -13.95 18.97 -51.86
C ILE D 290 -12.86 18.76 -52.90
N MET D 291 -12.83 19.61 -53.94
CA MET D 291 -11.77 19.51 -54.93
C MET D 291 -10.42 19.84 -54.32
N ASN D 292 -10.36 20.87 -53.47
CA ASN D 292 -9.13 21.23 -52.79
C ASN D 292 -8.61 20.08 -51.93
N ILE D 293 -9.48 19.54 -51.08
CA ILE D 293 -9.04 18.46 -50.21
C ILE D 293 -8.75 17.19 -51.00
N ALA D 294 -9.31 17.08 -52.20
CA ALA D 294 -8.97 15.94 -53.04
C ALA D 294 -7.57 16.08 -53.63
N THR D 295 -7.23 17.26 -54.15
CA THR D 295 -6.01 17.39 -54.92
C THR D 295 -4.84 18.00 -54.15
N CYS D 296 -5.00 18.31 -52.87
CA CYS D 296 -3.91 18.92 -52.11
C CYS D 296 -3.65 18.33 -50.73
N LEU D 297 -4.51 17.46 -50.23
CA LEU D 297 -4.39 17.00 -48.86
C LEU D 297 -3.32 15.91 -48.73
N PRO D 298 -2.33 16.07 -47.86
CA PRO D 298 -1.35 15.00 -47.64
C PRO D 298 -1.76 14.10 -46.48
N THR D 299 -1.03 13.00 -46.33
CA THR D 299 -1.30 11.99 -45.32
C THR D 299 -0.02 11.67 -44.56
N GLY D 300 -0.15 11.52 -43.23
CA GLY D 300 0.99 11.22 -42.39
C GLY D 300 0.71 10.16 -41.36
N GLU D 301 1.36 10.24 -40.20
CA GLU D 301 1.18 9.28 -39.13
C GLU D 301 0.99 9.99 -37.79
N TYR D 302 0.38 9.27 -36.85
CA TYR D 302 0.03 9.83 -35.55
C TYR D 302 0.98 9.27 -34.50
N ILE D 303 1.55 10.16 -33.69
CA ILE D 303 2.58 9.81 -32.72
C ILE D 303 2.16 10.33 -31.35
N ALA D 304 2.44 9.51 -30.31
CA ALA D 304 2.22 9.77 -28.90
C ALA D 304 3.53 10.16 -28.21
N PRO D 305 3.47 10.95 -27.13
CA PRO D 305 4.71 11.32 -26.44
C PRO D 305 5.14 10.24 -25.45
N ASN D 306 6.19 10.53 -24.68
CA ASN D 306 6.72 9.55 -23.75
C ASN D 306 5.73 9.30 -22.62
N PRO D 307 5.37 8.03 -22.34
CA PRO D 307 4.39 7.76 -21.28
C PRO D 307 4.88 8.09 -19.87
N ARG D 308 6.19 8.27 -19.66
CA ARG D 308 6.67 8.68 -18.35
C ARG D 308 6.12 10.03 -17.94
N ILE D 309 5.77 10.87 -18.93
CA ILE D 309 5.17 12.17 -18.64
C ILE D 309 3.84 12.00 -17.91
N SER D 310 2.96 11.17 -18.47
CA SER D 310 1.68 10.91 -17.82
C SER D 310 1.85 10.09 -16.56
N SER D 311 2.92 9.29 -16.49
CA SER D 311 3.20 8.52 -15.28
C SER D 311 3.50 9.45 -14.10
N ILE D 312 4.35 10.45 -14.33
CA ILE D 312 4.79 11.29 -13.22
C ILE D 312 3.82 12.45 -12.97
N THR D 313 3.10 12.91 -13.98
CA THR D 313 2.24 14.07 -13.79
C THR D 313 0.92 13.70 -13.10
N LEU D 314 0.14 12.81 -13.71
CA LEU D 314 -1.18 12.49 -13.20
C LEU D 314 -1.21 11.28 -12.29
N THR D 315 -0.09 10.56 -12.14
CA THR D 315 -0.01 9.45 -11.20
C THR D 315 1.25 9.56 -10.37
N GLN D 316 1.58 10.79 -9.95
CA GLN D 316 2.65 10.97 -8.97
C GLN D 316 2.28 10.25 -7.67
N ARG D 317 1.03 10.39 -7.25
CA ARG D 317 0.48 9.57 -6.18
C ARG D 317 -0.15 8.32 -6.77
N ILE D 318 0.03 7.20 -6.07
CA ILE D 318 -0.48 5.92 -6.53
C ILE D 318 -1.72 5.49 -5.75
N THR D 319 -1.76 5.77 -4.45
CA THR D 319 -2.94 5.43 -3.66
C THR D 319 -4.17 6.20 -4.15
N THR D 320 -4.02 7.48 -4.44
CA THR D 320 -5.12 8.27 -4.93
C THR D 320 -5.20 8.21 -6.45
N THR D 321 -6.24 8.82 -7.00
CA THR D 321 -6.43 8.86 -8.43
C THR D 321 -7.34 10.04 -8.77
N GLY D 322 -7.30 10.45 -10.04
CA GLY D 322 -8.17 11.49 -10.53
C GLY D 322 -8.90 11.05 -11.78
N PRO D 323 -9.84 11.86 -12.24
CA PRO D 323 -10.50 11.54 -13.52
C PRO D 323 -9.52 11.45 -14.68
N PHE D 324 -8.53 12.34 -14.68
CA PHE D 324 -7.49 12.31 -15.70
C PHE D 324 -6.64 11.04 -15.59
N ALA D 325 -6.44 10.53 -14.37
CA ALA D 325 -5.67 9.31 -14.21
C ALA D 325 -6.40 8.10 -14.77
N ILE D 326 -7.73 8.10 -14.68
CA ILE D 326 -8.50 7.04 -15.32
C ILE D 326 -8.53 7.20 -16.83
N LEU D 327 -8.61 8.42 -17.33
CA LEU D 327 -8.62 8.61 -18.78
C LEU D 327 -7.27 8.39 -19.44
N THR D 328 -6.16 8.51 -18.69
CA THR D 328 -4.86 8.29 -19.33
C THR D 328 -4.56 6.81 -19.55
N GLY D 329 -5.24 5.91 -18.86
CA GLY D 329 -5.14 4.50 -19.12
C GLY D 329 -6.12 3.97 -20.14
N SER D 330 -6.87 4.84 -20.81
CA SER D 330 -7.88 4.41 -21.76
C SER D 330 -7.24 3.84 -23.02
N THR D 331 -8.03 3.09 -23.77
CA THR D 331 -7.61 2.51 -25.04
C THR D 331 -8.63 2.86 -26.12
N PRO D 332 -8.17 3.14 -27.34
CA PRO D 332 -9.07 3.70 -28.36
C PRO D 332 -9.96 2.64 -28.99
N THR D 333 -10.84 3.11 -29.86
CA THR D 333 -11.57 2.32 -30.83
C THR D 333 -11.35 2.91 -32.22
N ALA D 334 -11.70 2.13 -33.24
CA ALA D 334 -11.45 2.58 -34.62
C ALA D 334 -12.29 3.81 -34.98
N GLN D 335 -13.55 3.82 -34.55
CA GLN D 335 -14.40 4.99 -34.81
C GLN D 335 -13.87 6.23 -34.10
N GLN D 336 -13.22 6.05 -32.93
CA GLN D 336 -12.57 7.18 -32.29
C GLN D 336 -11.40 7.70 -33.11
N LEU D 337 -10.67 6.79 -33.77
CA LEU D 337 -9.60 7.23 -34.68
C LEU D 337 -10.17 8.00 -35.85
N ASN D 338 -11.29 7.52 -36.42
CA ASN D 338 -11.96 8.27 -37.47
C ASN D 338 -12.43 9.63 -36.98
N ASP D 339 -12.90 9.70 -35.73
CA ASP D 339 -13.32 10.97 -35.15
C ASP D 339 -12.14 11.92 -34.97
N VAL D 340 -10.98 11.41 -34.57
CA VAL D 340 -9.80 12.25 -34.46
C VAL D 340 -9.39 12.77 -35.83
N ARG D 341 -9.50 11.89 -36.85
CA ARG D 341 -9.31 12.33 -38.23
C ARG D 341 -10.27 13.47 -38.57
N LYS D 342 -11.53 13.35 -38.15
CA LYS D 342 -12.51 14.39 -38.42
C LYS D 342 -12.16 15.69 -37.71
N ILE D 343 -11.68 15.59 -36.47
CA ILE D 343 -11.30 16.79 -35.71
C ILE D 343 -10.17 17.52 -36.41
N TYR D 344 -9.13 16.78 -36.81
CA TYR D 344 -8.02 17.42 -37.51
C TYR D 344 -8.44 17.98 -38.85
N LEU D 345 -9.33 17.28 -39.56
CA LEU D 345 -9.85 17.78 -40.82
C LEU D 345 -10.60 19.10 -40.63
N ALA D 346 -11.39 19.19 -39.55
CA ALA D 346 -12.08 20.43 -39.26
C ALA D 346 -11.11 21.54 -38.92
N LEU D 347 -10.06 21.22 -38.15
CA LEU D 347 -9.15 22.26 -37.68
C LEU D 347 -8.27 22.77 -38.82
N MET D 348 -7.92 21.91 -39.78
CA MET D 348 -7.07 22.36 -40.87
C MET D 348 -7.83 23.20 -41.90
N PHE D 349 -9.16 23.26 -41.81
CA PHE D 349 -9.98 24.13 -42.65
C PHE D 349 -10.91 24.95 -41.76
N PRO D 350 -10.45 26.09 -41.26
CA PRO D 350 -11.31 26.91 -40.40
C PRO D 350 -12.48 27.48 -41.17
N GLY D 351 -13.59 27.66 -40.47
CA GLY D 351 -14.78 28.26 -41.07
C GLY D 351 -15.65 27.38 -41.93
N GLN D 352 -15.05 26.69 -42.91
CA GLN D 352 -15.84 25.87 -43.83
C GLN D 352 -16.28 24.55 -43.21
N ILE D 353 -15.45 23.97 -42.33
CA ILE D 353 -15.79 22.73 -41.64
C ILE D 353 -16.01 23.07 -40.18
N ILE D 354 -17.18 22.70 -39.65
CA ILE D 354 -17.58 23.05 -38.30
C ILE D 354 -17.89 21.78 -37.52
N LEU D 355 -17.39 21.73 -36.29
CA LEU D 355 -17.55 20.56 -35.42
C LEU D 355 -18.88 20.62 -34.69
N ASP D 356 -19.53 19.47 -34.57
CA ASP D 356 -20.72 19.31 -33.76
C ASP D 356 -20.56 18.06 -32.91
N LEU D 357 -21.54 17.80 -32.05
CA LEU D 357 -21.48 16.69 -31.13
C LEU D 357 -22.63 15.72 -31.36
N LYS D 358 -22.36 14.45 -31.13
CA LYS D 358 -23.39 13.42 -31.13
C LYS D 358 -23.27 12.60 -29.86
N ILE D 359 -24.39 12.03 -29.44
CA ILE D 359 -24.43 11.03 -28.39
C ILE D 359 -25.20 9.84 -28.93
N ASP D 360 -24.50 8.72 -29.09
CA ASP D 360 -25.12 7.54 -29.70
C ASP D 360 -26.19 6.99 -28.76
N PRO D 361 -27.31 6.50 -29.31
CA PRO D 361 -28.33 5.87 -28.46
C PRO D 361 -27.80 4.68 -27.66
N GLY D 362 -26.86 3.91 -28.20
CA GLY D 362 -26.30 2.81 -27.47
C GLY D 362 -25.21 3.20 -26.48
N GLU D 363 -24.93 4.50 -26.36
CA GLU D 363 -23.86 4.95 -25.48
C GLU D 363 -24.44 5.54 -24.19
N ARG D 364 -23.55 5.71 -23.20
CA ARG D 364 -23.90 6.23 -21.88
C ARG D 364 -22.87 7.29 -21.49
N MET D 365 -23.31 8.21 -20.65
CA MET D 365 -22.50 9.36 -20.27
C MET D 365 -21.31 8.93 -19.41
N ASP D 366 -20.39 9.85 -19.21
CA ASP D 366 -19.24 9.60 -18.36
C ASP D 366 -18.75 10.91 -17.77
N PRO D 367 -18.96 11.13 -16.47
CA PRO D 367 -18.60 12.44 -15.89
C PRO D 367 -17.13 12.80 -16.01
N ALA D 368 -16.24 11.83 -15.81
CA ALA D 368 -14.82 12.08 -16.00
C ALA D 368 -14.55 12.47 -17.45
N VAL D 369 -15.15 11.75 -18.39
CA VAL D 369 -14.96 12.04 -19.80
C VAL D 369 -15.46 13.44 -20.13
N ARG D 370 -16.63 13.82 -19.61
CA ARG D 370 -17.20 15.12 -19.97
C ARG D 370 -16.40 16.26 -19.36
N MET D 371 -15.93 16.11 -18.12
CA MET D 371 -15.18 17.21 -17.52
C MET D 371 -13.81 17.35 -18.17
N VAL D 372 -13.14 16.23 -18.45
CA VAL D 372 -11.88 16.30 -19.19
C VAL D 372 -12.12 16.89 -20.57
N ALA D 373 -13.26 16.56 -21.18
CA ALA D 373 -13.58 17.09 -22.50
C ALA D 373 -13.70 18.60 -22.46
N GLY D 374 -14.42 19.13 -21.47
CA GLY D 374 -14.53 20.58 -21.35
C GLY D 374 -13.19 21.25 -21.15
N VAL D 375 -12.41 20.76 -20.19
CA VAL D 375 -11.18 21.47 -19.85
C VAL D 375 -10.15 21.38 -20.99
N VAL D 376 -10.06 20.24 -21.66
CA VAL D 376 -9.09 20.11 -22.75
C VAL D 376 -9.56 20.85 -24.00
N GLY D 377 -10.86 20.78 -24.33
CA GLY D 377 -11.36 21.49 -25.48
C GLY D 377 -11.32 23.00 -25.34
N HIS D 378 -11.28 23.51 -24.11
CA HIS D 378 -10.98 24.92 -23.98
C HIS D 378 -9.56 25.28 -24.41
N LEU D 379 -8.66 24.30 -24.51
CA LEU D 379 -7.30 24.56 -24.93
C LEU D 379 -7.00 24.06 -26.35
N LEU D 380 -7.80 23.14 -26.88
CA LEU D 380 -7.53 22.59 -28.20
C LEU D 380 -7.98 23.48 -29.35
N PHE D 381 -8.93 24.38 -29.13
CA PHE D 381 -9.64 25.01 -30.24
C PHE D 381 -9.43 26.51 -30.28
N THR D 382 -9.58 27.06 -31.48
CA THR D 382 -9.53 28.49 -31.76
C THR D 382 -10.78 28.88 -32.57
N ALA D 383 -11.88 29.13 -31.86
CA ALA D 383 -13.17 29.37 -32.48
C ALA D 383 -13.71 30.76 -32.15
N GLY D 384 -12.85 31.77 -32.12
CA GLY D 384 -13.28 33.11 -31.80
C GLY D 384 -12.45 34.14 -32.54
N GLY D 385 -12.74 35.41 -32.26
CA GLY D 385 -12.00 36.49 -32.85
C GLY D 385 -12.59 36.94 -34.18
N ARG D 386 -11.88 36.66 -35.28
CA ARG D 386 -12.35 37.01 -36.60
C ARG D 386 -12.84 35.81 -37.41
N PHE D 387 -12.51 34.60 -36.98
CA PHE D 387 -13.03 33.37 -37.55
C PHE D 387 -13.56 32.51 -36.42
N THR D 388 -13.92 31.27 -36.75
CA THR D 388 -14.45 30.36 -35.76
C THR D 388 -14.32 28.92 -36.26
N ASN D 389 -14.51 27.97 -35.35
CA ASN D 389 -14.48 26.55 -35.68
C ASN D 389 -15.75 25.80 -35.31
N LEU D 390 -16.49 26.25 -34.30
CA LEU D 390 -17.61 25.50 -33.74
C LEU D 390 -18.83 26.38 -33.54
N THR D 391 -20.01 25.77 -33.65
CA THR D 391 -21.25 26.50 -33.43
C THR D 391 -21.42 26.82 -31.95
N GLN D 392 -22.45 27.61 -31.65
CA GLN D 392 -22.65 28.09 -30.28
C GLN D 392 -22.91 26.94 -29.33
N ASN D 393 -23.68 25.94 -29.76
CA ASN D 393 -24.05 24.81 -28.90
C ASN D 393 -22.82 24.13 -28.31
N MET D 394 -21.81 23.90 -29.15
CA MET D 394 -20.55 23.33 -28.68
C MET D 394 -19.94 24.20 -27.58
N ALA D 395 -19.95 25.51 -27.76
CA ALA D 395 -19.39 26.42 -26.77
C ALA D 395 -20.13 26.35 -25.45
N ARG D 396 -21.47 26.31 -25.51
CA ARG D 396 -22.24 26.23 -24.26
C ARG D 396 -21.99 24.91 -23.53
N GLN D 397 -21.92 23.78 -24.25
CA GLN D 397 -21.66 22.54 -23.53
C GLN D 397 -20.24 22.49 -22.97
N LEU D 398 -19.27 23.04 -23.70
CA LEU D 398 -17.91 23.11 -23.16
C LEU D 398 -17.88 23.95 -21.89
N ASP D 399 -18.58 25.08 -21.89
CA ASP D 399 -18.61 25.93 -20.70
C ASP D 399 -19.32 25.24 -19.54
N ILE D 400 -20.38 24.49 -19.82
CA ILE D 400 -21.06 23.75 -18.76
C ILE D 400 -20.13 22.71 -18.15
N ALA D 401 -19.39 21.99 -19.00
CA ALA D 401 -18.43 21.02 -18.51
C ALA D 401 -17.35 21.68 -17.67
N LEU D 402 -16.90 22.87 -18.09
CA LEU D 402 -15.92 23.60 -17.30
C LEU D 402 -16.47 23.99 -15.94
N ASN D 403 -17.71 24.51 -15.92
CA ASN D 403 -18.32 24.91 -14.66
C ASN D 403 -18.50 23.72 -13.74
N ASP D 404 -18.69 22.53 -14.30
CA ASP D 404 -18.75 21.33 -13.48
C ASP D 404 -17.37 20.94 -12.97
N TYR D 405 -16.35 21.06 -13.82
CA TYR D 405 -14.99 20.67 -13.42
C TYR D 405 -14.45 21.56 -12.32
N LEU D 406 -14.73 22.85 -12.37
CA LEU D 406 -14.17 23.77 -11.37
C LEU D 406 -15.00 23.80 -10.09
N LEU D 407 -15.83 22.80 -9.84
CA LEU D 407 -16.65 22.82 -8.64
C LEU D 407 -16.77 21.47 -7.94
N TYR D 408 -16.22 20.39 -8.50
CA TYR D 408 -16.47 19.07 -7.94
C TYR D 408 -15.74 18.87 -6.61
N MET D 409 -14.56 19.46 -6.47
CA MET D 409 -13.79 19.38 -5.24
C MET D 409 -13.73 20.77 -4.63
N TYR D 410 -14.75 21.09 -3.84
CA TYR D 410 -14.89 22.40 -3.23
C TYR D 410 -14.66 22.25 -1.72
N ASN D 411 -13.55 22.82 -1.25
CA ASN D 411 -13.08 22.61 0.12
C ASN D 411 -12.79 23.95 0.80
N THR D 412 -12.45 23.86 2.09
CA THR D 412 -12.31 25.06 2.91
C THR D 412 -11.15 25.94 2.45
N ARG D 413 -10.04 25.33 2.04
CA ARG D 413 -8.84 26.11 1.74
C ARG D 413 -9.02 27.00 0.51
N VAL D 414 -10.07 26.78 -0.27
CA VAL D 414 -10.41 27.65 -1.40
C VAL D 414 -11.78 28.23 -1.15
N GLN D 415 -11.84 29.56 -0.96
CA GLN D 415 -13.10 30.26 -0.77
C GLN D 415 -13.51 30.88 -2.11
N VAL D 416 -14.72 30.57 -2.55
CA VAL D 416 -15.21 30.98 -3.86
C VAL D 416 -16.43 31.87 -3.67
N ASN D 417 -16.38 33.05 -4.27
CA ASN D 417 -17.50 33.98 -4.27
C ASN D 417 -18.46 33.59 -5.39
N TYR D 418 -19.65 33.14 -5.04
CA TYR D 418 -20.64 32.80 -6.05
C TYR D 418 -21.18 34.06 -6.70
N GLY D 419 -21.21 34.08 -8.03
CA GLY D 419 -21.73 35.20 -8.76
C GLY D 419 -23.24 35.29 -8.64
N PRO D 420 -23.76 36.51 -8.55
CA PRO D 420 -25.22 36.69 -8.45
C PRO D 420 -25.98 36.19 -9.67
N THR D 421 -25.39 36.25 -10.85
CA THR D 421 -26.09 35.90 -12.07
C THR D 421 -26.37 34.41 -12.15
N GLY D 422 -27.44 34.06 -12.86
CA GLY D 422 -27.75 32.68 -13.15
C GLY D 422 -26.96 32.07 -14.28
N GLU D 423 -26.13 32.88 -14.93
CA GLU D 423 -25.25 32.36 -15.97
C GLU D 423 -24.20 31.44 -15.35
N PRO D 424 -24.00 30.25 -15.89
CA PRO D 424 -22.96 29.35 -15.34
C PRO D 424 -21.57 29.91 -15.57
N LEU D 425 -20.61 29.37 -14.80
CA LEU D 425 -19.22 29.83 -14.79
C LEU D 425 -19.10 31.28 -14.31
N ASP D 426 -19.84 31.63 -13.26
CA ASP D 426 -19.85 32.98 -12.71
C ASP D 426 -19.45 32.90 -11.23
N PHE D 427 -18.15 32.98 -10.97
CA PHE D 427 -17.67 32.95 -9.59
C PHE D 427 -16.25 33.50 -9.54
N GLN D 428 -15.84 33.85 -8.32
CA GLN D 428 -14.50 34.35 -8.01
C GLN D 428 -13.74 33.31 -7.21
N ILE D 429 -12.52 33.02 -7.64
CA ILE D 429 -11.71 31.98 -7.01
C ILE D 429 -10.28 32.49 -6.85
N GLY D 430 -9.58 31.97 -5.83
CA GLY D 430 -8.20 32.28 -5.60
C GLY D 430 -8.01 33.37 -4.56
N ARG D 431 -6.79 33.44 -4.02
CA ARG D 431 -6.45 34.49 -3.07
C ARG D 431 -6.43 35.86 -3.73
N ASN D 432 -5.94 35.92 -4.96
CA ASN D 432 -6.01 37.15 -5.75
C ASN D 432 -7.43 37.43 -6.26
N GLN D 433 -8.34 36.47 -6.12
CA GLN D 433 -9.70 36.53 -6.64
C GLN D 433 -9.67 36.78 -8.15
N TYR D 434 -9.10 35.81 -8.85
CA TYR D 434 -8.98 35.87 -10.30
C TYR D 434 -10.36 35.70 -10.94
N ASP D 435 -10.70 36.57 -11.87
CA ASP D 435 -12.03 36.60 -12.43
C ASP D 435 -12.17 35.53 -13.51
N CYS D 436 -13.05 34.56 -13.26
CA CYS D 436 -13.32 33.50 -14.21
C CYS D 436 -14.50 33.81 -15.13
N ASN D 437 -15.17 34.94 -14.93
CA ASN D 437 -16.26 35.32 -15.81
C ASN D 437 -15.77 35.71 -17.20
N VAL D 438 -14.46 35.95 -17.35
CA VAL D 438 -13.91 36.37 -18.63
C VAL D 438 -14.03 35.26 -19.67
N PHE D 439 -13.99 33.99 -19.25
CA PHE D 439 -13.85 32.88 -20.18
C PHE D 439 -15.17 32.39 -20.76
N ARG D 440 -16.19 33.25 -20.82
CA ARG D 440 -17.35 32.94 -21.65
C ARG D 440 -16.93 32.81 -23.10
N ALA D 441 -17.60 31.94 -23.82
CA ALA D 441 -17.29 31.69 -25.22
C ALA D 441 -18.22 32.54 -26.09
N ASP D 442 -17.77 33.73 -26.43
CA ASP D 442 -18.44 34.61 -27.38
C ASP D 442 -17.52 34.86 -28.56
N PHE D 443 -18.09 34.75 -29.77
CA PHE D 443 -17.27 34.79 -30.97
C PHE D 443 -16.68 36.18 -31.22
N ALA D 444 -17.37 37.23 -30.76
CA ALA D 444 -16.93 38.58 -31.05
C ALA D 444 -15.63 38.89 -30.33
N THR D 445 -15.58 38.66 -29.02
CA THR D 445 -14.34 38.86 -28.27
C THR D 445 -13.41 37.66 -28.36
N GLY D 446 -13.97 36.48 -28.61
CA GLY D 446 -13.16 35.29 -28.81
C GLY D 446 -12.61 34.63 -27.56
N THR D 447 -13.08 35.01 -26.37
CA THR D 447 -12.54 34.44 -25.15
C THR D 447 -12.94 32.97 -25.01
N GLY D 448 -12.01 32.18 -24.49
CA GLY D 448 -12.22 30.76 -24.31
C GLY D 448 -11.64 29.89 -25.40
N TYR D 449 -10.93 30.48 -26.37
CA TYR D 449 -10.31 29.77 -27.46
C TYR D 449 -8.82 30.10 -27.49
N ASN D 450 -8.12 29.49 -28.44
CA ASN D 450 -6.68 29.71 -28.54
C ASN D 450 -6.33 31.00 -29.28
N GLY D 451 -7.15 31.39 -30.24
CA GLY D 451 -6.87 32.60 -30.99
C GLY D 451 -7.24 33.87 -30.27
N TRP D 452 -7.75 33.76 -29.06
CA TRP D 452 -8.06 34.93 -28.25
C TRP D 452 -6.82 35.77 -27.99
N ALA D 453 -6.94 37.07 -28.25
CA ALA D 453 -5.86 38.05 -28.07
C ALA D 453 -4.60 37.65 -28.84
N THR D 454 -4.79 37.24 -30.10
CA THR D 454 -3.67 36.76 -30.91
C THR D 454 -3.89 37.15 -32.36
N ILE D 455 -2.83 37.60 -33.02
CA ILE D 455 -2.90 37.91 -34.44
C ILE D 455 -2.98 36.61 -35.24
N ASP D 456 -3.99 36.51 -36.10
CA ASP D 456 -4.21 35.33 -36.93
C ASP D 456 -4.18 35.63 -38.41
N VAL D 457 -4.80 36.72 -38.85
CA VAL D 457 -4.91 37.06 -40.27
C VAL D 457 -3.99 38.24 -40.54
N GLU D 458 -3.14 38.12 -41.56
CA GLU D 458 -2.23 39.19 -41.92
C GLU D 458 -1.89 39.07 -43.40
N TYR D 459 -1.57 40.20 -44.01
CA TYR D 459 -1.28 40.29 -45.44
C TYR D 459 0.18 40.73 -45.58
N ARG D 460 1.09 39.75 -45.59
CA ARG D 460 2.52 40.05 -45.49
C ARG D 460 3.10 40.54 -46.83
N GLU D 461 3.06 39.70 -47.85
CA GLU D 461 3.73 39.98 -49.11
C GLU D 461 2.79 39.65 -50.27
N PRO D 462 3.02 40.24 -51.46
CA PRO D 462 2.22 39.87 -52.63
C PRO D 462 2.33 38.39 -52.96
N ALA D 463 1.22 37.68 -52.82
CA ALA D 463 1.19 36.25 -53.06
C ALA D 463 1.06 35.96 -54.54
N PRO D 464 1.51 34.77 -54.98
CA PRO D 464 1.24 34.37 -56.37
C PRO D 464 -0.24 34.28 -56.70
N TYR D 465 -1.06 33.74 -55.80
CA TYR D 465 -2.50 33.61 -56.05
C TYR D 465 -3.21 34.86 -55.53
N VAL D 466 -3.67 35.73 -56.42
CA VAL D 466 -4.25 37.03 -56.05
C VAL D 466 -5.55 36.93 -55.24
N HIS D 467 -6.28 35.82 -55.37
CA HIS D 467 -7.40 35.46 -54.51
C HIS D 467 -6.98 34.98 -53.12
N ALA D 468 -5.72 34.57 -52.94
CA ALA D 468 -5.24 33.99 -51.69
C ALA D 468 -4.01 34.77 -51.25
N GLN D 469 -4.24 35.91 -50.59
CA GLN D 469 -3.18 36.71 -50.02
C GLN D 469 -2.88 36.36 -48.58
N ARG D 470 -3.66 35.46 -47.99
CA ARG D 470 -3.74 35.33 -46.55
C ARG D 470 -2.62 34.45 -45.99
N TYR D 471 -2.20 34.78 -44.78
CA TYR D 471 -1.36 33.93 -43.94
C TYR D 471 -2.04 33.76 -42.60
N ILE D 472 -1.98 32.55 -42.05
CA ILE D 472 -2.62 32.25 -40.77
C ILE D 472 -1.56 31.72 -39.81
N ARG D 473 -1.50 32.32 -38.63
CA ARG D 473 -0.51 31.98 -37.60
C ARG D 473 -1.25 31.71 -36.31
N TYR D 474 -1.40 30.45 -35.94
CA TYR D 474 -2.07 30.10 -34.70
C TYR D 474 -1.12 30.34 -33.53
N CYS D 475 -1.62 31.04 -32.50
CA CYS D 475 -0.90 31.26 -31.24
C CYS D 475 0.44 31.94 -31.44
N GLY D 476 0.59 32.72 -32.52
CA GLY D 476 1.78 33.50 -32.73
C GLY D 476 2.92 32.78 -33.40
N ILE D 477 2.80 31.47 -33.67
CA ILE D 477 3.86 30.75 -34.34
C ILE D 477 3.88 31.14 -35.81
N ASP D 478 5.04 31.57 -36.29
CA ASP D 478 5.23 31.88 -37.70
C ASP D 478 5.48 30.59 -38.47
N SER D 479 5.06 30.58 -39.74
CA SER D 479 5.12 29.37 -40.55
C SER D 479 6.27 29.39 -41.55
N ARG D 480 7.21 30.32 -41.40
CA ARG D 480 8.37 30.38 -42.28
C ARG D 480 9.59 29.66 -41.71
N GLU D 481 9.55 29.26 -40.45
CA GLU D 481 10.67 28.55 -39.86
C GLU D 481 10.45 27.05 -39.89
N LEU D 482 11.45 26.35 -40.41
CA LEU D 482 11.43 24.89 -40.38
C LEU D 482 11.53 24.42 -38.94
N ILE D 483 10.85 23.32 -38.63
CA ILE D 483 10.64 22.87 -37.26
C ILE D 483 11.56 21.69 -36.99
N ASN D 484 12.26 21.73 -35.85
CA ASN D 484 13.00 20.59 -35.32
C ASN D 484 12.21 20.01 -34.16
N PRO D 485 11.27 19.12 -34.42
CA PRO D 485 10.26 18.79 -33.39
C PRO D 485 10.81 18.14 -32.13
N THR D 486 12.01 17.55 -32.18
CA THR D 486 12.54 16.90 -30.99
C THR D 486 12.97 17.92 -29.94
N THR D 487 13.45 19.10 -30.38
CA THR D 487 13.95 20.11 -29.45
C THR D 487 13.22 21.44 -29.54
N TYR D 488 12.60 21.76 -30.66
CA TYR D 488 11.85 23.00 -30.78
C TYR D 488 10.61 22.96 -29.91
N GLY D 489 10.17 24.13 -29.47
CA GLY D 489 8.91 24.25 -28.78
C GLY D 489 8.97 24.19 -27.27
N ILE D 490 10.17 24.22 -26.69
CA ILE D 490 10.28 24.06 -25.23
C ILE D 490 9.68 25.27 -24.51
N GLY D 491 10.07 26.48 -24.92
CA GLY D 491 9.85 27.62 -24.05
C GLY D 491 9.22 28.89 -24.61
N MET D 492 8.25 28.79 -25.52
CA MET D 492 7.52 29.98 -25.95
C MET D 492 6.10 29.89 -25.41
N THR D 493 5.44 31.03 -25.25
CA THR D 493 4.12 31.05 -24.65
C THR D 493 3.30 32.20 -25.22
N TYR D 494 1.99 32.10 -25.02
CA TYR D 494 1.04 33.14 -25.37
C TYR D 494 0.17 33.43 -24.15
N HIS D 495 -0.89 34.22 -24.36
CA HIS D 495 -1.66 34.74 -23.22
C HIS D 495 -2.61 33.69 -22.67
N CYS D 496 -3.34 33.00 -23.56
CA CYS D 496 -4.43 32.13 -23.13
C CYS D 496 -3.92 30.95 -22.31
N TYR D 497 -2.83 30.33 -22.74
CA TYR D 497 -2.30 29.17 -22.03
C TYR D 497 -1.82 29.56 -20.63
N ASN D 498 -1.13 30.70 -20.54
CA ASN D 498 -0.64 31.19 -19.25
C ASN D 498 -1.80 31.51 -18.31
N GLU D 499 -2.84 32.18 -18.82
CA GLU D 499 -3.98 32.47 -17.96
C GLU D 499 -4.71 31.20 -17.57
N MET D 500 -4.76 30.21 -18.46
CA MET D 500 -5.42 28.96 -18.12
C MET D 500 -4.68 28.22 -17.01
N LEU D 501 -3.34 28.15 -17.09
CA LEU D 501 -2.61 27.51 -16.02
C LEU D 501 -2.68 28.30 -14.72
N ARG D 502 -2.71 29.64 -14.80
CA ARG D 502 -2.89 30.44 -13.61
C ARG D 502 -4.24 30.18 -12.95
N MET D 503 -5.28 30.04 -13.76
CA MET D 503 -6.60 29.70 -13.25
C MET D 503 -6.61 28.29 -12.65
N LEU D 504 -5.91 27.37 -13.28
CA LEU D 504 -5.83 26.00 -12.77
C LEU D 504 -5.19 25.97 -11.39
N VAL D 505 -4.08 26.69 -11.22
CA VAL D 505 -3.45 26.77 -9.91
C VAL D 505 -4.39 27.48 -8.94
N ALA D 506 -5.08 28.52 -9.41
CA ALA D 506 -6.09 29.17 -8.59
C ALA D 506 -7.22 28.21 -8.22
N ALA D 507 -7.45 27.18 -9.02
CA ALA D 507 -8.40 26.13 -8.67
C ALA D 507 -7.80 25.07 -7.77
N GLY D 508 -6.49 25.11 -7.53
CA GLY D 508 -5.83 24.14 -6.68
C GLY D 508 -5.45 22.84 -7.34
N LYS D 509 -5.72 22.69 -8.64
CA LYS D 509 -5.42 21.45 -9.36
C LYS D 509 -3.96 21.51 -9.81
N ASP D 510 -3.07 20.93 -9.01
CA ASP D 510 -1.65 20.97 -9.32
C ASP D 510 -1.29 20.02 -10.46
N SER D 511 -1.84 18.81 -10.43
CA SER D 511 -1.40 17.75 -11.34
C SER D 511 -1.71 18.10 -12.79
N GLU D 512 -2.90 18.66 -13.04
CA GLU D 512 -3.25 19.07 -14.40
C GLU D 512 -2.32 20.16 -14.90
N ALA D 513 -1.95 21.10 -14.01
CA ALA D 513 -1.00 22.13 -14.38
C ALA D 513 0.34 21.52 -14.77
N ALA D 514 0.82 20.55 -13.98
CA ALA D 514 2.08 19.90 -14.31
C ALA D 514 2.01 19.18 -15.64
N TYR D 515 0.89 18.49 -15.89
CA TYR D 515 0.72 17.74 -17.14
C TYR D 515 0.70 18.67 -18.34
N PHE D 516 -0.08 19.73 -18.26
CA PHE D 516 -0.20 20.66 -19.38
C PHE D 516 1.10 21.40 -19.61
N ARG D 517 1.82 21.76 -18.55
CA ARG D 517 3.13 22.38 -18.73
C ARG D 517 4.11 21.41 -19.38
N SER D 518 4.07 20.15 -18.97
CA SER D 518 5.00 19.16 -19.50
C SER D 518 4.81 18.97 -20.99
N MET D 519 3.56 18.86 -21.44
CA MET D 519 3.33 18.71 -22.87
C MET D 519 2.90 19.99 -23.57
N LEU D 520 3.20 21.16 -22.99
CA LEU D 520 3.24 22.39 -23.77
C LEU D 520 4.12 22.29 -25.01
N PRO D 521 5.34 21.72 -24.96
CA PRO D 521 6.07 21.52 -26.22
C PRO D 521 5.34 20.62 -27.19
N PHE D 522 4.62 19.61 -26.69
CA PHE D 522 3.83 18.74 -27.56
C PHE D 522 2.79 19.55 -28.32
N HIS D 523 2.04 20.40 -27.60
CA HIS D 523 1.10 21.34 -28.18
C HIS D 523 1.76 22.18 -29.26
N MET D 524 2.91 22.75 -28.93
CA MET D 524 3.49 23.73 -29.84
C MET D 524 4.02 23.05 -31.10
N VAL D 525 4.60 21.85 -30.97
CA VAL D 525 5.13 21.20 -32.16
C VAL D 525 4.00 20.72 -33.07
N ARG D 526 2.90 20.19 -32.49
CA ARG D 526 1.83 19.76 -33.39
C ARG D 526 1.17 20.95 -34.06
N PHE D 527 0.97 22.06 -33.34
CA PHE D 527 0.47 23.26 -33.99
C PHE D 527 1.44 23.84 -35.00
N ALA D 528 2.74 23.64 -34.81
CA ALA D 528 3.71 24.02 -35.84
C ALA D 528 3.51 23.18 -37.10
N ARG D 529 3.25 21.87 -36.93
CA ARG D 529 2.99 21.02 -38.08
C ARG D 529 1.74 21.45 -38.83
N ILE D 530 0.68 21.80 -38.08
CA ILE D 530 -0.52 22.30 -38.73
C ILE D 530 -0.26 23.62 -39.43
N ASN D 531 0.58 24.48 -38.83
CA ASN D 531 0.96 25.71 -39.49
C ASN D 531 1.64 25.43 -40.82
N GLN D 532 2.54 24.45 -40.85
CA GLN D 532 3.19 24.07 -42.10
C GLN D 532 2.18 23.59 -43.13
N ILE D 533 1.30 22.68 -42.72
CA ILE D 533 0.38 22.06 -43.67
C ILE D 533 -0.66 23.05 -44.17
N ILE D 534 -0.93 24.11 -43.40
CA ILE D 534 -1.95 25.07 -43.83
C ILE D 534 -1.33 26.18 -44.67
N ASN D 535 -0.17 26.70 -44.25
CA ASN D 535 0.43 27.81 -44.95
C ASN D 535 1.27 27.40 -46.15
N GLU D 536 1.53 26.10 -46.34
CA GLU D 536 2.36 25.69 -47.47
C GLU D 536 1.60 24.87 -48.50
N ASP D 537 1.00 23.76 -48.10
CA ASP D 537 0.38 22.85 -49.06
C ASP D 537 -0.94 23.39 -49.60
N LEU D 538 -1.78 23.95 -48.74
CA LEU D 538 -3.16 24.20 -49.09
C LEU D 538 -3.36 25.50 -49.88
N HIS D 539 -2.31 26.27 -50.11
CA HIS D 539 -2.45 27.54 -50.83
C HIS D 539 -2.68 27.25 -52.30
N SER D 540 -3.89 27.50 -52.77
CA SER D 540 -4.24 27.26 -54.16
C SER D 540 -5.46 28.11 -54.51
N VAL D 541 -5.82 28.15 -55.78
CA VAL D 541 -7.05 28.83 -56.23
C VAL D 541 -8.29 28.23 -55.61
N PHE D 542 -8.24 26.97 -55.16
CA PHE D 542 -9.42 26.35 -54.58
C PHE D 542 -9.73 26.86 -53.17
N SER D 543 -8.84 27.62 -52.57
CA SER D 543 -9.09 28.17 -51.24
C SER D 543 -10.23 29.18 -51.29
N LEU D 544 -10.84 29.40 -50.14
CA LEU D 544 -11.92 30.37 -50.04
C LEU D 544 -11.39 31.78 -50.25
N PRO D 545 -12.02 32.58 -51.11
CA PRO D 545 -11.52 33.93 -51.37
C PRO D 545 -11.62 34.81 -50.13
N ASP D 546 -10.68 35.76 -50.04
CA ASP D 546 -10.55 36.56 -48.83
C ASP D 546 -11.77 37.45 -48.60
N ASP D 547 -12.29 38.07 -49.67
CA ASP D 547 -13.50 38.87 -49.55
C ASP D 547 -14.67 38.01 -49.09
N MET D 548 -14.77 36.80 -49.64
CA MET D 548 -15.75 35.84 -49.14
C MET D 548 -15.42 35.41 -47.71
N PHE D 549 -14.13 35.23 -47.40
CA PHE D 549 -13.74 34.72 -46.10
C PHE D 549 -14.07 35.68 -44.98
N ASN D 550 -14.06 36.97 -45.27
CA ASN D 550 -14.34 37.96 -44.22
C ASN D 550 -15.77 37.85 -43.69
N ALA D 551 -16.67 37.19 -44.42
CA ALA D 551 -18.08 37.25 -44.12
C ALA D 551 -18.60 36.12 -43.25
N LEU D 552 -17.77 35.12 -42.93
CA LEU D 552 -18.27 33.93 -42.26
C LEU D 552 -18.74 34.23 -40.83
N LEU D 553 -18.00 35.04 -40.10
CA LEU D 553 -18.43 35.39 -38.75
C LEU D 553 -19.77 36.13 -38.73
N PRO D 554 -20.00 37.18 -39.55
CA PRO D 554 -21.37 37.69 -39.66
C PRO D 554 -22.35 36.66 -40.19
N ASP D 555 -21.90 35.78 -41.08
CA ASP D 555 -22.76 34.72 -41.60
C ASP D 555 -23.19 33.78 -40.47
N LEU D 556 -22.26 33.39 -39.60
CA LEU D 556 -22.60 32.46 -38.54
C LEU D 556 -23.45 33.13 -37.47
N ILE D 557 -23.10 34.34 -37.07
CA ILE D 557 -23.80 34.93 -35.94
C ILE D 557 -25.14 35.53 -36.35
N ALA D 558 -25.32 35.89 -37.63
CA ALA D 558 -26.56 36.53 -38.04
C ALA D 558 -27.71 35.54 -38.08
N GLY D 559 -27.49 34.37 -38.67
CA GLY D 559 -28.53 33.38 -38.81
C GLY D 559 -29.14 33.26 -40.20
N ALA D 560 -28.54 33.87 -41.22
CA ALA D 560 -29.01 33.76 -42.58
C ALA D 560 -27.99 32.99 -43.43
N HIS D 561 -28.34 32.75 -44.69
CA HIS D 561 -27.52 31.94 -45.58
C HIS D 561 -27.45 32.55 -46.96
N GLN D 562 -27.19 33.86 -47.06
CA GLN D 562 -26.97 34.48 -48.35
C GLN D 562 -25.74 33.91 -49.04
N ASN D 563 -24.67 33.69 -48.28
CA ASN D 563 -23.49 33.01 -48.78
C ASN D 563 -23.67 31.50 -48.60
N ALA D 564 -22.69 30.74 -49.07
CA ALA D 564 -22.72 29.30 -48.94
C ALA D 564 -22.68 28.90 -47.46
N ASP D 565 -23.57 27.99 -47.09
CA ASP D 565 -23.58 27.45 -45.74
C ASP D 565 -22.40 26.51 -45.58
N PRO D 566 -21.50 26.74 -44.63
CA PRO D 566 -20.39 25.79 -44.40
C PRO D 566 -20.92 24.44 -43.99
N VAL D 567 -20.22 23.39 -44.44
CA VAL D 567 -20.59 22.04 -44.07
C VAL D 567 -20.35 21.82 -42.58
N VAL D 568 -21.08 20.88 -42.00
CA VAL D 568 -21.05 20.63 -40.57
C VAL D 568 -20.61 19.20 -40.33
N LEU D 569 -19.83 19.00 -39.28
CA LEU D 569 -19.25 17.71 -38.94
C LEU D 569 -19.51 17.42 -37.47
N ASP D 570 -19.67 16.15 -37.14
CA ASP D 570 -20.03 15.73 -35.78
C ASP D 570 -19.15 14.58 -35.30
N VAL D 571 -18.69 14.69 -34.05
CA VAL D 571 -17.80 13.70 -33.43
C VAL D 571 -18.27 13.41 -32.00
N SER D 572 -17.50 12.61 -31.29
CA SER D 572 -17.82 12.17 -29.93
C SER D 572 -17.02 12.95 -28.89
N TRP D 573 -17.44 12.81 -27.63
CA TRP D 573 -16.82 13.58 -26.55
C TRP D 573 -15.41 13.11 -26.25
N ILE D 574 -15.23 11.79 -26.05
CA ILE D 574 -13.90 11.28 -25.71
C ILE D 574 -12.93 11.36 -26.86
N SER D 575 -13.43 11.66 -28.07
CA SER D 575 -12.58 11.76 -29.24
C SER D 575 -11.56 12.88 -29.09
N LEU D 576 -11.95 13.98 -28.46
CA LEU D 576 -11.02 15.10 -28.33
C LEU D 576 -9.88 14.77 -27.38
N TRP D 577 -10.12 13.89 -26.39
CA TRP D 577 -9.05 13.49 -25.50
C TRP D 577 -7.97 12.73 -26.26
N PHE D 578 -8.37 11.84 -27.17
CA PHE D 578 -7.36 11.13 -27.95
C PHE D 578 -6.74 12.01 -29.01
N ALA D 579 -7.50 12.94 -29.57
CA ALA D 579 -6.93 13.89 -30.52
C ALA D 579 -5.90 14.79 -29.86
N PHE D 580 -6.13 15.16 -28.59
CA PHE D 580 -5.19 16.01 -27.88
C PHE D 580 -3.86 15.30 -27.66
N ASN D 581 -3.89 13.99 -27.48
CA ASN D 581 -2.72 13.23 -27.10
C ASN D 581 -2.00 12.62 -28.30
N ARG D 582 -2.29 13.11 -29.50
CA ARG D 582 -1.64 12.64 -30.70
C ARG D 582 -1.04 13.82 -31.45
N SER D 583 -0.06 13.52 -32.30
CA SER D 583 0.52 14.52 -33.20
C SER D 583 0.54 13.94 -34.61
N PHE D 584 0.16 14.77 -35.58
CA PHE D 584 0.05 14.37 -36.96
C PHE D 584 1.31 14.78 -37.71
N GLU D 585 1.86 13.86 -38.50
CA GLU D 585 3.09 14.12 -39.24
C GLU D 585 2.85 13.90 -40.73
N PRO D 586 3.14 14.89 -41.58
CA PRO D 586 3.06 14.72 -43.05
C PRO D 586 4.32 14.09 -43.63
N THR D 587 4.48 12.79 -43.37
CA THR D 587 5.66 12.07 -43.83
C THR D 587 5.58 11.68 -45.30
N HIS D 588 4.40 11.73 -45.91
CA HIS D 588 4.25 11.42 -47.32
C HIS D 588 3.32 12.44 -47.96
N ARG D 589 3.80 13.13 -48.98
CA ARG D 589 3.05 14.22 -49.59
C ARG D 589 2.11 13.69 -50.67
N ASN D 590 1.09 14.48 -50.97
CA ASN D 590 0.08 14.06 -51.93
C ASN D 590 0.68 14.01 -53.33
N GLU D 591 0.16 13.08 -54.14
CA GLU D 591 0.76 12.77 -55.43
C GLU D 591 0.45 13.81 -56.48
N MET D 592 -0.72 14.45 -56.42
CA MET D 592 -1.17 15.32 -57.50
C MET D 592 -1.02 16.80 -57.17
N LEU D 593 -0.07 17.14 -56.30
CA LEU D 593 0.14 18.54 -55.94
C LEU D 593 0.81 19.31 -57.08
N GLU D 594 1.84 18.73 -57.68
CA GLU D 594 2.68 19.40 -58.66
C GLU D 594 1.98 19.66 -59.99
N VAL D 595 0.83 19.06 -60.24
CA VAL D 595 0.15 19.21 -61.52
C VAL D 595 -1.08 20.08 -61.40
N ALA D 596 -1.27 20.75 -60.27
CA ALA D 596 -2.44 21.60 -60.08
C ALA D 596 -2.56 22.76 -61.08
N PRO D 597 -1.47 23.46 -61.45
CA PRO D 597 -1.57 24.57 -62.38
C PRO D 597 -2.10 24.14 -63.74
N LEU D 598 -1.63 22.99 -64.23
CA LEU D 598 -2.10 22.40 -65.49
C LEU D 598 -3.60 22.12 -65.42
N ILE D 599 -4.04 21.50 -64.33
CA ILE D 599 -5.42 21.12 -64.08
C ILE D 599 -6.32 22.36 -64.12
N GLU D 600 -5.89 23.40 -63.43
CA GLU D 600 -6.64 24.62 -63.38
C GLU D 600 -6.74 25.29 -64.75
N SER D 601 -5.65 25.29 -65.52
CA SER D 601 -5.66 25.94 -66.83
C SER D 601 -6.63 25.26 -67.79
N VAL D 602 -6.61 23.92 -67.85
CA VAL D 602 -7.59 23.21 -68.69
C VAL D 602 -9.00 23.43 -68.17
N TYR D 603 -9.20 23.39 -66.85
CA TYR D 603 -10.52 23.57 -66.28
C TYR D 603 -11.09 24.94 -66.64
N ALA D 604 -10.30 25.98 -66.44
CA ALA D 604 -10.66 27.35 -66.74
C ALA D 604 -10.97 27.56 -68.23
N SER D 605 -10.21 26.88 -69.07
CA SER D 605 -10.43 26.96 -70.51
C SER D 605 -11.77 26.35 -70.86
N GLU D 606 -12.05 25.13 -70.40
CA GLU D 606 -13.32 24.49 -70.71
C GLU D 606 -14.49 25.32 -70.19
N LEU D 607 -14.37 25.85 -68.97
CA LEU D 607 -15.41 26.72 -68.42
C LEU D 607 -15.66 27.91 -69.33
N SER D 608 -14.61 28.58 -69.78
CA SER D 608 -14.78 29.74 -70.66
C SER D 608 -15.39 29.34 -72.00
N VAL D 609 -15.08 28.14 -72.49
CA VAL D 609 -15.72 27.67 -73.71
C VAL D 609 -17.23 27.59 -73.53
N MET D 610 -17.69 27.00 -72.43
CA MET D 610 -19.14 26.95 -72.24
C MET D 610 -19.72 28.34 -71.95
N LYS D 611 -18.95 29.22 -71.32
CA LYS D 611 -19.39 30.61 -71.13
C LYS D 611 -19.71 31.28 -72.46
N VAL D 612 -18.74 31.25 -73.39
CA VAL D 612 -18.94 31.94 -74.66
C VAL D 612 -20.01 31.25 -75.50
N ASP D 613 -20.12 29.92 -75.38
CA ASP D 613 -21.19 29.22 -76.08
C ASP D 613 -22.56 29.69 -75.60
N MET D 614 -22.72 29.84 -74.29
CA MET D 614 -23.97 30.43 -73.78
C MET D 614 -24.16 31.85 -74.27
N ARG D 615 -23.10 32.66 -74.23
CA ARG D 615 -23.22 34.07 -74.60
C ARG D 615 -23.73 34.21 -76.02
N HIS D 616 -23.21 33.40 -76.93
CA HIS D 616 -23.64 33.59 -78.30
C HIS D 616 -24.92 32.82 -78.60
N LEU D 617 -25.13 31.66 -77.98
CA LEU D 617 -26.29 30.84 -78.30
C LEU D 617 -27.57 31.36 -77.68
N SER D 618 -27.50 32.24 -76.67
CA SER D 618 -28.72 32.83 -76.16
C SER D 618 -29.36 33.76 -77.20
N LEU D 619 -28.61 34.20 -78.19
CA LEU D 619 -29.10 35.09 -79.23
C LEU D 619 -29.52 34.36 -80.49
N MET D 620 -30.12 33.18 -80.36
CA MET D 620 -30.60 32.48 -81.56
C MET D 620 -32.01 32.91 -81.94
N GLN D 621 -32.91 33.02 -80.96
CA GLN D 621 -34.32 33.22 -81.28
C GLN D 621 -34.59 34.61 -81.85
N ARG D 622 -33.76 35.59 -81.50
CA ARG D 622 -33.98 36.96 -81.96
C ARG D 622 -33.87 37.06 -83.47
N ARG D 623 -32.77 36.53 -84.03
CA ARG D 623 -32.53 36.66 -85.47
C ARG D 623 -33.56 35.88 -86.28
N PHE D 624 -33.98 34.73 -85.77
CA PHE D 624 -34.89 33.84 -86.47
C PHE D 624 -36.04 33.49 -85.55
N PRO D 625 -37.08 34.32 -85.51
CA PRO D 625 -38.22 34.02 -84.65
C PRO D 625 -39.10 32.90 -85.18
N ASP D 626 -39.26 32.79 -86.50
CA ASP D 626 -40.22 31.86 -87.08
C ASP D 626 -39.78 30.41 -87.02
N VAL D 627 -38.50 30.13 -86.80
CA VAL D 627 -38.01 28.75 -86.74
C VAL D 627 -37.77 28.27 -85.33
N LEU D 628 -37.80 29.15 -84.34
CA LEU D 628 -37.60 28.76 -82.95
C LEU D 628 -38.79 29.19 -82.11
N ILE D 629 -40.00 28.92 -82.61
CA ILE D 629 -41.20 29.37 -81.93
C ILE D 629 -41.36 28.69 -80.58
N GLN D 630 -41.14 27.38 -80.54
CA GLN D 630 -41.35 26.58 -79.34
C GLN D 630 -40.09 26.50 -78.48
N ALA D 631 -39.16 27.43 -78.65
CA ALA D 631 -37.82 27.28 -78.08
C ALA D 631 -37.81 27.60 -76.59
N ARG D 632 -36.65 27.35 -75.99
CA ARG D 632 -36.37 27.62 -74.58
C ARG D 632 -34.87 27.56 -74.40
N PRO D 633 -34.29 28.35 -73.49
CA PRO D 633 -32.85 28.23 -73.23
C PRO D 633 -32.42 26.84 -72.78
N SER D 634 -33.34 26.07 -72.17
CA SER D 634 -33.05 24.69 -71.82
C SER D 634 -32.68 23.86 -73.04
N HIS D 635 -33.21 24.22 -74.22
CA HIS D 635 -32.90 23.49 -75.44
C HIS D 635 -31.41 23.51 -75.74
N PHE D 636 -30.83 24.71 -75.90
CA PHE D 636 -29.40 24.75 -76.15
C PHE D 636 -28.58 24.41 -74.90
N TRP D 637 -29.16 24.53 -73.71
CA TRP D 637 -28.50 24.02 -72.51
C TRP D 637 -28.20 22.53 -72.66
N LYS D 638 -29.23 21.74 -72.97
CA LYS D 638 -28.99 20.31 -73.16
C LYS D 638 -28.20 20.04 -74.43
N ALA D 639 -28.32 20.91 -75.43
CA ALA D 639 -27.56 20.73 -76.66
C ALA D 639 -26.06 20.82 -76.40
N VAL D 640 -25.63 21.84 -75.64
CA VAL D 640 -24.21 21.94 -75.34
C VAL D 640 -23.79 20.91 -74.29
N LEU D 641 -24.72 20.44 -73.45
CA LEU D 641 -24.37 19.31 -72.59
C LEU D 641 -24.14 18.05 -73.40
N ASN D 642 -24.77 17.96 -74.58
CA ASN D 642 -24.50 16.85 -75.48
C ASN D 642 -23.14 17.00 -76.17
N ASP D 643 -22.65 18.22 -76.32
CA ASP D 643 -21.43 18.50 -77.07
C ASP D 643 -20.31 19.04 -76.18
N SER D 644 -20.15 18.45 -75.00
CA SER D 644 -19.04 18.77 -74.12
C SER D 644 -18.49 17.50 -73.51
N PRO D 645 -17.20 17.48 -73.15
CA PRO D 645 -16.63 16.29 -72.51
C PRO D 645 -17.26 16.03 -71.15
N GLU D 646 -17.11 14.79 -70.68
CA GLU D 646 -17.82 14.34 -69.49
C GLU D 646 -17.21 14.86 -68.19
N ALA D 647 -15.92 15.18 -68.20
CA ALA D 647 -15.22 15.50 -66.96
C ALA D 647 -15.72 16.79 -66.33
N VAL D 648 -15.91 17.83 -67.15
CA VAL D 648 -16.45 19.08 -66.62
C VAL D 648 -17.87 18.89 -66.13
N LYS D 649 -18.65 18.03 -66.80
CA LYS D 649 -20.00 17.75 -66.36
C LYS D 649 -20.01 17.05 -65.01
N ALA D 650 -19.09 16.10 -64.80
CA ALA D 650 -18.98 15.42 -63.52
C ALA D 650 -18.55 16.38 -62.42
N VAL D 651 -17.60 17.26 -62.72
CA VAL D 651 -17.17 18.26 -61.75
C VAL D 651 -18.34 19.16 -61.36
N MET D 652 -19.12 19.58 -62.35
CA MET D 652 -20.24 20.47 -62.09
C MET D 652 -21.35 19.74 -61.32
N ASN D 653 -21.49 18.44 -61.55
CA ASN D 653 -22.36 17.58 -60.74
C ASN D 653 -21.91 17.56 -59.29
N LEU D 654 -20.59 17.45 -59.06
CA LEU D 654 -20.10 17.44 -57.69
C LEU D 654 -20.44 18.73 -56.95
N SER D 655 -20.71 19.81 -57.68
CA SER D 655 -21.31 21.02 -57.11
C SER D 655 -22.81 20.85 -56.94
N HIS D 656 -23.51 20.42 -57.98
CA HIS D 656 -24.96 20.23 -57.91
C HIS D 656 -25.35 18.88 -57.35
N SER D 657 -24.49 18.26 -56.54
CA SER D 657 -24.82 16.99 -55.90
C SER D 657 -26.11 17.12 -55.08
N HIS D 658 -26.31 18.27 -54.44
CA HIS D 658 -27.52 18.50 -53.67
C HIS D 658 -28.11 19.89 -53.83
N ASN D 659 -27.72 20.64 -54.88
CA ASN D 659 -28.17 22.03 -55.02
C ASN D 659 -28.75 22.26 -56.40
N PHE D 660 -29.77 23.13 -56.46
CA PHE D 660 -30.57 23.39 -57.65
C PHE D 660 -30.39 24.82 -58.15
N ILE D 661 -30.35 24.98 -59.47
CA ILE D 661 -30.25 26.29 -60.10
C ILE D 661 -31.21 26.34 -61.28
N ASN D 662 -31.22 27.46 -61.99
CA ASN D 662 -32.14 27.68 -63.10
C ASN D 662 -31.43 28.39 -64.24
N ILE D 663 -32.22 28.80 -65.23
CA ILE D 663 -31.67 29.41 -66.45
C ILE D 663 -31.08 30.77 -66.16
N ARG D 664 -31.80 31.60 -65.40
CA ARG D 664 -31.30 32.95 -65.11
C ARG D 664 -30.03 32.91 -64.30
N ASP D 665 -29.77 31.80 -63.59
CA ASP D 665 -28.47 31.61 -62.98
C ASP D 665 -27.37 31.64 -64.04
N MET D 666 -27.56 30.90 -65.13
CA MET D 666 -26.60 30.95 -66.22
C MET D 666 -26.57 32.32 -66.87
N MET D 667 -27.73 32.97 -67.01
CA MET D 667 -27.77 34.27 -67.66
C MET D 667 -26.95 35.30 -66.89
N ARG D 668 -27.10 35.32 -65.57
CA ARG D 668 -26.26 36.16 -64.74
C ARG D 668 -24.81 35.70 -64.75
N TRP D 669 -24.59 34.39 -64.90
CA TRP D 669 -23.24 33.86 -64.93
C TRP D 669 -22.49 34.34 -66.16
N VAL D 670 -23.17 34.42 -67.30
CA VAL D 670 -22.54 34.83 -68.55
C VAL D 670 -22.18 36.31 -68.50
N MET D 671 -23.05 37.12 -67.88
CA MET D 671 -22.79 38.56 -67.78
C MET D 671 -21.54 38.87 -66.98
N LEU D 672 -21.03 37.93 -66.19
CA LEU D 672 -19.72 38.08 -65.59
C LEU D 672 -18.68 38.09 -66.70
N PRO D 673 -17.85 39.14 -66.81
CA PRO D 673 -16.92 39.24 -67.93
C PRO D 673 -15.66 38.40 -67.78
N SER D 674 -15.59 37.50 -66.80
CA SER D 674 -14.44 36.63 -66.58
C SER D 674 -14.29 35.55 -67.68
N LEU D 675 -13.21 35.61 -68.46
CA LEU D 675 -12.81 34.57 -69.42
C LEU D 675 -11.29 34.35 -69.36
N GLN D 676 -10.85 33.09 -69.43
CA GLN D 676 -9.44 32.68 -69.29
C GLN D 676 -8.72 32.72 -70.65
N PRO D 677 -7.67 33.54 -70.85
CA PRO D 677 -6.87 33.54 -72.08
C PRO D 677 -6.32 32.14 -72.38
N SER D 678 -6.58 31.61 -73.57
CA SER D 678 -6.19 30.25 -73.97
C SER D 678 -6.33 30.08 -75.48
N LEU D 679 -5.66 29.07 -76.04
CA LEU D 679 -5.64 28.85 -77.48
C LEU D 679 -7.04 28.56 -78.05
N LYS D 680 -7.77 27.59 -77.49
CA LYS D 680 -9.09 27.22 -77.99
C LYS D 680 -10.06 28.39 -77.88
N LEU D 681 -9.97 29.19 -76.82
CA LEU D 681 -10.83 30.35 -76.68
C LEU D 681 -10.65 31.33 -77.82
N ALA D 682 -9.40 31.64 -78.17
CA ALA D 682 -9.13 32.53 -79.30
C ALA D 682 -9.70 31.97 -80.59
N LEU D 683 -9.44 30.69 -80.85
CA LEU D 683 -9.94 30.07 -82.07
C LEU D 683 -11.46 30.13 -82.15
N GLU D 684 -12.13 29.69 -81.09
CA GLU D 684 -13.59 29.65 -81.13
C GLU D 684 -14.19 31.05 -81.20
N GLU D 685 -13.58 32.02 -80.52
CA GLU D 685 -14.17 33.35 -80.51
C GLU D 685 -14.10 33.97 -81.89
N GLU D 686 -12.96 33.84 -82.56
CA GLU D 686 -12.91 34.35 -83.92
C GLU D 686 -13.71 33.49 -84.89
N ALA D 687 -13.96 32.22 -84.53
CA ALA D 687 -14.81 31.38 -85.37
C ALA D 687 -16.27 31.83 -85.30
N TRP D 688 -16.77 32.07 -84.09
CA TRP D 688 -18.13 32.57 -83.96
C TRP D 688 -18.26 33.98 -84.53
N ALA D 689 -17.18 34.76 -84.45
CA ALA D 689 -17.15 36.04 -85.15
C ALA D 689 -17.22 35.85 -86.65
N ALA D 690 -16.66 34.75 -87.16
CA ALA D 690 -16.77 34.41 -88.57
C ALA D 690 -18.09 33.73 -88.90
N ALA D 691 -18.89 33.36 -87.90
CA ALA D 691 -20.15 32.65 -88.12
C ALA D 691 -21.38 33.53 -87.86
N ASN D 692 -21.22 34.85 -87.93
CA ASN D 692 -22.35 35.75 -87.71
C ASN D 692 -23.37 35.66 -88.83
N ASP D 693 -22.90 35.54 -90.07
CA ASP D 693 -23.78 35.46 -91.23
C ASP D 693 -24.17 34.00 -91.46
N PHE D 694 -25.48 33.74 -91.46
CA PHE D 694 -25.97 32.39 -91.73
C PHE D 694 -26.05 32.08 -93.22
N GLU D 695 -25.77 33.06 -94.08
CA GLU D 695 -25.69 32.78 -95.51
C GLU D 695 -24.59 31.77 -95.81
N ASP D 696 -23.44 31.91 -95.16
CA ASP D 696 -22.39 30.91 -95.26
C ASP D 696 -22.78 29.59 -94.63
N LEU D 697 -23.85 29.55 -93.84
CA LEU D 697 -24.29 28.34 -93.15
C LEU D 697 -25.19 27.45 -93.99
N MET D 698 -25.35 27.77 -95.28
CA MET D 698 -26.03 26.91 -96.24
C MET D 698 -27.49 26.69 -95.87
N LEU D 699 -28.07 27.65 -95.16
CA LEU D 699 -29.45 27.59 -94.72
C LEU D 699 -30.12 28.90 -95.13
N THR D 700 -31.14 28.83 -95.98
CA THR D 700 -31.66 30.04 -96.59
C THR D 700 -33.15 29.97 -96.75
N ASP D 701 -33.71 31.07 -97.26
CA ASP D 701 -35.13 31.20 -97.51
C ASP D 701 -35.46 31.81 -98.87
N GLN D 702 -34.47 32.25 -99.63
CA GLN D 702 -34.69 32.93 -100.90
C GLN D 702 -35.02 31.91 -102.00
N VAL D 703 -36.09 31.16 -101.78
CA VAL D 703 -36.53 30.10 -102.68
C VAL D 703 -37.78 30.56 -103.41
N TYR D 704 -37.91 30.11 -104.65
CA TYR D 704 -39.04 30.50 -105.49
C TYR D 704 -39.41 29.36 -106.43
N MET D 705 -40.70 29.13 -106.58
CA MET D 705 -41.24 28.21 -107.57
C MET D 705 -41.70 29.03 -108.76
N HIS D 706 -40.90 29.09 -109.81
CA HIS D 706 -41.25 29.87 -110.98
C HIS D 706 -40.91 29.10 -112.25
N ARG D 707 -41.80 29.21 -113.23
CA ARG D 707 -41.65 28.54 -114.51
C ARG D 707 -40.68 29.32 -115.39
N ASP D 708 -39.63 28.64 -115.86
CA ASP D 708 -38.67 29.22 -116.77
C ASP D 708 -38.26 28.18 -117.79
N MET D 709 -37.65 28.64 -118.87
CA MET D 709 -37.32 27.80 -120.01
C MET D 709 -35.81 27.66 -120.15
N LEU D 710 -35.36 26.43 -120.40
CA LEU D 710 -33.94 26.20 -120.65
C LEU D 710 -33.57 26.74 -122.03
N PRO D 711 -32.46 27.45 -122.14
CA PRO D 711 -31.97 27.85 -123.47
C PRO D 711 -31.51 26.64 -124.26
N GLU D 712 -31.84 26.62 -125.54
CA GLU D 712 -31.46 25.56 -126.46
C GLU D 712 -30.88 26.24 -127.69
N PRO D 713 -29.59 26.59 -127.64
CA PRO D 713 -29.03 27.53 -128.61
C PRO D 713 -28.91 26.94 -130.01
N ARG D 714 -28.79 27.84 -130.98
CA ARG D 714 -28.58 27.48 -132.38
C ARG D 714 -27.08 27.37 -132.64
N LEU D 715 -26.62 26.18 -133.01
CA LEU D 715 -25.19 25.95 -133.26
C LEU D 715 -24.81 26.38 -134.68
N ASP D 716 -25.01 27.67 -134.94
CA ASP D 716 -24.72 28.22 -136.26
C ASP D 716 -23.22 28.26 -136.53
N ASP D 717 -22.40 28.23 -135.49
CA ASP D 717 -20.97 28.03 -135.63
C ASP D 717 -20.50 27.20 -134.45
N ILE D 718 -20.05 25.98 -134.73
CA ILE D 718 -19.62 25.07 -133.66
C ILE D 718 -18.38 25.62 -132.96
N GLU D 719 -17.43 26.15 -133.74
CA GLU D 719 -16.15 26.58 -133.17
C GLU D 719 -16.32 27.78 -132.24
N ARG D 720 -17.16 28.75 -132.63
CA ARG D 720 -17.34 29.94 -131.80
C ARG D 720 -18.03 29.59 -130.49
N PHE D 721 -19.04 28.73 -130.53
CA PHE D 721 -19.69 28.31 -129.28
C PHE D 721 -18.77 27.44 -128.44
N ARG D 722 -17.89 26.65 -129.07
CA ARG D 722 -16.98 25.82 -128.29
C ARG D 722 -15.86 26.64 -127.67
N GLN D 723 -15.50 27.76 -128.29
CA GLN D 723 -14.51 28.63 -127.67
C GLN D 723 -15.02 29.24 -126.37
N GLU D 724 -16.30 29.58 -126.32
CA GLU D 724 -16.89 30.13 -125.11
C GLU D 724 -17.42 29.02 -124.22
N GLY D 725 -17.49 29.30 -122.93
CA GLY D 725 -18.04 28.36 -121.98
C GLY D 725 -19.43 28.73 -121.54
N PHE D 726 -20.43 27.99 -122.00
CA PHE D 726 -21.83 28.29 -121.69
C PHE D 726 -22.35 27.25 -120.69
N TYR D 727 -22.99 27.73 -119.63
CA TYR D 727 -23.52 26.88 -118.58
C TYR D 727 -24.91 27.37 -118.21
N TYR D 728 -25.64 26.54 -117.46
CA TYR D 728 -26.93 26.92 -116.91
C TYR D 728 -26.91 26.76 -115.41
N THR D 729 -27.64 27.64 -114.72
CA THR D 729 -27.91 27.51 -113.31
C THR D 729 -29.17 28.29 -113.00
N ASN D 730 -30.03 27.71 -112.16
CA ASN D 730 -31.18 28.45 -111.68
C ASN D 730 -30.85 29.39 -110.51
N MET D 731 -29.56 29.70 -110.33
CA MET D 731 -29.16 30.78 -109.45
C MET D 731 -29.75 32.10 -109.91
N LEU D 732 -30.15 32.93 -108.96
CA LEU D 732 -30.69 34.26 -109.22
C LEU D 732 -29.64 35.28 -108.82
N GLU D 733 -29.34 36.21 -109.72
CA GLU D 733 -28.36 37.25 -109.40
C GLU D 733 -28.92 38.24 -108.39
N ALA D 734 -30.22 38.46 -108.41
CA ALA D 734 -30.85 39.41 -107.49
C ALA D 734 -32.26 38.92 -107.17
N PRO D 735 -32.76 39.21 -105.97
CA PRO D 735 -34.15 38.88 -105.67
C PRO D 735 -35.09 39.72 -106.52
N PRO D 736 -36.27 39.20 -106.84
CA PRO D 736 -37.20 39.92 -107.72
C PRO D 736 -37.92 41.02 -106.94
N GLU D 737 -38.71 41.80 -107.69
CA GLU D 737 -39.54 42.82 -107.08
C GLU D 737 -40.65 42.19 -106.24
N ILE D 738 -41.07 42.91 -105.21
CA ILE D 738 -42.06 42.37 -104.27
C ILE D 738 -43.42 42.23 -104.95
N ASP D 739 -43.68 42.96 -106.03
CA ASP D 739 -44.97 42.88 -106.70
C ASP D 739 -45.16 41.56 -107.45
N ARG D 740 -44.10 40.81 -107.67
CA ARG D 740 -44.21 39.50 -108.32
C ARG D 740 -44.13 38.35 -107.32
N VAL D 741 -44.04 38.65 -106.03
CA VAL D 741 -43.91 37.65 -104.97
C VAL D 741 -45.07 37.82 -104.01
N VAL D 742 -45.79 36.73 -103.75
CA VAL D 742 -46.86 36.72 -102.78
C VAL D 742 -46.52 35.71 -101.69
N GLN D 743 -46.49 36.17 -100.44
CA GLN D 743 -46.05 35.34 -99.34
C GLN D 743 -47.12 34.32 -98.98
N TYR D 744 -46.73 33.05 -98.90
CA TYR D 744 -47.62 31.97 -98.55
C TYR D 744 -47.17 31.29 -97.27
N THR D 745 -48.14 30.98 -96.41
CA THR D 745 -47.91 30.27 -95.16
C THR D 745 -48.80 29.04 -95.13
N TYR D 746 -48.77 28.36 -93.99
CA TYR D 746 -49.62 27.19 -93.81
C TYR D 746 -51.09 27.57 -93.73
N GLU D 747 -51.40 28.74 -93.16
CA GLU D 747 -52.79 29.10 -92.92
C GLU D 747 -53.52 29.46 -94.21
N ILE D 748 -52.89 30.26 -95.08
CA ILE D 748 -53.51 30.62 -96.34
C ILE D 748 -53.67 29.38 -97.22
N ALA D 749 -52.67 28.49 -97.22
CA ALA D 749 -52.77 27.25 -97.98
C ALA D 749 -53.88 26.36 -97.42
N ARG D 750 -54.01 26.32 -96.10
CA ARG D 750 -55.07 25.52 -95.48
C ARG D 750 -56.44 26.01 -95.89
N LEU D 751 -56.67 27.32 -95.83
CA LEU D 751 -57.98 27.83 -96.23
C LEU D 751 -58.20 27.67 -97.74
N GLN D 752 -57.12 27.82 -98.51
CA GLN D 752 -57.22 27.64 -99.96
C GLN D 752 -57.67 26.23 -100.32
N ALA D 753 -57.03 25.23 -99.73
CA ALA D 753 -57.46 23.86 -99.95
C ALA D 753 -58.84 23.61 -99.34
N ASN D 754 -59.18 24.33 -98.28
CA ASN D 754 -60.48 24.16 -97.64
C ASN D 754 -61.62 24.56 -98.59
N MET D 755 -61.44 25.66 -99.32
CA MET D 755 -62.56 26.10 -100.17
C MET D 755 -62.75 25.15 -101.35
N GLY D 756 -61.72 24.43 -101.74
CA GLY D 756 -61.76 23.61 -102.92
C GLY D 756 -61.23 24.25 -104.18
N GLN D 757 -60.35 25.25 -104.06
CA GLN D 757 -59.76 25.92 -105.21
C GLN D 757 -58.26 26.12 -104.99
N PHE D 758 -57.58 25.09 -104.48
CA PHE D 758 -56.16 25.21 -104.18
C PHE D 758 -55.33 25.20 -105.46
N ARG D 759 -55.37 24.09 -106.21
CA ARG D 759 -54.49 23.94 -107.35
C ARG D 759 -54.81 24.95 -108.45
N ALA D 760 -56.09 25.28 -108.62
CA ALA D 760 -56.49 26.21 -109.68
C ALA D 760 -55.87 27.58 -109.48
N ALA D 761 -55.83 28.05 -108.22
CA ALA D 761 -55.20 29.33 -107.94
C ALA D 761 -53.71 29.29 -108.27
N LEU D 762 -53.04 28.18 -107.95
CA LEU D 762 -51.62 28.07 -108.27
C LEU D 762 -51.38 28.04 -109.77
N ARG D 763 -52.23 27.34 -110.52
CA ARG D 763 -52.08 27.35 -111.97
C ARG D 763 -52.34 28.74 -112.54
N ARG D 764 -53.31 29.46 -111.96
CA ARG D 764 -53.58 30.83 -112.40
C ARG D 764 -52.39 31.74 -112.14
N ILE D 765 -51.80 31.64 -110.96
CA ILE D 765 -50.64 32.48 -110.63
C ILE D 765 -49.46 32.12 -111.52
N MET D 766 -49.29 30.83 -111.82
CA MET D 766 -48.21 30.44 -112.71
C MET D 766 -48.46 30.91 -114.14
N ASP D 767 -49.72 31.00 -114.54
CA ASP D 767 -50.04 31.66 -115.80
C ASP D 767 -49.68 33.14 -115.72
N ASP D 768 -49.88 33.76 -114.55
CA ASP D 768 -49.50 35.15 -114.34
C ASP D 768 -47.99 35.36 -114.32
N ASP D 769 -47.21 34.28 -114.29
CA ASP D 769 -45.74 34.32 -114.31
C ASP D 769 -45.21 35.10 -113.11
N ASP D 770 -45.53 34.60 -111.93
CA ASP D 770 -45.15 35.22 -110.66
C ASP D 770 -44.11 34.38 -109.95
N TRP D 771 -43.76 34.79 -108.73
CA TRP D 771 -42.83 34.08 -107.88
C TRP D 771 -43.52 33.76 -106.56
N VAL D 772 -43.23 32.60 -106.00
CA VAL D 772 -43.88 32.13 -104.78
C VAL D 772 -42.82 31.79 -103.74
N ARG D 773 -42.95 32.37 -102.55
CA ARG D 773 -42.07 32.10 -101.43
C ARG D 773 -42.84 31.23 -100.45
N PHE D 774 -42.77 29.92 -100.64
CA PHE D 774 -43.53 28.98 -99.81
C PHE D 774 -42.94 28.96 -98.41
N GLY D 775 -43.58 29.68 -97.50
CA GLY D 775 -43.20 29.65 -96.10
C GLY D 775 -41.92 30.40 -95.81
N GLY D 776 -41.78 30.77 -94.54
CA GLY D 776 -40.58 31.43 -94.08
C GLY D 776 -39.62 30.45 -93.44
N VAL D 777 -39.96 29.17 -93.53
CA VAL D 777 -39.14 28.12 -92.94
C VAL D 777 -37.83 28.01 -93.72
N LEU D 778 -36.72 27.98 -93.01
CA LEU D 778 -35.42 27.85 -93.64
C LEU D 778 -35.25 26.46 -94.22
N ARG D 779 -34.40 26.35 -95.25
CA ARG D 779 -34.20 25.11 -95.96
C ARG D 779 -32.71 24.81 -96.12
N THR D 780 -32.38 23.52 -96.11
CA THR D 780 -31.02 23.07 -96.36
C THR D 780 -30.74 23.05 -97.85
N VAL D 781 -29.53 23.44 -98.24
CA VAL D 781 -29.16 23.55 -99.65
C VAL D 781 -28.08 22.53 -99.98
N ARG D 782 -28.16 22.00 -101.20
CA ARG D 782 -27.23 21.00 -101.72
C ARG D 782 -26.73 21.44 -103.09
N VAL D 783 -25.46 21.15 -103.38
CA VAL D 783 -24.81 21.57 -104.62
C VAL D 783 -24.66 20.35 -105.53
N LYS D 784 -24.96 20.53 -106.81
CA LYS D 784 -24.79 19.49 -107.82
C LYS D 784 -24.13 20.03 -109.08
N PHE D 785 -23.32 19.18 -109.70
CA PHE D 785 -22.77 19.40 -111.03
C PHE D 785 -23.16 18.22 -111.91
N TYR D 786 -23.56 18.49 -113.15
CA TYR D 786 -23.93 17.43 -114.06
C TYR D 786 -23.41 17.74 -115.46
N ASP D 787 -23.23 16.70 -116.27
CA ASP D 787 -22.86 16.87 -117.68
C ASP D 787 -24.04 16.69 -118.62
N ALA D 788 -25.06 15.93 -118.21
CA ALA D 788 -26.23 15.69 -119.03
C ALA D 788 -27.43 16.35 -118.39
N ARG D 789 -28.61 16.11 -118.94
CA ARG D 789 -29.82 16.62 -118.34
C ARG D 789 -30.06 15.94 -116.99
N PRO D 790 -30.51 16.70 -115.99
CA PRO D 790 -30.81 16.09 -114.70
C PRO D 790 -32.15 15.37 -114.76
N PRO D 791 -32.48 14.55 -113.77
CA PRO D 791 -33.77 13.84 -113.80
C PRO D 791 -34.95 14.79 -113.67
N ASP D 792 -36.12 14.23 -113.98
CA ASP D 792 -37.38 14.99 -113.92
C ASP D 792 -37.67 15.48 -112.51
N ASP D 793 -37.31 14.68 -111.50
CA ASP D 793 -37.72 14.97 -110.12
C ASP D 793 -37.10 16.26 -109.59
N VAL D 794 -35.98 16.69 -110.16
CA VAL D 794 -35.37 17.94 -109.69
C VAL D 794 -35.76 19.12 -110.58
N LEU D 795 -36.16 18.88 -111.83
CA LEU D 795 -36.62 19.98 -112.66
C LEU D 795 -38.07 20.34 -112.38
N GLN D 796 -38.98 19.40 -112.62
CA GLN D 796 -40.40 19.70 -112.54
C GLN D 796 -40.96 19.51 -111.14
N GLY D 797 -40.12 19.17 -110.16
CA GLY D 797 -40.56 18.92 -108.80
C GLY D 797 -41.21 20.09 -108.10
N LEU D 798 -42.35 19.84 -107.46
CA LEU D 798 -43.08 20.86 -106.72
C LEU D 798 -42.43 21.06 -105.36
N PRO D 799 -42.45 22.28 -104.82
CA PRO D 799 -41.78 22.53 -103.53
C PRO D 799 -42.66 22.26 -102.33
N PHE D 800 -43.74 21.50 -102.50
CA PHE D 800 -44.67 21.24 -101.41
C PHE D 800 -45.27 19.86 -101.59
N SER D 801 -46.30 19.58 -100.79
CA SER D 801 -47.05 18.33 -100.87
C SER D 801 -48.50 18.61 -100.53
N TYR D 802 -49.40 17.96 -101.25
CA TYR D 802 -50.84 18.17 -101.09
C TYR D 802 -51.55 16.86 -101.35
N ASP D 803 -52.15 16.29 -100.30
CA ASP D 803 -52.89 15.04 -100.46
C ASP D 803 -54.25 15.15 -99.79
N THR D 804 -55.19 14.35 -100.30
CA THR D 804 -56.57 14.38 -99.81
C THR D 804 -57.15 12.99 -99.95
N ASN D 805 -57.75 12.49 -98.88
CA ASN D 805 -58.45 11.20 -98.89
C ASN D 805 -59.79 11.32 -98.17
N GLU D 806 -60.48 10.20 -98.08
CA GLU D 806 -61.78 10.12 -97.45
C GLU D 806 -61.79 8.97 -96.45
N ARG D 807 -62.43 9.21 -95.30
CA ARG D 807 -62.61 8.17 -94.30
C ARG D 807 -63.94 8.38 -93.61
N GLY D 808 -64.79 7.36 -93.68
CA GLY D 808 -66.10 7.42 -93.03
C GLY D 808 -66.96 8.58 -93.50
N GLY D 809 -66.92 8.88 -94.80
CA GLY D 809 -67.60 10.03 -95.33
C GLY D 809 -66.88 11.34 -95.15
N LEU D 810 -66.01 11.46 -94.14
CA LEU D 810 -65.29 12.69 -93.92
C LEU D 810 -64.18 12.86 -94.95
N ALA D 811 -63.89 14.12 -95.27
CA ALA D 811 -62.83 14.47 -96.19
C ALA D 811 -61.64 14.95 -95.40
N TYR D 812 -60.49 14.29 -95.56
CA TYR D 812 -59.26 14.67 -94.88
C TYR D 812 -58.26 15.17 -95.92
N ALA D 813 -57.50 16.20 -95.56
CA ALA D 813 -56.52 16.77 -96.47
C ALA D 813 -55.33 17.32 -95.69
N THR D 814 -54.13 17.01 -96.18
CA THR D 814 -52.88 17.47 -95.58
C THR D 814 -52.04 18.19 -96.62
N ILE D 815 -51.48 19.32 -96.21
CA ILE D 815 -50.55 20.10 -97.02
C ILE D 815 -49.25 20.26 -96.22
N LYS D 816 -48.13 20.07 -96.90
CA LYS D 816 -46.81 20.11 -96.28
C LYS D 816 -45.90 20.98 -97.13
N TYR D 817 -44.94 21.64 -96.48
CA TYR D 817 -43.96 22.47 -97.16
C TYR D 817 -42.61 21.79 -97.17
N ALA D 818 -42.01 21.67 -98.36
CA ALA D 818 -40.75 20.96 -98.48
C ALA D 818 -39.64 21.73 -97.79
N THR D 819 -38.79 20.99 -97.07
CA THR D 819 -37.70 21.58 -96.31
C THR D 819 -36.33 21.33 -96.93
N GLU D 820 -36.26 20.54 -98.01
CA GLU D 820 -35.02 20.23 -98.68
C GLU D 820 -35.03 20.86 -100.06
N THR D 821 -34.00 21.64 -100.36
CA THR D 821 -33.84 22.25 -101.68
C THR D 821 -32.39 22.12 -102.11
N THR D 822 -32.18 22.14 -103.43
CA THR D 822 -30.83 21.94 -103.97
C THR D 822 -30.53 22.99 -105.03
N ILE D 823 -29.24 23.25 -105.19
CA ILE D 823 -28.73 24.09 -106.26
C ILE D 823 -27.89 23.20 -107.17
N PHE D 824 -28.02 23.41 -108.48
CA PHE D 824 -27.33 22.57 -109.44
C PHE D 824 -26.79 23.40 -110.59
N TYR D 825 -25.77 22.86 -111.26
CA TYR D 825 -25.13 23.50 -112.40
C TYR D 825 -25.20 22.56 -113.58
N LEU D 826 -25.52 23.09 -114.75
CA LEU D 826 -25.77 22.30 -115.94
C LEU D 826 -24.75 22.65 -117.02
N ILE D 827 -24.11 21.62 -117.55
CA ILE D 827 -23.01 21.75 -118.51
C ILE D 827 -23.49 21.27 -119.87
N TYR D 828 -23.16 22.05 -120.91
CA TYR D 828 -23.52 21.72 -122.28
C TYR D 828 -22.27 21.29 -123.03
N ASN D 829 -22.31 20.08 -123.61
CA ASN D 829 -21.25 19.55 -124.44
C ASN D 829 -21.77 19.39 -125.86
N VAL D 830 -21.01 19.89 -126.83
CA VAL D 830 -21.43 19.91 -128.23
C VAL D 830 -20.43 19.13 -129.06
N GLU D 831 -20.93 18.22 -129.89
CA GLU D 831 -20.09 17.47 -130.81
C GLU D 831 -19.94 18.22 -132.13
N PHE D 832 -18.82 17.94 -132.81
CA PHE D 832 -18.51 18.66 -134.04
C PHE D 832 -19.49 18.36 -135.15
N SER D 833 -19.88 17.09 -135.31
CA SER D 833 -20.79 16.68 -136.38
C SER D 833 -22.24 16.72 -135.89
N ASN D 834 -22.66 17.92 -135.51
CA ASN D 834 -23.99 18.17 -135.00
C ASN D 834 -24.66 19.27 -135.83
N THR D 835 -25.96 19.12 -136.04
CA THR D 835 -26.71 20.14 -136.77
C THR D 835 -26.85 21.41 -135.92
N PRO D 836 -26.95 22.57 -136.55
CA PRO D 836 -27.16 23.81 -135.77
C PRO D 836 -28.43 23.82 -134.95
N ASP D 837 -29.48 23.13 -135.40
CA ASP D 837 -30.74 23.05 -134.67
C ASP D 837 -30.93 21.71 -133.98
N SER D 838 -29.81 21.09 -133.56
CA SER D 838 -29.88 19.77 -132.94
C SER D 838 -30.66 19.79 -131.63
N LEU D 839 -30.46 20.82 -130.83
CA LEU D 839 -31.13 20.94 -129.55
C LEU D 839 -32.50 21.60 -129.68
N VAL D 840 -32.89 22.02 -130.88
CA VAL D 840 -34.15 22.72 -131.07
C VAL D 840 -35.30 21.74 -130.96
N LEU D 841 -36.28 22.06 -130.10
CA LEU D 841 -37.44 21.23 -129.87
C LEU D 841 -38.71 22.03 -130.15
N ILE D 842 -39.79 21.31 -130.41
CA ILE D 842 -41.08 21.95 -130.66
C ILE D 842 -41.60 22.59 -129.38
N ASN D 843 -41.24 22.02 -128.23
CA ASN D 843 -41.72 22.50 -126.94
C ASN D 843 -40.55 22.61 -125.97
N PRO D 844 -40.10 23.82 -125.63
CA PRO D 844 -39.01 23.95 -124.66
C PRO D 844 -39.42 23.46 -123.28
N THR D 845 -38.44 22.95 -122.53
CA THR D 845 -38.70 22.37 -121.23
C THR D 845 -38.94 23.45 -120.18
N TYR D 846 -39.69 23.10 -119.16
CA TYR D 846 -39.96 23.97 -118.03
C TYR D 846 -39.04 23.64 -116.86
N THR D 847 -38.66 24.66 -116.11
CA THR D 847 -37.94 24.48 -114.86
C THR D 847 -38.65 25.26 -113.76
N MET D 848 -38.54 24.76 -112.54
CA MET D 848 -39.39 25.21 -111.44
C MET D 848 -38.65 25.99 -110.36
N THR D 849 -37.49 25.51 -109.92
CA THR D 849 -36.83 26.04 -108.73
C THR D 849 -35.92 27.22 -109.10
N LYS D 850 -35.96 28.26 -108.27
CA LYS D 850 -35.07 29.41 -108.41
C LYS D 850 -34.63 29.83 -107.01
N VAL D 851 -33.33 30.09 -106.84
CA VAL D 851 -32.77 30.40 -105.54
C VAL D 851 -31.80 31.55 -105.68
N PHE D 852 -31.88 32.53 -104.78
CA PHE D 852 -30.96 33.64 -104.74
C PHE D 852 -29.88 33.40 -103.68
N ILE D 853 -28.63 33.67 -104.05
CA ILE D 853 -27.51 33.65 -103.13
C ILE D 853 -26.64 34.88 -103.41
N ASN D 854 -26.32 35.63 -102.36
CA ASN D 854 -25.42 36.77 -102.51
C ASN D 854 -24.03 36.34 -102.95
N LYS D 855 -23.49 35.29 -102.32
CA LYS D 855 -22.11 34.91 -102.54
C LYS D 855 -21.91 34.30 -103.92
N ARG D 856 -20.80 34.66 -104.57
CA ARG D 856 -20.45 34.14 -105.89
C ARG D 856 -19.75 32.80 -105.70
N ILE D 857 -20.55 31.74 -105.64
CA ILE D 857 -20.02 30.42 -105.33
C ILE D 857 -19.19 29.87 -106.49
N VAL D 858 -19.65 30.05 -107.72
CA VAL D 858 -19.01 29.48 -108.91
C VAL D 858 -18.95 30.56 -109.96
N GLU D 859 -17.79 30.72 -110.60
CA GLU D 859 -17.63 31.81 -111.55
C GLU D 859 -16.91 31.35 -112.81
N ARG D 860 -17.28 31.92 -113.94
CA ARG D 860 -16.57 31.67 -115.19
C ARG D 860 -15.45 32.70 -115.33
N VAL D 861 -14.22 32.22 -115.56
CA VAL D 861 -13.05 33.08 -115.51
C VAL D 861 -12.20 32.83 -116.76
N ARG D 862 -11.70 33.92 -117.34
CA ARG D 862 -10.79 33.87 -118.47
C ARG D 862 -9.39 33.47 -118.03
N VAL D 863 -8.47 33.41 -119.00
CA VAL D 863 -7.13 32.91 -118.73
C VAL D 863 -6.34 33.84 -117.81
N GLY D 864 -6.36 35.15 -118.09
CA GLY D 864 -5.55 36.07 -117.33
C GLY D 864 -6.10 36.38 -115.95
N GLN D 865 -7.38 36.17 -115.74
CA GLN D 865 -8.05 36.55 -114.50
C GLN D 865 -8.00 35.44 -113.45
N ILE D 866 -7.34 34.32 -113.76
CA ILE D 866 -7.28 33.22 -112.81
C ILE D 866 -6.40 33.59 -111.61
N LEU D 867 -5.26 34.22 -111.86
CA LEU D 867 -4.28 34.51 -110.81
C LEU D 867 -4.60 35.78 -110.03
N ALA D 868 -5.69 36.48 -110.37
CA ALA D 868 -6.10 37.64 -109.58
C ALA D 868 -6.54 37.26 -108.19
N VAL D 869 -6.80 35.98 -107.93
CA VAL D 869 -7.18 35.51 -106.60
C VAL D 869 -6.04 35.61 -105.60
N LEU D 870 -4.82 35.86 -106.07
CA LEU D 870 -3.66 35.90 -105.20
C LEU D 870 -3.64 37.18 -104.38
N ASN D 871 -4.35 37.20 -103.25
CA ASN D 871 -4.32 38.35 -102.35
C ASN D 871 -4.29 37.95 -100.88
N ARG D 872 -3.72 36.81 -100.54
CA ARG D 872 -3.61 36.36 -99.16
C ARG D 872 -2.15 36.35 -98.74
N ARG D 873 -1.86 36.88 -97.55
CA ARG D 873 -0.50 36.92 -97.04
C ARG D 873 -0.26 35.70 -96.16
N PHE D 874 0.67 34.84 -96.57
CA PHE D 874 0.97 33.62 -95.84
C PHE D 874 2.40 33.68 -95.29
N VAL D 875 2.55 33.33 -94.02
CA VAL D 875 3.83 33.39 -93.32
C VAL D 875 4.21 31.98 -92.92
N ALA D 876 5.48 31.63 -93.09
CA ALA D 876 5.99 30.33 -92.71
C ALA D 876 7.39 30.50 -92.11
N TYR D 877 7.90 29.41 -91.56
CA TYR D 877 9.21 29.38 -90.94
C TYR D 877 10.15 28.49 -91.73
N LYS D 878 11.45 28.75 -91.61
CA LYS D 878 12.44 28.05 -92.39
C LYS D 878 12.49 26.58 -92.04
N GLY D 879 12.86 25.75 -93.03
CA GLY D 879 13.01 24.33 -92.79
C GLY D 879 14.23 23.97 -91.98
N LYS D 880 15.16 24.91 -91.79
CA LYS D 880 16.31 24.69 -90.94
C LYS D 880 16.02 25.00 -89.47
N MET D 881 14.80 25.44 -89.15
CA MET D 881 14.40 25.65 -87.78
C MET D 881 13.82 24.36 -87.20
N ARG D 882 13.18 24.46 -86.04
CA ARG D 882 12.46 23.32 -85.48
C ARG D 882 11.36 23.79 -84.55
N ILE D 883 10.32 22.99 -84.44
CA ILE D 883 9.17 23.26 -83.58
C ILE D 883 9.05 22.11 -82.59
N MET D 884 8.70 22.43 -81.35
CA MET D 884 8.42 21.39 -80.36
C MET D 884 7.39 21.92 -79.37
N ASP D 885 6.71 20.98 -78.70
CA ASP D 885 5.69 21.31 -77.72
C ASP D 885 6.34 21.45 -76.35
N ILE D 886 5.78 22.33 -75.53
CA ILE D 886 6.25 22.59 -74.17
C ILE D 886 5.13 22.45 -73.15
N THR D 887 3.89 22.33 -73.60
CA THR D 887 2.70 22.48 -72.77
C THR D 887 2.63 21.42 -71.68
N GLN D 888 2.91 20.16 -72.00
CA GLN D 888 2.83 19.10 -71.00
C GLN D 888 3.97 19.17 -69.99
N SER D 889 5.10 19.77 -70.38
CA SER D 889 6.25 19.91 -69.47
C SER D 889 5.95 20.78 -68.27
N LEU D 890 4.77 21.40 -68.18
CA LEU D 890 4.29 22.04 -66.98
C LEU D 890 4.22 21.03 -65.82
N LYS D 891 3.96 19.74 -66.08
CA LYS D 891 3.63 18.81 -65.01
C LYS D 891 4.83 18.42 -64.15
N MET D 892 6.05 18.63 -64.63
CA MET D 892 7.22 18.11 -63.92
C MET D 892 7.53 18.92 -62.67
N GLY D 893 8.16 18.28 -61.71
CA GLY D 893 8.55 18.94 -60.47
C GLY D 893 8.67 17.94 -59.35
N THR D 894 9.53 18.29 -58.39
CA THR D 894 9.80 17.44 -57.24
C THR D 894 9.40 18.14 -55.95
N LYS D 895 8.91 17.35 -54.99
CA LYS D 895 8.37 17.85 -53.74
C LYS D 895 9.41 17.70 -52.65
N LEU D 896 9.88 18.82 -52.11
CA LEU D 896 10.93 18.81 -51.10
C LEU D 896 10.33 18.38 -49.78
N ALA D 897 10.62 17.14 -49.37
CA ALA D 897 10.21 16.70 -48.05
C ALA D 897 10.94 17.50 -46.98
N ALA D 898 10.19 18.02 -46.02
CA ALA D 898 10.79 18.79 -44.95
C ALA D 898 11.64 17.87 -44.07
N PRO D 899 12.65 18.42 -43.39
CA PRO D 899 13.37 17.62 -42.39
C PRO D 899 12.44 17.16 -41.29
N THR D 900 12.66 15.93 -40.82
CA THR D 900 11.83 15.36 -39.78
C THR D 900 12.71 14.55 -38.83
N VAL D 901 12.20 14.33 -37.63
CA VAL D 901 12.96 13.64 -36.59
C VAL D 901 12.49 12.21 -36.44
N PHE E 59 -48.49 -6.51 -8.93
CA PHE E 59 -49.67 -5.85 -9.50
C PHE E 59 -50.90 -6.07 -8.64
N THR E 60 -52.06 -6.14 -9.27
CA THR E 60 -53.31 -6.24 -8.52
C THR E 60 -53.51 -7.65 -7.98
N VAL E 61 -54.20 -7.74 -6.85
CA VAL E 61 -54.70 -9.04 -6.39
C VAL E 61 -55.80 -9.50 -7.33
N PRO E 62 -55.82 -10.77 -7.76
CA PRO E 62 -56.73 -11.16 -8.86
C PRO E 62 -58.21 -10.95 -8.61
N ASP E 63 -58.65 -10.85 -7.35
CA ASP E 63 -60.09 -10.68 -7.09
C ASP E 63 -60.60 -9.36 -7.64
N VAL E 64 -59.86 -8.26 -7.44
CA VAL E 64 -60.31 -6.96 -7.91
C VAL E 64 -60.24 -6.90 -9.43
N GLN E 65 -59.24 -7.56 -10.01
CA GLN E 65 -59.17 -7.63 -11.47
C GLN E 65 -60.37 -8.38 -12.04
N LYS E 66 -60.78 -9.46 -11.37
CA LYS E 66 -62.00 -10.17 -11.77
C LYS E 66 -63.23 -9.28 -11.61
N ILE E 67 -63.29 -8.50 -10.53
CA ILE E 67 -64.44 -7.62 -10.29
C ILE E 67 -64.54 -6.56 -11.38
N LEU E 68 -63.40 -5.95 -11.75
CA LEU E 68 -63.44 -4.95 -12.80
C LEU E 68 -63.74 -5.56 -14.16
N ASP E 69 -63.29 -6.80 -14.40
CA ASP E 69 -63.67 -7.49 -15.62
C ASP E 69 -65.18 -7.72 -15.68
N ASP E 70 -65.78 -8.10 -14.56
CA ASP E 70 -67.23 -8.24 -14.51
C ASP E 70 -67.92 -6.89 -14.69
N ILE E 71 -67.31 -5.82 -14.18
CA ILE E 71 -67.84 -4.47 -14.37
C ILE E 71 -67.88 -4.13 -15.86
N LYS E 72 -66.79 -4.38 -16.56
CA LYS E 72 -66.74 -4.13 -18.00
C LYS E 72 -67.73 -5.01 -18.74
N ALA E 73 -67.90 -6.26 -18.29
CA ALA E 73 -68.88 -7.14 -18.92
C ALA E 73 -70.29 -6.61 -18.75
N LEU E 74 -70.63 -6.10 -17.57
CA LEU E 74 -71.94 -5.51 -17.35
C LEU E 74 -72.09 -4.20 -18.11
N ALA E 75 -70.99 -3.48 -18.35
CA ALA E 75 -71.02 -2.25 -19.09
C ALA E 75 -71.46 -2.42 -20.56
N ALA E 76 -71.30 -3.61 -21.13
CA ALA E 76 -71.70 -3.87 -22.51
C ALA E 76 -73.09 -4.49 -22.60
N GLU E 77 -73.97 -4.22 -21.64
CA GLU E 77 -75.29 -4.81 -21.60
C GLU E 77 -76.31 -3.91 -22.28
N GLN E 78 -77.23 -4.53 -23.01
CA GLN E 78 -78.24 -3.84 -23.79
C GLN E 78 -79.61 -4.08 -23.18
N VAL E 79 -80.31 -2.98 -22.88
CA VAL E 79 -81.63 -3.10 -22.24
C VAL E 79 -82.71 -2.76 -23.26
N TYR E 80 -82.40 -1.89 -24.21
CA TYR E 80 -83.42 -1.48 -25.17
C TYR E 80 -83.68 -2.58 -26.19
N LYS E 81 -84.78 -2.46 -26.91
CA LYS E 81 -85.13 -3.40 -27.97
C LYS E 81 -85.57 -2.64 -29.21
N ILE E 82 -85.52 -3.34 -30.34
CA ILE E 82 -85.96 -2.82 -31.63
C ILE E 82 -86.91 -3.84 -32.24
N VAL E 83 -88.14 -3.43 -32.49
CA VAL E 83 -89.16 -4.30 -33.05
C VAL E 83 -89.81 -3.60 -34.24
N LYS E 84 -90.76 -4.29 -34.86
CA LYS E 84 -91.53 -3.77 -35.98
C LYS E 84 -92.92 -3.31 -35.58
N VAL E 85 -93.51 -3.95 -34.58
CA VAL E 85 -94.83 -3.63 -34.06
C VAL E 85 -94.72 -3.59 -32.54
N PRO E 86 -95.33 -2.60 -31.87
CA PRO E 86 -95.23 -2.55 -30.40
C PRO E 86 -95.99 -3.69 -29.75
N SER E 87 -95.72 -3.88 -28.47
CA SER E 87 -96.35 -4.95 -27.71
C SER E 87 -97.87 -4.76 -27.66
N ILE E 88 -98.60 -5.85 -27.85
CA ILE E 88 -100.05 -5.78 -27.93
C ILE E 88 -100.62 -5.48 -26.56
N SER E 89 -101.51 -4.49 -26.49
CA SER E 89 -102.04 -4.02 -25.22
C SER E 89 -103.54 -4.25 -25.06
N PHE E 90 -104.32 -4.07 -26.10
CA PHE E 90 -105.77 -4.23 -26.03
C PHE E 90 -106.13 -5.56 -26.69
N ARG E 91 -106.98 -6.34 -26.02
CA ARG E 91 -107.44 -7.60 -26.56
C ARG E 91 -108.96 -7.59 -26.58
N HIS E 92 -109.53 -8.28 -27.57
CA HIS E 92 -110.96 -8.36 -27.73
C HIS E 92 -111.43 -9.80 -27.59
N ILE E 93 -112.49 -9.98 -26.79
CA ILE E 93 -113.22 -11.25 -26.71
C ILE E 93 -114.61 -11.03 -27.28
N VAL E 94 -115.00 -11.91 -28.20
CA VAL E 94 -116.29 -11.83 -28.85
C VAL E 94 -117.32 -12.56 -28.01
N MET E 95 -118.49 -11.94 -27.85
CA MET E 95 -119.61 -12.56 -27.18
C MET E 95 -120.49 -13.27 -28.21
N GLN E 96 -121.67 -13.70 -27.77
CA GLN E 96 -122.75 -13.98 -28.71
C GLN E 96 -123.37 -12.71 -29.27
N SER E 97 -123.01 -11.55 -28.71
CA SER E 97 -123.44 -10.26 -29.22
C SER E 97 -122.60 -9.90 -30.44
N ARG E 98 -123.27 -9.59 -31.55
CA ARG E 98 -122.58 -9.27 -32.78
C ARG E 98 -122.24 -7.79 -32.91
N ASP E 99 -122.73 -6.94 -32.01
CA ASP E 99 -122.40 -5.53 -32.05
C ASP E 99 -121.68 -5.02 -30.80
N ARG E 100 -121.56 -5.84 -29.76
CA ARG E 100 -120.87 -5.46 -28.53
C ARG E 100 -119.90 -6.57 -28.16
N VAL E 101 -118.64 -6.19 -27.92
CA VAL E 101 -117.60 -7.14 -27.54
C VAL E 101 -116.98 -6.68 -26.23
N LEU E 102 -116.11 -7.53 -25.67
CA LEU E 102 -115.44 -7.24 -24.41
C LEU E 102 -114.01 -6.83 -24.71
N ARG E 103 -113.66 -5.60 -24.35
CA ARG E 103 -112.31 -5.09 -24.47
C ARG E 103 -111.61 -5.23 -23.14
N VAL E 104 -110.42 -5.82 -23.16
CA VAL E 104 -109.64 -6.08 -21.96
C VAL E 104 -108.23 -5.54 -22.19
N ASP E 105 -107.60 -5.11 -21.10
CA ASP E 105 -106.21 -4.67 -21.13
C ASP E 105 -105.34 -5.83 -20.68
N THR E 106 -104.56 -6.40 -21.59
CA THR E 106 -103.71 -7.52 -21.24
C THR E 106 -102.61 -7.13 -20.27
N TYR E 107 -102.31 -5.84 -20.17
CA TYR E 107 -101.35 -5.38 -19.18
C TYR E 107 -101.84 -5.68 -17.77
N TYR E 108 -103.14 -5.56 -17.53
CA TYR E 108 -103.66 -5.77 -16.18
C TYR E 108 -103.57 -7.24 -15.76
N GLU E 109 -103.95 -8.17 -16.64
CA GLU E 109 -103.83 -9.57 -16.29
C GLU E 109 -102.37 -9.99 -16.19
N GLU E 110 -101.51 -9.51 -17.10
CA GLU E 110 -100.08 -9.77 -17.00
C GLU E 110 -99.52 -9.21 -15.70
N MET E 111 -100.03 -8.06 -15.27
CA MET E 111 -99.69 -7.43 -14.01
C MET E 111 -100.10 -8.31 -12.83
N SER E 112 -101.27 -8.94 -12.92
CA SER E 112 -101.81 -9.75 -11.85
C SER E 112 -101.24 -11.17 -11.81
N GLN E 113 -100.56 -11.64 -12.86
CA GLN E 113 -100.13 -13.03 -12.90
C GLN E 113 -98.67 -13.23 -12.50
N VAL E 114 -98.07 -12.27 -11.80
CA VAL E 114 -96.67 -12.36 -11.41
C VAL E 114 -96.56 -12.11 -9.92
N GLY E 115 -95.77 -12.93 -9.24
CA GLY E 115 -95.35 -12.64 -7.88
C GLY E 115 -95.77 -13.74 -6.91
N ASP E 116 -95.36 -13.54 -5.66
CA ASP E 116 -95.73 -14.40 -4.55
C ASP E 116 -96.72 -13.69 -3.64
N VAL E 117 -97.45 -14.49 -2.87
CA VAL E 117 -98.53 -13.96 -2.03
C VAL E 117 -97.96 -13.03 -0.98
N ILE E 118 -98.65 -11.92 -0.73
CA ILE E 118 -98.19 -10.93 0.22
C ILE E 118 -98.73 -11.27 1.60
N THR E 119 -97.86 -11.28 2.59
CA THR E 119 -98.26 -11.54 3.97
C THR E 119 -97.53 -10.56 4.86
N GLU E 120 -98.14 -10.20 5.99
CA GLU E 120 -97.54 -9.24 6.90
C GLU E 120 -96.31 -9.80 7.61
N ASP E 121 -96.16 -11.12 7.65
CA ASP E 121 -95.10 -11.74 8.44
C ASP E 121 -93.74 -11.64 7.77
N GLU E 122 -93.69 -11.40 6.46
CA GLU E 122 -92.43 -11.32 5.71
C GLU E 122 -92.39 -10.05 4.87
N PRO E 123 -92.17 -8.89 5.53
CA PRO E 123 -92.10 -7.64 4.77
C PRO E 123 -90.94 -7.58 3.79
N GLU E 124 -89.85 -8.31 4.06
CA GLU E 124 -88.73 -8.32 3.12
C GLU E 124 -89.12 -8.96 1.80
N LYS E 125 -89.96 -10.00 1.85
CA LYS E 125 -90.47 -10.58 0.62
C LYS E 125 -91.43 -9.62 -0.08
N PHE E 126 -92.17 -8.82 0.68
CA PHE E 126 -92.99 -7.77 0.08
C PHE E 126 -92.13 -6.77 -0.68
N TYR E 127 -91.02 -6.35 -0.07
CA TYR E 127 -90.09 -5.46 -0.76
C TYR E 127 -89.51 -6.12 -2.00
N SER E 128 -89.14 -7.40 -1.90
CA SER E 128 -88.58 -8.10 -3.04
C SER E 128 -89.58 -8.16 -4.19
N THR E 129 -90.84 -8.44 -3.88
CA THR E 129 -91.87 -8.47 -4.92
C THR E 129 -92.07 -7.08 -5.54
N ILE E 130 -92.05 -6.04 -4.72
CA ILE E 130 -92.22 -4.68 -5.23
C ILE E 130 -91.10 -4.33 -6.19
N ILE E 131 -89.86 -4.64 -5.80
CA ILE E 131 -88.71 -4.36 -6.67
C ILE E 131 -88.80 -5.19 -7.95
N LYS E 132 -89.20 -6.46 -7.82
CA LYS E 132 -89.31 -7.32 -8.99
C LYS E 132 -90.35 -6.79 -9.97
N LYS E 133 -91.47 -6.30 -9.45
CA LYS E 133 -92.50 -5.76 -10.32
C LYS E 133 -92.10 -4.43 -10.94
N VAL E 134 -91.38 -3.59 -10.21
CA VAL E 134 -90.89 -2.35 -10.79
C VAL E 134 -89.90 -2.66 -11.92
N ARG E 135 -89.04 -3.65 -11.71
CA ARG E 135 -88.16 -4.08 -12.80
C ARG E 135 -88.95 -4.65 -13.96
N PHE E 136 -90.06 -5.35 -13.66
CA PHE E 136 -90.91 -5.88 -14.71
C PHE E 136 -91.47 -4.77 -15.59
N ILE E 137 -92.10 -3.77 -14.97
CA ILE E 137 -92.68 -2.67 -15.73
C ILE E 137 -91.59 -1.85 -16.42
N ARG E 138 -90.39 -1.78 -15.83
CA ARG E 138 -89.28 -1.11 -16.50
C ARG E 138 -88.89 -1.85 -17.77
N GLY E 139 -88.83 -3.19 -17.70
CA GLY E 139 -88.42 -3.96 -18.85
C GLY E 139 -89.48 -4.08 -19.93
N LYS E 140 -90.76 -3.90 -19.57
CA LYS E 140 -91.83 -4.13 -20.53
C LYS E 140 -91.79 -3.14 -21.70
N GLY E 141 -91.49 -1.89 -21.43
CA GLY E 141 -91.58 -0.87 -22.46
C GLY E 141 -90.28 -0.45 -23.12
N SER E 142 -89.17 -1.14 -22.85
CA SER E 142 -87.86 -0.69 -23.32
C SER E 142 -87.63 -1.16 -24.77
N PHE E 143 -88.40 -0.58 -25.68
CA PHE E 143 -88.30 -0.94 -27.08
C PHE E 143 -88.43 0.29 -27.95
N ILE E 144 -87.83 0.23 -29.13
CA ILE E 144 -87.84 1.34 -30.09
C ILE E 144 -88.42 0.82 -31.40
N LEU E 145 -89.39 1.55 -31.95
CA LEU E 145 -89.98 1.18 -33.22
C LEU E 145 -89.07 1.59 -34.37
N HIS E 146 -88.84 0.66 -35.29
CA HIS E 146 -88.05 0.92 -36.48
C HIS E 146 -88.52 -0.01 -37.58
N ASP E 147 -88.56 0.51 -38.81
CA ASP E 147 -88.96 -0.22 -40.02
C ASP E 147 -90.41 -0.70 -39.88
N ILE E 148 -91.31 0.24 -39.66
CA ILE E 148 -92.73 -0.08 -39.47
C ILE E 148 -93.40 -0.28 -40.84
N PRO E 149 -94.20 -1.33 -41.03
CA PRO E 149 -94.79 -1.58 -42.34
C PRO E 149 -95.97 -0.66 -42.62
N THR E 150 -96.28 -0.53 -43.91
CA THR E 150 -97.36 0.32 -44.36
C THR E 150 -97.78 -0.09 -45.76
N ARG E 151 -98.94 0.43 -46.18
CA ARG E 151 -99.45 0.30 -47.53
C ARG E 151 -99.72 1.69 -48.08
N ASP E 152 -100.30 1.74 -49.27
CA ASP E 152 -100.53 3.02 -49.95
C ASP E 152 -101.87 2.98 -50.65
N HIS E 153 -102.75 3.93 -50.31
CA HIS E 153 -104.00 4.10 -51.04
C HIS E 153 -104.49 5.52 -50.84
N ARG E 154 -105.45 5.92 -51.67
CA ARG E 154 -105.95 7.30 -51.82
C ARG E 154 -104.80 8.31 -51.99
N GLY E 155 -103.71 7.86 -52.60
CA GLY E 155 -102.54 8.71 -52.72
C GLY E 155 -101.94 9.07 -51.39
N MET E 156 -101.89 8.12 -50.46
CA MET E 156 -101.45 8.39 -49.10
C MET E 156 -100.97 7.09 -48.46
N GLU E 157 -99.87 7.21 -47.70
CA GLU E 157 -99.36 6.06 -46.97
C GLU E 157 -100.25 5.80 -45.76
N VAL E 158 -100.66 4.54 -45.60
CA VAL E 158 -101.60 4.13 -44.57
C VAL E 158 -100.94 3.05 -43.73
N ALA E 159 -101.07 3.16 -42.42
CA ALA E 159 -100.52 2.17 -41.51
C ALA E 159 -101.28 0.85 -41.63
N GLU E 160 -100.78 -0.16 -40.90
CA GLU E 160 -101.28 -1.52 -40.82
C GLU E 160 -102.15 -1.70 -39.59
N PRO E 161 -103.14 -2.60 -39.63
CA PRO E 161 -103.88 -2.93 -38.41
C PRO E 161 -103.01 -3.57 -37.34
N GLU E 162 -101.89 -4.18 -37.71
CA GLU E 162 -101.03 -4.82 -36.74
C GLU E 162 -100.28 -3.79 -35.90
N VAL E 163 -99.72 -2.77 -36.56
CA VAL E 163 -98.93 -1.75 -35.84
C VAL E 163 -99.83 -0.86 -34.99
N LEU E 164 -101.15 -0.94 -35.19
CA LEU E 164 -102.09 -0.24 -34.33
C LEU E 164 -101.99 -0.70 -32.88
N GLY E 165 -101.47 -1.91 -32.65
CA GLY E 165 -101.36 -2.46 -31.31
C GLY E 165 -102.62 -3.11 -30.79
N VAL E 166 -103.70 -3.11 -31.58
CA VAL E 166 -104.99 -3.63 -31.15
C VAL E 166 -105.34 -4.81 -32.04
N GLU E 167 -105.72 -5.92 -31.42
CA GLU E 167 -106.19 -7.09 -32.14
C GLU E 167 -107.71 -7.13 -32.10
N PHE E 168 -108.34 -6.97 -33.26
CA PHE E 168 -109.77 -7.12 -33.43
C PHE E 168 -110.08 -8.07 -34.57
N LYS E 169 -109.19 -9.03 -34.81
CA LYS E 169 -109.27 -9.86 -36.00
C LYS E 169 -110.15 -11.07 -35.82
N ASN E 170 -110.75 -11.25 -34.65
CA ASN E 170 -111.68 -12.35 -34.40
C ASN E 170 -113.12 -11.88 -34.29
N VAL E 171 -113.40 -10.63 -34.64
CA VAL E 171 -114.76 -10.10 -34.61
C VAL E 171 -115.24 -9.63 -35.98
N LEU E 172 -114.38 -9.64 -36.99
CA LEU E 172 -114.81 -9.27 -38.34
C LEU E 172 -115.89 -10.18 -38.94
N PRO E 173 -115.76 -11.51 -38.95
CA PRO E 173 -116.73 -12.31 -39.73
C PRO E 173 -118.15 -12.29 -39.19
N VAL E 174 -118.37 -11.94 -37.92
CA VAL E 174 -119.72 -11.82 -37.39
C VAL E 174 -120.32 -10.44 -37.63
N LEU E 175 -119.56 -9.52 -38.21
CA LEU E 175 -120.05 -8.17 -38.44
C LEU E 175 -121.06 -8.15 -39.58
N THR E 176 -121.63 -6.97 -39.81
CA THR E 176 -122.57 -6.74 -40.89
C THR E 176 -121.92 -5.86 -41.95
N ALA E 177 -122.70 -5.50 -42.98
CA ALA E 177 -122.16 -4.70 -44.07
C ALA E 177 -121.85 -3.28 -43.62
N GLU E 178 -122.74 -2.68 -42.83
CA GLU E 178 -122.52 -1.31 -42.36
C GLU E 178 -121.31 -1.25 -41.43
N HIS E 179 -121.15 -2.26 -40.58
CA HIS E 179 -120.00 -2.29 -39.68
C HIS E 179 -118.70 -2.45 -40.46
N ARG E 180 -118.71 -3.28 -41.50
CA ARG E 180 -117.52 -3.44 -42.33
C ARG E 180 -117.19 -2.15 -43.08
N ALA E 181 -118.22 -1.46 -43.57
CA ALA E 181 -117.98 -0.19 -44.24
C ALA E 181 -117.41 0.85 -43.27
N MET E 182 -117.94 0.90 -42.04
CA MET E 182 -117.46 1.87 -41.06
C MET E 182 -116.04 1.55 -40.65
N ILE E 183 -115.72 0.26 -40.47
CA ILE E 183 -114.36 -0.11 -40.08
C ILE E 183 -113.39 0.16 -41.24
N GLN E 184 -113.86 0.02 -42.48
CA GLN E 184 -113.04 0.38 -43.63
C GLN E 184 -112.75 1.86 -43.66
N ASN E 185 -113.78 2.69 -43.42
CA ASN E 185 -113.58 4.14 -43.40
C ASN E 185 -112.65 4.55 -42.26
N ALA E 186 -112.82 3.94 -41.09
CA ALA E 186 -111.96 4.26 -39.95
C ALA E 186 -110.52 3.85 -40.22
N LEU E 187 -110.31 2.69 -40.83
CA LEU E 187 -108.97 2.30 -41.23
C LEU E 187 -108.38 3.30 -42.22
N ASP E 188 -109.20 3.77 -43.16
CA ASP E 188 -108.77 4.82 -44.07
C ASP E 188 -108.49 6.13 -43.34
N GLY E 189 -109.04 6.30 -42.12
CA GLY E 189 -108.83 7.52 -41.37
C GLY E 189 -107.39 7.71 -40.90
N SER E 190 -106.68 6.62 -40.64
CA SER E 190 -105.33 6.73 -40.12
C SER E 190 -104.39 7.34 -41.15
N ILE E 191 -103.52 8.23 -40.69
CA ILE E 191 -102.59 8.94 -41.57
C ILE E 191 -101.18 8.86 -40.98
N ILE E 192 -100.21 9.27 -41.77
CA ILE E 192 -98.82 9.35 -41.35
C ILE E 192 -98.34 10.78 -41.62
N GLU E 193 -97.41 11.24 -40.79
CA GLU E 193 -96.92 12.61 -40.86
C GLU E 193 -95.40 12.58 -40.98
N ASN E 194 -94.89 13.27 -41.99
CA ASN E 194 -93.45 13.31 -42.27
C ASN E 194 -92.84 14.41 -41.43
N GLY E 195 -92.64 14.12 -40.14
CA GLY E 195 -92.10 15.08 -39.21
C GLY E 195 -90.58 15.12 -39.24
N ASN E 196 -90.04 15.97 -38.39
CA ASN E 196 -88.60 16.17 -38.31
C ASN E 196 -88.14 16.20 -36.86
N VAL E 197 -86.93 15.70 -36.63
CA VAL E 197 -86.27 15.85 -35.34
C VAL E 197 -84.77 15.98 -35.59
N ALA E 198 -84.17 17.03 -35.01
CA ALA E 198 -82.75 17.36 -35.19
C ALA E 198 -82.35 17.40 -36.66
N THR E 199 -83.27 17.93 -37.48
CA THR E 199 -83.13 17.98 -38.94
C THR E 199 -82.89 16.58 -39.50
N ARG E 200 -83.70 15.61 -39.05
CA ARG E 200 -83.76 14.29 -39.65
C ARG E 200 -85.20 13.84 -39.74
N ASP E 201 -85.60 13.39 -40.92
CA ASP E 201 -86.99 13.06 -41.18
C ASP E 201 -87.41 11.80 -40.42
N VAL E 202 -88.61 11.86 -39.84
CA VAL E 202 -89.21 10.76 -39.09
C VAL E 202 -90.68 10.70 -39.45
N ASP E 203 -91.34 9.63 -39.02
CA ASP E 203 -92.75 9.42 -39.28
C ASP E 203 -93.52 9.45 -37.96
N VAL E 204 -94.72 10.02 -37.97
CA VAL E 204 -95.56 10.10 -36.79
C VAL E 204 -96.96 9.63 -37.15
N PHE E 205 -97.51 8.73 -36.33
CA PHE E 205 -98.87 8.25 -36.55
C PHE E 205 -99.55 8.03 -35.20
N ILE E 206 -100.77 7.51 -35.27
CA ILE E 206 -101.63 7.35 -34.11
C ILE E 206 -101.77 5.87 -33.82
N GLY E 207 -101.42 5.47 -32.60
CA GLY E 207 -101.59 4.11 -32.13
C GLY E 207 -102.08 4.07 -30.69
N ALA E 208 -102.15 2.88 -30.12
CA ALA E 208 -102.73 2.67 -28.80
C ALA E 208 -101.71 2.02 -27.87
N CYS E 209 -101.64 2.53 -26.64
CA CYS E 209 -100.74 1.99 -25.62
C CYS E 209 -101.23 2.43 -24.24
N SER E 210 -101.07 1.56 -23.27
CA SER E 210 -101.39 1.91 -21.89
C SER E 210 -100.41 2.95 -21.36
N GLU E 211 -100.93 3.84 -20.52
CA GLU E 211 -100.12 4.94 -20.00
C GLU E 211 -98.89 4.50 -19.22
N PRO E 212 -98.92 3.49 -18.34
CA PRO E 212 -97.68 3.11 -17.64
C PRO E 212 -96.57 2.65 -18.56
N VAL E 213 -96.88 2.19 -19.76
CA VAL E 213 -95.85 1.86 -20.75
C VAL E 213 -95.60 3.03 -21.70
N TYR E 214 -96.67 3.73 -22.08
CA TYR E 214 -96.54 4.84 -23.03
C TYR E 214 -95.70 5.97 -22.46
N ARG E 215 -95.82 6.21 -21.15
CA ARG E 215 -95.02 7.25 -20.53
C ARG E 215 -93.54 6.93 -20.56
N ILE E 216 -93.18 5.67 -20.28
CA ILE E 216 -91.78 5.28 -20.33
C ILE E 216 -91.27 5.32 -21.76
N TYR E 217 -92.10 4.93 -22.72
CA TYR E 217 -91.72 5.02 -24.13
C TYR E 217 -91.44 6.46 -24.53
N ASN E 218 -92.30 7.38 -24.09
CA ASN E 218 -92.07 8.80 -24.37
C ASN E 218 -90.80 9.30 -23.70
N ARG E 219 -90.53 8.85 -22.48
CA ARG E 219 -89.31 9.25 -21.79
C ARG E 219 -88.07 8.77 -22.54
N LEU E 220 -88.09 7.54 -23.03
CA LEU E 220 -86.95 7.03 -23.78
C LEU E 220 -86.80 7.77 -25.11
N GLN E 221 -87.92 8.14 -25.72
CA GLN E 221 -87.86 8.96 -26.93
C GLN E 221 -87.20 10.31 -26.64
N GLY E 222 -87.56 10.92 -25.52
CA GLY E 222 -86.94 12.19 -25.15
C GLY E 222 -85.47 12.05 -24.84
N TYR E 223 -85.08 10.96 -24.18
CA TYR E 223 -83.68 10.67 -23.92
C TYR E 223 -82.92 10.53 -25.23
N ILE E 224 -83.49 9.80 -26.20
CA ILE E 224 -82.84 9.63 -27.49
C ILE E 224 -82.69 10.98 -28.19
N GLU E 225 -83.73 11.81 -28.15
CA GLU E 225 -83.64 13.13 -28.77
C GLU E 225 -82.57 13.99 -28.12
N ALA E 226 -82.48 13.97 -26.79
CA ALA E 226 -81.46 14.72 -26.06
C ALA E 226 -80.05 14.24 -26.46
N VAL E 227 -79.86 12.92 -26.52
CA VAL E 227 -78.62 12.31 -26.99
C VAL E 227 -78.29 12.81 -28.38
N GLN E 228 -79.26 12.79 -29.31
CA GLN E 228 -79.03 13.21 -30.68
C GLN E 228 -78.81 14.71 -30.81
N LEU E 229 -79.15 15.49 -29.78
CA LEU E 229 -79.03 16.94 -29.91
C LEU E 229 -77.66 17.46 -29.48
N GLN E 230 -77.26 17.22 -28.23
CA GLN E 230 -76.11 17.94 -27.69
C GLN E 230 -75.08 17.04 -27.03
N GLU E 231 -75.50 15.90 -26.50
CA GLU E 231 -74.67 15.16 -25.55
C GLU E 231 -73.41 14.58 -26.18
N LEU E 232 -73.52 14.03 -27.39
CA LEU E 232 -72.40 13.28 -27.96
C LEU E 232 -71.24 14.20 -28.35
N ARG E 233 -71.54 15.41 -28.83
CA ARG E 233 -70.49 16.33 -29.22
C ARG E 233 -69.64 16.74 -28.02
N ASN E 234 -70.27 17.07 -26.90
CA ASN E 234 -69.50 17.44 -25.72
C ASN E 234 -68.88 16.23 -25.03
N SER E 235 -69.49 15.05 -25.11
CA SER E 235 -68.85 13.82 -24.67
C SER E 235 -67.55 13.55 -25.45
N ILE E 236 -67.56 13.70 -26.77
CA ILE E 236 -66.37 13.59 -27.59
C ILE E 236 -65.34 14.66 -27.25
N GLY E 237 -65.73 15.93 -27.20
CA GLY E 237 -64.79 17.00 -26.90
C GLY E 237 -64.12 16.81 -25.55
N TRP E 238 -64.90 16.42 -24.54
CA TRP E 238 -64.40 16.14 -23.20
C TRP E 238 -63.37 15.01 -23.26
N LEU E 239 -63.71 13.91 -23.94
CA LEU E 239 -62.76 12.81 -24.05
C LEU E 239 -61.50 13.21 -24.80
N GLU E 240 -61.63 14.02 -25.86
CA GLU E 240 -60.45 14.50 -26.57
C GLU E 240 -59.59 15.41 -25.69
N ARG E 241 -60.19 16.20 -24.79
CA ARG E 241 -59.39 16.98 -23.84
C ARG E 241 -58.63 16.05 -22.92
N LEU E 242 -59.24 14.97 -22.43
CA LEU E 242 -58.46 13.99 -21.68
C LEU E 242 -57.37 13.37 -22.55
N GLY E 243 -57.65 13.19 -23.84
CA GLY E 243 -56.63 12.67 -24.74
C GLY E 243 -55.45 13.61 -24.88
N HIS E 244 -55.72 14.91 -24.88
CA HIS E 244 -54.64 15.89 -24.94
C HIS E 244 -53.85 15.90 -23.64
N ARG E 245 -54.55 15.95 -22.51
CA ARG E 245 -53.86 16.10 -21.23
C ARG E 245 -53.15 14.82 -20.82
N LYS E 246 -53.67 13.67 -21.25
CA LYS E 246 -53.22 12.38 -20.76
C LYS E 246 -52.25 11.70 -21.71
N ARG E 247 -51.90 12.35 -22.82
CA ARG E 247 -50.96 11.80 -23.82
C ARG E 247 -51.45 10.45 -24.36
N ILE E 248 -52.75 10.34 -24.58
CA ILE E 248 -53.37 9.12 -25.08
C ILE E 248 -54.19 9.47 -26.31
N THR E 249 -54.05 8.69 -27.37
CA THR E 249 -54.64 9.03 -28.66
C THR E 249 -55.91 8.21 -28.89
N TYR E 250 -57.00 8.89 -29.20
CA TYR E 250 -58.28 8.27 -29.50
C TYR E 250 -58.70 8.57 -30.93
N SER E 251 -59.68 7.83 -31.43
CA SER E 251 -60.11 7.92 -32.81
C SER E 251 -61.59 8.23 -32.92
N GLN E 252 -61.99 8.71 -34.10
CA GLN E 252 -63.35 9.08 -34.42
C GLN E 252 -63.83 8.36 -35.68
N GLU E 253 -63.23 7.21 -35.98
CA GLU E 253 -63.40 6.56 -37.28
C GLU E 253 -64.84 6.15 -37.53
N VAL E 254 -65.51 5.60 -36.50
CA VAL E 254 -66.85 5.08 -36.70
C VAL E 254 -67.89 6.16 -36.89
N LEU E 255 -67.51 7.43 -36.73
CA LEU E 255 -68.41 8.55 -36.98
C LEU E 255 -68.29 9.10 -38.39
N THR E 256 -67.50 8.46 -39.24
CA THR E 256 -67.04 9.07 -40.49
C THR E 256 -67.17 8.11 -41.68
N ASP E 257 -68.32 7.48 -41.85
CA ASP E 257 -68.58 6.75 -43.08
C ASP E 257 -69.32 7.65 -44.07
N PHE E 258 -69.50 7.15 -45.30
CA PHE E 258 -70.24 7.93 -46.28
C PHE E 258 -71.75 7.83 -46.10
N ARG E 259 -72.20 7.17 -45.04
CA ARG E 259 -73.60 7.18 -44.61
C ARG E 259 -73.75 7.95 -43.30
N ARG E 260 -72.84 8.87 -43.02
CA ARG E 260 -72.86 9.59 -41.75
C ARG E 260 -74.09 10.49 -41.63
N GLN E 261 -74.60 10.99 -42.75
CA GLN E 261 -75.73 11.90 -42.73
C GLN E 261 -77.02 11.23 -42.23
N ASP E 262 -77.26 9.98 -42.61
CA ASP E 262 -78.58 9.40 -42.45
C ASP E 262 -78.57 8.23 -41.49
N THR E 263 -77.91 8.43 -40.34
CA THR E 263 -77.82 7.40 -39.32
C THR E 263 -78.21 7.99 -37.97
N ILE E 264 -78.97 7.23 -37.21
CA ILE E 264 -79.43 7.66 -35.89
C ILE E 264 -78.59 6.96 -34.84
N TRP E 265 -78.03 7.73 -33.91
CA TRP E 265 -77.05 7.24 -32.97
C TRP E 265 -77.68 6.94 -31.63
N VAL E 266 -77.15 5.94 -30.92
CA VAL E 266 -77.62 5.55 -29.60
C VAL E 266 -76.42 5.41 -28.68
N LEU E 267 -76.51 6.02 -27.49
CA LEU E 267 -75.58 5.84 -26.38
C LEU E 267 -76.33 5.64 -25.06
N ALA E 268 -75.96 4.65 -24.25
CA ALA E 268 -76.59 4.46 -22.94
C ALA E 268 -75.95 5.31 -21.82
N LEU E 269 -74.74 5.81 -22.06
CA LEU E 269 -73.85 6.40 -21.06
C LEU E 269 -73.45 7.83 -21.43
N GLN E 270 -73.16 8.63 -20.42
CA GLN E 270 -72.61 9.98 -20.60
C GLN E 270 -71.18 10.03 -20.10
N LEU E 271 -70.31 10.75 -20.82
CA LEU E 271 -68.92 10.94 -20.41
C LEU E 271 -68.62 12.07 -19.41
N PRO E 272 -69.37 13.18 -19.29
CA PRO E 272 -69.22 14.07 -18.14
C PRO E 272 -69.67 13.35 -16.86
N VAL E 273 -68.77 12.57 -16.27
CA VAL E 273 -68.96 11.90 -15.00
C VAL E 273 -68.77 12.90 -13.86
N ASN E 274 -69.82 13.07 -13.06
CA ASN E 274 -69.84 13.97 -11.92
C ASN E 274 -68.94 13.43 -10.80
N PRO E 275 -67.93 14.18 -10.30
CA PRO E 275 -67.04 13.66 -9.27
C PRO E 275 -67.74 13.36 -7.96
N GLN E 276 -68.81 14.08 -7.65
CA GLN E 276 -69.47 13.93 -6.37
C GLN E 276 -70.06 12.53 -6.27
N VAL E 277 -70.65 11.95 -7.31
CA VAL E 277 -71.21 10.59 -7.17
C VAL E 277 -70.17 9.52 -6.83
N VAL E 278 -68.87 9.70 -7.14
CA VAL E 278 -67.85 8.81 -6.59
C VAL E 278 -67.40 9.24 -5.21
N TRP E 279 -67.27 10.54 -4.97
CA TRP E 279 -66.70 11.01 -3.71
C TRP E 279 -67.67 11.07 -2.55
N ASP E 280 -68.96 11.14 -2.82
CA ASP E 280 -70.04 11.14 -1.84
C ASP E 280 -70.17 9.83 -1.07
N VAL E 281 -69.55 8.75 -1.54
CA VAL E 281 -69.67 7.47 -0.83
C VAL E 281 -69.05 7.63 0.55
N PRO E 282 -69.81 7.42 1.61
CA PRO E 282 -69.24 7.61 2.96
C PRO E 282 -68.19 6.55 3.29
N ARG E 283 -67.08 7.02 3.86
CA ARG E 283 -65.96 6.17 4.28
C ARG E 283 -65.45 5.33 3.11
N SER E 284 -64.95 6.00 2.08
CA SER E 284 -64.54 5.33 0.85
C SER E 284 -63.21 5.86 0.29
N SER E 285 -62.49 6.71 1.03
CA SER E 285 -61.23 7.24 0.54
C SER E 285 -60.22 6.12 0.31
N ILE E 286 -60.18 5.13 1.21
CA ILE E 286 -59.32 3.97 1.04
C ILE E 286 -59.70 3.21 -0.23
N ALA E 287 -61.01 3.06 -0.47
CA ALA E 287 -61.46 2.34 -1.66
C ALA E 287 -61.07 3.07 -2.94
N ASN E 288 -61.23 4.40 -2.95
CA ASN E 288 -60.84 5.18 -4.12
C ASN E 288 -59.34 5.09 -4.36
N LEU E 289 -58.55 5.12 -3.28
CA LEU E 289 -57.11 4.95 -3.38
C LEU E 289 -56.75 3.60 -3.98
N ILE E 290 -57.40 2.54 -3.47
CA ILE E 290 -57.10 1.19 -3.93
C ILE E 290 -57.48 1.03 -5.40
N MET E 291 -58.66 1.54 -5.78
CA MET E 291 -59.08 1.43 -7.17
C MET E 291 -58.17 2.23 -8.09
N ASN E 292 -57.72 3.40 -7.64
CA ASN E 292 -56.80 4.21 -8.43
C ASN E 292 -55.50 3.48 -8.68
N ILE E 293 -54.88 2.95 -7.62
CA ILE E 293 -53.61 2.27 -7.81
C ILE E 293 -53.79 0.95 -8.53
N ALA E 294 -55.00 0.38 -8.51
CA ALA E 294 -55.26 -0.85 -9.23
C ALA E 294 -55.38 -0.60 -10.73
N THR E 295 -56.05 0.48 -11.12
CA THR E 295 -56.42 0.70 -12.51
C THR E 295 -55.45 1.61 -13.26
N CYS E 296 -54.64 2.40 -12.55
CA CYS E 296 -53.83 3.41 -13.21
C CYS E 296 -52.33 3.31 -12.97
N LEU E 297 -51.87 2.51 -12.01
CA LEU E 297 -50.44 2.50 -11.67
C LEU E 297 -49.66 1.67 -12.67
N PRO E 298 -48.63 2.21 -13.32
CA PRO E 298 -47.82 1.42 -14.24
C PRO E 298 -46.59 0.84 -13.56
N THR E 299 -45.88 -0.02 -14.31
CA THR E 299 -44.74 -0.77 -13.80
C THR E 299 -43.56 -0.61 -14.74
N GLY E 300 -42.38 -0.33 -14.17
CA GLY E 300 -41.19 -0.17 -14.97
C GLY E 300 -40.02 -0.99 -14.50
N GLU E 301 -38.80 -0.51 -14.75
CA GLU E 301 -37.58 -1.20 -14.33
C GLU E 301 -36.67 -0.23 -13.58
N TYR E 302 -35.72 -0.81 -12.84
CA TYR E 302 -34.83 -0.04 -11.98
C TYR E 302 -33.42 -0.15 -12.51
N ILE E 303 -32.76 1.01 -12.67
CA ILE E 303 -31.46 1.10 -13.31
C ILE E 303 -30.47 1.77 -12.36
N ALA E 304 -29.20 1.40 -12.48
CA ALA E 304 -28.03 1.84 -11.74
C ALA E 304 -27.26 2.91 -12.52
N PRO E 305 -26.50 3.76 -11.84
CA PRO E 305 -25.67 4.74 -12.57
C PRO E 305 -24.35 4.14 -12.99
N ASN E 306 -23.47 4.94 -13.58
CA ASN E 306 -22.13 4.46 -13.88
C ASN E 306 -21.34 4.28 -12.60
N PRO E 307 -20.82 3.08 -12.32
CA PRO E 307 -20.13 2.86 -11.04
C PRO E 307 -18.82 3.63 -10.90
N ARG E 308 -18.25 4.14 -12.00
CA ARG E 308 -17.04 4.96 -11.88
C ARG E 308 -17.30 6.21 -11.07
N ILE E 309 -18.55 6.69 -11.05
CA ILE E 309 -18.93 7.86 -10.26
C ILE E 309 -18.62 7.60 -8.78
N SER E 310 -19.25 6.58 -8.21
CA SER E 310 -19.01 6.24 -6.81
C SER E 310 -17.59 5.76 -6.58
N SER E 311 -16.95 5.20 -7.61
CA SER E 311 -15.56 4.79 -7.47
C SER E 311 -14.64 5.99 -7.22
N ILE E 312 -14.81 7.05 -7.99
CA ILE E 312 -13.93 8.20 -7.86
C ILE E 312 -14.36 9.14 -6.74
N THR E 313 -15.64 9.18 -6.40
CA THR E 313 -16.07 10.20 -5.46
C THR E 313 -15.96 9.74 -4.00
N LEU E 314 -15.94 8.43 -3.76
CA LEU E 314 -15.88 7.91 -2.40
C LEU E 314 -14.68 7.03 -2.15
N THR E 315 -14.01 6.55 -3.19
CA THR E 315 -12.78 5.79 -3.05
C THR E 315 -11.67 6.43 -3.86
N GLN E 316 -11.69 7.77 -3.92
CA GLN E 316 -10.54 8.49 -4.46
C GLN E 316 -9.29 8.15 -3.67
N ARG E 317 -9.40 8.14 -2.35
CA ARG E 317 -8.39 7.56 -1.50
C ARG E 317 -8.74 6.10 -1.27
N ILE E 318 -7.70 5.25 -1.27
CA ILE E 318 -7.88 3.82 -1.13
C ILE E 318 -7.48 3.32 0.26
N THR E 319 -6.43 3.91 0.83
CA THR E 319 -5.99 3.50 2.17
C THR E 319 -7.08 3.74 3.21
N THR E 320 -7.71 4.91 3.17
CA THR E 320 -8.77 5.17 4.12
C THR E 320 -10.12 4.71 3.56
N THR E 321 -11.15 4.89 4.38
CA THR E 321 -12.51 4.52 3.99
C THR E 321 -13.49 5.35 4.80
N GLY E 322 -14.71 5.46 4.28
CA GLY E 322 -15.77 6.18 4.97
C GLY E 322 -16.99 5.30 5.14
N PRO E 323 -17.96 5.79 5.93
CA PRO E 323 -19.24 5.05 6.03
C PRO E 323 -19.93 4.88 4.69
N PHE E 324 -19.89 5.92 3.86
CA PHE E 324 -20.44 5.81 2.52
C PHE E 324 -19.67 4.81 1.67
N ALA E 325 -18.37 4.65 1.95
CA ALA E 325 -17.57 3.69 1.20
C ALA E 325 -17.96 2.25 1.51
N ILE E 326 -18.26 1.93 2.77
CA ILE E 326 -18.69 0.57 3.07
C ILE E 326 -20.16 0.37 2.72
N LEU E 327 -20.95 1.45 2.59
CA LEU E 327 -22.32 1.28 2.13
C LEU E 327 -22.44 1.21 0.61
N THR E 328 -21.48 1.74 -0.14
CA THR E 328 -21.59 1.68 -1.59
C THR E 328 -21.24 0.32 -2.16
N GLY E 329 -20.52 -0.52 -1.41
CA GLY E 329 -20.25 -1.88 -1.80
C GLY E 329 -21.27 -2.88 -1.32
N SER E 330 -22.36 -2.44 -0.70
CA SER E 330 -23.35 -3.35 -0.16
C SER E 330 -24.17 -3.98 -1.29
N THR E 331 -24.82 -5.09 -0.96
CA THR E 331 -25.67 -5.82 -1.88
C THR E 331 -27.01 -6.11 -1.20
N PRO E 332 -28.12 -6.05 -1.93
CA PRO E 332 -29.43 -6.13 -1.31
C PRO E 332 -29.90 -7.56 -1.07
N THR E 333 -31.12 -7.65 -0.57
CA THR E 333 -31.96 -8.85 -0.58
C THR E 333 -33.34 -8.46 -1.09
N ALA E 334 -34.26 -9.43 -1.11
CA ALA E 334 -35.59 -9.16 -1.67
C ALA E 334 -36.39 -8.21 -0.80
N GLN E 335 -36.20 -8.26 0.53
CA GLN E 335 -36.95 -7.39 1.42
C GLN E 335 -36.62 -5.92 1.17
N GLN E 336 -35.35 -5.62 0.87
CA GLN E 336 -34.99 -4.24 0.58
C GLN E 336 -35.58 -3.78 -0.75
N LEU E 337 -35.67 -4.68 -1.73
CA LEU E 337 -36.33 -4.32 -2.99
C LEU E 337 -37.82 -4.04 -2.77
N ASN E 338 -38.48 -4.87 -1.95
CA ASN E 338 -39.88 -4.60 -1.62
C ASN E 338 -40.02 -3.28 -0.88
N ASP E 339 -39.06 -2.97 0.01
CA ASP E 339 -39.08 -1.70 0.72
C ASP E 339 -38.90 -0.52 -0.23
N VAL E 340 -38.02 -0.65 -1.23
CA VAL E 340 -37.85 0.41 -2.21
C VAL E 340 -39.13 0.59 -3.02
N ARG E 341 -39.80 -0.52 -3.35
CA ARG E 341 -41.11 -0.45 -3.96
C ARG E 341 -42.09 0.32 -3.08
N LYS E 342 -42.06 0.07 -1.78
CA LYS E 342 -42.92 0.79 -0.85
C LYS E 342 -42.60 2.29 -0.83
N ILE E 343 -41.31 2.63 -0.86
CA ILE E 343 -40.91 4.04 -0.83
C ILE E 343 -41.42 4.75 -2.07
N TYR E 344 -41.22 4.15 -3.24
CA TYR E 344 -41.68 4.79 -4.46
C TYR E 344 -43.21 4.84 -4.51
N LEU E 345 -43.88 3.84 -3.94
CA LEU E 345 -45.33 3.91 -3.82
C LEU E 345 -45.76 5.08 -2.96
N ALA E 346 -45.03 5.34 -1.88
CA ALA E 346 -45.32 6.50 -1.04
C ALA E 346 -45.12 7.80 -1.81
N LEU E 347 -44.02 7.89 -2.56
CA LEU E 347 -43.74 9.12 -3.29
C LEU E 347 -44.68 9.34 -4.48
N MET E 348 -45.30 8.29 -5.00
CA MET E 348 -46.30 8.50 -6.05
C MET E 348 -47.63 8.98 -5.50
N PHE E 349 -47.86 8.84 -4.19
CA PHE E 349 -49.10 9.32 -3.57
C PHE E 349 -48.77 10.09 -2.29
N PRO E 350 -48.56 11.39 -2.39
CA PRO E 350 -48.28 12.19 -1.19
C PRO E 350 -49.52 12.26 -0.30
N GLY E 351 -49.26 12.32 1.00
CA GLY E 351 -50.35 12.45 1.97
C GLY E 351 -51.08 11.19 2.36
N GLN E 352 -51.63 10.47 1.39
CA GLN E 352 -52.42 9.27 1.71
C GLN E 352 -51.55 8.11 2.14
N ILE E 353 -50.33 8.02 1.60
CA ILE E 353 -49.39 6.96 1.95
C ILE E 353 -48.24 7.60 2.73
N ILE E 354 -48.13 7.27 4.01
CA ILE E 354 -47.10 7.82 4.88
C ILE E 354 -46.32 6.65 5.47
N LEU E 355 -44.99 6.75 5.43
CA LEU E 355 -44.13 5.67 5.89
C LEU E 355 -43.81 5.83 7.37
N ASP E 356 -43.48 4.70 7.99
CA ASP E 356 -42.98 4.66 9.35
C ASP E 356 -41.75 3.77 9.38
N LEU E 357 -41.19 3.57 10.58
CA LEU E 357 -39.97 2.79 10.74
C LEU E 357 -40.26 1.51 11.50
N LYS E 358 -39.59 0.44 11.11
CA LYS E 358 -39.57 -0.78 11.89
C LYS E 358 -38.14 -1.25 12.03
N ILE E 359 -37.85 -1.87 13.16
CA ILE E 359 -36.59 -2.55 13.41
C ILE E 359 -36.92 -3.96 13.86
N ASP E 360 -36.51 -4.94 13.06
CA ASP E 360 -36.87 -6.32 13.36
C ASP E 360 -36.23 -6.76 14.67
N PRO E 361 -36.95 -7.53 15.49
CA PRO E 361 -36.36 -7.99 16.76
C PRO E 361 -35.09 -8.81 16.58
N GLY E 362 -35.01 -9.59 15.50
CA GLY E 362 -33.80 -10.35 15.24
C GLY E 362 -32.66 -9.56 14.64
N GLU E 363 -32.87 -8.27 14.39
CA GLU E 363 -31.90 -7.46 13.67
C GLU E 363 -31.16 -6.50 14.60
N ARG E 364 -29.98 -6.07 14.15
CA ARG E 364 -29.16 -5.06 14.82
C ARG E 364 -28.72 -4.04 13.80
N MET E 365 -28.91 -2.75 14.11
CA MET E 365 -28.57 -1.71 13.16
C MET E 365 -27.07 -1.41 13.19
N ASP E 366 -26.58 -0.81 12.11
CA ASP E 366 -25.22 -0.32 12.04
C ASP E 366 -25.24 1.19 12.12
N PRO E 367 -24.36 1.80 12.92
CA PRO E 367 -24.38 3.26 13.04
C PRO E 367 -24.13 3.97 11.73
N ALA E 368 -23.13 3.51 10.96
CA ALA E 368 -22.83 4.12 9.67
C ALA E 368 -24.05 4.10 8.76
N VAL E 369 -24.76 2.95 8.76
CA VAL E 369 -26.01 2.84 8.03
C VAL E 369 -26.99 3.91 8.50
N ARG E 370 -27.03 4.17 9.80
CA ARG E 370 -27.99 5.12 10.35
C ARG E 370 -27.67 6.55 9.92
N MET E 371 -26.42 6.98 10.06
CA MET E 371 -26.10 8.35 9.67
C MET E 371 -26.24 8.54 8.16
N VAL E 372 -25.85 7.55 7.35
CA VAL E 372 -26.10 7.64 5.92
C VAL E 372 -27.59 7.74 5.65
N ALA E 373 -28.39 6.97 6.38
CA ALA E 373 -29.84 7.01 6.21
C ALA E 373 -30.39 8.39 6.50
N GLY E 374 -29.93 9.01 7.59
CA GLY E 374 -30.40 10.35 7.91
C GLY E 374 -30.04 11.37 6.84
N VAL E 375 -28.77 11.40 6.47
CA VAL E 375 -28.33 12.45 5.55
C VAL E 375 -28.93 12.27 4.16
N VAL E 376 -29.23 11.04 3.76
CA VAL E 376 -29.75 10.81 2.40
C VAL E 376 -31.26 10.88 2.35
N GLY E 377 -31.96 10.34 3.37
CA GLY E 377 -33.39 10.55 3.47
C GLY E 377 -33.77 11.99 3.71
N HIS E 378 -32.81 12.83 4.13
CA HIS E 378 -33.03 14.27 4.05
C HIS E 378 -33.14 14.76 2.62
N LEU E 379 -32.75 13.94 1.63
CA LEU E 379 -32.90 14.32 0.23
C LEU E 379 -33.95 13.53 -0.52
N LEU E 380 -34.31 12.33 -0.05
CA LEU E 380 -35.37 11.58 -0.74
C LEU E 380 -36.77 12.07 -0.40
N PHE E 381 -36.94 12.84 0.67
CA PHE E 381 -38.26 13.11 1.20
C PHE E 381 -38.63 14.59 1.14
N THR E 382 -39.92 14.83 0.92
CA THR E 382 -40.50 16.17 0.90
C THR E 382 -41.78 16.15 1.74
N ALA E 383 -41.66 16.60 2.99
CA ALA E 383 -42.75 16.45 3.96
C ALA E 383 -43.08 17.75 4.65
N GLY E 384 -42.99 18.88 3.95
CA GLY E 384 -43.25 20.17 4.55
C GLY E 384 -44.10 21.04 3.66
N GLY E 385 -44.22 22.30 4.05
CA GLY E 385 -44.96 23.29 3.26
C GLY E 385 -46.47 23.14 3.45
N ARG E 386 -47.15 22.69 2.39
CA ARG E 386 -48.61 22.56 2.41
C ARG E 386 -49.08 21.11 2.43
N PHE E 387 -48.22 20.16 2.07
CA PHE E 387 -48.49 18.75 2.21
C PHE E 387 -47.45 18.14 3.14
N THR E 388 -47.44 16.81 3.21
CA THR E 388 -46.49 16.11 4.04
C THR E 388 -46.26 14.71 3.47
N ASN E 389 -45.18 14.08 3.93
CA ASN E 389 -44.79 12.75 3.48
C ASN E 389 -44.49 11.78 4.60
N LEU E 390 -44.05 12.27 5.76
CA LEU E 390 -43.62 11.44 6.87
C LEU E 390 -44.19 11.94 8.19
N THR E 391 -44.44 11.01 9.11
CA THR E 391 -44.92 11.41 10.43
C THR E 391 -43.79 12.03 11.23
N GLN E 392 -44.16 12.59 12.39
CA GLN E 392 -43.20 13.34 13.19
C GLN E 392 -42.05 12.46 13.67
N ASN E 393 -42.32 11.19 13.96
CA ASN E 393 -41.29 10.29 14.45
C ASN E 393 -40.19 10.12 13.42
N MET E 394 -40.56 9.98 12.14
CA MET E 394 -39.59 10.01 11.04
C MET E 394 -38.70 11.23 11.11
N ALA E 395 -39.30 12.40 11.31
CA ALA E 395 -38.52 13.64 11.36
C ALA E 395 -37.54 13.62 12.52
N ARG E 396 -37.99 13.14 13.68
CA ARG E 396 -37.11 13.12 14.85
C ARG E 396 -35.93 12.17 14.65
N GLN E 397 -36.18 10.98 14.10
CA GLN E 397 -35.05 10.08 13.87
C GLN E 397 -34.11 10.59 12.79
N LEU E 398 -34.63 11.19 11.72
CA LEU E 398 -33.76 11.73 10.69
C LEU E 398 -32.90 12.86 11.24
N ASP E 399 -33.48 13.73 12.07
CA ASP E 399 -32.71 14.81 12.66
C ASP E 399 -31.67 14.28 13.65
N ILE E 400 -32.01 13.24 14.41
CA ILE E 400 -31.03 12.64 15.31
C ILE E 400 -29.86 12.06 14.52
N ALA E 401 -30.16 11.36 13.43
CA ALA E 401 -29.09 10.80 12.59
C ALA E 401 -28.23 11.90 12.01
N LEU E 402 -28.84 13.02 11.61
CA LEU E 402 -28.05 14.15 11.12
C LEU E 402 -27.14 14.71 12.21
N ASN E 403 -27.67 14.88 13.42
CA ASN E 403 -26.87 15.40 14.52
C ASN E 403 -25.72 14.47 14.85
N ASP E 404 -25.91 13.17 14.61
CA ASP E 404 -24.82 12.22 14.76
C ASP E 404 -23.79 12.38 13.63
N TYR E 405 -24.28 12.54 12.39
CA TYR E 405 -23.38 12.61 11.25
C TYR E 405 -22.52 13.87 11.29
N LEU E 406 -23.02 14.96 11.84
CA LEU E 406 -22.23 16.18 11.87
C LEU E 406 -21.31 16.26 13.08
N LEU E 407 -20.96 15.13 13.70
CA LEU E 407 -20.09 15.22 14.87
C LEU E 407 -19.05 14.11 14.98
N TYR E 408 -18.95 13.17 14.04
CA TYR E 408 -18.03 12.05 14.27
C TYR E 408 -16.58 12.45 14.04
N MET E 409 -16.32 13.28 13.02
CA MET E 409 -15.00 13.88 12.79
C MET E 409 -15.07 15.31 13.30
N TYR E 410 -14.81 15.48 14.59
CA TYR E 410 -14.77 16.80 15.19
C TYR E 410 -13.32 17.13 15.52
N ASN E 411 -12.73 18.06 14.78
CA ASN E 411 -11.30 18.32 14.84
C ASN E 411 -11.04 19.82 14.93
N THR E 412 -9.76 20.15 15.12
CA THR E 412 -9.36 21.53 15.40
C THR E 412 -9.62 22.46 14.22
N ARG E 413 -9.50 21.95 12.98
CA ARG E 413 -9.61 22.81 11.81
C ARG E 413 -11.00 23.41 11.68
N VAL E 414 -12.00 22.84 12.33
CA VAL E 414 -13.36 23.37 12.32
C VAL E 414 -13.74 23.71 13.76
N GLN E 415 -14.05 24.99 14.00
CA GLN E 415 -14.52 25.44 15.30
C GLN E 415 -16.05 25.47 15.30
N VAL E 416 -16.65 24.81 16.28
CA VAL E 416 -18.10 24.67 16.37
C VAL E 416 -18.56 25.24 17.71
N ASN E 417 -19.50 26.18 17.65
CA ASN E 417 -20.12 26.75 18.84
C ASN E 417 -21.33 25.89 19.21
N TYR E 418 -21.28 25.24 20.36
CA TYR E 418 -22.42 24.47 20.82
C TYR E 418 -23.55 25.40 21.23
N GLY E 419 -24.76 25.11 20.75
CA GLY E 419 -25.91 25.89 21.10
C GLY E 419 -26.31 25.66 22.54
N PRO E 420 -26.80 26.72 23.19
CA PRO E 420 -27.23 26.58 24.60
C PRO E 420 -28.38 25.62 24.80
N THR E 421 -29.28 25.50 23.82
CA THR E 421 -30.48 24.69 23.99
C THR E 421 -30.14 23.20 24.02
N GLY E 422 -30.97 22.44 24.73
CA GLY E 422 -30.87 21.00 24.75
C GLY E 422 -31.46 20.31 23.55
N GLU E 423 -32.05 21.07 22.64
CA GLU E 423 -32.56 20.49 21.40
C GLU E 423 -31.39 20.02 20.55
N PRO E 424 -31.44 18.81 19.99
CA PRO E 424 -30.36 18.34 19.13
C PRO E 424 -30.28 19.14 17.84
N LEU E 425 -29.13 19.02 17.17
CA LEU E 425 -28.80 19.78 15.95
C LEU E 425 -28.80 21.28 16.21
N ASP E 426 -28.14 21.70 17.29
CA ASP E 426 -28.07 23.10 17.69
C ASP E 426 -26.61 23.50 17.85
N PHE E 427 -25.99 23.96 16.76
CA PHE E 427 -24.60 24.40 16.82
C PHE E 427 -24.29 25.31 15.65
N GLN E 428 -23.10 25.91 15.73
CA GLN E 428 -22.57 26.86 14.76
C GLN E 428 -21.31 26.27 14.15
N ILE E 429 -21.25 26.22 12.82
CA ILE E 429 -20.14 25.58 12.13
C ILE E 429 -19.73 26.43 10.93
N GLY E 430 -18.46 26.32 10.55
CA GLY E 430 -17.94 26.95 9.36
C GLY E 430 -17.30 28.30 9.65
N ARG E 431 -16.46 28.74 8.71
CA ARG E 431 -15.88 30.07 8.81
C ARG E 431 -16.94 31.15 8.59
N ASN E 432 -17.92 30.88 7.75
CA ASN E 432 -19.07 31.77 7.63
C ASN E 432 -19.94 31.77 8.88
N GLN E 433 -19.84 30.72 9.71
CA GLN E 433 -20.58 30.57 10.95
C GLN E 433 -22.09 30.64 10.70
N TYR E 434 -22.56 29.63 9.97
CA TYR E 434 -23.96 29.54 9.59
C TYR E 434 -24.76 28.81 10.67
N ASP E 435 -26.04 29.16 10.79
CA ASP E 435 -26.91 28.64 11.82
C ASP E 435 -27.59 27.37 11.33
N CYS E 436 -27.18 26.23 11.89
CA CYS E 436 -27.69 24.92 11.47
C CYS E 436 -29.09 24.62 11.98
N ASN E 437 -29.68 25.50 12.79
CA ASN E 437 -31.03 25.25 13.29
C ASN E 437 -32.10 25.40 12.23
N VAL E 438 -31.74 25.76 10.99
CA VAL E 438 -32.71 25.77 9.90
C VAL E 438 -33.24 24.36 9.66
N PHE E 439 -32.37 23.36 9.76
CA PHE E 439 -32.71 22.00 9.35
C PHE E 439 -33.62 21.28 10.34
N ARG E 440 -34.24 21.99 11.28
CA ARG E 440 -35.33 21.40 12.04
C ARG E 440 -36.46 21.04 11.09
N ALA E 441 -37.19 19.98 11.42
CA ALA E 441 -38.27 19.49 10.58
C ALA E 441 -39.60 19.87 11.22
N ASP E 442 -40.13 21.02 10.79
CA ASP E 442 -41.48 21.45 11.14
C ASP E 442 -42.32 21.47 9.87
N PHE E 443 -43.49 20.83 9.93
CA PHE E 443 -44.35 20.74 8.75
C PHE E 443 -44.89 22.11 8.34
N ALA E 444 -45.04 23.03 9.31
CA ALA E 444 -45.57 24.34 9.01
C ALA E 444 -44.62 25.14 8.13
N THR E 445 -43.35 25.22 8.53
CA THR E 445 -42.37 25.96 7.74
C THR E 445 -41.71 25.10 6.67
N GLY E 446 -41.72 23.78 6.85
CA GLY E 446 -41.31 22.87 5.80
C GLY E 446 -39.82 22.64 5.66
N THR E 447 -38.99 23.20 6.54
CA THR E 447 -37.55 23.06 6.41
C THR E 447 -37.11 21.62 6.65
N GLY E 448 -36.00 21.23 6.01
CA GLY E 448 -35.47 19.90 6.14
C GLY E 448 -35.94 18.92 5.09
N TYR E 449 -36.71 19.36 4.11
CA TYR E 449 -37.27 18.51 3.07
C TYR E 449 -36.91 19.07 1.71
N ASN E 450 -37.28 18.34 0.67
CA ASN E 450 -37.00 18.78 -0.69
C ASN E 450 -37.95 19.89 -1.15
N GLY E 451 -39.19 19.86 -0.70
CA GLY E 451 -40.16 20.85 -1.12
C GLY E 451 -40.08 22.17 -0.40
N TRP E 452 -39.12 22.31 0.52
CA TRP E 452 -38.93 23.57 1.24
C TRP E 452 -38.61 24.71 0.30
N ALA E 453 -39.31 25.83 0.50
CA ALA E 453 -39.14 27.06 -0.27
C ALA E 453 -39.31 26.82 -1.76
N THR E 454 -40.36 26.09 -2.13
CA THR E 454 -40.58 25.71 -3.51
C THR E 454 -42.08 25.63 -3.80
N ILE E 455 -42.49 26.16 -4.95
CA ILE E 455 -43.88 26.05 -5.37
C ILE E 455 -44.17 24.59 -5.72
N ASP E 456 -45.22 24.04 -5.10
CA ASP E 456 -45.61 22.66 -5.29
C ASP E 456 -47.01 22.50 -5.87
N VAL E 457 -47.98 23.25 -5.36
CA VAL E 457 -49.36 23.17 -5.78
C VAL E 457 -49.71 24.43 -6.54
N GLU E 458 -50.31 24.28 -7.72
CA GLU E 458 -50.71 25.42 -8.52
C GLU E 458 -51.91 25.04 -9.37
N TYR E 459 -52.73 26.04 -9.70
CA TYR E 459 -53.95 25.86 -10.48
C TYR E 459 -53.73 26.59 -11.80
N ARG E 460 -53.26 25.86 -12.80
CA ARG E 460 -52.81 26.49 -14.04
C ARG E 460 -53.95 26.77 -15.01
N GLU E 461 -54.65 25.73 -15.44
CA GLU E 461 -55.68 25.86 -16.46
C GLU E 461 -56.88 25.03 -16.06
N PRO E 462 -58.08 25.33 -16.62
CA PRO E 462 -59.24 24.47 -16.39
C PRO E 462 -58.98 23.03 -16.80
N ALA E 463 -58.95 22.15 -15.81
CA ALA E 463 -58.62 20.75 -16.03
C ALA E 463 -59.84 19.98 -16.52
N PRO E 464 -59.63 18.85 -17.19
CA PRO E 464 -60.77 17.99 -17.55
C PRO E 464 -61.57 17.52 -16.35
N TYR E 465 -60.90 17.10 -15.26
CA TYR E 465 -61.56 16.66 -14.03
C TYR E 465 -61.77 17.87 -13.12
N VAL E 466 -63.01 18.34 -13.05
CA VAL E 466 -63.35 19.67 -12.52
C VAL E 466 -62.95 19.89 -11.06
N HIS E 467 -62.88 18.81 -10.28
CA HIS E 467 -62.47 18.83 -8.88
C HIS E 467 -60.99 18.45 -8.66
N ALA E 468 -60.22 18.27 -9.74
CA ALA E 468 -58.77 18.01 -9.73
C ALA E 468 -58.13 18.99 -10.70
N GLN E 469 -57.81 20.19 -10.21
CA GLN E 469 -57.21 21.25 -11.01
C GLN E 469 -55.70 21.30 -10.89
N ARG E 470 -55.09 20.35 -10.21
CA ARG E 470 -53.72 20.51 -9.75
C ARG E 470 -52.71 20.06 -10.80
N TYR E 471 -51.54 20.69 -10.76
CA TYR E 471 -50.34 20.26 -11.46
C TYR E 471 -49.19 20.32 -10.46
N ILE E 472 -48.81 19.18 -9.91
CA ILE E 472 -47.88 19.13 -8.78
C ILE E 472 -46.46 19.08 -9.33
N ARG E 473 -45.65 20.04 -8.92
CA ARG E 473 -44.29 20.22 -9.40
C ARG E 473 -43.32 20.03 -8.24
N TYR E 474 -42.39 19.12 -8.38
CA TYR E 474 -41.40 18.89 -7.34
C TYR E 474 -40.10 19.60 -7.69
N CYS E 475 -39.62 20.43 -6.77
CA CYS E 475 -38.34 21.13 -6.90
C CYS E 475 -38.28 22.00 -8.15
N GLY E 476 -39.42 22.53 -8.58
CA GLY E 476 -39.47 23.44 -9.70
C GLY E 476 -39.54 22.81 -11.07
N ILE E 477 -39.48 21.48 -11.15
CA ILE E 477 -39.57 20.81 -12.45
C ILE E 477 -41.00 20.86 -12.95
N ASP E 478 -41.17 21.20 -14.23
CA ASP E 478 -42.48 21.21 -14.85
C ASP E 478 -42.71 19.92 -15.63
N SER E 479 -43.97 19.49 -15.69
CA SER E 479 -44.33 18.20 -16.27
C SER E 479 -44.82 18.32 -17.71
N ARG E 480 -44.73 19.50 -18.31
CA ARG E 480 -45.19 19.68 -19.68
C ARG E 480 -44.08 19.46 -20.71
N GLU E 481 -42.83 19.35 -20.29
CA GLU E 481 -41.73 19.11 -21.21
C GLU E 481 -41.35 17.64 -21.17
N LEU E 482 -41.28 17.02 -22.34
CA LEU E 482 -40.79 15.65 -22.43
C LEU E 482 -39.29 15.67 -22.21
N ILE E 483 -38.79 14.75 -21.41
CA ILE E 483 -37.43 14.84 -20.90
C ILE E 483 -36.59 13.69 -21.43
N ASN E 484 -35.46 14.06 -22.04
CA ASN E 484 -34.45 13.11 -22.51
C ASN E 484 -33.41 12.93 -21.41
N PRO E 485 -33.45 11.83 -20.66
CA PRO E 485 -32.59 11.72 -19.47
C PRO E 485 -31.11 11.65 -19.76
N THR E 486 -30.69 11.36 -21.00
CA THR E 486 -29.27 11.29 -21.29
C THR E 486 -28.63 12.66 -21.47
N THR E 487 -29.43 13.73 -21.49
CA THR E 487 -28.88 15.08 -21.49
C THR E 487 -29.54 16.01 -20.49
N TYR E 488 -30.77 15.73 -20.07
CA TYR E 488 -31.43 16.53 -19.07
C TYR E 488 -30.76 16.33 -17.71
N GLY E 489 -31.06 17.24 -16.79
CA GLY E 489 -30.64 17.09 -15.42
C GLY E 489 -29.26 17.63 -15.09
N ILE E 490 -28.51 18.05 -16.09
CA ILE E 490 -27.11 18.44 -15.86
C ILE E 490 -27.04 19.71 -15.02
N GLY E 491 -27.81 20.73 -15.37
CA GLY E 491 -27.56 22.05 -14.80
C GLY E 491 -28.73 22.84 -14.24
N MET E 492 -29.69 22.18 -13.59
CA MET E 492 -30.76 22.91 -12.92
C MET E 492 -30.56 22.73 -11.42
N THR E 493 -31.14 23.63 -10.63
CA THR E 493 -30.92 23.59 -9.20
C THR E 493 -32.08 24.24 -8.46
N TYR E 494 -32.13 24.00 -7.15
CA TYR E 494 -33.06 24.68 -6.25
C TYR E 494 -32.33 25.05 -4.96
N HIS E 495 -33.09 25.44 -3.92
CA HIS E 495 -32.49 26.07 -2.76
C HIS E 495 -31.88 25.07 -1.79
N CYS E 496 -32.66 24.06 -1.39
CA CYS E 496 -32.26 23.19 -0.28
C CYS E 496 -31.01 22.38 -0.61
N TYR E 497 -30.92 21.89 -1.84
CA TYR E 497 -29.76 21.12 -2.26
C TYR E 497 -28.48 21.95 -2.22
N ASN E 498 -28.54 23.17 -2.78
CA ASN E 498 -27.38 24.04 -2.76
C ASN E 498 -26.97 24.39 -1.34
N GLU E 499 -27.95 24.69 -0.49
CA GLU E 499 -27.65 25.01 0.89
C GLU E 499 -27.00 23.82 1.60
N MET E 500 -27.50 22.61 1.37
CA MET E 500 -26.95 21.48 2.11
C MET E 500 -25.56 21.13 1.62
N LEU E 501 -25.28 21.29 0.31
CA LEU E 501 -23.91 21.06 -0.12
C LEU E 501 -22.97 22.12 0.47
N ARG E 502 -23.46 23.36 0.59
CA ARG E 502 -22.66 24.38 1.26
C ARG E 502 -22.39 24.01 2.71
N MET E 503 -23.36 23.39 3.39
CA MET E 503 -23.12 23.01 4.77
C MET E 503 -22.23 21.78 4.90
N LEU E 504 -22.30 20.85 3.94
CA LEU E 504 -21.35 19.75 3.91
C LEU E 504 -19.93 20.26 3.75
N VAL E 505 -19.73 21.23 2.86
CA VAL E 505 -18.42 21.86 2.76
C VAL E 505 -18.07 22.56 4.06
N ALA E 506 -19.04 23.23 4.67
CA ALA E 506 -18.83 23.81 5.98
C ALA E 506 -18.56 22.76 7.05
N ALA E 507 -19.02 21.53 6.83
CA ALA E 507 -18.68 20.42 7.70
C ALA E 507 -17.33 19.79 7.34
N GLY E 508 -16.72 20.20 6.23
CA GLY E 508 -15.45 19.65 5.82
C GLY E 508 -15.51 18.35 5.07
N LYS E 509 -16.70 17.82 4.79
CA LYS E 509 -16.84 16.54 4.09
C LYS E 509 -16.79 16.79 2.59
N ASP E 510 -15.61 16.59 2.03
CA ASP E 510 -15.43 16.81 0.59
C ASP E 510 -16.06 15.68 -0.23
N SER E 511 -15.87 14.44 0.20
CA SER E 511 -16.22 13.28 -0.62
C SER E 511 -17.72 13.21 -0.86
N GLU E 512 -18.52 13.43 0.18
CA GLU E 512 -19.97 13.40 0.02
C GLU E 512 -20.45 14.53 -0.87
N ALA E 513 -19.81 15.70 -0.76
CA ALA E 513 -20.14 16.82 -1.63
C ALA E 513 -19.91 16.46 -3.08
N ALA E 514 -18.77 15.83 -3.38
CA ALA E 514 -18.49 15.41 -4.75
C ALA E 514 -19.48 14.36 -5.22
N TYR E 515 -19.83 13.43 -4.34
CA TYR E 515 -20.84 12.41 -4.65
C TYR E 515 -22.17 13.04 -5.06
N PHE E 516 -22.68 13.93 -4.23
CA PHE E 516 -24.00 14.49 -4.50
C PHE E 516 -23.97 15.42 -5.70
N ARG E 517 -22.87 16.18 -5.87
CA ARG E 517 -22.75 17.02 -7.07
C ARG E 517 -22.69 16.16 -8.32
N SER E 518 -21.99 15.04 -8.27
CA SER E 518 -21.88 14.17 -9.43
C SER E 518 -23.24 13.63 -9.83
N MET E 519 -24.04 13.21 -8.85
CA MET E 519 -25.34 12.62 -9.18
C MET E 519 -26.51 13.55 -8.91
N LEU E 520 -26.29 14.87 -8.95
CA LEU E 520 -27.39 15.81 -9.17
C LEU E 520 -28.31 15.42 -10.32
N PRO E 521 -27.82 15.11 -11.53
CA PRO E 521 -28.76 14.71 -12.59
C PRO E 521 -29.53 13.46 -12.28
N PHE E 522 -28.93 12.55 -11.51
CA PHE E 522 -29.53 11.24 -11.27
C PHE E 522 -30.77 11.37 -10.38
N HIS E 523 -30.64 12.09 -9.27
CA HIS E 523 -31.80 12.46 -8.45
C HIS E 523 -32.80 13.29 -9.23
N MET E 524 -32.30 14.22 -10.06
CA MET E 524 -33.21 15.12 -10.74
C MET E 524 -34.07 14.37 -11.77
N VAL E 525 -33.50 13.42 -12.49
CA VAL E 525 -34.29 12.66 -13.46
C VAL E 525 -35.20 11.68 -12.75
N ARG E 526 -34.82 11.21 -11.56
CA ARG E 526 -35.79 10.49 -10.74
C ARG E 526 -37.03 11.31 -10.50
N PHE E 527 -36.85 12.54 -10.00
CA PHE E 527 -38.00 13.37 -9.71
C PHE E 527 -38.73 13.80 -10.98
N ALA E 528 -38.02 13.89 -12.10
CA ALA E 528 -38.67 14.16 -13.38
C ALA E 528 -39.60 13.02 -13.78
N ARG E 529 -39.13 11.77 -13.69
CA ARG E 529 -39.96 10.63 -14.03
C ARG E 529 -41.16 10.54 -13.09
N ILE E 530 -40.94 10.79 -11.80
CA ILE E 530 -42.04 10.76 -10.85
C ILE E 530 -43.05 11.86 -11.15
N ASN E 531 -42.56 13.03 -11.54
CA ASN E 531 -43.44 14.13 -11.95
C ASN E 531 -44.28 13.70 -13.14
N GLN E 532 -43.66 13.02 -14.11
CA GLN E 532 -44.40 12.53 -15.27
C GLN E 532 -45.49 11.55 -14.85
N ILE E 533 -45.14 10.61 -13.97
CA ILE E 533 -46.08 9.56 -13.60
C ILE E 533 -47.19 10.11 -12.73
N ILE E 534 -46.96 11.24 -12.05
CA ILE E 534 -47.99 11.79 -11.17
C ILE E 534 -48.91 12.73 -11.94
N ASN E 535 -48.36 13.58 -12.79
CA ASN E 535 -49.15 14.56 -13.52
C ASN E 535 -49.64 14.05 -14.87
N GLU E 536 -49.33 12.81 -15.23
CA GLU E 536 -49.65 12.30 -16.56
C GLU E 536 -50.68 11.17 -16.52
N ASP E 537 -50.53 10.23 -15.58
CA ASP E 537 -51.43 9.08 -15.48
C ASP E 537 -52.56 9.25 -14.47
N LEU E 538 -52.26 9.67 -13.25
CA LEU E 538 -53.16 9.45 -12.12
C LEU E 538 -54.30 10.44 -12.07
N HIS E 539 -54.42 11.33 -13.05
CA HIS E 539 -55.52 12.30 -13.06
C HIS E 539 -56.80 11.55 -13.39
N SER E 540 -57.62 11.28 -12.37
CA SER E 540 -58.84 10.52 -12.53
C SER E 540 -59.77 10.88 -11.38
N VAL E 541 -61.01 10.41 -11.44
CA VAL E 541 -62.01 10.66 -10.41
C VAL E 541 -61.61 10.08 -9.05
N PHE E 542 -60.62 9.18 -8.99
CA PHE E 542 -60.26 8.54 -7.73
C PHE E 542 -59.30 9.38 -6.91
N SER E 543 -58.71 10.43 -7.47
CA SER E 543 -57.80 11.28 -6.72
C SER E 543 -58.55 11.99 -5.61
N LEU E 544 -57.84 12.27 -4.52
CA LEU E 544 -58.44 12.95 -3.39
C LEU E 544 -58.82 14.38 -3.78
N PRO E 545 -60.02 14.83 -3.44
CA PRO E 545 -60.49 16.14 -3.90
C PRO E 545 -59.71 17.29 -3.26
N ASP E 546 -59.74 18.43 -3.96
CA ASP E 546 -58.92 19.57 -3.56
C ASP E 546 -59.33 20.10 -2.19
N ASP E 547 -60.63 20.23 -1.94
CA ASP E 547 -61.09 20.65 -0.62
C ASP E 547 -60.68 19.64 0.44
N MET E 548 -60.75 18.35 0.10
CA MET E 548 -60.23 17.32 0.98
C MET E 548 -58.70 17.43 1.10
N PHE E 549 -58.01 17.68 -0.01
CA PHE E 549 -56.56 17.69 0.00
C PHE E 549 -56.00 18.82 0.85
N ASN E 550 -56.72 19.94 0.93
CA ASN E 550 -56.23 21.07 1.73
C ASN E 550 -56.16 20.74 3.21
N ALA E 551 -56.84 19.69 3.66
CA ALA E 551 -57.05 19.45 5.08
C ALA E 551 -56.05 18.49 5.71
N LEU E 552 -55.17 17.87 4.92
CA LEU E 552 -54.31 16.83 5.47
C LEU E 552 -53.31 17.37 6.48
N LEU E 553 -52.70 18.52 6.19
CA LEU E 553 -51.75 19.08 7.14
C LEU E 553 -52.41 19.44 8.48
N PRO E 554 -53.55 20.14 8.52
CA PRO E 554 -54.26 20.26 9.82
C PRO E 554 -54.68 18.92 10.39
N ASP E 555 -55.04 17.97 9.53
CA ASP E 555 -55.40 16.64 9.99
C ASP E 555 -54.21 15.96 10.67
N LEU E 556 -53.02 16.07 10.08
CA LEU E 556 -51.87 15.40 10.66
C LEU E 556 -51.40 16.10 11.93
N ILE E 557 -51.37 17.43 11.94
CA ILE E 557 -50.76 18.09 13.09
C ILE E 557 -51.75 18.23 14.25
N ALA E 558 -53.05 18.25 13.97
CA ALA E 558 -54.02 18.48 15.04
C ALA E 558 -54.13 17.27 15.97
N GLY E 559 -54.25 16.08 15.39
CA GLY E 559 -54.41 14.87 16.16
C GLY E 559 -55.82 14.32 16.23
N ALA E 560 -56.67 14.65 15.27
CA ALA E 560 -58.03 14.13 15.20
C ALA E 560 -58.21 13.35 13.91
N HIS E 561 -59.38 12.72 13.77
CA HIS E 561 -59.66 11.88 12.62
C HIS E 561 -61.07 12.08 12.11
N GLN E 562 -61.50 13.34 11.98
CA GLN E 562 -62.79 13.64 11.39
C GLN E 562 -62.83 13.21 9.92
N ASN E 563 -61.75 13.46 9.20
CA ASN E 563 -61.59 12.97 7.84
C ASN E 563 -60.97 11.57 7.90
N ALA E 564 -60.86 10.94 6.72
CA ALA E 564 -60.26 9.61 6.64
C ALA E 564 -58.80 9.66 7.06
N ASP E 565 -58.43 8.74 7.94
CA ASP E 565 -57.04 8.58 8.34
C ASP E 565 -56.26 7.99 7.17
N PRO E 566 -55.21 8.64 6.69
CA PRO E 566 -54.40 8.05 5.61
C PRO E 566 -53.76 6.75 6.06
N VAL E 567 -53.66 5.82 5.12
CA VAL E 567 -53.02 4.53 5.39
C VAL E 567 -51.54 4.76 5.67
N VAL E 568 -50.97 3.92 6.53
CA VAL E 568 -49.60 4.08 6.97
C VAL E 568 -48.78 2.89 6.50
N LEU E 569 -47.47 3.13 6.35
CA LEU E 569 -46.55 2.13 5.80
C LEU E 569 -45.30 2.13 6.66
N ASP E 570 -44.48 1.08 6.53
CA ASP E 570 -43.28 0.93 7.33
C ASP E 570 -42.17 0.23 6.53
N VAL E 571 -40.95 0.79 6.62
CA VAL E 571 -39.77 0.31 5.91
C VAL E 571 -38.57 0.34 6.83
N SER E 572 -37.39 0.03 6.27
CA SER E 572 -36.14 -0.06 7.00
C SER E 572 -35.21 1.11 6.68
N TRP E 573 -34.08 1.17 7.39
CA TRP E 573 -33.17 2.31 7.25
C TRP E 573 -32.33 2.21 5.98
N ILE E 574 -31.64 1.07 5.78
CA ILE E 574 -30.85 0.89 4.56
C ILE E 574 -31.72 0.85 3.32
N SER E 575 -33.04 0.69 3.52
CA SER E 575 -33.98 0.68 2.40
C SER E 575 -33.93 1.98 1.61
N LEU E 576 -33.85 3.12 2.30
CA LEU E 576 -33.80 4.39 1.58
C LEU E 576 -32.47 4.54 0.86
N TRP E 577 -31.37 4.05 1.46
CA TRP E 577 -30.07 4.13 0.80
C TRP E 577 -30.06 3.31 -0.47
N PHE E 578 -30.70 2.14 -0.47
CA PHE E 578 -30.79 1.39 -1.70
C PHE E 578 -31.85 1.94 -2.65
N ALA E 579 -32.81 2.70 -2.13
CA ALA E 579 -33.77 3.38 -3.00
C ALA E 579 -33.10 4.49 -3.78
N PHE E 580 -32.17 5.21 -3.16
CA PHE E 580 -31.54 6.33 -3.84
C PHE E 580 -30.54 5.87 -4.89
N ASN E 581 -30.27 4.57 -4.95
CA ASN E 581 -29.30 4.04 -5.90
C ASN E 581 -29.94 3.40 -7.12
N ARG E 582 -31.26 3.21 -7.11
CA ARG E 582 -31.97 2.63 -8.24
C ARG E 582 -32.98 3.64 -8.78
N SER E 583 -33.10 3.71 -10.10
CA SER E 583 -33.95 4.67 -10.77
C SER E 583 -35.11 3.94 -11.46
N PHE E 584 -36.31 4.47 -11.30
CA PHE E 584 -37.54 3.81 -11.69
C PHE E 584 -38.01 4.36 -13.04
N GLU E 585 -38.28 3.45 -13.98
CA GLU E 585 -38.64 3.84 -15.34
C GLU E 585 -39.97 3.19 -15.72
N PRO E 586 -40.95 3.96 -16.20
CA PRO E 586 -42.24 3.40 -16.68
C PRO E 586 -42.19 2.94 -18.13
N THR E 587 -41.46 1.85 -18.35
CA THR E 587 -41.30 1.34 -19.71
C THR E 587 -42.50 0.57 -20.22
N HIS E 588 -43.35 0.05 -19.33
CA HIS E 588 -44.54 -0.68 -19.72
C HIS E 588 -45.71 -0.20 -18.87
N ARG E 589 -46.59 0.59 -19.48
CA ARG E 589 -47.69 1.23 -18.75
C ARG E 589 -48.89 0.29 -18.66
N ASN E 590 -49.67 0.46 -17.59
CA ASN E 590 -50.80 -0.42 -17.31
C ASN E 590 -51.83 -0.36 -18.44
N GLU E 591 -52.44 -1.50 -18.72
CA GLU E 591 -53.22 -1.70 -19.94
C GLU E 591 -54.69 -1.32 -19.80
N MET E 592 -55.16 -0.99 -18.60
CA MET E 592 -56.58 -0.76 -18.38
C MET E 592 -56.93 0.72 -18.33
N LEU E 593 -56.11 1.58 -18.93
CA LEU E 593 -56.37 3.02 -18.87
C LEU E 593 -57.48 3.43 -19.82
N GLU E 594 -57.56 2.82 -21.00
CA GLU E 594 -58.52 3.24 -22.01
C GLU E 594 -59.97 3.04 -21.58
N VAL E 595 -60.21 2.18 -20.61
CA VAL E 595 -61.57 1.81 -20.23
C VAL E 595 -62.01 2.52 -18.95
N ALA E 596 -61.17 3.40 -18.40
CA ALA E 596 -61.49 4.06 -17.13
C ALA E 596 -62.72 4.95 -17.20
N PRO E 597 -62.91 5.79 -18.23
CA PRO E 597 -64.06 6.68 -18.29
C PRO E 597 -65.38 5.91 -18.35
N LEU E 598 -65.36 4.80 -19.11
CA LEU E 598 -66.46 3.85 -19.17
C LEU E 598 -66.75 3.24 -17.80
N ILE E 599 -65.71 2.83 -17.07
CA ILE E 599 -65.84 2.24 -15.74
C ILE E 599 -66.52 3.22 -14.80
N GLU E 600 -66.13 4.49 -14.81
CA GLU E 600 -66.77 5.48 -13.95
C GLU E 600 -68.22 5.68 -14.31
N SER E 601 -68.52 5.82 -15.61
CA SER E 601 -69.88 6.12 -16.03
C SER E 601 -70.85 5.01 -15.62
N VAL E 602 -70.44 3.75 -15.78
CA VAL E 602 -71.27 2.65 -15.30
C VAL E 602 -71.33 2.60 -13.79
N TYR E 603 -70.19 2.72 -13.09
CA TYR E 603 -70.18 2.68 -11.63
C TYR E 603 -71.12 3.72 -11.05
N ALA E 604 -71.02 4.94 -11.54
CA ALA E 604 -71.91 6.03 -11.18
C ALA E 604 -73.37 5.70 -11.46
N SER E 605 -73.63 5.06 -12.60
CA SER E 605 -74.97 4.62 -12.95
C SER E 605 -75.52 3.68 -11.89
N GLU E 606 -74.93 2.51 -11.61
CA GLU E 606 -75.60 1.67 -10.61
C GLU E 606 -75.62 2.32 -9.23
N LEU E 607 -74.67 3.20 -8.92
CA LEU E 607 -74.76 3.92 -7.66
C LEU E 607 -76.00 4.79 -7.62
N SER E 608 -76.31 5.47 -8.73
CA SER E 608 -77.53 6.26 -8.78
C SER E 608 -78.78 5.38 -8.81
N VAL E 609 -78.66 4.17 -9.36
CA VAL E 609 -79.76 3.20 -9.26
C VAL E 609 -80.08 2.92 -7.80
N MET E 610 -79.05 2.67 -6.99
CA MET E 610 -79.29 2.46 -5.56
C MET E 610 -79.77 3.74 -4.88
N LYS E 611 -79.35 4.90 -5.38
CA LYS E 611 -79.85 6.17 -4.86
C LYS E 611 -81.36 6.26 -5.01
N VAL E 612 -81.86 6.04 -6.22
CA VAL E 612 -83.30 6.16 -6.45
C VAL E 612 -84.04 5.05 -5.73
N ASP E 613 -83.43 3.87 -5.60
CA ASP E 613 -84.08 2.79 -4.86
C ASP E 613 -84.27 3.15 -3.39
N MET E 614 -83.24 3.72 -2.76
CA MET E 614 -83.40 4.17 -1.37
C MET E 614 -84.43 5.28 -1.26
N ARG E 615 -84.36 6.27 -2.16
CA ARG E 615 -85.28 7.40 -2.05
C ARG E 615 -86.72 6.94 -2.17
N HIS E 616 -87.01 6.01 -3.07
CA HIS E 616 -88.37 5.53 -3.20
C HIS E 616 -88.77 4.62 -2.04
N LEU E 617 -87.87 3.71 -1.63
CA LEU E 617 -88.27 2.67 -0.70
C LEU E 617 -88.34 3.14 0.74
N SER E 618 -87.72 4.28 1.07
CA SER E 618 -87.79 4.75 2.45
C SER E 618 -89.22 5.09 2.87
N LEU E 619 -90.09 5.42 1.92
CA LEU E 619 -91.42 5.92 2.23
C LEU E 619 -92.50 4.84 2.17
N MET E 620 -92.12 3.57 2.28
CA MET E 620 -93.12 2.51 2.21
C MET E 620 -93.96 2.45 3.48
N GLN E 621 -93.35 2.61 4.65
CA GLN E 621 -94.07 2.38 5.89
C GLN E 621 -95.12 3.47 6.13
N ARG E 622 -94.81 4.71 5.73
CA ARG E 622 -95.76 5.80 5.94
C ARG E 622 -97.04 5.59 5.15
N ARG E 623 -96.92 5.09 3.91
CA ARG E 623 -98.10 4.89 3.09
C ARG E 623 -98.93 3.71 3.58
N PHE E 624 -98.27 2.66 4.06
CA PHE E 624 -98.95 1.46 4.52
C PHE E 624 -98.43 1.13 5.92
N PRO E 625 -99.05 1.69 6.96
CA PRO E 625 -98.58 1.40 8.32
C PRO E 625 -99.00 0.02 8.82
N ASP E 626 -100.18 -0.47 8.42
CA ASP E 626 -100.75 -1.67 9.02
C ASP E 626 -100.14 -2.96 8.48
N VAL E 627 -99.29 -2.90 7.45
CA VAL E 627 -98.66 -4.10 6.91
C VAL E 627 -97.15 -4.10 7.09
N LEU E 628 -96.55 -2.97 7.44
CA LEU E 628 -95.12 -2.87 7.71
C LEU E 628 -94.89 -2.51 9.17
N ILE E 629 -95.65 -3.15 10.06
CA ILE E 629 -95.61 -2.81 11.47
C ILE E 629 -94.25 -3.14 12.07
N GLN E 630 -93.72 -4.32 11.74
CA GLN E 630 -92.51 -4.84 12.35
C GLN E 630 -91.27 -4.58 11.51
N ALA E 631 -91.39 -3.78 10.46
CA ALA E 631 -90.33 -3.64 9.47
C ALA E 631 -89.18 -2.77 10.01
N ARG E 632 -88.23 -2.50 9.12
CA ARG E 632 -87.02 -1.75 9.42
C ARG E 632 -86.40 -1.35 8.10
N PRO E 633 -85.61 -0.27 8.08
CA PRO E 633 -84.86 0.05 6.85
C PRO E 633 -83.93 -1.07 6.39
N SER E 634 -83.41 -1.87 7.32
CA SER E 634 -82.57 -3.01 6.96
C SER E 634 -83.31 -4.00 6.07
N HIS E 635 -84.64 -4.05 6.16
CA HIS E 635 -85.40 -4.95 5.31
C HIS E 635 -85.23 -4.59 3.83
N PHE E 636 -85.46 -3.34 3.47
CA PHE E 636 -85.23 -2.99 2.07
C PHE E 636 -83.74 -2.87 1.75
N TRP E 637 -82.89 -2.70 2.76
CA TRP E 637 -81.45 -2.82 2.53
C TRP E 637 -81.10 -4.20 1.98
N LYS E 638 -81.57 -5.26 2.64
CA LYS E 638 -81.45 -6.59 2.08
C LYS E 638 -82.19 -6.74 0.76
N ALA E 639 -83.34 -6.10 0.61
CA ALA E 639 -84.10 -6.24 -0.62
C ALA E 639 -83.32 -5.74 -1.81
N VAL E 640 -82.64 -4.60 -1.66
CA VAL E 640 -81.85 -4.09 -2.78
C VAL E 640 -80.52 -4.80 -2.90
N LEU E 641 -79.98 -5.34 -1.79
CA LEU E 641 -78.76 -6.13 -1.92
C LEU E 641 -79.03 -7.44 -2.65
N ASN E 642 -80.24 -7.97 -2.53
CA ASN E 642 -80.59 -9.19 -3.25
C ASN E 642 -80.83 -8.92 -4.72
N ASP E 643 -81.18 -7.69 -5.08
CA ASP E 643 -81.54 -7.35 -6.45
C ASP E 643 -80.55 -6.38 -7.09
N SER E 644 -79.26 -6.60 -6.86
CA SER E 644 -78.21 -5.85 -7.50
C SER E 644 -77.07 -6.79 -7.84
N PRO E 645 -76.29 -6.49 -8.89
CA PRO E 645 -75.14 -7.34 -9.23
C PRO E 645 -74.08 -7.30 -8.14
N GLU E 646 -73.22 -8.33 -8.17
CA GLU E 646 -72.24 -8.54 -7.12
C GLU E 646 -71.05 -7.59 -7.18
N ALA E 647 -70.78 -7.00 -8.35
CA ALA E 647 -69.56 -6.23 -8.54
C ALA E 647 -69.53 -4.97 -7.69
N VAL E 648 -70.62 -4.20 -7.68
CA VAL E 648 -70.68 -3.02 -6.84
C VAL E 648 -70.64 -3.40 -5.36
N LYS E 649 -71.19 -4.56 -5.01
CA LYS E 649 -71.13 -5.02 -3.64
C LYS E 649 -69.70 -5.30 -3.22
N ALA E 650 -68.91 -5.96 -4.09
CA ALA E 650 -67.49 -6.17 -3.79
C ALA E 650 -66.73 -4.85 -3.75
N VAL E 651 -67.08 -3.91 -4.64
CA VAL E 651 -66.39 -2.63 -4.67
C VAL E 651 -66.59 -1.89 -3.35
N MET E 652 -67.81 -1.84 -2.83
CA MET E 652 -67.99 -1.21 -1.53
C MET E 652 -67.48 -2.09 -0.40
N ASN E 653 -67.36 -3.40 -0.61
CA ASN E 653 -66.75 -4.27 0.38
C ASN E 653 -65.28 -3.91 0.60
N LEU E 654 -64.59 -3.50 -0.47
CA LEU E 654 -63.20 -3.05 -0.34
C LEU E 654 -63.07 -1.88 0.64
N SER E 655 -64.12 -1.06 0.79
CA SER E 655 -64.10 0.05 1.73
C SER E 655 -64.69 -0.29 3.09
N HIS E 656 -65.87 -0.91 3.13
CA HIS E 656 -66.56 -1.24 4.36
C HIS E 656 -65.87 -2.36 5.13
N SER E 657 -64.69 -2.79 4.66
CA SER E 657 -64.00 -3.93 5.26
C SER E 657 -63.66 -3.66 6.72
N HIS E 658 -63.01 -2.54 7.00
CA HIS E 658 -62.65 -2.19 8.37
C HIS E 658 -63.31 -0.90 8.82
N ASN E 659 -64.37 -0.45 8.15
CA ASN E 659 -65.12 0.72 8.56
C ASN E 659 -66.60 0.36 8.62
N PHE E 660 -67.24 0.73 9.73
CA PHE E 660 -68.63 0.40 10.01
C PHE E 660 -69.55 1.52 9.57
N ILE E 661 -70.75 1.14 9.14
CA ILE E 661 -71.78 2.09 8.71
C ILE E 661 -73.11 1.69 9.34
N ASN E 662 -74.06 2.61 9.30
CA ASN E 662 -75.39 2.37 9.86
C ASN E 662 -76.43 2.96 8.92
N ILE E 663 -77.69 2.89 9.35
CA ILE E 663 -78.81 3.30 8.49
C ILE E 663 -78.78 4.79 8.22
N ARG E 664 -78.54 5.59 9.27
CA ARG E 664 -78.52 7.04 9.09
C ARG E 664 -77.37 7.49 8.21
N ASP E 665 -76.30 6.70 8.14
CA ASP E 665 -75.25 6.98 7.15
C ASP E 665 -75.83 6.90 5.74
N MET E 666 -76.60 5.86 5.48
CA MET E 666 -77.27 5.74 4.19
C MET E 666 -78.27 6.87 3.98
N MET E 667 -78.96 7.27 5.05
CA MET E 667 -79.96 8.33 4.93
C MET E 667 -79.31 9.67 4.56
N ARG E 668 -78.24 10.04 5.26
CA ARG E 668 -77.47 11.22 4.88
C ARG E 668 -76.94 11.09 3.46
N TRP E 669 -76.57 9.88 3.07
CA TRP E 669 -76.10 9.64 1.72
C TRP E 669 -77.23 9.83 0.71
N VAL E 670 -78.48 9.57 1.11
CA VAL E 670 -79.63 9.77 0.22
C VAL E 670 -79.84 11.25 -0.05
N MET E 671 -79.79 12.08 1.01
CA MET E 671 -80.10 13.49 0.86
C MET E 671 -79.08 14.24 0.01
N LEU E 672 -77.95 13.64 -0.28
CA LEU E 672 -77.03 14.21 -1.26
C LEU E 672 -77.72 14.20 -2.63
N PRO E 673 -77.89 15.35 -3.27
CA PRO E 673 -78.64 15.40 -4.53
C PRO E 673 -77.84 14.96 -5.74
N SER E 674 -76.65 14.36 -5.56
CA SER E 674 -75.79 13.90 -6.65
C SER E 674 -76.37 12.68 -7.39
N LEU E 675 -76.58 12.79 -8.70
CA LEU E 675 -77.03 11.71 -9.58
C LEU E 675 -76.37 11.82 -10.96
N GLN E 676 -76.11 10.71 -11.65
CA GLN E 676 -75.37 10.71 -12.93
C GLN E 676 -76.30 10.58 -14.14
N PRO E 677 -76.36 11.55 -15.06
CA PRO E 677 -77.23 11.48 -16.24
C PRO E 677 -76.94 10.25 -17.09
N SER E 678 -77.93 9.37 -17.24
CA SER E 678 -77.77 8.06 -17.87
C SER E 678 -79.12 7.48 -18.28
N LEU E 679 -79.08 6.54 -19.23
CA LEU E 679 -80.26 5.87 -19.77
C LEU E 679 -81.12 5.23 -18.67
N LYS E 680 -80.53 4.33 -17.89
CA LYS E 680 -81.24 3.53 -16.90
C LYS E 680 -81.80 4.40 -15.79
N LEU E 681 -81.10 5.47 -15.42
CA LEU E 681 -81.64 6.40 -14.43
C LEU E 681 -82.94 7.02 -14.92
N ALA E 682 -82.96 7.46 -16.18
CA ALA E 682 -84.18 8.04 -16.73
C ALA E 682 -85.33 7.05 -16.69
N LEU E 683 -85.09 5.84 -17.19
CA LEU E 683 -86.15 4.83 -17.19
C LEU E 683 -86.62 4.52 -15.78
N GLU E 684 -85.69 4.30 -14.85
CA GLU E 684 -86.07 3.93 -13.50
C GLU E 684 -86.80 5.05 -12.79
N GLU E 685 -86.33 6.29 -12.93
CA GLU E 685 -86.98 7.40 -12.24
C GLU E 685 -88.41 7.56 -12.74
N GLU E 686 -88.61 7.51 -14.06
CA GLU E 686 -89.99 7.63 -14.53
C GLU E 686 -90.80 6.38 -14.24
N ALA E 687 -90.16 5.22 -14.07
CA ALA E 687 -90.88 4.01 -13.73
C ALA E 687 -91.38 4.06 -12.28
N TRP E 688 -90.51 4.46 -11.36
CA TRP E 688 -90.93 4.62 -9.97
C TRP E 688 -91.98 5.72 -9.84
N ALA E 689 -91.84 6.80 -10.63
CA ALA E 689 -92.89 7.81 -10.66
C ALA E 689 -94.17 7.27 -11.31
N ALA E 690 -94.07 6.20 -12.09
CA ALA E 690 -95.25 5.52 -12.60
C ALA E 690 -95.78 4.46 -11.66
N ALA E 691 -95.07 4.20 -10.55
CA ALA E 691 -95.49 3.20 -9.57
C ALA E 691 -95.99 3.83 -8.28
N ASN E 692 -96.40 5.10 -8.32
CA ASN E 692 -96.88 5.77 -7.12
C ASN E 692 -98.19 5.17 -6.63
N ASP E 693 -99.09 4.84 -7.54
CA ASP E 693 -100.38 4.26 -7.19
C ASP E 693 -100.24 2.74 -7.07
N PHE E 694 -100.58 2.22 -5.88
CA PHE E 694 -100.52 0.77 -5.68
C PHE E 694 -101.79 0.07 -6.16
N GLU E 695 -102.79 0.82 -6.62
CA GLU E 695 -103.94 0.21 -7.26
C GLU E 695 -103.52 -0.56 -8.51
N ASP E 696 -102.61 0.01 -9.30
CA ASP E 696 -102.03 -0.72 -10.41
C ASP E 696 -101.23 -1.93 -9.95
N LEU E 697 -100.80 -1.97 -8.69
CA LEU E 697 -99.96 -3.05 -8.18
C LEU E 697 -100.74 -4.29 -7.79
N MET E 698 -102.04 -4.33 -8.07
CA MET E 698 -102.87 -5.53 -7.95
C MET E 698 -102.92 -6.04 -6.50
N LEU E 699 -102.76 -5.13 -5.56
CA LEU E 699 -102.86 -5.44 -4.14
C LEU E 699 -103.78 -4.43 -3.49
N THR E 700 -104.80 -4.91 -2.77
CA THR E 700 -105.79 -4.02 -2.19
C THR E 700 -106.45 -4.72 -1.01
N ASP E 701 -107.35 -3.97 -0.36
CA ASP E 701 -108.19 -4.51 0.70
C ASP E 701 -109.64 -4.07 0.56
N GLN E 702 -110.05 -3.62 -0.62
CA GLN E 702 -111.43 -3.19 -0.86
C GLN E 702 -112.31 -4.41 -1.12
N VAL E 703 -112.26 -5.34 -0.18
CA VAL E 703 -112.94 -6.63 -0.31
C VAL E 703 -114.13 -6.65 0.64
N TYR E 704 -115.14 -7.43 0.28
CA TYR E 704 -116.38 -7.50 1.04
C TYR E 704 -116.97 -8.90 0.89
N MET E 705 -117.38 -9.47 2.03
CA MET E 705 -118.13 -10.72 2.06
C MET E 705 -119.59 -10.33 2.10
N HIS E 706 -120.25 -10.34 0.94
CA HIS E 706 -121.65 -9.95 0.88
C HIS E 706 -122.43 -10.93 0.01
N ARG E 707 -123.64 -11.26 0.46
CA ARG E 707 -124.50 -12.19 -0.23
C ARG E 707 -125.28 -11.46 -1.33
N ASP E 708 -125.23 -11.98 -2.54
CA ASP E 708 -126.01 -11.45 -3.65
C ASP E 708 -126.47 -12.62 -4.51
N MET E 709 -127.34 -12.33 -5.46
CA MET E 709 -127.96 -13.35 -6.30
C MET E 709 -127.52 -13.19 -7.75
N LEU E 710 -127.24 -14.32 -8.39
CA LEU E 710 -126.91 -14.30 -9.81
C LEU E 710 -128.15 -14.01 -10.64
N PRO E 711 -128.02 -13.22 -11.70
CA PRO E 711 -129.14 -13.00 -12.61
C PRO E 711 -129.54 -14.28 -13.32
N GLU E 712 -130.84 -14.47 -13.49
CA GLU E 712 -131.41 -15.65 -14.12
C GLU E 712 -132.46 -15.17 -15.10
N PRO E 713 -132.06 -14.80 -16.30
CA PRO E 713 -132.94 -14.02 -17.19
C PRO E 713 -134.10 -14.85 -17.74
N ARG E 714 -135.14 -14.11 -18.14
CA ARG E 714 -136.29 -14.67 -18.84
C ARG E 714 -136.09 -14.44 -20.33
N LEU E 715 -136.06 -15.53 -21.11
CA LEU E 715 -135.76 -15.45 -22.53
C LEU E 715 -137.05 -15.36 -23.34
N ASP E 716 -137.69 -14.19 -23.24
CA ASP E 716 -138.87 -13.92 -24.06
C ASP E 716 -138.50 -13.91 -25.54
N ASP E 717 -137.38 -13.29 -25.88
CA ASP E 717 -136.87 -13.31 -27.25
C ASP E 717 -135.42 -13.75 -27.23
N ILE E 718 -135.12 -14.84 -27.92
CA ILE E 718 -133.75 -15.33 -28.00
C ILE E 718 -132.89 -14.40 -28.84
N GLU E 719 -133.45 -13.88 -29.94
CA GLU E 719 -132.66 -13.08 -30.88
C GLU E 719 -132.26 -11.74 -30.28
N ARG E 720 -133.22 -11.05 -29.65
CA ARG E 720 -132.90 -9.76 -29.02
C ARG E 720 -131.92 -9.94 -27.87
N PHE E 721 -132.09 -11.01 -27.09
CA PHE E 721 -131.18 -11.26 -25.97
C PHE E 721 -129.79 -11.59 -26.47
N ARG E 722 -129.67 -12.34 -27.57
CA ARG E 722 -128.37 -12.66 -28.13
C ARG E 722 -127.74 -11.48 -28.84
N GLN E 723 -128.54 -10.50 -29.28
CA GLN E 723 -127.95 -9.30 -29.87
C GLN E 723 -127.15 -8.52 -28.84
N GLU E 724 -127.63 -8.46 -27.60
CA GLU E 724 -126.90 -7.79 -26.54
C GLU E 724 -125.95 -8.77 -25.85
N GLY E 725 -124.86 -8.22 -25.32
CA GLY E 725 -123.91 -9.03 -24.59
C GLY E 725 -124.06 -8.88 -23.09
N PHE E 726 -124.63 -9.88 -22.45
CA PHE E 726 -124.84 -9.86 -21.01
C PHE E 726 -123.78 -10.70 -20.30
N TYR E 727 -123.19 -10.13 -19.26
CA TYR E 727 -122.18 -10.82 -18.47
C TYR E 727 -122.43 -10.56 -17.00
N TYR E 728 -121.87 -11.41 -16.15
CA TYR E 728 -121.89 -11.19 -14.72
C TYR E 728 -120.48 -10.93 -14.23
N THR E 729 -120.37 -10.07 -13.22
CA THR E 729 -119.12 -9.90 -12.49
C THR E 729 -119.47 -9.35 -11.12
N ASN E 730 -118.74 -9.78 -10.11
CA ASN E 730 -118.85 -9.22 -8.77
C ASN E 730 -118.10 -7.90 -8.63
N MET E 731 -117.77 -7.27 -9.75
CA MET E 731 -117.14 -5.95 -9.77
C MET E 731 -118.05 -4.94 -9.08
N LEU E 732 -117.47 -4.13 -8.21
CA LEU E 732 -118.19 -3.07 -7.51
C LEU E 732 -117.85 -1.74 -8.18
N GLU E 733 -118.87 -1.05 -8.69
CA GLU E 733 -118.63 0.24 -9.32
C GLU E 733 -118.18 1.29 -8.31
N ALA E 734 -118.76 1.26 -7.11
CA ALA E 734 -118.42 2.21 -6.07
C ALA E 734 -118.43 1.52 -4.72
N PRO E 735 -117.63 2.00 -3.77
CA PRO E 735 -117.68 1.43 -2.42
C PRO E 735 -119.01 1.74 -1.76
N PRO E 736 -119.47 0.87 -0.88
CA PRO E 736 -120.76 1.12 -0.22
C PRO E 736 -120.64 2.20 0.84
N GLU E 737 -121.80 2.61 1.35
CA GLU E 737 -121.84 3.57 2.45
C GLU E 737 -121.27 2.94 3.72
N ILE E 738 -120.70 3.80 4.58
CA ILE E 738 -120.01 3.30 5.77
C ILE E 738 -121.00 2.68 6.75
N ASP E 739 -122.28 3.04 6.66
CA ASP E 739 -123.28 2.49 7.58
C ASP E 739 -123.58 1.01 7.32
N ARG E 740 -123.20 0.48 6.15
CA ARG E 740 -123.37 -0.94 5.88
C ARG E 740 -122.08 -1.73 6.05
N VAL E 741 -121.00 -1.08 6.47
CA VAL E 741 -119.69 -1.72 6.62
C VAL E 741 -119.25 -1.59 8.07
N VAL E 742 -118.90 -2.71 8.69
CA VAL E 742 -118.33 -2.73 10.03
C VAL E 742 -116.95 -3.35 9.96
N GLN E 743 -115.95 -2.61 10.41
CA GLN E 743 -114.56 -3.04 10.28
C GLN E 743 -114.24 -4.10 11.31
N TYR E 744 -113.64 -5.20 10.86
CA TYR E 744 -113.24 -6.29 11.74
C TYR E 744 -111.72 -6.47 11.70
N THR E 745 -111.14 -6.58 12.88
CA THR E 745 -109.74 -6.88 13.08
C THR E 745 -109.62 -8.29 13.65
N TYR E 746 -108.38 -8.69 13.95
CA TYR E 746 -108.15 -9.95 14.63
C TYR E 746 -108.71 -9.93 16.05
N GLU E 747 -108.67 -8.78 16.72
CA GLU E 747 -109.03 -8.71 18.14
C GLU E 747 -110.53 -8.87 18.36
N ILE E 748 -111.34 -8.17 17.55
CA ILE E 748 -112.79 -8.31 17.66
C ILE E 748 -113.22 -9.74 17.36
N ALA E 749 -112.59 -10.36 16.35
CA ALA E 749 -112.90 -11.75 16.02
C ALA E 749 -112.48 -12.69 17.14
N ARG E 750 -111.32 -12.42 17.75
CA ARG E 750 -110.88 -13.24 18.88
C ARG E 750 -111.86 -13.19 20.04
N LEU E 751 -112.33 -11.98 20.38
CA LEU E 751 -113.26 -11.89 21.51
C LEU E 751 -114.62 -12.48 21.14
N GLN E 752 -115.04 -12.33 19.88
CA GLN E 752 -116.27 -12.95 19.41
C GLN E 752 -116.19 -14.47 19.50
N ALA E 753 -115.05 -15.04 19.16
CA ALA E 753 -114.88 -16.48 19.32
C ALA E 753 -114.82 -16.87 20.79
N ASN E 754 -114.21 -16.01 21.61
CA ASN E 754 -114.08 -16.31 23.03
C ASN E 754 -115.43 -16.39 23.72
N MET E 755 -116.33 -15.46 23.38
CA MET E 755 -117.64 -15.48 24.03
C MET E 755 -118.46 -16.70 23.60
N GLY E 756 -118.14 -17.29 22.45
CA GLY E 756 -118.95 -18.37 21.92
C GLY E 756 -120.13 -17.91 21.09
N GLN E 757 -120.03 -16.76 20.43
CA GLN E 757 -121.08 -16.23 19.57
C GLN E 757 -120.50 -15.72 18.27
N PHE E 758 -119.48 -16.41 17.75
CA PHE E 758 -118.83 -15.97 16.52
C PHE E 758 -119.72 -16.17 15.30
N ARG E 759 -120.05 -17.42 15.00
CA ARG E 759 -120.78 -17.72 13.78
C ARG E 759 -122.18 -17.14 13.79
N ALA E 760 -122.84 -17.16 14.96
CA ALA E 760 -124.21 -16.66 15.05
C ALA E 760 -124.28 -15.17 14.72
N ALA E 761 -123.31 -14.40 15.21
CA ALA E 761 -123.26 -12.98 14.88
C ALA E 761 -123.05 -12.77 13.39
N LEU E 762 -122.21 -13.60 12.77
CA LEU E 762 -121.99 -13.49 11.33
C LEU E 762 -123.26 -13.80 10.54
N ARG E 763 -123.99 -14.85 10.94
CA ARG E 763 -125.24 -15.16 10.26
C ARG E 763 -126.26 -14.04 10.46
N ARG E 764 -126.28 -13.44 11.66
CA ARG E 764 -127.19 -12.34 11.92
C ARG E 764 -126.86 -11.12 11.05
N ILE E 765 -125.59 -10.73 11.00
CA ILE E 765 -125.22 -9.55 10.24
C ILE E 765 -125.37 -9.81 8.74
N MET E 766 -125.27 -11.07 8.32
CA MET E 766 -125.54 -11.36 6.92
C MET E 766 -127.03 -11.35 6.62
N ASP E 767 -127.86 -11.73 7.60
CA ASP E 767 -129.29 -11.49 7.48
C ASP E 767 -129.59 -10.00 7.43
N ASP E 768 -128.76 -9.19 8.09
CA ASP E 768 -128.89 -7.74 8.04
C ASP E 768 -128.55 -7.17 6.67
N ASP E 769 -127.98 -7.99 5.78
CA ASP E 769 -127.62 -7.59 4.41
C ASP E 769 -126.62 -6.44 4.42
N ASP E 770 -125.48 -6.70 5.05
CA ASP E 770 -124.45 -5.69 5.24
C ASP E 770 -123.15 -6.14 4.54
N TRP E 771 -122.09 -5.37 4.77
CA TRP E 771 -120.79 -5.58 4.15
C TRP E 771 -119.74 -5.70 5.24
N VAL E 772 -118.77 -6.59 5.02
CA VAL E 772 -117.74 -6.89 6.01
C VAL E 772 -116.37 -6.72 5.37
N ARG E 773 -115.51 -5.94 6.02
CA ARG E 773 -114.14 -5.70 5.57
C ARG E 773 -113.20 -6.37 6.57
N PHE E 774 -112.86 -7.62 6.30
CA PHE E 774 -112.03 -8.41 7.23
C PHE E 774 -110.60 -7.90 7.15
N GLY E 775 -110.25 -7.00 8.06
CA GLY E 775 -108.89 -6.50 8.15
C GLY E 775 -108.52 -5.56 7.02
N GLY E 776 -107.47 -4.79 7.27
CA GLY E 776 -106.98 -3.84 6.28
C GLY E 776 -105.73 -4.35 5.59
N VAL E 777 -105.42 -5.62 5.81
CA VAL E 777 -104.26 -6.23 5.19
C VAL E 777 -104.50 -6.41 3.70
N LEU E 778 -103.51 -6.04 2.90
CA LEU E 778 -103.63 -6.16 1.45
C LEU E 778 -103.72 -7.62 1.04
N ARG E 779 -104.32 -7.87 -0.12
CA ARG E 779 -104.53 -9.21 -0.61
C ARG E 779 -104.07 -9.33 -2.06
N THR E 780 -103.71 -10.55 -2.46
CA THR E 780 -103.34 -10.83 -3.84
C THR E 780 -104.59 -11.09 -4.67
N VAL E 781 -104.67 -10.45 -5.84
CA VAL E 781 -105.86 -10.52 -6.68
C VAL E 781 -105.60 -11.50 -7.83
N ARG E 782 -106.69 -11.95 -8.44
CA ARG E 782 -106.63 -12.89 -9.56
C ARG E 782 -107.73 -12.54 -10.56
N VAL E 783 -107.37 -12.54 -11.85
CA VAL E 783 -108.30 -12.27 -12.93
C VAL E 783 -108.70 -13.60 -13.56
N LYS E 784 -109.99 -13.78 -13.81
CA LYS E 784 -110.48 -15.03 -14.36
C LYS E 784 -111.59 -14.77 -15.37
N PHE E 785 -111.75 -15.73 -16.28
CA PHE E 785 -112.83 -15.74 -17.25
C PHE E 785 -113.28 -17.17 -17.47
N TYR E 786 -114.60 -17.37 -17.56
CA TYR E 786 -115.16 -18.70 -17.73
C TYR E 786 -116.36 -18.62 -18.67
N ASP E 787 -116.69 -19.75 -19.28
CA ASP E 787 -117.91 -19.85 -20.08
C ASP E 787 -119.05 -20.54 -19.34
N ALA E 788 -118.75 -21.24 -18.26
CA ALA E 788 -119.74 -21.95 -17.47
C ALA E 788 -119.76 -21.39 -16.06
N ARG E 789 -120.50 -22.04 -15.18
CA ARG E 789 -120.50 -21.65 -13.78
C ARG E 789 -119.14 -21.91 -13.15
N PRO E 790 -118.69 -21.05 -12.24
CA PRO E 790 -117.44 -21.31 -11.54
C PRO E 790 -117.62 -22.41 -10.50
N PRO E 791 -116.53 -22.98 -10.00
CA PRO E 791 -116.66 -24.00 -8.94
C PRO E 791 -117.21 -23.41 -7.65
N ASP E 792 -117.77 -24.31 -6.83
CA ASP E 792 -118.35 -23.91 -5.54
C ASP E 792 -117.31 -23.29 -4.62
N ASP E 793 -116.05 -23.72 -4.72
CA ASP E 793 -115.01 -23.26 -3.81
C ASP E 793 -114.77 -21.76 -3.96
N VAL E 794 -114.78 -21.26 -5.19
CA VAL E 794 -114.52 -19.83 -5.38
C VAL E 794 -115.80 -19.02 -5.22
N LEU E 795 -116.97 -19.66 -5.31
CA LEU E 795 -118.22 -18.91 -5.20
C LEU E 795 -118.68 -18.78 -3.75
N GLN E 796 -118.87 -19.90 -3.06
CA GLN E 796 -119.41 -19.91 -1.71
C GLN E 796 -118.33 -19.74 -0.64
N GLY E 797 -117.08 -19.50 -1.03
CA GLY E 797 -115.99 -19.57 -0.07
C GLY E 797 -116.04 -18.43 0.93
N LEU E 798 -115.39 -18.65 2.08
CA LEU E 798 -115.30 -17.67 3.15
C LEU E 798 -113.99 -16.92 3.08
N PRO E 799 -113.97 -15.64 3.43
CA PRO E 799 -112.71 -14.87 3.40
C PRO E 799 -111.88 -15.05 4.67
N PHE E 800 -112.17 -16.08 5.45
CA PHE E 800 -111.48 -16.30 6.71
C PHE E 800 -111.47 -17.78 7.04
N SER E 801 -110.70 -18.11 8.07
CA SER E 801 -110.60 -19.48 8.57
C SER E 801 -110.83 -19.48 10.07
N TYR E 802 -111.54 -20.50 10.55
CA TYR E 802 -111.92 -20.61 11.97
C TYR E 802 -111.89 -22.07 12.36
N ASP E 803 -110.96 -22.44 13.24
CA ASP E 803 -110.84 -23.81 13.70
C ASP E 803 -110.85 -23.85 15.22
N THR E 804 -111.37 -24.95 15.76
CA THR E 804 -111.49 -25.11 17.21
C THR E 804 -111.48 -26.59 17.55
N ASN E 805 -110.62 -26.97 18.50
CA ASN E 805 -110.55 -28.34 19.00
C ASN E 805 -110.33 -28.33 20.50
N GLU E 806 -109.98 -29.51 21.02
CA GLU E 806 -109.75 -29.70 22.45
C GLU E 806 -108.48 -30.50 22.65
N ARG E 807 -107.72 -30.14 23.69
CA ARG E 807 -106.52 -30.91 24.05
C ARG E 807 -106.28 -30.81 25.54
N GLY E 808 -106.15 -31.96 26.19
CA GLY E 808 -105.84 -32.00 27.61
C GLY E 808 -106.86 -31.32 28.49
N GLY E 809 -108.14 -31.36 28.11
CA GLY E 809 -109.17 -30.65 28.83
C GLY E 809 -109.32 -29.20 28.45
N LEU E 810 -108.33 -28.63 27.77
CA LEU E 810 -108.39 -27.23 27.37
C LEU E 810 -109.07 -27.09 26.02
N ALA E 811 -109.72 -25.95 25.83
CA ALA E 811 -110.36 -25.60 24.57
C ALA E 811 -109.40 -24.74 23.77
N TYR E 812 -109.05 -25.21 22.57
CA TYR E 812 -108.13 -24.50 21.69
C TYR E 812 -108.86 -24.00 20.45
N ALA E 813 -108.47 -22.83 19.97
CA ALA E 813 -109.06 -22.25 18.78
C ALA E 813 -108.05 -21.37 18.06
N THR E 814 -108.25 -21.20 16.76
CA THR E 814 -107.43 -20.35 15.91
C THR E 814 -108.31 -19.70 14.86
N ILE E 815 -108.02 -18.45 14.53
CA ILE E 815 -108.76 -17.68 13.54
C ILE E 815 -107.76 -16.95 12.64
N LYS E 816 -108.03 -16.94 11.33
CA LYS E 816 -107.19 -16.24 10.37
C LYS E 816 -108.06 -15.57 9.32
N TYR E 817 -107.44 -14.64 8.58
CA TYR E 817 -108.07 -13.98 7.45
C TYR E 817 -107.45 -14.48 6.14
N ALA E 818 -108.27 -14.54 5.09
CA ALA E 818 -107.76 -14.93 3.79
C ALA E 818 -106.80 -13.89 3.25
N THR E 819 -105.75 -14.35 2.58
CA THR E 819 -104.74 -13.47 2.02
C THR E 819 -104.83 -13.35 0.51
N GLU E 820 -105.57 -14.21 -0.16
CA GLU E 820 -105.78 -14.14 -1.60
C GLU E 820 -107.23 -13.85 -1.93
N THR E 821 -107.44 -13.00 -2.93
CA THR E 821 -108.75 -12.70 -3.47
C THR E 821 -108.69 -12.87 -4.97
N THR E 822 -109.85 -12.79 -5.61
CA THR E 822 -109.91 -12.94 -7.06
C THR E 822 -111.04 -12.10 -7.64
N ILE E 823 -110.88 -11.75 -8.91
CA ILE E 823 -111.93 -11.09 -9.69
C ILE E 823 -112.17 -11.97 -10.92
N PHE E 824 -113.44 -12.11 -11.30
CA PHE E 824 -113.78 -13.04 -12.37
C PHE E 824 -114.99 -12.56 -13.14
N TYR E 825 -115.05 -12.94 -14.40
CA TYR E 825 -116.10 -12.53 -15.32
C TYR E 825 -116.81 -13.77 -15.85
N LEU E 826 -118.13 -13.72 -15.89
CA LEU E 826 -118.96 -14.87 -16.25
C LEU E 826 -119.75 -14.55 -17.51
N ILE E 827 -119.65 -15.43 -18.50
CA ILE E 827 -120.30 -15.25 -19.80
C ILE E 827 -121.48 -16.21 -19.89
N TYR E 828 -122.59 -15.72 -20.42
CA TYR E 828 -123.79 -16.53 -20.60
C TYR E 828 -123.96 -16.90 -22.06
N ASN E 829 -124.06 -18.21 -22.32
CA ASN E 829 -124.28 -18.74 -23.66
C ASN E 829 -125.67 -19.37 -23.71
N VAL E 830 -126.47 -18.96 -24.69
CA VAL E 830 -127.86 -19.40 -24.80
C VAL E 830 -128.05 -20.06 -26.16
N GLU E 831 -128.64 -21.26 -26.15
CA GLU E 831 -128.98 -21.96 -27.38
C GLU E 831 -130.35 -21.53 -27.89
N PHE E 832 -130.56 -21.68 -29.19
CA PHE E 832 -131.83 -21.29 -29.80
C PHE E 832 -132.98 -22.13 -29.27
N SER E 833 -132.78 -23.44 -29.15
CA SER E 833 -133.84 -24.36 -28.74
C SER E 833 -133.85 -24.51 -27.21
N ASN E 834 -134.06 -23.38 -26.54
CA ASN E 834 -134.09 -23.32 -25.09
C ASN E 834 -135.39 -22.66 -24.64
N THR E 835 -135.90 -23.10 -23.50
CA THR E 835 -137.11 -22.50 -22.97
C THR E 835 -136.80 -21.13 -22.37
N PRO E 836 -137.79 -20.22 -22.36
CA PRO E 836 -137.57 -18.90 -21.73
C PRO E 836 -137.19 -18.97 -20.27
N ASP E 837 -137.71 -19.94 -19.52
CA ASP E 837 -137.41 -20.09 -18.11
C ASP E 837 -136.44 -21.24 -17.84
N SER E 838 -135.53 -21.49 -18.80
CA SER E 838 -134.59 -22.59 -18.67
C SER E 838 -133.67 -22.39 -17.47
N LEU E 839 -133.19 -21.17 -17.27
CA LEU E 839 -132.30 -20.88 -16.16
C LEU E 839 -133.06 -20.56 -14.88
N VAL E 840 -134.38 -20.53 -14.93
CA VAL E 840 -135.18 -20.18 -13.74
C VAL E 840 -135.17 -21.35 -12.77
N LEU E 841 -134.78 -21.06 -11.52
CA LEU E 841 -134.68 -22.06 -10.47
C LEU E 841 -135.59 -21.66 -9.31
N ILE E 842 -135.94 -22.66 -8.49
CA ILE E 842 -136.76 -22.38 -7.31
C ILE E 842 -135.99 -21.58 -6.28
N ASN E 843 -134.67 -21.73 -6.24
CA ASN E 843 -133.82 -21.07 -5.24
C ASN E 843 -132.62 -20.46 -5.94
N PRO E 844 -132.55 -19.13 -6.07
CA PRO E 844 -131.37 -18.51 -6.68
C PRO E 844 -130.12 -18.73 -5.85
N THR E 845 -128.99 -18.81 -6.54
CA THR E 845 -127.73 -19.09 -5.89
C THR E 845 -127.19 -17.86 -5.17
N TYR E 846 -126.28 -18.12 -4.23
CA TYR E 846 -125.66 -17.08 -3.42
C TYR E 846 -124.23 -16.87 -3.87
N THR E 847 -123.82 -15.60 -3.94
CA THR E 847 -122.42 -15.26 -4.19
C THR E 847 -121.89 -14.45 -3.02
N MET E 848 -120.60 -14.63 -2.74
CA MET E 848 -120.01 -14.16 -1.50
C MET E 848 -119.00 -13.02 -1.67
N THR E 849 -118.24 -13.01 -2.74
CA THR E 849 -117.07 -12.13 -2.88
C THR E 849 -117.46 -10.86 -3.64
N LYS E 850 -117.04 -9.71 -3.13
CA LYS E 850 -117.20 -8.44 -3.82
C LYS E 850 -115.91 -7.63 -3.65
N VAL E 851 -115.44 -7.02 -4.74
CA VAL E 851 -114.20 -6.26 -4.73
C VAL E 851 -114.42 -4.97 -5.51
N PHE E 852 -113.89 -3.86 -5.00
CA PHE E 852 -113.97 -2.57 -5.66
C PHE E 852 -112.63 -2.18 -6.25
N ILE E 853 -112.64 -1.61 -7.45
CA ILE E 853 -111.45 -1.19 -8.17
C ILE E 853 -111.75 0.15 -8.84
N ASN E 854 -110.82 1.10 -8.73
CA ASN E 854 -110.96 2.36 -9.44
C ASN E 854 -110.92 2.16 -10.95
N LYS E 855 -109.92 1.43 -11.43
CA LYS E 855 -109.64 1.34 -12.85
C LYS E 855 -110.68 0.49 -13.58
N ARG E 856 -110.97 0.87 -14.82
CA ARG E 856 -111.91 0.14 -15.67
C ARG E 856 -111.12 -0.94 -16.42
N ILE E 857 -111.01 -2.11 -15.79
CA ILE E 857 -110.17 -3.17 -16.35
C ILE E 857 -110.78 -3.77 -17.61
N VAL E 858 -112.08 -4.01 -17.61
CA VAL E 858 -112.77 -4.72 -18.69
C VAL E 858 -114.03 -3.94 -19.02
N GLU E 859 -114.31 -3.76 -20.31
CA GLU E 859 -115.46 -2.96 -20.69
C GLU E 859 -116.20 -3.60 -21.86
N ARG E 860 -117.50 -3.34 -21.94
CA ARG E 860 -118.30 -3.76 -23.08
C ARG E 860 -118.44 -2.60 -24.05
N VAL E 861 -118.13 -2.84 -25.32
CA VAL E 861 -117.99 -1.77 -26.30
C VAL E 861 -118.79 -2.10 -27.54
N ARG E 862 -119.51 -1.10 -28.06
CA ARG E 862 -120.19 -1.20 -29.34
C ARG E 862 -119.16 -1.08 -30.47
N VAL E 863 -119.63 -1.34 -31.71
CA VAL E 863 -118.71 -1.47 -32.84
C VAL E 863 -117.97 -0.17 -33.11
N GLY E 864 -118.72 0.93 -33.22
CA GLY E 864 -118.10 2.20 -33.57
C GLY E 864 -117.20 2.78 -32.50
N GLN E 865 -117.40 2.37 -31.24
CA GLN E 865 -116.65 2.91 -30.12
C GLN E 865 -115.36 2.15 -29.85
N ILE E 866 -115.05 1.13 -30.65
CA ILE E 866 -113.81 0.38 -30.45
C ILE E 866 -112.60 1.23 -30.84
N LEU E 867 -112.70 1.94 -31.96
CA LEU E 867 -111.56 2.68 -32.50
C LEU E 867 -111.40 4.06 -31.87
N ALA E 868 -112.25 4.42 -30.91
CA ALA E 868 -112.06 5.67 -30.16
C ALA E 868 -110.82 5.63 -29.29
N VAL E 869 -110.22 4.45 -29.09
CA VAL E 869 -109.02 4.33 -28.26
C VAL E 869 -107.77 4.85 -28.93
N LEU E 870 -107.88 5.38 -30.15
CA LEU E 870 -106.72 5.83 -30.91
C LEU E 870 -106.37 7.23 -30.44
N ASN E 871 -105.60 7.32 -29.35
CA ASN E 871 -105.16 8.61 -28.84
C ASN E 871 -103.71 8.59 -28.36
N ARG E 872 -102.86 7.75 -28.95
CA ARG E 872 -101.45 7.70 -28.60
C ARG E 872 -100.61 8.11 -29.79
N ARG E 873 -99.60 8.94 -29.54
CA ARG E 873 -98.71 9.42 -30.60
C ARG E 873 -97.49 8.51 -30.67
N PHE E 874 -97.27 7.89 -31.83
CA PHE E 874 -96.14 6.99 -32.01
C PHE E 874 -95.24 7.50 -33.12
N VAL E 875 -93.93 7.38 -32.89
CA VAL E 875 -92.91 7.90 -33.78
C VAL E 875 -92.10 6.73 -34.32
N ALA E 876 -91.80 6.77 -35.61
CA ALA E 876 -91.05 5.73 -36.29
C ALA E 876 -89.95 6.36 -37.13
N TYR E 877 -88.94 5.55 -37.42
CA TYR E 877 -87.84 5.94 -38.29
C TYR E 877 -87.92 5.15 -39.58
N LYS E 878 -87.49 5.79 -40.67
CA LYS E 878 -87.65 5.22 -41.99
C LYS E 878 -86.87 3.92 -42.12
N GLY E 879 -87.42 2.98 -42.89
CA GLY E 879 -86.74 1.74 -43.18
C GLY E 879 -85.51 1.91 -44.05
N LYS E 880 -85.33 3.07 -44.65
CA LYS E 880 -84.10 3.38 -45.39
C LYS E 880 -83.02 4.02 -44.52
N MET E 881 -83.19 4.00 -43.21
CA MET E 881 -82.16 4.49 -42.29
C MET E 881 -81.48 3.30 -41.60
N ARG E 882 -80.60 3.60 -40.64
CA ARG E 882 -79.87 2.56 -39.94
C ARG E 882 -79.42 3.09 -38.59
N ILE E 883 -79.21 2.17 -37.65
CA ILE E 883 -78.87 2.50 -36.27
C ILE E 883 -77.64 1.72 -35.85
N MET E 884 -76.70 2.42 -35.22
CA MET E 884 -75.52 1.82 -34.60
C MET E 884 -75.64 1.89 -33.09
N ASP E 885 -74.61 1.38 -32.41
CA ASP E 885 -74.50 1.49 -30.97
C ASP E 885 -73.03 1.52 -30.61
N ILE E 886 -72.52 2.71 -30.32
CA ILE E 886 -71.09 2.89 -30.09
C ILE E 886 -70.83 3.19 -28.63
N THR E 887 -71.69 2.68 -27.74
CA THR E 887 -71.51 2.84 -26.29
C THR E 887 -70.24 2.10 -25.85
N GLN E 888 -69.97 0.92 -26.40
CA GLN E 888 -68.72 0.22 -26.10
C GLN E 888 -67.52 0.87 -26.79
N SER E 889 -67.75 1.63 -27.86
CA SER E 889 -66.68 2.23 -28.64
C SER E 889 -65.87 3.24 -27.82
N LEU E 890 -66.29 3.60 -26.63
CA LEU E 890 -65.50 4.43 -25.75
C LEU E 890 -64.22 3.72 -25.29
N LYS E 891 -64.15 2.39 -25.38
CA LYS E 891 -63.00 1.67 -24.86
C LYS E 891 -61.77 1.74 -25.76
N MET E 892 -61.93 2.15 -27.02
CA MET E 892 -60.80 2.10 -27.95
C MET E 892 -59.81 3.22 -27.66
N GLY E 893 -58.55 2.97 -28.01
CA GLY E 893 -57.52 3.98 -27.87
C GLY E 893 -56.11 3.42 -27.80
N THR E 894 -55.12 4.25 -28.09
CA THR E 894 -53.72 3.83 -28.08
C THR E 894 -52.91 4.74 -27.18
N LYS E 895 -51.77 4.22 -26.73
CA LYS E 895 -50.96 4.84 -25.70
C LYS E 895 -49.65 5.35 -26.28
N LEU E 896 -49.39 6.63 -26.10
CA LEU E 896 -48.18 7.25 -26.62
C LEU E 896 -47.09 7.05 -25.58
N ALA E 897 -46.29 6.01 -25.76
CA ALA E 897 -45.14 5.79 -24.90
C ALA E 897 -44.16 6.94 -25.07
N ALA E 898 -43.68 7.46 -23.95
CA ALA E 898 -42.72 8.56 -24.02
C ALA E 898 -41.41 8.07 -24.60
N PRO E 899 -40.65 8.95 -25.25
CA PRO E 899 -39.30 8.57 -25.69
C PRO E 899 -38.41 8.26 -24.50
N THR E 900 -37.50 7.32 -24.70
CA THR E 900 -36.61 6.90 -23.63
C THR E 900 -35.30 6.41 -24.24
N VAL E 901 -34.27 6.38 -23.43
CA VAL E 901 -32.94 5.98 -23.89
C VAL E 901 -32.64 4.54 -23.51
N PHE F 59 -21.12 -19.32 40.66
CA PHE F 59 -22.19 -19.17 41.63
C PHE F 59 -21.72 -19.48 43.05
N THR F 60 -22.64 -19.93 43.90
CA THR F 60 -22.31 -20.14 45.31
C THR F 60 -21.44 -21.38 45.49
N VAL F 61 -20.58 -21.33 46.50
CA VAL F 61 -19.89 -22.54 46.95
C VAL F 61 -20.92 -23.47 47.59
N PRO F 62 -20.90 -24.77 47.30
CA PRO F 62 -22.03 -25.63 47.69
C PRO F 62 -22.32 -25.72 49.18
N ASP F 63 -21.39 -25.35 50.06
CA ASP F 63 -21.65 -25.45 51.49
C ASP F 63 -22.78 -24.52 51.92
N VAL F 64 -22.76 -23.26 51.44
CA VAL F 64 -23.81 -22.32 51.81
C VAL F 64 -25.12 -22.70 51.14
N GLN F 65 -25.05 -23.29 49.95
CA GLN F 65 -26.24 -23.85 49.31
C GLN F 65 -26.89 -24.90 50.22
N LYS F 66 -26.09 -25.82 50.74
CA LYS F 66 -26.62 -26.84 51.65
C LYS F 66 -27.15 -26.22 52.93
N ILE F 67 -26.45 -25.20 53.46
CA ILE F 67 -26.89 -24.56 54.69
C ILE F 67 -28.23 -23.87 54.50
N LEU F 68 -28.40 -23.15 53.40
CA LEU F 68 -29.68 -22.46 53.17
C LEU F 68 -30.80 -23.46 52.87
N ASP F 69 -30.47 -24.58 52.21
CA ASP F 69 -31.48 -25.62 52.02
C ASP F 69 -31.92 -26.18 53.36
N ASP F 70 -30.98 -26.40 54.28
CA ASP F 70 -31.35 -26.84 55.62
C ASP F 70 -32.15 -25.78 56.35
N ILE F 71 -31.85 -24.51 56.11
CA ILE F 71 -32.61 -23.42 56.72
C ILE F 71 -34.07 -23.48 56.27
N LYS F 72 -34.28 -23.63 54.96
CA LYS F 72 -35.64 -23.74 54.43
C LYS F 72 -36.33 -24.99 54.94
N ALA F 73 -35.58 -26.09 55.09
CA ALA F 73 -36.17 -27.30 55.66
C ALA F 73 -36.63 -27.08 57.10
N LEU F 74 -35.80 -26.40 57.89
CA LEU F 74 -36.17 -26.10 59.26
C LEU F 74 -37.30 -25.08 59.33
N ALA F 75 -37.46 -24.25 58.31
CA ALA F 75 -38.53 -23.26 58.26
C ALA F 75 -39.92 -23.90 58.18
N ALA F 76 -40.05 -25.07 57.56
CA ALA F 76 -41.34 -25.75 57.45
C ALA F 76 -41.65 -26.63 58.65
N GLU F 77 -40.99 -26.42 59.78
CA GLU F 77 -41.18 -27.25 60.96
C GLU F 77 -42.37 -26.77 61.77
N GLN F 78 -43.17 -27.72 62.26
CA GLN F 78 -44.39 -27.44 62.99
C GLN F 78 -44.21 -27.84 64.45
N VAL F 79 -44.48 -26.90 65.36
CA VAL F 79 -44.37 -27.17 66.78
C VAL F 79 -45.73 -27.31 67.45
N TYR F 80 -46.78 -26.71 66.90
CA TYR F 80 -48.08 -26.80 67.53
C TYR F 80 -48.70 -28.16 67.26
N LYS F 81 -49.74 -28.49 68.04
CA LYS F 81 -50.49 -29.71 67.83
C LYS F 81 -51.99 -29.43 67.88
N ILE F 82 -52.76 -30.36 67.33
CA ILE F 82 -54.21 -30.28 67.31
C ILE F 82 -54.73 -31.59 67.88
N VAL F 83 -55.53 -31.51 68.95
CA VAL F 83 -56.04 -32.68 69.63
C VAL F 83 -57.54 -32.54 69.83
N LYS F 84 -58.13 -33.57 70.43
CA LYS F 84 -59.55 -33.64 70.73
C LYS F 84 -59.85 -33.51 72.21
N VAL F 85 -58.90 -33.92 73.06
CA VAL F 85 -58.97 -33.76 74.51
C VAL F 85 -57.61 -33.26 74.96
N PRO F 86 -57.53 -32.27 75.85
CA PRO F 86 -56.22 -31.76 76.28
C PRO F 86 -55.44 -32.79 77.07
N SER F 87 -54.16 -32.47 77.29
CA SER F 87 -53.26 -33.38 77.98
C SER F 87 -53.72 -33.62 79.41
N ILE F 88 -53.52 -34.84 79.89
CA ILE F 88 -54.00 -35.24 81.21
C ILE F 88 -53.21 -34.51 82.28
N SER F 89 -53.91 -33.95 83.26
CA SER F 89 -53.32 -33.12 84.29
C SER F 89 -53.37 -33.74 85.68
N PHE F 90 -54.41 -34.50 85.99
CA PHE F 90 -54.60 -35.02 87.33
C PHE F 90 -54.95 -36.49 87.28
N ARG F 91 -54.60 -37.23 88.33
CA ARG F 91 -54.94 -38.62 88.48
C ARG F 91 -55.49 -38.84 89.88
N HIS F 92 -56.37 -39.82 90.00
CA HIS F 92 -56.94 -40.19 91.28
C HIS F 92 -56.55 -41.61 91.65
N ILE F 93 -56.05 -41.77 92.86
CA ILE F 93 -55.73 -43.07 93.43
C ILE F 93 -56.78 -43.39 94.49
N VAL F 94 -57.44 -44.53 94.32
CA VAL F 94 -58.47 -45.00 95.23
C VAL F 94 -57.82 -45.96 96.23
N MET F 95 -58.11 -45.73 97.50
CA MET F 95 -57.62 -46.59 98.57
C MET F 95 -58.77 -47.48 99.05
N GLN F 96 -58.55 -48.14 100.19
CA GLN F 96 -59.64 -48.75 100.91
C GLN F 96 -60.64 -47.74 101.46
N SER F 97 -60.33 -46.44 101.38
CA SER F 97 -61.25 -45.38 101.76
C SER F 97 -62.26 -45.15 100.63
N ARG F 98 -63.54 -45.23 100.97
CA ARG F 98 -64.60 -45.12 99.97
C ARG F 98 -65.12 -43.70 99.80
N ASP F 99 -64.65 -42.74 100.59
CA ASP F 99 -65.07 -41.36 100.42
C ASP F 99 -63.90 -40.39 100.31
N ARG F 100 -62.67 -40.86 100.45
CA ARG F 100 -61.49 -40.02 100.31
C ARG F 100 -60.50 -40.71 99.39
N VAL F 101 -59.97 -39.97 98.42
CA VAL F 101 -58.99 -40.50 97.49
C VAL F 101 -57.76 -39.58 97.50
N LEU F 102 -56.71 -40.02 96.82
CA LEU F 102 -55.52 -39.21 96.65
C LEU F 102 -55.54 -38.59 95.26
N ARG F 103 -55.65 -37.26 95.20
CA ARG F 103 -55.51 -36.52 93.96
C ARG F 103 -54.05 -36.14 93.80
N VAL F 104 -53.47 -36.54 92.67
CA VAL F 104 -52.08 -36.25 92.34
C VAL F 104 -52.06 -35.58 90.99
N ASP F 105 -51.59 -34.35 90.93
CA ASP F 105 -51.34 -33.70 89.65
C ASP F 105 -50.17 -34.37 88.94
N THR F 106 -50.45 -34.93 87.76
CA THR F 106 -49.47 -35.76 87.09
C THR F 106 -48.30 -34.97 86.51
N TYR F 107 -48.38 -33.64 86.50
CA TYR F 107 -47.26 -32.83 86.03
C TYR F 107 -46.00 -33.10 86.85
N TYR F 108 -46.13 -33.11 88.18
CA TYR F 108 -44.95 -33.19 89.03
C TYR F 108 -44.25 -34.54 88.89
N GLU F 109 -45.01 -35.63 88.98
CA GLU F 109 -44.41 -36.95 88.78
C GLU F 109 -43.91 -37.12 87.34
N GLU F 110 -44.63 -36.54 86.37
CA GLU F 110 -44.25 -36.65 84.96
C GLU F 110 -42.89 -36.02 84.71
N MET F 111 -42.65 -34.85 85.28
CA MET F 111 -41.34 -34.22 85.18
C MET F 111 -40.36 -34.76 86.21
N SER F 112 -40.83 -35.60 87.14
CA SER F 112 -39.93 -36.16 88.14
C SER F 112 -39.03 -37.25 87.59
N GLN F 113 -39.18 -37.66 86.33
CA GLN F 113 -38.45 -38.81 85.80
C GLN F 113 -37.56 -38.44 84.62
N VAL F 114 -37.27 -37.16 84.42
CA VAL F 114 -36.51 -36.69 83.28
C VAL F 114 -35.24 -36.02 83.78
N GLY F 115 -34.19 -36.03 82.97
CA GLY F 115 -32.93 -35.42 83.32
C GLY F 115 -32.03 -36.37 84.09
N ASP F 116 -30.80 -35.91 84.32
CA ASP F 116 -29.80 -36.68 85.04
C ASP F 116 -29.33 -35.93 86.27
N VAL F 117 -28.55 -36.62 87.11
CA VAL F 117 -28.25 -36.15 88.45
C VAL F 117 -27.35 -34.92 88.39
N ILE F 118 -27.71 -33.90 89.16
CA ILE F 118 -26.98 -32.65 89.14
C ILE F 118 -25.84 -32.71 90.14
N THR F 119 -24.65 -32.33 89.70
CA THR F 119 -23.47 -32.29 90.56
C THR F 119 -22.78 -30.95 90.34
N GLU F 120 -22.13 -30.45 91.39
CA GLU F 120 -21.43 -29.16 91.29
C GLU F 120 -20.21 -29.21 90.39
N ASP F 121 -19.68 -30.41 90.10
CA ASP F 121 -18.47 -30.51 89.31
C ASP F 121 -18.70 -30.21 87.84
N GLU F 122 -19.93 -30.39 87.35
CA GLU F 122 -20.25 -30.19 85.94
C GLU F 122 -21.39 -29.19 85.77
N PRO F 123 -21.10 -27.89 85.84
CA PRO F 123 -22.17 -26.89 85.66
C PRO F 123 -22.73 -26.85 84.25
N GLU F 124 -21.94 -27.24 83.25
CA GLU F 124 -22.46 -27.25 81.87
C GLU F 124 -23.56 -28.30 81.71
N LYS F 125 -23.42 -29.45 82.38
CA LYS F 125 -24.49 -30.43 82.36
C LYS F 125 -25.71 -29.93 83.12
N PHE F 126 -25.50 -29.13 84.16
CA PHE F 126 -26.61 -28.48 84.84
C PHE F 126 -27.36 -27.55 83.89
N TYR F 127 -26.62 -26.76 83.11
CA TYR F 127 -27.24 -25.89 82.12
C TYR F 127 -28.00 -26.71 81.08
N SER F 128 -27.40 -27.81 80.64
CA SER F 128 -28.05 -28.67 79.66
C SER F 128 -29.36 -29.24 80.20
N THR F 129 -29.37 -29.61 81.48
CA THR F 129 -30.59 -30.11 82.10
C THR F 129 -31.65 -29.02 82.20
N ILE F 130 -31.24 -27.78 82.52
CA ILE F 130 -32.19 -26.68 82.58
C ILE F 130 -32.84 -26.46 81.22
N ILE F 131 -32.01 -26.46 80.17
CA ILE F 131 -32.52 -26.31 78.81
C ILE F 131 -33.44 -27.48 78.47
N LYS F 132 -33.07 -28.68 78.91
CA LYS F 132 -33.89 -29.85 78.61
C LYS F 132 -35.28 -29.74 79.25
N LYS F 133 -35.33 -29.30 80.51
CA LYS F 133 -36.62 -29.21 81.19
C LYS F 133 -37.47 -28.09 80.62
N VAL F 134 -36.86 -26.96 80.24
CA VAL F 134 -37.67 -25.88 79.69
C VAL F 134 -38.17 -26.25 78.29
N ARG F 135 -37.37 -27.01 77.52
CA ARG F 135 -37.89 -27.48 76.24
C ARG F 135 -38.97 -28.52 76.46
N PHE F 136 -38.85 -29.29 77.54
CA PHE F 136 -39.90 -30.24 77.91
C PHE F 136 -41.22 -29.53 78.15
N ILE F 137 -41.20 -28.48 78.99
CA ILE F 137 -42.44 -27.75 79.27
C ILE F 137 -42.91 -26.99 78.02
N ARG F 138 -41.99 -26.51 77.18
CA ARG F 138 -42.39 -25.82 75.97
C ARG F 138 -43.11 -26.77 75.01
N GLY F 139 -42.61 -27.98 74.86
CA GLY F 139 -43.29 -28.97 74.05
C GLY F 139 -44.61 -29.40 74.65
N LYS F 140 -44.69 -29.41 75.98
CA LYS F 140 -45.88 -29.95 76.65
C LYS F 140 -47.11 -29.06 76.53
N GLY F 141 -46.99 -27.86 75.97
CA GLY F 141 -48.12 -26.97 75.87
C GLY F 141 -48.54 -26.56 74.47
N SER F 142 -47.79 -27.00 73.47
CA SER F 142 -48.00 -26.54 72.08
C SER F 142 -49.11 -27.37 71.44
N PHE F 143 -50.33 -27.17 71.94
CA PHE F 143 -51.49 -27.88 71.41
C PHE F 143 -52.67 -26.94 71.29
N ILE F 144 -53.54 -27.22 70.32
CA ILE F 144 -54.76 -26.46 70.08
C ILE F 144 -55.92 -27.43 70.08
N LEU F 145 -56.97 -27.09 70.83
CA LEU F 145 -58.15 -27.95 70.92
C LEU F 145 -59.07 -27.70 69.74
N HIS F 146 -59.42 -28.76 69.02
CA HIS F 146 -60.42 -28.69 67.97
C HIS F 146 -61.28 -29.94 67.97
N ASP F 147 -62.53 -29.78 67.55
CA ASP F 147 -63.50 -30.87 67.39
C ASP F 147 -63.70 -31.58 68.73
N ILE F 148 -64.08 -30.81 69.74
CA ILE F 148 -64.25 -31.36 71.09
C ILE F 148 -65.64 -32.00 71.19
N PRO F 149 -65.73 -33.23 71.68
CA PRO F 149 -67.03 -33.91 71.76
C PRO F 149 -67.90 -33.36 72.87
N THR F 150 -69.21 -33.61 72.73
CA THR F 150 -70.20 -33.19 73.70
C THR F 150 -71.46 -34.01 73.51
N ARG F 151 -72.36 -33.90 74.48
CA ARG F 151 -73.70 -34.44 74.36
C ARG F 151 -74.71 -33.34 74.62
N ASP F 152 -75.99 -33.68 74.53
CA ASP F 152 -77.06 -32.70 74.66
C ASP F 152 -78.13 -33.27 75.58
N HIS F 153 -78.42 -32.56 76.66
CA HIS F 153 -79.53 -32.99 77.52
C HIS F 153 -80.08 -31.77 78.24
N ARG F 154 -81.32 -31.90 78.70
CA ARG F 154 -82.02 -30.86 79.47
C ARG F 154 -82.05 -29.51 78.74
N GLY F 155 -82.02 -29.55 77.41
CA GLY F 155 -82.05 -28.32 76.64
C GLY F 155 -80.75 -27.55 76.66
N MET F 156 -79.63 -28.20 76.97
CA MET F 156 -78.34 -27.57 76.75
C MET F 156 -77.27 -28.60 76.44
N GLU F 157 -76.22 -28.14 75.78
CA GLU F 157 -75.07 -28.98 75.48
C GLU F 157 -74.18 -29.09 76.70
N VAL F 158 -73.70 -30.30 76.96
CA VAL F 158 -72.84 -30.58 78.12
C VAL F 158 -71.61 -31.30 77.61
N ALA F 159 -70.46 -30.95 78.20
CA ALA F 159 -69.20 -31.55 77.81
C ALA F 159 -69.10 -32.99 78.31
N GLU F 160 -67.96 -33.62 78.05
CA GLU F 160 -67.57 -34.98 78.34
C GLU F 160 -66.71 -35.04 79.59
N PRO F 161 -66.77 -36.14 80.34
CA PRO F 161 -65.82 -36.31 81.45
C PRO F 161 -64.38 -36.43 81.00
N GLU F 162 -64.15 -36.83 79.75
CA GLU F 162 -62.78 -36.96 79.25
C GLU F 162 -62.14 -35.60 78.97
N VAL F 163 -62.90 -34.69 78.35
CA VAL F 163 -62.36 -33.37 78.03
C VAL F 163 -62.19 -32.53 79.30
N LEU F 164 -62.78 -32.97 80.41
CA LEU F 164 -62.51 -32.35 81.70
C LEU F 164 -61.05 -32.43 82.09
N GLY F 165 -60.31 -33.41 81.57
CA GLY F 165 -58.91 -33.59 81.87
C GLY F 165 -58.62 -34.37 83.14
N VAL F 166 -59.64 -34.78 83.86
CA VAL F 166 -59.49 -35.47 85.14
C VAL F 166 -60.11 -36.85 85.02
N GLU F 167 -59.35 -37.87 85.41
CA GLU F 167 -59.86 -39.23 85.47
C GLU F 167 -60.39 -39.51 86.87
N PHE F 168 -61.70 -39.69 86.98
CA PHE F 168 -62.36 -40.18 88.18
C PHE F 168 -63.05 -41.51 87.90
N LYS F 169 -62.60 -42.21 86.87
CA LYS F 169 -63.30 -43.37 86.36
C LYS F 169 -62.97 -44.64 87.12
N ASN F 170 -62.01 -44.59 88.04
CA ASN F 170 -61.66 -45.73 88.88
C ASN F 170 -62.19 -45.60 90.29
N VAL F 171 -63.01 -44.59 90.57
CA VAL F 171 -63.59 -44.40 91.89
C VAL F 171 -65.10 -44.47 91.88
N LEU F 172 -65.73 -44.60 90.72
CA LEU F 172 -67.19 -44.70 90.66
C LEU F 172 -67.77 -45.92 91.36
N PRO F 173 -67.33 -47.17 91.11
CA PRO F 173 -68.09 -48.32 91.64
C PRO F 173 -68.07 -48.46 93.15
N VAL F 174 -67.10 -47.85 93.85
CA VAL F 174 -67.07 -47.94 95.31
C VAL F 174 -67.90 -46.86 95.98
N LEU F 175 -68.49 -45.95 95.21
CA LEU F 175 -69.22 -44.84 95.79
C LEU F 175 -70.61 -45.28 96.26
N THR F 176 -71.35 -44.34 96.81
CA THR F 176 -72.70 -44.59 97.30
C THR F 176 -73.72 -43.91 96.40
N ALA F 177 -75.00 -44.02 96.77
CA ALA F 177 -76.06 -43.44 95.95
C ALA F 177 -76.04 -41.92 95.99
N GLU F 178 -75.87 -41.35 97.19
CA GLU F 178 -75.86 -39.89 97.32
C GLU F 178 -74.67 -39.29 96.60
N HIS F 179 -73.51 -39.95 96.68
CA HIS F 179 -72.32 -39.45 95.99
C HIS F 179 -72.50 -39.53 94.48
N ARG F 180 -73.08 -40.63 93.99
CA ARG F 180 -73.33 -40.74 92.55
C ARG F 180 -74.30 -39.68 92.08
N ALA F 181 -75.34 -39.41 92.87
CA ALA F 181 -76.30 -38.38 92.51
C ALA F 181 -75.65 -36.99 92.49
N MET F 182 -74.78 -36.71 93.47
CA MET F 182 -74.13 -35.41 93.51
C MET F 182 -73.15 -35.25 92.35
N ILE F 183 -72.43 -36.32 92.00
CA ILE F 183 -71.55 -36.28 90.84
C ILE F 183 -72.36 -36.06 89.57
N GLN F 184 -73.53 -36.71 89.47
CA GLN F 184 -74.40 -36.51 88.32
C GLN F 184 -74.86 -35.06 88.22
N ASN F 185 -75.26 -34.47 89.35
CA ASN F 185 -75.71 -33.08 89.36
C ASN F 185 -74.57 -32.14 88.98
N ALA F 186 -73.38 -32.38 89.52
CA ALA F 186 -72.24 -31.53 89.20
C ALA F 186 -71.86 -31.65 87.73
N LEU F 187 -71.94 -32.86 87.18
CA LEU F 187 -71.72 -33.04 85.74
C LEU F 187 -72.75 -32.26 84.94
N ASP F 188 -74.01 -32.30 85.38
CA ASP F 188 -75.05 -31.52 84.73
C ASP F 188 -74.82 -30.02 84.89
N GLY F 189 -74.04 -29.61 85.89
CA GLY F 189 -73.75 -28.21 86.09
C GLY F 189 -72.92 -27.59 84.98
N SER F 190 -72.01 -28.37 84.40
CA SER F 190 -71.08 -27.83 83.40
C SER F 190 -71.82 -27.40 82.14
N ILE F 191 -71.50 -26.21 81.64
CA ILE F 191 -72.15 -25.64 80.48
C ILE F 191 -71.08 -25.14 79.51
N ILE F 192 -71.51 -24.89 78.29
CA ILE F 192 -70.66 -24.34 77.23
C ILE F 192 -71.34 -23.10 76.66
N GLU F 193 -70.59 -22.01 76.56
CA GLU F 193 -71.09 -20.75 76.06
C GLU F 193 -70.68 -20.55 74.61
N ASN F 194 -71.64 -20.12 73.78
CA ASN F 194 -71.40 -19.82 72.37
C ASN F 194 -70.84 -18.42 72.27
N GLY F 195 -69.51 -18.31 72.33
CA GLY F 195 -68.85 -17.02 72.30
C GLY F 195 -68.38 -16.65 70.90
N ASN F 196 -67.70 -15.50 70.85
CA ASN F 196 -67.24 -14.96 69.58
C ASN F 196 -65.82 -14.44 69.75
N VAL F 197 -65.06 -14.50 68.65
CA VAL F 197 -63.76 -13.86 68.56
C VAL F 197 -63.54 -13.46 67.10
N ALA F 198 -63.19 -12.18 66.89
CA ALA F 198 -62.99 -11.61 65.56
C ALA F 198 -64.19 -11.87 64.65
N THR F 199 -65.39 -11.78 65.24
CA THR F 199 -66.66 -12.08 64.56
C THR F 199 -66.63 -13.50 63.98
N ARG F 200 -66.30 -14.47 64.82
CA ARG F 200 -66.33 -15.88 64.45
C ARG F 200 -66.81 -16.72 65.62
N ASP F 201 -67.74 -17.63 65.34
CA ASP F 201 -68.36 -18.43 66.39
C ASP F 201 -67.34 -19.38 67.01
N VAL F 202 -67.26 -19.38 68.34
CA VAL F 202 -66.41 -20.28 69.09
C VAL F 202 -67.19 -20.76 70.32
N ASP F 203 -66.63 -21.75 71.02
CA ASP F 203 -67.23 -22.29 72.22
C ASP F 203 -66.28 -22.12 73.39
N VAL F 204 -66.83 -21.92 74.58
CA VAL F 204 -66.04 -21.74 75.79
C VAL F 204 -66.62 -22.62 76.89
N PHE F 205 -65.75 -23.36 77.58
CA PHE F 205 -66.21 -24.21 78.68
C PHE F 205 -65.17 -24.18 79.79
N ILE F 206 -65.43 -24.98 80.82
CA ILE F 206 -64.62 -25.01 82.03
C ILE F 206 -63.92 -26.36 82.11
N GLY F 207 -62.60 -26.32 82.22
CA GLY F 207 -61.79 -27.50 82.40
C GLY F 207 -60.65 -27.28 83.37
N ALA F 208 -59.79 -28.28 83.53
CA ALA F 208 -58.72 -28.24 84.52
C ALA F 208 -57.36 -28.40 83.85
N CYS F 209 -56.40 -27.57 84.27
CA CYS F 209 -55.04 -27.64 83.77
C CYS F 209 -54.12 -26.94 84.76
N SER F 210 -52.88 -27.45 84.84
CA SER F 210 -51.88 -26.83 85.70
C SER F 210 -51.47 -25.48 85.13
N GLU F 211 -51.16 -24.56 86.04
CA GLU F 211 -50.78 -23.20 85.64
C GLU F 211 -49.55 -23.13 84.73
N PRO F 212 -48.45 -23.87 84.97
CA PRO F 212 -47.32 -23.77 84.02
C PRO F 212 -47.66 -24.15 82.59
N VAL F 213 -48.64 -25.03 82.38
CA VAL F 213 -49.10 -25.30 81.02
C VAL F 213 -50.20 -24.31 80.62
N TYR F 214 -51.02 -23.89 81.59
CA TYR F 214 -52.14 -23.01 81.29
C TYR F 214 -51.66 -21.66 80.79
N ARG F 215 -50.54 -21.17 81.32
CA ARG F 215 -50.00 -19.89 80.88
C ARG F 215 -49.59 -19.95 79.41
N ILE F 216 -48.91 -21.04 79.01
CA ILE F 216 -48.49 -21.16 77.62
C ILE F 216 -49.70 -21.35 76.71
N TYR F 217 -50.70 -22.09 77.19
CA TYR F 217 -51.93 -22.26 76.41
C TYR F 217 -52.62 -20.92 76.17
N ASN F 218 -52.73 -20.10 77.22
CA ASN F 218 -53.33 -18.79 77.08
C ASN F 218 -52.50 -17.89 76.16
N ARG F 219 -51.17 -17.96 76.28
CA ARG F 219 -50.32 -17.15 75.42
C ARG F 219 -50.48 -17.52 73.96
N LEU F 220 -50.55 -18.82 73.66
CA LEU F 220 -50.76 -19.23 72.27
C LEU F 220 -52.14 -18.83 71.79
N GLN F 221 -53.15 -18.87 72.67
CA GLN F 221 -54.47 -18.38 72.28
C GLN F 221 -54.41 -16.91 71.91
N GLY F 222 -53.68 -16.11 72.70
CA GLY F 222 -53.53 -14.71 72.37
C GLY F 222 -52.75 -14.50 71.09
N TYR F 223 -51.73 -15.31 70.83
CA TYR F 223 -50.97 -15.22 69.60
C TYR F 223 -51.86 -15.51 68.40
N ILE F 224 -52.69 -16.55 68.44
CA ILE F 224 -53.61 -16.81 67.33
C ILE F 224 -54.62 -15.69 67.19
N GLU F 225 -55.09 -15.12 68.31
CA GLU F 225 -56.03 -14.00 68.22
C GLU F 225 -55.39 -12.80 67.53
N ALA F 226 -54.15 -12.47 67.90
CA ALA F 226 -53.44 -11.37 67.26
C ALA F 226 -53.19 -11.65 65.78
N VAL F 227 -52.86 -12.89 65.43
CA VAL F 227 -52.65 -13.27 64.04
C VAL F 227 -53.94 -13.08 63.26
N GLN F 228 -55.06 -13.56 63.81
CA GLN F 228 -56.35 -13.44 63.15
C GLN F 228 -56.88 -12.02 63.14
N LEU F 229 -56.30 -11.11 63.92
CA LEU F 229 -56.82 -9.75 63.97
C LEU F 229 -56.14 -8.82 62.95
N GLN F 230 -54.82 -8.68 63.02
CA GLN F 230 -54.19 -7.62 62.24
C GLN F 230 -52.97 -8.07 61.45
N GLU F 231 -52.28 -9.10 61.89
CA GLU F 231 -50.96 -9.41 61.36
C GLU F 231 -51.02 -9.67 59.86
N LEU F 232 -51.85 -10.64 59.47
CA LEU F 232 -51.82 -11.18 58.10
C LEU F 232 -52.15 -10.13 57.04
N ARG F 233 -53.04 -9.18 57.34
CA ARG F 233 -53.33 -8.13 56.36
C ARG F 233 -52.10 -7.29 56.06
N ASN F 234 -51.35 -6.89 57.07
CA ASN F 234 -50.13 -6.12 56.84
C ASN F 234 -48.97 -6.99 56.38
N SER F 235 -48.93 -8.29 56.72
CA SER F 235 -48.02 -9.22 56.05
C SER F 235 -48.25 -9.19 54.54
N ILE F 236 -49.51 -9.33 54.11
CA ILE F 236 -49.86 -9.37 52.70
C ILE F 236 -49.54 -8.05 52.02
N GLY F 237 -49.88 -6.94 52.67
CA GLY F 237 -49.63 -5.63 52.06
C GLY F 237 -48.15 -5.35 51.87
N TRP F 238 -47.37 -5.65 52.90
CA TRP F 238 -45.93 -5.47 52.85
C TRP F 238 -45.33 -6.34 51.75
N LEU F 239 -45.75 -7.59 51.67
CA LEU F 239 -45.25 -8.46 50.62
C LEU F 239 -45.65 -7.99 49.23
N GLU F 240 -46.87 -7.49 49.05
CA GLU F 240 -47.29 -6.99 47.75
C GLU F 240 -46.52 -5.75 47.35
N ARG F 241 -46.27 -4.83 48.29
CA ARG F 241 -45.41 -3.67 48.03
C ARG F 241 -44.04 -4.13 47.58
N LEU F 242 -43.46 -5.09 48.29
CA LEU F 242 -42.14 -5.56 47.93
C LEU F 242 -42.13 -6.21 46.56
N GLY F 243 -43.19 -6.94 46.23
CA GLY F 243 -43.30 -7.55 44.92
C GLY F 243 -43.45 -6.51 43.81
N HIS F 244 -44.17 -5.43 44.08
CA HIS F 244 -44.21 -4.32 43.13
C HIS F 244 -42.84 -3.73 42.92
N ARG F 245 -42.13 -3.42 44.01
CA ARG F 245 -40.84 -2.76 43.87
C ARG F 245 -39.78 -3.67 43.27
N LYS F 246 -39.93 -4.98 43.44
CA LYS F 246 -38.95 -5.95 42.95
C LYS F 246 -39.35 -6.58 41.63
N ARG F 247 -40.47 -6.16 41.04
CA ARG F 247 -40.96 -6.68 39.76
C ARG F 247 -41.14 -8.21 39.80
N ILE F 248 -41.65 -8.70 40.93
CA ILE F 248 -41.88 -10.12 41.14
C ILE F 248 -43.32 -10.30 41.58
N THR F 249 -44.05 -11.20 40.92
CA THR F 249 -45.50 -11.29 41.09
C THR F 249 -45.84 -12.41 42.05
N TYR F 250 -46.70 -12.11 43.02
CA TYR F 250 -47.15 -13.08 44.00
C TYR F 250 -48.65 -13.33 43.84
N SER F 251 -49.19 -14.19 44.70
CA SER F 251 -50.58 -14.59 44.60
C SER F 251 -51.21 -14.77 45.98
N GLN F 252 -52.54 -14.72 45.99
CA GLN F 252 -53.36 -14.92 47.19
C GLN F 252 -54.36 -16.05 47.02
N GLU F 253 -54.03 -17.04 46.17
CA GLU F 253 -55.02 -18.00 45.71
C GLU F 253 -55.59 -18.83 46.85
N VAL F 254 -54.74 -19.22 47.81
CA VAL F 254 -55.19 -20.03 48.93
C VAL F 254 -56.14 -19.29 49.87
N LEU F 255 -56.26 -17.97 49.71
CA LEU F 255 -57.20 -17.18 50.50
C LEU F 255 -58.56 -17.04 49.85
N THR F 256 -58.80 -17.73 48.73
CA THR F 256 -59.93 -17.43 47.86
C THR F 256 -60.66 -18.70 47.41
N ASP F 257 -61.02 -19.57 48.35
CA ASP F 257 -61.97 -20.63 48.04
C ASP F 257 -63.36 -20.21 48.49
N PHE F 258 -64.37 -21.00 48.13
CA PHE F 258 -65.73 -20.65 48.54
C PHE F 258 -66.02 -21.04 49.99
N ARG F 259 -65.06 -21.66 50.68
CA ARG F 259 -65.10 -21.85 52.12
C ARG F 259 -64.16 -20.88 52.83
N ARG F 260 -64.01 -19.67 52.29
CA ARG F 260 -63.07 -18.71 52.87
C ARG F 260 -63.60 -18.13 54.18
N GLN F 261 -64.91 -17.86 54.23
CA GLN F 261 -65.44 -16.97 55.26
C GLN F 261 -65.50 -17.63 56.63
N ASP F 262 -65.55 -18.96 56.68
CA ASP F 262 -65.70 -19.67 57.94
C ASP F 262 -64.49 -20.55 58.22
N THR F 263 -63.29 -20.00 58.02
CA THR F 263 -62.06 -20.74 58.24
C THR F 263 -61.12 -19.94 59.13
N ILE F 264 -60.49 -20.63 60.08
CA ILE F 264 -59.51 -20.05 60.98
C ILE F 264 -58.15 -20.21 60.34
N TRP F 265 -57.27 -19.23 60.53
CA TRP F 265 -55.95 -19.26 59.90
C TRP F 265 -54.85 -19.35 60.96
N VAL F 266 -53.74 -19.98 60.58
CA VAL F 266 -52.56 -20.09 61.44
C VAL F 266 -51.33 -19.72 60.62
N LEU F 267 -50.48 -18.86 61.19
CA LEU F 267 -49.12 -18.52 60.71
C LEU F 267 -48.10 -18.58 61.85
N ALA F 268 -46.92 -19.16 61.63
CA ALA F 268 -45.85 -19.17 62.62
C ALA F 268 -44.91 -17.96 62.58
N LEU F 269 -44.77 -17.35 61.40
CA LEU F 269 -43.77 -16.31 61.09
C LEU F 269 -44.41 -14.93 60.90
N GLN F 270 -43.59 -13.90 60.72
CA GLN F 270 -44.07 -12.57 60.42
C GLN F 270 -43.13 -11.79 59.49
N LEU F 271 -43.65 -10.87 58.69
CA LEU F 271 -42.95 -10.32 57.51
C LEU F 271 -42.36 -8.92 57.67
N PRO F 272 -42.87 -8.05 58.57
CA PRO F 272 -42.10 -6.95 59.14
C PRO F 272 -40.89 -7.46 59.93
N VAL F 273 -39.88 -7.91 59.19
CA VAL F 273 -38.57 -8.31 59.71
C VAL F 273 -37.81 -7.04 60.11
N ASN F 274 -37.50 -6.91 61.39
CA ASN F 274 -36.80 -5.76 61.95
C ASN F 274 -35.33 -5.73 61.47
N PRO F 275 -34.87 -4.74 60.70
CA PRO F 275 -33.52 -4.79 60.13
C PRO F 275 -32.42 -4.80 61.19
N GLN F 276 -32.66 -4.18 62.34
CA GLN F 276 -31.67 -4.20 63.41
C GLN F 276 -31.47 -5.62 63.91
N VAL F 277 -32.46 -6.51 63.81
CA VAL F 277 -32.29 -7.89 64.24
C VAL F 277 -31.26 -8.65 63.40
N VAL F 278 -31.01 -8.26 62.14
CA VAL F 278 -29.83 -8.73 61.40
C VAL F 278 -28.64 -7.84 61.67
N TRP F 279 -28.80 -6.53 61.64
CA TRP F 279 -27.65 -5.65 61.65
C TRP F 279 -26.97 -5.48 63.02
N ASP F 280 -27.64 -5.82 64.11
CA ASP F 280 -27.06 -5.84 65.45
C ASP F 280 -26.05 -6.97 65.67
N VAL F 281 -26.00 -7.97 64.78
CA VAL F 281 -25.03 -9.04 64.92
C VAL F 281 -23.64 -8.41 64.84
N PRO F 282 -22.82 -8.56 65.87
CA PRO F 282 -21.50 -7.92 65.87
C PRO F 282 -20.57 -8.55 64.84
N ARG F 283 -19.88 -7.69 64.08
CA ARG F 283 -18.84 -8.11 63.13
C ARG F 283 -19.36 -9.10 62.12
N SER F 284 -20.38 -8.68 61.35
CA SER F 284 -21.05 -9.55 60.38
C SER F 284 -21.31 -8.85 59.05
N SER F 285 -20.72 -7.66 58.84
CA SER F 285 -20.93 -6.95 57.58
C SER F 285 -20.45 -7.77 56.39
N ILE F 286 -19.29 -8.41 56.52
CA ILE F 286 -18.82 -9.30 55.49
C ILE F 286 -19.76 -10.49 55.34
N ALA F 287 -20.29 -10.99 56.45
CA ALA F 287 -21.23 -12.11 56.38
C ALA F 287 -22.51 -11.73 55.67
N ASN F 288 -23.04 -10.54 55.98
CA ASN F 288 -24.24 -10.09 55.28
C ASN F 288 -23.96 -9.84 53.81
N LEU F 289 -22.76 -9.38 53.48
CA LEU F 289 -22.36 -9.23 52.08
C LEU F 289 -22.35 -10.57 51.36
N ILE F 290 -21.76 -11.59 51.98
CA ILE F 290 -21.73 -12.92 51.38
C ILE F 290 -23.15 -13.46 51.22
N MET F 291 -23.99 -13.26 52.22
CA MET F 291 -25.36 -13.75 52.13
C MET F 291 -26.13 -13.05 51.02
N ASN F 292 -25.94 -11.74 50.89
CA ASN F 292 -26.61 -10.98 49.84
C ASN F 292 -26.21 -11.47 48.46
N ILE F 293 -24.90 -11.56 48.21
CA ILE F 293 -24.45 -11.98 46.90
C ILE F 293 -24.78 -13.44 46.66
N ALA F 294 -24.98 -14.22 47.73
CA ALA F 294 -25.39 -15.61 47.54
C ALA F 294 -26.85 -15.72 47.13
N THR F 295 -27.74 -14.96 47.76
CA THR F 295 -29.17 -15.17 47.54
C THR F 295 -29.80 -14.17 46.59
N CYS F 296 -29.05 -13.23 46.03
CA CYS F 296 -29.65 -12.24 45.14
C CYS F 296 -28.91 -12.01 43.83
N LEU F 297 -27.64 -12.38 43.71
CA LEU F 297 -26.86 -12.02 42.54
C LEU F 297 -27.25 -12.88 41.34
N PRO F 298 -27.69 -12.29 40.22
CA PRO F 298 -28.07 -13.10 39.05
C PRO F 298 -26.93 -13.31 38.08
N THR F 299 -27.16 -14.13 37.06
CA THR F 299 -26.14 -14.46 36.06
C THR F 299 -26.68 -14.20 34.66
N GLY F 300 -25.84 -13.64 33.80
CA GLY F 300 -26.22 -13.33 32.45
C GLY F 300 -25.18 -13.74 31.43
N GLU F 301 -25.10 -13.01 30.31
CA GLU F 301 -24.13 -13.30 29.27
C GLU F 301 -23.48 -12.00 28.81
N TYR F 302 -22.27 -12.14 28.27
CA TYR F 302 -21.47 -11.01 27.83
C TYR F 302 -21.49 -10.95 26.31
N ILE F 303 -21.81 -9.78 25.78
CA ILE F 303 -21.95 -9.57 24.34
C ILE F 303 -21.13 -8.36 23.93
N ALA F 304 -20.46 -8.47 22.79
CA ALA F 304 -19.69 -7.42 22.15
C ALA F 304 -20.55 -6.64 21.17
N PRO F 305 -20.19 -5.39 20.86
CA PRO F 305 -20.94 -4.64 19.86
C PRO F 305 -20.50 -4.95 18.45
N ASN F 306 -21.05 -4.23 17.46
CA ASN F 306 -20.72 -4.50 16.07
C ASN F 306 -19.27 -4.13 15.77
N PRO F 307 -18.48 -5.05 15.20
CA PRO F 307 -17.06 -4.75 14.96
C PRO F 307 -16.81 -3.70 13.90
N ARG F 308 -17.79 -3.38 13.04
CA ARG F 308 -17.59 -2.32 12.06
C ARG F 308 -17.33 -0.98 12.74
N ILE F 309 -17.85 -0.80 13.95
CA ILE F 309 -17.62 0.43 14.71
C ILE F 309 -16.12 0.59 14.99
N SER F 310 -15.50 -0.44 15.54
CA SER F 310 -14.07 -0.37 15.81
C SER F 310 -13.25 -0.37 14.53
N SER F 311 -13.78 -0.97 13.46
CA SER F 311 -13.10 -0.92 12.18
C SER F 311 -13.00 0.50 11.65
N ILE F 312 -14.11 1.24 11.65
CA ILE F 312 -14.13 2.57 11.07
C ILE F 312 -13.57 3.63 12.01
N THR F 313 -13.63 3.42 13.33
CA THR F 313 -13.19 4.46 14.25
C THR F 313 -11.67 4.47 14.41
N LEU F 314 -11.09 3.38 14.90
CA LEU F 314 -9.67 3.34 15.20
C LEU F 314 -8.82 2.85 14.04
N THR F 315 -9.41 2.35 12.97
CA THR F 315 -8.67 1.92 11.80
C THR F 315 -9.27 2.51 10.54
N GLN F 316 -9.71 3.77 10.63
CA GLN F 316 -10.10 4.51 9.44
C GLN F 316 -8.93 4.62 8.48
N ARG F 317 -7.75 4.93 8.99
CA ARG F 317 -6.53 4.80 8.23
C ARG F 317 -5.99 3.39 8.39
N ILE F 318 -5.25 2.93 7.38
CA ILE F 318 -4.74 1.57 7.34
C ILE F 318 -3.21 1.54 7.45
N THR F 319 -2.53 2.46 6.78
CA THR F 319 -1.07 2.48 6.83
C THR F 319 -0.56 2.72 8.24
N THR F 320 -1.14 3.67 8.96
CA THR F 320 -0.74 3.91 10.33
C THR F 320 -1.59 3.09 11.29
N THR F 321 -1.25 3.17 12.57
CA THR F 321 -2.00 2.49 13.61
C THR F 321 -1.76 3.21 14.93
N GLY F 322 -2.72 3.08 15.84
CA GLY F 322 -2.57 3.62 17.17
C GLY F 322 -2.43 2.51 18.18
N PRO F 323 -2.11 2.87 19.43
CA PRO F 323 -2.11 1.86 20.50
C PRO F 323 -3.47 1.21 20.67
N PHE F 324 -4.53 2.01 20.54
CA PHE F 324 -5.89 1.49 20.60
C PHE F 324 -6.16 0.48 19.50
N ALA F 325 -5.68 0.77 18.29
CA ALA F 325 -5.89 -0.16 17.18
C ALA F 325 -5.17 -1.47 17.41
N ILE F 326 -3.98 -1.42 18.02
CA ILE F 326 -3.28 -2.65 18.38
C ILE F 326 -4.10 -3.44 19.40
N LEU F 327 -4.68 -2.74 20.37
CA LEU F 327 -5.51 -3.43 21.35
C LEU F 327 -6.83 -3.93 20.75
N THR F 328 -7.26 -3.41 19.59
CA THR F 328 -8.48 -3.91 18.98
C THR F 328 -8.36 -5.38 18.61
N GLY F 329 -7.24 -5.78 18.02
CA GLY F 329 -7.04 -7.16 17.65
C GLY F 329 -6.66 -8.08 18.77
N SER F 330 -6.49 -7.54 19.98
CA SER F 330 -6.15 -8.36 21.13
C SER F 330 -7.29 -9.31 21.46
N THR F 331 -6.92 -10.51 21.91
CA THR F 331 -7.88 -11.52 22.33
C THR F 331 -7.56 -11.95 23.76
N PRO F 332 -8.57 -12.12 24.60
CA PRO F 332 -8.32 -12.38 26.02
C PRO F 332 -8.03 -13.85 26.30
N THR F 333 -7.72 -14.12 27.56
CA THR F 333 -7.64 -15.47 28.10
C THR F 333 -8.63 -15.60 29.25
N ALA F 334 -8.62 -16.76 29.91
CA ALA F 334 -9.59 -17.03 30.97
C ALA F 334 -9.38 -16.12 32.18
N GLN F 335 -8.12 -15.80 32.50
CA GLN F 335 -7.85 -14.92 33.63
C GLN F 335 -8.45 -13.53 33.41
N GLN F 336 -8.44 -13.05 32.16
CA GLN F 336 -9.04 -11.76 31.88
C GLN F 336 -10.56 -11.80 32.01
N LEU F 337 -11.18 -12.92 31.62
CA LEU F 337 -12.62 -13.08 31.83
C LEU F 337 -12.96 -13.10 33.30
N ASN F 338 -12.17 -13.81 34.10
CA ASN F 338 -12.39 -13.81 35.55
C ASN F 338 -12.18 -12.42 36.13
N ASP F 339 -11.20 -11.68 35.60
CA ASP F 339 -10.95 -10.31 36.06
C ASP F 339 -12.12 -9.40 35.71
N VAL F 340 -12.71 -9.57 34.53
CA VAL F 340 -13.88 -8.77 34.16
C VAL F 340 -15.05 -9.11 35.07
N ARG F 341 -15.20 -10.40 35.39
CA ARG F 341 -16.16 -10.81 36.40
C ARG F 341 -15.92 -10.08 37.72
N LYS F 342 -14.66 -9.98 38.14
CA LYS F 342 -14.33 -9.29 39.37
C LYS F 342 -14.67 -7.81 39.30
N ILE F 343 -14.40 -7.18 38.15
CA ILE F 343 -14.68 -5.75 37.99
C ILE F 343 -16.18 -5.50 38.11
N TYR F 344 -16.98 -6.32 37.42
CA TYR F 344 -18.43 -6.14 37.49
C TYR F 344 -18.96 -6.45 38.88
N LEU F 345 -18.37 -7.44 39.56
CA LEU F 345 -18.76 -7.71 40.94
C LEU F 345 -18.47 -6.53 41.84
N ALA F 346 -17.33 -5.87 41.65
CA ALA F 346 -17.02 -4.68 42.42
C ALA F 346 -17.99 -3.55 42.11
N LEU F 347 -18.34 -3.39 40.84
CA LEU F 347 -19.19 -2.26 40.46
C LEU F 347 -20.63 -2.44 40.92
N MET F 348 -21.11 -3.69 40.97
CA MET F 348 -22.46 -3.93 41.46
C MET F 348 -22.60 -3.68 42.95
N PHE F 349 -21.50 -3.61 43.70
CA PHE F 349 -21.52 -3.32 45.12
C PHE F 349 -20.55 -2.19 45.41
N PRO F 350 -20.98 -0.94 45.29
CA PRO F 350 -20.07 0.18 45.55
C PRO F 350 -19.65 0.23 47.01
N GLY F 351 -18.40 0.63 47.22
CA GLY F 351 -17.88 0.79 48.57
C GLY F 351 -17.40 -0.44 49.30
N GLN F 352 -18.21 -1.50 49.35
CA GLN F 352 -17.81 -2.70 50.08
C GLN F 352 -16.74 -3.48 49.33
N ILE F 353 -16.82 -3.51 48.01
CA ILE F 353 -15.82 -4.16 47.17
C ILE F 353 -14.99 -3.07 46.50
N ILE F 354 -13.71 -3.01 46.83
CA ILE F 354 -12.84 -1.94 46.36
C ILE F 354 -11.73 -2.56 45.52
N LEU F 355 -11.41 -1.89 44.41
CA LEU F 355 -10.53 -2.44 43.39
C LEU F 355 -9.08 -2.05 43.65
N ASP F 356 -8.19 -3.04 43.53
CA ASP F 356 -6.75 -2.81 43.59
C ASP F 356 -6.11 -3.41 42.35
N LEU F 357 -4.80 -3.24 42.24
CA LEU F 357 -4.07 -3.69 41.06
C LEU F 357 -2.97 -4.68 41.45
N LYS F 358 -2.70 -5.63 40.57
CA LYS F 358 -1.59 -6.55 40.74
C LYS F 358 -0.81 -6.66 39.45
N ILE F 359 0.47 -6.99 39.58
CA ILE F 359 1.33 -7.28 38.46
C ILE F 359 2.04 -8.59 38.76
N ASP F 360 1.81 -9.61 37.94
CA ASP F 360 2.42 -10.90 38.15
C ASP F 360 3.93 -10.81 37.98
N PRO F 361 4.69 -11.52 38.81
CA PRO F 361 6.16 -11.50 38.66
C PRO F 361 6.64 -11.98 37.30
N GLY F 362 5.94 -12.94 36.69
CA GLY F 362 6.33 -13.42 35.39
C GLY F 362 5.86 -12.56 34.24
N GLU F 363 5.22 -11.43 34.52
CA GLU F 363 4.61 -10.61 33.48
C GLU F 363 5.36 -9.30 33.27
N ARG F 364 5.16 -8.72 32.09
CA ARG F 364 5.70 -7.42 31.72
C ARG F 364 4.59 -6.59 31.08
N MET F 365 4.41 -5.37 31.55
CA MET F 365 3.35 -4.52 31.02
C MET F 365 3.76 -3.90 29.69
N ASP F 366 2.77 -3.58 28.88
CA ASP F 366 2.99 -2.84 27.65
C ASP F 366 2.64 -1.38 27.87
N PRO F 367 3.47 -0.45 27.44
CA PRO F 367 3.13 0.98 27.63
C PRO F 367 1.82 1.37 26.99
N ALA F 368 1.55 0.84 25.79
CA ALA F 368 0.28 1.10 25.13
C ALA F 368 -0.87 0.60 25.98
N VAL F 369 -0.73 -0.60 26.54
CA VAL F 369 -1.72 -1.14 27.47
C VAL F 369 -1.90 -0.20 28.63
N ARG F 370 -0.80 0.36 29.14
CA ARG F 370 -0.87 1.25 30.30
C ARG F 370 -1.67 2.51 30.00
N MET F 371 -1.33 3.22 28.92
CA MET F 371 -2.02 4.47 28.63
C MET F 371 -3.49 4.22 28.26
N VAL F 372 -3.76 3.16 27.49
CA VAL F 372 -5.15 2.84 27.18
C VAL F 372 -5.91 2.52 28.47
N ALA F 373 -5.28 1.79 29.38
CA ALA F 373 -5.92 1.45 30.65
C ALA F 373 -6.26 2.71 31.42
N GLY F 374 -5.33 3.65 31.48
CA GLY F 374 -5.61 4.89 32.21
C GLY F 374 -6.75 5.67 31.61
N VAL F 375 -6.70 5.90 30.29
CA VAL F 375 -7.70 6.77 29.68
C VAL F 375 -9.08 6.13 29.69
N VAL F 376 -9.16 4.79 29.58
CA VAL F 376 -10.46 4.13 29.58
C VAL F 376 -11.01 3.97 31.00
N GLY F 377 -10.14 3.69 31.98
CA GLY F 377 -10.58 3.64 33.36
C GLY F 377 -11.01 4.97 33.91
N HIS F 378 -10.53 6.08 33.34
CA HIS F 378 -11.14 7.35 33.70
C HIS F 378 -12.60 7.46 33.28
N LEU F 379 -13.06 6.63 32.35
CA LEU F 379 -14.44 6.65 31.94
C LEU F 379 -15.29 5.54 32.56
N LEU F 380 -14.70 4.38 32.86
CA LEU F 380 -15.51 3.29 33.39
C LEU F 380 -15.93 3.49 34.84
N PHE F 381 -15.18 4.26 35.63
CA PHE F 381 -15.34 4.22 37.07
C PHE F 381 -15.92 5.51 37.64
N THR F 382 -16.60 5.35 38.78
CA THR F 382 -17.17 6.45 39.54
C THR F 382 -16.75 6.32 41.01
N ALA F 383 -15.57 6.84 41.33
CA ALA F 383 -14.98 6.70 42.65
C ALA F 383 -14.81 8.05 43.35
N GLY F 384 -15.80 8.93 43.22
CA GLY F 384 -15.72 10.23 43.85
C GLY F 384 -17.07 10.67 44.37
N GLY F 385 -17.10 11.86 44.96
CA GLY F 385 -18.32 12.43 45.46
C GLY F 385 -18.65 12.04 46.89
N ARG F 386 -19.71 11.26 47.06
CA ARG F 386 -20.14 10.81 48.38
C ARG F 386 -19.82 9.34 48.64
N PHE F 387 -19.49 8.58 47.61
CA PHE F 387 -19.00 7.22 47.74
C PHE F 387 -17.72 7.09 46.92
N THR F 388 -17.25 5.87 46.77
CA THR F 388 -16.06 5.60 45.99
C THR F 388 -16.05 4.13 45.57
N ASN F 389 -15.19 3.81 44.60
CA ASN F 389 -14.99 2.44 44.16
C ASN F 389 -13.58 1.92 44.31
N LEU F 390 -12.58 2.79 44.31
CA LEU F 390 -11.18 2.39 44.25
C LEU F 390 -10.34 3.20 45.23
N THR F 391 -9.27 2.58 45.72
CA THR F 391 -8.40 3.21 46.69
C THR F 391 -7.54 4.29 46.03
N GLN F 392 -6.78 5.00 46.85
CA GLN F 392 -6.00 6.13 46.36
C GLN F 392 -4.95 5.68 45.34
N ASN F 393 -4.22 4.60 45.64
CA ASN F 393 -3.16 4.12 44.76
C ASN F 393 -3.67 3.88 43.35
N MET F 394 -4.88 3.31 43.24
CA MET F 394 -5.48 3.04 41.94
C MET F 394 -5.65 4.35 41.17
N ALA F 395 -6.12 5.39 41.86
CA ALA F 395 -6.29 6.69 41.25
C ALA F 395 -4.96 7.30 40.82
N ARG F 396 -3.91 7.14 41.63
CA ARG F 396 -2.61 7.67 41.22
C ARG F 396 -2.05 6.96 39.99
N GLN F 397 -2.22 5.64 39.88
CA GLN F 397 -1.78 5.00 38.64
C GLN F 397 -2.61 5.43 37.44
N LEU F 398 -3.93 5.60 37.61
CA LEU F 398 -4.72 6.11 36.50
C LEU F 398 -4.26 7.51 36.08
N ASP F 399 -3.98 8.37 37.05
CA ASP F 399 -3.56 9.73 36.73
C ASP F 399 -2.20 9.74 36.03
N ILE F 400 -1.26 8.93 36.50
CA ILE F 400 0.05 8.93 35.85
C ILE F 400 -0.05 8.33 34.45
N ALA F 401 -0.93 7.33 34.26
CA ALA F 401 -1.16 6.81 32.91
C ALA F 401 -1.75 7.87 32.00
N LEU F 402 -2.68 8.67 32.52
CA LEU F 402 -3.26 9.75 31.74
C LEU F 402 -2.20 10.78 31.38
N ASN F 403 -1.34 11.12 32.32
CA ASN F 403 -0.27 12.08 32.05
C ASN F 403 0.69 11.54 31.00
N ASP F 404 0.88 10.22 30.97
CA ASP F 404 1.67 9.62 29.90
C ASP F 404 0.95 9.69 28.57
N TYR F 405 -0.36 9.40 28.55
CA TYR F 405 -1.10 9.39 27.29
C TYR F 405 -1.24 10.79 26.71
N LEU F 406 -1.25 11.81 27.56
CA LEU F 406 -1.52 13.14 27.02
C LEU F 406 -0.29 13.80 26.42
N LEU F 407 0.82 13.08 26.24
CA LEU F 407 2.05 13.71 25.81
C LEU F 407 2.87 12.81 24.87
N TYR F 408 2.33 11.66 24.46
CA TYR F 408 3.12 10.76 23.62
C TYR F 408 3.33 11.30 22.21
N MET F 409 2.45 12.18 21.73
CA MET F 409 2.58 12.80 20.42
C MET F 409 2.47 14.30 20.63
N TYR F 410 3.60 14.93 20.93
CA TYR F 410 3.65 16.36 21.21
C TYR F 410 4.28 17.06 20.01
N ASN F 411 3.49 17.89 19.33
CA ASN F 411 3.89 18.47 18.06
C ASN F 411 3.61 19.97 18.06
N THR F 412 4.03 20.62 16.98
CA THR F 412 4.02 22.08 16.90
C THR F 412 2.60 22.63 16.93
N ARG F 413 1.66 21.96 16.25
CA ARG F 413 0.32 22.52 16.10
C ARG F 413 -0.43 22.60 17.42
N VAL F 414 0.05 21.92 18.45
CA VAL F 414 -0.53 22.01 19.79
C VAL F 414 0.51 22.57 20.73
N GLN F 415 0.25 23.76 21.27
CA GLN F 415 1.14 24.41 22.23
C GLN F 415 0.62 24.14 23.64
N VAL F 416 1.50 23.70 24.53
CA VAL F 416 1.14 23.30 25.88
C VAL F 416 1.97 24.10 26.87
N ASN F 417 1.30 24.77 27.79
CA ASN F 417 1.95 25.49 28.88
C ASN F 417 2.12 24.53 30.06
N TYR F 418 3.35 24.11 30.31
CA TYR F 418 3.61 23.21 31.42
C TYR F 418 3.39 23.93 32.75
N GLY F 419 2.65 23.30 33.64
CA GLY F 419 2.41 23.85 34.95
C GLY F 419 3.67 23.84 35.79
N PRO F 420 3.82 24.84 36.68
CA PRO F 420 5.02 24.89 37.52
C PRO F 420 5.12 23.76 38.52
N THR F 421 4.01 23.21 38.97
CA THR F 421 4.03 22.22 40.05
C THR F 421 4.61 20.90 39.57
N GLY F 422 5.18 20.16 40.51
CA GLY F 422 5.66 18.82 40.26
C GLY F 422 4.59 17.75 40.27
N GLU F 423 3.36 18.14 40.54
CA GLU F 423 2.24 17.20 40.44
C GLU F 423 2.03 16.81 38.99
N PRO F 424 1.91 15.52 38.68
CA PRO F 424 1.66 15.11 37.29
C PRO F 424 0.30 15.57 36.81
N LEU F 425 0.13 15.59 35.49
CA LEU F 425 -1.08 16.09 34.83
C LEU F 425 -1.31 17.57 35.13
N ASP F 426 -0.24 18.37 35.11
CA ASP F 426 -0.31 19.80 35.38
C ASP F 426 0.19 20.54 34.14
N PHE F 427 -0.73 20.82 33.21
CA PHE F 427 -0.39 21.61 32.03
C PHE F 427 -1.65 22.22 31.44
N GLN F 428 -1.46 23.06 30.44
CA GLN F 428 -2.50 23.82 29.79
C GLN F 428 -2.46 23.56 28.30
N ILE F 429 -3.59 23.14 27.73
CA ILE F 429 -3.64 22.68 26.34
C ILE F 429 -4.88 23.27 25.66
N GLY F 430 -4.81 23.39 24.34
CA GLY F 430 -5.95 23.77 23.52
C GLY F 430 -5.87 25.22 23.05
N ARG F 431 -6.59 25.49 21.97
CA ARG F 431 -6.70 26.87 21.49
C ARG F 431 -7.58 27.70 22.43
N ASN F 432 -8.60 27.08 23.02
CA ASN F 432 -9.38 27.73 24.06
C ASN F 432 -8.66 27.74 25.41
N GLN F 433 -7.53 27.03 25.51
CA GLN F 433 -6.78 26.85 26.75
C GLN F 433 -7.69 26.25 27.83
N TYR F 434 -8.12 25.02 27.55
CA TYR F 434 -8.98 24.28 28.47
C TYR F 434 -8.14 23.61 29.55
N ASP F 435 -8.38 23.97 30.80
CA ASP F 435 -7.51 23.55 31.89
C ASP F 435 -7.69 22.08 32.22
N CYS F 436 -6.58 21.36 32.31
CA CYS F 436 -6.58 19.94 32.62
C CYS F 436 -6.34 19.65 34.10
N ASN F 437 -6.05 20.66 34.91
CA ASN F 437 -5.91 20.45 36.34
C ASN F 437 -7.24 20.07 37.01
N VAL F 438 -8.36 20.29 36.32
CA VAL F 438 -9.67 20.01 36.91
C VAL F 438 -9.89 18.52 37.11
N PHE F 439 -9.20 17.68 36.34
CA PHE F 439 -9.43 16.23 36.38
C PHE F 439 -8.39 15.47 37.20
N ARG F 440 -8.01 15.98 38.36
CA ARG F 440 -7.31 15.17 39.35
C ARG F 440 -8.26 14.13 39.95
N ALA F 441 -7.77 13.48 41.00
CA ALA F 441 -8.56 12.46 41.71
C ALA F 441 -8.58 12.78 43.20
N ASP F 442 -9.62 13.46 43.65
CA ASP F 442 -9.92 13.65 45.06
C ASP F 442 -11.32 13.12 45.34
N PHE F 443 -11.43 12.27 46.35
CA PHE F 443 -12.72 11.68 46.66
C PHE F 443 -13.72 12.69 47.18
N ALA F 444 -13.25 13.83 47.68
CA ALA F 444 -14.16 14.87 48.17
C ALA F 444 -14.88 15.55 47.02
N THR F 445 -14.13 16.19 46.12
CA THR F 445 -14.74 16.85 44.98
C THR F 445 -15.18 15.85 43.91
N GLY F 446 -14.55 14.69 43.83
CA GLY F 446 -15.02 13.64 42.95
C GLY F 446 -14.57 13.71 41.51
N THR F 447 -13.62 14.58 41.18
CA THR F 447 -13.18 14.73 39.80
C THR F 447 -12.48 13.47 39.31
N GLY F 448 -12.48 13.32 37.98
CA GLY F 448 -11.86 12.16 37.35
C GLY F 448 -12.72 10.93 37.31
N TYR F 449 -13.95 11.01 37.79
CA TYR F 449 -14.86 9.86 37.86
C TYR F 449 -16.18 10.21 37.22
N ASN F 450 -17.05 9.21 37.10
CA ASN F 450 -18.32 9.40 36.42
C ASN F 450 -19.35 10.12 37.28
N GLY F 451 -19.29 9.94 38.60
CA GLY F 451 -20.23 10.60 39.47
C GLY F 451 -19.91 12.05 39.76
N TRP F 452 -18.83 12.56 39.16
CA TRP F 452 -18.48 13.95 39.31
C TRP F 452 -19.58 14.86 38.81
N ALA F 453 -20.06 15.74 39.70
CA ALA F 453 -21.16 16.67 39.43
C ALA F 453 -22.41 15.92 38.97
N THR F 454 -22.80 14.91 39.73
CA THR F 454 -23.94 14.07 39.37
C THR F 454 -24.67 13.61 40.63
N ILE F 455 -26.00 13.68 40.59
CA ILE F 455 -26.81 13.16 41.69
C ILE F 455 -26.78 11.64 41.65
N ASP F 456 -26.41 11.03 42.78
CA ASP F 456 -26.33 9.59 42.91
C ASP F 456 -27.25 9.01 43.98
N VAL F 457 -27.22 9.58 45.18
CA VAL F 457 -28.01 9.08 46.30
C VAL F 457 -29.21 9.99 46.47
N GLU F 458 -30.39 9.39 46.59
CA GLU F 458 -31.61 10.17 46.78
C GLU F 458 -32.62 9.30 47.52
N TYR F 459 -33.50 9.96 48.27
CA TYR F 459 -34.51 9.30 49.08
C TYR F 459 -35.87 9.66 48.49
N ARG F 460 -36.37 8.83 47.59
CA ARG F 460 -37.55 9.18 46.81
C ARG F 460 -38.85 8.85 47.54
N GLU F 461 -39.07 7.58 47.87
CA GLU F 461 -40.34 7.11 48.37
C GLU F 461 -40.10 6.16 49.54
N PRO F 462 -41.10 5.98 50.43
CA PRO F 462 -40.95 5.01 51.51
C PRO F 462 -40.79 3.60 50.99
N ALA F 463 -39.61 3.04 51.17
CA ALA F 463 -39.30 1.70 50.70
C ALA F 463 -39.88 0.66 51.66
N PRO F 464 -40.11 -0.57 51.17
CA PRO F 464 -40.50 -1.66 52.09
C PRO F 464 -39.49 -1.92 53.18
N TYR F 465 -38.19 -1.92 52.85
CA TYR F 465 -37.13 -2.12 53.83
C TYR F 465 -36.77 -0.77 54.46
N VAL F 466 -37.30 -0.52 55.64
CA VAL F 466 -37.34 0.82 56.27
C VAL F 466 -35.96 1.45 56.45
N HIS F 467 -34.96 0.65 56.82
CA HIS F 467 -33.57 1.12 56.97
C HIS F 467 -32.84 1.33 55.64
N ALA F 468 -33.41 0.84 54.53
CA ALA F 468 -32.80 0.88 53.20
C ALA F 468 -33.73 1.67 52.28
N GLN F 469 -33.57 2.99 52.30
CA GLN F 469 -34.28 3.87 51.39
C GLN F 469 -33.42 4.27 50.20
N ARG F 470 -32.18 3.83 50.16
CA ARG F 470 -31.18 4.40 49.27
C ARG F 470 -31.41 3.97 47.83
N TYR F 471 -31.17 4.91 46.92
CA TYR F 471 -31.19 4.68 45.47
C TYR F 471 -29.87 5.15 44.88
N ILE F 472 -29.45 4.52 43.79
CA ILE F 472 -28.28 4.93 43.03
C ILE F 472 -28.66 5.10 41.58
N ARG F 473 -28.27 6.23 41.00
CA ARG F 473 -28.52 6.55 39.59
C ARG F 473 -27.21 7.01 38.98
N TYR F 474 -26.59 6.16 38.15
CA TYR F 474 -25.34 6.54 37.52
C TYR F 474 -25.62 7.55 36.41
N CYS F 475 -24.87 8.65 36.41
CA CYS F 475 -24.84 9.63 35.32
C CYS F 475 -26.21 10.20 35.00
N GLY F 476 -27.10 10.25 35.99
CA GLY F 476 -28.43 10.79 35.80
C GLY F 476 -29.43 9.84 35.20
N ILE F 477 -29.04 8.62 34.87
CA ILE F 477 -29.98 7.64 34.34
C ILE F 477 -30.91 7.17 35.45
N ASP F 478 -32.20 7.19 35.19
CA ASP F 478 -33.18 6.70 36.14
C ASP F 478 -33.43 5.21 35.89
N SER F 479 -33.69 4.48 36.96
CA SER F 479 -33.83 3.03 36.91
C SER F 479 -35.29 2.58 36.95
N ARG F 480 -36.23 3.51 36.77
CA ARG F 480 -37.64 3.16 36.74
C ARG F 480 -38.17 2.94 35.32
N GLU F 481 -37.41 3.28 34.30
CA GLU F 481 -37.84 3.05 32.93
C GLU F 481 -37.25 1.74 32.41
N LEU F 482 -38.11 0.91 31.83
CA LEU F 482 -37.64 -0.32 31.20
C LEU F 482 -36.80 0.02 29.98
N ILE F 483 -35.80 -0.82 29.71
CA ILE F 483 -34.75 -0.50 28.75
C ILE F 483 -34.98 -1.30 27.47
N ASN F 484 -34.99 -0.58 26.35
CA ASN F 484 -34.97 -1.20 25.03
C ASN F 484 -33.58 -1.04 24.46
N PRO F 485 -32.66 -1.97 24.76
CA PRO F 485 -31.23 -1.69 24.55
C PRO F 485 -30.81 -1.62 23.09
N THR F 486 -31.66 -2.01 22.14
CA THR F 486 -31.25 -1.94 20.75
C THR F 486 -31.25 -0.51 20.23
N THR F 487 -32.12 0.35 20.76
CA THR F 487 -32.25 1.72 20.28
C THR F 487 -32.12 2.77 21.37
N TYR F 488 -32.45 2.43 22.62
CA TYR F 488 -32.39 3.40 23.71
C TYR F 488 -30.95 3.80 23.99
N GLY F 489 -30.77 5.06 24.39
CA GLY F 489 -29.48 5.55 24.82
C GLY F 489 -28.66 6.29 23.80
N ILE F 490 -29.25 6.67 22.67
CA ILE F 490 -28.48 7.35 21.64
C ILE F 490 -28.00 8.72 22.12
N GLY F 491 -28.91 9.51 22.69
CA GLY F 491 -28.63 10.92 22.85
C GLY F 491 -28.79 11.46 24.25
N MET F 492 -28.43 10.66 25.25
CA MET F 492 -28.36 11.13 26.62
C MET F 492 -26.91 11.49 26.93
N THR F 493 -26.71 12.46 27.80
CA THR F 493 -25.36 12.92 28.08
C THR F 493 -25.30 13.49 29.49
N TYR F 494 -24.07 13.64 29.97
CA TYR F 494 -23.80 14.27 31.26
C TYR F 494 -22.56 15.13 31.10
N HIS F 495 -22.01 15.61 32.22
CA HIS F 495 -20.97 16.63 32.17
C HIS F 495 -19.60 16.01 31.86
N CYS F 496 -19.25 14.94 32.58
CA CYS F 496 -17.89 14.40 32.51
C CYS F 496 -17.56 13.84 31.13
N TYR F 497 -18.52 13.17 30.50
CA TYR F 497 -18.25 12.53 29.20
C TYR F 497 -18.02 13.59 28.13
N ASN F 498 -18.81 14.66 28.16
CA ASN F 498 -18.62 15.76 27.22
C ASN F 498 -17.30 16.48 27.45
N GLU F 499 -16.95 16.70 28.72
CA GLU F 499 -15.67 17.35 28.99
C GLU F 499 -14.51 16.45 28.57
N MET F 500 -14.70 15.13 28.67
CA MET F 500 -13.67 14.19 28.23
C MET F 500 -13.49 14.23 26.72
N LEU F 501 -14.59 14.23 25.97
CA LEU F 501 -14.43 14.37 24.52
C LEU F 501 -13.85 15.73 24.16
N ARG F 502 -14.16 16.75 24.94
CA ARG F 502 -13.62 18.09 24.66
C ARG F 502 -12.12 18.13 24.88
N MET F 503 -11.61 17.48 25.93
CA MET F 503 -10.15 17.45 26.10
C MET F 503 -9.51 16.57 25.03
N LEU F 504 -10.19 15.49 24.62
CA LEU F 504 -9.64 14.64 23.57
C LEU F 504 -9.49 15.40 22.27
N VAL F 505 -10.50 16.19 21.90
CA VAL F 505 -10.37 17.07 20.75
C VAL F 505 -9.28 18.10 21.00
N ALA F 506 -9.26 18.66 22.21
CA ALA F 506 -8.23 19.61 22.59
C ALA F 506 -6.84 18.98 22.56
N ALA F 507 -6.76 17.67 22.75
CA ALA F 507 -5.49 16.95 22.62
C ALA F 507 -5.17 16.60 21.19
N GLY F 508 -6.08 16.85 20.24
CA GLY F 508 -5.85 16.55 18.85
C GLY F 508 -6.10 15.11 18.45
N LYS F 509 -6.63 14.28 19.36
CA LYS F 509 -6.88 12.87 19.06
C LYS F 509 -8.29 12.73 18.51
N ASP F 510 -8.39 12.62 17.19
CA ASP F 510 -9.70 12.49 16.57
C ASP F 510 -10.29 11.09 16.75
N SER F 511 -9.45 10.06 16.57
CA SER F 511 -9.95 8.69 16.45
C SER F 511 -10.58 8.21 17.75
N GLU F 512 -9.95 8.50 18.89
CA GLU F 512 -10.52 8.10 20.17
C GLU F 512 -11.84 8.80 20.43
N ALA F 513 -11.94 10.08 20.03
CA ALA F 513 -13.19 10.80 20.18
C ALA F 513 -14.29 10.15 19.35
N ALA F 514 -13.98 9.77 18.11
CA ALA F 514 -14.97 9.11 17.28
C ALA F 514 -15.40 7.77 17.88
N TYR F 515 -14.44 7.01 18.39
CA TYR F 515 -14.74 5.71 18.98
C TYR F 515 -15.63 5.84 20.22
N PHE F 516 -15.28 6.76 21.11
CA PHE F 516 -16.07 6.92 22.33
C PHE F 516 -17.45 7.47 22.03
N ARG F 517 -17.54 8.40 21.08
CA ARG F 517 -18.87 8.89 20.68
C ARG F 517 -19.69 7.78 20.04
N SER F 518 -19.04 6.90 19.28
CA SER F 518 -19.74 5.81 18.63
C SER F 518 -20.38 4.89 19.65
N MET F 519 -19.62 4.46 20.66
CA MET F 519 -20.22 3.60 21.68
C MET F 519 -20.65 4.32 22.94
N LEU F 520 -20.91 5.63 22.85
CA LEU F 520 -21.68 6.29 23.90
C LEU F 520 -23.00 5.58 24.22
N PRO F 521 -23.85 5.20 23.25
CA PRO F 521 -25.04 4.42 23.63
C PRO F 521 -24.69 3.09 24.27
N PHE F 522 -23.59 2.47 23.85
CA PHE F 522 -23.20 1.17 24.37
C PHE F 522 -22.81 1.25 25.84
N HIS F 523 -21.99 2.24 26.19
CA HIS F 523 -21.65 2.46 27.59
C HIS F 523 -22.88 2.89 28.39
N MET F 524 -23.75 3.69 27.79
CA MET F 524 -24.93 4.11 28.54
C MET F 524 -25.84 2.93 28.84
N VAL F 525 -25.98 2.00 27.89
CA VAL F 525 -26.91 0.89 28.12
C VAL F 525 -26.30 -0.15 29.04
N ARG F 526 -24.98 -0.30 29.07
CA ARG F 526 -24.43 -1.15 30.13
C ARG F 526 -24.69 -0.52 31.50
N PHE F 527 -24.56 0.80 31.61
CA PHE F 527 -24.96 1.43 32.87
C PHE F 527 -26.44 1.27 33.16
N ALA F 528 -27.28 1.26 32.12
CA ALA F 528 -28.71 1.05 32.33
C ALA F 528 -28.98 -0.34 32.90
N ARG F 529 -28.33 -1.37 32.36
CA ARG F 529 -28.48 -2.71 32.88
C ARG F 529 -28.00 -2.81 34.32
N ILE F 530 -26.88 -2.15 34.63
CA ILE F 530 -26.36 -2.16 35.99
C ILE F 530 -27.31 -1.44 36.93
N ASN F 531 -27.91 -0.35 36.47
CA ASN F 531 -28.93 0.33 37.27
C ASN F 531 -30.10 -0.59 37.57
N GLN F 532 -30.52 -1.37 36.56
CA GLN F 532 -31.59 -2.34 36.77
C GLN F 532 -31.18 -3.36 37.83
N ILE F 533 -29.98 -3.91 37.71
CA ILE F 533 -29.55 -4.98 38.59
C ILE F 533 -29.33 -4.47 40.02
N ILE F 534 -29.05 -3.18 40.18
CA ILE F 534 -28.78 -2.66 41.52
C ILE F 534 -30.07 -2.20 42.18
N ASN F 535 -30.91 -1.46 41.47
CA ASN F 535 -32.12 -0.91 42.08
C ASN F 535 -33.32 -1.83 41.95
N GLU F 536 -33.17 -3.02 41.38
CA GLU F 536 -34.31 -3.91 41.19
C GLU F 536 -34.32 -5.11 42.11
N ASP F 537 -33.21 -5.84 42.21
CA ASP F 537 -33.15 -7.08 42.98
C ASP F 537 -32.40 -6.94 44.29
N LEU F 538 -31.26 -6.26 44.29
CA LEU F 538 -30.34 -6.30 45.43
C LEU F 538 -30.88 -5.59 46.66
N HIS F 539 -31.97 -4.84 46.54
CA HIS F 539 -32.58 -4.17 47.69
C HIS F 539 -33.15 -5.22 48.63
N SER F 540 -32.46 -5.50 49.72
CA SER F 540 -32.90 -6.51 50.67
C SER F 540 -32.29 -6.19 52.03
N VAL F 541 -32.66 -6.95 53.05
CA VAL F 541 -32.16 -6.82 54.42
C VAL F 541 -30.65 -7.00 54.51
N PHE F 542 -30.00 -7.72 53.59
CA PHE F 542 -28.56 -7.91 53.71
C PHE F 542 -27.77 -6.73 53.17
N SER F 543 -28.41 -5.76 52.54
CA SER F 543 -27.70 -4.57 52.08
C SER F 543 -27.16 -3.79 53.26
N LEU F 544 -26.08 -3.08 53.03
CA LEU F 544 -25.47 -2.28 54.09
C LEU F 544 -26.42 -1.14 54.49
N PRO F 545 -26.60 -0.91 55.78
CA PRO F 545 -27.60 0.07 56.22
C PRO F 545 -27.23 1.48 55.82
N ASP F 546 -28.26 2.30 55.61
CA ASP F 546 -28.06 3.62 55.04
C ASP F 546 -27.25 4.52 55.98
N ASP F 547 -27.54 4.48 57.28
CA ASP F 547 -26.72 5.21 58.23
C ASP F 547 -25.28 4.73 58.21
N MET F 548 -25.09 3.42 58.10
CA MET F 548 -23.76 2.88 57.85
C MET F 548 -23.26 3.27 56.46
N PHE F 549 -24.16 3.28 55.46
CA PHE F 549 -23.77 3.56 54.09
C PHE F 549 -23.18 4.95 53.93
N ASN F 550 -23.62 5.89 54.77
CA ASN F 550 -23.07 7.24 54.72
C ASN F 550 -21.60 7.26 55.15
N ALA F 551 -21.17 6.29 55.94
CA ALA F 551 -19.92 6.38 56.67
C ALA F 551 -18.70 5.90 55.90
N LEU F 552 -18.87 5.42 54.67
CA LEU F 552 -17.76 4.76 53.98
C LEU F 552 -16.68 5.75 53.57
N LEU F 553 -17.06 6.91 53.06
CA LEU F 553 -16.06 7.88 52.63
C LEU F 553 -15.19 8.39 53.79
N PRO F 554 -15.74 8.81 54.95
CA PRO F 554 -14.85 9.12 56.08
C PRO F 554 -14.04 7.93 56.53
N ASP F 555 -14.60 6.72 56.43
CA ASP F 555 -13.87 5.52 56.78
C ASP F 555 -12.64 5.34 55.89
N LEU F 556 -12.80 5.55 54.59
CA LEU F 556 -11.66 5.35 53.69
C LEU F 556 -10.65 6.48 53.82
N ILE F 557 -11.10 7.72 53.92
CA ILE F 557 -10.13 8.81 53.87
C ILE F 557 -9.47 9.05 55.23
N ALA F 558 -10.12 8.66 56.34
CA ALA F 558 -9.56 8.94 57.65
C ALA F 558 -8.35 8.06 57.93
N GLY F 559 -8.46 6.77 57.66
CA GLY F 559 -7.40 5.83 57.94
C GLY F 559 -7.59 4.96 59.17
N ALA F 560 -8.81 4.91 59.72
CA ALA F 560 -9.11 4.05 60.85
C ALA F 560 -10.11 2.97 60.42
N HIS F 561 -10.39 2.05 61.33
CA HIS F 561 -11.25 0.90 61.02
C HIS F 561 -12.21 0.62 62.17
N GLN F 562 -12.85 1.66 62.71
CA GLN F 562 -13.88 1.44 63.71
C GLN F 562 -15.06 0.67 63.15
N ASN F 563 -15.46 0.99 61.93
CA ASN F 563 -16.45 0.19 61.22
C ASN F 563 -15.74 -0.96 60.51
N ALA F 564 -16.54 -1.86 59.94
CA ALA F 564 -15.99 -2.99 59.21
C ALA F 564 -15.18 -2.51 58.00
N ASP F 565 -13.98 -3.05 57.87
CA ASP F 565 -13.14 -2.75 56.73
C ASP F 565 -13.72 -3.41 55.49
N PRO F 566 -14.05 -2.66 54.44
CA PRO F 566 -14.55 -3.28 53.21
C PRO F 566 -13.49 -4.20 52.61
N VAL F 567 -13.96 -5.29 51.99
CA VAL F 567 -13.06 -6.23 51.35
C VAL F 567 -12.43 -5.57 50.12
N VAL F 568 -11.27 -6.07 49.73
CA VAL F 568 -10.48 -5.49 48.65
C VAL F 568 -10.29 -6.54 47.56
N LEU F 569 -10.23 -6.08 46.31
CA LEU F 569 -10.13 -6.95 45.15
C LEU F 569 -9.09 -6.40 44.20
N ASP F 570 -8.45 -7.30 43.45
CA ASP F 570 -7.33 -6.93 42.59
C ASP F 570 -7.40 -7.63 41.23
N VAL F 571 -7.16 -6.87 40.16
CA VAL F 571 -7.16 -7.38 38.80
C VAL F 571 -5.98 -6.84 38.03
N SER F 572 -5.91 -7.14 36.73
CA SER F 572 -4.83 -6.71 35.85
C SER F 572 -5.20 -5.44 35.09
N TRP F 573 -4.19 -4.84 34.44
CA TRP F 573 -4.38 -3.59 33.74
C TRP F 573 -5.22 -3.77 32.49
N ILE F 574 -4.88 -4.74 31.65
CA ILE F 574 -5.62 -4.97 30.41
C ILE F 574 -7.03 -5.48 30.66
N SER F 575 -7.32 -5.87 31.90
CA SER F 575 -8.63 -6.41 32.25
C SER F 575 -9.73 -5.38 32.01
N LEU F 576 -9.46 -4.11 32.30
CA LEU F 576 -10.48 -3.09 32.14
C LEU F 576 -10.85 -2.91 30.67
N TRP F 577 -9.88 -3.09 29.76
CA TRP F 577 -10.18 -2.98 28.34
C TRP F 577 -11.21 -4.01 27.91
N PHE F 578 -11.04 -5.26 28.34
CA PHE F 578 -12.01 -6.29 28.02
C PHE F 578 -13.30 -6.11 28.80
N ALA F 579 -13.22 -5.46 29.98
CA ALA F 579 -14.43 -5.14 30.72
C ALA F 579 -15.29 -4.15 29.95
N PHE F 580 -14.67 -3.16 29.31
CA PHE F 580 -15.42 -2.14 28.60
C PHE F 580 -16.11 -2.68 27.36
N ASN F 581 -15.44 -3.56 26.61
CA ASN F 581 -15.95 -3.98 25.31
C ASN F 581 -16.95 -5.13 25.40
N ARG F 582 -17.22 -5.63 26.59
CA ARG F 582 -18.23 -6.66 26.78
C ARG F 582 -19.32 -6.13 27.71
N SER F 583 -20.57 -6.38 27.34
CA SER F 583 -21.70 -5.89 28.12
C SER F 583 -22.47 -7.06 28.70
N PHE F 584 -22.98 -6.88 29.91
CA PHE F 584 -23.58 -7.93 30.72
C PHE F 584 -25.10 -7.87 30.55
N GLU F 585 -25.72 -9.03 30.36
CA GLU F 585 -27.16 -9.15 30.28
C GLU F 585 -27.66 -10.13 31.34
N PRO F 586 -28.60 -9.73 32.20
CA PRO F 586 -29.20 -10.64 33.20
C PRO F 586 -30.34 -11.46 32.61
N THR F 587 -29.98 -12.43 31.77
CA THR F 587 -30.98 -13.24 31.07
C THR F 587 -31.49 -14.40 31.90
N HIS F 588 -30.86 -14.74 33.02
CA HIS F 588 -31.34 -15.80 33.89
C HIS F 588 -31.10 -15.38 35.34
N ARG F 589 -32.14 -14.88 35.99
CA ARG F 589 -32.03 -14.41 37.37
C ARG F 589 -31.97 -15.58 38.35
N ASN F 590 -31.54 -15.28 39.56
CA ASN F 590 -31.37 -16.31 40.57
C ASN F 590 -32.72 -16.89 40.99
N GLU F 591 -32.71 -18.17 41.34
CA GLU F 591 -33.93 -18.92 41.60
C GLU F 591 -34.37 -18.87 43.06
N MET F 592 -33.56 -18.30 43.94
CA MET F 592 -33.87 -18.29 45.37
C MET F 592 -34.41 -16.96 45.84
N LEU F 593 -34.96 -16.15 44.93
CA LEU F 593 -35.48 -14.84 45.33
C LEU F 593 -36.81 -14.96 46.05
N GLU F 594 -37.68 -15.86 45.58
CA GLU F 594 -39.03 -15.96 46.13
C GLU F 594 -39.05 -16.50 47.56
N VAL F 595 -37.93 -17.00 48.06
CA VAL F 595 -37.88 -17.55 49.40
C VAL F 595 -37.11 -16.68 50.38
N ALA F 596 -36.60 -15.53 49.94
CA ALA F 596 -35.78 -14.70 50.81
C ALA F 596 -36.49 -14.14 52.04
N PRO F 597 -37.75 -13.66 51.94
CA PRO F 597 -38.43 -13.09 53.10
C PRO F 597 -38.65 -14.15 54.19
N LEU F 598 -39.02 -15.36 53.78
CA LEU F 598 -39.14 -16.51 54.67
C LEU F 598 -37.79 -16.84 55.32
N ILE F 599 -36.70 -16.84 54.55
CA ILE F 599 -35.36 -17.10 55.06
C ILE F 599 -35.03 -16.12 56.17
N GLU F 600 -35.23 -14.83 55.91
CA GLU F 600 -34.90 -13.81 56.88
C GLU F 600 -35.77 -13.93 58.13
N SER F 601 -37.06 -14.21 57.98
CA SER F 601 -37.97 -14.32 59.12
C SER F 601 -37.57 -15.47 60.06
N VAL F 602 -37.25 -16.65 59.51
CA VAL F 602 -36.78 -17.75 60.36
C VAL F 602 -35.43 -17.47 60.94
N TYR F 603 -34.53 -16.87 60.18
CA TYR F 603 -33.21 -16.47 60.68
C TYR F 603 -33.36 -15.56 61.90
N ALA F 604 -34.14 -14.49 61.75
CA ALA F 604 -34.41 -13.52 62.78
C ALA F 604 -34.99 -14.18 64.03
N SER F 605 -35.90 -15.13 63.82
CA SER F 605 -36.48 -15.88 64.90
C SER F 605 -35.39 -16.61 65.68
N GLU F 606 -34.57 -17.43 65.03
CA GLU F 606 -33.56 -18.19 65.76
C GLU F 606 -32.57 -17.29 66.48
N LEU F 607 -32.17 -16.19 65.84
CA LEU F 607 -31.34 -15.20 66.53
C LEU F 607 -32.00 -14.71 67.80
N SER F 608 -33.29 -14.35 67.73
CA SER F 608 -33.97 -13.87 68.93
C SER F 608 -34.07 -14.97 69.99
N VAL F 609 -34.21 -16.23 69.56
CA VAL F 609 -34.22 -17.34 70.50
C VAL F 609 -32.93 -17.37 71.31
N MET F 610 -31.78 -17.33 70.62
CA MET F 610 -30.56 -17.43 71.40
C MET F 610 -30.25 -16.14 72.16
N LYS F 611 -30.72 -15.00 71.66
CA LYS F 611 -30.57 -13.76 72.42
C LYS F 611 -31.34 -13.81 73.74
N VAL F 612 -32.59 -14.25 73.72
CA VAL F 612 -33.33 -14.31 74.98
C VAL F 612 -32.73 -15.38 75.89
N ASP F 613 -32.23 -16.48 75.32
CA ASP F 613 -31.56 -17.50 76.12
C ASP F 613 -30.38 -16.89 76.87
N MET F 614 -29.58 -16.07 76.21
CA MET F 614 -28.54 -15.32 76.93
C MET F 614 -29.13 -14.36 77.95
N ARG F 615 -30.23 -13.69 77.57
CA ARG F 615 -30.82 -12.64 78.40
C ARG F 615 -31.20 -13.18 79.78
N HIS F 616 -31.56 -14.45 79.86
CA HIS F 616 -31.82 -15.01 81.18
C HIS F 616 -30.77 -15.99 81.70
N LEU F 617 -29.93 -16.59 80.85
CA LEU F 617 -28.81 -17.38 81.40
C LEU F 617 -27.73 -16.53 82.01
N SER F 618 -27.71 -15.22 81.74
CA SER F 618 -26.73 -14.35 82.38
C SER F 618 -26.86 -14.36 83.89
N LEU F 619 -28.07 -14.55 84.42
CA LEU F 619 -28.35 -14.36 85.84
C LEU F 619 -28.35 -15.66 86.64
N MET F 620 -27.80 -16.74 86.09
CA MET F 620 -27.78 -18.00 86.81
C MET F 620 -26.94 -17.94 88.08
N GLN F 621 -25.73 -17.38 88.00
CA GLN F 621 -24.81 -17.47 89.12
C GLN F 621 -25.26 -16.62 90.30
N ARG F 622 -25.90 -15.48 90.03
CA ARG F 622 -26.29 -14.59 91.11
C ARG F 622 -27.35 -15.23 92.01
N ARG F 623 -28.30 -15.94 91.42
CA ARG F 623 -29.34 -16.57 92.21
C ARG F 623 -28.81 -17.72 93.05
N PHE F 624 -27.79 -18.41 92.57
CA PHE F 624 -27.22 -19.56 93.27
C PHE F 624 -25.70 -19.47 93.21
N PRO F 625 -25.07 -18.97 94.28
CA PRO F 625 -23.61 -18.91 94.29
C PRO F 625 -22.95 -20.24 94.60
N ASP F 626 -23.52 -21.04 95.48
CA ASP F 626 -22.84 -22.22 96.01
C ASP F 626 -22.79 -23.39 95.05
N VAL F 627 -23.58 -23.37 93.99
CA VAL F 627 -23.58 -24.46 93.01
C VAL F 627 -22.92 -24.06 91.70
N LEU F 628 -22.63 -22.78 91.49
CA LEU F 628 -21.94 -22.34 90.29
C LEU F 628 -20.68 -21.58 90.67
N ILE F 629 -19.91 -22.16 91.59
CA ILE F 629 -18.71 -21.50 92.10
C ILE F 629 -17.69 -21.33 91.00
N GLN F 630 -17.48 -22.39 90.20
CA GLN F 630 -16.47 -22.40 89.15
C GLN F 630 -17.02 -21.93 87.80
N ALA F 631 -18.10 -21.15 87.81
CA ALA F 631 -18.83 -20.86 86.59
C ALA F 631 -18.11 -19.83 85.73
N ARG F 632 -18.64 -19.64 84.53
CA ARG F 632 -18.14 -18.70 83.53
C ARG F 632 -19.20 -18.56 82.45
N PRO F 633 -19.33 -17.38 81.83
CA PRO F 633 -20.29 -17.25 80.72
C PRO F 633 -20.01 -18.20 79.56
N SER F 634 -18.75 -18.61 79.38
CA SER F 634 -18.42 -19.59 78.35
C SER F 634 -19.16 -20.89 78.56
N HIS F 635 -19.49 -21.22 79.81
CA HIS F 635 -20.19 -22.48 80.09
C HIS F 635 -21.56 -22.51 79.43
N PHE F 636 -22.39 -21.50 79.68
CA PHE F 636 -23.70 -21.52 79.02
C PHE F 636 -23.61 -21.12 77.56
N TRP F 637 -22.55 -20.41 77.16
CA TRP F 637 -22.28 -20.20 75.74
C TRP F 637 -22.18 -21.53 75.00
N LYS F 638 -21.33 -22.42 75.50
CA LYS F 638 -21.21 -23.73 74.85
C LYS F 638 -22.45 -24.59 75.10
N ALA F 639 -23.13 -24.38 76.21
CA ALA F 639 -24.35 -25.13 76.50
C ALA F 639 -25.42 -24.84 75.45
N VAL F 640 -25.66 -23.57 75.16
CA VAL F 640 -26.64 -23.24 74.14
C VAL F 640 -26.12 -23.53 72.73
N LEU F 641 -24.80 -23.56 72.54
CA LEU F 641 -24.27 -24.05 71.28
C LEU F 641 -24.58 -25.53 71.10
N ASN F 642 -24.68 -26.28 72.20
CA ASN F 642 -25.04 -27.69 72.11
C ASN F 642 -26.53 -27.87 71.80
N ASP F 643 -27.36 -26.89 72.14
CA ASP F 643 -28.81 -27.02 72.02
C ASP F 643 -29.41 -26.05 71.01
N SER F 644 -28.75 -25.90 69.86
CA SER F 644 -29.29 -25.14 68.75
C SER F 644 -28.97 -25.84 67.44
N PRO F 645 -29.81 -25.67 66.42
CA PRO F 645 -29.50 -26.27 65.12
C PRO F 645 -28.26 -25.67 64.49
N GLU F 646 -27.69 -26.41 63.55
CA GLU F 646 -26.38 -26.08 62.99
C GLU F 646 -26.42 -24.91 62.02
N ALA F 647 -27.62 -24.50 61.58
CA ALA F 647 -27.72 -23.49 60.52
C ALA F 647 -27.20 -22.14 60.98
N VAL F 648 -27.67 -21.65 62.12
CA VAL F 648 -27.20 -20.38 62.64
C VAL F 648 -25.71 -20.46 62.99
N LYS F 649 -25.27 -21.64 63.43
CA LYS F 649 -23.85 -21.82 63.74
C LYS F 649 -22.99 -21.66 62.50
N ALA F 650 -23.40 -22.26 61.38
CA ALA F 650 -22.66 -22.08 60.13
C ALA F 650 -22.71 -20.64 59.65
N VAL F 651 -23.89 -20.00 59.75
CA VAL F 651 -24.04 -18.63 59.27
C VAL F 651 -23.10 -17.69 60.03
N MET F 652 -23.03 -17.83 61.36
CA MET F 652 -22.10 -17.02 62.12
C MET F 652 -20.67 -17.53 62.00
N ASN F 653 -20.47 -18.76 61.54
CA ASN F 653 -19.12 -19.26 61.28
C ASN F 653 -18.52 -18.53 60.09
N LEU F 654 -19.33 -18.25 59.06
CA LEU F 654 -18.83 -17.48 57.91
C LEU F 654 -18.28 -16.11 58.31
N SER F 655 -18.73 -15.55 59.43
CA SER F 655 -18.22 -14.27 59.90
C SER F 655 -17.16 -14.40 60.98
N HIS F 656 -17.48 -15.04 62.10
CA HIS F 656 -16.62 -15.07 63.27
C HIS F 656 -15.29 -15.78 63.01
N SER F 657 -15.20 -16.56 61.94
CA SER F 657 -13.93 -17.17 61.58
C SER F 657 -12.89 -16.11 61.23
N HIS F 658 -13.29 -15.07 60.50
CA HIS F 658 -12.35 -14.03 60.11
C HIS F 658 -11.97 -13.15 61.28
N ASN F 659 -12.93 -12.81 62.14
CA ASN F 659 -12.69 -11.82 63.19
C ASN F 659 -13.09 -12.37 64.55
N PHE F 660 -12.25 -12.13 65.53
CA PHE F 660 -12.42 -12.66 66.88
C PHE F 660 -13.50 -11.89 67.64
N ILE F 661 -14.21 -12.60 68.51
CA ILE F 661 -15.20 -12.02 69.40
C ILE F 661 -15.01 -12.60 70.79
N ASN F 662 -15.54 -11.90 71.79
CA ASN F 662 -15.41 -12.34 73.17
C ASN F 662 -16.74 -12.30 73.91
N ILE F 663 -16.70 -12.54 75.22
CA ILE F 663 -17.94 -12.64 76.01
C ILE F 663 -18.65 -11.29 76.09
N ARG F 664 -17.91 -10.21 76.38
CA ARG F 664 -18.56 -8.91 76.52
C ARG F 664 -19.13 -8.41 75.21
N ASP F 665 -18.59 -8.86 74.08
CA ASP F 665 -19.24 -8.59 72.80
C ASP F 665 -20.65 -9.18 72.79
N MET F 666 -20.77 -10.44 73.22
CA MET F 666 -22.07 -11.06 73.31
C MET F 666 -22.95 -10.38 74.36
N MET F 667 -22.35 -9.91 75.46
CA MET F 667 -23.12 -9.25 76.49
C MET F 667 -23.70 -7.93 76.00
N ARG F 668 -22.89 -7.14 75.29
CA ARG F 668 -23.40 -5.92 74.69
C ARG F 668 -24.45 -6.23 73.64
N TRP F 669 -24.31 -7.38 72.97
CA TRP F 669 -25.35 -7.85 72.07
C TRP F 669 -26.64 -8.15 72.85
N VAL F 670 -26.51 -8.68 74.06
CA VAL F 670 -27.67 -9.03 74.88
C VAL F 670 -28.49 -7.79 75.22
N MET F 671 -27.81 -6.72 75.62
CA MET F 671 -28.52 -5.50 76.04
C MET F 671 -29.22 -4.81 74.88
N LEU F 672 -28.93 -5.19 73.65
CA LEU F 672 -29.65 -4.64 72.50
C LEU F 672 -31.08 -5.17 72.51
N PRO F 673 -32.09 -4.30 72.51
CA PRO F 673 -33.48 -4.76 72.68
C PRO F 673 -34.13 -5.27 71.41
N SER F 674 -33.38 -5.54 70.34
CA SER F 674 -33.94 -6.00 69.06
C SER F 674 -34.40 -7.45 69.14
N LEU F 675 -35.71 -7.70 69.09
CA LEU F 675 -36.33 -9.02 69.10
C LEU F 675 -37.48 -9.12 68.09
N GLN F 676 -37.63 -10.25 67.38
CA GLN F 676 -38.53 -10.38 66.22
C GLN F 676 -39.89 -11.04 66.58
N PRO F 677 -41.04 -10.38 66.42
CA PRO F 677 -42.35 -10.94 66.78
C PRO F 677 -42.64 -12.26 66.06
N SER F 678 -42.81 -13.33 66.81
CA SER F 678 -42.87 -14.69 66.27
C SER F 678 -43.43 -15.70 67.27
N LEU F 679 -43.90 -16.83 66.76
CA LEU F 679 -44.56 -17.89 67.52
C LEU F 679 -43.67 -18.44 68.64
N LYS F 680 -42.49 -18.96 68.28
CA LYS F 680 -41.59 -19.60 69.24
C LYS F 680 -41.11 -18.61 70.29
N LEU F 681 -40.89 -17.34 69.89
CA LEU F 681 -40.45 -16.34 70.86
C LEU F 681 -41.50 -16.12 71.93
N ALA F 682 -42.77 -15.99 71.54
CA ALA F 682 -43.84 -15.83 72.53
C ALA F 682 -43.89 -17.03 73.46
N LEU F 683 -43.84 -18.23 72.88
CA LEU F 683 -43.89 -19.45 73.68
C LEU F 683 -42.74 -19.48 74.68
N GLU F 684 -41.51 -19.22 74.21
CA GLU F 684 -40.35 -19.38 75.07
C GLU F 684 -40.28 -18.28 76.12
N GLU F 685 -40.68 -17.06 75.76
CA GLU F 685 -40.67 -15.98 76.73
C GLU F 685 -41.63 -16.28 77.87
N GLU F 686 -42.85 -16.70 77.55
CA GLU F 686 -43.77 -17.02 78.64
C GLU F 686 -43.39 -18.32 79.33
N ALA F 687 -42.63 -19.18 78.67
CA ALA F 687 -42.15 -20.40 79.32
C ALA F 687 -41.10 -20.09 80.38
N TRP F 688 -40.11 -19.28 80.02
CA TRP F 688 -39.10 -18.87 80.99
C TRP F 688 -39.71 -17.98 82.07
N ALA F 689 -40.77 -17.23 81.73
CA ALA F 689 -41.52 -16.54 82.77
C ALA F 689 -42.21 -17.52 83.69
N ALA F 690 -42.66 -18.66 83.16
CA ALA F 690 -43.26 -19.69 83.98
C ALA F 690 -42.22 -20.48 84.77
N ALA F 691 -41.00 -20.61 84.24
CA ALA F 691 -39.97 -21.42 84.87
C ALA F 691 -39.07 -20.63 85.80
N ASN F 692 -39.56 -19.51 86.36
CA ASN F 692 -38.71 -18.69 87.22
C ASN F 692 -38.49 -19.33 88.57
N ASP F 693 -39.54 -19.90 89.17
CA ASP F 693 -39.43 -20.54 90.47
C ASP F 693 -38.66 -21.84 90.34
N PHE F 694 -37.60 -21.98 91.13
CA PHE F 694 -36.80 -23.19 91.08
C PHE F 694 -37.38 -24.31 91.93
N GLU F 695 -38.49 -24.07 92.62
CA GLU F 695 -39.23 -25.18 93.19
C GLU F 695 -39.72 -26.12 92.11
N ASP F 696 -40.18 -25.57 90.99
CA ASP F 696 -40.45 -26.38 89.81
C ASP F 696 -39.18 -26.85 89.10
N LEU F 697 -38.00 -26.36 89.50
CA LEU F 697 -36.77 -26.86 88.91
C LEU F 697 -36.23 -28.10 89.61
N MET F 698 -37.04 -28.76 90.45
CA MET F 698 -36.90 -30.18 90.75
C MET F 698 -35.67 -30.45 91.65
N LEU F 699 -34.99 -29.39 92.05
CA LEU F 699 -33.86 -29.47 92.97
C LEU F 699 -34.16 -28.62 94.19
N THR F 700 -33.90 -29.17 95.38
CA THR F 700 -34.16 -28.44 96.62
C THR F 700 -33.00 -28.62 97.59
N ASP F 701 -33.04 -27.81 98.63
CA ASP F 701 -32.08 -27.86 99.73
C ASP F 701 -32.74 -28.12 101.07
N GLN F 702 -34.07 -28.28 101.11
CA GLN F 702 -34.80 -28.42 102.36
C GLN F 702 -34.85 -29.88 102.80
N VAL F 703 -33.67 -30.49 102.87
CA VAL F 703 -33.51 -31.89 103.25
C VAL F 703 -33.06 -31.95 104.70
N TYR F 704 -33.49 -33.01 105.40
CA TYR F 704 -33.18 -33.18 106.80
C TYR F 704 -33.05 -34.66 107.12
N MET F 705 -31.93 -35.01 107.75
CA MET F 705 -31.72 -36.34 108.30
C MET F 705 -32.17 -36.26 109.75
N HIS F 706 -33.41 -36.65 109.99
CA HIS F 706 -33.96 -36.61 111.34
C HIS F 706 -34.75 -37.87 111.63
N ARG F 707 -34.44 -38.51 112.75
CA ARG F 707 -35.10 -39.74 113.16
C ARG F 707 -36.55 -39.46 113.52
N ASP F 708 -37.45 -40.24 112.94
CA ASP F 708 -38.87 -40.17 113.25
C ASP F 708 -39.45 -41.58 113.18
N MET F 709 -40.58 -41.77 113.85
CA MET F 709 -41.17 -43.09 113.98
C MET F 709 -42.39 -43.21 113.07
N LEU F 710 -42.45 -44.29 112.31
CA LEU F 710 -43.65 -44.59 111.55
C LEU F 710 -44.78 -44.96 112.49
N PRO F 711 -45.94 -44.33 112.39
CA PRO F 711 -47.09 -44.75 113.20
C PRO F 711 -47.55 -46.14 112.79
N GLU F 712 -47.94 -46.92 113.79
CA GLU F 712 -48.50 -48.26 113.59
C GLU F 712 -49.80 -48.32 114.39
N PRO F 713 -50.88 -47.78 113.84
CA PRO F 713 -52.07 -47.50 114.66
C PRO F 713 -52.77 -48.77 115.14
N ARG F 714 -53.70 -48.56 116.06
CA ARG F 714 -54.49 -49.64 116.62
C ARG F 714 -55.77 -49.81 115.80
N LEU F 715 -56.05 -51.04 115.37
CA LEU F 715 -57.25 -51.32 114.58
C LEU F 715 -58.41 -51.69 115.49
N ASP F 716 -58.74 -50.77 116.40
CA ASP F 716 -59.82 -50.99 117.35
C ASP F 716 -61.18 -51.00 116.67
N ASP F 717 -61.29 -50.45 115.47
CA ASP F 717 -62.47 -50.62 114.63
C ASP F 717 -62.00 -50.64 113.18
N ILE F 718 -62.23 -51.78 112.52
CA ILE F 718 -61.74 -51.95 111.15
C ILE F 718 -62.54 -51.07 110.19
N GLU F 719 -63.85 -50.99 110.38
CA GLU F 719 -64.71 -50.30 109.41
C GLU F 719 -64.45 -48.79 109.41
N ARG F 720 -64.43 -48.17 110.59
CA ARG F 720 -64.19 -46.73 110.67
C ARG F 720 -62.79 -46.38 110.16
N PHE F 721 -61.81 -47.22 110.48
CA PHE F 721 -60.45 -46.99 110.00
C PHE F 721 -60.37 -47.14 108.48
N ARG F 722 -61.14 -48.09 107.91
CA ARG F 722 -61.12 -48.30 106.47
C ARG F 722 -61.84 -47.19 105.72
N GLN F 723 -62.88 -46.61 106.31
CA GLN F 723 -63.56 -45.51 105.64
C GLN F 723 -62.64 -44.31 105.48
N GLU F 724 -61.84 -44.01 106.49
CA GLU F 724 -60.88 -42.93 106.40
C GLU F 724 -59.64 -43.41 105.64
N GLY F 725 -59.00 -42.47 104.95
CA GLY F 725 -57.79 -42.78 104.23
C GLY F 725 -56.55 -42.31 104.97
N PHE F 726 -55.79 -43.25 105.54
CA PHE F 726 -54.60 -42.92 106.30
C PHE F 726 -53.36 -43.37 105.53
N TYR F 727 -52.37 -42.47 105.43
CA TYR F 727 -51.15 -42.73 104.69
C TYR F 727 -49.98 -42.15 105.46
N TYR F 728 -48.77 -42.45 104.98
CA TYR F 728 -47.55 -41.86 105.52
C TYR F 728 -46.73 -41.27 104.39
N THR F 729 -46.03 -40.17 104.70
CA THR F 729 -45.11 -39.55 103.77
C THR F 729 -44.05 -38.81 104.58
N ASN F 730 -42.82 -38.83 104.07
CA ASN F 730 -41.72 -38.07 104.65
C ASN F 730 -41.82 -36.57 104.38
N MET F 731 -42.93 -36.11 103.80
CA MET F 731 -43.08 -34.71 103.46
C MET F 731 -43.18 -33.84 104.71
N LEU F 732 -42.59 -32.66 104.65
CA LEU F 732 -42.65 -31.68 105.72
C LEU F 732 -43.56 -30.53 105.28
N GLU F 733 -44.53 -30.18 106.13
CA GLU F 733 -45.41 -29.07 105.81
C GLU F 733 -44.68 -27.75 105.86
N ALA F 734 -43.73 -27.60 106.78
CA ALA F 734 -43.01 -26.34 106.93
C ALA F 734 -41.62 -26.64 107.46
N PRO F 735 -40.63 -25.81 107.15
CA PRO F 735 -39.30 -25.99 107.71
C PRO F 735 -39.30 -25.76 109.21
N PRO F 736 -38.43 -26.42 109.95
CA PRO F 736 -38.44 -26.26 111.41
C PRO F 736 -37.79 -24.97 111.87
N GLU F 737 -37.72 -24.77 113.17
CA GLU F 737 -37.02 -23.63 113.73
C GLU F 737 -35.52 -23.76 113.51
N ILE F 738 -34.83 -22.62 113.41
CA ILE F 738 -33.40 -22.64 113.15
C ILE F 738 -32.64 -23.19 114.36
N ASP F 739 -33.24 -23.15 115.55
CA ASP F 739 -32.56 -23.63 116.74
C ASP F 739 -32.47 -25.16 116.83
N ARG F 740 -33.23 -25.89 116.02
CA ARG F 740 -33.05 -27.33 115.90
C ARG F 740 -32.21 -27.73 114.70
N VAL F 741 -31.68 -26.77 113.95
CA VAL F 741 -30.95 -27.02 112.71
C VAL F 741 -29.54 -26.47 112.86
N VAL F 742 -28.55 -27.29 112.55
CA VAL F 742 -27.15 -26.85 112.45
C VAL F 742 -26.71 -27.05 111.01
N GLN F 743 -26.08 -26.03 110.44
CA GLN F 743 -25.65 -26.11 109.06
C GLN F 743 -24.27 -26.77 108.97
N TYR F 744 -24.16 -27.77 108.11
CA TYR F 744 -22.91 -28.50 107.93
C TYR F 744 -22.43 -28.37 106.50
N THR F 745 -21.12 -28.22 106.35
CA THR F 745 -20.44 -28.08 105.08
C THR F 745 -19.35 -29.12 104.97
N TYR F 746 -18.52 -28.97 103.94
CA TYR F 746 -17.35 -29.84 103.79
C TYR F 746 -16.39 -29.68 104.95
N GLU F 747 -16.15 -28.44 105.39
CA GLU F 747 -15.03 -28.16 106.28
C GLU F 747 -15.28 -28.65 107.71
N ILE F 748 -16.50 -28.41 108.22
CA ILE F 748 -16.82 -28.88 109.57
C ILE F 748 -16.81 -30.40 109.63
N ALA F 749 -17.34 -31.06 108.59
CA ALA F 749 -17.29 -32.52 108.54
C ALA F 749 -15.85 -33.02 108.43
N ARG F 750 -15.02 -32.30 107.67
CA ARG F 750 -13.63 -32.70 107.53
C ARG F 750 -12.90 -32.63 108.86
N LEU F 751 -13.09 -31.54 109.62
CA LEU F 751 -12.43 -31.46 110.91
C LEU F 751 -13.03 -32.47 111.90
N GLN F 752 -14.34 -32.71 111.81
CA GLN F 752 -14.99 -33.71 112.66
C GLN F 752 -14.38 -35.09 112.45
N ALA F 753 -14.13 -35.44 111.18
CA ALA F 753 -13.40 -36.67 110.93
C ALA F 753 -11.94 -36.55 111.37
N ASN F 754 -11.40 -35.32 111.33
CA ASN F 754 -9.97 -35.14 111.58
C ASN F 754 -9.59 -35.48 113.01
N MET F 755 -10.30 -34.91 113.99
CA MET F 755 -9.80 -35.13 115.36
C MET F 755 -10.11 -36.54 115.83
N GLY F 756 -11.06 -37.22 115.19
CA GLY F 756 -11.46 -38.55 115.60
C GLY F 756 -12.71 -38.61 116.44
N GLN F 757 -13.63 -37.66 116.29
CA GLN F 757 -14.89 -37.64 117.03
C GLN F 757 -16.04 -37.30 116.09
N PHE F 758 -16.02 -37.85 114.88
CA PHE F 758 -17.03 -37.52 113.89
C PHE F 758 -18.35 -38.20 114.18
N ARG F 759 -18.36 -39.53 114.15
CA ARG F 759 -19.61 -40.28 114.29
C ARG F 759 -20.24 -40.06 115.66
N ALA F 760 -19.42 -39.96 116.70
CA ALA F 760 -19.94 -39.80 118.05
C ALA F 760 -20.73 -38.51 118.19
N ALA F 761 -20.25 -37.42 117.57
CA ALA F 761 -20.99 -36.17 117.60
C ALA F 761 -22.33 -36.30 116.91
N LEU F 762 -22.37 -37.03 115.79
CA LEU F 762 -23.64 -37.23 115.10
C LEU F 762 -24.61 -38.06 115.92
N ARG F 763 -24.11 -39.11 116.59
CA ARG F 763 -24.97 -39.91 117.45
C ARG F 763 -25.49 -39.08 118.62
N ARG F 764 -24.63 -38.21 119.17
CA ARG F 764 -25.05 -37.33 120.26
C ARG F 764 -26.14 -36.36 119.80
N ILE F 765 -25.95 -35.76 118.64
CA ILE F 765 -26.93 -34.80 118.12
C ILE F 765 -28.24 -35.52 117.79
N MET F 766 -28.15 -36.76 117.31
CA MET F 766 -29.38 -37.48 117.01
C MET F 766 -30.08 -37.93 118.28
N ASP F 767 -29.32 -38.18 119.35
CA ASP F 767 -29.94 -38.35 120.65
C ASP F 767 -30.60 -37.06 121.11
N ASP F 768 -30.03 -35.92 120.75
CA ASP F 768 -30.62 -34.61 121.04
C ASP F 768 -31.89 -34.36 120.24
N ASP F 769 -32.18 -35.20 119.24
CA ASP F 769 -33.37 -35.10 118.40
C ASP F 769 -33.42 -33.77 117.66
N ASP F 770 -32.39 -33.55 116.84
CA ASP F 770 -32.21 -32.31 116.10
C ASP F 770 -32.42 -32.56 114.61
N TRP F 771 -32.21 -31.51 113.83
CA TRP F 771 -32.33 -31.55 112.38
C TRP F 771 -31.00 -31.12 111.77
N VAL F 772 -30.61 -31.75 110.67
CA VAL F 772 -29.33 -31.51 110.03
C VAL F 772 -29.56 -31.19 108.57
N ARG F 773 -29.02 -30.05 108.11
CA ARG F 773 -29.08 -29.64 106.72
C ARG F 773 -27.71 -29.93 106.11
N PHE F 774 -27.52 -31.17 105.66
CA PHE F 774 -26.23 -31.61 105.13
C PHE F 774 -25.95 -30.88 103.83
N GLY F 775 -25.06 -29.89 103.89
CA GLY F 775 -24.62 -29.20 102.70
C GLY F 775 -25.66 -28.23 102.17
N GLY F 776 -25.21 -27.35 101.29
CA GLY F 776 -26.08 -26.39 100.65
C GLY F 776 -26.25 -26.70 99.18
N VAL F 777 -25.54 -27.72 98.72
CA VAL F 777 -25.62 -28.14 97.33
C VAL F 777 -26.99 -28.75 97.07
N LEU F 778 -27.63 -28.32 95.99
CA LEU F 778 -28.94 -28.82 95.64
C LEU F 778 -28.89 -30.30 95.30
N ARG F 779 -30.00 -30.99 95.53
CA ARG F 779 -30.09 -32.43 95.30
C ARG F 779 -31.28 -32.72 94.40
N THR F 780 -31.18 -33.81 93.66
CA THR F 780 -32.31 -34.30 92.87
C THR F 780 -33.25 -35.12 93.75
N VAL F 781 -34.53 -34.83 93.62
CA VAL F 781 -35.57 -35.48 94.41
C VAL F 781 -36.29 -36.47 93.51
N ARG F 782 -37.01 -37.41 94.13
CA ARG F 782 -37.84 -38.37 93.42
C ARG F 782 -39.15 -38.55 94.17
N VAL F 783 -40.18 -38.98 93.43
CA VAL F 783 -41.49 -39.28 94.00
C VAL F 783 -41.74 -40.77 93.85
N LYS F 784 -42.37 -41.37 94.86
CA LYS F 784 -42.59 -42.80 94.89
C LYS F 784 -43.94 -43.11 95.54
N PHE F 785 -44.45 -44.30 95.22
CA PHE F 785 -45.66 -44.84 95.81
C PHE F 785 -45.51 -46.34 95.99
N TYR F 786 -45.95 -46.86 97.14
CA TYR F 786 -45.86 -48.28 97.44
C TYR F 786 -47.09 -48.70 98.22
N ASP F 787 -47.39 -50.01 98.17
CA ASP F 787 -48.44 -50.58 98.99
C ASP F 787 -47.91 -51.26 100.24
N ALA F 788 -46.62 -51.57 100.28
CA ALA F 788 -46.00 -52.25 101.41
C ALA F 788 -44.92 -51.36 102.01
N ARG F 789 -44.15 -51.93 102.93
CA ARG F 789 -43.03 -51.19 103.49
C ARG F 789 -41.96 -50.97 102.42
N PRO F 790 -41.25 -49.84 102.48
CA PRO F 790 -40.15 -49.62 101.56
C PRO F 790 -38.96 -50.48 101.93
N PRO F 791 -38.00 -50.67 101.03
CA PRO F 791 -36.78 -51.39 101.40
C PRO F 791 -35.95 -50.62 102.42
N ASP F 792 -35.10 -51.38 103.12
CA ASP F 792 -34.23 -50.79 104.14
C ASP F 792 -33.27 -49.76 103.55
N ASP F 793 -32.87 -49.95 102.28
CA ASP F 793 -31.87 -49.08 101.67
C ASP F 793 -32.38 -47.64 101.56
N VAL F 794 -33.65 -47.47 101.20
CA VAL F 794 -34.18 -46.12 101.05
C VAL F 794 -34.63 -45.56 102.39
N LEU F 795 -34.91 -46.42 103.36
CA LEU F 795 -35.46 -45.93 104.62
C LEU F 795 -34.36 -45.59 105.62
N GLN F 796 -33.52 -46.56 105.96
CA GLN F 796 -32.51 -46.39 106.99
C GLN F 796 -31.25 -45.71 106.48
N GLY F 797 -31.19 -45.37 105.19
CA GLY F 797 -29.94 -44.89 104.62
C GLY F 797 -29.58 -43.51 105.11
N LEU F 798 -28.28 -43.18 105.00
CA LEU F 798 -27.75 -41.88 105.41
C LEU F 798 -27.57 -40.98 104.19
N PRO F 799 -27.72 -39.68 104.34
CA PRO F 799 -27.53 -38.77 103.21
C PRO F 799 -26.07 -38.42 102.97
N PHE F 800 -25.17 -39.23 103.50
CA PHE F 800 -23.74 -38.98 103.40
C PHE F 800 -22.98 -40.29 103.40
N SER F 801 -21.71 -40.21 103.02
CA SER F 801 -20.81 -41.34 103.00
C SER F 801 -19.52 -40.96 103.73
N TYR F 802 -18.92 -41.95 104.40
CA TYR F 802 -17.73 -41.71 105.21
C TYR F 802 -16.87 -42.97 105.18
N ASP F 803 -15.68 -42.88 104.59
CA ASP F 803 -14.79 -44.03 104.56
C ASP F 803 -13.40 -43.60 105.02
N THR F 804 -12.66 -44.56 105.57
CA THR F 804 -11.33 -44.33 106.10
C THR F 804 -10.55 -45.63 106.05
N ASN F 805 -9.38 -45.58 105.43
CA ASN F 805 -8.49 -46.73 105.34
C ASN F 805 -7.07 -46.34 105.70
N GLU F 806 -6.15 -47.28 105.50
CA GLU F 806 -4.75 -47.09 105.81
C GLU F 806 -3.90 -47.44 104.59
N ARG F 807 -2.82 -46.69 104.40
CA ARG F 807 -1.85 -47.00 103.35
C ARG F 807 -0.48 -46.54 103.81
N GLY F 808 0.45 -47.49 103.90
CA GLY F 808 1.85 -47.17 104.16
C GLY F 808 2.10 -46.40 105.44
N GLY F 809 1.40 -46.74 106.51
CA GLY F 809 1.56 -46.02 107.75
C GLY F 809 0.82 -44.71 107.84
N LEU F 810 -0.01 -44.39 106.85
CA LEU F 810 -0.80 -43.17 106.88
C LEU F 810 -2.29 -43.52 106.88
N ALA F 811 -3.08 -42.62 107.47
CA ALA F 811 -4.52 -42.77 107.54
C ALA F 811 -5.15 -41.89 106.47
N TYR F 812 -6.02 -42.48 105.65
CA TYR F 812 -6.72 -41.76 104.60
C TYR F 812 -8.21 -41.75 104.91
N ALA F 813 -8.85 -40.61 104.72
CA ALA F 813 -10.28 -40.46 104.96
C ALA F 813 -10.92 -39.67 103.83
N THR F 814 -12.17 -40.01 103.52
CA THR F 814 -12.93 -39.30 102.51
C THR F 814 -14.40 -39.28 102.94
N ILE F 815 -15.04 -38.13 102.74
CA ILE F 815 -16.43 -37.92 103.13
C ILE F 815 -17.18 -37.33 101.95
N LYS F 816 -18.40 -37.82 101.73
CA LYS F 816 -19.24 -37.39 100.62
C LYS F 816 -20.64 -37.06 101.12
N TYR F 817 -21.35 -36.25 100.36
CA TYR F 817 -22.74 -35.91 100.62
C TYR F 817 -23.61 -36.47 99.52
N ALA F 818 -24.75 -37.04 99.89
CA ALA F 818 -25.64 -37.63 98.89
C ALA F 818 -26.20 -36.53 98.00
N THR F 819 -26.12 -36.76 96.69
CA THR F 819 -26.64 -35.81 95.72
C THR F 819 -28.03 -36.18 95.23
N GLU F 820 -28.51 -37.38 95.52
CA GLU F 820 -29.85 -37.80 95.17
C GLU F 820 -30.66 -38.09 96.43
N THR F 821 -31.89 -37.59 96.45
CA THR F 821 -32.85 -37.91 97.49
C THR F 821 -34.18 -38.24 96.84
N THR F 822 -35.13 -38.71 97.65
CA THR F 822 -36.43 -39.12 97.13
C THR F 822 -37.52 -38.84 98.16
N ILE F 823 -38.75 -38.84 97.67
CA ILE F 823 -39.94 -38.74 98.51
C ILE F 823 -40.79 -39.97 98.23
N PHE F 824 -41.27 -40.60 99.30
CA PHE F 824 -42.03 -41.83 99.20
C PHE F 824 -43.40 -41.66 99.86
N TYR F 825 -44.36 -42.43 99.39
CA TYR F 825 -45.72 -42.43 99.92
C TYR F 825 -46.11 -43.87 100.27
N LEU F 826 -46.63 -44.06 101.48
CA LEU F 826 -46.96 -45.38 101.99
C LEU F 826 -48.44 -45.46 102.30
N ILE F 827 -49.10 -46.49 101.76
CA ILE F 827 -50.53 -46.72 101.92
C ILE F 827 -50.71 -47.98 102.76
N TYR F 828 -51.68 -47.96 103.66
CA TYR F 828 -51.94 -49.08 104.57
C TYR F 828 -53.12 -49.89 104.05
N ASN F 829 -52.86 -51.12 103.66
CA ASN F 829 -53.88 -52.08 103.27
C ASN F 829 -54.12 -53.04 104.43
N VAL F 830 -55.34 -53.04 104.96
CA VAL F 830 -55.69 -53.86 106.11
C VAL F 830 -56.69 -54.92 105.71
N GLU F 831 -56.80 -55.95 106.54
CA GLU F 831 -57.71 -57.06 106.32
C GLU F 831 -58.75 -57.12 107.43
N PHE F 832 -59.93 -57.64 107.09
CA PHE F 832 -61.04 -57.66 108.03
C PHE F 832 -60.76 -58.56 109.22
N SER F 833 -60.16 -59.72 108.98
CA SER F 833 -59.87 -60.68 110.05
C SER F 833 -58.45 -60.48 110.59
N ASN F 834 -58.23 -59.27 111.12
CA ASN F 834 -56.95 -58.88 111.70
C ASN F 834 -57.16 -58.40 113.12
N THR F 835 -56.16 -58.64 113.96
CA THR F 835 -56.23 -58.17 115.34
C THR F 835 -56.04 -56.65 115.38
N PRO F 836 -56.63 -55.98 116.38
CA PRO F 836 -56.42 -54.53 116.51
C PRO F 836 -54.97 -54.14 116.73
N ASP F 837 -54.18 -54.99 117.40
CA ASP F 837 -52.77 -54.70 117.65
C ASP F 837 -51.86 -55.49 116.71
N SER F 838 -52.32 -55.76 115.49
CA SER F 838 -51.56 -56.55 114.54
C SER F 838 -50.25 -55.88 114.17
N LEU F 839 -50.28 -54.57 113.96
CA LEU F 839 -49.09 -53.82 113.57
C LEU F 839 -48.25 -53.39 114.76
N VAL F 840 -48.68 -53.71 115.98
CA VAL F 840 -47.98 -53.26 117.18
C VAL F 840 -46.70 -54.07 117.34
N LEU F 841 -45.58 -53.37 117.46
CA LEU F 841 -44.27 -53.98 117.63
C LEU F 841 -43.62 -53.47 118.92
N ILE F 842 -42.67 -54.25 119.43
CA ILE F 842 -41.97 -53.85 120.65
C ILE F 842 -41.08 -52.65 120.38
N ASN F 843 -40.60 -52.50 119.15
CA ASN F 843 -39.67 -51.43 118.79
C ASN F 843 -40.14 -50.80 117.49
N PRO F 844 -40.58 -49.54 117.52
CA PRO F 844 -40.98 -48.88 116.28
C PRO F 844 -39.79 -48.59 115.38
N THR F 845 -40.06 -48.50 114.09
CA THR F 845 -39.01 -48.27 113.11
C THR F 845 -38.59 -46.81 113.09
N TYR F 846 -37.35 -46.58 112.65
CA TYR F 846 -36.77 -45.25 112.60
C TYR F 846 -36.75 -44.76 111.15
N THR F 847 -37.23 -43.54 110.94
CA THR F 847 -37.23 -42.91 109.63
C THR F 847 -36.36 -41.66 109.69
N MET F 848 -35.32 -41.62 108.87
CA MET F 848 -34.34 -40.53 108.91
C MET F 848 -34.33 -39.67 107.66
N THR F 849 -35.46 -39.57 106.95
CA THR F 849 -35.55 -38.74 105.75
C THR F 849 -36.74 -37.80 105.88
N LYS F 850 -36.48 -36.50 105.77
CA LYS F 850 -37.54 -35.49 105.79
C LYS F 850 -37.23 -34.41 104.77
N VAL F 851 -38.24 -34.02 103.99
CA VAL F 851 -38.07 -33.03 102.93
C VAL F 851 -39.28 -32.10 102.94
N PHE F 852 -39.04 -30.80 102.80
CA PHE F 852 -40.11 -29.81 102.77
C PHE F 852 -40.34 -29.32 101.35
N ILE F 853 -41.61 -29.26 100.95
CA ILE F 853 -42.01 -28.70 99.66
C ILE F 853 -43.22 -27.80 99.89
N ASN F 854 -43.17 -26.58 99.36
CA ASN F 854 -44.31 -25.68 99.44
C ASN F 854 -45.51 -26.19 98.65
N LYS F 855 -45.27 -26.70 97.44
CA LYS F 855 -46.36 -26.98 96.53
C LYS F 855 -47.17 -28.20 96.98
N ARG F 856 -48.47 -28.15 96.73
CA ARG F 856 -49.40 -29.22 97.09
C ARG F 856 -49.34 -30.28 96.00
N ILE F 857 -48.31 -31.13 96.08
CA ILE F 857 -48.11 -32.16 95.06
C ILE F 857 -49.19 -33.23 95.15
N VAL F 858 -49.49 -33.72 96.34
CA VAL F 858 -50.41 -34.83 96.56
C VAL F 858 -51.38 -34.41 97.65
N GLU F 859 -52.67 -34.66 97.45
CA GLU F 859 -53.63 -34.26 98.47
C GLU F 859 -54.68 -35.35 98.66
N ARG F 860 -55.24 -35.41 99.88
CA ARG F 860 -56.37 -36.29 100.15
C ARG F 860 -57.66 -35.48 100.04
N VAL F 861 -58.60 -36.01 99.27
CA VAL F 861 -59.80 -35.27 98.89
C VAL F 861 -61.02 -36.09 99.26
N ARG F 862 -62.05 -35.42 99.77
CA ARG F 862 -63.35 -36.01 100.05
C ARG F 862 -64.16 -36.12 98.76
N VAL F 863 -65.45 -36.47 98.91
CA VAL F 863 -66.28 -36.79 97.75
C VAL F 863 -66.59 -35.55 96.92
N GLY F 864 -67.02 -34.45 97.57
CA GLY F 864 -67.47 -33.30 96.82
C GLY F 864 -66.37 -32.35 96.40
N GLN F 865 -65.22 -32.43 97.05
CA GLN F 865 -64.14 -31.48 96.83
C GLN F 865 -63.29 -31.84 95.62
N ILE F 866 -63.58 -32.95 94.94
CA ILE F 866 -62.85 -33.31 93.73
C ILE F 866 -63.15 -32.31 92.61
N LEU F 867 -64.42 -31.95 92.44
CA LEU F 867 -64.82 -31.10 91.32
C LEU F 867 -64.51 -29.64 91.54
N ALA F 868 -63.98 -29.27 92.71
CA ALA F 868 -63.54 -27.90 92.95
C ALA F 868 -62.35 -27.52 92.09
N VAL F 869 -61.67 -28.49 91.47
CA VAL F 869 -60.56 -28.22 90.57
C VAL F 869 -61.00 -27.51 89.30
N LEU F 870 -62.31 -27.47 89.03
CA LEU F 870 -62.80 -26.86 87.80
C LEU F 870 -62.72 -25.34 87.88
N ASN F 871 -61.56 -24.77 87.56
CA ASN F 871 -61.43 -23.32 87.51
C ASN F 871 -60.55 -22.85 86.34
N ARG F 872 -60.54 -23.58 85.24
CA ARG F 872 -59.78 -23.19 84.06
C ARG F 872 -60.72 -22.92 82.89
N ARG F 873 -60.45 -21.85 82.16
CA ARG F 873 -61.26 -21.45 81.01
C ARG F 873 -60.63 -22.03 79.75
N PHE F 874 -61.39 -22.84 79.01
CA PHE F 874 -60.90 -23.46 77.79
C PHE F 874 -61.77 -23.05 76.61
N VAL F 875 -61.12 -22.87 75.47
CA VAL F 875 -61.76 -22.38 74.25
C VAL F 875 -61.66 -23.45 73.19
N ALA F 876 -62.75 -23.66 72.45
CA ALA F 876 -62.82 -24.64 71.39
C ALA F 876 -63.42 -24.01 70.14
N TYR F 877 -63.09 -24.59 69.00
CA TYR F 877 -63.67 -24.19 67.73
C TYR F 877 -64.61 -25.28 67.24
N LYS F 878 -65.62 -24.87 66.50
CA LYS F 878 -66.66 -25.81 66.07
C LYS F 878 -66.07 -26.88 65.15
N GLY F 879 -66.64 -28.08 65.25
CA GLY F 879 -66.23 -29.19 64.40
C GLY F 879 -66.59 -29.01 62.94
N LYS F 880 -67.43 -28.03 62.62
CA LYS F 880 -67.77 -27.73 61.23
C LYS F 880 -66.86 -26.68 60.61
N MET F 881 -65.85 -26.21 61.34
CA MET F 881 -64.86 -25.30 60.79
C MET F 881 -63.66 -26.09 60.28
N ARG F 882 -62.63 -25.37 59.84
CA ARG F 882 -61.42 -25.99 59.30
C ARG F 882 -60.21 -25.14 59.64
N ILE F 883 -59.05 -25.78 59.72
CA ILE F 883 -57.78 -25.11 59.99
C ILE F 883 -56.84 -25.34 58.83
N MET F 884 -56.24 -24.27 58.32
CA MET F 884 -55.17 -24.37 57.35
C MET F 884 -54.06 -23.43 57.76
N ASP F 885 -52.84 -23.76 57.35
CA ASP F 885 -51.68 -22.90 57.57
C ASP F 885 -51.08 -22.51 56.23
N ILE F 886 -50.62 -21.27 56.14
CA ILE F 886 -50.06 -20.76 54.89
C ILE F 886 -48.70 -20.16 55.15
N THR F 887 -47.99 -20.68 56.16
CA THR F 887 -46.61 -20.24 56.43
C THR F 887 -45.71 -20.64 55.27
N GLN F 888 -45.97 -21.78 54.63
CA GLN F 888 -45.24 -22.14 53.42
C GLN F 888 -45.60 -21.22 52.26
N SER F 889 -46.84 -20.70 52.24
CA SER F 889 -47.31 -19.88 51.13
C SER F 889 -46.52 -18.60 50.93
N LEU F 890 -45.62 -18.25 51.85
CA LEU F 890 -44.71 -17.14 51.67
C LEU F 890 -43.76 -17.37 50.51
N LYS F 891 -43.39 -18.62 50.23
CA LYS F 891 -42.35 -18.90 49.26
C LYS F 891 -42.83 -18.87 47.81
N MET F 892 -44.14 -18.90 47.58
CA MET F 892 -44.63 -18.96 46.21
C MET F 892 -44.48 -17.61 45.52
N GLY F 893 -44.27 -17.65 44.22
CA GLY F 893 -44.13 -16.43 43.45
C GLY F 893 -43.48 -16.66 42.10
N THR F 894 -43.80 -15.82 41.12
CA THR F 894 -43.25 -15.94 39.78
C THR F 894 -42.42 -14.71 39.44
N LYS F 895 -41.49 -14.89 38.52
CA LYS F 895 -40.54 -13.86 38.15
C LYS F 895 -40.93 -13.24 36.80
N LEU F 896 -41.00 -11.92 36.77
CA LEU F 896 -41.25 -11.18 35.54
C LEU F 896 -39.90 -10.85 34.94
N ALA F 897 -39.48 -11.65 33.95
CA ALA F 897 -38.28 -11.32 33.20
C ALA F 897 -38.49 -10.02 32.45
N ALA F 898 -37.47 -9.17 32.47
CA ALA F 898 -37.54 -7.93 31.73
C ALA F 898 -37.55 -8.22 30.24
N PRO F 899 -38.16 -7.34 29.44
CA PRO F 899 -38.03 -7.47 27.98
C PRO F 899 -36.58 -7.33 27.56
N THR F 900 -36.19 -8.09 26.54
CA THR F 900 -34.82 -8.06 26.06
C THR F 900 -34.82 -8.21 24.55
N VAL F 901 -33.71 -7.82 23.94
CA VAL F 901 -33.60 -7.84 22.49
C VAL F 901 -32.67 -8.93 22.02
N GLN G 7 78.23 -9.19 37.26
CA GLN G 7 79.19 -8.59 38.17
C GLN G 7 79.24 -7.07 38.01
N ARG G 8 79.15 -6.60 36.78
CA ARG G 8 79.07 -5.17 36.53
C ARG G 8 77.66 -4.68 36.89
N PRO G 9 77.53 -3.61 37.69
CA PRO G 9 76.20 -3.23 38.19
C PRO G 9 75.25 -2.71 37.11
N GLU G 10 75.74 -2.35 35.92
CA GLU G 10 74.84 -1.82 34.91
C GLU G 10 73.95 -2.90 34.30
N ARG G 11 74.41 -4.15 34.29
CA ARG G 11 73.69 -5.22 33.63
C ARG G 11 72.78 -6.01 34.55
N ILE G 12 72.84 -5.78 35.86
CA ILE G 12 71.90 -6.43 36.77
C ILE G 12 70.57 -5.70 36.71
N LYS G 13 69.48 -6.45 36.73
CA LYS G 13 68.15 -5.89 36.52
C LYS G 13 67.19 -6.38 37.59
N THR G 14 66.26 -5.51 37.96
CA THR G 14 65.22 -5.82 38.91
C THR G 14 63.83 -5.46 38.41
N THR G 15 63.72 -4.77 37.28
CA THR G 15 62.46 -4.28 36.78
C THR G 15 62.13 -4.98 35.47
N PRO G 16 60.97 -5.60 35.36
CA PRO G 16 60.59 -6.36 34.16
C PRO G 16 60.03 -5.49 33.03
N TYR G 17 60.75 -4.42 32.69
CA TYR G 17 60.41 -3.55 31.58
C TYR G 17 61.42 -3.62 30.44
N LEU G 18 62.64 -4.06 30.74
CA LEU G 18 63.73 -4.08 29.77
C LEU G 18 64.15 -5.50 29.38
N GLU G 19 63.23 -6.47 29.49
CA GLU G 19 63.56 -7.86 29.24
C GLU G 19 62.65 -8.43 28.15
N GLY G 20 63.25 -9.15 27.22
CA GLY G 20 62.51 -9.78 26.14
C GLY G 20 63.37 -10.82 25.46
N ASP G 21 62.78 -11.46 24.45
CA ASP G 21 63.49 -12.49 23.70
C ASP G 21 64.54 -11.86 22.79
N VAL G 22 65.68 -12.54 22.68
CA VAL G 22 66.80 -12.05 21.91
C VAL G 22 66.53 -12.29 20.43
N LEU G 23 66.77 -11.27 19.61
CA LEU G 23 66.54 -11.39 18.18
C LEU G 23 67.74 -11.99 17.45
N SER G 24 68.92 -11.40 17.60
CA SER G 24 70.10 -11.86 16.89
C SER G 24 71.33 -11.48 17.68
N SER G 25 72.48 -12.00 17.27
CA SER G 25 73.76 -11.69 17.89
C SER G 25 74.72 -11.16 16.83
N ASP G 26 75.88 -10.70 17.30
CA ASP G 26 76.85 -10.07 16.41
C ASP G 26 78.22 -10.03 17.08
N SER G 27 79.24 -9.92 16.23
CA SER G 27 80.63 -9.82 16.67
C SER G 27 81.37 -8.92 15.71
N GLY G 28 82.60 -8.58 16.09
CA GLY G 28 83.45 -7.72 15.30
C GLY G 28 83.71 -8.17 13.88
N PRO G 29 84.27 -9.37 13.70
CA PRO G 29 84.64 -9.80 12.33
C PRO G 29 83.49 -9.86 11.34
N LEU G 30 82.31 -10.30 11.78
CA LEU G 30 81.17 -10.39 10.87
C LEU G 30 80.78 -9.00 10.37
N LEU G 31 80.70 -8.02 11.29
CA LEU G 31 80.38 -6.66 10.88
C LEU G 31 81.46 -6.07 10.00
N SER G 32 82.73 -6.35 10.29
CA SER G 32 83.81 -5.82 9.46
C SER G 32 83.73 -6.35 8.03
N VAL G 33 83.62 -7.68 7.89
CA VAL G 33 83.57 -8.25 6.55
C VAL G 33 82.29 -7.83 5.84
N PHE G 34 81.19 -7.67 6.56
CA PHE G 34 79.96 -7.20 5.94
C PHE G 34 80.10 -5.76 5.44
N ALA G 35 80.76 -4.90 6.23
CA ALA G 35 80.97 -3.52 5.78
C ALA G 35 81.85 -3.48 4.54
N LEU G 36 82.91 -4.28 4.52
CA LEU G 36 83.75 -4.31 3.34
C LEU G 36 82.98 -4.81 2.12
N GLN G 37 82.17 -5.86 2.30
CA GLN G 37 81.40 -6.40 1.19
C GLN G 37 80.37 -5.39 0.68
N GLU G 38 79.70 -4.67 1.59
CA GLU G 38 78.68 -3.74 1.13
C GLU G 38 79.32 -2.55 0.39
N ILE G 39 80.46 -2.07 0.85
CA ILE G 39 81.17 -1.03 0.10
C ILE G 39 81.59 -1.54 -1.28
N MET G 40 82.11 -2.78 -1.32
CA MET G 40 82.57 -3.34 -2.58
C MET G 40 81.42 -3.51 -3.57
N GLN G 41 80.28 -4.00 -3.08
CA GLN G 41 79.11 -4.16 -3.93
C GLN G 41 78.61 -2.82 -4.43
N LYS G 42 78.60 -1.80 -3.57
CA LYS G 42 78.16 -0.47 -3.98
C LYS G 42 79.04 0.07 -5.10
N VAL G 43 80.36 -0.01 -4.93
CA VAL G 43 81.25 0.55 -5.94
C VAL G 43 81.18 -0.27 -7.24
N ARG G 44 81.05 -1.59 -7.15
CA ARG G 44 80.95 -2.39 -8.37
C ARG G 44 79.65 -2.14 -9.10
N GLN G 45 78.54 -1.99 -8.37
CA GLN G 45 77.28 -1.66 -9.03
C GLN G 45 77.36 -0.29 -9.69
N VAL G 46 78.03 0.65 -9.02
CA VAL G 46 78.26 1.97 -9.62
C VAL G 46 79.03 1.84 -10.93
N GLN G 47 80.10 1.02 -10.92
CA GLN G 47 80.89 0.82 -12.13
C GLN G 47 80.09 0.12 -13.23
N ALA G 48 79.27 -0.87 -12.84
CA ALA G 48 78.61 -1.72 -13.83
C ALA G 48 77.43 -1.04 -14.48
N ASP G 49 76.69 -0.21 -13.74
CA ASP G 49 75.47 0.36 -14.31
C ASP G 49 75.74 1.43 -15.34
N TYR G 50 76.99 1.78 -15.59
CA TYR G 50 77.32 2.92 -16.45
C TYR G 50 78.52 2.56 -17.31
N MET G 51 78.94 3.51 -18.14
CA MET G 51 80.13 3.32 -18.96
C MET G 51 81.34 3.99 -18.32
N THR G 52 82.44 3.24 -18.23
CA THR G 52 83.67 3.70 -17.60
C THR G 52 84.86 3.31 -18.46
N ALA G 53 85.84 4.21 -18.55
CA ALA G 53 87.07 3.97 -19.31
C ALA G 53 88.26 4.35 -18.42
N THR G 54 88.87 3.36 -17.78
CA THR G 54 89.98 3.58 -16.86
C THR G 54 90.75 2.28 -16.70
N ARG G 55 91.81 2.33 -15.91
CA ARG G 55 92.58 1.14 -15.60
C ARG G 55 91.74 0.14 -14.82
N GLU G 56 91.72 -1.11 -15.26
CA GLU G 56 90.92 -2.13 -14.62
C GLU G 56 91.59 -2.63 -13.35
N VAL G 57 90.78 -2.81 -12.30
CA VAL G 57 91.25 -3.40 -11.05
C VAL G 57 90.22 -4.43 -10.60
N ASP G 58 90.67 -5.66 -10.39
CA ASP G 58 89.81 -6.69 -9.83
C ASP G 58 89.52 -6.39 -8.37
N PHE G 59 88.29 -6.64 -7.96
CA PHE G 59 87.79 -6.24 -6.64
C PHE G 59 87.49 -7.51 -5.84
N THR G 60 88.17 -7.69 -4.72
CA THR G 60 87.99 -8.84 -3.85
C THR G 60 87.91 -8.42 -2.40
N VAL G 61 87.21 -9.23 -1.59
CA VAL G 61 87.05 -9.00 -0.17
C VAL G 61 88.10 -9.81 0.57
N PRO G 62 88.85 -9.23 1.49
CA PRO G 62 89.91 -9.96 2.19
C PRO G 62 89.45 -10.55 3.50
N ASP G 63 90.35 -11.33 4.11
CA ASP G 63 90.12 -11.93 5.42
C ASP G 63 90.89 -11.12 6.46
N VAL G 64 90.16 -10.43 7.33
CA VAL G 64 90.79 -9.67 8.40
C VAL G 64 91.36 -10.60 9.46
N GLN G 65 90.69 -11.73 9.70
CA GLN G 65 91.17 -12.67 10.71
C GLN G 65 92.51 -13.29 10.30
N LYS G 66 92.66 -13.60 9.01
CA LYS G 66 93.93 -14.13 8.53
C LYS G 66 95.05 -13.12 8.72
N ILE G 67 94.79 -11.84 8.44
CA ILE G 67 95.84 -10.85 8.61
C ILE G 67 96.12 -10.62 10.09
N LEU G 68 95.12 -10.80 10.95
CA LEU G 68 95.37 -10.75 12.39
C LEU G 68 96.29 -11.88 12.82
N ASP G 69 96.04 -13.08 12.32
CA ASP G 69 96.89 -14.22 12.65
C ASP G 69 98.30 -14.02 12.11
N ASP G 70 98.41 -13.48 10.90
CA ASP G 70 99.73 -13.24 10.31
C ASP G 70 100.50 -12.17 11.09
N ILE G 71 99.81 -11.12 11.53
CA ILE G 71 100.45 -10.10 12.36
C ILE G 71 100.94 -10.70 13.67
N LYS G 72 100.11 -11.52 14.31
CA LYS G 72 100.51 -12.16 15.56
C LYS G 72 101.73 -13.05 15.33
N ALA G 73 101.75 -13.79 14.22
CA ALA G 73 102.89 -14.66 13.93
C ALA G 73 104.15 -13.85 13.65
N LEU G 74 104.05 -12.80 12.85
CA LEU G 74 105.21 -11.98 12.54
C LEU G 74 105.73 -11.26 13.77
N ALA G 75 104.85 -10.97 14.73
CA ALA G 75 105.30 -10.38 15.98
C ALA G 75 106.26 -11.28 16.73
N ALA G 76 106.10 -12.60 16.58
CA ALA G 76 107.02 -13.53 17.24
C ALA G 76 108.33 -13.70 16.49
N GLU G 77 108.43 -13.19 15.27
CA GLU G 77 109.64 -13.35 14.48
C GLU G 77 110.76 -12.52 15.09
N GLN G 78 111.94 -13.13 15.22
CA GLN G 78 113.11 -12.47 15.78
C GLN G 78 114.10 -12.14 14.68
N VAL G 79 114.57 -10.90 14.67
CA VAL G 79 115.44 -10.39 13.62
C VAL G 79 116.90 -10.56 14.04
N TYR G 80 117.11 -11.17 15.20
CA TYR G 80 118.45 -11.41 15.71
C TYR G 80 118.71 -12.91 15.74
N LYS G 81 119.94 -13.29 15.41
CA LYS G 81 120.38 -14.67 15.50
C LYS G 81 121.54 -14.77 16.47
N ILE G 82 121.47 -15.73 17.38
CA ILE G 82 122.58 -16.05 18.27
C ILE G 82 123.33 -17.22 17.65
N VAL G 83 124.63 -17.01 17.41
CA VAL G 83 125.48 -17.96 16.70
C VAL G 83 126.70 -18.21 17.57
N LYS G 84 127.20 -19.44 17.54
CA LYS G 84 128.38 -19.78 18.32
C LYS G 84 129.60 -18.91 17.98
N VAL G 85 130.09 -19.01 16.75
CA VAL G 85 131.42 -18.53 16.39
C VAL G 85 131.26 -17.41 15.36
N PRO G 86 131.99 -16.31 15.46
CA PRO G 86 131.98 -15.32 14.38
C PRO G 86 132.65 -15.87 13.14
N SER G 87 132.20 -15.37 11.99
CA SER G 87 132.70 -15.88 10.72
C SER G 87 134.15 -15.45 10.51
N ILE G 88 134.78 -16.08 9.51
CA ILE G 88 136.18 -15.80 9.21
C ILE G 88 136.27 -14.43 8.55
N SER G 89 136.98 -13.51 9.20
CA SER G 89 137.04 -12.14 8.70
C SER G 89 137.89 -12.05 7.44
N PHE G 90 139.06 -12.69 7.45
CA PHE G 90 140.03 -12.50 6.38
C PHE G 90 140.60 -13.85 5.94
N ARG G 91 141.16 -13.87 4.74
CA ARG G 91 141.69 -15.06 4.10
C ARG G 91 143.13 -14.80 3.65
N HIS G 92 143.95 -15.84 3.73
CA HIS G 92 145.34 -15.79 3.28
C HIS G 92 145.50 -16.66 2.04
N ILE G 93 146.44 -16.26 1.18
CA ILE G 93 146.76 -17.01 -0.02
C ILE G 93 148.28 -17.06 -0.16
N VAL G 94 148.83 -18.24 -0.43
CA VAL G 94 150.27 -18.47 -0.40
C VAL G 94 150.80 -18.58 -1.82
N MET G 95 151.80 -17.77 -2.14
CA MET G 95 152.52 -17.85 -3.40
C MET G 95 153.71 -18.80 -3.26
N GLN G 96 154.61 -18.78 -4.24
CA GLN G 96 155.78 -19.66 -4.20
C GLN G 96 156.72 -19.30 -3.06
N SER G 97 156.69 -18.07 -2.57
CA SER G 97 157.44 -17.72 -1.38
C SER G 97 156.71 -18.22 -0.14
N ARG G 98 157.47 -18.65 0.86
CA ARG G 98 156.92 -19.09 2.13
C ARG G 98 157.06 -18.03 3.22
N ASP G 99 157.36 -16.79 2.85
CA ASP G 99 157.55 -15.69 3.81
C ASP G 99 156.53 -14.58 3.66
N ARG G 100 156.06 -14.31 2.44
CA ARG G 100 155.13 -13.23 2.15
C ARG G 100 153.86 -13.82 1.57
N VAL G 101 152.70 -13.40 2.08
CA VAL G 101 151.43 -14.00 1.70
C VAL G 101 150.40 -12.93 1.40
N LEU G 102 149.45 -13.27 0.54
CA LEU G 102 148.34 -12.39 0.21
C LEU G 102 147.29 -12.42 1.32
N ARG G 103 146.74 -11.25 1.63
CA ARG G 103 145.64 -11.09 2.56
C ARG G 103 144.47 -10.49 1.80
N VAL G 104 143.32 -11.16 1.85
CA VAL G 104 142.09 -10.73 1.20
C VAL G 104 141.00 -10.69 2.27
N ASP G 105 140.02 -9.82 2.08
CA ASP G 105 138.87 -9.75 2.97
C ASP G 105 137.71 -10.52 2.36
N THR G 106 137.21 -11.51 3.09
CA THR G 106 136.08 -12.30 2.61
C THR G 106 134.80 -11.47 2.57
N TYR G 107 134.69 -10.45 3.41
CA TYR G 107 133.53 -9.59 3.41
C TYR G 107 133.38 -8.85 2.08
N TYR G 108 134.50 -8.37 1.53
CA TYR G 108 134.45 -7.68 0.24
C TYR G 108 133.98 -8.62 -0.87
N GLU G 109 134.50 -9.85 -0.90
CA GLU G 109 134.09 -10.79 -1.93
C GLU G 109 132.62 -11.16 -1.77
N GLU G 110 132.17 -11.34 -0.53
CA GLU G 110 130.76 -11.66 -0.33
C GLU G 110 129.85 -10.51 -0.74
N MET G 111 130.28 -9.27 -0.50
CA MET G 111 129.56 -8.12 -1.05
C MET G 111 129.56 -8.14 -2.57
N SER G 112 130.66 -8.55 -3.17
CA SER G 112 130.72 -8.64 -4.63
C SER G 112 129.70 -9.63 -5.16
N GLN G 113 129.57 -10.78 -4.48
CA GLN G 113 128.59 -11.78 -4.93
C GLN G 113 127.16 -11.37 -4.60
N VAL G 114 126.92 -10.84 -3.39
CA VAL G 114 125.58 -10.41 -3.01
C VAL G 114 125.13 -9.28 -3.92
N GLY G 115 123.91 -9.37 -4.41
CA GLY G 115 123.37 -8.43 -5.36
C GLY G 115 123.62 -8.88 -6.78
N ASP G 116 123.16 -8.07 -7.72
CA ASP G 116 123.31 -8.34 -9.13
C ASP G 116 123.94 -7.13 -9.82
N VAL G 117 124.24 -7.30 -11.11
CA VAL G 117 125.05 -6.32 -11.82
C VAL G 117 124.29 -5.02 -12.05
N ILE G 118 125.03 -3.99 -12.46
CA ILE G 118 124.50 -2.66 -12.68
C ILE G 118 124.07 -2.51 -14.14
N THR G 119 122.94 -1.86 -14.35
CA THR G 119 122.47 -1.52 -15.68
C THR G 119 121.70 -0.21 -15.60
N GLU G 120 122.10 0.77 -16.40
CA GLU G 120 121.49 2.09 -16.33
C GLU G 120 120.04 2.08 -16.79
N ASP G 121 119.65 1.08 -17.60
CA ASP G 121 118.29 1.04 -18.12
C ASP G 121 117.29 0.55 -17.09
N GLU G 122 117.75 0.01 -15.97
CA GLU G 122 116.87 -0.58 -14.96
C GLU G 122 117.04 0.14 -13.63
N PRO G 123 116.25 1.19 -13.38
CA PRO G 123 116.38 1.90 -12.10
C PRO G 123 115.82 1.14 -10.92
N GLU G 124 114.63 0.53 -11.05
CA GLU G 124 114.05 -0.19 -9.92
C GLU G 124 114.84 -1.44 -9.59
N LYS G 125 115.45 -2.08 -10.59
CA LYS G 125 116.35 -3.18 -10.32
C LYS G 125 117.57 -2.71 -9.55
N PHE G 126 118.08 -1.52 -9.89
CA PHE G 126 119.17 -0.93 -9.12
C PHE G 126 118.75 -0.69 -7.67
N TYR G 127 117.54 -0.16 -7.47
CA TYR G 127 117.02 0.05 -6.12
C TYR G 127 116.92 -1.27 -5.36
N SER G 128 116.41 -2.31 -6.01
CA SER G 128 116.26 -3.61 -5.36
C SER G 128 117.61 -4.19 -4.99
N THR G 129 118.60 -4.03 -5.87
CA THR G 129 119.94 -4.50 -5.54
C THR G 129 120.50 -3.77 -4.33
N ILE G 130 120.30 -2.45 -4.28
CA ILE G 130 120.82 -1.67 -3.15
C ILE G 130 120.15 -2.10 -1.85
N ILE G 131 118.84 -2.30 -1.88
CA ILE G 131 118.16 -2.67 -0.64
C ILE G 131 118.54 -4.09 -0.23
N LYS G 132 118.85 -4.95 -1.20
CA LYS G 132 119.40 -6.27 -0.86
C LYS G 132 120.76 -6.17 -0.21
N LYS G 133 121.59 -5.23 -0.68
CA LYS G 133 122.85 -4.97 0.00
C LYS G 133 122.62 -4.60 1.45
N VAL G 134 121.63 -3.73 1.69
CA VAL G 134 121.31 -3.31 3.06
C VAL G 134 120.85 -4.51 3.89
N ARG G 135 120.02 -5.37 3.29
CA ARG G 135 119.59 -6.60 3.97
C ARG G 135 120.76 -7.46 4.37
N PHE G 136 121.72 -7.64 3.47
CA PHE G 136 122.85 -8.50 3.81
C PHE G 136 123.73 -7.86 4.88
N ILE G 137 123.87 -6.53 4.84
CA ILE G 137 124.65 -5.84 5.86
C ILE G 137 124.04 -6.04 7.23
N ARG G 138 122.72 -5.86 7.35
CA ARG G 138 122.13 -6.05 8.68
C ARG G 138 122.23 -7.50 9.11
N GLY G 139 122.07 -8.43 8.16
CA GLY G 139 122.10 -9.84 8.52
C GLY G 139 123.47 -10.29 9.02
N LYS G 140 124.53 -9.82 8.38
CA LYS G 140 125.86 -10.12 8.88
C LYS G 140 126.26 -9.24 10.05
N GLY G 141 125.48 -8.21 10.36
CA GLY G 141 125.79 -7.39 11.51
C GLY G 141 125.20 -7.87 12.82
N SER G 142 124.16 -8.72 12.76
CA SER G 142 123.39 -9.10 13.94
C SER G 142 123.77 -10.51 14.36
N PHE G 143 124.59 -10.61 15.41
CA PHE G 143 124.94 -11.90 15.98
C PHE G 143 125.41 -11.69 17.42
N ILE G 144 125.19 -12.71 18.25
CA ILE G 144 125.55 -12.67 19.67
C ILE G 144 126.42 -13.88 19.98
N LEU G 145 127.57 -13.64 20.59
CA LEU G 145 128.50 -14.71 20.95
C LEU G 145 128.20 -15.23 22.35
N HIS G 146 128.29 -16.54 22.52
CA HIS G 146 127.90 -17.19 23.77
C HIS G 146 128.59 -18.55 23.89
N ASP G 147 128.88 -18.95 25.13
CA ASP G 147 129.42 -20.27 25.46
C ASP G 147 130.71 -20.56 24.70
N ILE G 148 131.66 -19.64 24.84
CA ILE G 148 132.90 -19.78 24.08
C ILE G 148 133.78 -20.83 24.76
N PRO G 149 134.51 -21.66 24.03
CA PRO G 149 135.41 -22.61 24.68
C PRO G 149 136.79 -22.02 24.94
N THR G 150 137.43 -22.55 25.96
CA THR G 150 138.74 -22.10 26.40
C THR G 150 139.70 -23.27 26.42
N ARG G 151 140.96 -22.99 26.72
CA ARG G 151 141.97 -24.03 26.85
C ARG G 151 142.95 -23.59 27.91
N ASP G 152 143.56 -24.56 28.59
CA ASP G 152 144.49 -24.31 29.69
C ASP G 152 145.92 -24.61 29.23
N HIS G 153 146.78 -23.61 29.32
CA HIS G 153 148.18 -23.70 28.90
C HIS G 153 149.04 -23.05 29.96
N ARG G 154 149.87 -23.84 30.63
CA ARG G 154 150.71 -23.40 31.75
C ARG G 154 149.87 -22.74 32.85
N GLY G 155 148.66 -23.25 33.04
CA GLY G 155 147.76 -22.69 34.02
C GLY G 155 147.05 -21.42 33.59
N MET G 156 147.28 -20.94 32.38
CA MET G 156 146.65 -19.75 31.86
C MET G 156 145.56 -20.11 30.87
N GLU G 157 144.64 -19.18 30.65
CA GLU G 157 143.48 -19.43 29.80
C GLU G 157 143.67 -18.82 28.42
N VAL G 158 143.53 -19.63 27.38
CA VAL G 158 143.71 -19.19 26.01
C VAL G 158 142.46 -19.52 25.21
N ALA G 159 142.28 -18.79 24.11
CA ALA G 159 141.13 -18.98 23.23
C ALA G 159 141.41 -20.03 22.17
N GLU G 160 140.36 -20.40 21.45
CA GLU G 160 140.48 -21.46 20.45
C GLU G 160 140.96 -20.88 19.11
N PRO G 161 141.59 -21.70 18.26
CA PRO G 161 142.15 -21.15 17.01
C PRO G 161 141.11 -20.87 15.94
N GLU G 162 139.86 -21.29 16.12
CA GLU G 162 138.83 -21.04 15.13
C GLU G 162 137.84 -19.99 15.55
N VAL G 163 137.97 -19.43 16.75
CA VAL G 163 137.01 -18.44 17.21
C VAL G 163 137.52 -17.01 17.05
N LEU G 164 138.82 -16.84 16.80
CA LEU G 164 139.36 -15.51 16.53
C LEU G 164 138.82 -14.93 15.23
N GLY G 165 138.40 -15.77 14.30
CA GLY G 165 137.97 -15.29 13.00
C GLY G 165 139.04 -15.32 11.94
N VAL G 166 140.19 -15.92 12.22
CA VAL G 166 141.26 -16.09 11.23
C VAL G 166 141.66 -17.56 11.23
N GLU G 167 141.63 -18.18 10.05
CA GLU G 167 142.09 -19.54 9.87
C GLU G 167 143.50 -19.52 9.31
N PHE G 168 144.37 -20.38 9.86
CA PHE G 168 145.76 -20.41 9.45
C PHE G 168 146.37 -21.81 9.45
N LYS G 169 145.56 -22.87 9.40
CA LYS G 169 146.09 -24.22 9.59
C LYS G 169 147.02 -24.63 8.46
N ASN G 170 146.69 -24.27 7.21
CA ASN G 170 147.55 -24.64 6.10
C ASN G 170 148.85 -23.85 6.06
N VAL G 171 148.98 -22.80 6.88
CA VAL G 171 150.20 -22.00 6.89
C VAL G 171 151.35 -22.77 7.56
N LEU G 172 151.04 -23.60 8.56
CA LEU G 172 152.09 -24.26 9.33
C LEU G 172 153.02 -25.15 8.51
N PRO G 173 152.55 -26.02 7.60
CA PRO G 173 153.51 -26.87 6.86
C PRO G 173 154.52 -26.09 6.03
N VAL G 174 154.13 -24.93 5.49
CA VAL G 174 155.06 -24.17 4.64
C VAL G 174 155.95 -23.25 5.45
N LEU G 175 155.97 -23.39 6.77
CA LEU G 175 156.70 -22.44 7.61
C LEU G 175 157.79 -23.16 8.42
N THR G 176 158.97 -22.54 8.49
CA THR G 176 160.13 -23.14 9.13
C THR G 176 160.01 -23.07 10.66
N ALA G 177 160.91 -23.79 11.33
CA ALA G 177 160.73 -24.16 12.73
C ALA G 177 160.69 -22.94 13.65
N GLU G 178 161.66 -22.04 13.51
CA GLU G 178 161.70 -20.85 14.34
C GLU G 178 160.46 -19.98 14.13
N HIS G 179 160.05 -19.84 12.87
CA HIS G 179 158.92 -18.99 12.57
C HIS G 179 157.60 -19.60 13.05
N ARG G 180 157.41 -20.91 12.88
CA ARG G 180 156.19 -21.50 13.41
C ARG G 180 156.19 -21.48 14.93
N ALA G 181 157.38 -21.58 15.54
CA ALA G 181 157.48 -21.44 16.99
C ALA G 181 157.04 -20.04 17.43
N MET G 182 157.43 -19.02 16.67
CA MET G 182 156.93 -17.67 16.92
C MET G 182 155.42 -17.62 16.77
N ILE G 183 154.86 -18.38 15.83
CA ILE G 183 153.41 -18.37 15.62
C ILE G 183 152.69 -19.03 16.81
N GLN G 184 153.21 -20.13 17.32
CA GLN G 184 152.58 -20.70 18.52
C GLN G 184 152.79 -19.78 19.74
N ASN G 185 153.90 -19.02 19.75
CA ASN G 185 154.02 -17.97 20.76
C ASN G 185 152.92 -16.93 20.61
N ALA G 186 152.56 -16.60 19.37
CA ALA G 186 151.45 -15.68 19.14
C ALA G 186 150.12 -16.28 19.61
N LEU G 187 149.92 -17.59 19.38
CA LEU G 187 148.73 -18.25 19.88
C LEU G 187 148.66 -18.21 21.40
N ASP G 188 149.79 -18.46 22.07
CA ASP G 188 149.83 -18.30 23.51
C ASP G 188 149.65 -16.84 23.93
N GLY G 189 149.97 -15.91 23.03
CA GLY G 189 149.69 -14.51 23.30
C GLY G 189 148.22 -14.16 23.13
N SER G 190 147.51 -14.92 22.30
CA SER G 190 146.07 -14.73 22.13
C SER G 190 145.36 -15.35 23.32
N ILE G 191 145.16 -14.55 24.37
CA ILE G 191 144.53 -15.02 25.59
C ILE G 191 143.21 -14.28 25.78
N ILE G 192 142.39 -14.82 26.66
CA ILE G 192 141.13 -14.21 27.03
C ILE G 192 141.35 -13.29 28.24
N GLU G 193 140.87 -12.06 28.13
CA GLU G 193 141.11 -11.08 29.19
C GLU G 193 140.27 -11.42 30.41
N ASN G 194 140.65 -10.82 31.55
CA ASN G 194 140.08 -11.08 32.88
C ASN G 194 139.87 -12.58 33.13
N GLY G 195 140.88 -13.36 32.77
CA GLY G 195 140.77 -14.81 32.85
C GLY G 195 140.99 -15.38 34.24
N ASN G 196 141.26 -14.54 35.22
CA ASN G 196 141.49 -15.02 36.58
C ASN G 196 140.29 -14.85 37.50
N VAL G 197 139.14 -14.41 36.98
CA VAL G 197 137.97 -14.19 37.83
C VAL G 197 137.28 -15.51 38.10
N ALA G 198 137.12 -15.84 39.39
CA ALA G 198 136.53 -17.13 39.75
C ALA G 198 135.05 -17.20 39.40
N THR G 199 134.31 -16.11 39.64
CA THR G 199 132.89 -16.04 39.31
C THR G 199 132.67 -15.21 38.04
N ARG G 200 133.52 -15.41 37.05
CA ARG G 200 133.44 -14.66 35.80
C ARG G 200 132.15 -14.98 35.04
N ASP G 201 131.59 -13.95 34.41
CA ASP G 201 130.42 -14.11 33.56
C ASP G 201 130.62 -13.61 32.14
N VAL G 202 131.66 -12.83 31.87
CA VAL G 202 131.89 -12.24 30.56
C VAL G 202 133.25 -12.70 30.05
N ASP G 203 133.31 -13.07 28.77
CA ASP G 203 134.57 -13.37 28.11
C ASP G 203 134.79 -12.35 27.00
N VAL G 204 135.88 -11.60 27.11
CA VAL G 204 136.21 -10.53 26.19
C VAL G 204 137.49 -10.90 25.47
N PHE G 205 137.47 -10.78 24.15
CA PHE G 205 138.57 -11.24 23.33
C PHE G 205 138.99 -10.14 22.35
N ILE G 206 140.27 -10.18 21.97
CA ILE G 206 140.83 -9.22 21.02
C ILE G 206 141.06 -9.95 19.70
N GLY G 207 140.42 -9.46 18.63
CA GLY G 207 140.51 -10.11 17.34
C GLY G 207 140.17 -9.16 16.21
N ALA G 208 139.87 -9.75 15.06
CA ALA G 208 139.54 -8.99 13.87
C ALA G 208 138.08 -9.21 13.46
N CYS G 209 137.53 -8.22 12.77
CA CYS G 209 136.15 -8.26 12.32
C CYS G 209 135.96 -7.27 11.18
N SER G 210 134.89 -7.47 10.42
CA SER G 210 134.51 -6.53 9.37
C SER G 210 133.96 -5.25 10.01
N GLU G 211 134.43 -4.11 9.52
CA GLU G 211 134.10 -2.83 10.17
C GLU G 211 132.61 -2.52 10.20
N PRO G 212 131.82 -2.71 9.13
CA PRO G 212 130.36 -2.56 9.29
C PRO G 212 129.78 -3.60 10.23
N VAL G 213 130.22 -4.86 10.11
CA VAL G 213 129.74 -5.93 10.98
C VAL G 213 130.13 -5.64 12.42
N TYR G 214 131.37 -5.19 12.64
CA TYR G 214 131.80 -4.84 13.99
C TYR G 214 131.04 -3.64 14.53
N ARG G 215 130.73 -2.66 13.67
CA ARG G 215 129.94 -1.51 14.10
C ARG G 215 128.57 -1.94 14.59
N ILE G 216 127.92 -2.82 13.82
CA ILE G 216 126.59 -3.28 14.20
C ILE G 216 126.67 -4.13 15.46
N TYR G 217 127.73 -4.93 15.60
CA TYR G 217 127.89 -5.72 16.82
C TYR G 217 128.08 -4.84 18.04
N ASN G 218 128.86 -3.76 17.90
CA ASN G 218 129.06 -2.86 19.04
C ASN G 218 127.78 -2.11 19.39
N ARG G 219 127.02 -1.68 18.39
CA ARG G 219 125.79 -1.00 18.78
C ARG G 219 124.75 -1.99 19.29
N LEU G 220 124.85 -3.26 18.91
CA LEU G 220 124.03 -4.30 19.53
C LEU G 220 124.42 -4.47 20.99
N GLN G 221 125.73 -4.40 21.29
CA GLN G 221 126.18 -4.33 22.68
C GLN G 221 125.49 -3.18 23.41
N GLY G 222 125.47 -2.00 22.77
CA GLY G 222 124.81 -0.86 23.36
C GLY G 222 123.32 -1.07 23.57
N TYR G 223 122.66 -1.75 22.63
CA TYR G 223 121.23 -2.03 22.77
C TYR G 223 120.98 -3.00 23.93
N ILE G 224 121.87 -3.96 24.12
CA ILE G 224 121.77 -4.83 25.29
C ILE G 224 121.92 -4.02 26.57
N GLU G 225 122.91 -3.13 26.61
CA GLU G 225 123.20 -2.44 27.86
C GLU G 225 122.18 -1.37 28.19
N ALA G 226 121.56 -0.77 27.17
CA ALA G 226 120.71 0.40 27.39
C ALA G 226 119.35 0.03 27.97
N VAL G 227 118.56 -0.76 27.22
CA VAL G 227 117.19 -1.05 27.61
C VAL G 227 117.19 -2.02 28.79
N GLN G 228 116.43 -1.67 29.83
CA GLN G 228 116.39 -2.48 31.04
C GLN G 228 115.01 -2.34 31.68
N LEU G 229 114.93 -2.71 32.96
CA LEU G 229 113.64 -2.98 33.62
C LEU G 229 112.77 -1.73 33.74
N GLN G 230 113.38 -0.53 33.78
CA GLN G 230 112.58 0.69 33.92
C GLN G 230 111.71 0.93 32.70
N GLU G 231 112.18 0.56 31.51
CA GLU G 231 111.35 0.70 30.32
C GLU G 231 110.16 -0.25 30.37
N LEU G 232 110.37 -1.47 30.88
CA LEU G 232 109.24 -2.36 31.14
C LEU G 232 108.28 -1.74 32.15
N ARG G 233 108.82 -1.07 33.18
CA ARG G 233 107.98 -0.40 34.16
C ARG G 233 107.10 0.66 33.51
N ASN G 234 107.70 1.49 32.66
CA ASN G 234 106.93 2.55 31.99
C ASN G 234 105.89 1.95 31.04
N SER G 235 106.27 0.89 30.33
CA SER G 235 105.36 0.23 29.41
C SER G 235 104.16 -0.35 30.15
N ILE G 236 104.40 -1.02 31.27
CA ILE G 236 103.31 -1.63 31.99
C ILE G 236 102.51 -0.56 32.73
N GLY G 237 103.12 0.58 33.04
CA GLY G 237 102.36 1.69 33.59
C GLY G 237 101.39 2.27 32.58
N TRP G 238 101.83 2.41 31.33
CA TRP G 238 100.89 2.82 30.29
C TRP G 238 99.82 1.77 30.06
N LEU G 239 100.18 0.48 30.15
CA LEU G 239 99.17 -0.57 30.04
C LEU G 239 98.15 -0.47 31.16
N GLU G 240 98.62 -0.14 32.37
CA GLU G 240 97.70 0.08 33.50
C GLU G 240 96.78 1.26 33.24
N ARG G 241 97.31 2.34 32.66
CA ARG G 241 96.46 3.49 32.35
C ARG G 241 95.41 3.13 31.31
N LEU G 242 95.79 2.35 30.29
CA LEU G 242 94.81 1.87 29.32
C LEU G 242 93.76 0.99 30.00
N GLY G 243 94.18 0.10 30.90
CA GLY G 243 93.22 -0.75 31.59
C GLY G 243 92.27 0.05 32.47
N HIS G 244 92.77 1.11 33.09
CA HIS G 244 91.92 2.03 33.83
C HIS G 244 90.89 2.66 32.90
N ARG G 245 91.34 3.07 31.71
CA ARG G 245 90.41 3.65 30.74
C ARG G 245 89.34 2.66 30.33
N LYS G 246 89.73 1.40 30.12
CA LYS G 246 88.76 0.38 29.72
C LYS G 246 88.00 -0.20 30.90
N ARG G 247 88.52 -0.07 32.13
CA ARG G 247 87.91 -0.62 33.34
C ARG G 247 87.66 -2.12 33.20
N ILE G 248 88.70 -2.83 32.81
CA ILE G 248 88.67 -4.28 32.78
C ILE G 248 88.95 -4.79 34.19
N THR G 249 88.51 -6.00 34.49
CA THR G 249 88.94 -6.63 35.72
C THR G 249 90.42 -7.01 35.60
N TYR G 250 91.16 -6.77 36.67
CA TYR G 250 92.59 -7.03 36.68
C TYR G 250 92.86 -8.44 37.18
N SER G 251 93.94 -9.03 36.67
CA SER G 251 94.43 -10.28 37.22
C SER G 251 94.80 -10.07 38.68
N GLN G 252 94.23 -10.90 39.55
CA GLN G 252 94.55 -10.84 40.97
C GLN G 252 96.00 -11.19 41.23
N GLU G 253 96.67 -11.81 40.27
CA GLU G 253 98.10 -12.02 40.35
C GLU G 253 98.81 -10.71 40.06
N VAL G 254 99.90 -10.44 40.80
CA VAL G 254 100.61 -9.17 40.71
C VAL G 254 102.06 -9.43 40.34
N LEU G 255 102.68 -8.46 39.66
CA LEU G 255 104.06 -8.59 39.19
C LEU G 255 105.01 -7.90 40.16
N THR G 256 106.06 -8.60 40.55
CA THR G 256 107.15 -8.07 41.36
C THR G 256 108.43 -8.10 40.56
N ASP G 257 109.12 -6.96 40.49
CA ASP G 257 110.28 -6.84 39.59
C ASP G 257 111.56 -7.44 40.17
N PHE G 258 111.48 -8.68 40.61
CA PHE G 258 112.67 -9.38 41.07
C PHE G 258 113.51 -9.81 39.89
N ARG G 259 114.81 -9.53 39.94
CA ARG G 259 115.74 -9.88 38.88
C ARG G 259 116.46 -11.16 39.27
N ARG G 260 116.37 -12.18 38.42
CA ARG G 260 117.14 -13.39 38.64
C ARG G 260 118.58 -13.19 38.17
N GLN G 261 119.51 -13.82 38.89
CA GLN G 261 120.94 -13.62 38.67
C GLN G 261 121.45 -14.25 37.39
N ASP G 262 120.65 -15.07 36.72
CA ASP G 262 121.05 -15.75 35.50
C ASP G 262 120.02 -15.57 34.41
N THR G 263 119.58 -14.34 34.19
CA THR G 263 118.54 -14.03 33.22
C THR G 263 118.93 -12.77 32.42
N ILE G 264 118.56 -12.77 31.15
CA ILE G 264 118.79 -11.64 30.25
C ILE G 264 117.48 -11.29 29.55
N TRP G 265 117.07 -10.02 29.65
CA TRP G 265 115.85 -9.54 29.02
C TRP G 265 116.19 -8.76 27.77
N VAL G 266 115.48 -9.06 26.68
CA VAL G 266 115.68 -8.40 25.39
C VAL G 266 114.34 -7.92 24.87
N LEU G 267 114.34 -6.74 24.25
CA LEU G 267 113.13 -6.12 23.74
C LEU G 267 113.43 -5.42 22.42
N ALA G 268 112.45 -5.42 21.53
CA ALA G 268 112.55 -4.73 20.24
C ALA G 268 111.43 -3.71 20.04
N LEU G 269 110.62 -3.43 21.05
CA LEU G 269 109.50 -2.52 20.92
C LEU G 269 109.51 -1.51 22.06
N GLN G 270 109.03 -0.31 21.75
CA GLN G 270 108.73 0.71 22.75
C GLN G 270 107.22 0.87 22.80
N LEU G 271 106.64 0.57 23.96
CA LEU G 271 105.19 0.41 24.09
C LEU G 271 104.41 1.72 23.95
N PRO G 272 104.90 2.88 24.40
CA PRO G 272 104.29 4.14 23.97
C PRO G 272 104.35 4.27 22.45
N VAL G 273 103.30 4.87 21.88
CA VAL G 273 103.10 4.86 20.44
C VAL G 273 102.82 6.27 19.96
N ASN G 274 103.14 6.52 18.68
CA ASN G 274 102.85 7.81 18.03
C ASN G 274 101.74 7.62 17.02
N PRO G 275 100.53 8.14 17.26
CA PRO G 275 99.42 7.92 16.32
C PRO G 275 99.61 8.56 14.96
N GLN G 276 100.40 9.64 14.88
CA GLN G 276 100.54 10.34 13.61
C GLN G 276 101.27 9.50 12.58
N VAL G 277 102.18 8.64 13.02
CA VAL G 277 102.81 7.69 12.11
C VAL G 277 101.75 6.81 11.47
N VAL G 278 100.74 6.41 12.25
CA VAL G 278 99.65 5.61 11.70
C VAL G 278 98.81 6.44 10.74
N TRP G 279 98.44 7.65 11.13
CA TRP G 279 97.47 8.43 10.36
C TRP G 279 98.07 9.22 9.20
N ASP G 280 99.38 9.19 9.01
CA ASP G 280 99.98 9.87 7.87
C ASP G 280 99.96 9.03 6.61
N VAL G 281 99.48 7.80 6.68
CA VAL G 281 99.46 6.90 5.51
C VAL G 281 98.45 7.40 4.50
N PRO G 282 98.80 7.52 3.22
CA PRO G 282 97.85 8.06 2.23
C PRO G 282 96.72 7.09 1.97
N ARG G 283 95.50 7.63 1.95
CA ARG G 283 94.27 6.89 1.62
C ARG G 283 94.13 5.64 2.48
N SER G 284 94.11 5.86 3.79
CA SER G 284 94.11 4.75 4.75
C SER G 284 93.06 4.91 5.83
N SER G 285 92.23 5.95 5.76
CA SER G 285 91.19 6.14 6.78
C SER G 285 90.20 4.99 6.78
N ILE G 286 89.84 4.49 5.59
CA ILE G 286 88.93 3.36 5.50
C ILE G 286 89.55 2.11 6.11
N ALA G 287 90.85 1.91 5.91
CA ALA G 287 91.53 0.76 6.51
C ALA G 287 91.53 0.86 8.02
N ASN G 288 91.86 2.04 8.54
CA ASN G 288 91.86 2.24 9.99
C ASN G 288 90.48 2.02 10.57
N LEU G 289 89.45 2.53 9.90
CA LEU G 289 88.08 2.37 10.40
C LEU G 289 87.66 0.91 10.42
N ILE G 290 87.92 0.19 9.33
CA ILE G 290 87.45 -1.19 9.27
C ILE G 290 88.23 -2.06 10.26
N MET G 291 89.52 -1.80 10.45
CA MET G 291 90.22 -2.66 11.39
C MET G 291 89.93 -2.23 12.83
N ASN G 292 89.53 -0.98 13.05
CA ASN G 292 88.99 -0.58 14.35
C ASN G 292 87.71 -1.35 14.66
N ILE G 293 86.83 -1.47 13.66
CA ILE G 293 85.64 -2.30 13.80
C ILE G 293 86.04 -3.74 14.13
N ALA G 294 87.05 -4.26 13.44
CA ALA G 294 87.47 -5.63 13.67
C ALA G 294 88.08 -5.82 15.06
N THR G 295 88.71 -4.78 15.60
CA THR G 295 89.43 -4.92 16.87
C THR G 295 88.54 -4.64 18.08
N CYS G 296 88.01 -3.42 18.18
CA CYS G 296 87.44 -2.97 19.45
C CYS G 296 85.99 -3.39 19.66
N LEU G 297 85.32 -3.92 18.65
CA LEU G 297 83.92 -4.26 18.80
C LEU G 297 83.76 -5.52 19.62
N PRO G 298 83.01 -5.49 20.72
CA PRO G 298 82.78 -6.70 21.51
C PRO G 298 81.65 -7.52 20.89
N THR G 299 81.36 -8.65 21.54
CA THR G 299 80.29 -9.53 21.12
C THR G 299 78.98 -9.06 21.75
N GLY G 300 77.99 -8.75 20.91
CA GLY G 300 76.75 -8.17 21.39
C GLY G 300 75.54 -8.85 20.77
N GLU G 301 74.36 -8.36 21.17
CA GLU G 301 73.13 -8.93 20.64
C GLU G 301 72.03 -7.88 20.67
N TYR G 302 70.95 -8.17 19.93
CA TYR G 302 69.82 -7.28 19.74
C TYR G 302 68.63 -7.75 20.56
N ILE G 303 67.98 -6.81 21.24
CA ILE G 303 66.89 -7.10 22.16
C ILE G 303 65.65 -6.37 21.68
N ALA G 304 64.53 -7.08 21.65
CA ALA G 304 63.22 -6.49 21.39
C ALA G 304 62.67 -5.86 22.66
N PRO G 305 61.85 -4.81 22.53
CA PRO G 305 61.25 -4.19 23.72
C PRO G 305 60.17 -5.07 24.31
N ASN G 306 59.64 -4.61 25.44
CA ASN G 306 58.61 -5.36 26.14
C ASN G 306 57.36 -5.44 25.29
N PRO G 307 56.75 -6.62 25.16
CA PRO G 307 55.51 -6.72 24.38
C PRO G 307 54.34 -5.95 24.99
N ARG G 308 54.40 -5.64 26.28
CA ARG G 308 53.28 -5.03 26.96
C ARG G 308 53.30 -3.50 26.94
N ILE G 309 54.26 -2.89 26.24
CA ILE G 309 54.27 -1.44 26.14
C ILE G 309 53.12 -0.95 25.26
N SER G 310 52.84 -1.66 24.17
CA SER G 310 51.83 -1.18 23.23
C SER G 310 50.41 -1.43 23.72
N SER G 311 50.20 -2.50 24.48
CA SER G 311 48.86 -2.89 24.87
C SER G 311 48.80 -3.23 26.35
N ILE G 312 47.61 -3.07 26.93
CA ILE G 312 47.33 -3.53 28.28
C ILE G 312 45.96 -4.19 28.27
N THR G 313 45.85 -5.31 28.97
CA THR G 313 44.59 -6.00 29.15
C THR G 313 43.88 -5.48 30.39
N LEU G 314 42.56 -5.64 30.41
CA LEU G 314 41.75 -5.26 31.56
C LEU G 314 40.88 -6.41 32.06
N THR G 315 40.39 -7.25 31.15
CA THR G 315 39.68 -8.47 31.51
C THR G 315 40.10 -9.56 30.53
N GLN G 316 39.40 -10.69 30.56
CA GLN G 316 39.79 -11.80 29.69
C GLN G 316 39.42 -11.55 28.23
N ARG G 317 38.56 -10.59 27.95
CA ARG G 317 38.10 -10.35 26.59
C ARG G 317 38.43 -8.97 26.05
N ILE G 318 38.46 -7.94 26.89
CA ILE G 318 38.69 -6.57 26.47
C ILE G 318 40.16 -6.24 26.67
N THR G 319 40.78 -5.65 25.66
CA THR G 319 42.19 -5.29 25.74
C THR G 319 42.46 -4.12 24.82
N THR G 320 43.33 -3.21 25.26
CA THR G 320 43.75 -2.09 24.43
C THR G 320 44.56 -2.58 23.24
N THR G 321 44.57 -1.79 22.17
CA THR G 321 45.35 -2.07 20.98
C THR G 321 46.28 -0.91 20.68
N GLY G 322 47.40 -1.23 20.04
CA GLY G 322 48.43 -0.26 19.77
C GLY G 322 48.09 0.63 18.59
N PRO G 323 48.52 1.89 18.65
CA PRO G 323 48.32 2.80 17.52
C PRO G 323 49.02 2.34 16.25
N PHE G 324 50.14 1.64 16.37
CA PHE G 324 50.88 1.11 15.24
C PHE G 324 50.77 -0.41 15.18
N ALA G 325 49.58 -0.93 15.45
CA ALA G 325 49.37 -2.38 15.48
C ALA G 325 49.62 -3.01 14.12
N ILE G 326 49.25 -2.30 13.04
CA ILE G 326 49.43 -2.86 11.71
C ILE G 326 50.91 -2.96 11.35
N LEU G 327 51.75 -2.09 11.90
CA LEU G 327 53.18 -2.16 11.62
C LEU G 327 53.96 -2.99 12.63
N THR G 328 53.41 -3.21 13.83
CA THR G 328 54.12 -3.99 14.84
C THR G 328 54.29 -5.44 14.39
N GLY G 329 53.25 -6.03 13.81
CA GLY G 329 53.32 -7.39 13.31
C GLY G 329 54.06 -7.49 12.00
N SER G 330 55.35 -7.19 12.02
CA SER G 330 56.17 -7.23 10.81
C SER G 330 57.56 -7.76 11.18
N THR G 331 58.16 -8.51 10.25
CA THR G 331 59.46 -9.12 10.48
C THR G 331 60.36 -8.84 9.27
N PRO G 332 61.59 -8.37 9.50
CA PRO G 332 62.45 -7.99 8.38
C PRO G 332 62.94 -9.20 7.59
N THR G 333 63.42 -8.92 6.38
CA THR G 333 64.06 -9.92 5.55
C THR G 333 65.57 -9.83 5.72
N ALA G 334 66.32 -10.54 4.87
CA ALA G 334 67.77 -10.47 4.91
C ALA G 334 68.27 -9.07 4.60
N GLN G 335 67.74 -8.45 3.55
CA GLN G 335 68.16 -7.09 3.20
C GLN G 335 67.79 -6.11 4.29
N GLN G 336 66.60 -6.25 4.87
CA GLN G 336 66.17 -5.33 5.92
C GLN G 336 67.00 -5.51 7.19
N LEU G 337 67.35 -6.76 7.51
CA LEU G 337 68.26 -7.00 8.63
C LEU G 337 69.62 -6.36 8.38
N ASN G 338 70.12 -6.47 7.15
CA ASN G 338 71.38 -5.82 6.77
C ASN G 338 71.28 -4.32 6.93
N ASP G 339 70.13 -3.74 6.54
CA ASP G 339 69.93 -2.30 6.69
C ASP G 339 69.93 -1.90 8.16
N VAL G 340 69.31 -2.72 9.01
CA VAL G 340 69.32 -2.44 10.46
C VAL G 340 70.75 -2.45 10.98
N ARG G 341 71.53 -3.43 10.54
CA ARG G 341 72.95 -3.47 10.90
C ARG G 341 73.65 -2.19 10.47
N LYS G 342 73.39 -1.74 9.24
CA LYS G 342 74.04 -0.55 8.73
C LYS G 342 73.64 0.69 9.54
N ILE G 343 72.38 0.74 9.98
CA ILE G 343 71.92 1.87 10.79
C ILE G 343 72.67 1.91 12.12
N TYR G 344 72.79 0.77 12.79
CA TYR G 344 73.53 0.80 14.05
C TYR G 344 75.03 1.04 13.84
N LEU G 345 75.57 0.64 12.69
CA LEU G 345 76.96 1.00 12.41
C LEU G 345 77.13 2.50 12.23
N ALA G 346 76.22 3.13 11.48
CA ALA G 346 76.23 4.58 11.37
C ALA G 346 76.04 5.24 12.73
N LEU G 347 75.29 4.59 13.61
CA LEU G 347 75.04 5.15 14.93
C LEU G 347 76.27 5.06 15.82
N MET G 348 77.03 3.96 15.73
CA MET G 348 78.06 3.73 16.74
C MET G 348 79.33 4.52 16.42
N PHE G 349 79.60 4.80 15.15
CA PHE G 349 80.56 5.83 14.75
C PHE G 349 79.85 7.09 14.28
N PRO G 350 79.92 8.19 15.03
CA PRO G 350 79.35 9.47 14.55
C PRO G 350 80.37 10.24 13.71
N GLY G 351 79.99 10.55 12.48
CA GLY G 351 80.76 11.47 11.67
C GLY G 351 81.44 10.87 10.45
N GLN G 352 82.04 9.71 10.62
CA GLN G 352 82.80 9.10 9.53
C GLN G 352 81.93 8.24 8.61
N ILE G 353 80.67 8.01 8.96
CA ILE G 353 79.78 7.14 8.21
C ILE G 353 78.59 7.97 7.75
N ILE G 354 78.23 7.83 6.47
CA ILE G 354 77.09 8.54 5.90
C ILE G 354 76.10 7.50 5.38
N LEU G 355 74.82 7.73 5.64
CA LEU G 355 73.74 6.87 5.21
C LEU G 355 73.11 7.43 3.94
N ASP G 356 72.24 6.62 3.33
CA ASP G 356 71.40 7.09 2.23
C ASP G 356 70.14 6.24 2.16
N LEU G 357 69.20 6.68 1.35
CA LEU G 357 67.89 6.06 1.25
C LEU G 357 67.72 5.46 -0.15
N LYS G 358 67.24 4.22 -0.20
CA LYS G 358 67.18 3.45 -1.44
C LYS G 358 65.75 3.38 -1.96
N ILE G 359 65.60 3.58 -3.27
CA ILE G 359 64.35 3.33 -3.96
C ILE G 359 64.62 2.35 -5.10
N ASP G 360 63.63 1.50 -5.36
CA ASP G 360 63.61 0.65 -6.54
C ASP G 360 62.18 0.18 -6.75
N PRO G 361 61.74 0.04 -8.00
CA PRO G 361 60.34 -0.31 -8.24
C PRO G 361 59.95 -1.70 -7.75
N GLY G 362 60.91 -2.58 -7.50
CA GLY G 362 60.62 -3.98 -7.21
C GLY G 362 59.94 -4.23 -5.88
N GLU G 363 59.78 -3.22 -5.04
CA GLU G 363 59.19 -3.38 -3.72
C GLU G 363 57.96 -2.51 -3.59
N ARG G 364 56.98 -3.01 -2.85
CA ARG G 364 55.72 -2.32 -2.63
C ARG G 364 55.45 -2.20 -1.13
N MET G 365 55.02 -1.02 -0.69
CA MET G 365 54.78 -0.76 0.72
C MET G 365 53.55 0.11 0.89
N ASP G 366 52.97 0.03 2.08
CA ASP G 366 52.02 1.03 2.53
C ASP G 366 52.72 2.38 2.60
N PRO G 367 52.15 3.45 2.03
CA PRO G 367 52.80 4.77 2.12
C PRO G 367 53.02 5.29 3.53
N ALA G 368 52.39 4.69 4.54
CA ALA G 368 52.59 5.13 5.92
C ALA G 368 54.00 4.86 6.44
N VAL G 369 54.79 4.05 5.72
CA VAL G 369 56.16 3.79 6.16
C VAL G 369 56.98 5.07 6.20
N ARG G 370 56.83 5.92 5.17
CA ARG G 370 57.53 7.20 5.17
C ARG G 370 56.91 8.17 6.18
N MET G 371 55.60 8.08 6.38
CA MET G 371 54.89 8.95 7.31
C MET G 371 55.42 8.77 8.73
N VAL G 372 55.66 7.52 9.11
CA VAL G 372 56.28 7.25 10.40
C VAL G 372 57.80 7.39 10.34
N ALA G 373 58.38 7.17 9.16
CA ALA G 373 59.83 7.20 9.01
C ALA G 373 60.39 8.59 9.22
N GLY G 374 59.66 9.63 8.80
CA GLY G 374 60.10 10.99 9.10
C GLY G 374 60.22 11.24 10.59
N VAL G 375 59.22 10.78 11.35
CA VAL G 375 59.24 10.96 12.80
C VAL G 375 60.41 10.22 13.41
N VAL G 376 60.61 8.95 13.00
CA VAL G 376 61.67 8.18 13.64
C VAL G 376 63.04 8.70 13.21
N GLY G 377 63.15 9.22 11.99
CA GLY G 377 64.41 9.81 11.57
C GLY G 377 64.75 11.06 12.36
N HIS G 378 63.76 11.93 12.58
CA HIS G 378 64.01 13.09 13.42
C HIS G 378 64.25 12.71 14.89
N LEU G 379 63.80 11.54 15.31
CA LEU G 379 64.04 11.12 16.68
C LEU G 379 65.18 10.11 16.83
N LEU G 380 65.92 9.81 15.77
CA LEU G 380 66.90 8.73 15.86
C LEU G 380 68.29 9.10 15.36
N PHE G 381 68.45 10.13 14.54
CA PHE G 381 69.77 10.63 14.16
C PHE G 381 70.02 12.03 14.69
N THR G 382 71.30 12.39 14.73
CA THR G 382 71.77 13.72 15.08
C THR G 382 72.39 14.37 13.85
N ALA G 383 71.93 15.57 13.51
CA ALA G 383 72.39 16.28 12.32
C ALA G 383 72.71 17.73 12.65
N GLY G 384 73.45 17.95 13.73
CA GLY G 384 73.85 19.29 14.08
C GLY G 384 74.76 19.30 15.29
N GLY G 385 75.34 20.48 15.53
CA GLY G 385 76.29 20.64 16.59
C GLY G 385 77.69 20.84 16.05
N ARG G 386 78.59 19.91 16.35
CA ARG G 386 79.99 19.99 15.91
C ARG G 386 80.38 18.87 14.97
N PHE G 387 79.43 18.10 14.46
CA PHE G 387 79.68 17.03 13.50
C PHE G 387 78.45 16.88 12.61
N THR G 388 78.39 15.76 11.89
CA THR G 388 77.21 15.45 11.09
C THR G 388 77.06 13.94 10.96
N ASN G 389 75.83 13.51 10.68
CA ASN G 389 75.53 12.12 10.36
C ASN G 389 74.68 11.97 9.12
N LEU G 390 74.04 13.04 8.66
CA LEU G 390 73.20 13.01 7.47
C LEU G 390 73.83 13.82 6.35
N THR G 391 73.33 13.59 5.14
CA THR G 391 73.59 14.48 4.01
C THR G 391 72.30 15.23 3.67
N GLN G 392 72.44 16.22 2.79
CA GLN G 392 71.39 17.22 2.63
C GLN G 392 70.13 16.65 2.01
N ASN G 393 70.26 15.76 1.03
CA ASN G 393 69.09 15.34 0.25
C ASN G 393 68.15 14.50 1.10
N MET G 394 68.68 13.51 1.83
CA MET G 394 67.79 12.72 2.66
C MET G 394 67.31 13.49 3.88
N ALA G 395 68.06 14.49 4.33
CA ALA G 395 67.55 15.37 5.38
C ALA G 395 66.33 16.13 4.89
N ARG G 396 66.39 16.64 3.66
CA ARG G 396 65.23 17.31 3.06
C ARG G 396 64.06 16.34 2.90
N GLN G 397 64.37 15.10 2.50
CA GLN G 397 63.33 14.09 2.36
C GLN G 397 62.65 13.79 3.69
N LEU G 398 63.44 13.68 4.76
CA LEU G 398 62.87 13.48 6.09
C LEU G 398 62.03 14.67 6.52
N ASP G 399 62.48 15.88 6.17
CA ASP G 399 61.67 17.07 6.46
C ASP G 399 60.32 17.00 5.77
N ILE G 400 60.32 16.60 4.50
CA ILE G 400 59.07 16.45 3.75
C ILE G 400 58.19 15.38 4.39
N ALA G 401 58.80 14.28 4.83
CA ALA G 401 58.03 13.21 5.45
C ALA G 401 57.37 13.68 6.75
N LEU G 402 58.12 14.39 7.59
CA LEU G 402 57.55 14.88 8.85
C LEU G 402 56.44 15.90 8.57
N ASN G 403 56.65 16.77 7.58
CA ASN G 403 55.62 17.72 7.20
C ASN G 403 54.35 16.99 6.76
N ASP G 404 54.51 15.98 5.91
CA ASP G 404 53.33 15.30 5.38
C ASP G 404 52.62 14.49 6.46
N TYR G 405 53.36 13.99 7.45
CA TYR G 405 52.71 13.35 8.59
C TYR G 405 51.93 14.36 9.42
N LEU G 406 52.49 15.56 9.61
CA LEU G 406 51.77 16.61 10.32
C LEU G 406 50.60 17.16 9.52
N LEU G 407 50.55 16.90 8.21
CA LEU G 407 49.44 17.39 7.40
C LEU G 407 48.32 16.38 7.19
N TYR G 408 48.63 15.11 6.93
CA TYR G 408 47.60 14.11 6.71
C TYR G 408 47.01 13.70 8.05
N MET G 409 45.70 13.78 8.16
CA MET G 409 45.03 13.54 9.43
C MET G 409 43.64 12.99 9.17
N TYR G 410 43.13 12.24 10.14
CA TYR G 410 41.92 11.45 9.98
C TYR G 410 40.74 11.89 10.83
N ASN G 411 40.97 12.65 11.90
CA ASN G 411 39.85 13.18 12.69
C ASN G 411 39.30 14.45 12.06
N THR G 412 38.43 15.15 12.79
CA THR G 412 37.89 16.40 12.30
C THR G 412 38.96 17.49 12.23
N ARG G 413 38.85 18.31 11.19
CA ARG G 413 39.92 19.18 10.74
C ARG G 413 40.20 20.31 11.72
N VAL G 414 41.48 20.60 11.92
CA VAL G 414 41.93 21.81 12.61
C VAL G 414 42.49 22.75 11.56
N GLN G 415 42.63 24.02 11.95
CA GLN G 415 42.95 25.06 11.00
C GLN G 415 44.46 25.24 10.88
N VAL G 416 44.90 25.59 9.67
CA VAL G 416 46.31 25.78 9.37
C VAL G 416 46.48 27.14 8.70
N ASN G 417 47.60 27.81 8.99
CA ASN G 417 47.94 29.07 8.35
C ASN G 417 49.29 28.90 7.68
N TYR G 418 49.30 28.89 6.35
CA TYR G 418 50.51 28.65 5.59
C TYR G 418 51.41 29.87 5.58
N GLY G 419 52.72 29.61 5.48
CA GLY G 419 53.71 30.67 5.48
C GLY G 419 54.01 31.17 4.09
N PRO G 420 55.00 32.06 3.99
CA PRO G 420 55.31 32.68 2.70
C PRO G 420 55.91 31.74 1.66
N THR G 421 56.98 31.03 2.02
CA THR G 421 57.76 30.32 1.01
C THR G 421 57.24 28.90 0.80
N GLY G 422 57.74 28.26 -0.26
CA GLY G 422 57.42 26.91 -0.63
C GLY G 422 58.25 25.83 0.05
N GLU G 423 59.15 26.22 0.94
CA GLU G 423 59.85 25.25 1.77
C GLU G 423 58.84 24.51 2.64
N PRO G 424 59.02 23.20 2.86
CA PRO G 424 58.13 22.49 3.79
C PRO G 424 58.23 23.04 5.19
N LEU G 425 57.18 22.78 5.97
CA LEU G 425 57.05 23.19 7.38
C LEU G 425 56.97 24.71 7.53
N ASP G 426 56.47 25.41 6.51
CA ASP G 426 56.23 26.85 6.61
C ASP G 426 54.75 27.08 6.86
N PHE G 427 54.32 26.82 8.09
CA PHE G 427 52.95 27.06 8.48
C PHE G 427 52.86 27.01 10.01
N GLN G 428 51.71 27.45 10.51
CA GLN G 428 51.37 27.33 11.93
C GLN G 428 50.03 26.62 12.04
N ILE G 429 49.82 25.96 13.18
CA ILE G 429 48.75 24.96 13.29
C ILE G 429 48.13 25.04 14.68
N GLY G 430 46.86 24.65 14.76
CA GLY G 430 46.25 24.31 16.02
C GLY G 430 45.84 25.49 16.87
N ARG G 431 45.37 25.15 18.07
CA ARG G 431 44.80 26.14 18.98
C ARG G 431 45.87 26.98 19.66
N ASN G 432 47.04 26.42 19.94
CA ASN G 432 48.11 27.17 20.56
C ASN G 432 49.10 27.72 19.54
N GLN G 433 48.84 27.56 18.25
CA GLN G 433 49.58 28.21 17.18
C GLN G 433 51.07 27.86 17.23
N TYR G 434 51.37 26.57 17.43
CA TYR G 434 52.75 26.13 17.53
C TYR G 434 53.43 26.18 16.17
N ASP G 435 54.63 26.75 16.14
CA ASP G 435 55.36 26.95 14.90
C ASP G 435 56.21 25.72 14.61
N CYS G 436 55.93 25.07 13.48
CA CYS G 436 56.73 23.93 13.06
C CYS G 436 57.98 24.32 12.31
N ASN G 437 58.17 25.61 12.03
CA ASN G 437 59.36 26.07 11.30
C ASN G 437 60.64 25.82 12.08
N VAL G 438 60.55 25.63 13.39
CA VAL G 438 61.75 25.32 14.16
C VAL G 438 62.24 23.90 13.89
N PHE G 439 61.42 23.06 13.27
CA PHE G 439 61.78 21.68 13.03
C PHE G 439 62.52 21.46 11.71
N ARG G 440 62.81 22.51 10.96
CA ARG G 440 63.58 22.34 9.75
C ARG G 440 65.05 22.08 10.08
N ALA G 441 65.73 21.38 9.18
CA ALA G 441 67.11 20.97 9.43
C ALA G 441 68.08 21.93 8.74
N ASP G 442 69.04 22.44 9.51
CA ASP G 442 70.17 23.19 8.98
C ASP G 442 71.43 22.65 9.64
N PHE G 443 72.47 22.47 8.84
CA PHE G 443 73.68 21.85 9.38
C PHE G 443 74.41 22.78 10.35
N ALA G 444 74.43 24.08 10.07
CA ALA G 444 75.13 25.00 10.95
C ALA G 444 74.42 25.14 12.30
N THR G 445 73.09 25.09 12.29
CA THR G 445 72.30 25.23 13.52
C THR G 445 72.00 23.90 14.18
N GLY G 446 71.38 22.97 13.46
CA GLY G 446 71.17 21.63 13.97
C GLY G 446 69.85 21.37 14.66
N THR G 447 68.86 22.23 14.48
CA THR G 447 67.56 22.03 15.10
C THR G 447 66.88 20.79 14.54
N GLY G 448 66.03 20.18 15.36
CA GLY G 448 65.15 19.11 14.90
C GLY G 448 65.69 17.71 15.04
N TYR G 449 66.82 17.51 15.72
CA TYR G 449 67.34 16.16 15.90
C TYR G 449 67.84 15.96 17.33
N ASN G 450 68.47 14.82 17.61
CA ASN G 450 68.83 14.49 18.98
C ASN G 450 69.91 15.41 19.53
N GLY G 451 70.79 15.93 18.67
CA GLY G 451 71.81 16.85 19.09
C GLY G 451 71.39 18.30 19.19
N TRP G 452 70.13 18.60 18.91
CA TRP G 452 69.65 19.97 18.99
C TRP G 452 69.46 20.38 20.45
N ALA G 453 69.82 21.63 20.75
CA ALA G 453 69.60 22.25 22.05
C ALA G 453 70.29 21.47 23.17
N THR G 454 71.52 21.05 22.92
CA THR G 454 72.29 20.32 23.90
C THR G 454 73.77 20.47 23.56
N ILE G 455 74.61 19.84 24.36
CA ILE G 455 76.05 19.78 24.13
C ILE G 455 76.40 18.33 23.80
N ASP G 456 77.04 18.13 22.66
CA ASP G 456 77.20 16.80 22.09
C ASP G 456 78.57 16.18 22.30
N VAL G 457 79.63 16.98 22.46
CA VAL G 457 80.98 16.46 22.64
C VAL G 457 81.67 17.30 23.71
N GLU G 458 82.49 16.65 24.54
CA GLU G 458 83.08 17.35 25.67
C GLU G 458 84.49 16.85 25.94
N TYR G 459 85.27 17.67 26.65
CA TYR G 459 86.67 17.42 26.93
C TYR G 459 86.90 17.28 28.43
N ARG G 460 87.76 16.34 28.81
CA ARG G 460 87.96 15.93 30.18
C ARG G 460 89.47 15.81 30.45
N GLU G 461 89.81 15.13 31.55
CA GLU G 461 91.16 14.77 31.95
C GLU G 461 91.94 14.10 30.83
N PRO G 462 93.28 14.11 30.87
CA PRO G 462 94.05 13.47 29.79
C PRO G 462 93.72 11.99 29.62
N ALA G 463 93.59 11.58 28.37
CA ALA G 463 93.30 10.26 27.84
C ALA G 463 94.59 9.50 27.58
N PRO G 464 94.52 8.16 27.56
CA PRO G 464 95.72 7.38 27.20
C PRO G 464 96.28 7.71 25.83
N TYR G 465 95.42 7.99 24.85
CA TYR G 465 95.87 8.31 23.51
C TYR G 465 95.82 9.82 23.31
N VAL G 466 96.86 10.37 22.70
CA VAL G 466 97.00 11.82 22.65
C VAL G 466 96.26 12.44 21.48
N HIS G 467 95.90 11.67 20.45
CA HIS G 467 95.29 12.26 19.27
C HIS G 467 93.82 12.54 19.46
N ALA G 468 93.19 12.00 20.49
CA ALA G 468 91.76 12.20 20.73
C ALA G 468 91.51 12.24 22.22
N GLN G 469 90.92 13.33 22.69
CA GLN G 469 90.54 13.47 24.09
C GLN G 469 89.05 13.45 24.30
N ARG G 470 88.27 13.45 23.23
CA ARG G 470 86.86 13.78 23.30
C ARG G 470 86.04 12.65 23.92
N TYR G 471 84.90 13.03 24.49
CA TYR G 471 83.86 12.11 24.95
C TYR G 471 82.55 12.55 24.33
N ILE G 472 81.82 11.59 23.77
CA ILE G 472 80.58 11.90 23.05
C ILE G 472 79.41 11.83 24.02
N ARG G 473 78.54 12.84 23.94
CA ARG G 473 77.40 12.99 24.84
C ARG G 473 76.14 13.03 23.99
N TYR G 474 75.52 11.87 23.80
CA TYR G 474 74.26 11.81 23.05
C TYR G 474 73.11 12.32 23.90
N CYS G 475 72.30 13.20 23.30
CA CYS G 475 71.10 13.80 23.93
C CYS G 475 71.37 14.30 25.34
N GLY G 476 72.59 14.77 25.58
CA GLY G 476 72.95 15.37 26.84
C GLY G 476 73.02 14.42 28.02
N ILE G 477 73.05 13.13 27.78
CA ILE G 477 73.02 12.15 28.86
C ILE G 477 74.40 11.52 29.00
N ASP G 478 74.89 11.48 30.24
CA ASP G 478 76.17 10.86 30.56
C ASP G 478 75.95 9.46 31.13
N SER G 479 76.91 8.57 30.86
CA SER G 479 76.80 7.17 31.27
C SER G 479 76.73 7.02 32.77
N ARG G 480 77.24 7.99 33.53
CA ARG G 480 77.15 7.96 34.99
C ARG G 480 75.71 8.05 35.49
N GLU G 481 74.77 8.42 34.62
CA GLU G 481 73.35 8.32 34.99
C GLU G 481 72.94 6.87 35.19
N LEU G 482 73.61 5.92 34.54
CA LEU G 482 73.27 4.53 34.81
C LEU G 482 73.72 4.10 36.20
N ILE G 483 74.93 4.50 36.61
CA ILE G 483 75.42 4.09 37.93
C ILE G 483 74.89 4.99 39.05
N ASN G 484 74.59 6.26 38.76
CA ASN G 484 74.10 7.18 39.79
C ASN G 484 73.18 8.19 39.11
N PRO G 485 71.93 7.79 38.84
CA PRO G 485 71.02 8.67 38.09
C PRO G 485 70.66 9.91 38.88
N THR G 486 70.24 10.95 38.16
CA THR G 486 70.00 12.27 38.74
C THR G 486 68.52 12.58 38.98
N THR G 487 67.68 12.43 37.96
CA THR G 487 66.26 12.79 38.03
C THR G 487 65.40 11.55 38.12
N TYR G 488 64.09 11.74 38.34
CA TYR G 488 63.17 10.62 38.49
C TYR G 488 62.76 10.06 37.13
N GLY G 489 61.83 9.09 37.17
CA GLY G 489 61.46 8.39 35.94
C GLY G 489 60.75 9.28 34.94
N ILE G 490 59.82 10.10 35.42
CA ILE G 490 59.14 11.03 34.52
C ILE G 490 60.02 12.25 34.22
N GLY G 491 60.88 12.64 35.16
CA GLY G 491 61.73 13.81 34.98
C GLY G 491 62.82 13.65 33.94
N MET G 492 63.00 12.45 33.39
CA MET G 492 63.99 12.23 32.35
C MET G 492 63.46 12.77 31.02
N THR G 493 64.19 13.69 30.41
CA THR G 493 63.81 14.23 29.10
C THR G 493 64.99 14.96 28.49
N TYR G 494 64.84 15.29 27.21
CA TYR G 494 65.75 16.19 26.52
C TYR G 494 64.93 17.07 25.59
N HIS G 495 65.56 18.15 25.12
CA HIS G 495 64.83 19.29 24.57
C HIS G 495 64.08 18.94 23.30
N CYS G 496 64.74 18.27 22.35
CA CYS G 496 64.08 17.94 21.10
C CYS G 496 62.93 16.96 21.32
N TYR G 497 63.09 16.06 22.29
CA TYR G 497 62.00 15.15 22.63
C TYR G 497 60.82 15.91 23.21
N ASN G 498 61.11 16.90 24.06
CA ASN G 498 60.06 17.76 24.62
C ASN G 498 59.30 18.49 23.52
N GLU G 499 60.04 19.06 22.57
CA GLU G 499 59.39 19.80 21.48
C GLU G 499 58.59 18.88 20.58
N MET G 500 59.10 17.66 20.34
CA MET G 500 58.36 16.68 19.55
C MET G 500 57.05 16.32 20.24
N LEU G 501 57.10 16.06 21.55
CA LEU G 501 55.90 15.72 22.29
C LEU G 501 54.89 16.89 22.29
N ARG G 502 55.39 18.11 22.48
CA ARG G 502 54.51 19.27 22.49
C ARG G 502 53.87 19.48 21.12
N MET G 503 54.63 19.27 20.05
CA MET G 503 54.06 19.40 18.70
C MET G 503 52.99 18.34 18.45
N LEU G 504 53.26 17.09 18.84
CA LEU G 504 52.29 16.03 18.60
C LEU G 504 51.01 16.25 19.39
N VAL G 505 51.12 16.65 20.66
CA VAL G 505 49.91 16.92 21.43
C VAL G 505 49.24 18.19 20.90
N ALA G 506 50.01 19.09 20.29
CA ALA G 506 49.42 20.26 19.67
C ALA G 506 48.64 19.88 18.41
N ALA G 507 49.09 18.85 17.69
CA ALA G 507 48.42 18.42 16.47
C ALA G 507 47.18 17.59 16.73
N GLY G 508 46.70 17.53 17.97
CA GLY G 508 45.55 16.73 18.31
C GLY G 508 45.81 15.25 18.37
N LYS G 509 47.05 14.82 18.13
CA LYS G 509 47.38 13.40 18.08
C LYS G 509 47.84 12.98 19.47
N ASP G 510 47.13 12.03 20.06
CA ASP G 510 47.30 11.71 21.48
C ASP G 510 47.81 10.30 21.74
N SER G 511 47.27 9.30 21.04
CA SER G 511 47.68 7.92 21.27
C SER G 511 49.15 7.72 20.90
N GLU G 512 49.58 8.32 19.80
CA GLU G 512 50.99 8.27 19.42
C GLU G 512 51.86 8.94 20.48
N ALA G 513 51.37 10.05 21.05
CA ALA G 513 52.09 10.71 22.12
C ALA G 513 52.21 9.80 23.34
N ALA G 514 51.15 9.06 23.65
CA ALA G 514 51.21 8.11 24.76
C ALA G 514 52.23 7.01 24.50
N TYR G 515 52.23 6.47 23.28
CA TYR G 515 53.18 5.42 22.92
C TYR G 515 54.61 5.93 23.06
N PHE G 516 54.87 7.14 22.57
CA PHE G 516 56.23 7.67 22.64
C PHE G 516 56.64 8.01 24.07
N ARG G 517 55.72 8.55 24.86
CA ARG G 517 56.06 8.88 26.25
C ARG G 517 56.34 7.63 27.06
N SER G 518 55.64 6.53 26.76
CA SER G 518 56.04 5.26 27.31
C SER G 518 57.41 4.82 26.79
N MET G 519 57.67 5.09 25.50
CA MET G 519 58.85 4.55 24.83
C MET G 519 60.14 5.20 25.32
N LEU G 520 60.06 6.45 25.76
CA LEU G 520 61.23 7.31 25.98
C LEU G 520 62.37 6.69 26.79
N PRO G 521 62.15 6.07 27.97
CA PRO G 521 63.31 5.56 28.72
C PRO G 521 64.08 4.48 28.01
N PHE G 522 63.41 3.64 27.20
CA PHE G 522 64.13 2.65 26.40
C PHE G 522 65.06 3.33 25.42
N HIS G 523 64.58 4.40 24.78
CA HIS G 523 65.40 5.20 23.89
C HIS G 523 66.62 5.75 24.63
N MET G 524 66.39 6.32 25.81
CA MET G 524 67.49 6.96 26.51
C MET G 524 68.52 5.94 26.98
N VAL G 525 68.07 4.78 27.45
CA VAL G 525 69.03 3.78 27.91
C VAL G 525 69.78 3.17 26.73
N ARG G 526 69.13 3.05 25.57
CA ARG G 526 69.85 2.59 24.38
C ARG G 526 70.97 3.55 24.04
N PHE G 527 70.68 4.86 24.09
CA PHE G 527 71.74 5.81 23.80
C PHE G 527 72.77 5.88 24.93
N ALA G 528 72.37 5.55 26.15
CA ALA G 528 73.35 5.45 27.23
C ALA G 528 74.34 4.31 26.97
N ARG G 529 73.83 3.17 26.51
CA ARG G 529 74.72 2.06 26.17
C ARG G 529 75.62 2.42 24.99
N ILE G 530 75.08 3.13 23.99
CA ILE G 530 75.96 3.53 22.87
C ILE G 530 77.01 4.52 23.35
N ASN G 531 76.68 5.38 24.31
CA ASN G 531 77.68 6.27 24.89
C ASN G 531 78.78 5.50 25.59
N GLN G 532 78.40 4.47 26.36
CA GLN G 532 79.40 3.64 27.02
C GLN G 532 80.30 2.95 26.01
N ILE G 533 79.70 2.44 24.93
CA ILE G 533 80.48 1.76 23.90
C ILE G 533 81.48 2.71 23.28
N ILE G 534 81.03 3.93 22.95
CA ILE G 534 81.89 4.86 22.25
C ILE G 534 83.02 5.34 23.16
N ASN G 535 82.70 5.71 24.39
CA ASN G 535 83.73 6.34 25.22
C ASN G 535 84.69 5.32 25.82
N GLU G 536 84.26 4.08 26.06
CA GLU G 536 85.12 3.10 26.71
C GLU G 536 85.76 2.13 25.72
N ASP G 537 84.95 1.45 24.91
CA ASP G 537 85.44 0.32 24.13
C ASP G 537 86.34 0.77 22.98
N LEU G 538 85.94 1.83 22.28
CA LEU G 538 86.59 2.18 21.03
C LEU G 538 87.88 2.98 21.21
N HIS G 539 88.27 3.29 22.45
CA HIS G 539 89.47 4.09 22.66
C HIS G 539 90.70 3.31 22.21
N SER G 540 91.27 3.72 21.08
CA SER G 540 92.43 3.07 20.49
C SER G 540 93.19 4.11 19.69
N VAL G 541 94.37 3.71 19.20
CA VAL G 541 95.15 4.59 18.35
C VAL G 541 94.44 4.84 17.02
N PHE G 542 93.50 3.97 16.64
CA PHE G 542 92.81 4.07 15.36
C PHE G 542 91.53 4.88 15.44
N SER G 543 91.21 5.45 16.59
CA SER G 543 90.08 6.37 16.66
C SER G 543 90.41 7.64 15.89
N LEU G 544 89.37 8.29 15.39
CA LEU G 544 89.56 9.48 14.57
C LEU G 544 90.13 10.61 15.43
N PRO G 545 91.24 11.22 15.02
CA PRO G 545 91.82 12.31 15.81
C PRO G 545 90.93 13.54 15.78
N ASP G 546 91.11 14.39 16.81
CA ASP G 546 90.18 15.48 17.03
C ASP G 546 90.24 16.52 15.93
N ASP G 547 91.42 16.73 15.34
CA ASP G 547 91.56 17.74 14.30
C ASP G 547 90.68 17.43 13.09
N MET G 548 90.77 16.20 12.57
CA MET G 548 89.99 15.81 11.41
C MET G 548 88.50 15.77 11.74
N PHE G 549 88.17 15.31 12.96
CA PHE G 549 86.77 15.24 13.36
C PHE G 549 86.15 16.62 13.45
N ASN G 550 86.91 17.59 13.95
CA ASN G 550 86.40 18.96 14.00
C ASN G 550 86.47 19.65 12.64
N ALA G 551 87.28 19.13 11.72
CA ALA G 551 87.39 19.74 10.41
C ALA G 551 86.34 19.25 9.43
N LEU G 552 85.85 18.02 9.61
CA LEU G 552 85.03 17.40 8.57
C LEU G 552 83.71 18.13 8.35
N LEU G 553 83.06 18.59 9.42
CA LEU G 553 81.76 19.25 9.26
C LEU G 553 81.86 20.54 8.48
N PRO G 554 82.80 21.46 8.73
CA PRO G 554 82.99 22.57 7.79
C PRO G 554 83.36 22.11 6.39
N ASP G 555 84.09 21.00 6.27
CA ASP G 555 84.47 20.50 4.96
C ASP G 555 83.24 20.08 4.15
N LEU G 556 82.32 19.36 4.79
CA LEU G 556 81.15 18.90 4.07
C LEU G 556 80.15 20.01 3.83
N ILE G 557 80.01 20.93 4.79
CA ILE G 557 79.02 21.99 4.60
C ILE G 557 79.54 23.06 3.65
N ALA G 558 80.85 23.20 3.52
CA ALA G 558 81.43 24.16 2.59
C ALA G 558 81.86 23.53 1.28
N GLY G 559 81.78 22.21 1.15
CA GLY G 559 82.24 21.54 -0.06
C GLY G 559 83.74 21.56 -0.24
N ALA G 560 84.49 21.87 0.82
CA ALA G 560 85.94 21.95 0.73
C ALA G 560 86.54 20.57 0.48
N HIS G 561 87.66 20.55 -0.23
CA HIS G 561 88.31 19.29 -0.59
C HIS G 561 89.01 18.71 0.63
N GLN G 562 88.67 17.47 0.98
CA GLN G 562 89.15 16.87 2.22
C GLN G 562 89.91 15.59 1.93
N ASN G 563 90.84 15.26 2.84
CA ASN G 563 91.60 14.02 2.73
C ASN G 563 90.78 12.81 3.16
N ALA G 564 89.87 12.98 4.13
CA ALA G 564 89.15 11.87 4.74
C ALA G 564 87.73 11.83 4.18
N ASP G 565 87.49 10.88 3.30
CA ASP G 565 86.15 10.70 2.74
C ASP G 565 85.26 10.04 3.77
N PRO G 566 84.16 10.67 4.19
CA PRO G 566 83.18 9.96 5.01
C PRO G 566 82.47 8.91 4.17
N VAL G 567 82.56 7.65 4.61
CA VAL G 567 82.03 6.55 3.83
C VAL G 567 80.50 6.63 3.80
N VAL G 568 79.94 6.56 2.60
CA VAL G 568 78.51 6.71 2.40
C VAL G 568 77.89 5.33 2.21
N LEU G 569 76.87 5.03 3.01
CA LEU G 569 76.15 3.77 2.94
C LEU G 569 74.69 4.02 2.60
N ASP G 570 73.88 2.97 2.67
CA ASP G 570 72.47 3.07 2.30
C ASP G 570 71.65 2.02 3.04
N VAL G 571 70.50 2.44 3.55
CA VAL G 571 69.54 1.56 4.22
C VAL G 571 68.16 1.76 3.59
N SER G 572 67.18 1.04 4.10
CA SER G 572 65.80 1.11 3.64
C SER G 572 64.96 1.90 4.64
N TRP G 573 63.76 2.29 4.18
CA TRP G 573 62.90 3.17 4.97
C TRP G 573 62.39 2.49 6.24
N ILE G 574 61.82 1.30 6.10
CA ILE G 574 61.23 0.60 7.23
C ILE G 574 62.30 0.13 8.20
N SER G 575 63.56 0.08 7.73
CA SER G 575 64.65 -0.31 8.60
C SER G 575 64.85 0.68 9.74
N LEU G 576 64.55 1.95 9.50
CA LEU G 576 64.66 2.93 10.58
C LEU G 576 63.69 2.61 11.70
N TRP G 577 62.44 2.30 11.35
CA TRP G 577 61.46 1.98 12.38
C TRP G 577 61.81 0.67 13.07
N PHE G 578 62.32 -0.30 12.33
CA PHE G 578 62.76 -1.54 12.97
C PHE G 578 63.92 -1.30 13.93
N ALA G 579 64.91 -0.50 13.52
CA ALA G 579 66.03 -0.18 14.40
C ALA G 579 65.57 0.63 15.60
N PHE G 580 64.45 1.32 15.47
CA PHE G 580 63.87 2.01 16.62
C PHE G 580 63.42 1.04 17.70
N ASN G 581 63.00 -0.16 17.30
CA ASN G 581 62.45 -1.15 18.24
C ASN G 581 63.47 -2.22 18.60
N ARG G 582 64.74 -1.85 18.78
CA ARG G 582 65.78 -2.80 19.17
C ARG G 582 66.77 -2.12 20.10
N SER G 583 67.51 -2.93 20.84
CA SER G 583 68.57 -2.41 21.69
C SER G 583 69.79 -3.32 21.57
N PHE G 584 70.96 -2.76 21.83
CA PHE G 584 72.21 -3.49 21.72
C PHE G 584 72.77 -3.78 23.11
N GLU G 585 73.13 -5.04 23.34
CA GLU G 585 73.65 -5.46 24.64
C GLU G 585 74.88 -6.34 24.41
N PRO G 586 76.08 -5.85 24.71
CA PRO G 586 77.28 -6.69 24.62
C PRO G 586 77.53 -7.56 25.85
N THR G 587 76.94 -8.76 25.89
CA THR G 587 77.05 -9.61 27.07
C THR G 587 78.48 -10.08 27.33
N HIS G 588 79.37 -9.98 26.35
CA HIS G 588 80.79 -10.22 26.57
C HIS G 588 81.61 -9.24 25.74
N ARG G 589 82.86 -9.06 26.17
CA ARG G 589 83.79 -8.17 25.50
C ARG G 589 84.74 -8.95 24.60
N ASN G 590 85.31 -8.24 23.63
CA ASN G 590 86.17 -8.88 22.63
C ASN G 590 87.43 -9.44 23.28
N GLU G 591 87.76 -10.68 22.93
CA GLU G 591 88.90 -11.34 23.55
C GLU G 591 90.22 -10.74 23.08
N MET G 592 90.33 -10.44 21.78
CA MET G 592 91.60 -9.94 21.26
C MET G 592 91.92 -8.54 21.75
N LEU G 593 90.96 -7.87 22.39
CA LEU G 593 91.25 -6.64 23.13
C LEU G 593 92.37 -6.85 24.12
N GLU G 594 92.41 -8.03 24.74
CA GLU G 594 93.46 -8.30 25.73
C GLU G 594 94.85 -8.38 25.09
N VAL G 595 94.94 -8.46 23.76
CA VAL G 595 96.21 -8.36 23.07
C VAL G 595 96.20 -7.22 22.06
N ALA G 596 95.31 -6.24 22.25
CA ALA G 596 95.16 -5.16 21.27
C ALA G 596 96.39 -4.28 21.10
N PRO G 597 96.99 -3.68 22.18
CA PRO G 597 97.96 -2.59 21.93
C PRO G 597 99.25 -3.03 21.24
N LEU G 598 99.91 -4.05 21.79
CA LEU G 598 101.22 -4.46 21.29
C LEU G 598 101.19 -4.72 19.79
N ILE G 599 100.07 -5.24 19.28
CA ILE G 599 99.89 -5.50 17.86
C ILE G 599 100.26 -4.27 17.05
N GLU G 600 99.58 -3.14 17.31
CA GLU G 600 99.83 -1.98 16.48
C GLU G 600 101.25 -1.47 16.65
N SER G 601 101.87 -1.72 17.80
CA SER G 601 103.27 -1.36 18.00
C SER G 601 104.13 -2.00 16.91
N VAL G 602 103.95 -3.32 16.72
CA VAL G 602 104.66 -4.01 15.65
C VAL G 602 104.34 -3.36 14.31
N TYR G 603 103.05 -3.10 14.08
CA TYR G 603 102.60 -2.33 12.93
C TYR G 603 103.46 -1.10 12.76
N ALA G 604 103.47 -0.23 13.78
CA ALA G 604 104.22 1.02 13.71
C ALA G 604 105.66 0.76 13.34
N SER G 605 106.27 -0.24 13.98
CA SER G 605 107.69 -0.52 13.76
C SER G 605 107.96 -0.76 12.29
N GLU G 606 107.14 -1.61 11.65
CA GLU G 606 107.37 -1.91 10.25
C GLU G 606 107.27 -0.64 9.41
N LEU G 607 106.23 0.17 9.66
CA LEU G 607 106.09 1.42 8.92
C LEU G 607 107.30 2.29 9.13
N SER G 608 107.77 2.37 10.37
CA SER G 608 108.96 3.14 10.68
C SER G 608 110.09 2.72 9.76
N VAL G 609 110.33 1.41 9.70
CA VAL G 609 111.44 0.88 8.90
C VAL G 609 111.31 1.35 7.46
N MET G 610 110.12 1.17 6.88
CA MET G 610 110.00 1.45 5.46
C MET G 610 110.15 2.94 5.22
N LYS G 611 109.61 3.77 6.11
CA LYS G 611 109.75 5.21 5.91
C LYS G 611 111.22 5.56 5.82
N VAL G 612 112.03 4.95 6.69
CA VAL G 612 113.45 5.25 6.76
C VAL G 612 114.09 5.02 5.38
N ASP G 613 113.91 3.81 4.83
CA ASP G 613 114.72 3.58 3.64
C ASP G 613 114.14 4.34 2.45
N MET G 614 112.85 4.68 2.53
CA MET G 614 112.25 5.55 1.53
C MET G 614 113.07 6.81 1.37
N ARG G 615 113.38 7.47 2.50
CA ARG G 615 114.15 8.70 2.47
C ARG G 615 115.49 8.47 1.80
N HIS G 616 116.16 7.38 2.17
CA HIS G 616 117.50 7.13 1.65
C HIS G 616 117.46 6.98 0.15
N LEU G 617 116.39 6.38 -0.38
CA LEU G 617 116.28 6.20 -1.82
C LEU G 617 116.30 7.56 -2.51
N SER G 618 115.52 8.51 -1.98
CA SER G 618 115.46 9.83 -2.56
C SER G 618 116.84 10.47 -2.64
N LEU G 619 117.73 10.11 -1.71
CA LEU G 619 119.06 10.69 -1.70
C LEU G 619 119.77 10.48 -3.04
N MET G 620 119.76 9.24 -3.56
CA MET G 620 120.51 9.06 -4.80
C MET G 620 119.85 9.76 -5.98
N GLN G 621 118.54 10.00 -5.91
CA GLN G 621 117.90 10.78 -6.97
C GLN G 621 118.47 12.18 -6.99
N ARG G 622 118.77 12.74 -5.83
CA ARG G 622 119.55 13.98 -5.77
C ARG G 622 121.02 13.72 -6.01
N ARG G 623 121.53 12.57 -5.57
CA ARG G 623 122.97 12.36 -5.60
C ARG G 623 123.46 12.05 -7.01
N PHE G 624 122.69 11.28 -7.78
CA PHE G 624 123.16 10.72 -9.04
C PHE G 624 122.09 10.81 -10.11
N PRO G 625 122.22 11.73 -11.07
CA PRO G 625 121.26 11.80 -12.17
C PRO G 625 121.54 10.82 -13.30
N ASP G 626 122.81 10.50 -13.51
CA ASP G 626 123.19 9.75 -14.72
C ASP G 626 122.83 8.27 -14.59
N VAL G 627 122.98 7.68 -13.41
CA VAL G 627 122.57 6.30 -13.22
C VAL G 627 121.07 6.23 -12.98
N LEU G 628 120.41 7.38 -12.82
CA LEU G 628 118.96 7.43 -12.71
C LEU G 628 118.37 8.29 -13.83
N ILE G 629 118.77 8.03 -15.07
CA ILE G 629 118.21 8.73 -16.22
C ILE G 629 116.69 8.59 -16.22
N GLN G 630 116.18 7.39 -16.00
CA GLN G 630 114.75 7.11 -16.04
C GLN G 630 114.15 7.02 -14.64
N ALA G 631 114.60 7.87 -13.71
CA ALA G 631 114.10 7.81 -12.34
C ALA G 631 112.64 8.23 -12.28
N ARG G 632 111.86 7.47 -11.50
CA ARG G 632 110.47 7.72 -11.21
C ARG G 632 110.26 7.16 -9.81
N PRO G 633 109.55 7.88 -8.93
CA PRO G 633 109.43 7.40 -7.54
C PRO G 633 108.79 6.03 -7.40
N SER G 634 107.94 5.63 -8.35
CA SER G 634 107.34 4.32 -8.31
C SER G 634 108.39 3.21 -8.38
N HIS G 635 109.54 3.48 -9.00
CA HIS G 635 110.59 2.48 -9.11
C HIS G 635 111.05 2.00 -7.73
N PHE G 636 111.62 2.92 -6.94
CA PHE G 636 112.06 2.52 -5.61
C PHE G 636 110.90 2.20 -4.68
N TRP G 637 109.73 2.81 -4.91
CA TRP G 637 108.55 2.44 -4.14
C TRP G 637 108.25 0.95 -4.29
N LYS G 638 108.17 0.46 -5.53
CA LYS G 638 107.92 -0.96 -5.76
C LYS G 638 109.08 -1.82 -5.32
N ALA G 639 110.31 -1.30 -5.46
CA ALA G 639 111.48 -2.08 -5.06
C ALA G 639 111.47 -2.38 -3.57
N VAL G 640 111.17 -1.38 -2.75
CA VAL G 640 111.04 -1.63 -1.32
C VAL G 640 109.80 -2.47 -1.04
N LEU G 641 108.70 -2.18 -1.73
CA LEU G 641 107.43 -2.85 -1.44
C LEU G 641 107.43 -4.30 -1.89
N ASN G 642 108.45 -4.74 -2.62
CA ASN G 642 108.56 -6.17 -2.92
C ASN G 642 109.23 -6.91 -1.77
N ASP G 643 110.32 -6.37 -1.25
CA ASP G 643 111.05 -6.99 -0.14
C ASP G 643 110.51 -6.40 1.16
N SER G 644 109.36 -6.92 1.58
CA SER G 644 108.68 -6.42 2.76
C SER G 644 107.66 -7.47 3.20
N PRO G 645 107.29 -7.49 4.49
CA PRO G 645 106.28 -8.45 4.94
C PRO G 645 104.92 -8.17 4.31
N GLU G 646 104.25 -9.25 3.89
CA GLU G 646 102.99 -9.13 3.17
C GLU G 646 101.85 -8.65 4.05
N ALA G 647 102.04 -8.62 5.37
CA ALA G 647 100.93 -8.30 6.27
C ALA G 647 100.51 -6.84 6.15
N VAL G 648 101.45 -5.91 6.35
CA VAL G 648 101.14 -4.49 6.28
C VAL G 648 100.74 -4.10 4.86
N LYS G 649 101.38 -4.72 3.87
CA LYS G 649 101.01 -4.49 2.49
C LYS G 649 99.57 -4.91 2.23
N ALA G 650 99.13 -6.01 2.84
CA ALA G 650 97.73 -6.42 2.71
C ALA G 650 96.81 -5.45 3.45
N VAL G 651 97.26 -4.93 4.59
CA VAL G 651 96.46 -3.95 5.33
C VAL G 651 96.19 -2.74 4.47
N MET G 652 97.22 -2.22 3.80
CA MET G 652 97.01 -1.01 3.01
C MET G 652 96.48 -1.34 1.61
N ASN G 653 96.59 -2.60 1.18
CA ASN G 653 95.89 -3.09 0.01
C ASN G 653 94.39 -3.17 0.23
N LEU G 654 93.96 -3.36 1.48
CA LEU G 654 92.53 -3.36 1.78
C LEU G 654 91.88 -2.05 1.34
N SER G 655 92.65 -0.97 1.31
CA SER G 655 92.16 0.28 0.74
C SER G 655 91.79 0.10 -0.73
N HIS G 656 92.56 -0.71 -1.45
CA HIS G 656 92.47 -0.93 -2.89
C HIS G 656 92.77 0.33 -3.70
N SER G 657 93.14 1.42 -3.04
CA SER G 657 93.80 2.54 -3.67
C SER G 657 95.31 2.34 -3.72
N HIS G 658 95.78 1.15 -3.39
CA HIS G 658 97.20 0.83 -3.49
C HIS G 658 97.68 0.92 -4.93
N ASN G 659 96.83 0.55 -5.88
CA ASN G 659 97.17 0.71 -7.29
C ASN G 659 96.93 2.13 -7.78
N PHE G 660 96.51 3.03 -6.88
CA PHE G 660 96.07 4.35 -7.28
C PHE G 660 96.92 5.45 -6.64
N ILE G 661 98.07 5.07 -6.07
CA ILE G 661 98.87 5.99 -5.29
C ILE G 661 99.58 6.97 -6.21
N ASN G 662 99.41 8.26 -5.94
CA ASN G 662 99.96 9.31 -6.80
C ASN G 662 101.24 9.88 -6.20
N ILE G 663 101.97 10.61 -7.05
CA ILE G 663 103.29 11.10 -6.68
C ILE G 663 103.22 12.14 -5.57
N ARG G 664 102.12 12.90 -5.49
CA ARG G 664 101.98 13.88 -4.42
C ARG G 664 101.96 13.21 -3.06
N ASP G 665 101.17 12.14 -2.93
CA ASP G 665 101.14 11.38 -1.68
C ASP G 665 102.49 10.77 -1.38
N MET G 666 103.18 10.28 -2.41
CA MET G 666 104.47 9.64 -2.23
C MET G 666 105.49 10.62 -1.68
N MET G 667 105.63 11.78 -2.31
CA MET G 667 106.63 12.75 -1.88
C MET G 667 106.23 13.40 -0.55
N ARG G 668 104.92 13.54 -0.30
CA ARG G 668 104.48 14.04 1.00
C ARG G 668 104.82 13.06 2.11
N TRP G 669 104.64 11.76 1.86
CA TRP G 669 105.09 10.74 2.80
C TRP G 669 106.60 10.76 2.97
N VAL G 670 107.33 11.06 1.89
CA VAL G 670 108.79 11.13 1.96
C VAL G 670 109.23 12.25 2.89
N MET G 671 108.58 13.42 2.80
CA MET G 671 109.07 14.58 3.55
C MET G 671 108.99 14.39 5.06
N LEU G 672 107.98 13.69 5.55
CA LEU G 672 107.76 13.59 7.00
C LEU G 672 108.80 12.71 7.67
N PRO G 673 109.57 13.23 8.62
CA PRO G 673 110.51 12.40 9.39
C PRO G 673 109.95 11.82 10.68
N SER G 674 108.63 11.85 10.88
CA SER G 674 108.03 11.27 12.07
C SER G 674 108.35 9.79 12.16
N LEU G 675 108.68 9.32 13.36
CA LEU G 675 109.31 8.02 13.49
C LEU G 675 109.04 7.45 14.87
N GLN G 676 108.94 6.12 14.95
CA GLN G 676 108.74 5.40 16.19
C GLN G 676 109.87 4.40 16.39
N PRO G 677 110.64 4.48 17.48
CA PRO G 677 111.85 3.66 17.59
C PRO G 677 111.56 2.18 17.79
N SER G 678 112.45 1.36 17.24
CA SER G 678 112.46 -0.08 17.44
C SER G 678 113.86 -0.58 17.15
N LEU G 679 114.12 -1.84 17.52
CA LEU G 679 115.48 -2.36 17.45
C LEU G 679 115.97 -2.45 16.00
N LYS G 680 115.25 -3.20 15.16
CA LYS G 680 115.62 -3.30 13.75
C LYS G 680 115.55 -1.95 13.04
N LEU G 681 114.74 -1.03 13.56
CA LEU G 681 114.74 0.33 13.02
C LEU G 681 116.11 0.97 13.11
N ALA G 682 116.66 1.07 14.31
CA ALA G 682 117.95 1.75 14.47
C ALA G 682 119.08 0.91 13.88
N LEU G 683 118.93 -0.42 13.84
CA LEU G 683 119.88 -1.22 13.09
C LEU G 683 119.87 -0.86 11.60
N GLU G 684 118.67 -0.68 11.03
CA GLU G 684 118.56 -0.19 9.67
C GLU G 684 119.15 1.20 9.54
N GLU G 685 118.98 2.03 10.58
CA GLU G 685 119.53 3.38 10.57
C GLU G 685 121.04 3.36 10.47
N GLU G 686 121.70 2.51 11.27
CA GLU G 686 123.15 2.43 11.19
C GLU G 686 123.62 1.72 9.92
N ALA G 687 122.82 0.78 9.41
CA ALA G 687 123.15 0.16 8.13
C ALA G 687 123.16 1.19 7.02
N TRP G 688 122.14 2.05 6.97
CA TRP G 688 122.11 3.12 5.97
C TRP G 688 123.17 4.18 6.26
N ALA G 689 123.53 4.37 7.52
CA ALA G 689 124.62 5.28 7.85
C ALA G 689 125.93 4.80 7.26
N ALA G 690 126.21 3.49 7.37
CA ALA G 690 127.34 2.92 6.68
C ALA G 690 127.17 3.02 5.17
N ALA G 691 125.92 2.86 4.70
CA ALA G 691 125.62 2.92 3.27
C ALA G 691 125.69 4.32 2.70
N ASN G 692 125.82 5.35 3.55
CA ASN G 692 126.08 6.69 3.04
C ASN G 692 127.43 6.76 2.34
N ASP G 693 128.35 5.89 2.74
CA ASP G 693 129.61 5.72 2.03
C ASP G 693 129.39 4.68 0.96
N PHE G 694 129.16 5.13 -0.28
CA PHE G 694 128.82 4.22 -1.37
C PHE G 694 129.97 3.29 -1.75
N GLU G 695 131.19 3.55 -1.29
CA GLU G 695 132.29 2.62 -1.48
C GLU G 695 132.10 1.32 -0.71
N ASP G 696 131.25 1.32 0.33
CA ASP G 696 131.03 0.12 1.12
C ASP G 696 130.21 -0.92 0.37
N LEU G 697 129.58 -0.54 -0.73
CA LEU G 697 128.75 -1.44 -1.52
C LEU G 697 129.34 -1.77 -2.89
N MET G 698 130.59 -1.38 -3.13
CA MET G 698 131.25 -1.55 -4.43
C MET G 698 130.41 -0.95 -5.57
N LEU G 699 129.93 0.26 -5.33
CA LEU G 699 129.33 1.10 -6.36
C LEU G 699 130.37 2.11 -6.87
N THR G 700 131.62 1.66 -6.93
CA THR G 700 132.74 2.55 -7.16
C THR G 700 132.71 3.14 -8.56
N ASP G 701 133.14 4.39 -8.68
CA ASP G 701 133.17 5.09 -9.96
C ASP G 701 134.54 5.62 -10.35
N GLN G 702 135.61 5.24 -9.64
CA GLN G 702 136.97 5.61 -10.02
C GLN G 702 137.47 4.62 -11.05
N VAL G 703 137.55 5.05 -12.31
CA VAL G 703 138.08 4.23 -13.40
C VAL G 703 139.04 5.08 -14.22
N TYR G 704 140.25 4.57 -14.42
CA TYR G 704 141.30 5.26 -15.17
C TYR G 704 141.85 4.34 -16.26
N MET G 705 142.39 4.95 -17.31
CA MET G 705 142.89 4.18 -18.45
C MET G 705 144.05 4.91 -19.10
N HIS G 706 145.11 4.16 -19.41
CA HIS G 706 146.32 4.72 -20.01
C HIS G 706 147.19 3.61 -20.58
N ARG G 707 148.31 3.96 -21.20
CA ARG G 707 149.28 2.98 -21.65
C ARG G 707 149.98 2.32 -20.47
N ASP G 708 149.69 1.04 -20.26
CA ASP G 708 150.37 0.24 -19.25
C ASP G 708 150.58 -1.17 -19.79
N MET G 709 151.74 -1.73 -19.49
CA MET G 709 152.13 -3.04 -19.98
C MET G 709 152.47 -3.96 -18.81
N LEU G 710 152.36 -5.25 -19.05
CA LEU G 710 152.73 -6.24 -18.05
C LEU G 710 154.23 -6.22 -17.85
N PRO G 711 154.71 -6.13 -16.60
CA PRO G 711 156.16 -6.02 -16.37
C PRO G 711 156.88 -7.29 -16.77
N GLU G 712 158.16 -7.13 -17.14
CA GLU G 712 158.98 -8.23 -17.64
C GLU G 712 160.25 -8.30 -16.79
N PRO G 713 160.17 -8.88 -15.59
CA PRO G 713 161.38 -9.05 -14.78
C PRO G 713 162.33 -10.02 -15.44
N ARG G 714 163.63 -9.76 -15.29
CA ARG G 714 164.64 -10.64 -15.83
C ARG G 714 164.89 -11.80 -14.88
N LEU G 715 164.84 -13.02 -15.41
CA LEU G 715 164.96 -14.24 -14.61
C LEU G 715 166.44 -14.47 -14.32
N ASP G 716 166.91 -13.89 -13.22
CA ASP G 716 168.31 -14.08 -12.82
C ASP G 716 168.49 -15.43 -12.14
N ASP G 717 167.76 -15.67 -11.05
CA ASP G 717 167.79 -16.94 -10.35
C ASP G 717 166.36 -17.36 -10.04
N ILE G 718 166.08 -18.66 -10.23
CA ILE G 718 164.71 -19.15 -10.02
C ILE G 718 164.32 -19.06 -8.55
N GLU G 719 165.19 -19.55 -7.66
CA GLU G 719 164.84 -19.58 -6.24
C GLU G 719 164.76 -18.18 -5.65
N ARG G 720 165.58 -17.25 -6.13
CA ARG G 720 165.44 -15.85 -5.73
C ARG G 720 164.07 -15.31 -6.13
N PHE G 721 163.61 -15.65 -7.33
CA PHE G 721 162.31 -15.18 -7.79
C PHE G 721 161.18 -15.86 -7.03
N ARG G 722 161.38 -17.10 -6.59
CA ARG G 722 160.42 -17.75 -5.69
C ARG G 722 160.35 -17.00 -4.36
N GLN G 723 161.51 -16.75 -3.75
CA GLN G 723 161.53 -16.15 -2.42
C GLN G 723 160.97 -14.74 -2.42
N GLU G 724 161.23 -13.98 -3.49
CA GLU G 724 160.67 -12.63 -3.57
C GLU G 724 159.18 -12.68 -3.86
N GLY G 725 158.79 -13.32 -4.96
CA GLY G 725 157.40 -13.40 -5.32
C GLY G 725 156.81 -12.10 -5.84
N PHE G 726 157.25 -11.68 -7.02
CA PHE G 726 156.68 -10.52 -7.68
C PHE G 726 155.23 -10.79 -8.08
N TYR G 727 154.43 -9.73 -8.08
CA TYR G 727 153.02 -9.83 -8.40
C TYR G 727 152.61 -8.56 -9.12
N TYR G 728 151.51 -8.62 -9.86
CA TYR G 728 151.06 -7.44 -10.59
C TYR G 728 149.57 -7.28 -10.43
N THR G 729 149.09 -6.05 -10.61
CA THR G 729 147.65 -5.81 -10.68
C THR G 729 147.39 -4.64 -11.62
N ASN G 730 146.23 -4.67 -12.26
CA ASN G 730 145.72 -3.50 -12.97
C ASN G 730 145.10 -2.49 -12.02
N MET G 731 144.93 -2.87 -10.76
CA MET G 731 144.29 -2.03 -9.75
C MET G 731 145.20 -0.83 -9.43
N LEU G 732 144.58 0.31 -9.16
CA LEU G 732 145.31 1.48 -8.70
C LEU G 732 145.24 1.54 -7.18
N GLU G 733 146.39 1.38 -6.52
CA GLU G 733 146.45 1.51 -5.07
C GLU G 733 146.20 2.95 -4.64
N ALA G 734 146.61 3.92 -5.46
CA ALA G 734 146.38 5.33 -5.24
C ALA G 734 146.15 6.01 -6.59
N PRO G 735 145.30 7.03 -6.64
CA PRO G 735 145.12 7.75 -7.90
C PRO G 735 146.37 8.54 -8.23
N PRO G 736 146.69 8.69 -9.52
CA PRO G 736 147.83 9.52 -9.92
C PRO G 736 147.47 11.00 -9.82
N GLU G 737 148.42 11.83 -10.27
CA GLU G 737 148.17 13.27 -10.27
C GLU G 737 147.20 13.65 -11.38
N ILE G 738 146.54 14.79 -11.21
CA ILE G 738 145.32 15.08 -11.95
C ILE G 738 145.58 15.71 -13.32
N ASP G 739 146.76 16.28 -13.55
CA ASP G 739 147.03 16.96 -14.82
C ASP G 739 146.94 15.99 -16.00
N ARG G 740 147.42 14.75 -15.81
CA ARG G 740 147.31 13.75 -16.86
C ARG G 740 145.89 13.24 -17.01
N VAL G 741 145.10 13.24 -15.94
CA VAL G 741 143.75 12.70 -15.96
C VAL G 741 142.81 13.71 -16.62
N VAL G 742 141.97 13.21 -17.52
CA VAL G 742 140.97 14.02 -18.20
C VAL G 742 139.58 13.55 -17.76
N GLN G 743 138.70 14.50 -17.47
CA GLN G 743 137.35 14.18 -17.06
C GLN G 743 136.48 13.90 -18.28
N TYR G 744 135.60 12.91 -18.14
CA TYR G 744 134.72 12.51 -19.23
C TYR G 744 133.35 12.15 -18.66
N THR G 745 132.32 12.45 -19.42
CA THR G 745 130.94 12.34 -18.94
C THR G 745 130.11 11.49 -19.90
N TYR G 746 128.87 11.24 -19.48
CA TYR G 746 127.95 10.42 -20.26
C TYR G 746 127.54 11.13 -21.54
N GLU G 747 127.13 12.39 -21.44
CA GLU G 747 126.55 13.09 -22.57
C GLU G 747 127.60 13.38 -23.64
N ILE G 748 128.80 13.79 -23.22
CA ILE G 748 129.87 14.02 -24.18
C ILE G 748 130.27 12.72 -24.87
N ALA G 749 130.24 11.61 -24.12
CA ALA G 749 130.52 10.30 -24.70
C ALA G 749 129.50 9.96 -25.77
N ARG G 750 128.22 10.19 -25.48
CA ARG G 750 127.16 9.93 -26.45
C ARG G 750 127.32 10.79 -27.69
N LEU G 751 127.65 12.07 -27.48
CA LEU G 751 127.83 12.99 -28.61
C LEU G 751 128.98 12.56 -29.50
N GLN G 752 130.14 12.27 -28.89
CA GLN G 752 131.30 11.86 -29.67
C GLN G 752 131.08 10.50 -30.34
N ALA G 753 130.29 9.63 -29.72
CA ALA G 753 129.90 8.40 -30.38
C ALA G 753 129.06 8.68 -31.61
N ASN G 754 128.14 9.65 -31.50
CA ASN G 754 127.32 10.00 -32.67
C ASN G 754 128.16 10.59 -33.78
N MET G 755 129.13 11.45 -33.45
CA MET G 755 130.06 11.90 -34.49
C MET G 755 131.02 10.79 -34.89
N GLY G 756 131.28 9.83 -34.00
CA GLY G 756 132.15 8.72 -34.31
C GLY G 756 133.62 8.98 -34.10
N GLN G 757 134.00 10.19 -33.71
CA GLN G 757 135.38 10.53 -33.41
C GLN G 757 135.76 10.13 -31.98
N PHE G 758 134.82 9.52 -31.25
CA PHE G 758 135.09 9.09 -29.87
C PHE G 758 136.27 8.14 -29.81
N ARG G 759 136.27 7.12 -30.67
CA ARG G 759 137.42 6.22 -30.71
C ARG G 759 138.66 6.94 -31.22
N ALA G 760 138.49 7.92 -32.12
CA ALA G 760 139.63 8.72 -32.56
C ALA G 760 140.21 9.54 -31.43
N ALA G 761 139.35 10.14 -30.60
CA ALA G 761 139.82 10.86 -29.42
C ALA G 761 140.51 9.93 -28.44
N LEU G 762 139.96 8.72 -28.28
CA LEU G 762 140.60 7.72 -27.43
C LEU G 762 142.01 7.40 -27.93
N ARG G 763 142.15 7.17 -29.24
CA ARG G 763 143.46 6.84 -29.79
C ARG G 763 144.43 8.02 -29.67
N ARG G 764 143.93 9.24 -29.87
CA ARG G 764 144.79 10.41 -29.78
C ARG G 764 145.33 10.59 -28.37
N ILE G 765 144.44 10.62 -27.38
CA ILE G 765 144.88 10.79 -26.00
C ILE G 765 145.69 9.56 -25.56
N MET G 766 145.39 8.41 -26.15
CA MET G 766 146.06 7.17 -25.77
C MET G 766 147.51 7.20 -26.23
N ASP G 767 147.74 7.74 -27.44
CA ASP G 767 149.09 8.00 -27.92
C ASP G 767 149.77 9.07 -27.10
N ASP G 768 149.02 10.04 -26.60
CA ASP G 768 149.62 11.05 -25.72
C ASP G 768 150.03 10.47 -24.37
N ASP G 769 149.65 9.22 -24.07
CA ASP G 769 150.16 8.40 -22.97
C ASP G 769 149.68 8.85 -21.60
N ASP G 770 148.71 9.75 -21.52
CA ASP G 770 148.22 10.20 -20.23
C ASP G 770 146.95 9.43 -19.84
N TRP G 771 146.59 9.56 -18.57
CA TRP G 771 145.44 8.85 -18.05
C TRP G 771 144.15 9.42 -18.63
N VAL G 772 143.10 8.59 -18.65
CA VAL G 772 141.77 9.01 -19.05
C VAL G 772 140.78 8.48 -18.01
N ARG G 773 139.86 9.33 -17.57
CA ARG G 773 138.87 8.94 -16.57
C ARG G 773 137.53 8.65 -17.25
N PHE G 774 136.97 7.49 -16.95
CA PHE G 774 135.60 7.13 -17.33
C PHE G 774 134.84 6.82 -16.05
N GLY G 775 134.22 7.84 -15.48
CA GLY G 775 133.53 7.69 -14.20
C GLY G 775 132.24 8.48 -14.10
N GLY G 776 131.89 8.89 -12.89
CA GLY G 776 130.65 9.59 -12.63
C GLY G 776 129.44 8.69 -12.51
N VAL G 777 129.58 7.41 -12.82
CA VAL G 777 128.49 6.44 -12.78
C VAL G 777 128.95 5.24 -11.97
N LEU G 778 128.04 4.68 -11.18
CA LEU G 778 128.39 3.60 -10.27
C LEU G 778 128.48 2.27 -11.01
N ARG G 779 129.56 1.53 -10.74
CA ARG G 779 129.78 0.24 -11.37
C ARG G 779 130.16 -0.80 -10.31
N THR G 780 129.86 -2.06 -10.62
CA THR G 780 130.20 -3.15 -9.72
C THR G 780 131.70 -3.43 -9.76
N VAL G 781 132.19 -4.05 -8.70
CA VAL G 781 133.61 -4.34 -8.53
C VAL G 781 133.79 -5.85 -8.36
N ARG G 782 134.61 -6.45 -9.22
CA ARG G 782 134.87 -7.88 -9.19
C ARG G 782 136.37 -8.11 -9.16
N VAL G 783 136.81 -8.98 -8.25
CA VAL G 783 138.21 -9.42 -8.16
C VAL G 783 138.23 -10.93 -8.05
N LYS G 784 138.85 -11.59 -9.02
CA LYS G 784 139.12 -13.02 -8.90
C LYS G 784 140.51 -13.28 -9.47
N PHE G 785 141.30 -14.04 -8.72
CA PHE G 785 142.73 -14.13 -8.95
C PHE G 785 143.07 -15.04 -10.13
N TYR G 786 144.11 -14.65 -10.87
CA TYR G 786 144.56 -15.37 -12.05
C TYR G 786 146.00 -15.82 -11.86
N ASP G 787 146.32 -17.00 -12.40
CA ASP G 787 147.70 -17.48 -12.45
C ASP G 787 148.19 -17.72 -13.87
N ALA G 788 147.31 -18.21 -14.75
CA ALA G 788 147.64 -18.42 -16.15
C ALA G 788 147.37 -17.13 -16.92
N ARG G 789 147.39 -17.22 -18.25
CA ARG G 789 147.14 -16.04 -19.07
C ARG G 789 145.68 -15.61 -18.93
N PRO G 790 145.42 -14.32 -18.75
CA PRO G 790 144.05 -13.82 -18.61
C PRO G 790 143.33 -13.84 -19.95
N PRO G 791 142.01 -13.93 -19.94
CA PRO G 791 141.24 -13.67 -21.17
C PRO G 791 141.26 -12.19 -21.51
N ASP G 792 140.95 -11.91 -22.77
CA ASP G 792 141.02 -10.53 -23.27
C ASP G 792 139.96 -9.64 -22.63
N ASP G 793 138.77 -10.18 -22.37
CA ASP G 793 137.65 -9.35 -21.91
C ASP G 793 137.92 -8.74 -20.54
N VAL G 794 138.46 -9.53 -19.61
CA VAL G 794 138.73 -9.02 -18.27
C VAL G 794 139.91 -8.05 -18.31
N LEU G 795 140.98 -8.42 -19.01
CA LEU G 795 142.17 -7.56 -19.04
C LEU G 795 141.91 -6.29 -19.83
N GLN G 796 141.04 -6.35 -20.84
CA GLN G 796 140.65 -5.19 -21.62
C GLN G 796 139.18 -4.94 -21.33
N GLY G 797 138.90 -4.23 -20.25
CA GLY G 797 137.53 -3.92 -19.89
C GLY G 797 137.13 -2.54 -20.38
N LEU G 798 136.41 -2.50 -21.50
CA LEU G 798 136.04 -1.23 -22.10
C LEU G 798 134.71 -0.76 -21.51
N PRO G 799 134.68 0.42 -20.89
CA PRO G 799 133.42 0.90 -20.30
C PRO G 799 132.31 1.11 -21.32
N PHE G 800 132.64 1.48 -22.55
CA PHE G 800 131.64 1.52 -23.60
C PHE G 800 131.36 0.12 -24.10
N SER G 801 130.08 -0.26 -24.16
CA SER G 801 129.66 -1.59 -24.57
C SER G 801 128.68 -1.46 -25.72
N TYR G 802 129.07 -1.97 -26.88
CA TYR G 802 128.20 -1.93 -28.05
C TYR G 802 127.05 -2.90 -27.88
N ASP G 803 125.85 -2.46 -28.27
CA ASP G 803 124.65 -3.27 -28.13
C ASP G 803 124.40 -4.10 -29.38
N THR G 814 125.33 2.40 -31.27
CA THR G 814 125.37 3.15 -30.02
C THR G 814 126.21 2.41 -28.98
N ILE G 815 126.63 3.13 -27.94
CA ILE G 815 127.39 2.55 -26.84
C ILE G 815 126.75 2.94 -25.53
N LYS G 816 126.96 2.10 -24.52
CA LYS G 816 126.57 2.40 -23.15
C LYS G 816 127.83 2.74 -22.37
N TYR G 817 127.84 3.91 -21.73
CA TYR G 817 129.08 4.52 -21.27
C TYR G 817 129.72 3.73 -20.13
N ALA G 818 128.94 2.98 -19.36
CA ALA G 818 129.44 2.24 -18.22
C ALA G 818 129.32 0.74 -18.46
N THR G 819 130.39 0.01 -18.20
CA THR G 819 130.39 -1.44 -18.25
C THR G 819 131.18 -1.96 -17.05
N GLU G 820 130.68 -3.04 -16.44
CA GLU G 820 131.39 -3.65 -15.33
C GLU G 820 132.68 -4.32 -15.82
N THR G 821 133.72 -4.23 -14.99
CA THR G 821 135.02 -4.81 -15.32
C THR G 821 135.57 -5.50 -14.09
N THR G 822 135.97 -6.76 -14.26
CA THR G 822 136.58 -7.52 -13.18
C THR G 822 138.02 -7.04 -12.98
N ILE G 823 138.34 -6.63 -11.76
CA ILE G 823 139.67 -6.13 -11.44
C ILE G 823 140.63 -7.31 -11.35
N PHE G 824 141.78 -7.16 -12.00
CA PHE G 824 142.66 -8.28 -12.30
C PHE G 824 143.88 -8.30 -11.39
N TYR G 825 144.22 -9.49 -10.89
CA TYR G 825 145.39 -9.73 -10.06
C TYR G 825 146.20 -10.86 -10.68
N LEU G 826 147.51 -10.68 -10.78
CA LEU G 826 148.40 -11.67 -11.38
C LEU G 826 149.44 -12.11 -10.36
N ILE G 827 149.52 -13.43 -10.16
CA ILE G 827 150.54 -14.06 -9.32
C ILE G 827 151.56 -14.72 -10.25
N TYR G 828 152.83 -14.48 -10.00
CA TYR G 828 153.92 -14.97 -10.85
C TYR G 828 154.46 -16.28 -10.29
N ASN G 829 154.42 -17.33 -11.11
CA ASN G 829 154.95 -18.64 -10.76
C ASN G 829 155.93 -19.10 -11.82
N VAL G 830 157.01 -19.74 -11.39
CA VAL G 830 158.08 -20.16 -12.29
C VAL G 830 158.61 -21.52 -11.83
N GLU G 831 159.20 -22.26 -12.78
CA GLU G 831 159.87 -23.52 -12.51
C GLU G 831 161.37 -23.34 -12.62
N PHE G 832 162.10 -24.34 -12.11
CA PHE G 832 163.57 -24.27 -12.13
C PHE G 832 164.13 -24.40 -13.54
N SER G 833 163.48 -25.20 -14.39
CA SER G 833 164.02 -25.49 -15.71
C SER G 833 163.71 -24.40 -16.73
N ASN G 834 163.08 -23.31 -16.32
CA ASN G 834 162.86 -22.19 -17.23
C ASN G 834 164.15 -21.45 -17.50
N THR G 835 164.34 -21.07 -18.77
CA THR G 835 165.51 -20.32 -19.16
C THR G 835 165.43 -18.90 -18.61
N PRO G 836 166.57 -18.20 -18.51
CA PRO G 836 166.52 -16.80 -18.08
C PRO G 836 165.69 -15.90 -19.00
N ASP G 837 165.53 -16.28 -20.26
CA ASP G 837 164.70 -15.52 -21.20
C ASP G 837 163.45 -16.28 -21.63
N SER G 838 162.99 -17.23 -20.80
CA SER G 838 161.77 -17.96 -21.12
C SER G 838 160.55 -17.06 -21.12
N LEU G 839 160.49 -16.11 -20.19
CA LEU G 839 159.39 -15.16 -20.15
C LEU G 839 159.54 -14.03 -21.16
N VAL G 840 160.68 -13.95 -21.86
CA VAL G 840 160.91 -12.87 -22.81
C VAL G 840 160.05 -13.10 -24.04
N LEU G 841 159.20 -12.12 -24.36
CA LEU G 841 158.34 -12.16 -25.53
C LEU G 841 158.64 -10.98 -26.43
N ILE G 842 158.63 -11.24 -27.74
CA ILE G 842 158.95 -10.19 -28.71
C ILE G 842 157.88 -9.10 -28.69
N ASN G 843 156.62 -9.45 -28.46
CA ASN G 843 155.54 -8.47 -28.34
C ASN G 843 155.13 -8.35 -26.89
N PRO G 844 155.28 -7.18 -26.27
CA PRO G 844 154.90 -7.05 -24.86
C PRO G 844 153.39 -7.08 -24.67
N THR G 845 152.97 -7.78 -23.62
CA THR G 845 151.55 -7.86 -23.30
C THR G 845 151.07 -6.58 -22.63
N TYR G 846 149.89 -6.12 -23.03
CA TYR G 846 149.37 -4.82 -22.63
C TYR G 846 148.10 -4.96 -21.79
N THR G 847 147.85 -3.95 -20.96
CA THR G 847 146.64 -3.85 -20.16
C THR G 847 146.11 -2.43 -20.22
N MET G 848 144.81 -2.28 -20.00
CA MET G 848 144.17 -0.97 -20.21
C MET G 848 143.36 -0.46 -19.03
N THR G 849 142.66 -1.34 -18.32
CA THR G 849 141.67 -0.93 -17.33
C THR G 849 142.33 -0.73 -15.97
N LYS G 850 142.03 0.39 -15.32
CA LYS G 850 142.53 0.67 -13.98
C LYS G 850 141.40 1.23 -13.12
N VAL G 851 141.38 0.83 -11.85
CA VAL G 851 140.32 1.17 -10.91
C VAL G 851 140.96 1.58 -9.59
N PHE G 852 140.31 2.48 -8.86
CA PHE G 852 140.70 2.88 -7.51
C PHE G 852 139.55 2.59 -6.54
N ILE G 853 139.89 2.10 -5.34
CA ILE G 853 138.88 1.68 -4.37
C ILE G 853 138.94 2.45 -3.05
N ASN G 854 140.11 2.98 -2.68
CA ASN G 854 140.32 3.72 -1.43
C ASN G 854 139.98 2.84 -0.21
N LYS G 855 140.30 1.54 -0.31
CA LYS G 855 140.33 0.63 0.82
C LYS G 855 141.42 -0.41 0.58
N ARG G 856 141.77 -1.12 1.66
CA ARG G 856 142.80 -2.15 1.60
C ARG G 856 142.10 -3.51 1.47
N ILE G 857 141.98 -3.97 0.22
CA ILE G 857 141.33 -5.24 -0.05
C ILE G 857 142.35 -6.38 -0.06
N VAL G 858 143.42 -6.22 -0.83
CA VAL G 858 144.45 -7.24 -0.99
C VAL G 858 145.79 -6.63 -0.58
N GLU G 859 146.49 -7.32 0.33
CA GLU G 859 147.75 -6.79 0.85
C GLU G 859 148.76 -7.91 1.04
N ARG G 860 150.00 -7.66 0.62
CA ARG G 860 151.09 -8.59 0.91
C ARG G 860 151.58 -8.36 2.33
N VAL G 861 151.57 -9.43 3.14
CA VAL G 861 151.98 -9.37 4.53
C VAL G 861 153.07 -10.40 4.76
N ARG G 862 154.11 -10.01 5.49
CA ARG G 862 155.13 -10.94 5.93
C ARG G 862 154.54 -11.82 7.04
N VAL G 863 155.25 -12.91 7.37
CA VAL G 863 154.78 -13.82 8.42
C VAL G 863 154.60 -13.08 9.74
N GLY G 864 155.51 -12.16 10.06
CA GLY G 864 155.39 -11.35 11.25
C GLY G 864 154.18 -10.45 11.28
N GLN G 865 153.54 -10.23 10.12
CA GLN G 865 152.32 -9.45 10.03
C GLN G 865 151.07 -10.30 10.04
N ILE G 866 151.19 -11.63 10.18
CA ILE G 866 150.05 -12.52 10.00
C ILE G 866 148.93 -12.20 10.98
N LEU G 867 149.28 -11.99 12.25
CA LEU G 867 148.31 -11.60 13.26
C LEU G 867 148.32 -10.10 13.52
N ALA G 868 148.59 -9.30 12.49
CA ALA G 868 148.63 -7.84 12.63
C ALA G 868 147.25 -7.20 12.46
N VAL G 869 146.16 -7.96 12.69
CA VAL G 869 144.81 -7.46 12.47
C VAL G 869 143.97 -7.46 13.74
N LEU G 870 144.56 -7.73 14.90
CA LEU G 870 143.80 -7.94 16.13
C LEU G 870 143.66 -6.61 16.86
N ASN G 871 142.58 -5.89 16.58
CA ASN G 871 142.36 -4.60 17.21
C ASN G 871 140.91 -4.35 17.58
N ARG G 872 140.11 -5.41 17.74
CA ARG G 872 138.67 -5.27 17.93
C ARG G 872 138.25 -6.09 19.14
N ARG G 873 137.33 -5.54 19.94
CA ARG G 873 136.89 -6.16 21.18
C ARG G 873 135.62 -6.97 20.95
N PHE G 874 135.61 -8.20 21.44
CA PHE G 874 134.51 -9.12 21.25
C PHE G 874 133.99 -9.54 22.62
N VAL G 875 132.67 -9.50 22.81
CA VAL G 875 132.03 -9.83 24.08
C VAL G 875 131.26 -11.13 23.88
N ALA G 876 131.32 -12.02 24.88
CA ALA G 876 130.57 -13.26 24.86
C ALA G 876 130.14 -13.63 26.27
N TYR G 877 128.98 -14.28 26.37
CA TYR G 877 128.47 -14.76 27.64
C TYR G 877 128.85 -16.22 27.84
N LYS G 878 128.78 -16.68 29.08
CA LYS G 878 128.98 -18.08 29.38
C LYS G 878 127.75 -18.89 28.95
N GLY G 879 127.94 -20.19 28.78
CA GLY G 879 126.82 -21.06 28.42
C GLY G 879 125.75 -21.15 29.48
N LYS G 880 126.11 -20.89 30.75
CA LYS G 880 125.12 -20.86 31.81
C LYS G 880 124.13 -19.71 31.65
N MET G 881 124.50 -18.67 30.91
CA MET G 881 123.60 -17.55 30.67
C MET G 881 122.52 -17.94 29.68
N ARG G 882 121.29 -17.55 29.99
CA ARG G 882 120.14 -17.84 29.14
C ARG G 882 119.55 -16.54 28.62
N ILE G 883 119.10 -16.58 27.37
CA ILE G 883 118.54 -15.42 26.69
C ILE G 883 117.09 -15.73 26.39
N MET G 884 116.18 -14.91 26.90
CA MET G 884 114.75 -15.10 26.70
C MET G 884 114.14 -13.83 26.16
N ASP G 885 113.43 -13.95 25.03
CA ASP G 885 112.65 -12.84 24.52
C ASP G 885 111.53 -12.50 25.49
N ILE G 886 111.27 -11.22 25.68
CA ILE G 886 110.26 -10.80 26.64
C ILE G 886 109.31 -9.82 25.97
N THR G 887 109.35 -9.79 24.63
CA THR G 887 108.39 -8.99 23.88
C THR G 887 106.97 -9.54 24.01
N GLN G 888 106.84 -10.87 24.09
CA GLN G 888 105.54 -11.53 24.03
C GLN G 888 104.69 -11.33 25.28
N SER G 889 105.28 -10.88 26.39
CA SER G 889 104.59 -10.87 27.68
C SER G 889 104.16 -9.47 28.10
N LEU G 890 103.69 -8.65 27.17
CA LEU G 890 103.26 -7.28 27.46
C LEU G 890 101.73 -7.25 27.35
N LYS G 891 101.06 -7.58 28.43
CA LYS G 891 99.62 -7.75 28.43
C LYS G 891 99.02 -7.03 29.61
N MET G 892 97.77 -6.58 29.47
CA MET G 892 97.14 -5.73 30.47
C MET G 892 96.86 -6.45 31.78
N GLY G 893 96.97 -7.77 31.81
CA GLY G 893 96.82 -8.51 33.06
C GLY G 893 98.01 -8.43 33.98
N THR G 894 99.11 -7.84 33.52
CA THR G 894 100.29 -7.66 34.37
C THR G 894 100.19 -6.35 35.13
N LYS G 895 100.26 -6.42 36.45
CA LYS G 895 100.11 -5.24 37.29
C LYS G 895 101.25 -5.22 38.31
N LEU G 896 101.75 -4.03 38.61
CA LEU G 896 102.94 -3.86 39.42
C LEU G 896 102.63 -3.92 40.91
N ALA G 897 103.48 -4.67 41.64
CA ALA G 897 103.42 -4.61 43.10
C ALA G 897 103.85 -3.24 43.60
N ALA G 898 104.87 -2.66 42.98
CA ALA G 898 105.23 -1.26 43.20
C ALA G 898 104.79 -0.47 41.98
N PRO G 899 103.71 0.31 42.08
CA PRO G 899 103.19 1.01 40.91
C PRO G 899 104.12 2.11 40.44
N THR G 900 103.97 2.47 39.17
CA THR G 900 104.73 3.57 38.60
C THR G 900 104.43 4.87 39.33
N VAL G 901 105.47 5.68 39.53
CA VAL G 901 105.34 6.92 40.29
C VAL G 901 104.46 7.93 39.55
N GLN H 7 60.77 18.92 -59.51
CA GLN H 7 61.65 19.97 -60.00
C GLN H 7 60.95 21.33 -60.00
N ARG H 8 59.70 21.36 -60.41
CA ARG H 8 58.91 22.58 -60.33
C ARG H 8 58.50 22.80 -58.88
N PRO H 9 58.81 23.97 -58.30
CA PRO H 9 58.75 24.11 -56.83
C PRO H 9 57.39 23.92 -56.18
N GLU H 10 56.28 24.20 -56.86
CA GLU H 10 55.00 24.12 -56.19
C GLU H 10 54.48 22.70 -56.03
N ARG H 11 55.14 21.71 -56.63
CA ARG H 11 54.72 20.32 -56.49
C ARG H 11 55.43 19.59 -55.37
N ILE H 12 56.43 20.20 -54.75
CA ILE H 12 57.09 19.60 -53.59
C ILE H 12 56.37 20.05 -52.33
N LYS H 13 55.87 19.09 -51.56
CA LYS H 13 55.02 19.35 -50.42
C LYS H 13 55.75 19.00 -49.13
N THR H 14 55.65 19.89 -48.15
CA THR H 14 56.39 19.77 -46.90
C THR H 14 55.55 19.38 -45.71
N THR H 15 54.22 19.46 -45.79
CA THR H 15 53.38 19.36 -44.62
C THR H 15 52.37 18.23 -44.80
N PRO H 16 52.00 17.53 -43.73
CA PRO H 16 51.02 16.44 -43.81
C PRO H 16 49.56 16.91 -43.73
N TYR H 17 49.24 17.93 -44.52
CA TYR H 17 47.90 18.49 -44.56
C TYR H 17 47.30 18.48 -45.97
N LEU H 18 48.14 18.47 -47.00
CA LEU H 18 47.70 18.50 -48.38
C LEU H 18 47.84 17.17 -49.08
N GLU H 19 48.18 16.10 -48.36
CA GLU H 19 48.50 14.82 -48.95
C GLU H 19 47.45 13.78 -48.58
N GLY H 20 47.01 13.01 -49.56
CA GLY H 20 46.04 11.96 -49.34
C GLY H 20 46.06 10.98 -50.50
N ASP H 21 45.20 9.97 -50.39
CA ASP H 21 45.11 8.96 -51.43
C ASP H 21 44.38 9.50 -52.66
N VAL H 22 44.85 9.10 -53.83
CA VAL H 22 44.31 9.59 -55.09
C VAL H 22 43.00 8.89 -55.38
N LEU H 23 41.98 9.67 -55.74
CA LEU H 23 40.68 9.08 -56.03
C LEU H 23 40.60 8.57 -57.47
N SER H 24 40.96 9.40 -58.44
CA SER H 24 40.84 9.04 -59.85
C SER H 24 41.83 9.88 -60.65
N SER H 25 41.97 9.52 -61.92
CA SER H 25 42.81 10.27 -62.85
C SER H 25 41.97 10.76 -64.02
N ASP H 26 42.59 11.54 -64.89
CA ASP H 26 41.88 12.18 -65.99
C ASP H 26 42.88 12.70 -67.01
N SER H 27 42.42 12.82 -68.25
CA SER H 27 43.21 13.38 -69.33
C SER H 27 42.30 14.21 -70.21
N GLY H 28 42.90 14.86 -71.19
CA GLY H 28 42.18 15.67 -72.14
C GLY H 28 41.13 14.94 -72.95
N PRO H 29 41.55 13.93 -73.74
CA PRO H 29 40.61 13.28 -74.67
C PRO H 29 39.39 12.65 -74.00
N LEU H 30 39.56 12.03 -72.83
CA LEU H 30 38.42 11.41 -72.17
C LEU H 30 37.38 12.44 -71.79
N LEU H 31 37.81 13.56 -71.21
CA LEU H 31 36.86 14.62 -70.86
C LEU H 31 36.27 15.28 -72.10
N SER H 32 37.03 15.38 -73.19
CA SER H 32 36.48 15.98 -74.40
C SER H 32 35.37 15.11 -74.97
N VAL H 33 35.63 13.81 -75.15
CA VAL H 33 34.60 12.94 -75.69
C VAL H 33 33.43 12.82 -74.73
N PHE H 34 33.69 12.86 -73.42
CA PHE H 34 32.62 12.84 -72.44
C PHE H 34 31.74 14.08 -72.54
N ALA H 35 32.36 15.26 -72.73
CA ALA H 35 31.58 16.48 -72.89
C ALA H 35 30.72 16.43 -74.14
N LEU H 36 31.30 15.94 -75.24
CA LEU H 36 30.52 15.83 -76.47
C LEU H 36 29.35 14.87 -76.27
N GLN H 37 29.58 13.74 -75.62
CA GLN H 37 28.51 12.76 -75.44
C GLN H 37 27.44 13.28 -74.50
N GLU H 38 27.82 14.01 -73.44
CA GLU H 38 26.80 14.50 -72.52
C GLU H 38 25.94 15.57 -73.19
N ILE H 39 26.55 16.46 -73.98
CA ILE H 39 25.75 17.44 -74.71
C ILE H 39 24.83 16.74 -75.71
N MET H 40 25.36 15.72 -76.40
CA MET H 40 24.58 15.05 -77.42
C MET H 40 23.41 14.28 -76.81
N GLN H 41 23.64 13.62 -75.67
CA GLN H 41 22.56 12.93 -74.97
C GLN H 41 21.51 13.92 -74.49
N LYS H 42 21.94 15.08 -73.98
CA LYS H 42 20.98 16.09 -73.53
C LYS H 42 20.10 16.56 -74.68
N VAL H 43 20.71 16.88 -75.83
CA VAL H 43 19.91 17.38 -76.94
C VAL H 43 19.01 16.28 -77.51
N ARG H 44 19.48 15.03 -77.55
CA ARG H 44 18.63 13.95 -78.05
C ARG H 44 17.47 13.68 -77.10
N GLN H 45 17.71 13.74 -75.79
CA GLN H 45 16.62 13.57 -74.83
C GLN H 45 15.60 14.69 -74.97
N VAL H 46 16.09 15.92 -75.20
CA VAL H 46 15.21 17.05 -75.46
C VAL H 46 14.34 16.78 -76.68
N GLN H 47 14.96 16.32 -77.77
CA GLN H 47 14.22 16.06 -78.99
C GLN H 47 13.21 14.92 -78.83
N ALA H 48 13.60 13.88 -78.08
CA ALA H 48 12.76 12.69 -77.99
C ALA H 48 11.59 12.89 -77.03
N ASP H 49 11.78 13.64 -75.95
CA ASP H 49 10.74 13.74 -74.94
C ASP H 49 9.54 14.58 -75.38
N TYR H 50 9.55 15.13 -76.60
CA TYR H 50 8.47 15.97 -77.07
C TYR H 50 8.22 15.71 -78.55
N MET H 51 7.30 16.48 -79.13
CA MET H 51 6.90 16.30 -80.52
C MET H 51 7.66 17.34 -81.35
N THR H 52 8.71 16.89 -82.03
CA THR H 52 9.59 17.78 -82.80
C THR H 52 9.46 17.45 -84.29
N ALA H 53 9.14 18.47 -85.09
CA ALA H 53 9.00 18.33 -86.54
C ALA H 53 10.04 19.22 -87.20
N THR H 54 11.06 18.60 -87.81
CA THR H 54 12.13 19.34 -88.47
C THR H 54 12.80 18.41 -89.47
N ARG H 55 13.85 18.91 -90.11
CA ARG H 55 14.63 18.08 -91.02
C ARG H 55 15.34 16.97 -90.24
N GLU H 56 15.42 15.80 -90.86
CA GLU H 56 16.00 14.63 -90.23
C GLU H 56 17.50 14.77 -90.16
N VAL H 57 18.05 14.67 -88.96
CA VAL H 57 19.49 14.76 -88.74
C VAL H 57 19.90 13.68 -87.73
N ASP H 58 20.93 12.91 -88.07
CA ASP H 58 21.43 11.85 -87.23
C ASP H 58 22.60 12.34 -86.39
N PHE H 59 22.70 11.82 -85.17
CA PHE H 59 23.64 12.29 -84.17
C PHE H 59 24.60 11.17 -83.78
N THR H 60 25.87 11.34 -84.14
CA THR H 60 26.93 10.42 -83.76
C THR H 60 28.11 11.17 -83.15
N VAL H 61 28.72 10.55 -82.15
CA VAL H 61 29.87 11.11 -81.44
C VAL H 61 31.12 10.80 -82.23
N PRO H 62 31.97 11.78 -82.51
CA PRO H 62 33.15 11.55 -83.35
C PRO H 62 34.40 11.23 -82.52
N ASP H 63 35.43 10.78 -83.24
CA ASP H 63 36.75 10.55 -82.65
C ASP H 63 37.61 11.78 -82.93
N VAL H 64 37.90 12.55 -81.89
CA VAL H 64 38.79 13.70 -82.06
C VAL H 64 40.21 13.23 -82.34
N GLN H 65 40.61 12.07 -81.78
CA GLN H 65 41.97 11.60 -81.95
C GLN H 65 42.26 11.22 -83.40
N LYS H 66 41.31 10.57 -84.07
CA LYS H 66 41.48 10.25 -85.48
C LYS H 66 41.63 11.52 -86.31
N ILE H 67 40.83 12.54 -86.01
CA ILE H 67 40.92 13.81 -86.72
C ILE H 67 42.28 14.44 -86.51
N LEU H 68 42.78 14.42 -85.27
CA LEU H 68 44.08 15.01 -85.00
C LEU H 68 45.20 14.25 -85.70
N ASP H 69 45.12 12.92 -85.71
CA ASP H 69 46.13 12.13 -86.40
C ASP H 69 46.10 12.38 -87.90
N ASP H 70 44.90 12.47 -88.48
CA ASP H 70 44.78 12.76 -89.90
C ASP H 70 45.29 14.14 -90.23
N ILE H 71 45.06 15.11 -89.35
CA ILE H 71 45.57 16.47 -89.54
C ILE H 71 47.11 16.46 -89.50
N LYS H 72 47.68 15.72 -88.56
CA LYS H 72 49.14 15.61 -88.49
C LYS H 72 49.69 14.96 -89.76
N ALA H 73 49.00 13.94 -90.27
CA ALA H 73 49.44 13.27 -91.50
C ALA H 73 49.36 14.21 -92.69
N LEU H 74 48.26 14.97 -92.80
CA LEU H 74 48.11 15.92 -93.89
C LEU H 74 49.10 17.06 -93.78
N ALA H 75 49.58 17.34 -92.56
CA ALA H 75 50.63 18.34 -92.40
C ALA H 75 51.90 17.92 -93.12
N ALA H 76 52.19 16.62 -93.14
CA ALA H 76 53.35 16.13 -93.87
C ALA H 76 53.12 16.09 -95.38
N GLU H 77 51.89 16.25 -95.83
CA GLU H 77 51.59 16.21 -97.26
C GLU H 77 52.22 17.42 -97.94
N GLN H 78 52.70 17.21 -99.16
CA GLN H 78 53.37 18.23 -99.94
C GLN H 78 52.80 18.26 -101.36
N VAL H 79 52.82 19.45 -101.97
CA VAL H 79 52.12 19.69 -103.23
C VAL H 79 53.06 20.19 -104.32
N TYR H 80 54.34 19.81 -104.29
CA TYR H 80 55.29 20.17 -105.33
C TYR H 80 55.89 18.92 -105.95
N LYS H 81 56.03 18.93 -107.27
CA LYS H 81 56.54 17.78 -108.01
C LYS H 81 57.95 18.07 -108.49
N ILE H 82 58.83 17.08 -108.37
CA ILE H 82 60.19 17.20 -108.87
C ILE H 82 60.39 16.14 -109.97
N VAL H 83 60.57 16.62 -111.19
CA VAL H 83 60.83 15.78 -112.36
C VAL H 83 61.99 16.41 -113.12
N LYS H 84 62.86 15.57 -113.69
CA LYS H 84 64.04 16.08 -114.38
C LYS H 84 63.64 16.86 -115.63
N VAL H 85 62.57 16.47 -116.30
CA VAL H 85 62.22 17.09 -117.58
C VAL H 85 60.79 17.62 -117.54
N PRO H 86 60.46 18.65 -118.31
CA PRO H 86 59.08 19.11 -118.42
C PRO H 86 58.33 18.37 -119.52
N SER H 87 57.01 18.50 -119.47
CA SER H 87 56.16 17.83 -120.45
C SER H 87 56.26 18.50 -121.81
N ILE H 88 55.64 17.87 -122.81
CA ILE H 88 55.65 18.37 -124.17
C ILE H 88 54.61 19.46 -124.31
N SER H 89 55.06 20.70 -124.52
CA SER H 89 54.14 21.83 -124.61
C SER H 89 53.34 21.79 -125.90
N PHE H 90 54.01 21.58 -127.04
CA PHE H 90 53.39 21.71 -128.35
C PHE H 90 53.57 20.43 -129.15
N ARG H 91 52.59 20.16 -130.01
CA ARG H 91 52.58 18.99 -130.88
C ARG H 91 52.56 19.43 -132.34
N HIS H 92 53.26 18.67 -133.18
CA HIS H 92 53.28 18.91 -134.61
C HIS H 92 52.51 17.82 -135.35
N ILE H 93 51.96 18.20 -136.49
CA ILE H 93 51.20 17.29 -137.35
C ILE H 93 51.71 17.45 -138.78
N VAL H 94 51.98 16.31 -139.43
CA VAL H 94 52.64 16.29 -140.73
C VAL H 94 51.58 16.10 -141.81
N MET H 95 51.44 17.09 -142.67
CA MET H 95 50.55 17.08 -143.82
C MET H 95 51.36 16.80 -145.08
N GLN H 96 50.68 16.56 -146.21
CA GLN H 96 51.32 16.05 -147.42
C GLN H 96 52.46 16.94 -147.92
N SER H 97 52.43 18.23 -147.61
CA SER H 97 53.58 19.09 -147.88
C SER H 97 54.64 18.83 -146.82
N ARG H 98 55.83 18.44 -147.26
CA ARG H 98 56.94 18.19 -146.33
C ARG H 98 57.68 19.47 -145.96
N ASP H 99 57.25 20.62 -146.46
CA ASP H 99 57.87 21.90 -146.13
C ASP H 99 57.11 22.66 -145.05
N ARG H 100 55.79 22.53 -145.02
CA ARG H 100 54.94 23.25 -144.08
C ARG H 100 54.29 22.24 -143.13
N VAL H 101 54.28 22.56 -141.84
CA VAL H 101 53.88 21.62 -140.81
C VAL H 101 52.87 22.29 -139.88
N LEU H 102 52.02 21.48 -139.25
CA LEU H 102 50.97 21.92 -138.36
C LEU H 102 51.48 21.96 -136.92
N ARG H 103 51.06 22.96 -136.17
CA ARG H 103 51.36 23.03 -134.74
C ARG H 103 50.07 23.27 -133.95
N VAL H 104 49.89 22.46 -132.90
CA VAL H 104 48.76 22.53 -131.99
C VAL H 104 49.34 22.53 -130.57
N ASP H 105 48.59 23.13 -129.64
CA ASP H 105 48.97 23.12 -128.24
C ASP H 105 48.39 21.88 -127.57
N THR H 106 49.26 21.10 -126.91
CA THR H 106 48.80 19.94 -126.16
C THR H 106 48.06 20.36 -124.90
N TYR H 107 48.48 21.46 -124.27
CA TYR H 107 47.87 21.90 -123.03
C TYR H 107 46.40 22.27 -123.22
N TYR H 108 46.07 22.84 -124.37
CA TYR H 108 44.67 23.16 -124.66
C TYR H 108 43.82 21.90 -124.80
N GLU H 109 44.34 20.86 -125.46
CA GLU H 109 43.60 19.61 -125.57
C GLU H 109 43.44 18.97 -124.20
N GLU H 110 44.48 19.06 -123.36
CA GLU H 110 44.37 18.55 -122.00
C GLU H 110 43.29 19.29 -121.22
N MET H 111 43.23 20.61 -121.36
CA MET H 111 42.15 21.37 -120.73
C MET H 111 40.78 20.94 -121.28
N SER H 112 40.72 20.64 -122.57
CA SER H 112 39.47 20.18 -123.17
C SER H 112 39.02 18.87 -122.54
N GLN H 113 39.96 17.95 -122.30
CA GLN H 113 39.60 16.69 -121.66
C GLN H 113 39.33 16.87 -120.17
N VAL H 114 40.12 17.69 -119.48
CA VAL H 114 39.89 17.95 -118.06
C VAL H 114 38.53 18.60 -117.89
N GLY H 115 37.76 18.11 -116.92
CA GLY H 115 36.41 18.57 -116.70
C GLY H 115 35.43 17.84 -117.60
N ASP H 116 34.17 18.23 -117.48
CA ASP H 116 33.09 17.65 -118.26
C ASP H 116 32.28 18.77 -118.93
N VAL H 117 31.23 18.37 -119.64
CA VAL H 117 30.53 19.30 -120.53
C VAL H 117 29.71 20.30 -119.72
N ILE H 118 29.26 21.35 -120.42
CA ILE H 118 28.48 22.41 -119.81
C ILE H 118 26.99 22.10 -119.96
N THR H 119 26.24 22.36 -118.90
CA THR H 119 24.78 22.24 -118.94
C THR H 119 24.20 23.35 -118.07
N GLU H 120 23.34 24.18 -118.67
CA GLU H 120 22.80 25.33 -117.97
C GLU H 120 21.88 24.94 -116.82
N ASP H 121 21.35 23.72 -116.83
CA ASP H 121 20.44 23.31 -115.77
C ASP H 121 21.17 22.95 -114.48
N GLU H 122 22.47 22.74 -114.53
CA GLU H 122 23.25 22.29 -113.38
C GLU H 122 24.27 23.33 -112.96
N PRO H 123 23.95 24.15 -111.96
CA PRO H 123 24.93 25.14 -111.49
C PRO H 123 26.07 24.52 -110.68
N GLU H 124 25.74 23.65 -109.72
CA GLU H 124 26.78 23.07 -108.87
C GLU H 124 27.72 22.19 -109.67
N LYS H 125 27.23 21.49 -110.69
CA LYS H 125 28.11 20.75 -111.58
C LYS H 125 29.04 21.69 -112.32
N PHE H 126 28.53 22.83 -112.77
CA PHE H 126 29.35 23.85 -113.40
C PHE H 126 30.44 24.30 -112.41
N TYR H 127 30.08 24.65 -111.18
CA TYR H 127 31.04 25.03 -110.16
C TYR H 127 32.10 23.94 -109.92
N SER H 128 31.73 22.66 -109.83
CA SER H 128 32.67 21.57 -109.63
C SER H 128 33.60 21.43 -110.83
N THR H 129 33.07 21.57 -112.04
CA THR H 129 33.92 21.50 -113.22
C THR H 129 34.94 22.63 -113.23
N ILE H 130 34.50 23.82 -112.85
CA ILE H 130 35.36 25.00 -112.78
C ILE H 130 36.45 24.76 -111.76
N ILE H 131 36.13 24.33 -110.54
CA ILE H 131 37.18 24.09 -109.57
C ILE H 131 38.10 22.95 -110.01
N LYS H 132 37.62 21.94 -110.73
CA LYS H 132 38.50 20.90 -111.27
C LYS H 132 39.49 21.48 -112.29
N LYS H 133 39.03 22.44 -113.10
CA LYS H 133 39.96 23.13 -113.99
C LYS H 133 41.04 23.82 -113.20
N VAL H 134 40.66 24.48 -112.09
CA VAL H 134 41.64 25.16 -111.24
C VAL H 134 42.63 24.17 -110.65
N ARG H 135 42.14 23.01 -110.20
CA ARG H 135 43.01 22.00 -109.64
C ARG H 135 44.00 21.48 -110.66
N PHE H 136 43.55 21.28 -111.91
CA PHE H 136 44.50 20.84 -112.93
C PHE H 136 45.51 21.93 -113.27
N ILE H 137 45.08 23.19 -113.24
CA ILE H 137 46.01 24.29 -113.51
C ILE H 137 47.11 24.30 -112.46
N ARG H 138 46.74 24.20 -111.19
CA ARG H 138 47.75 24.22 -110.15
C ARG H 138 48.59 22.96 -110.15
N GLY H 139 48.01 21.82 -110.54
CA GLY H 139 48.78 20.59 -110.62
C GLY H 139 49.83 20.62 -111.72
N LYS H 140 49.47 21.15 -112.88
CA LYS H 140 50.43 21.24 -113.98
C LYS H 140 51.31 22.48 -113.88
N GLY H 141 51.02 23.39 -112.96
CA GLY H 141 51.87 24.54 -112.78
C GLY H 141 52.99 24.34 -111.78
N SER H 142 52.82 23.37 -110.87
CA SER H 142 53.74 23.18 -109.75
C SER H 142 54.72 22.05 -110.09
N PHE H 143 55.91 22.42 -110.53
CA PHE H 143 56.96 21.44 -110.77
C PHE H 143 58.32 22.14 -110.69
N ILE H 144 59.33 21.37 -110.32
CA ILE H 144 60.71 21.86 -110.22
C ILE H 144 61.61 20.93 -111.01
N LEU H 145 62.44 21.50 -111.88
CA LEU H 145 63.39 20.74 -112.66
C LEU H 145 64.70 20.57 -111.89
N HIS H 146 65.27 19.37 -111.97
CA HIS H 146 66.49 19.04 -111.25
C HIS H 146 67.24 17.95 -112.00
N ASP H 147 68.55 18.14 -112.15
CA ASP H 147 69.44 17.18 -112.80
C ASP H 147 68.98 16.85 -114.22
N ILE H 148 68.91 17.90 -115.05
CA ILE H 148 68.58 17.73 -116.45
C ILE H 148 69.78 17.10 -117.15
N PRO H 149 69.58 16.22 -118.13
CA PRO H 149 70.72 15.66 -118.85
C PRO H 149 71.35 16.68 -119.79
N THR H 150 72.64 16.53 -120.01
CA THR H 150 73.43 17.42 -120.85
C THR H 150 74.28 16.59 -121.81
N ARG H 151 75.02 17.27 -122.69
CA ARG H 151 75.84 16.60 -123.67
C ARG H 151 76.95 17.55 -124.10
N ASP H 152 77.99 16.99 -124.72
CA ASP H 152 79.12 17.76 -125.21
C ASP H 152 79.24 17.60 -126.72
N HIS H 153 79.45 18.71 -127.42
CA HIS H 153 79.56 18.75 -128.87
C HIS H 153 80.65 19.73 -129.25
N ARG H 154 81.72 19.22 -129.88
CA ARG H 154 82.88 20.02 -130.27
C ARG H 154 83.46 20.77 -129.07
N GLY H 155 83.46 20.11 -127.91
CA GLY H 155 83.95 20.70 -126.70
C GLY H 155 83.03 21.72 -126.06
N MET H 156 81.80 21.86 -126.55
CA MET H 156 80.87 22.85 -126.04
C MET H 156 79.65 22.17 -125.42
N GLU H 157 79.10 22.80 -124.40
CA GLU H 157 77.93 22.27 -123.69
C GLU H 157 76.68 22.41 -124.55
N VAL H 158 75.85 21.36 -124.57
CA VAL H 158 74.56 21.40 -125.24
C VAL H 158 73.53 20.70 -124.35
N ALA H 159 72.27 21.09 -124.52
CA ALA H 159 71.17 20.46 -123.83
C ALA H 159 70.56 19.35 -124.69
N GLU H 160 69.81 18.47 -124.04
CA GLU H 160 69.23 17.32 -124.71
C GLU H 160 67.92 17.69 -125.40
N PRO H 161 67.55 16.96 -126.47
CA PRO H 161 66.32 17.31 -127.19
C PRO H 161 65.07 16.97 -126.40
N GLU H 162 65.14 15.94 -125.56
CA GLU H 162 63.97 15.55 -124.78
C GLU H 162 63.71 16.47 -123.61
N VAL H 163 64.75 17.11 -123.06
CA VAL H 163 64.54 17.98 -121.91
C VAL H 163 64.05 19.36 -122.33
N LEU H 164 64.19 19.71 -123.62
CA LEU H 164 63.65 20.98 -124.12
C LEU H 164 62.14 21.04 -124.00
N GLY H 165 61.46 19.90 -123.93
CA GLY H 165 60.02 19.88 -123.82
C GLY H 165 59.29 19.94 -125.14
N VAL H 166 59.99 19.76 -126.25
CA VAL H 166 59.36 19.70 -127.57
C VAL H 166 60.04 18.57 -128.35
N GLU H 167 59.23 17.71 -128.98
CA GLU H 167 59.71 16.52 -129.65
C GLU H 167 59.55 16.63 -131.16
N PHE H 168 60.65 16.33 -131.88
CA PHE H 168 60.79 16.43 -133.34
C PHE H 168 61.40 15.21 -134.01
N LYS H 169 61.22 14.00 -133.44
CA LYS H 169 61.92 12.84 -133.97
C LYS H 169 61.35 12.39 -135.31
N ASN H 170 60.04 12.38 -135.47
CA ASN H 170 59.46 11.94 -136.74
C ASN H 170 59.60 12.97 -137.84
N VAL H 171 60.04 14.19 -137.52
CA VAL H 171 60.17 15.24 -138.52
C VAL H 171 61.34 14.94 -139.46
N LEU H 172 62.43 14.43 -138.91
CA LEU H 172 63.64 14.21 -139.71
C LEU H 172 63.46 13.27 -140.91
N PRO H 173 62.74 12.14 -140.83
CA PRO H 173 62.58 11.30 -142.03
C PRO H 173 61.95 12.00 -143.21
N VAL H 174 61.01 12.93 -142.99
CA VAL H 174 60.36 13.63 -144.09
C VAL H 174 61.10 14.90 -144.48
N LEU H 175 62.33 15.08 -144.03
CA LEU H 175 63.08 16.30 -144.26
C LEU H 175 64.31 16.02 -145.14
N THR H 176 64.62 16.98 -146.01
CA THR H 176 65.71 16.83 -146.98
C THR H 176 67.07 17.17 -146.34
N ALA H 177 68.12 17.00 -147.15
CA ALA H 177 69.48 17.05 -146.63
C ALA H 177 69.85 18.42 -146.08
N GLU H 178 69.65 19.46 -146.88
CA GLU H 178 70.00 20.82 -146.44
C GLU H 178 69.14 21.22 -145.25
N HIS H 179 67.87 20.84 -145.26
CA HIS H 179 66.97 21.25 -144.19
C HIS H 179 67.25 20.51 -142.90
N ARG H 180 67.56 19.21 -142.94
CA ARG H 180 67.92 18.56 -141.69
C ARG H 180 69.30 19.01 -141.22
N ALA H 181 70.16 19.44 -142.14
CA ALA H 181 71.41 20.08 -141.73
C ALA H 181 71.14 21.37 -140.96
N MET H 182 70.18 22.17 -141.44
CA MET H 182 69.81 23.38 -140.71
C MET H 182 69.21 23.05 -139.36
N ILE H 183 68.39 22.02 -139.28
CA ILE H 183 67.77 21.66 -138.01
C ILE H 183 68.81 21.13 -137.02
N GLN H 184 69.79 20.37 -137.52
CA GLN H 184 70.88 19.93 -136.64
C GLN H 184 71.73 21.10 -136.19
N ASN H 185 71.92 22.09 -137.06
CA ASN H 185 72.56 23.34 -136.65
C ASN H 185 71.76 24.02 -135.55
N ALA H 186 70.43 23.96 -135.65
CA ALA H 186 69.57 24.52 -134.61
C ALA H 186 69.72 23.76 -133.29
N LEU H 187 69.85 22.43 -133.36
CA LEU H 187 70.12 21.64 -132.17
C LEU H 187 71.44 22.04 -131.53
N ASP H 188 72.47 22.24 -132.36
CA ASP H 188 73.73 22.79 -131.83
C ASP H 188 73.54 24.19 -131.28
N GLY H 189 72.57 24.93 -131.80
CA GLY H 189 72.27 26.24 -131.24
C GLY H 189 71.66 26.15 -129.85
N SER H 190 70.81 25.16 -129.63
CA SER H 190 70.18 24.96 -128.32
C SER H 190 71.23 24.49 -127.34
N ILE H 191 71.72 25.40 -126.50
CA ILE H 191 72.76 25.11 -125.53
C ILE H 191 72.30 25.53 -124.15
N ILE H 192 72.96 24.99 -123.14
CA ILE H 192 72.73 25.40 -121.75
C ILE H 192 73.61 26.61 -121.45
N GLU H 193 73.05 27.55 -120.70
CA GLU H 193 73.79 28.77 -120.39
C GLU H 193 74.80 28.52 -119.29
N ASN H 194 75.66 29.52 -119.07
CA ASN H 194 76.75 29.55 -118.09
C ASN H 194 77.56 28.26 -118.06
N GLY H 195 77.72 27.63 -119.23
CA GLY H 195 78.34 26.32 -119.27
C GLY H 195 79.84 26.34 -119.11
N ASN H 196 80.47 27.50 -119.24
CA ASN H 196 81.91 27.58 -119.10
C ASN H 196 82.36 27.69 -117.65
N VAL H 197 81.42 27.80 -116.70
CA VAL H 197 81.78 27.90 -115.29
C VAL H 197 82.31 26.55 -114.81
N ALA H 198 83.47 26.59 -114.14
CA ALA H 198 84.07 25.35 -113.65
C ALA H 198 83.31 24.80 -112.45
N THR H 199 82.52 25.63 -111.78
CA THR H 199 81.75 25.24 -110.60
C THR H 199 80.27 25.62 -110.80
N ARG H 200 79.70 25.16 -111.91
CA ARG H 200 78.29 25.42 -112.19
C ARG H 200 77.39 24.89 -111.07
N ASP H 201 76.36 25.65 -110.76
CA ASP H 201 75.33 25.23 -109.83
C ASP H 201 73.91 25.41 -110.36
N VAL H 202 73.76 26.04 -111.52
CA VAL H 202 72.47 26.32 -112.12
C VAL H 202 72.51 25.91 -113.58
N ASP H 203 71.35 25.51 -114.11
CA ASP H 203 71.19 25.24 -115.53
C ASP H 203 70.02 26.07 -116.03
N VAL H 204 70.32 27.08 -116.85
CA VAL H 204 69.33 28.00 -117.39
C VAL H 204 69.23 27.76 -118.89
N PHE H 205 68.03 27.44 -119.35
CA PHE H 205 67.84 27.01 -120.72
C PHE H 205 66.67 27.77 -121.35
N ILE H 206 66.80 28.04 -122.65
CA ILE H 206 65.77 28.75 -123.41
C ILE H 206 64.91 27.73 -124.13
N GLY H 207 63.63 27.67 -123.77
CA GLY H 207 62.69 26.72 -124.33
C GLY H 207 61.29 27.27 -124.27
N ALA H 208 60.34 26.45 -124.70
CA ALA H 208 58.94 26.83 -124.74
C ALA H 208 58.15 26.19 -123.60
N CYS H 209 57.01 26.80 -123.27
CA CYS H 209 56.17 26.32 -122.18
C CYS H 209 54.77 26.91 -122.33
N SER H 210 53.82 26.28 -121.63
CA SER H 210 52.49 26.84 -121.53
C SER H 210 52.50 28.07 -120.61
N GLU H 211 51.83 29.13 -121.05
CA GLU H 211 51.91 30.40 -120.34
C GLU H 211 51.39 30.35 -118.90
N PRO H 212 50.25 29.72 -118.59
CA PRO H 212 49.91 29.56 -117.17
C PRO H 212 50.91 28.70 -116.41
N VAL H 213 51.32 27.58 -117.02
CA VAL H 213 52.29 26.70 -116.38
C VAL H 213 53.62 27.43 -116.18
N TYR H 214 54.06 28.17 -117.19
CA TYR H 214 55.29 28.94 -117.06
C TYR H 214 55.18 30.03 -116.00
N ARG H 215 54.02 30.69 -115.92
CA ARG H 215 53.81 31.71 -114.90
C ARG H 215 53.91 31.11 -113.50
N ILE H 216 53.28 29.96 -113.29
CA ILE H 216 53.33 29.32 -111.99
C ILE H 216 54.75 28.85 -111.69
N TYR H 217 55.48 28.37 -112.70
CA TYR H 217 56.86 27.96 -112.51
C TYR H 217 57.74 29.14 -112.12
N ASN H 218 57.56 30.29 -112.78
CA ASN H 218 58.34 31.48 -112.44
C ASN H 218 58.01 31.98 -111.04
N ARG H 219 56.74 31.94 -110.64
CA ARG H 219 56.44 32.38 -109.30
C ARG H 219 56.93 31.37 -108.26
N LEU H 220 57.00 30.09 -108.62
CA LEU H 220 57.64 29.12 -107.74
C LEU H 220 59.13 29.42 -107.59
N GLN H 221 59.77 29.87 -108.68
CA GLN H 221 61.14 30.37 -108.58
C GLN H 221 61.23 31.51 -107.58
N GLY H 222 60.29 32.45 -107.68
CA GLY H 222 60.27 33.57 -106.74
C GLY H 222 60.06 33.11 -105.30
N TYR H 223 59.23 32.09 -105.12
CA TYR H 223 58.98 31.56 -103.78
C TYR H 223 60.23 30.88 -103.21
N ILE H 224 60.98 30.17 -104.06
CA ILE H 224 62.23 29.58 -103.63
C ILE H 224 63.22 30.67 -103.24
N GLU H 225 63.33 31.71 -104.05
CA GLU H 225 64.35 32.73 -103.81
C GLU H 225 64.01 33.63 -102.62
N ALA H 226 62.72 33.89 -102.38
CA ALA H 226 62.33 34.88 -101.39
C ALA H 226 62.48 34.35 -99.96
N VAL H 227 61.78 33.27 -99.63
CA VAL H 227 61.76 32.78 -98.26
C VAL H 227 63.11 32.16 -97.92
N GLN H 228 63.65 32.55 -96.77
CA GLN H 228 64.96 32.05 -96.34
C GLN H 228 64.98 31.99 -94.82
N LEU H 229 66.19 31.91 -94.25
CA LEU H 229 66.37 31.54 -92.86
C LEU H 229 65.87 32.58 -91.87
N GLN H 230 65.73 33.85 -92.27
CA GLN H 230 65.28 34.87 -91.32
C GLN H 230 63.83 34.64 -90.90
N GLU H 231 62.99 34.17 -91.83
CA GLU H 231 61.62 33.83 -91.48
C GLU H 231 61.59 32.66 -90.51
N LEU H 232 62.47 31.68 -90.70
CA LEU H 232 62.65 30.61 -89.71
C LEU H 232 63.04 31.18 -88.36
N ARG H 233 63.94 32.17 -88.36
CA ARG H 233 64.38 32.79 -87.11
C ARG H 233 63.21 33.47 -86.40
N ASN H 234 62.40 34.23 -87.14
CA ASN H 234 61.25 34.90 -86.54
C ASN H 234 60.23 33.90 -86.01
N SER H 235 59.98 32.83 -86.78
CA SER H 235 59.02 31.81 -86.37
C SER H 235 59.47 31.12 -85.08
N ILE H 236 60.74 30.68 -85.06
CA ILE H 236 61.25 30.00 -83.88
C ILE H 236 61.34 30.96 -82.70
N GLY H 237 61.52 32.26 -82.96
CA GLY H 237 61.48 33.23 -81.88
C GLY H 237 60.11 33.37 -81.27
N TRP H 238 59.07 33.43 -82.11
CA TRP H 238 57.70 33.49 -81.53
C TRP H 238 57.51 32.23 -80.69
N LEU H 239 57.97 31.09 -81.23
CA LEU H 239 57.89 29.83 -80.49
C LEU H 239 58.63 29.92 -79.15
N GLU H 240 59.75 30.65 -79.11
CA GLU H 240 60.43 30.92 -77.86
C GLU H 240 59.53 31.69 -76.91
N ARG H 241 58.80 32.67 -77.44
CA ARG H 241 57.88 33.43 -76.60
C ARG H 241 56.75 32.55 -76.06
N LEU H 242 56.24 31.63 -76.89
CA LEU H 242 55.29 30.63 -76.37
C LEU H 242 55.91 29.76 -75.29
N GLY H 243 57.16 29.35 -75.47
CA GLY H 243 57.81 28.54 -74.46
C GLY H 243 57.97 29.30 -73.15
N HIS H 244 58.25 30.60 -73.25
CA HIS H 244 58.32 31.44 -72.07
C HIS H 244 56.96 31.52 -71.38
N ARG H 245 55.90 31.74 -72.16
CA ARG H 245 54.56 31.83 -71.60
C ARG H 245 54.15 30.51 -70.94
N LYS H 246 54.45 29.40 -71.59
CA LYS H 246 54.09 28.09 -71.10
C LYS H 246 55.04 27.65 -69.98
N ARG H 247 56.26 28.20 -69.98
CA ARG H 247 57.32 27.88 -69.02
C ARG H 247 57.59 26.37 -69.01
N ILE H 248 58.07 25.89 -70.14
CA ILE H 248 58.54 24.51 -70.26
C ILE H 248 60.04 24.47 -70.01
N THR H 249 60.54 23.28 -69.73
CA THR H 249 61.97 23.06 -69.78
C THR H 249 62.44 23.12 -71.23
N TYR H 250 63.66 23.58 -71.44
CA TYR H 250 64.21 23.73 -72.77
C TYR H 250 65.26 22.65 -73.04
N SER H 251 65.29 22.18 -74.28
CA SER H 251 66.38 21.31 -74.71
C SER H 251 67.68 22.07 -74.65
N GLN H 252 68.68 21.46 -74.02
CA GLN H 252 69.98 22.11 -73.88
C GLN H 252 70.72 22.21 -75.20
N GLU H 253 70.29 21.45 -76.21
CA GLU H 253 70.71 21.73 -77.57
C GLU H 253 70.19 23.10 -78.01
N VAL H 254 71.06 23.85 -78.69
CA VAL H 254 70.72 25.18 -79.18
C VAL H 254 70.94 25.22 -80.68
N LEU H 255 70.02 25.88 -81.39
CA LEU H 255 70.10 25.95 -82.84
C LEU H 255 71.05 27.05 -83.26
N THR H 256 72.03 26.71 -84.09
CA THR H 256 73.02 27.65 -84.58
C THR H 256 72.80 27.87 -86.07
N ASP H 257 72.64 29.13 -86.48
CA ASP H 257 72.31 29.47 -87.86
C ASP H 257 73.51 29.28 -88.77
N PHE H 258 73.86 28.02 -88.98
CA PHE H 258 74.88 27.63 -89.95
C PHE H 258 74.20 26.86 -91.07
N ARG H 259 74.48 27.28 -92.31
CA ARG H 259 73.86 26.68 -93.48
C ARG H 259 74.92 25.98 -94.31
N ARG H 260 74.64 24.75 -94.72
CA ARG H 260 75.54 24.04 -95.61
C ARG H 260 75.46 24.63 -97.02
N GLN H 261 76.44 24.30 -97.84
CA GLN H 261 76.58 24.88 -99.16
C GLN H 261 75.92 24.04 -100.26
N ASP H 262 75.27 22.94 -99.90
CA ASP H 262 74.67 22.04 -100.89
C ASP H 262 73.30 21.57 -100.43
N THR H 263 72.50 22.47 -99.86
CA THR H 263 71.18 22.14 -99.34
C THR H 263 70.14 23.12 -99.87
N ILE H 264 68.88 22.69 -99.86
CA ILE H 264 67.74 23.52 -100.24
C ILE H 264 66.68 23.41 -99.15
N TRP H 265 66.30 24.54 -98.57
CA TRP H 265 65.26 24.60 -97.55
C TRP H 265 64.00 25.19 -98.14
N VAL H 266 62.87 24.51 -97.95
CA VAL H 266 61.59 24.95 -98.48
C VAL H 266 60.57 24.94 -97.35
N LEU H 267 59.70 25.95 -97.35
CA LEU H 267 58.67 26.10 -96.34
C LEU H 267 57.33 26.38 -97.01
N ALA H 268 56.26 25.83 -96.47
CA ALA H 268 54.91 26.04 -96.97
C ALA H 268 54.01 26.75 -95.99
N LEU H 269 54.53 27.18 -94.84
CA LEU H 269 53.72 27.83 -93.82
C LEU H 269 54.41 29.10 -93.34
N GLN H 270 53.59 30.07 -92.96
CA GLN H 270 54.03 31.23 -92.18
C GLN H 270 53.55 31.04 -90.75
N LEU H 271 54.50 30.92 -89.82
CA LEU H 271 54.18 30.44 -88.49
C LEU H 271 53.39 31.45 -87.65
N PRO H 272 53.58 32.78 -87.80
CA PRO H 272 52.59 33.70 -87.24
C PRO H 272 51.19 33.48 -87.80
N VAL H 273 50.19 33.66 -86.95
CA VAL H 273 48.82 33.28 -87.24
C VAL H 273 47.89 34.45 -86.96
N ASN H 274 46.77 34.49 -87.68
CA ASN H 274 45.73 35.48 -87.47
C ASN H 274 44.55 34.83 -86.76
N PRO H 275 44.24 35.21 -85.52
CA PRO H 275 43.14 34.54 -84.80
C PRO H 275 41.77 34.72 -85.44
N GLN H 276 41.52 35.88 -86.05
CA GLN H 276 40.19 36.13 -86.60
C GLN H 276 39.89 35.24 -87.80
N VAL H 277 40.92 34.81 -88.52
CA VAL H 277 40.73 33.83 -89.59
C VAL H 277 40.13 32.55 -89.00
N VAL H 278 40.61 32.15 -87.83
CA VAL H 278 40.03 31.00 -87.15
C VAL H 278 38.61 31.30 -86.68
N TRP H 279 38.42 32.46 -86.04
CA TRP H 279 37.17 32.74 -85.34
C TRP H 279 36.04 33.19 -86.25
N ASP H 280 36.29 33.46 -87.52
CA ASP H 280 35.25 33.94 -88.43
C ASP H 280 34.39 32.82 -88.99
N VAL H 281 34.71 31.57 -88.69
CA VAL H 281 33.91 30.44 -89.16
C VAL H 281 32.55 30.47 -88.47
N PRO H 282 31.45 30.37 -89.22
CA PRO H 282 30.12 30.41 -88.58
C PRO H 282 29.82 29.15 -87.79
N ARG H 283 29.23 29.35 -86.62
CA ARG H 283 28.76 28.28 -85.74
C ARG H 283 29.88 27.27 -85.45
N SER H 284 30.96 27.77 -84.85
CA SER H 284 32.16 27.00 -84.64
C SER H 284 32.77 27.18 -83.27
N SER H 285 32.15 27.98 -82.40
CA SER H 285 32.70 28.22 -81.07
C SER H 285 32.77 26.94 -80.25
N ILE H 286 31.73 26.10 -80.36
CA ILE H 286 31.73 24.84 -79.62
C ILE H 286 32.85 23.93 -80.11
N ALA H 287 33.13 23.95 -81.41
CA ALA H 287 34.25 23.17 -81.94
C ALA H 287 35.57 23.67 -81.36
N ASN H 288 35.73 25.00 -81.31
CA ASN H 288 36.96 25.56 -80.75
C ASN H 288 37.11 25.17 -79.29
N LEU H 289 36.04 25.24 -78.52
CA LEU H 289 36.11 24.89 -77.11
C LEU H 289 36.46 23.43 -76.91
N ILE H 290 35.83 22.54 -77.67
CA ILE H 290 36.05 21.12 -77.44
C ILE H 290 37.46 20.72 -77.87
N MET H 291 37.97 21.30 -78.96
CA MET H 291 39.31 20.86 -79.32
C MET H 291 40.36 21.60 -78.51
N ASN H 292 40.01 22.75 -77.92
CA ASN H 292 40.86 23.35 -76.90
C ASN H 292 41.00 22.45 -75.69
N ILE H 293 39.89 21.85 -75.27
CA ILE H 293 39.93 20.83 -74.22
C ILE H 293 40.81 19.68 -74.65
N ALA H 294 40.66 19.24 -75.90
CA ALA H 294 41.44 18.11 -76.40
C ALA H 294 42.93 18.44 -76.46
N THR H 295 43.28 19.69 -76.66
CA THR H 295 44.69 20.05 -76.85
C THR H 295 45.38 20.45 -75.56
N CYS H 296 44.91 21.51 -74.90
CA CYS H 296 45.68 22.14 -73.85
C CYS H 296 45.57 21.45 -72.49
N LEU H 297 44.61 20.56 -72.30
CA LEU H 297 44.40 19.97 -70.99
C LEU H 297 45.46 18.92 -70.71
N PRO H 298 46.24 19.05 -69.65
CA PRO H 298 47.24 18.04 -69.32
C PRO H 298 46.60 16.86 -68.59
N THR H 299 47.44 15.90 -68.20
CA THR H 299 47.00 14.73 -67.46
C THR H 299 47.01 15.03 -65.97
N GLY H 300 45.86 14.87 -65.31
CA GLY H 300 45.72 15.23 -63.92
C GLY H 300 45.01 14.16 -63.12
N GLU H 301 44.84 14.43 -61.84
CA GLU H 301 44.17 13.48 -60.97
C GLU H 301 43.50 14.21 -59.81
N TYR H 302 42.60 13.49 -59.14
CA TYR H 302 41.78 14.04 -58.05
C TYR H 302 42.32 13.58 -56.71
N ILE H 303 42.40 14.51 -55.77
CA ILE H 303 43.00 14.29 -54.46
C ILE H 303 41.95 14.57 -53.39
N ALA H 304 41.86 13.65 -52.42
CA ALA H 304 41.01 13.80 -51.25
C ALA H 304 41.75 14.59 -50.17
N PRO H 305 41.03 15.31 -49.31
CA PRO H 305 41.69 16.08 -48.25
C PRO H 305 42.17 15.17 -47.13
N ASN H 306 42.93 15.76 -46.23
CA ASN H 306 43.50 15.02 -45.11
C ASN H 306 42.40 14.51 -44.20
N PRO H 307 42.44 13.25 -43.77
CA PRO H 307 41.42 12.75 -42.84
C PRO H 307 41.44 13.43 -41.49
N ARG H 308 42.54 14.04 -41.09
CA ARG H 308 42.65 14.61 -39.75
C ARG H 308 42.02 15.98 -39.62
N ILE H 309 41.49 16.55 -40.71
CA ILE H 309 40.85 17.87 -40.61
C ILE H 309 39.51 17.76 -39.90
N SER H 310 38.78 16.66 -40.12
CA SER H 310 37.43 16.57 -39.56
C SER H 310 37.46 16.26 -38.08
N SER H 311 38.47 15.54 -37.60
CA SER H 311 38.52 15.14 -36.20
C SER H 311 39.95 14.94 -35.77
N ILE H 312 40.15 14.94 -34.46
CA ILE H 312 41.45 14.64 -33.85
C ILE H 312 41.20 13.75 -32.64
N THR H 313 42.09 12.79 -32.44
CA THR H 313 42.01 11.91 -31.29
C THR H 313 42.71 12.53 -30.09
N LEU H 314 42.29 12.11 -28.90
CA LEU H 314 42.92 12.54 -27.66
C LEU H 314 43.43 11.38 -26.83
N THR H 315 42.77 10.22 -26.91
CA THR H 315 43.22 9.02 -26.22
C THR H 315 42.75 7.81 -27.04
N GLN H 316 42.80 6.63 -26.42
CA GLN H 316 42.41 5.40 -27.11
C GLN H 316 40.93 5.41 -27.46
N ARG H 317 40.08 5.91 -26.55
CA ARG H 317 38.64 5.77 -26.71
C ARG H 317 37.92 7.07 -27.04
N ILE H 318 38.40 8.21 -26.52
CA ILE H 318 37.72 9.50 -26.69
C ILE H 318 38.30 10.18 -27.92
N THR H 319 37.43 10.65 -28.80
CA THR H 319 37.86 11.30 -30.03
C THR H 319 36.75 12.24 -30.49
N THR H 320 37.13 13.38 -31.03
CA THR H 320 36.19 14.32 -31.62
C THR H 320 35.52 13.71 -32.85
N THR H 321 34.35 14.25 -33.19
CA THR H 321 33.61 13.82 -34.37
C THR H 321 33.27 15.04 -35.22
N GLY H 322 33.14 14.80 -36.53
CA GLY H 322 32.88 15.85 -37.48
C GLY H 322 31.44 16.31 -37.49
N PRO H 323 31.23 17.61 -37.70
CA PRO H 323 29.85 18.12 -37.81
C PRO H 323 29.08 17.52 -38.98
N PHE H 324 29.77 17.18 -40.07
CA PHE H 324 29.16 16.54 -41.22
C PHE H 324 29.57 15.07 -41.32
N ALA H 325 29.61 14.39 -40.19
CA ALA H 325 30.06 12.99 -40.16
C ALA H 325 29.13 12.09 -40.97
N ILE H 326 27.83 12.37 -40.94
CA ILE H 326 26.87 11.55 -41.67
C ILE H 326 27.06 11.70 -43.17
N LEU H 327 27.48 12.88 -43.64
CA LEU H 327 27.69 13.06 -45.07
C LEU H 327 29.10 12.70 -45.51
N THR H 328 30.07 12.70 -44.58
CA THR H 328 31.44 12.39 -44.96
C THR H 328 31.58 10.94 -45.42
N GLY H 329 30.92 10.02 -44.74
CA GLY H 329 30.95 8.63 -45.12
C GLY H 329 30.04 8.33 -46.30
N SER H 330 30.37 8.88 -47.47
CA SER H 330 29.57 8.69 -48.67
C SER H 330 30.50 8.55 -49.86
N THR H 331 30.05 7.79 -50.86
CA THR H 331 30.83 7.51 -52.05
C THR H 331 29.97 7.68 -53.29
N PRO H 332 30.44 8.40 -54.30
CA PRO H 332 29.59 8.70 -55.46
C PRO H 332 29.39 7.49 -56.36
N THR H 333 28.44 7.64 -57.29
CA THR H 333 28.18 6.66 -58.32
C THR H 333 28.76 7.15 -59.65
N ALA H 334 28.46 6.42 -60.72
CA ALA H 334 28.92 6.82 -62.06
C ALA H 334 28.33 8.17 -62.46
N GLN H 335 27.02 8.35 -62.26
CA GLN H 335 26.40 9.64 -62.58
C GLN H 335 26.97 10.75 -61.71
N GLN H 336 27.24 10.45 -60.45
CA GLN H 336 27.78 11.47 -59.56
C GLN H 336 29.23 11.82 -59.93
N LEU H 337 30.01 10.84 -60.38
CA LEU H 337 31.33 11.14 -60.93
C LEU H 337 31.22 12.01 -62.17
N ASN H 338 30.24 11.72 -63.03
CA ASN H 338 29.99 12.55 -64.21
C ASN H 338 29.67 13.98 -63.80
N ASP H 339 28.85 14.14 -62.76
CA ASP H 339 28.48 15.47 -62.28
C ASP H 339 29.70 16.20 -61.71
N VAL H 340 30.56 15.48 -60.98
CA VAL H 340 31.77 16.10 -60.44
C VAL H 340 32.67 16.58 -61.58
N ARG H 341 32.82 15.75 -62.61
CA ARG H 341 33.56 16.17 -63.79
C ARG H 341 32.95 17.40 -64.43
N LYS H 342 31.62 17.44 -64.51
CA LYS H 342 30.94 18.59 -65.12
C LYS H 342 31.20 19.86 -64.32
N ILE H 343 31.16 19.76 -62.98
CA ILE H 343 31.42 20.92 -62.14
C ILE H 343 32.84 21.43 -62.35
N TYR H 344 33.82 20.52 -62.39
CA TYR H 344 35.19 20.98 -62.56
C TYR H 344 35.44 21.53 -63.96
N LEU H 345 34.72 21.04 -64.97
CA LEU H 345 34.86 21.61 -66.31
C LEU H 345 34.23 23.00 -66.39
N ALA H 346 33.06 23.18 -65.78
CA ALA H 346 32.48 24.52 -65.71
C ALA H 346 33.38 25.46 -64.93
N LEU H 347 34.06 24.94 -63.91
CA LEU H 347 35.01 25.74 -63.16
C LEU H 347 36.22 26.12 -64.01
N MET H 348 36.69 25.21 -64.86
CA MET H 348 37.98 25.37 -65.49
C MET H 348 37.91 26.36 -66.66
N PHE H 349 36.78 26.43 -67.37
CA PHE H 349 36.49 27.55 -68.26
C PHE H 349 35.46 28.49 -67.66
N PRO H 350 35.83 29.72 -67.29
CA PRO H 350 34.83 30.69 -66.81
C PRO H 350 34.19 31.43 -67.97
N GLY H 351 32.87 31.45 -68.00
CA GLY H 351 32.11 32.23 -68.94
C GLY H 351 31.53 31.46 -70.09
N GLN H 352 32.00 30.24 -70.35
CA GLN H 352 31.54 29.51 -71.51
C GLN H 352 30.56 28.39 -71.18
N ILE H 353 30.80 27.68 -70.08
CA ILE H 353 30.05 26.48 -69.75
C ILE H 353 29.34 26.75 -68.43
N ILE H 354 28.05 27.09 -68.50
CA ILE H 354 27.26 27.28 -67.32
C ILE H 354 26.47 26.01 -67.05
N LEU H 355 25.90 25.93 -65.86
CA LEU H 355 25.27 24.65 -65.53
C LEU H 355 23.83 24.82 -65.10
N ASP H 356 23.25 23.73 -64.61
CA ASP H 356 21.88 23.72 -64.13
C ASP H 356 21.70 22.56 -63.15
N LEU H 357 20.53 22.48 -62.55
CA LEU H 357 20.24 21.46 -61.55
C LEU H 357 19.20 20.49 -62.09
N LYS H 358 19.51 19.20 -62.03
CA LYS H 358 18.65 18.15 -62.55
C LYS H 358 17.89 17.50 -61.40
N ILE H 359 16.57 17.44 -61.52
CA ILE H 359 15.72 16.75 -60.55
C ILE H 359 15.21 15.48 -61.21
N ASP H 360 15.07 14.44 -60.40
CA ASP H 360 14.59 13.16 -60.89
C ASP H 360 13.97 12.43 -59.72
N PRO H 361 12.71 11.99 -59.84
CA PRO H 361 12.06 11.31 -58.71
C PRO H 361 12.74 10.00 -58.31
N GLY H 362 13.53 9.40 -59.20
CA GLY H 362 14.15 8.12 -58.93
C GLY H 362 15.12 8.12 -57.76
N GLU H 363 15.68 9.27 -57.39
CA GLU H 363 16.57 9.38 -56.26
C GLU H 363 15.79 9.83 -55.03
N ARG H 364 16.23 9.35 -53.86
CA ARG H 364 15.65 9.77 -52.59
C ARG H 364 16.80 10.13 -51.64
N MET H 365 16.70 11.31 -51.03
CA MET H 365 17.76 11.83 -50.17
C MET H 365 17.13 12.51 -48.95
N ASP H 366 17.93 12.63 -47.90
CA ASP H 366 17.58 13.51 -46.81
C ASP H 366 17.66 14.96 -47.28
N PRO H 367 16.77 15.85 -46.83
CA PRO H 367 16.79 17.24 -47.34
C PRO H 367 18.02 18.04 -46.95
N ALA H 368 18.92 17.52 -46.10
CA ALA H 368 20.11 18.26 -45.73
C ALA H 368 21.09 18.44 -46.88
N VAL H 369 20.94 17.67 -47.96
CA VAL H 369 21.84 17.81 -49.10
C VAL H 369 21.72 19.20 -49.72
N ARG H 370 20.50 19.67 -49.96
CA ARG H 370 20.31 21.03 -50.43
C ARG H 370 20.67 22.05 -49.36
N MET H 371 20.45 21.67 -48.10
CA MET H 371 20.67 22.58 -46.98
C MET H 371 22.13 23.00 -46.87
N VAL H 372 23.04 22.03 -47.06
CA VAL H 372 24.45 22.36 -47.10
C VAL H 372 24.88 22.75 -48.52
N ALA H 373 24.11 22.32 -49.52
CA ALA H 373 24.46 22.63 -50.90
C ALA H 373 24.34 24.10 -51.20
N GLY H 374 23.40 24.79 -50.56
CA GLY H 374 23.33 26.24 -50.71
C GLY H 374 24.61 26.92 -50.26
N VAL H 375 25.13 26.52 -49.09
CA VAL H 375 26.36 27.10 -48.57
C VAL H 375 27.51 26.81 -49.51
N VAL H 376 27.63 25.55 -49.94
CA VAL H 376 28.78 25.21 -50.78
C VAL H 376 28.66 25.86 -52.15
N GLY H 377 27.44 26.06 -52.65
CA GLY H 377 27.27 26.76 -53.91
C GLY H 377 27.67 28.22 -53.81
N HIS H 378 27.29 28.89 -52.72
CA HIS H 378 27.74 30.26 -52.53
C HIS H 378 29.25 30.34 -52.30
N LEU H 379 29.87 29.28 -51.80
CA LEU H 379 31.31 29.30 -51.59
C LEU H 379 32.11 28.69 -52.73
N LEU H 380 31.48 28.18 -53.78
CA LEU H 380 32.22 27.40 -54.75
C LEU H 380 32.11 27.92 -56.19
N PHE H 381 31.11 28.76 -56.50
CA PHE H 381 31.02 29.40 -57.80
C PHE H 381 31.16 30.92 -57.68
N THR H 382 31.50 31.54 -58.81
CA THR H 382 31.62 32.98 -58.95
C THR H 382 30.53 33.48 -59.89
N ALA H 383 29.76 34.47 -59.45
CA ALA H 383 28.62 34.96 -60.22
C ALA H 383 28.56 36.48 -60.23
N GLY H 384 29.70 37.12 -60.45
CA GLY H 384 29.69 38.57 -60.49
C GLY H 384 31.03 39.13 -60.94
N GLY H 385 31.01 40.43 -61.19
CA GLY H 385 32.18 41.11 -61.70
C GLY H 385 32.00 41.48 -63.15
N ARG H 386 32.75 40.82 -64.03
CA ARG H 386 32.75 41.16 -65.45
C ARG H 386 32.42 39.95 -66.34
N PHE H 387 31.81 38.90 -65.79
CA PHE H 387 31.45 37.71 -66.54
C PHE H 387 30.32 37.02 -65.80
N THR H 388 30.06 35.77 -66.18
CA THR H 388 29.10 34.95 -65.45
C THR H 388 29.49 33.48 -65.54
N ASN H 389 29.01 32.70 -64.57
CA ASN H 389 29.14 31.25 -64.59
C ASN H 389 27.82 30.55 -64.27
N LEU H 390 26.85 31.31 -63.75
CA LEU H 390 25.62 30.61 -63.29
C LEU H 390 24.37 31.28 -63.88
N THR H 391 23.23 30.62 -63.76
CA THR H 391 21.97 31.17 -64.24
C THR H 391 21.18 31.70 -63.06
N GLN H 392 20.28 32.63 -63.33
CA GLN H 392 19.50 33.24 -62.25
C GLN H 392 18.54 32.27 -61.59
N ASN H 393 18.11 31.23 -62.30
CA ASN H 393 17.15 30.29 -61.72
C ASN H 393 17.76 29.52 -60.57
N MET H 394 18.85 28.80 -60.85
CA MET H 394 19.54 28.10 -59.78
C MET H 394 20.21 29.07 -58.82
N ALA H 395 20.45 30.31 -59.24
CA ALA H 395 20.86 31.34 -58.28
C ALA H 395 19.79 31.56 -57.22
N ARG H 396 18.55 31.70 -57.66
CA ARG H 396 17.43 31.84 -56.74
C ARG H 396 17.30 30.62 -55.85
N GLN H 397 17.50 29.44 -56.44
CA GLN H 397 17.41 28.21 -55.65
C GLN H 397 18.48 28.16 -54.57
N LEU H 398 19.71 28.55 -54.91
CA LEU H 398 20.77 28.61 -53.91
C LEU H 398 20.47 29.64 -52.84
N ASP H 399 19.87 30.76 -53.21
CA ASP H 399 19.45 31.74 -52.23
C ASP H 399 18.43 31.15 -51.25
N ILE H 400 17.46 30.41 -51.79
CA ILE H 400 16.45 29.77 -50.95
C ILE H 400 17.10 28.75 -50.02
N ALA H 401 18.03 27.96 -50.55
CA ALA H 401 18.69 26.95 -49.74
C ALA H 401 19.51 27.59 -48.61
N LEU H 402 20.25 28.66 -48.92
CA LEU H 402 21.03 29.34 -47.89
C LEU H 402 20.12 29.96 -46.84
N ASN H 403 18.99 30.52 -47.27
CA ASN H 403 18.03 31.08 -46.32
C ASN H 403 17.50 29.99 -45.40
N ASP H 404 17.14 28.83 -45.97
CA ASP H 404 16.58 27.76 -45.17
C ASP H 404 17.62 27.15 -44.25
N TYR H 405 18.89 27.17 -44.64
CA TYR H 405 19.93 26.66 -43.75
C TYR H 405 20.19 27.64 -42.61
N LEU H 406 20.28 28.93 -42.92
CA LEU H 406 20.51 29.94 -41.90
C LEU H 406 19.32 30.06 -40.95
N LEU H 407 18.13 29.66 -41.39
CA LEU H 407 16.92 29.94 -40.63
C LEU H 407 16.36 28.71 -39.92
N TYR H 408 16.73 27.49 -40.34
CA TYR H 408 16.38 26.28 -39.58
C TYR H 408 17.53 25.95 -38.65
N MET H 409 17.30 26.09 -37.35
CA MET H 409 18.34 25.90 -36.35
C MET H 409 17.85 24.89 -35.32
N TYR H 410 18.68 23.89 -35.05
CA TYR H 410 18.33 22.75 -34.21
C TYR H 410 18.42 23.03 -32.72
N ASN H 411 19.25 23.99 -32.31
CA ASN H 411 19.39 24.32 -30.90
C ASN H 411 18.21 25.20 -30.45
N THR H 412 18.34 25.82 -29.28
CA THR H 412 17.31 26.75 -28.83
C THR H 412 17.31 28.00 -29.69
N ARG H 413 16.10 28.45 -30.03
CA ARG H 413 15.90 29.49 -31.03
C ARG H 413 16.44 30.85 -30.59
N VAL H 414 16.81 31.67 -31.58
CA VAL H 414 17.13 33.07 -31.35
C VAL H 414 16.13 33.91 -32.15
N GLN H 415 16.10 35.20 -31.83
CA GLN H 415 15.09 36.08 -32.42
C GLN H 415 15.44 36.43 -33.86
N VAL H 416 14.41 36.72 -34.64
CA VAL H 416 14.55 37.11 -36.04
C VAL H 416 13.57 38.25 -36.31
N ASN H 417 13.96 39.17 -37.19
CA ASN H 417 13.10 40.27 -37.59
C ASN H 417 12.95 40.23 -39.10
N TYR H 418 11.75 39.90 -39.57
CA TYR H 418 11.49 39.79 -40.99
C TYR H 418 11.35 41.18 -41.63
N GLY H 419 11.79 41.28 -42.88
CA GLY H 419 11.76 42.52 -43.60
C GLY H 419 10.46 42.70 -44.36
N PRO H 420 10.44 43.67 -45.27
CA PRO H 420 9.21 43.99 -46.00
C PRO H 420 8.74 42.90 -46.97
N THR H 421 9.62 42.45 -47.86
CA THR H 421 9.18 41.59 -48.95
C THR H 421 9.33 40.11 -48.58
N GLY H 422 8.61 39.27 -49.31
CA GLY H 422 8.61 37.83 -49.15
C GLY H 422 9.68 37.07 -49.91
N GLU H 423 10.47 37.75 -50.72
CA GLU H 423 11.61 37.14 -51.37
C GLU H 423 12.67 36.77 -50.33
N PRO H 424 13.49 35.73 -50.60
CA PRO H 424 14.34 35.17 -49.54
C PRO H 424 15.37 36.14 -49.02
N LEU H 425 15.98 35.76 -47.89
CA LEU H 425 17.07 36.48 -47.24
C LEU H 425 16.66 37.87 -46.76
N ASP H 426 15.36 38.14 -46.68
CA ASP H 426 14.87 39.48 -46.41
C ASP H 426 14.50 39.61 -44.92
N PHE H 427 15.53 39.62 -44.10
CA PHE H 427 15.36 39.66 -42.64
C PHE H 427 16.71 39.95 -42.00
N GLN H 428 16.66 40.20 -40.69
CA GLN H 428 17.84 40.36 -39.85
C GLN H 428 17.75 39.40 -38.67
N ILE H 429 18.91 39.07 -38.10
CA ILE H 429 19.02 37.93 -37.20
C ILE H 429 20.01 38.24 -36.09
N GLY H 430 19.81 37.60 -34.94
CA GLY H 430 20.85 37.45 -33.95
C GLY H 430 21.10 38.68 -33.09
N ARG H 431 22.13 38.54 -32.24
CA ARG H 431 22.45 39.56 -31.26
C ARG H 431 23.14 40.77 -31.88
N ASN H 432 23.93 40.57 -32.93
CA ASN H 432 24.61 41.67 -33.59
C ASN H 432 23.84 42.19 -34.79
N GLN H 433 22.63 41.67 -35.04
CA GLN H 433 21.70 42.23 -36.02
C GLN H 433 22.31 42.26 -37.42
N TYR H 434 22.98 41.17 -37.80
CA TYR H 434 23.66 41.14 -39.09
C TYR H 434 22.65 40.92 -40.21
N ASP H 435 22.78 41.70 -41.27
CA ASP H 435 21.83 41.66 -42.38
C ASP H 435 22.29 40.63 -43.40
N CYS H 436 21.42 39.66 -43.70
CA CYS H 436 21.73 38.66 -44.72
C CYS H 436 21.34 39.11 -46.12
N ASN H 437 20.58 40.21 -46.25
CA ASN H 437 20.16 40.70 -47.56
C ASN H 437 21.35 41.05 -48.45
N VAL H 438 22.51 41.31 -47.86
CA VAL H 438 23.69 41.60 -48.66
C VAL H 438 24.16 40.39 -49.46
N PHE H 439 23.91 39.18 -49.00
CA PHE H 439 24.22 38.00 -49.81
C PHE H 439 23.16 37.65 -50.83
N ARG H 440 22.27 38.58 -51.17
CA ARG H 440 21.35 38.31 -52.27
C ARG H 440 22.09 38.40 -53.60
N ALA H 441 21.87 37.40 -54.44
CA ALA H 441 22.63 37.29 -55.68
C ALA H 441 22.02 38.18 -56.76
N ASP H 442 22.88 38.99 -57.37
CA ASP H 442 22.51 39.82 -58.51
C ASP H 442 23.66 39.78 -59.51
N PHE H 443 23.32 39.65 -60.79
CA PHE H 443 24.36 39.52 -61.80
C PHE H 443 25.14 40.81 -61.99
N ALA H 444 24.45 41.96 -61.94
CA ALA H 444 25.14 43.24 -62.17
C ALA H 444 26.09 43.58 -61.02
N THR H 445 25.70 43.25 -59.79
CA THR H 445 26.52 43.57 -58.62
C THR H 445 27.49 42.46 -58.27
N GLY H 446 26.99 41.23 -58.08
CA GLY H 446 27.85 40.09 -57.87
C GLY H 446 28.13 39.71 -56.43
N THR H 447 27.37 40.25 -55.48
CA THR H 447 27.58 39.91 -54.08
C THR H 447 27.23 38.45 -53.82
N GLY H 448 27.90 37.87 -52.83
CA GLY H 448 27.53 36.57 -52.32
C GLY H 448 28.24 35.38 -52.93
N TYR H 449 29.30 35.60 -53.72
CA TYR H 449 30.04 34.50 -54.32
C TYR H 449 31.53 34.84 -54.22
N ASN H 450 32.36 33.98 -54.83
CA ASN H 450 33.81 34.12 -54.70
C ASN H 450 34.32 35.39 -55.38
N GLY H 451 33.66 35.83 -56.45
CA GLY H 451 34.05 37.04 -57.14
C GLY H 451 33.54 38.33 -56.55
N TRP H 452 32.79 38.25 -55.45
CA TRP H 452 32.29 39.46 -54.81
C TRP H 452 33.42 40.19 -54.10
N ALA H 453 33.40 41.52 -54.19
CA ALA H 453 34.32 42.40 -53.46
C ALA H 453 35.77 42.15 -53.84
N THR H 454 36.02 41.96 -55.13
CA THR H 454 37.37 41.73 -55.61
C THR H 454 37.45 42.10 -57.09
N ILE H 455 38.65 41.98 -57.64
CA ILE H 455 38.91 42.16 -59.06
C ILE H 455 39.18 40.77 -59.64
N ASP H 456 38.30 40.32 -60.52
CA ASP H 456 38.29 38.94 -60.98
C ASP H 456 39.15 38.71 -62.21
N VAL H 457 39.65 39.77 -62.86
CA VAL H 457 40.39 39.64 -64.10
C VAL H 457 41.31 40.84 -64.22
N GLU H 458 42.46 40.65 -64.87
CA GLU H 458 43.45 41.71 -64.94
C GLU H 458 44.24 41.64 -66.23
N TYR H 459 44.92 42.74 -66.54
CA TYR H 459 45.69 42.90 -67.77
C TYR H 459 47.16 43.13 -67.43
N ARG H 460 48.03 42.59 -68.27
CA ARG H 460 49.48 42.64 -68.06
C ARG H 460 50.17 42.94 -69.39
N GLU H 461 51.48 42.67 -69.44
CA GLU H 461 52.36 42.76 -70.60
C GLU H 461 51.76 42.05 -71.81
N PRO H 462 52.16 42.42 -73.04
CA PRO H 462 51.55 41.81 -74.23
C PRO H 462 51.74 40.30 -74.28
N ALA H 463 50.68 39.60 -74.67
CA ALA H 463 50.63 38.15 -74.70
C ALA H 463 51.15 37.61 -76.03
N PRO H 464 51.56 36.33 -76.06
CA PRO H 464 51.92 35.72 -77.35
C PRO H 464 50.78 35.73 -78.36
N TYR H 465 49.55 35.56 -77.92
CA TYR H 465 48.39 35.62 -78.80
C TYR H 465 47.74 36.99 -78.68
N VAL H 466 47.39 37.58 -79.83
CA VAL H 466 46.93 38.96 -79.84
C VAL H 466 45.45 39.12 -79.54
N HIS H 467 44.67 38.04 -79.65
CA HIS H 467 43.23 38.17 -79.46
C HIS H 467 42.82 38.28 -78.00
N ALA H 468 43.58 37.65 -77.10
CA ALA H 468 43.25 37.66 -75.67
C ALA H 468 44.51 37.91 -74.87
N GLN H 469 44.45 38.87 -73.95
CA GLN H 469 45.56 39.20 -73.08
C GLN H 469 45.23 39.01 -71.61
N ARG H 470 44.00 38.63 -71.29
CA ARG H 470 43.54 38.66 -69.91
C ARG H 470 44.19 37.58 -69.06
N TYR H 471 44.22 37.82 -67.75
CA TYR H 471 44.62 36.84 -66.76
C TYR H 471 43.53 36.78 -65.71
N ILE H 472 43.08 35.57 -65.41
CA ILE H 472 41.95 35.38 -64.50
C ILE H 472 42.46 35.32 -63.08
N ARG H 473 41.78 36.07 -62.20
CA ARG H 473 42.17 36.20 -60.79
C ARG H 473 40.98 35.75 -59.94
N TYR H 474 40.93 34.47 -59.62
CA TYR H 474 39.86 33.96 -58.76
C TYR H 474 40.04 34.46 -57.33
N CYS H 475 38.92 34.93 -56.75
CA CYS H 475 38.81 35.37 -55.35
C CYS H 475 39.97 36.26 -54.93
N GLY H 476 40.45 37.10 -55.83
CA GLY H 476 41.53 38.03 -55.55
C GLY H 476 42.88 37.39 -55.34
N ILE H 477 43.00 36.11 -55.57
CA ILE H 477 44.24 35.39 -55.30
C ILE H 477 44.97 35.15 -56.61
N ASP H 478 46.24 35.56 -56.66
CA ASP H 478 47.07 35.33 -57.83
C ASP H 478 47.72 33.96 -57.75
N SER H 479 48.67 33.70 -58.64
CA SER H 479 49.38 32.42 -58.64
C SER H 479 50.81 32.55 -58.14
N ARG H 480 51.22 33.75 -57.76
CA ARG H 480 52.62 34.03 -57.46
C ARG H 480 52.96 33.86 -55.98
N GLU H 481 51.99 33.52 -55.15
CA GLU H 481 52.28 33.28 -53.74
C GLU H 481 52.86 31.89 -53.49
N LEU H 482 52.72 30.97 -54.44
CA LEU H 482 53.25 29.64 -54.22
C LEU H 482 54.78 29.63 -54.25
N ILE H 483 55.39 30.38 -55.17
CA ILE H 483 56.83 30.53 -55.13
C ILE H 483 57.27 31.39 -53.94
N ASN H 484 56.42 32.33 -53.52
CA ASN H 484 56.79 33.23 -52.44
C ASN H 484 55.53 33.73 -51.74
N PRO H 485 55.18 33.17 -50.59
CA PRO H 485 53.94 33.54 -49.91
C PRO H 485 53.99 34.99 -49.41
N THR H 486 52.80 35.55 -49.22
CA THR H 486 52.64 36.98 -48.95
C THR H 486 52.29 37.29 -47.51
N THR H 487 51.33 36.59 -46.91
CA THR H 487 50.96 36.81 -45.52
C THR H 487 50.96 35.50 -44.76
N TYR H 488 50.77 35.61 -43.44
CA TYR H 488 51.02 34.52 -42.51
C TYR H 488 49.91 33.47 -42.57
N GLY H 489 49.91 32.59 -41.57
CA GLY H 489 48.96 31.49 -41.54
C GLY H 489 47.52 31.95 -41.35
N ILE H 490 47.32 33.04 -40.61
CA ILE H 490 45.99 33.49 -40.27
C ILE H 490 45.50 34.59 -41.21
N GLY H 491 46.37 35.52 -41.56
CA GLY H 491 45.96 36.70 -42.31
C GLY H 491 45.54 36.43 -43.74
N MET H 492 45.69 35.20 -44.22
CA MET H 492 45.38 34.88 -45.61
C MET H 492 43.91 34.45 -45.74
N THR H 493 43.14 35.25 -46.49
CA THR H 493 41.71 35.05 -46.67
C THR H 493 41.23 35.99 -47.77
N TYR H 494 39.94 35.88 -48.11
CA TYR H 494 39.31 36.83 -49.01
C TYR H 494 37.96 37.22 -48.44
N HIS H 495 37.28 38.12 -49.15
CA HIS H 495 36.23 38.95 -48.53
C HIS H 495 34.97 38.15 -48.24
N CYS H 496 34.40 37.53 -49.28
CA CYS H 496 33.14 36.79 -49.10
C CYS H 496 33.29 35.66 -48.10
N TYR H 497 34.48 35.06 -48.04
CA TYR H 497 34.72 34.03 -47.05
C TYR H 497 34.65 34.60 -45.63
N ASN H 498 35.24 35.78 -45.43
CA ASN H 498 35.17 36.45 -44.14
C ASN H 498 33.73 36.78 -43.76
N GLU H 499 32.97 37.31 -44.72
CA GLU H 499 31.59 37.69 -44.41
C GLU H 499 30.74 36.46 -44.13
N MET H 500 30.95 35.37 -44.86
CA MET H 500 30.24 34.13 -44.61
C MET H 500 30.54 33.59 -43.22
N LEU H 501 31.83 33.56 -42.85
CA LEU H 501 32.22 33.09 -41.53
C LEU H 501 31.59 33.95 -40.44
N ARG H 502 31.58 35.27 -40.64
CA ARG H 502 30.93 36.15 -39.68
C ARG H 502 29.44 35.85 -39.59
N MET H 503 28.81 35.48 -40.70
CA MET H 503 27.38 35.16 -40.65
C MET H 503 27.13 33.91 -39.82
N LEU H 504 27.89 32.84 -40.05
CA LEU H 504 27.63 31.63 -39.26
C LEU H 504 28.02 31.83 -37.80
N VAL H 505 29.01 32.67 -37.52
CA VAL H 505 29.28 33.03 -36.13
C VAL H 505 28.10 33.78 -35.55
N ALA H 506 27.51 34.68 -36.34
CA ALA H 506 26.33 35.40 -35.89
C ALA H 506 25.14 34.47 -35.74
N ALA H 507 25.06 33.44 -36.56
CA ALA H 507 23.96 32.49 -36.50
C ALA H 507 24.07 31.52 -35.32
N GLY H 508 25.04 31.72 -34.43
CA GLY H 508 25.23 30.81 -33.32
C GLY H 508 25.86 29.50 -33.69
N LYS H 509 26.28 29.34 -34.95
CA LYS H 509 26.80 28.08 -35.45
C LYS H 509 28.31 28.12 -35.39
N ASP H 510 28.91 27.18 -34.66
CA ASP H 510 30.32 27.25 -34.31
C ASP H 510 31.15 26.11 -34.88
N SER H 511 30.68 24.86 -34.72
CA SER H 511 31.44 23.71 -35.22
C SER H 511 31.60 23.75 -36.73
N GLU H 512 30.54 24.12 -37.44
CA GLU H 512 30.62 24.29 -38.88
C GLU H 512 31.61 25.39 -39.23
N ALA H 513 31.60 26.48 -38.47
CA ALA H 513 32.56 27.55 -38.69
C ALA H 513 33.99 27.06 -38.48
N ALA H 514 34.20 26.23 -37.46
CA ALA H 514 35.54 25.68 -37.22
C ALA H 514 35.97 24.77 -38.38
N TYR H 515 35.07 23.91 -38.85
CA TYR H 515 35.39 23.02 -39.95
C TYR H 515 35.74 23.81 -41.20
N PHE H 516 34.98 24.87 -41.49
CA PHE H 516 35.28 25.68 -42.67
C PHE H 516 36.58 26.45 -42.51
N ARG H 517 36.84 26.99 -41.32
CA ARG H 517 38.08 27.74 -41.11
C ARG H 517 39.29 26.83 -41.26
N SER H 518 39.16 25.59 -40.83
CA SER H 518 40.20 24.60 -41.14
C SER H 518 40.27 24.34 -42.65
N MET H 519 39.12 24.29 -43.31
CA MET H 519 39.05 23.86 -44.70
C MET H 519 39.65 24.89 -45.65
N LEU H 520 39.62 26.18 -45.28
CA LEU H 520 39.93 27.28 -46.19
C LEU H 520 41.22 27.14 -47.01
N PRO H 521 42.37 26.77 -46.44
CA PRO H 521 43.58 26.70 -47.29
C PRO H 521 43.49 25.74 -48.44
N PHE H 522 42.84 24.59 -48.24
CA PHE H 522 42.64 23.64 -49.33
C PHE H 522 41.84 24.26 -50.46
N HIS H 523 40.78 24.98 -50.08
CA HIS H 523 39.94 25.69 -51.05
C HIS H 523 40.76 26.66 -51.87
N MET H 524 41.53 27.52 -51.20
CA MET H 524 42.22 28.55 -51.94
C MET H 524 43.42 28.02 -52.71
N VAL H 525 44.05 26.92 -52.28
CA VAL H 525 45.13 26.38 -53.10
C VAL H 525 44.57 25.63 -54.31
N ARG H 526 43.39 25.02 -54.18
CA ARG H 526 42.71 24.48 -55.35
C ARG H 526 42.45 25.59 -56.36
N PHE H 527 42.00 26.74 -55.87
CA PHE H 527 41.78 27.86 -56.79
C PHE H 527 43.08 28.46 -57.31
N ALA H 528 44.15 28.41 -56.53
CA ALA H 528 45.45 28.87 -57.02
C ALA H 528 45.93 27.99 -58.18
N ARG H 529 45.77 26.68 -58.04
CA ARG H 529 46.16 25.78 -59.11
C ARG H 529 45.27 25.94 -60.33
N ILE H 530 43.97 26.20 -60.12
CA ILE H 530 43.11 26.44 -61.28
C ILE H 530 43.51 27.76 -61.97
N ASN H 531 43.96 28.74 -61.20
CA ASN H 531 44.46 29.97 -61.80
C ASN H 531 45.69 29.69 -62.65
N GLN H 532 46.61 28.87 -62.14
CA GLN H 532 47.79 28.48 -62.91
C GLN H 532 47.39 27.77 -64.20
N ILE H 533 46.41 26.86 -64.11
CA ILE H 533 45.96 26.13 -65.28
C ILE H 533 45.40 27.08 -66.32
N ILE H 534 44.58 28.03 -65.89
CA ILE H 534 43.91 28.91 -66.83
C ILE H 534 44.93 29.85 -67.49
N ASN H 535 45.82 30.44 -66.70
CA ASN H 535 46.69 31.46 -67.27
C ASN H 535 47.89 30.90 -68.01
N GLU H 536 48.32 29.67 -67.71
CA GLU H 536 49.51 29.12 -68.35
C GLU H 536 49.21 28.06 -69.39
N ASP H 537 48.41 27.05 -69.04
CA ASP H 537 48.23 25.90 -69.91
C ASP H 537 47.41 26.23 -71.15
N LEU H 538 46.42 27.10 -71.03
CA LEU H 538 45.39 27.19 -72.04
C LEU H 538 45.67 28.24 -73.11
N HIS H 539 46.85 28.86 -73.12
CA HIS H 539 47.08 29.97 -74.03
C HIS H 539 47.17 29.45 -75.45
N SER H 540 46.07 29.56 -76.18
CA SER H 540 45.97 29.11 -77.56
C SER H 540 45.05 30.05 -78.31
N VAL H 541 45.05 29.93 -79.64
CA VAL H 541 44.20 30.81 -80.45
C VAL H 541 42.73 30.51 -80.20
N PHE H 542 42.42 29.29 -79.76
CA PHE H 542 41.03 28.87 -79.59
C PHE H 542 40.43 29.36 -78.28
N SER H 543 41.22 29.99 -77.43
CA SER H 543 40.66 30.71 -76.30
C SER H 543 39.83 31.89 -76.79
N LEU H 544 38.80 32.22 -76.03
CA LEU H 544 37.90 33.29 -76.45
C LEU H 544 38.61 34.64 -76.34
N PRO H 545 38.58 35.45 -77.39
CA PRO H 545 39.17 36.80 -77.30
C PRO H 545 38.36 37.69 -76.37
N ASP H 546 38.99 38.79 -75.96
CA ASP H 546 38.43 39.62 -74.90
C ASP H 546 37.12 40.27 -75.30
N ASP H 547 36.90 40.46 -76.60
CA ASP H 547 35.66 41.09 -77.06
C ASP H 547 34.45 40.23 -76.69
N MET H 548 34.50 38.93 -77.05
CA MET H 548 33.39 38.03 -76.73
C MET H 548 33.22 37.86 -75.24
N PHE H 549 34.34 37.76 -74.51
CA PHE H 549 34.27 37.55 -73.07
C PHE H 549 33.65 38.75 -72.37
N ASN H 550 33.98 39.96 -72.83
CA ASN H 550 33.41 41.15 -72.25
C ASN H 550 32.00 41.43 -72.78
N ALA H 551 31.62 40.79 -73.88
CA ALA H 551 30.28 41.01 -74.42
C ALA H 551 29.25 40.05 -73.86
N LEU H 552 29.66 38.84 -73.46
CA LEU H 552 28.69 37.79 -73.14
C LEU H 552 27.82 38.13 -71.94
N LEU H 553 28.41 38.71 -70.89
CA LEU H 553 27.65 39.01 -69.69
C LEU H 553 26.53 40.03 -69.92
N PRO H 554 26.76 41.16 -70.58
CA PRO H 554 25.61 42.00 -70.96
C PRO H 554 24.62 41.29 -71.87
N ASP H 555 25.11 40.38 -72.72
CA ASP H 555 24.21 39.64 -73.62
C ASP H 555 23.25 38.77 -72.82
N LEU H 556 23.75 38.04 -71.82
CA LEU H 556 22.89 37.16 -71.06
C LEU H 556 22.01 37.93 -70.08
N ILE H 557 22.54 39.01 -69.49
CA ILE H 557 21.73 39.72 -68.51
C ILE H 557 20.70 40.62 -69.20
N ALA H 558 20.94 40.98 -70.46
CA ALA H 558 19.99 41.79 -71.21
C ALA H 558 19.15 40.96 -72.18
N GLY H 559 19.45 39.68 -72.33
CA GLY H 559 18.72 38.85 -73.28
C GLY H 559 19.00 39.16 -74.73
N ALA H 560 20.07 39.90 -75.01
CA ALA H 560 20.38 40.29 -76.38
C ALA H 560 20.76 39.07 -77.22
N HIS H 561 20.42 39.14 -78.50
CA HIS H 561 20.67 38.03 -79.40
C HIS H 561 22.17 37.91 -79.68
N GLN H 562 22.69 36.70 -79.53
CA GLN H 562 24.13 36.48 -79.45
C GLN H 562 24.58 35.47 -80.49
N ASN H 563 25.84 35.57 -80.90
CA ASN H 563 26.44 34.58 -81.79
C ASN H 563 27.23 33.53 -81.05
N ALA H 564 27.59 33.77 -79.79
CA ALA H 564 28.41 32.87 -78.99
C ALA H 564 27.53 32.28 -77.89
N ASP H 565 26.96 31.11 -78.17
CA ASP H 565 26.08 30.46 -77.21
C ASP H 565 26.89 29.84 -76.09
N PRO H 566 26.68 30.23 -74.84
CA PRO H 566 27.25 29.46 -73.73
C PRO H 566 26.60 28.10 -73.65
N VAL H 567 27.38 27.12 -73.23
CA VAL H 567 26.93 25.73 -73.16
C VAL H 567 26.38 25.46 -71.76
N VAL H 568 25.18 24.90 -71.70
CA VAL H 568 24.50 24.62 -70.45
C VAL H 568 24.66 23.14 -70.13
N LEU H 569 24.82 22.82 -68.84
CA LEU H 569 24.94 21.45 -68.38
C LEU H 569 24.14 21.29 -67.09
N ASP H 570 24.10 20.07 -66.57
CA ASP H 570 23.41 19.80 -65.32
C ASP H 570 24.20 18.82 -64.44
N VAL H 571 24.08 18.99 -63.13
CA VAL H 571 24.70 18.12 -62.14
C VAL H 571 23.68 17.83 -61.05
N SER H 572 24.12 17.09 -60.03
CA SER H 572 23.30 16.82 -58.86
C SER H 572 23.72 17.71 -57.70
N TRP H 573 22.83 17.82 -56.71
CA TRP H 573 23.08 18.69 -55.57
C TRP H 573 24.29 18.22 -54.75
N ILE H 574 24.32 16.93 -54.40
CA ILE H 574 25.39 16.40 -53.55
C ILE H 574 26.72 16.39 -54.29
N SER H 575 26.66 16.46 -55.63
CA SER H 575 27.88 16.51 -56.42
C SER H 575 28.67 17.77 -56.13
N LEU H 576 28.00 18.88 -55.81
CA LEU H 576 28.70 20.10 -55.43
C LEU H 576 29.54 19.86 -54.18
N TRP H 577 28.95 19.19 -53.18
CA TRP H 577 29.69 18.94 -51.96
C TRP H 577 30.84 17.96 -52.20
N PHE H 578 30.62 16.95 -53.03
CA PHE H 578 31.72 16.06 -53.38
C PHE H 578 32.85 16.79 -54.10
N ALA H 579 32.50 17.63 -55.07
CA ALA H 579 33.52 18.40 -55.78
C ALA H 579 34.22 19.37 -54.84
N PHE H 580 33.54 19.78 -53.77
CA PHE H 580 34.16 20.64 -52.77
C PHE H 580 35.27 19.94 -52.00
N ASN H 581 35.23 18.61 -51.90
CA ASN H 581 36.24 17.85 -51.15
C ASN H 581 37.25 17.18 -52.07
N ARG H 582 37.64 17.83 -53.17
CA ARG H 582 38.63 17.27 -54.08
C ARG H 582 39.54 18.37 -54.59
N SER H 583 40.72 17.97 -55.05
CA SER H 583 41.67 18.91 -55.65
C SER H 583 42.24 18.29 -56.91
N PHE H 584 42.69 19.15 -57.83
CA PHE H 584 43.18 18.70 -59.12
C PHE H 584 44.71 18.85 -59.14
N GLU H 585 45.40 17.76 -59.48
CA GLU H 585 46.85 17.74 -59.53
C GLU H 585 47.29 17.22 -60.89
N PRO H 586 47.77 18.09 -61.77
CA PRO H 586 48.33 17.64 -63.05
C PRO H 586 49.78 17.19 -62.96
N THR H 587 50.01 15.91 -62.62
CA THR H 587 51.37 15.43 -62.39
C THR H 587 52.23 15.42 -63.65
N HIS H 588 51.64 15.50 -64.83
CA HIS H 588 52.37 15.71 -66.07
C HIS H 588 51.59 16.64 -66.98
N ARG H 589 52.31 17.29 -67.90
CA ARG H 589 51.73 18.17 -68.89
C ARG H 589 51.44 17.41 -70.18
N ASN H 590 50.65 18.04 -71.05
CA ASN H 590 50.13 17.35 -72.23
C ASN H 590 51.24 17.01 -73.21
N GLU H 591 51.15 15.80 -73.78
CA GLU H 591 52.15 15.35 -74.74
C GLU H 591 52.04 16.13 -76.05
N MET H 592 50.88 16.06 -76.70
CA MET H 592 50.68 16.68 -78.01
C MET H 592 50.73 18.21 -77.92
N LEU H 593 50.71 18.77 -76.71
CA LEU H 593 51.02 20.18 -76.51
C LEU H 593 52.35 20.55 -77.17
N GLU H 594 53.33 19.66 -77.11
CA GLU H 594 54.64 19.94 -77.71
C GLU H 594 54.58 20.09 -79.22
N VAL H 595 53.48 19.68 -79.86
CA VAL H 595 53.30 19.93 -81.28
C VAL H 595 52.02 20.72 -81.54
N ALA H 596 51.59 21.52 -80.57
CA ALA H 596 50.35 22.27 -80.72
C ALA H 596 50.35 23.30 -81.85
N PRO H 597 51.34 24.20 -82.01
CA PRO H 597 51.15 25.31 -82.96
C PRO H 597 51.12 24.89 -84.42
N LEU H 598 52.06 24.05 -84.86
CA LEU H 598 52.15 23.70 -86.27
C LEU H 598 50.81 23.17 -86.79
N ILE H 599 50.20 22.27 -86.02
CA ILE H 599 48.88 21.72 -86.36
C ILE H 599 47.92 22.85 -86.70
N GLU H 600 47.73 23.79 -85.76
CA GLU H 600 46.70 24.80 -85.98
C GLU H 600 47.08 25.68 -87.16
N SER H 601 48.38 25.88 -87.38
CA SER H 601 48.84 26.65 -88.53
C SER H 601 48.33 26.03 -89.83
N VAL H 602 48.51 24.71 -89.97
CA VAL H 602 48.01 24.00 -91.14
C VAL H 602 46.52 24.23 -91.26
N TYR H 603 45.82 24.10 -90.13
CA TYR H 603 44.40 24.43 -90.04
C TYR H 603 44.12 25.74 -90.73
N ALA H 604 44.75 26.82 -90.24
CA ALA H 604 44.50 28.15 -90.76
C ALA H 604 44.74 28.19 -92.26
N SER H 605 45.84 27.58 -92.71
CA SER H 605 46.22 27.65 -94.12
C SER H 605 45.10 27.08 -94.98
N GLU H 606 44.57 25.91 -94.60
CA GLU H 606 43.55 25.29 -95.41
C GLU H 606 42.31 26.17 -95.47
N LEU H 607 41.94 26.76 -94.33
CA LEU H 607 40.79 27.66 -94.30
C LEU H 607 40.97 28.79 -95.31
N SER H 608 42.18 29.36 -95.34
CA SER H 608 42.49 30.43 -96.28
C SER H 608 42.13 30.01 -97.69
N VAL H 609 42.55 28.80 -98.08
CA VAL H 609 42.32 28.33 -99.44
C VAL H 609 40.84 28.40 -99.78
N MET H 610 40.00 27.87 -98.88
CA MET H 610 38.57 27.82 -99.17
C MET H 610 38.03 29.22 -99.39
N LYS H 611 38.37 30.15 -98.49
CA LYS H 611 37.83 31.49 -98.59
C LYS H 611 38.13 32.06 -99.95
N VAL H 612 39.39 31.95 -100.39
CA VAL H 612 39.81 32.46 -101.70
C VAL H 612 39.01 31.84 -102.83
N ASP H 613 38.85 30.53 -102.90
CA ASP H 613 38.14 29.96 -104.03
C ASP H 613 36.64 30.31 -104.01
N MET H 614 35.98 30.26 -102.85
CA MET H 614 34.59 30.66 -102.67
C MET H 614 34.34 32.08 -103.14
N ARG H 615 35.30 32.96 -102.83
CA ARG H 615 35.21 34.38 -103.28
C ARG H 615 35.12 34.40 -104.81
N HIS H 616 36.01 33.69 -105.50
CA HIS H 616 35.89 33.64 -106.96
C HIS H 616 34.58 33.02 -107.42
N LEU H 617 34.01 32.06 -106.69
CA LEU H 617 32.73 31.49 -107.08
C LEU H 617 31.60 32.54 -106.99
N SER H 618 31.70 33.47 -106.04
CA SER H 618 30.78 34.61 -106.01
C SER H 618 31.01 35.56 -107.20
N LEU H 619 32.26 35.72 -107.65
CA LEU H 619 32.54 36.54 -108.83
C LEU H 619 31.84 35.94 -110.05
N MET H 620 31.98 34.65 -110.31
CA MET H 620 31.34 34.07 -111.49
C MET H 620 29.81 34.14 -111.43
N GLN H 621 29.20 34.07 -110.25
CA GLN H 621 27.77 34.38 -110.11
C GLN H 621 27.45 35.80 -110.62
N ARG H 622 28.23 36.81 -110.21
CA ARG H 622 28.07 38.18 -110.71
C ARG H 622 28.27 38.24 -112.23
N ARG H 623 29.27 37.53 -112.76
CA ARG H 623 29.59 37.60 -114.18
C ARG H 623 28.48 37.03 -115.08
N PHE H 624 27.88 35.89 -114.75
CA PHE H 624 27.16 35.09 -115.76
C PHE H 624 25.71 34.71 -115.39
N PRO H 625 24.77 35.65 -115.30
CA PRO H 625 23.41 35.39 -114.80
C PRO H 625 22.59 34.39 -115.63
N ASP H 626 22.75 34.35 -116.95
CA ASP H 626 22.08 33.37 -117.79
C ASP H 626 22.69 31.98 -117.62
N VAL H 627 24.00 31.90 -117.41
CA VAL H 627 24.63 30.61 -117.12
C VAL H 627 24.16 30.11 -115.76
N LEU H 628 23.94 31.03 -114.83
CA LEU H 628 23.57 30.78 -113.45
C LEU H 628 22.08 31.08 -113.19
N ILE H 629 21.17 30.58 -114.03
CA ILE H 629 19.74 30.82 -113.83
C ILE H 629 19.29 30.26 -112.48
N GLN H 630 19.69 29.04 -112.17
CA GLN H 630 19.26 28.35 -110.95
C GLN H 630 20.30 28.43 -109.84
N ALA H 631 21.14 29.47 -109.79
CA ALA H 631 22.22 29.50 -108.81
C ALA H 631 21.73 29.90 -107.41
N ARG H 632 22.13 29.09 -106.44
CA ARG H 632 21.92 29.25 -105.02
C ARG H 632 23.30 29.10 -104.40
N PRO H 633 23.61 29.85 -103.33
CA PRO H 633 24.95 29.75 -102.73
C PRO H 633 25.32 28.35 -102.26
N SER H 634 24.33 27.53 -101.92
CA SER H 634 24.60 26.15 -101.52
C SER H 634 25.26 25.36 -102.64
N HIS H 635 24.99 25.72 -103.90
CA HIS H 635 25.58 25.00 -105.03
C HIS H 635 27.10 25.05 -105.00
N PHE H 636 27.64 26.27 -105.10
CA PHE H 636 29.07 26.48 -105.13
C PHE H 636 29.73 26.09 -103.81
N TRP H 637 29.01 26.29 -102.70
CA TRP H 637 29.47 25.88 -101.41
C TRP H 637 29.65 24.36 -101.31
N LYS H 638 28.66 23.54 -101.68
CA LYS H 638 28.86 22.10 -101.67
C LYS H 638 29.92 21.69 -102.69
N ALA H 639 30.02 22.36 -103.84
CA ALA H 639 31.00 21.99 -104.85
C ALA H 639 32.42 22.12 -104.30
N VAL H 640 32.72 23.25 -103.66
CA VAL H 640 33.99 23.44 -102.98
C VAL H 640 34.17 22.42 -101.88
N LEU H 641 33.16 22.25 -101.02
CA LEU H 641 33.38 21.36 -99.88
C LEU H 641 33.48 19.89 -100.27
N ASN H 642 33.11 19.52 -101.49
CA ASN H 642 33.35 18.15 -101.93
C ASN H 642 34.83 17.89 -102.17
N ASP H 643 35.50 18.79 -102.88
CA ASP H 643 36.92 18.65 -103.17
C ASP H 643 37.71 19.39 -102.09
N SER H 644 37.82 18.75 -100.94
CA SER H 644 38.45 19.35 -99.77
C SER H 644 38.88 18.24 -98.83
N PRO H 645 39.90 18.49 -98.00
CA PRO H 645 40.31 17.48 -97.02
C PRO H 645 39.21 17.19 -96.01
N GLU H 646 39.08 15.90 -95.66
CA GLU H 646 37.97 15.47 -94.82
C GLU H 646 38.18 15.85 -93.36
N ALA H 647 39.41 16.15 -92.96
CA ALA H 647 39.67 16.41 -91.54
C ALA H 647 39.09 17.76 -91.09
N VAL H 648 39.31 18.82 -91.88
CA VAL H 648 38.76 20.12 -91.51
C VAL H 648 37.23 20.09 -91.55
N LYS H 649 36.68 19.40 -92.55
CA LYS H 649 35.24 19.20 -92.60
C LYS H 649 34.76 18.43 -91.37
N ALA H 650 35.54 17.45 -90.90
CA ALA H 650 35.15 16.74 -89.69
C ALA H 650 35.13 17.68 -88.48
N VAL H 651 36.12 18.56 -88.40
CA VAL H 651 36.16 19.54 -87.32
C VAL H 651 34.92 20.40 -87.34
N MET H 652 34.54 20.89 -88.53
CA MET H 652 33.43 21.85 -88.58
C MET H 652 32.07 21.14 -88.56
N ASN H 653 32.01 19.86 -88.93
CA ASN H 653 30.82 19.03 -88.71
C ASN H 653 30.66 18.58 -87.26
N LEU H 654 31.72 18.68 -86.45
CA LEU H 654 31.56 18.41 -85.03
C LEU H 654 30.51 19.31 -84.41
N SER H 655 30.33 20.51 -84.96
CA SER H 655 29.23 21.37 -84.57
C SER H 655 27.88 20.72 -84.83
N HIS H 656 27.76 19.99 -85.95
CA HIS H 656 26.54 19.35 -86.44
C HIS H 656 25.46 20.36 -86.82
N SER H 657 25.75 21.65 -86.72
CA SER H 657 24.93 22.67 -87.37
C SER H 657 25.32 22.85 -88.82
N HIS H 658 26.29 22.08 -89.29
CA HIS H 658 26.79 22.22 -90.66
C HIS H 658 25.71 21.86 -91.67
N ASN H 659 24.79 20.97 -91.28
CA ASN H 659 23.68 20.63 -92.15
C ASN H 659 22.59 21.70 -92.12
N PHE H 660 22.67 22.65 -91.20
CA PHE H 660 21.64 23.66 -91.00
C PHE H 660 22.16 25.08 -91.23
N ILE H 661 23.12 25.24 -92.14
CA ILE H 661 23.77 26.54 -92.34
C ILE H 661 22.92 27.41 -93.26
N ASN H 662 22.59 28.61 -92.79
CA ASN H 662 21.81 29.56 -93.57
C ASN H 662 22.70 30.30 -94.56
N ILE H 663 22.05 31.08 -95.44
CA ILE H 663 22.78 31.90 -96.41
C ILE H 663 23.46 33.10 -95.77
N ARG H 664 22.88 33.66 -94.71
CA ARG H 664 23.44 34.87 -94.10
C ARG H 664 24.82 34.63 -93.54
N ASP H 665 25.01 33.49 -92.86
CA ASP H 665 26.33 33.12 -92.37
C ASP H 665 27.31 32.95 -93.51
N MET H 666 26.85 32.32 -94.59
CA MET H 666 27.69 32.11 -95.75
C MET H 666 28.19 33.43 -96.31
N MET H 667 27.28 34.36 -96.60
CA MET H 667 27.67 35.61 -97.25
C MET H 667 28.45 36.51 -96.30
N ARG H 668 28.11 36.51 -95.01
CA ARG H 668 28.90 37.24 -94.03
C ARG H 668 30.33 36.72 -93.98
N TRP H 669 30.51 35.41 -94.11
CA TRP H 669 31.87 34.88 -94.22
C TRP H 669 32.48 35.23 -95.56
N VAL H 670 31.70 35.39 -96.64
CA VAL H 670 32.24 35.73 -97.97
C VAL H 670 32.82 37.13 -98.00
N MET H 671 32.19 38.14 -97.37
CA MET H 671 32.80 39.47 -97.47
C MET H 671 34.19 39.54 -96.83
N LEU H 672 34.47 38.69 -95.85
CA LEU H 672 35.70 38.84 -95.08
C LEU H 672 36.93 38.52 -95.93
N PRO H 673 37.88 39.45 -96.06
CA PRO H 673 39.13 39.17 -96.77
C PRO H 673 40.29 38.75 -95.88
N SER H 674 40.04 38.44 -94.60
CA SER H 674 41.11 38.04 -93.70
C SER H 674 41.79 36.78 -94.20
N LEU H 675 43.12 36.80 -94.22
CA LEU H 675 43.87 35.78 -94.94
C LEU H 675 45.18 35.51 -94.22
N GLN H 676 45.62 34.24 -94.27
CA GLN H 676 46.91 33.85 -93.72
C GLN H 676 47.72 33.14 -94.81
N PRO H 677 48.86 33.69 -95.22
CA PRO H 677 49.53 33.17 -96.42
C PRO H 677 50.12 31.78 -96.21
N SER H 678 50.13 31.01 -97.30
CA SER H 678 50.85 29.74 -97.37
C SER H 678 51.16 29.46 -98.84
N LEU H 679 52.02 28.47 -99.07
CA LEU H 679 52.57 28.24 -100.40
C LEU H 679 51.50 27.81 -101.39
N LYS H 680 50.78 26.73 -101.08
CA LYS H 680 49.71 26.28 -101.98
C LYS H 680 48.60 27.31 -102.05
N LEU H 681 48.37 28.05 -100.96
CA LEU H 681 47.43 29.16 -101.01
C LEU H 681 47.87 30.19 -102.04
N ALA H 682 49.15 30.57 -102.01
CA ALA H 682 49.68 31.57 -102.93
C ALA H 682 49.51 31.12 -104.38
N LEU H 683 49.89 29.87 -104.65
CA LEU H 683 49.65 29.32 -105.97
C LEU H 683 48.16 29.32 -106.31
N GLU H 684 47.31 29.20 -105.30
CA GLU H 684 45.87 29.22 -105.54
C GLU H 684 45.40 30.58 -106.03
N GLU H 685 45.85 31.64 -105.34
CA GLU H 685 45.45 33.01 -105.73
C GLU H 685 45.96 33.28 -107.16
N GLU H 686 47.18 32.86 -107.47
CA GLU H 686 47.71 33.17 -108.81
C GLU H 686 47.06 32.30 -109.89
N ALA H 687 46.69 31.07 -109.56
CA ALA H 687 45.91 30.27 -110.50
C ALA H 687 44.56 30.93 -110.77
N TRP H 688 43.86 31.42 -109.75
CA TRP H 688 42.62 32.16 -109.96
C TRP H 688 42.87 33.46 -110.70
N ALA H 689 44.02 34.11 -110.50
CA ALA H 689 44.31 35.32 -111.26
C ALA H 689 44.44 35.01 -112.74
N ALA H 690 45.09 33.90 -113.08
CA ALA H 690 45.07 33.43 -114.46
C ALA H 690 43.65 33.06 -114.88
N ALA H 691 42.85 32.56 -113.95
CA ALA H 691 41.48 32.16 -114.22
C ALA H 691 40.52 33.33 -114.30
N ASN H 692 40.92 34.55 -113.96
CA ASN H 692 40.10 35.73 -114.18
C ASN H 692 39.85 35.91 -115.69
N ASP H 693 40.81 35.50 -116.51
CA ASP H 693 40.59 35.45 -117.95
C ASP H 693 39.88 34.14 -118.25
N PHE H 694 38.56 34.19 -118.32
CA PHE H 694 37.74 33.01 -118.52
C PHE H 694 38.00 32.34 -119.89
N GLU H 695 38.65 33.04 -120.83
CA GLU H 695 39.05 32.45 -122.10
C GLU H 695 40.12 31.37 -121.93
N ASP H 696 40.82 31.37 -120.79
CA ASP H 696 41.92 30.43 -120.56
C ASP H 696 41.44 29.01 -120.28
N LEU H 697 40.13 28.80 -120.09
CA LEU H 697 39.59 27.48 -119.79
C LEU H 697 38.58 27.01 -120.83
N MET H 698 38.66 27.53 -122.06
CA MET H 698 37.72 27.22 -123.15
C MET H 698 36.28 27.44 -122.71
N LEU H 699 36.00 28.67 -122.31
CA LEU H 699 34.67 29.11 -121.96
C LEU H 699 34.21 30.21 -122.90
N THR H 700 34.47 30.03 -124.19
CA THR H 700 34.21 31.09 -125.14
C THR H 700 32.72 31.28 -125.35
N ASP H 701 32.36 32.46 -125.86
CA ASP H 701 31.00 32.79 -126.21
C ASP H 701 30.91 33.47 -127.58
N GLN H 702 31.98 33.44 -128.35
CA GLN H 702 32.02 34.03 -129.69
C GLN H 702 31.63 32.95 -130.68
N VAL H 703 30.38 32.99 -131.14
CA VAL H 703 29.86 32.05 -132.12
C VAL H 703 29.14 32.85 -133.20
N TYR H 704 29.53 32.65 -134.46
CA TYR H 704 28.96 33.38 -135.59
C TYR H 704 28.49 32.39 -136.64
N MET H 705 27.44 32.75 -137.38
CA MET H 705 26.80 31.83 -138.33
C MET H 705 26.26 32.59 -139.54
N HIS H 706 26.47 32.02 -140.72
CA HIS H 706 25.95 32.56 -141.98
C HIS H 706 25.99 31.44 -143.02
N ARG H 707 25.54 31.75 -144.23
CA ARG H 707 25.61 30.82 -145.36
C ARG H 707 27.06 30.67 -145.80
N ASP H 708 27.70 29.57 -145.38
CA ASP H 708 29.07 29.29 -145.76
C ASP H 708 29.12 27.94 -146.46
N MET H 709 30.16 27.77 -147.28
CA MET H 709 30.32 26.57 -148.09
C MET H 709 31.77 26.13 -148.05
N LEU H 710 31.99 24.86 -148.37
CA LEU H 710 33.35 24.32 -148.40
C LEU H 710 34.09 24.87 -149.61
N PRO H 711 35.34 25.31 -149.44
CA PRO H 711 36.14 25.72 -150.60
C PRO H 711 36.37 24.56 -151.55
N GLU H 712 36.44 24.87 -152.85
CA GLU H 712 36.60 23.87 -153.89
C GLU H 712 37.75 24.28 -154.78
N PRO H 713 38.98 23.97 -154.39
CA PRO H 713 40.14 24.27 -155.25
C PRO H 713 40.10 23.45 -156.51
N ARG H 714 40.59 24.04 -157.60
CA ARG H 714 40.68 23.34 -158.87
C ARG H 714 42.01 22.61 -158.97
N LEU H 715 41.94 21.33 -159.33
CA LEU H 715 43.12 20.46 -159.38
C LEU H 715 43.87 20.72 -160.68
N ASP H 716 44.87 21.60 -160.60
CA ASP H 716 45.73 21.84 -161.76
C ASP H 716 46.81 20.78 -161.86
N ASP H 717 47.68 20.70 -160.86
CA ASP H 717 48.71 19.68 -160.76
C ASP H 717 48.61 19.02 -159.39
N ILE H 718 48.71 17.69 -159.37
CA ILE H 718 48.64 16.96 -158.10
C ILE H 718 49.85 17.29 -157.23
N GLU H 719 51.04 17.30 -157.82
CA GLU H 719 52.26 17.55 -157.04
C GLU H 719 52.29 18.96 -156.48
N ARG H 720 51.78 19.93 -157.24
CA ARG H 720 51.66 21.29 -156.74
C ARG H 720 50.73 21.34 -155.54
N PHE H 721 49.62 20.59 -155.59
CA PHE H 721 48.69 20.55 -154.47
C PHE H 721 49.30 19.85 -153.27
N ARG H 722 50.16 18.84 -153.51
CA ARG H 722 50.93 18.24 -152.43
C ARG H 722 51.85 19.26 -151.77
N GLN H 723 52.63 19.99 -152.58
CA GLN H 723 53.63 20.89 -152.04
C GLN H 723 52.99 22.09 -151.34
N GLU H 724 51.81 22.53 -151.78
CA GLU H 724 51.13 23.63 -151.11
C GLU H 724 50.37 23.13 -149.88
N GLY H 725 49.39 22.25 -150.09
CA GLY H 725 48.62 21.71 -148.99
C GLY H 725 47.60 22.67 -148.39
N PHE H 726 46.58 23.02 -149.18
CA PHE H 726 45.51 23.86 -148.70
C PHE H 726 44.71 23.13 -147.62
N TYR H 727 44.31 23.85 -146.59
CA TYR H 727 43.54 23.32 -145.48
C TYR H 727 42.38 24.25 -145.18
N TYR H 728 41.42 23.78 -144.39
CA TYR H 728 40.27 24.59 -144.04
C TYR H 728 40.00 24.52 -142.54
N THR H 729 39.36 25.56 -142.01
CA THR H 729 38.84 25.54 -140.66
C THR H 729 37.45 26.19 -140.65
N ASN H 730 36.53 25.57 -139.91
CA ASN H 730 35.23 26.19 -139.69
C ASN H 730 35.33 27.33 -138.69
N MET H 731 36.35 27.32 -137.86
CA MET H 731 36.61 28.40 -136.93
C MET H 731 36.90 29.71 -137.65
N LEU H 732 36.44 30.81 -137.05
CA LEU H 732 36.87 32.14 -137.46
C LEU H 732 38.19 32.47 -136.78
N GLU H 733 39.22 32.75 -137.59
CA GLU H 733 40.51 33.15 -137.04
C GLU H 733 40.46 34.57 -136.48
N ALA H 734 39.50 35.37 -136.93
CA ALA H 734 39.31 36.73 -136.48
C ALA H 734 37.84 37.08 -136.65
N PRO H 735 37.25 37.85 -135.74
CA PRO H 735 35.85 38.22 -135.88
C PRO H 735 35.67 39.19 -137.04
N PRO H 736 34.57 39.10 -137.77
CA PRO H 736 34.29 40.08 -138.82
C PRO H 736 33.73 41.38 -138.26
N GLU H 737 33.31 42.29 -139.14
CA GLU H 737 32.73 43.54 -138.69
C GLU H 737 31.39 43.30 -138.00
N ILE H 738 31.02 44.24 -137.12
CA ILE H 738 29.78 44.11 -136.36
C ILE H 738 28.56 44.53 -137.13
N ASP H 739 28.73 45.12 -138.32
CA ASP H 739 27.58 45.53 -139.12
C ASP H 739 26.74 44.33 -139.54
N ARG H 740 27.39 43.25 -139.97
CA ARG H 740 26.68 42.04 -140.34
C ARG H 740 26.24 41.23 -139.14
N VAL H 741 26.98 41.32 -138.03
CA VAL H 741 26.69 40.53 -136.84
C VAL H 741 25.47 41.10 -136.14
N VAL H 742 24.53 40.21 -135.80
CA VAL H 742 23.35 40.57 -135.03
C VAL H 742 23.43 39.90 -133.67
N GLN H 743 23.11 40.64 -132.62
CA GLN H 743 23.15 40.10 -131.27
C GLN H 743 21.89 39.29 -131.01
N TYR H 744 22.01 38.29 -130.13
CA TYR H 744 20.90 37.43 -129.78
C TYR H 744 21.09 36.93 -128.35
N THR H 745 19.97 36.78 -127.65
CA THR H 745 19.99 36.45 -126.23
C THR H 745 19.17 35.20 -125.96
N TYR H 746 19.21 34.77 -124.71
CA TYR H 746 18.50 33.56 -124.29
C TYR H 746 16.99 33.81 -124.27
N GLU H 747 16.57 34.93 -123.69
CA GLU H 747 15.14 35.17 -123.48
C GLU H 747 14.42 35.41 -124.80
N ILE H 748 15.03 36.17 -125.71
CA ILE H 748 14.43 36.38 -127.02
C ILE H 748 14.37 35.07 -127.79
N ALA H 749 15.39 34.22 -127.63
CA ALA H 749 15.37 32.90 -128.25
C ALA H 749 14.20 32.07 -127.74
N ARG H 750 13.98 32.08 -126.43
CA ARG H 750 12.87 31.34 -125.85
C ARG H 750 11.53 31.88 -126.33
N LEU H 751 11.42 33.21 -126.42
CA LEU H 751 10.17 33.83 -126.87
C LEU H 751 9.88 33.47 -128.33
N GLN H 752 10.89 33.56 -129.20
CA GLN H 752 10.70 33.20 -130.60
C GLN H 752 10.42 31.72 -130.78
N ALA H 753 11.02 30.88 -129.93
CA ALA H 753 10.71 29.45 -129.96
C ALA H 753 9.26 29.20 -129.59
N ASN H 754 8.76 29.91 -128.57
CA ASN H 754 7.35 29.76 -128.20
C ASN H 754 6.43 30.25 -129.30
N MET H 755 6.78 31.37 -129.94
CA MET H 755 6.02 31.80 -131.11
C MET H 755 6.29 30.91 -132.31
N GLY H 756 7.44 30.24 -132.34
CA GLY H 756 7.78 29.33 -133.41
C GLY H 756 8.37 29.96 -134.64
N GLN H 757 8.51 31.29 -134.66
CA GLN H 757 9.10 32.01 -135.78
C GLN H 757 10.62 32.07 -135.69
N PHE H 758 11.20 31.43 -134.68
CA PHE H 758 12.65 31.46 -134.51
C PHE H 758 13.38 30.89 -135.72
N ARG H 759 12.96 29.70 -136.17
CA ARG H 759 13.57 29.12 -137.36
C ARG H 759 13.25 29.95 -138.59
N ALA H 760 12.11 30.64 -138.61
CA ALA H 760 11.79 31.54 -139.72
C ALA H 760 12.77 32.70 -139.77
N ALA H 761 13.07 33.30 -138.62
CA ALA H 761 14.06 34.37 -138.59
C ALA H 761 15.44 33.84 -138.96
N LEU H 762 15.76 32.62 -138.52
CA LEU H 762 17.03 32.00 -138.92
C LEU H 762 17.12 31.88 -140.43
N ARG H 763 16.07 31.36 -141.07
CA ARG H 763 16.09 31.21 -142.52
C ARG H 763 16.12 32.55 -143.23
N ARG H 764 15.41 33.54 -142.69
CA ARG H 764 15.39 34.87 -143.31
C ARG H 764 16.79 35.49 -143.34
N ILE H 765 17.44 35.54 -142.17
CA ILE H 765 18.77 36.14 -142.13
C ILE H 765 19.77 35.24 -142.86
N MET H 766 19.53 33.93 -142.84
CA MET H 766 20.46 32.97 -143.43
C MET H 766 20.47 33.14 -144.95
N ASP H 767 19.29 33.38 -145.54
CA ASP H 767 19.21 33.78 -146.94
C ASP H 767 19.83 35.16 -147.15
N ASP H 768 19.66 36.06 -146.19
CA ASP H 768 20.28 37.38 -146.31
C ASP H 768 21.80 37.35 -146.18
N ASP H 769 22.39 36.19 -145.92
CA ASP H 769 23.82 35.89 -146.04
C ASP H 769 24.67 36.59 -145.00
N ASP H 770 24.10 37.09 -143.92
CA ASP H 770 24.86 37.86 -142.95
C ASP H 770 25.08 37.08 -141.67
N TRP H 771 25.99 37.60 -140.85
CA TRP H 771 26.41 36.93 -139.64
C TRP H 771 25.32 36.96 -138.57
N VAL H 772 25.28 35.91 -137.75
CA VAL H 772 24.37 35.85 -136.61
C VAL H 772 25.17 35.37 -135.40
N ARG H 773 25.00 36.03 -134.26
CA ARG H 773 25.72 35.69 -133.04
C ARG H 773 24.80 34.97 -132.06
N PHE H 774 25.24 33.80 -131.61
CA PHE H 774 24.67 33.11 -130.45
C PHE H 774 25.74 33.00 -129.38
N GLY H 775 25.61 33.82 -128.34
CA GLY H 775 26.60 33.86 -127.28
C GLY H 775 26.03 34.24 -125.93
N GLY H 776 26.89 34.71 -125.04
CA GLY H 776 26.48 35.08 -123.70
C GLY H 776 26.46 33.94 -122.70
N VAL H 777 26.67 32.71 -123.16
CA VAL H 777 26.69 31.53 -122.30
C VAL H 777 27.99 30.78 -122.59
N LEU H 778 28.65 30.31 -121.55
CA LEU H 778 29.90 29.58 -121.71
C LEU H 778 29.63 28.23 -122.39
N ARG H 779 30.40 27.95 -123.44
CA ARG H 779 30.36 26.65 -124.10
C ARG H 779 31.76 26.05 -124.14
N THR H 780 31.82 24.73 -124.02
CA THR H 780 33.10 24.02 -124.10
C THR H 780 33.61 24.04 -125.54
N VAL H 781 34.92 23.86 -125.67
CA VAL H 781 35.59 23.92 -126.96
C VAL H 781 36.27 22.59 -127.23
N ARG H 782 35.93 21.96 -128.35
CA ARG H 782 36.51 20.69 -128.76
C ARG H 782 37.05 20.84 -130.17
N VAL H 783 38.35 20.58 -130.35
CA VAL H 783 38.98 20.58 -131.66
C VAL H 783 39.50 19.19 -131.94
N LYS H 784 38.84 18.48 -132.86
CA LYS H 784 39.23 17.14 -133.26
C LYS H 784 39.29 17.09 -134.79
N PHE H 785 40.20 16.27 -135.30
CA PHE H 785 40.58 16.33 -136.70
C PHE H 785 39.92 15.19 -137.48
N TYR H 786 39.43 15.51 -138.68
CA TYR H 786 39.00 14.50 -139.64
C TYR H 786 39.70 14.74 -140.97
N ASP H 787 40.16 13.66 -141.59
CA ASP H 787 40.68 13.75 -142.96
C ASP H 787 39.62 13.39 -143.99
N ALA H 788 38.69 12.50 -143.61
CA ALA H 788 37.59 12.10 -144.47
C ALA H 788 36.41 13.04 -144.24
N ARG H 789 35.24 12.68 -144.75
CA ARG H 789 34.06 13.51 -144.57
C ARG H 789 33.63 13.50 -143.11
N PRO H 790 33.33 14.66 -142.53
CA PRO H 790 32.93 14.72 -141.12
C PRO H 790 31.50 14.27 -140.93
N PRO H 791 31.11 13.93 -139.70
CA PRO H 791 29.68 13.74 -139.42
C PRO H 791 28.93 15.06 -139.46
N ASP H 792 27.61 14.95 -139.66
CA ASP H 792 26.78 16.14 -139.77
C ASP H 792 26.70 16.91 -138.45
N ASP H 793 26.68 16.21 -137.32
CA ASP H 793 26.48 16.89 -136.03
C ASP H 793 27.64 17.82 -135.70
N VAL H 794 28.87 17.38 -135.97
CA VAL H 794 30.03 18.23 -135.68
C VAL H 794 30.05 19.44 -136.62
N LEU H 795 29.86 19.20 -137.92
CA LEU H 795 29.96 20.27 -138.89
C LEU H 795 28.76 21.22 -138.79
N GLN H 796 27.61 20.73 -138.33
CA GLN H 796 26.42 21.55 -138.13
C GLN H 796 26.10 21.52 -136.64
N GLY H 797 26.71 22.43 -135.89
CA GLY H 797 26.47 22.53 -134.46
C GLY H 797 25.35 23.48 -134.13
N LEU H 798 24.18 22.94 -133.81
CA LEU H 798 23.06 23.81 -133.49
C LEU H 798 23.10 24.22 -132.03
N PRO H 799 23.17 25.52 -131.73
CA PRO H 799 23.10 25.95 -130.33
C PRO H 799 21.80 25.58 -129.65
N PHE H 800 20.69 25.59 -130.39
CA PHE H 800 19.44 25.10 -129.85
C PHE H 800 19.40 23.59 -129.94
N SER H 801 19.09 22.93 -128.82
CA SER H 801 19.04 21.47 -128.75
C SER H 801 17.67 21.06 -128.29
N TYR H 802 16.90 20.44 -129.17
CA TYR H 802 15.56 20.00 -128.81
C TYR H 802 15.64 18.85 -127.81
N ASP H 803 14.78 18.90 -126.80
CA ASP H 803 14.79 17.90 -125.73
C ASP H 803 13.86 16.74 -126.04
N THR H 814 10.49 22.37 -126.80
CA THR H 814 11.32 23.48 -126.36
C THR H 814 12.75 23.31 -126.84
N ILE H 815 13.54 24.37 -126.71
CA ILE H 815 14.96 24.33 -127.07
C ILE H 815 15.77 24.90 -125.91
N LYS H 816 17.03 24.50 -125.86
CA LYS H 816 18.02 25.07 -124.95
C LYS H 816 18.97 25.90 -125.78
N TYR H 817 19.12 27.18 -125.42
CA TYR H 817 19.75 28.16 -126.30
C TYR H 817 21.23 27.85 -126.56
N ALA H 818 21.94 27.36 -125.56
CA ALA H 818 23.37 27.15 -125.66
C ALA H 818 23.69 25.66 -125.73
N THR H 819 24.54 25.28 -126.68
CA THR H 819 24.98 23.91 -126.84
C THR H 819 26.44 23.89 -127.27
N GLU H 820 27.19 22.91 -126.77
CA GLU H 820 28.58 22.74 -127.16
C GLU H 820 28.70 22.24 -128.59
N THR H 821 29.80 22.60 -129.25
CA THR H 821 30.04 22.21 -130.63
C THR H 821 31.51 21.88 -130.80
N THR H 822 31.79 20.74 -131.45
CA THR H 822 33.16 20.35 -131.75
C THR H 822 33.67 21.12 -132.96
N ILE H 823 34.85 21.71 -132.83
CA ILE H 823 35.39 22.58 -133.87
C ILE H 823 36.23 21.76 -134.84
N PHE H 824 36.02 22.00 -136.13
CA PHE H 824 36.57 21.18 -137.20
C PHE H 824 37.77 21.86 -137.85
N TYR H 825 38.80 21.06 -138.12
CA TYR H 825 39.86 21.43 -139.05
C TYR H 825 39.96 20.36 -140.12
N LEU H 826 39.96 20.76 -141.38
CA LEU H 826 39.99 19.84 -142.51
C LEU H 826 41.35 19.90 -143.19
N ILE H 827 41.96 18.72 -143.35
CA ILE H 827 43.21 18.55 -144.08
C ILE H 827 42.88 17.92 -145.43
N TYR H 828 43.46 18.47 -146.50
CA TYR H 828 43.18 18.03 -147.85
C TYR H 828 44.26 17.05 -148.30
N ASN H 829 43.85 15.85 -148.70
CA ASN H 829 44.75 14.81 -149.20
C ASN H 829 44.25 14.35 -150.56
N VAL H 830 45.18 14.19 -151.51
CA VAL H 830 44.84 13.86 -152.89
C VAL H 830 45.84 12.85 -153.42
N GLU H 831 45.43 12.11 -154.45
CA GLU H 831 46.26 11.13 -155.13
C GLU H 831 46.53 11.59 -156.56
N PHE H 832 47.61 11.05 -157.13
CA PHE H 832 48.01 11.43 -158.49
C PHE H 832 47.02 10.94 -159.53
N SER H 833 46.43 9.76 -159.33
CA SER H 833 45.51 9.20 -160.31
C SER H 833 44.12 9.79 -160.23
N ASN H 834 43.89 10.75 -159.33
CA ASN H 834 42.61 11.43 -159.28
C ASN H 834 42.47 12.38 -160.47
N THR H 835 41.26 12.43 -161.02
CA THR H 835 40.96 13.33 -162.12
C THR H 835 41.02 14.78 -161.65
N PRO H 836 41.27 15.73 -162.56
CA PRO H 836 41.25 17.14 -162.16
C PRO H 836 39.90 17.61 -161.63
N ASP H 837 38.81 16.90 -161.93
CA ASP H 837 37.49 17.22 -161.41
C ASP H 837 36.95 16.13 -160.49
N SER H 838 37.83 15.39 -159.82
CA SER H 838 37.39 14.38 -158.87
C SER H 838 36.69 15.01 -157.67
N LEU H 839 37.20 16.13 -157.18
CA LEU H 839 36.56 16.85 -156.09
C LEU H 839 35.36 17.67 -156.54
N VAL H 840 35.13 17.79 -157.85
CA VAL H 840 34.00 18.56 -158.34
C VAL H 840 32.71 17.83 -158.03
N LEU H 841 31.82 18.48 -157.28
CA LEU H 841 30.54 17.92 -156.90
C LEU H 841 29.43 18.84 -157.37
N ILE H 842 28.33 18.22 -157.81
CA ILE H 842 27.19 18.99 -158.31
C ILE H 842 26.57 19.81 -157.19
N ASN H 843 26.44 19.23 -155.99
CA ASN H 843 25.96 19.97 -154.83
C ASN H 843 27.13 20.29 -153.92
N PRO H 844 27.41 21.56 -153.64
CA PRO H 844 28.56 21.90 -152.81
C PRO H 844 28.38 21.51 -151.35
N THR H 845 29.50 21.23 -150.71
CA THR H 845 29.49 20.92 -149.28
C THR H 845 29.29 22.18 -148.47
N TYR H 846 28.34 22.13 -147.53
CA TYR H 846 27.94 23.29 -146.75
C TYR H 846 28.38 23.17 -145.30
N THR H 847 28.86 24.29 -144.75
CA THR H 847 29.21 24.40 -143.34
C THR H 847 28.60 25.67 -142.79
N MET H 848 28.28 25.66 -141.50
CA MET H 848 27.49 26.74 -140.92
C MET H 848 27.97 27.21 -139.54
N THR H 849 28.71 26.40 -138.79
CA THR H 849 29.12 26.78 -137.45
C THR H 849 30.51 27.43 -137.46
N LYS H 850 30.63 28.56 -136.76
CA LYS H 850 31.91 29.26 -136.62
C LYS H 850 32.11 29.65 -135.17
N VAL H 851 33.37 29.85 -134.78
CA VAL H 851 33.72 30.11 -133.39
C VAL H 851 35.01 30.93 -133.39
N PHE H 852 35.34 31.51 -132.24
CA PHE H 852 36.53 32.32 -132.05
C PHE H 852 37.08 32.10 -130.65
N ILE H 853 38.41 32.11 -130.52
CA ILE H 853 39.06 31.78 -129.25
C ILE H 853 40.06 32.82 -128.79
N ASN H 854 40.44 33.80 -129.62
CA ASN H 854 41.34 34.89 -129.26
C ASN H 854 42.76 34.42 -128.90
N LYS H 855 43.19 33.28 -129.44
CA LYS H 855 44.57 32.85 -129.28
C LYS H 855 44.92 31.92 -130.43
N ARG H 856 46.21 31.87 -130.75
CA ARG H 856 46.74 31.02 -131.82
C ARG H 856 46.91 29.60 -131.27
N ILE H 857 45.93 28.74 -131.55
CA ILE H 857 46.01 27.34 -131.13
C ILE H 857 46.62 26.48 -132.24
N VAL H 858 46.09 26.62 -133.45
CA VAL H 858 46.45 25.76 -134.58
C VAL H 858 47.07 26.64 -135.66
N GLU H 859 48.30 26.33 -136.06
CA GLU H 859 49.05 27.21 -136.93
C GLU H 859 49.87 26.43 -137.94
N ARG H 860 50.09 27.01 -139.12
CA ARG H 860 51.01 26.46 -140.11
C ARG H 860 52.35 27.17 -139.98
N VAL H 861 53.43 26.39 -139.95
CA VAL H 861 54.77 26.96 -139.92
C VAL H 861 55.65 26.26 -140.93
N ARG H 862 56.48 27.04 -141.62
CA ARG H 862 57.47 26.48 -142.53
C ARG H 862 58.60 25.82 -141.73
N VAL H 863 59.61 25.36 -142.46
CA VAL H 863 60.77 24.78 -141.80
C VAL H 863 61.50 25.81 -140.95
N GLY H 864 61.64 27.04 -141.47
CA GLY H 864 62.37 28.08 -140.78
C GLY H 864 61.72 28.52 -139.48
N GLN H 865 60.44 28.23 -139.29
CA GLN H 865 59.74 28.55 -138.06
C GLN H 865 59.60 27.34 -137.13
N ILE H 866 60.27 26.23 -137.43
CA ILE H 866 60.10 24.99 -136.67
C ILE H 866 60.48 25.21 -135.21
N LEU H 867 61.60 25.90 -134.97
CA LEU H 867 62.00 26.30 -133.62
C LEU H 867 61.67 27.75 -133.32
N ALA H 868 60.54 28.26 -133.83
CA ALA H 868 60.13 29.63 -133.57
C ALA H 868 59.40 29.81 -132.25
N VAL H 869 59.58 28.90 -131.29
CA VAL H 869 58.84 28.94 -130.04
C VAL H 869 59.73 29.11 -128.81
N LEU H 870 61.05 29.11 -128.98
CA LEU H 870 61.97 29.04 -127.84
C LEU H 870 62.20 30.45 -127.31
N ASN H 871 61.34 30.87 -126.36
CA ASN H 871 61.43 32.23 -125.85
C ASN H 871 61.21 32.33 -124.34
N ARG H 872 61.42 31.25 -123.59
CA ARG H 872 61.12 31.20 -122.16
C ARG H 872 62.32 30.66 -121.41
N ARG H 873 62.55 31.17 -120.20
CA ARG H 873 63.72 30.80 -119.42
C ARG H 873 63.38 29.75 -118.37
N PHE H 874 64.17 28.68 -118.34
CA PHE H 874 63.95 27.56 -117.43
C PHE H 874 65.16 27.43 -116.52
N VAL H 875 64.91 27.26 -115.23
CA VAL H 875 65.95 27.14 -114.21
C VAL H 875 65.86 25.74 -113.60
N ALA H 876 66.99 25.03 -113.61
CA ALA H 876 67.08 23.70 -113.00
C ALA H 876 68.33 23.62 -112.15
N TYR H 877 68.26 22.80 -111.11
CA TYR H 877 69.41 22.57 -110.25
C TYR H 877 70.16 21.33 -110.69
N LYS H 878 71.42 21.25 -110.27
CA LYS H 878 72.17 20.02 -110.43
C LYS H 878 71.65 18.97 -109.45
N GLY H 879 71.82 17.70 -109.81
CA GLY H 879 71.38 16.62 -108.94
C GLY H 879 72.14 16.52 -107.63
N LYS H 880 73.27 17.23 -107.51
CA LYS H 880 74.04 17.21 -106.28
C LYS H 880 73.30 17.86 -105.11
N MET H 881 72.37 18.77 -105.39
CA MET H 881 71.60 19.38 -104.32
C MET H 881 70.59 18.39 -103.75
N ARG H 882 70.22 18.61 -102.50
CA ARG H 882 69.20 17.82 -101.83
C ARG H 882 68.04 18.73 -101.44
N ILE H 883 66.82 18.24 -101.64
CA ILE H 883 65.61 18.99 -101.36
C ILE H 883 64.98 18.38 -100.12
N MET H 884 64.85 19.18 -99.07
CA MET H 884 64.31 18.71 -97.79
C MET H 884 63.22 19.67 -97.34
N ASP H 885 62.00 19.16 -97.21
CA ASP H 885 60.90 19.95 -96.66
C ASP H 885 61.17 20.20 -95.18
N ILE H 886 61.30 21.48 -94.82
CA ILE H 886 61.73 21.84 -93.48
C ILE H 886 60.55 22.39 -92.68
N THR H 887 59.32 22.19 -93.18
CA THR H 887 58.13 22.54 -92.42
C THR H 887 58.01 21.69 -91.16
N GLN H 888 58.39 20.42 -91.25
CA GLN H 888 58.18 19.46 -90.16
C GLN H 888 59.06 19.70 -88.95
N SER H 889 60.15 20.44 -89.08
CA SER H 889 61.17 20.51 -88.03
C SER H 889 60.97 21.69 -87.08
N LEU H 890 59.72 22.10 -86.84
CA LEU H 890 59.43 23.24 -85.99
C LEU H 890 58.83 22.70 -84.69
N LYS H 891 59.41 23.10 -83.56
CA LYS H 891 59.01 22.60 -82.25
C LYS H 891 59.60 23.50 -81.17
N MET H 892 58.88 23.64 -80.06
CA MET H 892 59.26 24.63 -79.05
C MET H 892 60.56 24.29 -78.33
N GLY H 893 61.08 23.08 -78.47
CA GLY H 893 62.33 22.70 -77.85
C GLY H 893 63.56 23.22 -78.57
N THR H 894 63.39 23.86 -79.72
CA THR H 894 64.50 24.45 -80.45
C THR H 894 64.73 25.88 -79.96
N LYS H 895 65.86 26.11 -79.32
CA LYS H 895 66.19 27.44 -78.82
C LYS H 895 67.42 27.94 -79.57
N LEU H 896 67.44 29.25 -79.85
CA LEU H 896 68.46 29.83 -80.71
C LEU H 896 69.75 30.10 -79.94
N ALA H 897 70.88 29.67 -80.51
CA ALA H 897 72.17 30.04 -79.96
C ALA H 897 72.38 31.54 -80.02
N ALA H 898 71.99 32.15 -81.14
CA ALA H 898 71.89 33.60 -81.22
C ALA H 898 70.41 33.97 -81.18
N PRO H 899 69.91 34.51 -80.07
CA PRO H 899 68.48 34.80 -79.96
C PRO H 899 68.05 35.92 -80.89
N THR H 900 66.75 35.93 -81.19
CA THR H 900 66.18 36.99 -82.02
C THR H 900 66.33 38.33 -81.32
N VAL H 901 66.56 39.37 -82.12
CA VAL H 901 66.79 40.71 -81.61
C VAL H 901 65.51 41.26 -80.96
N GLN I 7 -40.22 16.02 -75.78
CA GLN I 7 -40.76 17.11 -76.56
C GLN I 7 -41.38 18.18 -75.68
N ARG I 8 -42.00 17.76 -74.59
CA ARG I 8 -42.49 18.70 -73.60
C ARG I 8 -41.31 19.32 -72.86
N PRO I 9 -41.24 20.66 -72.76
CA PRO I 9 -40.07 21.29 -72.13
C PRO I 9 -40.00 21.11 -70.62
N GLU I 10 -41.07 20.72 -69.96
CA GLU I 10 -41.05 20.60 -68.51
C GLU I 10 -40.49 19.28 -68.02
N ARG I 11 -40.33 18.29 -68.90
CA ARG I 11 -39.77 17.00 -68.49
C ARG I 11 -38.32 16.82 -68.90
N ILE I 12 -37.79 17.70 -69.75
CA ILE I 12 -36.38 17.61 -70.12
C ILE I 12 -35.52 18.04 -68.93
N LYS I 13 -34.40 17.36 -68.74
CA LYS I 13 -33.58 17.55 -67.56
C LYS I 13 -32.13 17.76 -67.93
N THR I 14 -31.49 18.67 -67.21
CA THR I 14 -30.06 18.92 -67.35
C THR I 14 -29.32 18.97 -66.03
N THR I 15 -30.01 18.87 -64.90
CA THR I 15 -29.40 18.98 -63.59
C THR I 15 -29.61 17.69 -62.81
N PRO I 16 -28.56 17.11 -62.26
CA PRO I 16 -28.65 15.83 -61.55
C PRO I 16 -29.09 15.95 -60.09
N TYR I 17 -30.16 16.69 -59.86
CA TYR I 17 -30.75 16.81 -58.53
C TYR I 17 -32.14 16.21 -58.45
N LEU I 18 -32.84 16.09 -59.58
CA LEU I 18 -34.21 15.63 -59.63
C LEU I 18 -34.35 14.21 -60.16
N GLU I 19 -33.28 13.44 -60.17
CA GLU I 19 -33.27 12.12 -60.80
C GLU I 19 -32.96 11.04 -59.79
N GLY I 20 -33.65 9.92 -59.91
CA GLY I 20 -33.43 8.78 -59.04
C GLY I 20 -34.16 7.57 -59.58
N ASP I 21 -33.97 6.45 -58.88
CA ASP I 21 -34.64 5.21 -59.29
C ASP I 21 -36.14 5.29 -59.00
N VAL I 22 -36.91 4.73 -59.91
CA VAL I 22 -38.38 4.79 -59.82
C VAL I 22 -38.85 3.78 -58.79
N LEU I 23 -39.65 4.24 -57.84
CA LEU I 23 -40.16 3.35 -56.80
C LEU I 23 -41.32 2.51 -57.32
N SER I 24 -42.29 3.13 -57.99
CA SER I 24 -43.47 2.42 -58.46
C SER I 24 -44.13 3.26 -59.56
N SER I 25 -45.12 2.66 -60.21
CA SER I 25 -45.90 3.35 -61.22
C SER I 25 -47.39 3.12 -60.94
N ASP I 26 -48.22 3.94 -61.55
CA ASP I 26 -49.66 3.88 -61.28
C ASP I 26 -50.44 4.47 -62.45
N SER I 27 -51.72 4.14 -62.47
CA SER I 27 -52.64 4.64 -63.48
C SER I 27 -54.02 4.79 -62.85
N GLY I 28 -54.89 5.54 -63.53
CA GLY I 28 -56.23 5.76 -63.06
C GLY I 28 -57.08 4.54 -62.78
N PRO I 29 -57.10 3.55 -63.69
CA PRO I 29 -57.95 2.36 -63.43
C PRO I 29 -57.65 1.64 -62.14
N LEU I 30 -56.37 1.50 -61.76
CA LEU I 30 -56.06 0.81 -60.52
C LEU I 30 -56.49 1.62 -59.31
N LEU I 31 -56.22 2.93 -59.33
CA LEU I 31 -56.54 3.78 -58.19
C LEU I 31 -58.04 3.90 -58.00
N SER I 32 -58.82 3.96 -59.08
CA SER I 32 -60.27 4.08 -58.94
C SER I 32 -60.86 2.87 -58.23
N VAL I 33 -60.55 1.67 -58.73
CA VAL I 33 -61.10 0.47 -58.13
C VAL I 33 -60.55 0.27 -56.73
N PHE I 34 -59.30 0.66 -56.48
CA PHE I 34 -58.74 0.54 -55.14
C PHE I 34 -59.46 1.45 -54.16
N ALA I 35 -59.72 2.69 -54.55
CA ALA I 35 -60.42 3.62 -53.68
C ALA I 35 -61.83 3.12 -53.38
N LEU I 36 -62.53 2.63 -54.40
CA LEU I 36 -63.86 2.09 -54.16
C LEU I 36 -63.82 0.92 -53.19
N GLN I 37 -62.86 0.00 -53.39
CA GLN I 37 -62.75 -1.17 -52.54
C GLN I 37 -62.47 -0.78 -51.09
N GLU I 38 -61.58 0.19 -50.87
CA GLU I 38 -61.28 0.56 -49.50
C GLU I 38 -62.44 1.29 -48.84
N ILE I 39 -63.20 2.09 -49.59
CA ILE I 39 -64.38 2.71 -49.01
C ILE I 39 -65.40 1.66 -48.59
N MET I 40 -65.66 0.68 -49.46
CA MET I 40 -66.64 -0.34 -49.10
C MET I 40 -66.14 -1.22 -47.96
N GLN I 41 -64.84 -1.52 -47.92
CA GLN I 41 -64.28 -2.26 -46.79
C GLN I 41 -64.46 -1.50 -45.49
N LYS I 42 -64.21 -0.18 -45.52
CA LYS I 42 -64.37 0.64 -44.32
C LYS I 42 -65.81 0.62 -43.84
N VAL I 43 -66.77 0.81 -44.77
CA VAL I 43 -68.16 0.89 -44.32
C VAL I 43 -68.65 -0.48 -43.84
N ARG I 44 -68.19 -1.58 -44.46
CA ARG I 44 -68.60 -2.89 -43.99
C ARG I 44 -67.98 -3.22 -42.64
N GLN I 45 -66.73 -2.82 -42.42
CA GLN I 45 -66.11 -3.01 -41.11
C GLN I 45 -66.85 -2.20 -40.05
N VAL I 46 -67.28 -0.99 -40.40
CA VAL I 46 -68.08 -0.18 -39.49
C VAL I 46 -69.38 -0.90 -39.15
N GLN I 47 -70.05 -1.44 -40.17
CA GLN I 47 -71.31 -2.15 -39.95
C GLN I 47 -71.11 -3.40 -39.09
N ALA I 48 -70.01 -4.12 -39.31
CA ALA I 48 -69.79 -5.39 -38.63
C ALA I 48 -69.37 -5.19 -37.17
N ASP I 49 -68.57 -4.16 -36.89
CA ASP I 49 -68.01 -4.00 -35.55
C ASP I 49 -69.02 -3.52 -34.52
N TYR I 50 -70.30 -3.43 -34.87
CA TYR I 50 -71.31 -2.95 -33.94
C TYR I 50 -72.62 -3.67 -34.22
N MET I 51 -73.72 -3.10 -33.75
CA MET I 51 -75.05 -3.64 -33.98
C MET I 51 -75.84 -2.72 -34.90
N THR I 52 -76.49 -3.30 -35.92
CA THR I 52 -77.22 -2.56 -36.93
C THR I 52 -78.49 -3.31 -37.30
N ALA I 53 -79.60 -2.59 -37.40
CA ALA I 53 -80.90 -3.16 -37.77
C ALA I 53 -81.50 -2.33 -38.90
N THR I 54 -81.25 -2.77 -40.14
CA THR I 54 -81.68 -2.01 -41.31
C THR I 54 -81.89 -2.99 -42.46
N ARG I 55 -82.25 -2.45 -43.62
CA ARG I 55 -82.45 -3.27 -44.80
C ARG I 55 -81.13 -3.89 -45.25
N GLU I 56 -81.23 -5.13 -45.74
CA GLU I 56 -80.05 -5.89 -46.15
C GLU I 56 -79.49 -5.32 -47.44
N VAL I 57 -78.16 -5.33 -47.57
CA VAL I 57 -77.49 -4.81 -48.74
C VAL I 57 -76.08 -5.40 -48.80
N ASP I 58 -75.66 -5.76 -50.01
CA ASP I 58 -74.32 -6.25 -50.28
C ASP I 58 -73.50 -5.11 -50.84
N PHE I 59 -72.22 -5.07 -50.48
CA PHE I 59 -71.33 -4.01 -50.92
C PHE I 59 -70.22 -4.64 -51.76
N THR I 60 -70.49 -4.83 -53.04
CA THR I 60 -69.52 -5.37 -53.97
C THR I 60 -68.82 -4.24 -54.70
N VAL I 61 -67.73 -4.59 -55.40
CA VAL I 61 -66.94 -3.65 -56.17
C VAL I 61 -67.16 -3.94 -57.64
N PRO I 62 -67.50 -2.95 -58.46
CA PRO I 62 -67.76 -3.17 -59.88
C PRO I 62 -66.53 -2.95 -60.75
N ASP I 63 -66.68 -3.28 -62.03
CA ASP I 63 -65.65 -3.05 -63.03
C ASP I 63 -65.98 -1.76 -63.77
N VAL I 64 -65.17 -0.73 -63.56
CA VAL I 64 -65.37 0.52 -64.28
C VAL I 64 -65.02 0.34 -65.76
N GLN I 65 -64.01 -0.48 -66.06
CA GLN I 65 -63.60 -0.68 -67.45
C GLN I 65 -64.70 -1.36 -68.25
N LYS I 66 -65.37 -2.35 -67.66
CA LYS I 66 -66.47 -3.01 -68.35
C LYS I 66 -67.59 -2.02 -68.66
N ILE I 67 -67.91 -1.15 -67.71
CA ILE I 67 -69.02 -0.22 -67.93
C ILE I 67 -68.62 0.81 -68.97
N LEU I 68 -67.34 1.18 -69.03
CA LEU I 68 -66.91 2.11 -70.07
C LEU I 68 -66.95 1.47 -71.44
N ASP I 69 -66.53 0.20 -71.53
CA ASP I 69 -66.62 -0.52 -72.80
C ASP I 69 -68.07 -0.67 -73.23
N ASP I 70 -68.96 -0.97 -72.30
CA ASP I 70 -70.37 -1.13 -72.63
C ASP I 70 -71.00 0.19 -73.07
N ILE I 71 -70.61 1.29 -72.42
CA ILE I 71 -71.06 2.61 -72.86
C ILE I 71 -70.58 2.91 -74.26
N LYS I 72 -69.32 2.62 -74.55
CA LYS I 72 -68.80 2.83 -75.90
C LYS I 72 -69.57 1.99 -76.92
N ALA I 73 -69.88 0.74 -76.58
CA ALA I 73 -70.65 -0.11 -77.47
C ALA I 73 -72.06 0.41 -77.69
N LEU I 74 -72.71 0.86 -76.61
CA LEU I 74 -74.06 1.41 -76.74
C LEU I 74 -74.06 2.69 -77.55
N ALA I 75 -72.97 3.44 -77.51
CA ALA I 75 -72.89 4.67 -78.31
C ALA I 75 -72.97 4.36 -79.80
N ALA I 76 -72.52 3.18 -80.23
CA ALA I 76 -72.62 2.81 -81.62
C ALA I 76 -74.01 2.32 -82.02
N GLU I 77 -74.89 2.07 -81.05
CA GLU I 77 -76.21 1.55 -81.35
C GLU I 77 -77.04 2.62 -82.06
N GLN I 78 -77.71 2.21 -83.13
CA GLN I 78 -78.53 3.11 -83.94
C GLN I 78 -80.00 2.84 -83.67
N VAL I 79 -80.77 3.91 -83.49
CA VAL I 79 -82.16 3.82 -83.09
C VAL I 79 -83.07 3.97 -84.30
N TYR I 80 -82.47 4.05 -85.48
CA TYR I 80 -83.20 4.22 -86.74
C TYR I 80 -83.02 2.99 -87.61
N LYS I 81 -84.07 2.63 -88.33
CA LYS I 81 -84.05 1.50 -89.25
C LYS I 81 -84.40 1.99 -90.64
N ILE I 82 -83.67 1.51 -91.64
CA ILE I 82 -83.93 1.83 -93.04
C ILE I 82 -84.48 0.58 -93.72
N VAL I 83 -85.74 0.65 -94.12
CA VAL I 83 -86.41 -0.42 -94.85
C VAL I 83 -87.11 0.21 -96.05
N LYS I 84 -87.00 -0.44 -97.22
CA LYS I 84 -87.65 0.07 -98.41
C LYS I 84 -89.18 0.06 -98.29
N VAL I 85 -89.74 -0.98 -97.67
CA VAL I 85 -91.18 -1.24 -97.71
C VAL I 85 -91.82 -0.61 -96.48
N PRO I 86 -92.71 0.36 -96.63
CA PRO I 86 -93.56 0.76 -95.52
C PRO I 86 -94.66 -0.26 -95.29
N SER I 87 -95.03 -0.44 -94.02
CA SER I 87 -95.99 -1.47 -93.67
C SER I 87 -97.38 -1.14 -94.20
N ILE I 88 -98.23 -2.16 -94.26
CA ILE I 88 -99.60 -2.00 -94.75
C ILE I 88 -100.41 -1.25 -93.71
N SER I 89 -100.86 -0.05 -94.06
CA SER I 89 -101.59 0.78 -93.10
C SER I 89 -102.97 0.20 -92.81
N PHE I 90 -103.72 -0.14 -93.84
CA PHE I 90 -105.12 -0.56 -93.71
C PHE I 90 -105.34 -1.94 -94.29
N ARG I 91 -106.35 -2.62 -93.78
CA ARG I 91 -106.76 -3.94 -94.22
C ARG I 91 -108.21 -3.89 -94.68
N HIS I 92 -108.54 -4.69 -95.69
CA HIS I 92 -109.89 -4.81 -96.19
C HIS I 92 -110.43 -6.19 -95.86
N ILE I 93 -111.75 -6.27 -95.73
CA ILE I 93 -112.45 -7.53 -95.50
C ILE I 93 -113.64 -7.59 -96.45
N VAL I 94 -113.74 -8.66 -97.22
CA VAL I 94 -114.76 -8.82 -98.24
C VAL I 94 -115.90 -9.66 -97.68
N MET I 95 -117.11 -9.13 -97.72
CA MET I 95 -118.32 -9.79 -97.27
C MET I 95 -119.04 -10.30 -98.53
N GLN I 96 -120.22 -10.92 -98.36
CA GLN I 96 -120.93 -11.54 -99.48
C GLN I 96 -121.31 -10.54 -100.56
N SER I 97 -121.38 -9.25 -100.25
CA SER I 97 -121.53 -8.24 -101.29
C SER I 97 -120.17 -7.97 -101.92
N ARG I 98 -120.11 -8.03 -103.25
CA ARG I 98 -118.87 -7.77 -103.97
C ARG I 98 -118.71 -6.30 -104.36
N ASP I 99 -119.61 -5.43 -103.89
CA ASP I 99 -119.53 -4.01 -104.20
C ASP I 99 -119.07 -3.17 -103.02
N ARG I 100 -119.33 -3.62 -101.79
CA ARG I 100 -118.98 -2.89 -100.58
C ARG I 100 -118.12 -3.78 -99.69
N VAL I 101 -117.01 -3.25 -99.20
CA VAL I 101 -116.04 -4.02 -98.43
C VAL I 101 -115.70 -3.25 -97.16
N LEU I 102 -115.52 -3.99 -96.06
CA LEU I 102 -115.18 -3.36 -94.80
C LEU I 102 -113.71 -2.99 -94.76
N ARG I 103 -113.39 -1.95 -94.00
CA ARG I 103 -112.05 -1.42 -93.85
C ARG I 103 -111.72 -1.36 -92.37
N VAL I 104 -110.56 -1.92 -92.00
CA VAL I 104 -110.05 -1.95 -90.63
C VAL I 104 -108.63 -1.40 -90.68
N ASP I 105 -108.19 -0.83 -89.56
CA ASP I 105 -106.81 -0.39 -89.40
C ASP I 105 -106.01 -1.51 -88.76
N THR I 106 -104.93 -1.92 -89.43
CA THR I 106 -104.02 -2.90 -88.84
C THR I 106 -103.29 -2.33 -87.63
N TYR I 107 -102.98 -1.03 -87.68
CA TYR I 107 -102.19 -0.40 -86.63
C TYR I 107 -102.90 -0.47 -85.28
N TYR I 108 -104.23 -0.33 -85.27
CA TYR I 108 -104.96 -0.40 -84.01
C TYR I 108 -104.91 -1.81 -83.41
N GLU I 109 -105.00 -2.84 -84.26
CA GLU I 109 -104.87 -4.20 -83.76
C GLU I 109 -103.47 -4.45 -83.22
N GLU I 110 -102.45 -3.94 -83.92
CA GLU I 110 -101.09 -4.10 -83.44
C GLU I 110 -100.89 -3.40 -82.10
N MET I 111 -101.49 -2.22 -81.94
CA MET I 111 -101.47 -1.55 -80.64
C MET I 111 -102.20 -2.38 -79.58
N SER I 112 -103.32 -2.99 -79.96
CA SER I 112 -104.09 -3.80 -79.01
C SER I 112 -103.28 -4.98 -78.50
N GLN I 113 -102.53 -5.63 -79.39
CA GLN I 113 -101.64 -6.70 -78.95
C GLN I 113 -100.47 -6.16 -78.14
N VAL I 114 -99.94 -4.99 -78.52
CA VAL I 114 -98.81 -4.40 -77.81
C VAL I 114 -99.25 -4.02 -76.41
N GLY I 115 -98.52 -4.51 -75.41
CA GLY I 115 -98.88 -4.30 -74.02
C GLY I 115 -99.72 -5.46 -73.50
N ASP I 116 -100.13 -5.32 -72.25
CA ASP I 116 -100.94 -6.33 -71.59
C ASP I 116 -102.14 -5.67 -70.93
N VAL I 117 -102.93 -6.49 -70.24
CA VAL I 117 -104.27 -6.10 -69.81
C VAL I 117 -104.21 -5.08 -68.66
N ILE I 118 -105.36 -4.49 -68.37
CA ILE I 118 -105.52 -3.47 -67.35
C ILE I 118 -106.02 -4.09 -66.06
N THR I 119 -105.44 -3.67 -64.94
CA THR I 119 -105.92 -4.05 -63.61
C THR I 119 -105.60 -2.92 -62.65
N GLU I 120 -106.62 -2.47 -61.90
CA GLU I 120 -106.43 -1.38 -60.94
C GLU I 120 -105.43 -1.74 -59.85
N ASP I 121 -105.33 -3.02 -59.48
CA ASP I 121 -104.49 -3.41 -58.36
C ASP I 121 -103.00 -3.34 -58.69
N GLU I 122 -102.63 -3.21 -59.96
CA GLU I 122 -101.22 -3.22 -60.36
C GLU I 122 -100.84 -1.89 -61.00
N PRO I 123 -100.32 -0.94 -60.22
CA PRO I 123 -99.90 0.35 -60.79
C PRO I 123 -98.63 0.28 -61.62
N GLU I 124 -97.59 -0.36 -61.10
CA GLU I 124 -96.32 -0.40 -61.82
C GLU I 124 -96.42 -1.24 -63.08
N LYS I 125 -97.25 -2.29 -63.06
CA LYS I 125 -97.52 -3.04 -64.27
C LYS I 125 -98.22 -2.16 -65.30
N PHE I 126 -99.15 -1.31 -64.85
CA PHE I 126 -99.77 -0.34 -65.76
C PHE I 126 -98.74 0.60 -66.36
N TYR I 127 -97.82 1.11 -65.53
CA TYR I 127 -96.78 2.00 -66.02
C TYR I 127 -95.90 1.29 -67.05
N SER I 128 -95.54 0.03 -66.77
CA SER I 128 -94.71 -0.72 -67.71
C SER I 128 -95.44 -0.97 -69.02
N THR I 129 -96.73 -1.28 -68.96
CA THR I 129 -97.50 -1.46 -70.18
C THR I 129 -97.54 -0.17 -70.98
N ILE I 130 -97.72 0.97 -70.31
CA ILE I 130 -97.75 2.26 -70.98
C ILE I 130 -96.42 2.53 -71.68
N ILE I 131 -95.31 2.25 -70.99
CA ILE I 131 -94.02 2.57 -71.60
C ILE I 131 -93.72 1.60 -72.75
N LYS I 132 -94.22 0.36 -72.68
CA LYS I 132 -94.11 -0.52 -73.84
C LYS I 132 -94.88 0.04 -75.03
N LYS I 133 -96.07 0.59 -74.78
CA LYS I 133 -96.82 1.22 -75.87
C LYS I 133 -96.02 2.38 -76.47
N VAL I 134 -95.40 3.20 -75.62
CA VAL I 134 -94.62 4.33 -76.10
C VAL I 134 -93.43 3.85 -76.94
N ARG I 135 -92.73 2.82 -76.46
CA ARG I 135 -91.58 2.31 -77.20
C ARG I 135 -92.01 1.74 -78.55
N PHE I 136 -93.15 1.06 -78.60
CA PHE I 136 -93.61 0.54 -79.89
C PHE I 136 -94.02 1.67 -80.84
N ILE I 137 -94.63 2.73 -80.30
CA ILE I 137 -94.96 3.89 -81.14
C ILE I 137 -93.70 4.47 -81.76
N ARG I 138 -92.66 4.64 -80.94
CA ARG I 138 -91.41 5.20 -81.46
C ARG I 138 -90.77 4.25 -82.48
N GLY I 139 -90.80 2.94 -82.21
CA GLY I 139 -90.18 2.00 -83.12
C GLY I 139 -90.88 1.92 -84.47
N LYS I 140 -92.21 1.94 -84.46
CA LYS I 140 -92.95 1.94 -85.71
C LYS I 140 -92.91 3.30 -86.39
N GLY I 141 -92.60 4.36 -85.66
CA GLY I 141 -92.53 5.68 -86.26
C GLY I 141 -91.21 5.99 -86.95
N SER I 142 -90.15 5.25 -86.61
CA SER I 142 -88.80 5.57 -87.08
C SER I 142 -88.43 4.65 -88.24
N PHE I 143 -88.50 5.18 -89.45
CA PHE I 143 -88.08 4.44 -90.64
C PHE I 143 -87.82 5.43 -91.77
N ILE I 144 -86.85 5.09 -92.62
CA ILE I 144 -86.51 5.88 -93.79
C ILE I 144 -86.60 5.02 -95.03
N LEU I 145 -87.30 5.51 -96.05
CA LEU I 145 -87.50 4.79 -97.29
C LEU I 145 -86.36 5.09 -98.26
N HIS I 146 -85.93 4.05 -98.98
CA HIS I 146 -84.79 4.17 -99.88
C HIS I 146 -84.90 3.10 -100.97
N ASP I 147 -84.56 3.49 -102.20
CA ASP I 147 -84.44 2.58 -103.34
C ASP I 147 -85.75 1.82 -103.60
N ILE I 148 -86.78 2.57 -103.95
CA ILE I 148 -88.05 1.95 -104.33
C ILE I 148 -88.07 1.74 -105.84
N PRO I 149 -88.29 0.52 -106.31
CA PRO I 149 -88.42 0.29 -107.76
C PRO I 149 -89.68 0.93 -108.31
N THR I 150 -89.62 1.23 -109.61
CA THR I 150 -90.70 1.86 -110.34
C THR I 150 -91.09 0.98 -111.52
N ARG I 151 -92.06 1.46 -112.29
CA ARG I 151 -92.46 0.77 -113.52
C ARG I 151 -92.76 1.80 -114.58
N ASP I 152 -92.66 1.37 -115.84
CA ASP I 152 -92.95 2.22 -116.99
C ASP I 152 -94.21 1.74 -117.71
N HIS I 153 -95.15 2.65 -117.89
CA HIS I 153 -96.45 2.36 -118.48
C HIS I 153 -96.78 3.48 -119.47
N ARG I 154 -96.87 3.13 -120.75
CA ARG I 154 -97.14 4.08 -121.83
C ARG I 154 -96.15 5.23 -121.81
N GLY I 155 -94.88 4.91 -121.51
CA GLY I 155 -93.84 5.91 -121.45
C GLY I 155 -93.85 6.76 -120.19
N MET I 156 -94.68 6.44 -119.21
CA MET I 156 -94.80 7.21 -117.98
C MET I 156 -94.34 6.39 -116.78
N GLU I 157 -94.03 7.09 -115.70
CA GLU I 157 -93.48 6.47 -114.50
C GLU I 157 -94.59 6.21 -113.49
N VAL I 158 -94.62 5.00 -112.93
CA VAL I 158 -95.61 4.61 -111.93
C VAL I 158 -94.93 3.89 -110.78
N ALA I 159 -95.59 3.90 -109.63
CA ALA I 159 -95.10 3.20 -108.45
C ALA I 159 -95.57 1.76 -108.43
N GLU I 160 -94.97 0.96 -107.55
CA GLU I 160 -95.34 -0.43 -107.43
C GLU I 160 -96.50 -0.61 -106.44
N PRO I 161 -97.34 -1.63 -106.64
CA PRO I 161 -98.50 -1.80 -105.75
C PRO I 161 -98.12 -2.12 -104.31
N GLU I 162 -97.03 -2.84 -104.08
CA GLU I 162 -96.71 -3.26 -102.72
C GLU I 162 -96.03 -2.15 -101.92
N VAL I 163 -95.42 -1.16 -102.59
CA VAL I 163 -94.76 -0.09 -101.85
C VAL I 163 -95.74 0.97 -101.40
N LEU I 164 -96.92 1.06 -102.02
CA LEU I 164 -97.91 2.04 -101.58
C LEU I 164 -98.43 1.71 -100.18
N GLY I 165 -98.38 0.45 -99.78
CA GLY I 165 -98.80 0.09 -98.44
C GLY I 165 -100.25 -0.31 -98.29
N VAL I 166 -100.88 -0.85 -99.34
CA VAL I 166 -102.22 -1.42 -99.27
C VAL I 166 -102.21 -2.82 -99.87
N GLU I 167 -103.12 -3.66 -99.38
CA GLU I 167 -103.29 -5.01 -99.90
C GLU I 167 -104.62 -5.07 -100.64
N PHE I 168 -104.57 -5.33 -101.94
CA PHE I 168 -105.78 -5.39 -102.74
C PHE I 168 -105.76 -6.48 -103.81
N LYS I 169 -104.80 -7.41 -103.77
CA LYS I 169 -104.71 -8.42 -104.82
C LYS I 169 -105.90 -9.37 -104.82
N ASN I 170 -106.36 -9.76 -103.63
CA ASN I 170 -107.52 -10.64 -103.54
C ASN I 170 -108.82 -9.96 -103.91
N VAL I 171 -108.83 -8.64 -104.11
CA VAL I 171 -110.03 -7.93 -104.50
C VAL I 171 -110.42 -8.26 -105.94
N LEU I 172 -109.42 -8.51 -106.80
CA LEU I 172 -109.67 -8.70 -108.22
C LEU I 172 -110.62 -9.84 -108.56
N PRO I 173 -110.51 -11.06 -107.97
CA PRO I 173 -111.47 -12.10 -108.35
C PRO I 173 -112.92 -11.78 -108.02
N VAL I 174 -113.17 -11.01 -106.96
CA VAL I 174 -114.54 -10.64 -106.60
C VAL I 174 -114.96 -9.33 -107.22
N LEU I 175 -114.24 -8.86 -108.25
CA LEU I 175 -114.47 -7.53 -108.81
C LEU I 175 -114.92 -7.64 -110.26
N THR I 176 -115.97 -6.90 -110.60
CA THR I 176 -116.57 -6.97 -111.93
C THR I 176 -115.74 -6.18 -112.95
N ALA I 177 -115.95 -6.51 -114.23
CA ALA I 177 -114.99 -6.17 -115.29
C ALA I 177 -114.76 -4.67 -115.41
N GLU I 178 -115.85 -3.90 -115.52
CA GLU I 178 -115.72 -2.45 -115.61
C GLU I 178 -115.11 -1.88 -114.33
N HIS I 179 -115.43 -2.49 -113.19
CA HIS I 179 -114.86 -2.04 -111.93
C HIS I 179 -113.38 -2.39 -111.83
N ARG I 180 -112.96 -3.55 -112.36
CA ARG I 180 -111.52 -3.80 -112.46
C ARG I 180 -110.86 -2.76 -113.36
N ALA I 181 -111.51 -2.40 -114.47
CA ALA I 181 -110.95 -1.38 -115.36
C ALA I 181 -110.75 -0.06 -114.62
N MET I 182 -111.73 0.32 -113.79
CA MET I 182 -111.56 1.50 -112.94
C MET I 182 -110.40 1.32 -111.97
N ILE I 183 -110.19 0.11 -111.46
CA ILE I 183 -109.11 -0.11 -110.51
C ILE I 183 -107.74 0.01 -111.17
N GLN I 184 -107.56 -0.57 -112.35
CA GLN I 184 -106.27 -0.34 -113.01
C GLN I 184 -106.14 1.09 -113.53
N ASN I 185 -107.26 1.77 -113.79
CA ASN I 185 -107.18 3.20 -114.03
C ASN I 185 -106.63 3.93 -112.81
N ALA I 186 -107.04 3.51 -111.61
CA ALA I 186 -106.50 4.07 -110.39
C ALA I 186 -105.02 3.75 -110.23
N LEU I 187 -104.62 2.52 -110.58
CA LEU I 187 -103.22 2.15 -110.51
C LEU I 187 -102.37 3.00 -111.45
N ASP I 188 -102.87 3.23 -112.68
CA ASP I 188 -102.19 4.16 -113.57
C ASP I 188 -102.24 5.58 -113.05
N GLY I 189 -103.23 5.91 -112.23
CA GLY I 189 -103.26 7.21 -111.57
C GLY I 189 -102.26 7.29 -110.44
N SER I 190 -101.91 6.16 -109.83
CA SER I 190 -100.90 6.14 -108.77
C SER I 190 -99.53 6.26 -109.42
N ILE I 191 -99.04 7.49 -109.53
CA ILE I 191 -97.77 7.77 -110.17
C ILE I 191 -96.84 8.42 -109.14
N ILE I 192 -95.57 8.48 -109.51
CA ILE I 192 -94.55 9.11 -108.68
C ILE I 192 -94.27 10.52 -109.20
N GLU I 193 -94.33 11.50 -108.31
CA GLU I 193 -94.23 12.89 -108.71
C GLU I 193 -92.80 13.24 -109.13
N ASN I 194 -92.67 14.38 -109.82
CA ASN I 194 -91.41 14.89 -110.38
C ASN I 194 -90.61 13.80 -111.10
N GLY I 195 -91.33 12.88 -111.75
CA GLY I 195 -90.67 11.73 -112.36
C GLY I 195 -90.08 12.00 -113.73
N ASN I 196 -90.20 13.23 -114.23
CA ASN I 196 -89.62 13.55 -115.53
C ASN I 196 -88.23 14.17 -115.43
N VAL I 197 -87.67 14.29 -114.23
CA VAL I 197 -86.35 14.90 -114.07
C VAL I 197 -85.28 13.90 -114.47
N ALA I 198 -84.42 14.30 -115.41
CA ALA I 198 -83.36 13.40 -115.90
C ALA I 198 -82.33 13.11 -114.81
N THR I 199 -81.98 14.12 -114.01
CA THR I 199 -81.06 13.97 -112.89
C THR I 199 -81.80 13.85 -111.56
N ARG I 200 -82.97 13.23 -111.58
CA ARG I 200 -83.81 13.13 -110.39
C ARG I 200 -83.09 12.41 -109.25
N ASP I 201 -83.27 12.93 -108.04
CA ASP I 201 -82.62 12.40 -106.85
C ASP I 201 -83.59 12.07 -105.73
N VAL I 202 -84.88 12.37 -105.89
CA VAL I 202 -85.86 12.16 -104.84
C VAL I 202 -87.04 11.38 -105.43
N ASP I 203 -87.75 10.66 -104.56
CA ASP I 203 -89.01 10.02 -104.92
C ASP I 203 -90.05 10.44 -103.89
N VAL I 204 -90.93 11.34 -104.30
CA VAL I 204 -92.01 11.84 -103.46
C VAL I 204 -93.30 11.20 -103.92
N PHE I 205 -94.00 10.53 -103.01
CA PHE I 205 -95.15 9.73 -103.40
C PHE I 205 -96.31 9.97 -102.46
N ILE I 206 -97.52 9.89 -103.00
CA ILE I 206 -98.75 10.15 -102.26
C ILE I 206 -99.44 8.83 -101.97
N GLY I 207 -99.77 8.60 -100.70
CA GLY I 207 -100.42 7.37 -100.30
C GLY I 207 -100.87 7.45 -98.86
N ALA I 208 -101.25 6.31 -98.32
CA ALA I 208 -101.79 6.25 -96.97
C ALA I 208 -100.71 5.89 -95.94
N CYS I 209 -100.93 6.32 -94.70
CA CYS I 209 -100.03 6.01 -93.60
C CYS I 209 -100.77 6.23 -92.29
N SER I 210 -100.30 5.54 -91.25
CA SER I 210 -100.84 5.75 -89.91
C SER I 210 -100.45 7.13 -89.39
N GLU I 211 -101.42 7.83 -88.79
CA GLU I 211 -101.21 9.23 -88.46
C GLU I 211 -100.09 9.47 -87.46
N PRO I 212 -99.98 8.74 -86.33
CA PRO I 212 -98.77 8.91 -85.50
C PRO I 212 -97.51 8.50 -86.23
N VAL I 213 -97.57 7.39 -86.96
CA VAL I 213 -96.40 6.91 -87.71
C VAL I 213 -96.00 7.94 -88.76
N TYR I 214 -96.99 8.49 -89.47
CA TYR I 214 -96.68 9.49 -90.48
C TYR I 214 -96.16 10.78 -89.86
N ARG I 215 -96.65 11.14 -88.67
CA ARG I 215 -96.11 12.30 -87.95
C ARG I 215 -94.63 12.11 -87.63
N ILE I 216 -94.30 10.93 -87.09
CA ILE I 216 -92.91 10.66 -86.74
C ILE I 216 -92.05 10.61 -87.99
N TYR I 217 -92.59 10.07 -89.10
CA TYR I 217 -91.85 10.06 -90.36
C TYR I 217 -91.61 11.47 -90.88
N ASN I 218 -92.63 12.34 -90.82
CA ASN I 218 -92.48 13.70 -91.31
C ASN I 218 -91.42 14.45 -90.52
N ARG I 219 -91.45 14.36 -89.19
CA ARG I 219 -90.39 15.07 -88.50
C ARG I 219 -89.07 14.32 -88.54
N LEU I 220 -89.07 13.03 -88.89
CA LEU I 220 -87.80 12.37 -89.15
C LEU I 220 -87.11 12.97 -90.36
N GLN I 221 -87.86 13.17 -91.45
CA GLN I 221 -87.25 13.83 -92.61
C GLN I 221 -86.97 15.30 -92.32
N GLY I 222 -87.75 15.93 -91.43
CA GLY I 222 -87.41 17.26 -90.96
C GLY I 222 -86.09 17.28 -90.22
N TYR I 223 -85.83 16.26 -89.40
CA TYR I 223 -84.57 16.12 -88.69
C TYR I 223 -83.42 15.89 -89.67
N ILE I 224 -83.67 15.14 -90.74
CA ILE I 224 -82.67 14.96 -91.78
C ILE I 224 -82.34 16.30 -92.43
N GLU I 225 -83.36 17.09 -92.73
CA GLU I 225 -83.13 18.35 -93.44
C GLU I 225 -82.48 19.40 -92.56
N ALA I 226 -82.90 19.50 -91.30
CA ALA I 226 -82.49 20.61 -90.45
C ALA I 226 -81.02 20.54 -90.05
N VAL I 227 -80.57 19.38 -89.58
CA VAL I 227 -79.21 19.24 -89.08
C VAL I 227 -78.25 19.12 -90.26
N GLN I 228 -77.19 19.91 -90.23
CA GLN I 228 -76.22 19.92 -91.33
C GLN I 228 -74.85 20.27 -90.77
N LEU I 229 -73.95 20.67 -91.67
CA LEU I 229 -72.52 20.71 -91.38
C LEU I 229 -72.13 21.80 -90.37
N GLN I 230 -72.93 22.86 -90.24
CA GLN I 230 -72.53 23.95 -89.35
C GLN I 230 -72.55 23.51 -87.89
N GLU I 231 -73.48 22.64 -87.52
CA GLU I 231 -73.49 22.09 -86.17
C GLU I 231 -72.25 21.24 -85.91
N LEU I 232 -71.82 20.48 -86.92
CA LEU I 232 -70.55 19.77 -86.83
C LEU I 232 -69.40 20.75 -86.65
N ARG I 233 -69.45 21.88 -87.33
CA ARG I 233 -68.40 22.89 -87.20
C ARG I 233 -68.35 23.44 -85.78
N ASN I 234 -69.51 23.75 -85.20
CA ASN I 234 -69.55 24.25 -83.83
C ASN I 234 -69.07 23.20 -82.84
N SER I 235 -69.47 21.96 -83.04
CA SER I 235 -69.05 20.87 -82.17
C SER I 235 -67.54 20.68 -82.21
N ILE I 236 -66.97 20.63 -83.41
CA ILE I 236 -65.53 20.44 -83.52
C ILE I 236 -64.80 21.67 -83.02
N GLY I 237 -65.42 22.85 -83.10
CA GLY I 237 -64.79 24.04 -82.53
C GLY I 237 -64.72 23.99 -81.01
N TRP I 238 -65.78 23.49 -80.37
CA TRP I 238 -65.70 23.40 -78.92
C TRP I 238 -64.66 22.35 -78.57
N LEU I 239 -64.54 21.31 -79.40
CA LEU I 239 -63.48 20.33 -79.25
C LEU I 239 -62.10 20.96 -79.40
N GLU I 240 -61.97 21.93 -80.30
CA GLU I 240 -60.73 22.71 -80.41
C GLU I 240 -60.42 23.42 -79.10
N ARG I 241 -61.45 24.01 -78.50
CA ARG I 241 -61.25 24.71 -77.23
C ARG I 241 -60.82 23.75 -76.12
N LEU I 242 -61.43 22.56 -76.08
CA LEU I 242 -60.96 21.53 -75.15
C LEU I 242 -59.50 21.15 -75.41
N GLY I 243 -59.14 20.99 -76.69
CA GLY I 243 -57.77 20.64 -76.99
C GLY I 243 -56.79 21.72 -76.59
N HIS I 244 -57.18 22.98 -76.76
CA HIS I 244 -56.35 24.10 -76.32
C HIS I 244 -56.18 24.09 -74.80
N ARG I 245 -57.28 23.85 -74.09
CA ARG I 245 -57.21 23.76 -72.63
C ARG I 245 -56.33 22.59 -72.20
N LYS I 246 -56.42 21.47 -72.90
CA LYS I 246 -55.68 20.28 -72.56
C LYS I 246 -54.26 20.33 -73.11
N ARG I 247 -54.05 21.15 -74.15
CA ARG I 247 -52.75 21.37 -74.78
C ARG I 247 -52.12 20.06 -75.25
N ILE I 248 -52.91 19.28 -75.99
CA ILE I 248 -52.44 18.04 -76.59
C ILE I 248 -51.62 18.37 -77.84
N THR I 249 -50.94 17.35 -78.35
CA THR I 249 -50.41 17.42 -79.70
C THR I 249 -51.56 17.42 -80.70
N TYR I 250 -51.36 18.08 -81.83
CA TYR I 250 -52.37 18.20 -82.86
C TYR I 250 -51.97 17.43 -84.10
N SER I 251 -52.92 16.71 -84.67
CA SER I 251 -52.71 16.09 -85.96
C SER I 251 -52.58 17.17 -87.02
N GLN I 252 -51.45 17.19 -87.72
CA GLN I 252 -51.25 18.19 -88.77
C GLN I 252 -52.14 17.93 -89.97
N GLU I 253 -52.70 16.73 -90.09
CA GLU I 253 -53.89 16.51 -90.92
C GLU I 253 -55.03 17.40 -90.44
N VAL I 254 -55.70 18.06 -91.39
CA VAL I 254 -56.76 19.02 -91.09
C VAL I 254 -58.02 18.66 -91.86
N LEU I 255 -59.16 18.94 -91.25
CA LEU I 255 -60.45 18.66 -91.86
C LEU I 255 -60.85 19.82 -92.76
N THR I 256 -61.23 19.51 -93.99
CA THR I 256 -61.65 20.51 -94.96
C THR I 256 -63.12 20.32 -95.29
N ASP I 257 -63.89 21.41 -95.16
CA ASP I 257 -65.34 21.36 -95.32
C ASP I 257 -65.73 21.17 -96.78
N PHE I 258 -65.53 19.95 -97.28
CA PHE I 258 -65.97 19.57 -98.61
C PHE I 258 -67.05 18.49 -98.48
N ARG I 259 -68.16 18.71 -99.18
CA ARG I 259 -69.29 17.78 -99.17
C ARG I 259 -69.30 17.00 -100.47
N ARG I 260 -69.41 15.67 -100.38
CA ARG I 260 -69.57 14.87 -101.57
C ARG I 260 -71.03 14.84 -102.00
N GLN I 261 -71.24 14.79 -103.31
CA GLN I 261 -72.56 14.98 -103.90
C GLN I 261 -73.48 13.78 -103.75
N ASP I 262 -72.99 12.66 -103.22
CA ASP I 262 -73.77 11.44 -103.09
C ASP I 262 -73.64 10.86 -101.69
N THR I 263 -73.81 11.70 -100.68
CA THR I 263 -73.69 11.29 -99.28
C THR I 263 -74.88 11.78 -98.48
N ILE I 264 -75.13 11.10 -97.36
CA ILE I 264 -76.15 11.49 -96.39
C ILE I 264 -75.47 11.60 -95.03
N TRP I 265 -75.60 12.78 -94.41
CA TRP I 265 -74.94 13.07 -93.15
C TRP I 265 -75.98 13.07 -92.04
N VAL I 266 -75.83 12.17 -91.08
CA VAL I 266 -76.79 12.04 -89.99
C VAL I 266 -76.05 12.03 -88.67
N LEU I 267 -76.62 12.70 -87.68
CA LEU I 267 -76.05 12.79 -86.34
C LEU I 267 -77.19 12.67 -85.32
N ALA I 268 -76.88 12.13 -84.15
CA ALA I 268 -77.86 11.96 -83.09
C ALA I 268 -77.47 12.65 -81.79
N LEU I 269 -76.36 13.38 -81.77
CA LEU I 269 -75.88 14.04 -80.57
C LEU I 269 -75.59 15.51 -80.86
N GLN I 270 -75.83 16.34 -79.86
CA GLN I 270 -75.37 17.73 -79.84
C GLN I 270 -74.20 17.79 -78.88
N LEU I 271 -73.01 18.08 -79.41
CA LEU I 271 -71.78 17.97 -78.63
C LEU I 271 -71.67 19.01 -77.53
N PRO I 272 -72.21 20.23 -77.67
CA PRO I 272 -72.41 21.07 -76.48
C PRO I 272 -73.31 20.38 -75.46
N VAL I 273 -72.93 20.50 -74.19
CA VAL I 273 -73.54 19.73 -73.12
C VAL I 273 -73.91 20.67 -71.97
N ASN I 274 -74.97 20.31 -71.25
CA ASN I 274 -75.37 21.02 -70.04
C ASN I 274 -74.90 20.24 -68.82
N PRO I 275 -73.94 20.75 -68.03
CA PRO I 275 -73.44 19.98 -66.89
C PRO I 275 -74.45 19.80 -65.77
N GLN I 276 -75.42 20.72 -65.63
CA GLN I 276 -76.36 20.62 -64.53
C GLN I 276 -77.29 19.43 -64.70
N VAL I 277 -77.51 18.98 -65.94
CA VAL I 277 -78.23 17.74 -66.16
C VAL I 277 -77.50 16.58 -65.50
N VAL I 278 -76.17 16.57 -65.60
CA VAL I 278 -75.38 15.56 -64.92
C VAL I 278 -75.46 15.74 -63.41
N TRP I 279 -75.31 16.97 -62.93
CA TRP I 279 -75.18 17.20 -61.49
C TRP I 279 -76.50 17.21 -60.74
N ASP I 280 -77.64 17.15 -61.42
CA ASP I 280 -78.92 17.15 -60.72
C ASP I 280 -79.31 15.76 -60.21
N VAL I 281 -78.55 14.74 -60.57
CA VAL I 281 -78.87 13.36 -60.18
C VAL I 281 -78.74 13.22 -58.67
N PRO I 282 -79.72 12.62 -57.99
CA PRO I 282 -79.62 12.48 -56.53
C PRO I 282 -78.57 11.46 -56.12
N ARG I 283 -77.82 11.81 -55.07
CA ARG I 283 -76.81 10.96 -54.46
C ARG I 283 -75.84 10.40 -55.50
N SER I 284 -75.12 11.32 -56.15
CA SER I 284 -74.28 10.94 -57.28
C SER I 284 -72.94 11.65 -57.29
N SER I 285 -72.60 12.42 -56.26
CA SER I 285 -71.32 13.11 -56.23
C SER I 285 -70.15 12.12 -56.23
N ILE I 286 -70.27 11.04 -55.45
CA ILE I 286 -69.24 10.02 -55.43
C ILE I 286 -69.10 9.34 -56.79
N ALA I 287 -70.23 9.17 -57.50
CA ALA I 287 -70.15 8.64 -58.85
C ALA I 287 -69.37 9.57 -59.76
N ASN I 288 -69.66 10.87 -59.69
CA ASN I 288 -68.95 11.82 -60.54
C ASN I 288 -67.46 11.83 -60.22
N LEU I 289 -67.12 11.72 -58.93
CA LEU I 289 -65.71 11.64 -58.56
C LEU I 289 -65.06 10.38 -59.12
N ILE I 290 -65.75 9.24 -59.08
CA ILE I 290 -65.09 8.02 -59.55
C ILE I 290 -64.94 8.04 -61.06
N MET I 291 -65.91 8.59 -61.80
CA MET I 291 -65.67 8.74 -63.24
C MET I 291 -64.57 9.76 -63.52
N ASN I 292 -64.46 10.81 -62.70
CA ASN I 292 -63.39 11.78 -62.90
C ASN I 292 -62.03 11.11 -62.77
N ILE I 293 -61.84 10.31 -61.72
CA ILE I 293 -60.56 9.63 -61.55
C ILE I 293 -60.38 8.52 -62.58
N ALA I 294 -61.47 7.94 -63.07
CA ALA I 294 -61.34 6.89 -64.08
C ALA I 294 -61.03 7.48 -65.45
N THR I 295 -61.39 8.74 -65.69
CA THR I 295 -61.21 9.34 -66.99
C THR I 295 -59.93 10.17 -67.08
N CYS I 296 -59.81 11.21 -66.26
CA CYS I 296 -58.84 12.26 -66.51
C CYS I 296 -57.44 11.94 -65.99
N LEU I 297 -57.28 10.91 -65.18
CA LEU I 297 -55.98 10.67 -64.56
C LEU I 297 -55.05 9.98 -65.55
N PRO I 298 -53.90 10.56 -65.88
CA PRO I 298 -52.96 9.92 -66.80
C PRO I 298 -52.15 8.86 -66.08
N THR I 299 -51.24 8.24 -66.84
CA THR I 299 -50.35 7.23 -66.31
C THR I 299 -49.10 7.91 -65.74
N GLY I 300 -48.82 7.65 -64.46
CA GLY I 300 -47.70 8.30 -63.80
C GLY I 300 -46.86 7.37 -62.96
N GLU I 301 -45.87 7.93 -62.26
CA GLU I 301 -45.02 7.10 -61.42
C GLU I 301 -44.43 7.93 -60.29
N TYR I 302 -43.90 7.22 -59.29
CA TYR I 302 -43.35 7.81 -58.07
C TYR I 302 -41.83 7.79 -58.13
N ILE I 303 -41.22 8.92 -57.77
CA ILE I 303 -39.78 9.12 -57.85
C ILE I 303 -39.26 9.43 -56.47
N ALA I 304 -38.15 8.79 -56.10
CA ALA I 304 -37.41 9.08 -54.87
C ALA I 304 -36.46 10.25 -55.09
N PRO I 305 -36.17 11.01 -54.04
CA PRO I 305 -35.25 12.14 -54.18
C PRO I 305 -33.81 11.67 -54.29
N ASN I 306 -32.94 12.63 -54.57
CA ASN I 306 -31.53 12.34 -54.76
C ASN I 306 -30.92 11.82 -53.45
N PRO I 307 -30.13 10.75 -53.50
CA PRO I 307 -29.50 10.26 -52.26
C PRO I 307 -28.50 11.24 -51.66
N ARG I 308 -27.96 12.16 -52.45
CA ARG I 308 -26.92 13.04 -51.97
C ARG I 308 -27.46 14.29 -51.28
N ILE I 309 -28.77 14.40 -51.09
CA ILE I 309 -29.32 15.50 -50.32
C ILE I 309 -28.95 15.35 -48.84
N SER I 310 -29.16 14.16 -48.28
CA SER I 310 -28.97 13.97 -46.85
C SER I 310 -27.49 13.97 -46.47
N SER I 311 -26.63 13.44 -47.33
CA SER I 311 -25.22 13.30 -46.99
C SER I 311 -24.35 13.73 -48.15
N ILE I 312 -23.13 14.13 -47.84
CA ILE I 312 -22.10 14.43 -48.83
C ILE I 312 -20.79 13.89 -48.31
N THR I 313 -20.02 13.25 -49.20
CA THR I 313 -18.73 12.70 -48.83
C THR I 313 -17.65 13.77 -48.90
N LEU I 314 -16.55 13.52 -48.19
CA LEU I 314 -15.38 14.37 -48.22
C LEU I 314 -14.10 13.60 -48.51
N THR I 315 -14.01 12.35 -48.07
CA THR I 315 -12.88 11.48 -48.37
C THR I 315 -13.40 10.05 -48.37
N GLN I 316 -12.46 9.09 -48.35
CA GLN I 316 -12.84 7.68 -48.37
C GLN I 316 -13.59 7.28 -47.11
N ARG I 317 -13.16 7.77 -45.95
CA ARG I 317 -13.69 7.28 -44.69
C ARG I 317 -14.62 8.25 -43.97
N ILE I 318 -14.47 9.56 -44.19
CA ILE I 318 -15.24 10.57 -43.48
C ILE I 318 -16.36 11.05 -44.38
N THR I 319 -17.58 11.06 -43.85
CA THR I 319 -18.75 11.50 -44.61
C THR I 319 -19.80 11.98 -43.63
N THR I 320 -20.53 13.03 -44.02
CA THR I 320 -21.64 13.52 -43.23
C THR I 320 -22.77 12.49 -43.17
N THR I 321 -23.57 12.58 -42.11
CA THR I 321 -24.71 11.70 -41.92
C THR I 321 -25.97 12.54 -41.74
N GLY I 322 -27.10 11.98 -42.16
CA GLY I 322 -28.36 12.68 -42.12
C GLY I 322 -28.95 12.77 -40.74
N PRO I 323 -29.63 13.88 -40.45
CA PRO I 323 -30.33 14.01 -39.16
C PRO I 323 -31.41 12.97 -38.95
N PHE I 324 -32.05 12.52 -40.03
CA PHE I 324 -33.06 11.47 -39.97
C PHE I 324 -32.55 10.17 -40.57
N ALA I 325 -31.29 9.83 -40.27
CA ALA I 325 -30.68 8.63 -40.82
C ALA I 325 -31.41 7.37 -40.37
N ILE I 326 -31.86 7.36 -39.12
CA ILE I 326 -32.55 6.17 -38.60
C ILE I 326 -33.88 5.95 -39.31
N LEU I 327 -34.58 7.03 -39.68
CA LEU I 327 -35.84 6.87 -40.40
C LEU I 327 -35.67 6.77 -41.90
N THR I 328 -34.54 7.24 -42.45
CA THR I 328 -34.35 7.18 -43.89
C THR I 328 -34.27 5.74 -44.39
N GLY I 329 -33.55 4.88 -43.67
CA GLY I 329 -33.44 3.49 -44.04
C GLY I 329 -34.66 2.68 -43.68
N SER I 330 -35.78 2.99 -44.33
CA SER I 330 -37.05 2.30 -44.08
C SER I 330 -37.78 2.09 -45.39
N THR I 331 -38.57 1.01 -45.45
CA THR I 331 -39.31 0.66 -46.65
C THR I 331 -40.72 0.26 -46.25
N PRO I 332 -41.74 0.81 -46.91
CA PRO I 332 -43.12 0.57 -46.48
C PRO I 332 -43.59 -0.84 -46.80
N THR I 333 -44.72 -1.21 -46.19
CA THR I 333 -45.42 -2.45 -46.48
C THR I 333 -46.55 -2.18 -47.48
N ALA I 334 -47.41 -3.18 -47.68
CA ALA I 334 -48.56 -3.01 -48.55
C ALA I 334 -49.51 -1.95 -48.01
N GLN I 335 -49.81 -2.00 -46.71
CA GLN I 335 -50.72 -1.03 -46.11
C GLN I 335 -50.16 0.38 -46.18
N GLN I 336 -48.87 0.54 -45.92
CA GLN I 336 -48.26 1.86 -45.96
C GLN I 336 -48.20 2.41 -47.38
N LEU I 337 -47.93 1.54 -48.35
CA LEU I 337 -48.00 1.95 -49.76
C LEU I 337 -49.41 2.38 -50.13
N ASN I 338 -50.41 1.65 -49.66
CA ASN I 338 -51.80 2.04 -49.89
C ASN I 338 -52.11 3.40 -49.28
N ASP I 339 -51.59 3.64 -48.07
CA ASP I 339 -51.79 4.92 -47.41
C ASP I 339 -51.14 6.05 -48.20
N VAL I 340 -49.95 5.80 -48.76
CA VAL I 340 -49.30 6.79 -49.62
C VAL I 340 -50.17 7.11 -50.82
N ARG I 341 -50.76 6.06 -51.41
CA ARG I 341 -51.70 6.27 -52.51
C ARG I 341 -52.86 7.14 -52.08
N LYS I 342 -53.42 6.87 -50.89
CA LYS I 342 -54.55 7.65 -50.39
C LYS I 342 -54.15 9.11 -50.22
N ILE I 343 -52.95 9.36 -49.71
CA ILE I 343 -52.50 10.73 -49.49
C ILE I 343 -52.41 11.49 -50.81
N TYR I 344 -51.81 10.87 -51.83
CA TYR I 344 -51.73 11.59 -53.11
C TYR I 344 -53.07 11.73 -53.79
N LEU I 345 -53.99 10.78 -53.60
CA LEU I 345 -55.33 10.95 -54.15
C LEU I 345 -56.05 12.12 -53.50
N ALA I 346 -55.94 12.24 -52.17
CA ALA I 346 -56.52 13.40 -51.50
C ALA I 346 -55.83 14.69 -51.93
N LEU I 347 -54.53 14.61 -52.21
CA LEU I 347 -53.79 15.78 -52.65
C LEU I 347 -54.25 16.23 -54.03
N MET I 348 -54.61 15.29 -54.90
CA MET I 348 -54.95 15.66 -56.27
C MET I 348 -56.36 16.26 -56.39
N PHE I 349 -57.30 15.85 -55.55
CA PHE I 349 -58.60 16.51 -55.47
C PHE I 349 -58.71 17.29 -54.17
N PRO I 350 -58.64 18.63 -54.20
CA PRO I 350 -58.84 19.42 -52.97
C PRO I 350 -60.32 19.61 -52.68
N GLY I 351 -60.70 19.45 -51.42
CA GLY I 351 -62.03 19.75 -50.95
C GLY I 351 -62.98 18.58 -50.92
N GLN I 352 -62.61 17.45 -51.52
CA GLN I 352 -63.53 16.32 -51.62
C GLN I 352 -63.15 15.16 -50.73
N ILE I 353 -61.88 15.03 -50.36
CA ILE I 353 -61.37 13.88 -49.63
C ILE I 353 -60.81 14.36 -48.31
N ILE I 354 -61.25 13.75 -47.22
CA ILE I 354 -60.74 14.05 -45.89
C ILE I 354 -60.01 12.83 -45.36
N LEU I 355 -59.00 13.07 -44.54
CA LEU I 355 -58.16 11.99 -44.04
C LEU I 355 -58.58 11.62 -42.62
N ASP I 356 -57.87 10.64 -42.07
CA ASP I 356 -57.97 10.28 -40.67
C ASP I 356 -56.74 9.49 -40.31
N LEU I 357 -56.52 9.33 -39.00
CA LEU I 357 -55.32 8.68 -38.49
C LEU I 357 -55.72 7.40 -37.78
N LYS I 358 -55.10 6.29 -38.16
CA LYS I 358 -55.48 4.97 -37.69
C LYS I 358 -54.62 4.58 -36.48
N ILE I 359 -55.28 4.04 -35.45
CA ILE I 359 -54.62 3.46 -34.30
C ILE I 359 -55.12 2.03 -34.12
N ASP I 360 -54.22 1.12 -33.76
CA ASP I 360 -54.56 -0.24 -33.37
C ASP I 360 -53.37 -0.79 -32.62
N PRO I 361 -53.59 -1.59 -31.58
CA PRO I 361 -52.45 -2.07 -30.78
C PRO I 361 -51.48 -2.96 -31.54
N GLY I 362 -51.92 -3.57 -32.65
CA GLY I 362 -51.13 -4.58 -33.33
C GLY I 362 -49.87 -4.10 -34.02
N GLU I 363 -49.65 -2.79 -34.07
CA GLU I 363 -48.50 -2.22 -34.75
C GLU I 363 -47.62 -1.45 -33.77
N ARG I 364 -46.32 -1.52 -34.01
CA ARG I 364 -45.31 -0.88 -33.17
C ARG I 364 -44.63 0.24 -33.94
N MET I 365 -44.54 1.41 -33.31
CA MET I 365 -43.95 2.59 -33.91
C MET I 365 -43.15 3.34 -32.85
N ASP I 366 -42.01 3.87 -33.27
CA ASP I 366 -41.22 4.71 -32.38
C ASP I 366 -41.90 6.07 -32.22
N PRO I 367 -41.81 6.68 -31.03
CA PRO I 367 -42.48 7.98 -30.84
C PRO I 367 -42.01 9.07 -31.79
N ALA I 368 -40.78 8.99 -32.31
CA ALA I 368 -40.29 10.02 -33.21
C ALA I 368 -41.06 10.09 -34.52
N VAL I 369 -41.77 9.02 -34.90
CA VAL I 369 -42.56 9.04 -36.13
C VAL I 369 -43.64 10.10 -36.06
N ARG I 370 -44.43 10.11 -34.99
CA ARG I 370 -45.43 11.16 -34.80
C ARG I 370 -44.75 12.51 -34.60
N MET I 371 -43.58 12.50 -33.98
CA MET I 371 -42.87 13.73 -33.64
C MET I 371 -42.52 14.52 -34.90
N VAL I 372 -41.91 13.84 -35.87
CA VAL I 372 -41.61 14.48 -37.15
C VAL I 372 -42.87 14.51 -38.03
N ALA I 373 -43.85 13.67 -37.74
CA ALA I 373 -45.05 13.62 -38.55
C ALA I 373 -45.89 14.87 -38.38
N GLY I 374 -45.89 15.44 -37.18
CA GLY I 374 -46.55 16.73 -37.00
C GLY I 374 -45.95 17.81 -37.88
N VAL I 375 -44.61 17.84 -37.96
CA VAL I 375 -43.91 18.80 -38.80
C VAL I 375 -44.30 18.59 -40.26
N VAL I 376 -44.26 17.35 -40.73
CA VAL I 376 -44.52 17.12 -42.14
C VAL I 376 -45.99 17.32 -42.46
N GLY I 377 -46.88 17.10 -41.49
CA GLY I 377 -48.28 17.40 -41.71
C GLY I 377 -48.53 18.88 -41.84
N HIS I 378 -47.87 19.69 -41.01
CA HIS I 378 -47.99 21.13 -41.17
C HIS I 378 -47.32 21.63 -42.44
N LEU I 379 -46.36 20.88 -42.96
CA LEU I 379 -45.68 21.28 -44.20
C LEU I 379 -46.22 20.58 -45.44
N LEU I 380 -47.29 19.79 -45.34
CA LEU I 380 -47.74 19.04 -46.49
C LEU I 380 -49.23 19.23 -46.80
N PHE I 381 -50.04 19.64 -45.84
CA PHE I 381 -51.47 19.87 -46.04
C PHE I 381 -51.80 21.35 -46.16
N THR I 382 -52.98 21.61 -46.70
CA THR I 382 -53.59 22.93 -46.72
C THR I 382 -54.94 22.84 -46.03
N ALA I 383 -55.13 23.61 -44.97
CA ALA I 383 -56.35 23.57 -44.17
C ALA I 383 -56.84 24.97 -43.87
N GLY I 384 -56.89 25.82 -44.89
CA GLY I 384 -57.41 27.16 -44.71
C GLY I 384 -57.49 27.89 -46.03
N GLY I 385 -58.15 29.05 -45.97
CA GLY I 385 -58.37 29.84 -47.15
C GLY I 385 -59.84 29.84 -47.55
N ARG I 386 -60.15 29.28 -48.71
CA ARG I 386 -61.51 29.24 -49.22
C ARG I 386 -62.04 27.82 -49.37
N PHE I 387 -61.39 26.83 -48.76
CA PHE I 387 -61.83 25.44 -48.80
C PHE I 387 -61.30 24.74 -47.57
N THR I 388 -61.35 23.41 -47.59
CA THR I 388 -60.77 22.61 -46.52
C THR I 388 -60.31 21.27 -47.06
N ASN I 389 -59.39 20.64 -46.34
CA ASN I 389 -58.94 19.29 -46.66
C ASN I 389 -58.99 18.34 -45.47
N LEU I 390 -59.09 18.85 -44.24
CA LEU I 390 -58.94 18.04 -43.05
C LEU I 390 -60.16 18.18 -42.15
N THR I 391 -60.12 17.46 -41.03
CA THR I 391 -61.09 17.61 -39.95
C THR I 391 -60.38 18.19 -38.73
N GLN I 392 -61.18 18.48 -37.70
CA GLN I 392 -60.66 19.21 -36.55
C GLN I 392 -59.78 18.33 -35.67
N ASN I 393 -60.14 17.05 -35.50
CA ASN I 393 -59.48 16.21 -34.51
C ASN I 393 -58.03 15.92 -34.89
N MET I 394 -57.80 15.50 -36.14
CA MET I 394 -56.43 15.22 -36.55
C MET I 394 -55.62 16.50 -36.69
N ALA I 395 -56.27 17.63 -36.94
CA ALA I 395 -55.59 18.91 -36.87
C ALA I 395 -55.09 19.17 -35.45
N ARG I 396 -55.92 18.88 -34.45
CA ARG I 396 -55.51 19.01 -33.06
C ARG I 396 -54.32 18.09 -32.75
N GLN I 397 -54.36 16.86 -33.26
CA GLN I 397 -53.27 15.94 -33.03
C GLN I 397 -51.98 16.42 -33.68
N LEU I 398 -52.07 16.97 -34.90
CA LEU I 398 -50.89 17.56 -35.53
C LEU I 398 -50.36 18.73 -34.70
N ASP I 399 -51.26 19.54 -34.14
CA ASP I 399 -50.83 20.64 -33.29
C ASP I 399 -50.07 20.12 -32.08
N ILE I 400 -50.58 19.07 -31.43
CA ILE I 400 -49.93 18.50 -30.27
C ILE I 400 -48.56 17.94 -30.64
N ALA I 401 -48.48 17.26 -31.79
CA ALA I 401 -47.21 16.69 -32.22
C ALA I 401 -46.18 17.77 -32.48
N LEU I 402 -46.58 18.86 -33.15
CA LEU I 402 -45.65 19.94 -33.43
C LEU I 402 -45.21 20.62 -32.14
N ASN I 403 -46.13 20.78 -31.19
CA ASN I 403 -45.78 21.36 -29.89
C ASN I 403 -44.76 20.49 -29.17
N ASP I 404 -44.98 19.18 -29.18
CA ASP I 404 -44.07 18.28 -28.49
C ASP I 404 -42.70 18.24 -29.19
N TYR I 405 -42.67 18.39 -30.52
CA TYR I 405 -41.40 18.46 -31.21
C TYR I 405 -40.67 19.76 -30.87
N LEU I 406 -41.40 20.85 -30.73
CA LEU I 406 -40.78 22.12 -30.36
C LEU I 406 -40.32 22.14 -28.91
N LEU I 407 -40.85 21.26 -28.06
CA LEU I 407 -40.30 21.13 -26.71
C LEU I 407 -39.27 20.03 -26.53
N TYR I 408 -39.57 18.80 -26.94
CA TYR I 408 -38.67 17.67 -26.66
C TYR I 408 -37.38 17.87 -27.44
N MET I 409 -36.39 18.42 -26.78
CA MET I 409 -35.12 18.77 -27.40
C MET I 409 -34.01 18.04 -26.66
N TYR I 410 -32.97 17.67 -27.39
CA TYR I 410 -31.93 16.76 -26.90
C TYR I 410 -30.65 17.46 -26.46
N ASN I 411 -30.46 18.73 -26.81
CA ASN I 411 -29.28 19.47 -26.37
C ASN I 411 -29.57 20.12 -25.02
N THR I 412 -28.70 21.03 -24.59
CA THR I 412 -28.94 21.78 -23.37
C THR I 412 -30.10 22.74 -23.57
N ARG I 413 -30.99 22.79 -22.59
CA ARG I 413 -32.30 23.42 -22.74
C ARG I 413 -32.21 24.94 -22.82
N VAL I 414 -33.18 25.51 -23.52
CA VAL I 414 -33.41 26.95 -23.52
C VAL I 414 -34.67 27.23 -22.70
N GLN I 415 -34.90 28.51 -22.41
CA GLN I 415 -35.97 28.87 -21.50
C GLN I 415 -37.29 29.04 -22.24
N VAL I 416 -38.38 28.70 -21.57
CA VAL I 416 -39.72 28.78 -22.13
C VAL I 416 -40.58 29.60 -21.18
N ASN I 417 -41.53 30.36 -21.74
CA ASN I 417 -42.49 31.12 -20.96
C ASN I 417 -43.89 30.69 -21.40
N TYR I 418 -44.59 29.98 -20.52
CA TYR I 418 -45.90 29.43 -20.85
C TYR I 418 -46.97 30.50 -20.81
N GLY I 419 -47.99 30.32 -21.65
CA GLY I 419 -49.08 31.25 -21.76
C GLY I 419 -50.19 30.97 -20.77
N PRO I 420 -51.31 31.70 -20.91
CA PRO I 420 -52.39 31.56 -19.94
C PRO I 420 -53.13 30.23 -20.00
N THR I 421 -53.60 29.83 -21.17
CA THR I 421 -54.50 28.68 -21.26
C THR I 421 -53.72 27.39 -21.46
N GLY I 422 -54.43 26.28 -21.24
CA GLY I 422 -53.90 24.93 -21.38
C GLY I 422 -53.95 24.37 -22.79
N GLU I 423 -54.42 25.14 -23.76
CA GLU I 423 -54.33 24.73 -25.16
C GLU I 423 -52.86 24.61 -25.55
N PRO I 424 -52.50 23.61 -26.38
CA PRO I 424 -51.12 23.51 -26.84
C PRO I 424 -50.70 24.74 -27.63
N LEU I 425 -49.37 24.91 -27.72
CA LEU I 425 -48.72 26.04 -28.41
C LEU I 425 -48.99 27.38 -27.73
N ASP I 426 -49.32 27.39 -26.44
CA ASP I 426 -49.51 28.64 -25.70
C ASP I 426 -48.27 28.95 -24.89
N PHE I 427 -47.23 29.42 -25.58
CA PHE I 427 -45.97 29.76 -24.93
C PHE I 427 -45.11 30.56 -25.90
N GLN I 428 -44.02 31.09 -25.38
CA GLN I 428 -42.96 31.70 -26.16
C GLN I 428 -41.63 31.09 -25.75
N ILE I 429 -40.65 31.15 -26.65
CA ILE I 429 -39.45 30.34 -26.53
C ILE I 429 -38.23 31.11 -27.01
N GLY I 430 -37.08 30.77 -26.45
CA GLY I 430 -35.81 31.11 -27.04
C GLY I 430 -35.36 32.56 -26.86
N ARG I 431 -34.21 32.84 -27.45
CA ARG I 431 -33.58 34.15 -27.32
C ARG I 431 -34.32 35.22 -28.11
N ASN I 432 -34.94 34.86 -29.22
CA ASN I 432 -35.65 35.82 -30.05
C ASN I 432 -37.08 35.99 -29.55
N GLN I 433 -37.51 35.16 -28.59
CA GLN I 433 -38.84 35.22 -28.00
C GLN I 433 -39.93 35.09 -29.07
N TYR I 434 -39.72 34.15 -29.98
CA TYR I 434 -40.66 33.93 -31.07
C TYR I 434 -41.93 33.27 -30.55
N ASP I 435 -43.07 33.72 -31.06
CA ASP I 435 -44.37 33.22 -30.61
C ASP I 435 -44.80 32.07 -31.50
N CYS I 436 -45.11 30.93 -30.89
CA CYS I 436 -45.62 29.77 -31.60
C CYS I 436 -47.14 29.76 -31.73
N ASN I 437 -47.83 30.71 -31.08
CA ASN I 437 -49.29 30.72 -31.11
C ASN I 437 -49.82 30.96 -32.52
N VAL I 438 -49.01 31.59 -33.38
CA VAL I 438 -49.41 31.80 -34.77
C VAL I 438 -49.49 30.50 -35.53
N PHE I 439 -48.88 29.43 -35.02
CA PHE I 439 -48.90 28.14 -35.70
C PHE I 439 -50.17 27.36 -35.42
N ARG I 440 -51.07 27.87 -34.58
CA ARG I 440 -52.30 27.16 -34.27
C ARG I 440 -53.24 27.15 -35.46
N ALA I 441 -53.86 25.99 -35.70
CA ALA I 441 -54.71 25.82 -36.86
C ALA I 441 -56.14 26.23 -36.55
N ASP I 442 -56.69 27.10 -37.39
CA ASP I 442 -58.10 27.46 -37.35
C ASP I 442 -58.63 27.40 -38.77
N PHE I 443 -59.82 26.84 -38.93
CA PHE I 443 -60.36 26.65 -40.27
C PHE I 443 -60.70 27.98 -40.94
N ALA I 444 -61.24 28.95 -40.18
CA ALA I 444 -61.61 30.23 -40.77
C ALA I 444 -60.40 31.05 -41.17
N THR I 445 -59.29 30.91 -40.44
CA THR I 445 -58.07 31.65 -40.73
C THR I 445 -57.09 30.88 -41.60
N GLY I 446 -56.69 29.68 -41.17
CA GLY I 446 -55.86 28.82 -41.98
C GLY I 446 -54.37 28.88 -41.72
N THR I 447 -53.95 29.32 -40.55
CA THR I 447 -52.53 29.43 -40.25
C THR I 447 -51.88 28.06 -40.16
N GLY I 448 -50.56 28.05 -40.34
CA GLY I 448 -49.77 26.86 -40.06
C GLY I 448 -49.74 25.82 -41.14
N TYR I 449 -50.24 26.12 -42.34
CA TYR I 449 -50.25 25.16 -43.43
C TYR I 449 -49.87 25.87 -44.71
N ASN I 450 -49.86 25.12 -45.82
CA ASN I 450 -49.37 25.64 -47.08
C ASN I 450 -50.26 26.74 -47.64
N GLY I 451 -51.54 26.74 -47.29
CA GLY I 451 -52.45 27.76 -47.78
C GLY I 451 -52.49 29.04 -46.98
N TRP I 452 -51.69 29.14 -45.91
CA TRP I 452 -51.68 30.35 -45.11
C TRP I 452 -50.88 31.46 -45.78
N ALA I 453 -51.33 32.70 -45.56
CA ALA I 453 -50.64 33.91 -45.99
C ALA I 453 -50.42 33.93 -47.50
N THR I 454 -51.42 33.50 -48.25
CA THR I 454 -51.33 33.43 -49.69
C THR I 454 -52.74 33.42 -50.29
N ILE I 455 -52.80 33.24 -51.60
CA ILE I 455 -54.05 33.09 -52.33
C ILE I 455 -54.05 31.70 -52.96
N ASP I 456 -55.09 30.93 -52.67
CA ASP I 456 -55.10 29.51 -52.99
C ASP I 456 -55.85 29.18 -54.28
N VAL I 457 -56.66 30.09 -54.80
CA VAL I 457 -57.49 29.82 -55.97
C VAL I 457 -57.71 31.13 -56.70
N GLU I 458 -57.85 31.07 -58.03
CA GLU I 458 -57.95 32.29 -58.81
C GLU I 458 -58.83 32.07 -60.03
N TYR I 459 -59.28 33.20 -60.60
CA TYR I 459 -60.20 33.21 -61.74
C TYR I 459 -59.55 33.92 -62.92
N ARG I 460 -59.77 33.36 -64.11
CA ARG I 460 -59.10 33.76 -65.34
C ARG I 460 -60.14 33.80 -66.46
N GLU I 461 -59.68 33.81 -67.71
CA GLU I 461 -60.45 33.76 -68.95
C GLU I 461 -61.48 32.64 -68.93
N PRO I 462 -62.55 32.74 -69.73
CA PRO I 462 -63.61 31.72 -69.66
C PRO I 462 -63.11 30.32 -70.01
N ALA I 463 -63.61 29.35 -69.26
CA ALA I 463 -63.22 27.95 -69.37
C ALA I 463 -64.06 27.23 -70.42
N PRO I 464 -63.57 26.12 -70.96
CA PRO I 464 -64.41 25.30 -71.85
C PRO I 464 -65.69 24.80 -71.20
N TYR I 465 -65.63 24.45 -69.92
CA TYR I 465 -66.81 24.02 -69.18
C TYR I 465 -67.33 25.20 -68.36
N VAL I 466 -68.65 25.30 -68.26
CA VAL I 466 -69.24 26.50 -67.66
C VAL I 466 -69.44 26.38 -66.15
N HIS I 467 -69.48 25.16 -65.60
CA HIS I 467 -69.76 25.00 -64.18
C HIS I 467 -68.57 25.35 -63.31
N ALA I 468 -67.34 25.18 -63.81
CA ALA I 468 -66.14 25.43 -63.04
C ALA I 468 -65.18 26.25 -63.88
N GLN I 469 -64.71 27.37 -63.33
CA GLN I 469 -63.72 28.22 -63.98
C GLN I 469 -62.45 28.35 -63.17
N ARG I 470 -62.40 27.80 -61.97
CA ARG I 470 -61.33 28.09 -61.04
C ARG I 470 -60.01 27.47 -61.47
N TYR I 471 -58.92 28.09 -61.05
CA TYR I 471 -57.57 27.57 -61.21
C TYR I 471 -56.93 27.52 -59.85
N ILE I 472 -56.43 26.35 -59.47
CA ILE I 472 -55.90 26.12 -58.12
C ILE I 472 -54.44 26.56 -58.08
N ARG I 473 -54.10 27.31 -57.03
CA ARG I 473 -52.76 27.88 -56.85
C ARG I 473 -52.25 27.43 -55.49
N TYR I 474 -51.59 26.27 -55.46
CA TYR I 474 -51.02 25.77 -54.21
C TYR I 474 -49.84 26.63 -53.77
N CYS I 475 -49.81 26.92 -52.46
CA CYS I 475 -48.74 27.67 -51.79
C CYS I 475 -48.31 28.91 -52.56
N GLY I 476 -49.26 29.56 -53.22
CA GLY I 476 -49.00 30.77 -53.96
C GLY I 476 -48.17 30.59 -55.21
N ILE I 477 -47.98 29.37 -55.66
CA ILE I 477 -47.10 29.10 -56.79
C ILE I 477 -47.94 28.62 -57.97
N ASP I 478 -47.72 29.25 -59.12
CA ASP I 478 -48.41 28.92 -60.35
C ASP I 478 -47.68 27.80 -61.08
N SER I 479 -48.06 27.60 -62.35
CA SER I 479 -47.43 26.56 -63.14
C SER I 479 -46.53 27.11 -64.23
N ARG I 480 -46.50 28.42 -64.40
CA ARG I 480 -45.79 29.04 -65.52
C ARG I 480 -44.33 29.35 -65.21
N GLU I 481 -43.85 29.03 -64.01
CA GLU I 481 -42.42 29.20 -63.75
C GLU I 481 -41.59 28.08 -64.35
N LEU I 482 -42.19 26.94 -64.68
CA LEU I 482 -41.42 25.87 -65.29
C LEU I 482 -41.04 26.22 -66.73
N ILE I 483 -41.96 26.80 -67.50
CA ILE I 483 -41.60 27.28 -68.83
C ILE I 483 -40.72 28.52 -68.75
N ASN I 484 -40.83 29.31 -67.69
CA ASN I 484 -40.02 30.51 -67.55
C ASN I 484 -39.86 30.84 -66.08
N PRO I 485 -38.71 30.54 -65.47
CA PRO I 485 -38.52 30.78 -64.04
C PRO I 485 -38.56 32.27 -63.70
N THR I 486 -38.93 32.55 -62.46
CA THR I 486 -39.21 33.90 -62.00
C THR I 486 -38.17 34.47 -61.04
N THR I 487 -37.80 33.73 -60.00
CA THR I 487 -36.79 34.19 -59.05
C THR I 487 -35.60 33.24 -59.08
N TYR I 488 -34.55 33.61 -58.35
CA TYR I 488 -33.33 32.83 -58.32
C TYR I 488 -33.54 31.58 -57.47
N GLY I 489 -32.48 30.78 -57.31
CA GLY I 489 -32.59 29.56 -56.52
C GLY I 489 -32.90 29.83 -55.06
N ILE I 490 -32.26 30.85 -54.49
CA ILE I 490 -32.52 31.22 -53.10
C ILE I 490 -33.90 31.84 -52.95
N GLY I 491 -34.31 32.67 -53.92
CA GLY I 491 -35.52 33.46 -53.80
C GLY I 491 -36.82 32.67 -53.80
N MET I 492 -36.77 31.37 -54.07
CA MET I 492 -37.96 30.54 -54.08
C MET I 492 -38.38 30.26 -52.63
N THR I 493 -39.53 30.77 -52.23
CA THR I 493 -40.06 30.53 -50.89
C THR I 493 -41.52 30.92 -50.83
N TYR I 494 -42.18 30.53 -49.74
CA TYR I 494 -43.50 31.03 -49.38
C TYR I 494 -43.58 31.15 -47.87
N HIS I 495 -44.65 31.80 -47.41
CA HIS I 495 -44.65 32.43 -46.10
C HIS I 495 -44.61 31.41 -44.97
N CYS I 496 -45.46 30.38 -45.02
CA CYS I 496 -45.49 29.41 -43.95
C CYS I 496 -44.17 28.64 -43.86
N TYR I 497 -43.54 28.40 -45.01
CA TYR I 497 -42.23 27.77 -45.02
C TYR I 497 -41.21 28.68 -44.35
N ASN I 498 -41.30 29.98 -44.60
CA ASN I 498 -40.42 30.95 -43.96
C ASN I 498 -40.61 30.93 -42.45
N GLU I 499 -41.87 30.91 -41.99
CA GLU I 499 -42.14 30.87 -40.57
C GLU I 499 -41.61 29.59 -39.94
N MET I 500 -41.76 28.47 -40.65
CA MET I 500 -41.27 27.19 -40.14
C MET I 500 -39.76 27.21 -39.99
N LEU I 501 -39.06 27.72 -41.02
CA LEU I 501 -37.61 27.79 -40.96
C LEU I 501 -37.13 28.71 -39.86
N ARG I 502 -37.76 29.89 -39.73
CA ARG I 502 -37.35 30.84 -38.70
C ARG I 502 -37.60 30.28 -37.31
N MET I 503 -38.72 29.55 -37.13
CA MET I 503 -39.03 28.95 -35.84
C MET I 503 -38.04 27.85 -35.48
N LEU I 504 -37.69 26.99 -36.45
CA LEU I 504 -36.71 25.95 -36.18
C LEU I 504 -35.34 26.54 -35.85
N VAL I 505 -34.95 27.61 -36.55
CA VAL I 505 -33.71 28.28 -36.20
C VAL I 505 -33.81 28.87 -34.80
N ALA I 506 -34.99 29.42 -34.46
CA ALA I 506 -35.20 29.96 -33.12
C ALA I 506 -35.15 28.88 -32.06
N ALA I 507 -35.57 27.66 -32.40
CA ALA I 507 -35.57 26.56 -31.46
C ALA I 507 -34.18 25.96 -31.25
N GLY I 508 -33.13 26.59 -31.78
CA GLY I 508 -31.81 26.05 -31.67
C GLY I 508 -31.54 24.86 -32.57
N LYS I 509 -32.49 24.52 -33.44
CA LYS I 509 -32.41 23.33 -34.26
C LYS I 509 -31.83 23.73 -35.62
N ASP I 510 -30.71 23.11 -36.00
CA ASP I 510 -29.94 23.58 -37.13
C ASP I 510 -29.81 22.56 -38.25
N SER I 511 -29.47 21.31 -37.93
CA SER I 511 -29.19 20.32 -38.96
C SER I 511 -30.43 20.00 -39.78
N GLU I 512 -31.56 19.73 -39.10
CA GLU I 512 -32.82 19.51 -39.78
C GLU I 512 -33.29 20.75 -40.54
N ALA I 513 -32.97 21.95 -40.03
CA ALA I 513 -33.25 23.16 -40.79
C ALA I 513 -32.48 23.16 -42.10
N ALA I 514 -31.21 22.74 -42.08
CA ALA I 514 -30.43 22.65 -43.30
C ALA I 514 -31.02 21.60 -44.25
N TYR I 515 -31.44 20.46 -43.70
CA TYR I 515 -32.05 19.41 -44.52
C TYR I 515 -33.30 19.94 -45.23
N PHE I 516 -34.15 20.66 -44.49
CA PHE I 516 -35.36 21.20 -45.11
C PHE I 516 -35.04 22.29 -46.13
N ARG I 517 -34.07 23.14 -45.83
CA ARG I 517 -33.71 24.22 -46.76
C ARG I 517 -33.19 23.65 -48.07
N SER I 518 -32.43 22.55 -47.98
CA SER I 518 -32.07 21.82 -49.19
C SER I 518 -33.30 21.21 -49.84
N MET I 519 -34.24 20.71 -49.04
CA MET I 519 -35.35 19.91 -49.56
C MET I 519 -36.34 20.77 -50.34
N LEU I 520 -36.44 22.06 -50.00
CA LEU I 520 -37.53 22.93 -50.45
C LEU I 520 -37.84 22.91 -51.95
N PRO I 521 -36.87 23.03 -52.87
CA PRO I 521 -37.25 23.05 -54.29
C PRO I 521 -37.91 21.78 -54.78
N PHE I 522 -37.54 20.61 -54.23
CA PHE I 522 -38.23 19.38 -54.57
C PHE I 522 -39.71 19.46 -54.20
N HIS I 523 -39.99 19.98 -53.01
CA HIS I 523 -41.36 20.19 -52.57
C HIS I 523 -42.09 21.12 -53.54
N MET I 524 -41.45 22.22 -53.91
CA MET I 524 -42.15 23.21 -54.73
C MET I 524 -42.41 22.67 -56.12
N VAL I 525 -41.46 21.91 -56.70
CA VAL I 525 -41.69 21.39 -58.03
C VAL I 525 -42.72 20.26 -58.00
N ARG I 526 -42.78 19.49 -56.90
CA ARG I 526 -43.87 18.52 -56.77
C ARG I 526 -45.21 19.20 -56.78
N PHE I 527 -45.33 20.30 -56.04
CA PHE I 527 -46.61 21.00 -56.01
C PHE I 527 -46.87 21.74 -57.32
N ALA I 528 -45.82 22.13 -58.04
CA ALA I 528 -46.01 22.69 -59.37
C ALA I 528 -46.58 21.65 -60.33
N ARG I 529 -46.08 20.42 -60.24
CA ARG I 529 -46.62 19.34 -61.05
C ARG I 529 -48.08 19.07 -60.70
N ILE I 530 -48.41 19.05 -59.40
CA ILE I 530 -49.80 18.82 -59.03
C ILE I 530 -50.69 19.98 -59.46
N ASN I 531 -50.16 21.20 -59.47
CA ASN I 531 -50.93 22.33 -59.97
C ASN I 531 -51.23 22.17 -61.45
N GLN I 532 -50.23 21.76 -62.23
CA GLN I 532 -50.47 21.52 -63.65
C GLN I 532 -51.50 20.42 -63.85
N ILE I 533 -51.41 19.35 -63.06
CA ILE I 533 -52.34 18.23 -63.21
C ILE I 533 -53.76 18.69 -62.93
N ILE I 534 -53.96 19.45 -61.86
CA ILE I 534 -55.29 19.90 -61.50
C ILE I 534 -55.82 20.88 -62.54
N ASN I 535 -54.97 21.79 -63.02
CA ASN I 535 -55.42 22.81 -63.96
C ASN I 535 -55.82 22.21 -65.30
N GLU I 536 -54.98 21.33 -65.85
CA GLU I 536 -55.11 20.90 -67.24
C GLU I 536 -55.85 19.57 -67.39
N ASP I 537 -55.42 18.55 -66.65
CA ASP I 537 -55.89 17.20 -66.89
C ASP I 537 -57.36 17.04 -66.50
N LEU I 538 -57.78 17.63 -65.40
CA LEU I 538 -59.03 17.23 -64.76
C LEU I 538 -60.25 17.97 -65.29
N HIS I 539 -60.10 18.83 -66.29
CA HIS I 539 -61.22 19.63 -66.77
C HIS I 539 -62.24 18.73 -67.45
N SER I 540 -63.35 18.48 -66.76
CA SER I 540 -64.38 17.58 -67.25
C SER I 540 -65.69 17.94 -66.57
N VAL I 541 -66.79 17.40 -67.11
CA VAL I 541 -68.10 17.63 -66.51
C VAL I 541 -68.19 16.99 -65.14
N PHE I 542 -67.41 15.93 -64.90
CA PHE I 542 -67.39 15.28 -63.59
C PHE I 542 -66.75 16.13 -62.51
N SER I 543 -65.94 17.12 -62.89
CA SER I 543 -65.32 18.00 -61.93
C SER I 543 -66.37 18.89 -61.26
N LEU I 544 -66.14 19.20 -59.99
CA LEU I 544 -67.15 19.89 -59.19
C LEU I 544 -67.33 21.32 -59.68
N PRO I 545 -68.55 21.85 -59.66
CA PRO I 545 -68.76 23.26 -59.97
C PRO I 545 -68.33 24.15 -58.82
N ASP I 546 -68.25 25.45 -59.11
CA ASP I 546 -67.71 26.39 -58.14
C ASP I 546 -68.65 26.61 -56.96
N ASP I 547 -69.96 26.48 -57.18
CA ASP I 547 -70.92 26.77 -56.11
C ASP I 547 -70.75 25.81 -54.93
N MET I 548 -70.70 24.51 -55.20
CA MET I 548 -70.54 23.54 -54.14
C MET I 548 -69.16 23.63 -53.50
N PHE I 549 -68.14 23.92 -54.32
CA PHE I 549 -66.79 24.02 -53.77
C PHE I 549 -66.68 25.21 -52.82
N ASN I 550 -67.33 26.32 -53.15
CA ASN I 550 -67.34 27.47 -52.25
C ASN I 550 -68.33 27.29 -51.10
N ALA I 551 -69.28 26.36 -51.22
CA ALA I 551 -70.24 26.16 -50.14
C ALA I 551 -69.75 25.16 -49.10
N LEU I 552 -68.88 24.22 -49.48
CA LEU I 552 -68.56 23.10 -48.60
C LEU I 552 -67.85 23.54 -47.32
N LEU I 553 -66.92 24.50 -47.43
CA LEU I 553 -66.18 24.93 -46.25
C LEU I 553 -67.09 25.57 -45.20
N PRO I 554 -67.98 26.51 -45.52
CA PRO I 554 -68.96 26.92 -44.51
C PRO I 554 -69.85 25.78 -44.05
N ASP I 555 -70.15 24.82 -44.92
CA ASP I 555 -70.97 23.68 -44.52
C ASP I 555 -70.30 22.85 -43.44
N LEU I 556 -69.01 22.56 -43.60
CA LEU I 556 -68.31 21.76 -42.62
C LEU I 556 -68.01 22.56 -41.35
N ILE I 557 -67.63 23.82 -41.48
CA ILE I 557 -67.27 24.59 -40.29
C ILE I 557 -68.49 25.04 -39.51
N ALA I 558 -69.66 25.13 -40.15
CA ALA I 558 -70.87 25.52 -39.46
C ALA I 558 -71.73 24.32 -39.07
N GLY I 559 -71.39 23.13 -39.54
CA GLY I 559 -72.20 21.96 -39.26
C GLY I 559 -73.49 21.90 -40.05
N ALA I 560 -73.66 22.79 -41.03
CA ALA I 560 -74.88 22.81 -41.82
C ALA I 560 -74.99 21.55 -42.67
N HIS I 561 -76.22 21.13 -42.91
CA HIS I 561 -76.47 19.90 -43.65
C HIS I 561 -76.12 20.09 -45.12
N GLN I 562 -75.25 19.24 -45.65
CA GLN I 562 -74.81 19.36 -47.03
C GLN I 562 -75.29 18.18 -47.85
N ASN I 563 -75.51 18.44 -49.14
CA ASN I 563 -76.02 17.41 -50.03
C ASN I 563 -74.95 16.39 -50.40
N ALA I 564 -73.69 16.83 -50.53
CA ALA I 564 -72.60 15.96 -50.98
C ALA I 564 -71.52 15.95 -49.92
N ASP I 565 -71.48 14.88 -49.14
CA ASP I 565 -70.47 14.77 -48.09
C ASP I 565 -69.09 14.53 -48.69
N PRO I 566 -68.05 15.20 -48.21
CA PRO I 566 -66.69 14.80 -48.59
C PRO I 566 -66.40 13.40 -48.10
N VAL I 567 -65.70 12.63 -48.92
CA VAL I 567 -65.39 11.25 -48.58
C VAL I 567 -64.19 11.23 -47.65
N VAL I 568 -64.34 10.58 -46.50
CA VAL I 568 -63.32 10.56 -45.46
C VAL I 568 -62.56 9.25 -45.56
N LEU I 569 -61.24 9.34 -45.63
CA LEU I 569 -60.36 8.18 -45.72
C LEU I 569 -59.45 8.15 -44.48
N ASP I 570 -58.49 7.24 -44.49
CA ASP I 570 -57.60 7.04 -43.35
C ASP I 570 -56.24 6.59 -43.82
N VAL I 571 -55.18 7.13 -43.21
CA VAL I 571 -53.80 6.78 -43.50
C VAL I 571 -53.06 6.55 -42.19
N SER I 572 -51.76 6.29 -42.30
CA SER I 572 -50.90 6.02 -41.15
C SER I 572 -49.95 7.19 -40.90
N TRP I 573 -49.33 7.16 -39.72
CA TRP I 573 -48.47 8.27 -39.30
C TRP I 573 -47.18 8.32 -40.11
N ILE I 574 -46.51 7.17 -40.29
CA ILE I 574 -45.29 7.14 -41.07
C ILE I 574 -45.58 7.34 -42.56
N SER I 575 -46.84 7.17 -42.94
CA SER I 575 -47.23 7.28 -44.34
C SER I 575 -47.05 8.71 -44.86
N LEU I 576 -47.35 9.72 -44.04
CA LEU I 576 -47.16 11.09 -44.48
C LEU I 576 -45.70 11.39 -44.74
N TRP I 577 -44.82 10.90 -43.87
CA TRP I 577 -43.39 11.13 -44.07
C TRP I 577 -42.90 10.41 -45.31
N PHE I 578 -43.39 9.18 -45.55
CA PHE I 578 -43.01 8.50 -46.78
C PHE I 578 -43.50 9.24 -48.02
N ALA I 579 -44.76 9.70 -48.00
CA ALA I 579 -45.28 10.46 -49.13
C ALA I 579 -44.53 11.76 -49.31
N PHE I 580 -43.92 12.28 -48.24
CA PHE I 580 -43.11 13.49 -48.36
C PHE I 580 -41.84 13.24 -49.17
N ASN I 581 -41.32 12.02 -49.16
CA ASN I 581 -40.08 11.69 -49.87
C ASN I 581 -40.36 11.05 -51.22
N ARG I 582 -41.41 11.49 -51.92
CA ARG I 582 -41.73 10.96 -53.24
C ARG I 582 -42.26 12.09 -54.11
N SER I 583 -42.27 11.86 -55.41
CA SER I 583 -42.85 12.82 -56.34
C SER I 583 -43.59 12.06 -57.45
N PHE I 584 -44.63 12.69 -57.98
CA PHE I 584 -45.45 12.08 -59.01
C PHE I 584 -45.11 12.69 -60.37
N GLU I 585 -44.91 11.82 -61.36
CA GLU I 585 -44.56 12.27 -62.71
C GLU I 585 -45.40 11.49 -63.72
N PRO I 586 -46.27 12.16 -64.48
CA PRO I 586 -47.06 11.47 -65.52
C PRO I 586 -46.33 11.32 -66.84
N THR I 587 -45.56 10.23 -67.00
CA THR I 587 -44.74 10.07 -68.20
C THR I 587 -45.56 9.90 -69.48
N HIS I 588 -46.85 9.58 -69.36
CA HIS I 588 -47.76 9.59 -70.50
C HIS I 588 -49.14 10.03 -70.05
N ARG I 589 -49.92 10.53 -70.99
CA ARG I 589 -51.30 10.94 -70.76
C ARG I 589 -52.26 9.83 -71.15
N ASN I 590 -53.45 9.86 -70.55
CA ASN I 590 -54.42 8.79 -70.70
C ASN I 590 -54.90 8.68 -72.15
N GLU I 591 -54.96 7.45 -72.66
CA GLU I 591 -55.40 7.26 -74.04
C GLU I 591 -56.90 7.47 -74.18
N MET I 592 -57.68 7.00 -73.20
CA MET I 592 -59.13 7.14 -73.29
C MET I 592 -59.57 8.59 -73.13
N LEU I 593 -58.68 9.46 -72.65
CA LEU I 593 -58.92 10.90 -72.70
C LEU I 593 -59.25 11.36 -74.11
N GLU I 594 -58.65 10.73 -75.12
CA GLU I 594 -58.91 11.13 -76.50
C GLU I 594 -60.32 10.83 -76.95
N VAL I 595 -61.10 10.08 -76.17
CA VAL I 595 -62.52 9.92 -76.46
C VAL I 595 -63.38 10.34 -75.26
N ALA I 596 -62.82 11.16 -74.38
CA ALA I 596 -63.52 11.53 -73.14
C ALA I 596 -64.83 12.28 -73.35
N PRO I 597 -64.90 13.37 -74.13
CA PRO I 597 -66.13 14.19 -74.07
C PRO I 597 -67.35 13.53 -74.70
N LEU I 598 -67.18 12.90 -75.88
CA LEU I 598 -68.33 12.38 -76.61
C LEU I 598 -69.07 11.33 -75.80
N ILE I 599 -68.33 10.48 -75.07
CA ILE I 599 -68.94 9.50 -74.18
C ILE I 599 -69.89 10.18 -73.22
N GLU I 600 -69.42 11.27 -72.62
CA GLU I 600 -70.22 12.06 -71.69
C GLU I 600 -71.55 12.45 -72.34
N SER I 601 -71.50 12.91 -73.60
CA SER I 601 -72.70 13.32 -74.30
C SER I 601 -73.72 12.20 -74.34
N VAL I 602 -73.27 11.00 -74.71
CA VAL I 602 -74.15 9.84 -74.74
C VAL I 602 -74.78 9.65 -73.36
N TYR I 603 -73.92 9.66 -72.34
CA TYR I 603 -74.36 9.68 -70.94
C TYR I 603 -75.49 10.66 -70.76
N ALA I 604 -75.20 11.94 -71.03
CA ALA I 604 -76.18 13.00 -70.83
C ALA I 604 -77.47 12.70 -71.58
N SER I 605 -77.33 12.25 -72.83
CA SER I 605 -78.50 12.03 -73.67
C SER I 605 -79.44 11.02 -73.01
N GLU I 606 -78.89 9.91 -72.52
CA GLU I 606 -79.74 8.89 -71.95
C GLU I 606 -80.41 9.42 -70.70
N LEU I 607 -79.67 10.20 -69.90
CA LEU I 607 -80.26 10.84 -68.72
C LEU I 607 -81.48 11.65 -69.11
N SER I 608 -81.33 12.45 -70.18
CA SER I 608 -82.43 13.26 -70.68
C SER I 608 -83.66 12.39 -70.90
N VAL I 609 -83.45 11.24 -71.54
CA VAL I 609 -84.54 10.34 -71.89
C VAL I 609 -85.37 10.03 -70.65
N MET I 610 -84.69 9.62 -69.58
CA MET I 610 -85.42 9.21 -68.38
C MET I 610 -86.27 10.35 -67.87
N LYS I 611 -85.67 11.54 -67.72
CA LYS I 611 -86.42 12.64 -67.13
C LYS I 611 -87.71 12.87 -67.89
N VAL I 612 -87.63 12.78 -69.22
CA VAL I 612 -88.79 13.04 -70.07
C VAL I 612 -89.94 12.15 -69.65
N ASP I 613 -89.76 10.83 -69.76
CA ASP I 613 -90.93 10.00 -69.51
C ASP I 613 -91.27 10.00 -68.03
N MET I 614 -90.26 10.23 -67.19
CA MET I 614 -90.53 10.36 -65.73
C MET I 614 -91.63 11.41 -65.55
N ARG I 615 -91.42 12.61 -66.10
CA ARG I 615 -92.39 13.67 -65.91
C ARG I 615 -93.76 13.24 -66.39
N HIS I 616 -93.80 12.59 -67.56
CA HIS I 616 -95.09 12.23 -68.15
C HIS I 616 -95.86 11.31 -67.23
N LEU I 617 -95.15 10.41 -66.55
CA LEU I 617 -95.87 9.47 -65.68
C LEU I 617 -96.55 10.18 -64.53
N SER I 618 -95.86 11.18 -63.95
CA SER I 618 -96.46 11.96 -62.88
C SER I 618 -97.77 12.57 -63.33
N LEU I 619 -97.89 12.87 -64.62
CA LEU I 619 -99.10 13.45 -65.17
C LEU I 619 -100.33 12.61 -64.81
N MET I 620 -100.28 11.29 -65.08
CA MET I 620 -101.49 10.52 -64.81
C MET I 620 -101.76 10.38 -63.32
N GLN I 621 -100.75 10.54 -62.47
CA GLN I 621 -101.05 10.52 -61.04
C GLN I 621 -101.92 11.71 -60.66
N ARG I 622 -101.74 12.83 -61.35
CA ARG I 622 -102.71 13.91 -61.30
C ARG I 622 -103.95 13.64 -62.14
N ARG I 623 -103.79 12.95 -63.27
CA ARG I 623 -104.93 12.82 -64.18
C ARG I 623 -105.94 11.80 -63.65
N PHE I 624 -105.46 10.68 -63.10
CA PHE I 624 -106.33 9.55 -62.79
C PHE I 624 -106.12 9.09 -61.36
N PRO I 625 -106.95 9.57 -60.42
CA PRO I 625 -106.85 9.10 -59.03
C PRO I 625 -107.42 7.70 -58.83
N ASP I 626 -108.56 7.41 -59.46
CA ASP I 626 -109.25 6.14 -59.23
C ASP I 626 -108.46 4.97 -59.81
N VAL I 627 -107.88 5.15 -61.00
CA VAL I 627 -107.08 4.10 -61.61
C VAL I 627 -105.81 3.88 -60.80
N LEU I 628 -105.28 4.95 -60.20
CA LEU I 628 -104.02 4.88 -59.49
C LEU I 628 -104.21 5.21 -58.02
N ILE I 629 -105.18 4.56 -57.38
CA ILE I 629 -105.36 4.70 -55.94
C ILE I 629 -104.12 4.23 -55.20
N GLN I 630 -103.47 3.17 -55.71
CA GLN I 630 -102.26 2.63 -55.09
C GLN I 630 -100.98 3.21 -55.69
N ALA I 631 -101.00 4.45 -56.14
CA ALA I 631 -99.83 5.03 -56.79
C ALA I 631 -98.79 5.44 -55.76
N ARG I 632 -97.52 5.17 -56.09
CA ARG I 632 -96.36 5.51 -55.30
C ARG I 632 -95.26 5.79 -56.32
N PRO I 633 -94.41 6.79 -56.10
CA PRO I 633 -93.39 7.12 -57.12
C PRO I 633 -92.45 5.99 -57.45
N SER I 634 -92.22 5.07 -56.52
CA SER I 634 -91.37 3.92 -56.79
C SER I 634 -91.94 3.06 -57.90
N HIS I 635 -93.27 3.03 -58.05
CA HIS I 635 -93.88 2.18 -59.08
C HIS I 635 -93.43 2.58 -60.48
N PHE I 636 -93.75 3.81 -60.91
CA PHE I 636 -93.36 4.22 -62.25
C PHE I 636 -91.86 4.47 -62.35
N TRP I 637 -91.19 4.77 -61.22
CA TRP I 637 -89.75 4.83 -61.23
C TRP I 637 -89.13 3.50 -61.66
N LYS I 638 -89.54 2.40 -61.01
CA LYS I 638 -88.97 1.11 -61.35
C LYS I 638 -89.45 0.65 -62.71
N ALA I 639 -90.65 1.07 -63.12
CA ALA I 639 -91.14 0.73 -64.46
C ALA I 639 -90.25 1.35 -65.53
N VAL I 640 -89.87 2.63 -65.36
CA VAL I 640 -88.94 3.25 -66.31
C VAL I 640 -87.58 2.57 -66.23
N LEU I 641 -87.10 2.33 -65.01
CA LEU I 641 -85.76 1.81 -64.83
C LEU I 641 -85.64 0.34 -65.21
N ASN I 642 -86.74 -0.34 -65.52
CA ASN I 642 -86.62 -1.65 -66.14
C ASN I 642 -86.19 -1.54 -67.60
N ASP I 643 -87.00 -0.89 -68.43
CA ASP I 643 -86.67 -0.70 -69.85
C ASP I 643 -85.71 0.48 -69.97
N SER I 644 -84.43 0.18 -69.75
CA SER I 644 -83.38 1.18 -69.84
C SER I 644 -82.06 0.45 -70.00
N PRO I 645 -81.06 1.10 -70.61
CA PRO I 645 -79.74 0.46 -70.70
C PRO I 645 -79.13 0.27 -69.32
N GLU I 646 -78.62 -0.94 -69.07
CA GLU I 646 -78.10 -1.29 -67.76
C GLU I 646 -76.82 -0.53 -67.42
N ALA I 647 -76.18 0.10 -68.40
CA ALA I 647 -74.91 0.75 -68.15
C ALA I 647 -75.07 1.97 -67.25
N VAL I 648 -75.98 2.87 -67.58
CA VAL I 648 -76.18 4.06 -66.76
C VAL I 648 -76.76 3.68 -65.40
N LYS I 649 -77.60 2.65 -65.37
CA LYS I 649 -78.09 2.13 -64.11
C LYS I 649 -76.95 1.64 -63.23
N ALA I 650 -75.96 0.99 -63.82
CA ALA I 650 -74.79 0.56 -63.05
C ALA I 650 -73.97 1.77 -62.59
N VAL I 651 -73.91 2.80 -63.44
CA VAL I 651 -73.25 4.05 -63.04
C VAL I 651 -73.89 4.60 -61.77
N MET I 652 -75.22 4.65 -61.73
CA MET I 652 -75.89 5.21 -60.58
C MET I 652 -75.89 4.24 -59.38
N ASN I 653 -75.86 2.94 -59.66
CA ASN I 653 -75.74 1.90 -58.64
C ASN I 653 -74.35 1.84 -58.01
N LEU I 654 -73.33 2.40 -58.67
CA LEU I 654 -72.02 2.48 -58.05
C LEU I 654 -72.07 3.25 -56.74
N SER I 655 -73.04 4.17 -56.63
CA SER I 655 -73.31 4.81 -55.34
C SER I 655 -73.74 3.79 -54.30
N HIS I 656 -74.55 2.80 -54.70
CA HIS I 656 -75.16 1.79 -53.84
C HIS I 656 -76.15 2.39 -52.85
N SER I 657 -76.38 3.69 -52.90
CA SER I 657 -77.53 4.31 -52.26
C SER I 657 -78.76 4.26 -53.14
N HIS I 658 -78.64 3.65 -54.33
CA HIS I 658 -79.75 3.58 -55.27
C HIS I 658 -80.92 2.80 -54.68
N ASN I 659 -80.63 1.83 -53.81
CA ASN I 659 -81.69 1.08 -53.18
C ASN I 659 -82.33 1.83 -52.03
N PHE I 660 -81.75 2.95 -51.61
CA PHE I 660 -82.23 3.71 -50.46
C PHE I 660 -82.74 5.10 -50.84
N ILE I 661 -83.31 5.25 -52.04
CA ILE I 661 -83.71 6.56 -52.52
C ILE I 661 -85.05 6.97 -51.92
N ASN I 662 -85.09 8.16 -51.32
CA ASN I 662 -86.30 8.71 -50.75
C ASN I 662 -87.13 9.41 -51.82
N ILE I 663 -88.39 9.73 -51.46
CA ILE I 663 -89.31 10.33 -52.42
C ILE I 663 -88.99 11.79 -52.65
N ARG I 664 -88.37 12.47 -51.68
CA ARG I 664 -88.06 13.88 -51.83
C ARG I 664 -87.07 14.09 -52.96
N ASP I 665 -86.07 13.21 -53.08
CA ASP I 665 -85.17 13.26 -54.22
C ASP I 665 -85.92 13.05 -55.52
N MET I 666 -86.91 12.17 -55.52
CA MET I 666 -87.68 11.88 -56.72
C MET I 666 -88.43 13.13 -57.20
N MET I 667 -89.13 13.79 -56.28
CA MET I 667 -89.87 15.00 -56.66
C MET I 667 -88.91 16.12 -57.06
N ARG I 668 -87.79 16.26 -56.34
CA ARG I 668 -86.82 17.30 -56.69
C ARG I 668 -86.22 17.06 -58.06
N TRP I 669 -85.96 15.80 -58.41
CA TRP I 669 -85.40 15.52 -59.72
C TRP I 669 -86.42 15.73 -60.83
N VAL I 670 -87.67 15.29 -60.62
CA VAL I 670 -88.66 15.39 -61.68
C VAL I 670 -89.05 16.85 -61.92
N MET I 671 -89.06 17.67 -60.87
CA MET I 671 -89.56 19.04 -61.04
C MET I 671 -88.62 19.94 -61.83
N LEU I 672 -87.36 19.54 -62.04
CA LEU I 672 -86.45 20.33 -62.85
C LEU I 672 -86.56 19.96 -64.33
N PRO I 673 -86.83 20.92 -65.22
CA PRO I 673 -86.92 20.65 -66.66
C PRO I 673 -85.61 20.77 -67.43
N SER I 674 -84.46 20.78 -66.76
CA SER I 674 -83.18 20.88 -67.45
C SER I 674 -82.99 19.69 -68.39
N LEU I 675 -82.53 19.97 -69.61
CA LEU I 675 -82.60 19.00 -70.68
C LEU I 675 -81.46 19.22 -71.67
N GLN I 676 -81.00 18.13 -72.29
CA GLN I 676 -79.98 18.22 -73.34
C GLN I 676 -80.47 17.45 -74.56
N PRO I 677 -80.67 18.10 -75.70
CA PRO I 677 -81.38 17.46 -76.82
C PRO I 677 -80.57 16.37 -77.51
N SER I 678 -81.30 15.40 -78.04
CA SER I 678 -80.75 14.38 -78.93
C SER I 678 -81.90 13.85 -79.78
N LEU I 679 -81.54 13.02 -80.77
CA LEU I 679 -82.51 12.61 -81.79
C LEU I 679 -83.61 11.73 -81.20
N LYS I 680 -83.24 10.58 -80.62
CA LYS I 680 -84.24 9.72 -80.01
C LYS I 680 -84.93 10.40 -78.85
N LEU I 681 -84.26 11.35 -78.20
CA LEU I 681 -84.91 12.14 -77.16
C LEU I 681 -86.10 12.91 -77.72
N ALA I 682 -85.86 13.69 -78.77
CA ALA I 682 -86.91 14.51 -79.35
C ALA I 682 -88.03 13.64 -79.91
N LEU I 683 -87.66 12.52 -80.53
CA LEU I 683 -88.67 11.54 -80.89
C LEU I 683 -89.46 11.07 -79.69
N GLU I 684 -88.82 10.97 -78.52
CA GLU I 684 -89.51 10.51 -77.33
C GLU I 684 -90.55 11.52 -76.86
N GLU I 685 -90.14 12.78 -76.78
CA GLU I 685 -91.10 13.84 -76.37
C GLU I 685 -92.28 13.84 -77.33
N GLU I 686 -92.02 13.75 -78.64
CA GLU I 686 -93.16 13.84 -79.55
C GLU I 686 -94.01 12.57 -79.56
N ALA I 687 -93.42 11.42 -79.29
CA ALA I 687 -94.24 10.23 -79.05
C ALA I 687 -95.14 10.43 -77.84
N TRP I 688 -94.60 11.03 -76.77
CA TRP I 688 -95.40 11.34 -75.60
C TRP I 688 -96.42 12.44 -75.89
N ALA I 689 -96.11 13.35 -76.80
CA ALA I 689 -97.08 14.37 -77.19
C ALA I 689 -98.26 13.76 -77.92
N ALA I 690 -97.99 12.82 -78.83
CA ALA I 690 -99.08 12.04 -79.40
C ALA I 690 -99.79 11.22 -78.33
N ALA I 691 -99.05 10.78 -77.31
CA ALA I 691 -99.62 10.04 -76.20
C ALA I 691 -100.38 10.91 -75.21
N ASN I 692 -100.32 12.23 -75.35
CA ASN I 692 -101.17 13.10 -74.54
C ASN I 692 -102.64 12.89 -74.88
N ASP I 693 -102.92 12.43 -76.09
CA ASP I 693 -104.25 11.95 -76.46
C ASP I 693 -104.31 10.48 -76.06
N PHE I 694 -104.85 10.22 -74.86
CA PHE I 694 -104.87 8.87 -74.31
C PHE I 694 -105.72 7.90 -75.12
N GLU I 695 -106.57 8.41 -76.01
CA GLU I 695 -107.35 7.56 -76.91
C GLU I 695 -106.48 6.89 -77.97
N ASP I 696 -105.26 7.36 -78.17
CA ASP I 696 -104.39 6.78 -79.19
C ASP I 696 -103.83 5.42 -78.78
N LEU I 697 -104.02 5.02 -77.52
CA LEU I 697 -103.58 3.71 -77.04
C LEU I 697 -104.73 2.85 -76.54
N MET I 698 -105.96 3.17 -76.97
CA MET I 698 -107.19 2.50 -76.54
C MET I 698 -107.27 2.45 -75.00
N LEU I 699 -107.27 3.64 -74.42
CA LEU I 699 -107.48 3.82 -72.99
C LEU I 699 -108.82 4.50 -72.73
N THR I 700 -109.83 4.10 -73.48
CA THR I 700 -111.12 4.79 -73.41
C THR I 700 -111.83 4.48 -72.09
N ASP I 701 -112.70 5.39 -71.70
CA ASP I 701 -113.60 5.19 -70.57
C ASP I 701 -115.07 5.29 -70.98
N GLN I 702 -115.35 5.23 -72.28
CA GLN I 702 -116.70 5.33 -72.80
C GLN I 702 -117.32 3.94 -72.80
N VAL I 703 -118.16 3.65 -71.82
CA VAL I 703 -118.92 2.41 -71.78
C VAL I 703 -120.38 2.77 -71.51
N TYR I 704 -121.27 2.38 -72.43
CA TYR I 704 -122.69 2.67 -72.33
C TYR I 704 -123.47 1.38 -72.35
N MET I 705 -124.55 1.32 -71.56
CA MET I 705 -125.39 0.13 -71.52
C MET I 705 -126.86 0.52 -71.40
N HIS I 706 -127.68 -0.15 -72.19
CA HIS I 706 -129.13 -0.05 -72.11
C HIS I 706 -129.71 -1.38 -72.58
N ARG I 707 -131.04 -1.47 -72.62
CA ARG I 707 -131.69 -2.68 -73.10
C ARG I 707 -131.69 -2.70 -74.62
N ASP I 708 -130.82 -3.51 -75.22
CA ASP I 708 -130.69 -3.59 -76.66
C ASP I 708 -130.82 -5.03 -77.11
N MET I 709 -131.26 -5.20 -78.36
CA MET I 709 -131.55 -6.51 -78.92
C MET I 709 -130.95 -6.59 -80.31
N LEU I 710 -130.75 -7.81 -80.78
CA LEU I 710 -130.19 -8.03 -82.11
C LEU I 710 -131.23 -7.66 -83.16
N PRO I 711 -130.87 -6.86 -84.17
CA PRO I 711 -131.80 -6.57 -85.25
C PRO I 711 -132.16 -7.85 -86.02
N GLU I 712 -133.40 -7.90 -86.50
CA GLU I 712 -133.94 -9.07 -87.18
C GLU I 712 -134.50 -8.65 -88.53
N PRO I 713 -133.63 -8.50 -89.54
CA PRO I 713 -134.13 -8.15 -90.87
C PRO I 713 -134.93 -9.29 -91.47
N ARG I 714 -135.92 -8.93 -92.29
CA ARG I 714 -136.74 -9.91 -92.98
C ARG I 714 -136.09 -10.31 -94.30
N LEU I 715 -136.07 -11.61 -94.57
CA LEU I 715 -135.47 -12.14 -95.80
C LEU I 715 -136.51 -12.03 -96.91
N ASP I 716 -136.40 -10.97 -97.72
CA ASP I 716 -137.23 -10.86 -98.91
C ASP I 716 -136.63 -11.66 -100.06
N ASP I 717 -135.42 -11.30 -100.47
CA ASP I 717 -134.67 -12.04 -101.48
C ASP I 717 -133.28 -12.33 -100.93
N ILE I 718 -132.79 -13.55 -101.19
CA ILE I 718 -131.47 -13.93 -100.69
C ILE I 718 -130.38 -13.12 -101.39
N GLU I 719 -130.46 -12.99 -102.72
CA GLU I 719 -129.45 -12.25 -103.45
C GLU I 719 -129.46 -10.77 -103.08
N ARG I 720 -130.65 -10.22 -102.80
CA ARG I 720 -130.74 -8.83 -102.33
C ARG I 720 -130.02 -8.67 -101.01
N PHE I 721 -130.17 -9.64 -100.11
CA PHE I 721 -129.46 -9.61 -98.83
C PHE I 721 -127.96 -9.79 -99.01
N ARG I 722 -127.54 -10.62 -99.97
CA ARG I 722 -126.12 -10.76 -100.29
C ARG I 722 -125.54 -9.43 -100.76
N GLN I 723 -126.22 -8.77 -101.69
CA GLN I 723 -125.69 -7.54 -102.27
C GLN I 723 -125.77 -6.38 -101.28
N GLU I 724 -126.71 -6.41 -100.35
CA GLU I 724 -126.83 -5.32 -99.39
C GLU I 724 -125.67 -5.33 -98.40
N GLY I 725 -125.37 -6.48 -97.83
CA GLY I 725 -124.28 -6.60 -96.86
C GLY I 725 -124.51 -5.84 -95.57
N PHE I 726 -125.71 -5.95 -95.02
CA PHE I 726 -126.01 -5.37 -93.71
C PHE I 726 -125.19 -6.06 -92.63
N TYR I 727 -124.62 -5.26 -91.72
CA TYR I 727 -123.81 -5.78 -90.63
C TYR I 727 -124.24 -5.08 -89.34
N TYR I 728 -123.65 -5.51 -88.23
CA TYR I 728 -124.01 -4.95 -86.93
C TYR I 728 -122.75 -4.65 -86.14
N THR I 729 -122.85 -3.67 -85.24
CA THR I 729 -121.78 -3.40 -84.28
C THR I 729 -122.40 -3.07 -82.94
N ASN I 730 -121.69 -3.42 -81.86
CA ASN I 730 -122.09 -3.00 -80.53
C ASN I 730 -121.38 -1.72 -80.12
N MET I 731 -120.23 -1.42 -80.72
CA MET I 731 -119.54 -0.16 -80.49
C MET I 731 -120.41 0.99 -80.98
N LEU I 732 -120.55 2.02 -80.14
CA LEU I 732 -121.35 3.18 -80.51
C LEU I 732 -120.52 4.10 -81.39
N GLU I 733 -120.92 4.26 -82.64
CA GLU I 733 -120.19 5.12 -83.57
C GLU I 733 -120.22 6.57 -83.10
N ALA I 734 -121.25 6.96 -82.37
CA ALA I 734 -121.36 8.26 -81.74
C ALA I 734 -122.16 8.11 -80.46
N PRO I 735 -121.79 8.81 -79.38
CA PRO I 735 -122.55 8.70 -78.15
C PRO I 735 -123.93 9.30 -78.32
N PRO I 736 -124.93 8.76 -77.65
CA PRO I 736 -126.29 9.30 -77.74
C PRO I 736 -126.40 10.59 -76.94
N GLU I 737 -127.62 11.12 -76.86
CA GLU I 737 -127.86 12.33 -76.10
C GLU I 737 -127.79 12.05 -74.60
N ILE I 738 -127.55 13.11 -73.84
CA ILE I 738 -127.10 12.95 -72.46
C ILE I 738 -128.24 12.64 -71.48
N ASP I 739 -129.48 12.97 -71.83
CA ASP I 739 -130.58 12.82 -70.86
C ASP I 739 -130.82 11.36 -70.49
N ARG I 740 -130.74 10.46 -71.47
CA ARG I 740 -130.89 9.04 -71.17
C ARG I 740 -129.64 8.46 -70.51
N VAL I 741 -128.53 9.19 -70.51
CA VAL I 741 -127.28 8.69 -69.95
C VAL I 741 -127.16 9.12 -68.50
N VAL I 742 -126.79 8.17 -67.63
CA VAL I 742 -126.57 8.43 -66.22
C VAL I 742 -125.12 8.15 -65.89
N GLN I 743 -124.53 8.98 -65.03
CA GLN I 743 -123.14 8.82 -64.64
C GLN I 743 -123.01 7.89 -63.45
N TYR I 744 -121.85 7.24 -63.35
CA TYR I 744 -121.60 6.30 -62.28
C TYR I 744 -120.10 6.26 -61.99
N THR I 745 -119.76 6.04 -60.72
CA THR I 745 -118.38 6.15 -60.25
C THR I 745 -117.96 4.88 -59.53
N TYR I 746 -116.67 4.84 -59.18
CA TYR I 746 -116.09 3.69 -58.51
C TYR I 746 -116.61 3.54 -57.08
N GLU I 747 -116.59 4.63 -56.31
CA GLU I 747 -116.91 4.56 -54.89
C GLU I 747 -118.38 4.26 -54.67
N ILE I 748 -119.25 4.89 -55.47
CA ILE I 748 -120.69 4.60 -55.37
C ILE I 748 -120.96 3.16 -55.78
N ALA I 749 -120.22 2.64 -56.76
CA ALA I 749 -120.34 1.24 -57.15
C ALA I 749 -119.98 0.32 -55.99
N ARG I 750 -118.88 0.63 -55.31
CA ARG I 750 -118.47 -0.18 -54.16
C ARG I 750 -119.51 -0.11 -53.05
N LEU I 751 -120.05 1.08 -52.80
CA LEU I 751 -121.06 1.24 -51.76
C LEU I 751 -122.32 0.45 -52.07
N GLN I 752 -122.83 0.56 -53.29
CA GLN I 752 -124.03 -0.18 -53.67
C GLN I 752 -123.78 -1.67 -53.70
N ALA I 753 -122.56 -2.10 -54.03
CA ALA I 753 -122.21 -3.51 -53.92
C ALA I 753 -122.28 -3.97 -52.47
N ASN I 754 -121.79 -3.15 -51.54
CA ASN I 754 -121.85 -3.52 -50.12
C ASN I 754 -123.29 -3.59 -49.63
N MET I 755 -124.14 -2.62 -50.02
CA MET I 755 -125.54 -2.70 -49.63
C MET I 755 -126.28 -3.80 -50.37
N GLY I 756 -125.81 -4.16 -51.56
CA GLY I 756 -126.40 -5.24 -52.32
C GLY I 756 -127.56 -4.85 -53.23
N GLN I 757 -128.01 -3.60 -53.18
CA GLN I 757 -129.03 -3.10 -54.07
C GLN I 757 -128.46 -2.69 -55.42
N PHE I 758 -127.17 -2.93 -55.64
CA PHE I 758 -126.51 -2.53 -56.87
C PHE I 758 -127.15 -3.20 -58.08
N ARG I 759 -127.23 -4.53 -58.06
CA ARG I 759 -127.88 -5.26 -59.15
C ARG I 759 -129.35 -4.90 -59.25
N ALA I 760 -129.99 -4.55 -58.13
CA ALA I 760 -131.35 -4.04 -58.19
C ALA I 760 -131.42 -2.72 -58.95
N ALA I 761 -130.43 -1.86 -58.74
CA ALA I 761 -130.38 -0.61 -59.50
C ALA I 761 -130.19 -0.89 -60.99
N LEU I 762 -129.33 -1.84 -61.34
CA LEU I 762 -129.17 -2.20 -62.74
C LEU I 762 -130.46 -2.76 -63.32
N ARG I 763 -131.18 -3.59 -62.57
CA ARG I 763 -132.44 -4.14 -63.11
C ARG I 763 -133.49 -3.07 -63.29
N ARG I 764 -133.59 -2.14 -62.34
CA ARG I 764 -134.54 -1.03 -62.45
C ARG I 764 -134.23 -0.19 -63.68
N ILE I 765 -132.98 0.24 -63.82
CA ILE I 765 -132.61 1.10 -64.94
C ILE I 765 -132.69 0.34 -66.25
N MET I 766 -132.39 -0.97 -66.22
CA MET I 766 -132.52 -1.85 -67.37
C MET I 766 -133.97 -1.88 -67.86
N ASP I 767 -134.91 -1.95 -66.92
CA ASP I 767 -136.32 -1.86 -67.27
C ASP I 767 -136.67 -0.48 -67.81
N ASP I 768 -136.02 0.57 -67.30
CA ASP I 768 -136.33 1.91 -67.76
C ASP I 768 -135.66 2.28 -69.08
N ASP I 769 -134.76 1.43 -69.58
CA ASP I 769 -134.20 1.47 -70.94
C ASP I 769 -133.25 2.65 -71.20
N ASP I 770 -133.11 3.58 -70.27
CA ASP I 770 -132.17 4.67 -70.48
C ASP I 770 -130.73 4.22 -70.26
N TRP I 771 -129.80 4.90 -70.91
CA TRP I 771 -128.42 4.46 -70.99
C TRP I 771 -127.73 4.59 -69.64
N VAL I 772 -126.64 3.86 -69.44
CA VAL I 772 -125.86 3.90 -68.21
C VAL I 772 -124.39 4.04 -68.60
N ARG I 773 -123.66 4.89 -67.89
CA ARG I 773 -122.23 5.03 -68.10
C ARG I 773 -121.45 4.39 -66.97
N PHE I 774 -120.52 3.51 -67.33
CA PHE I 774 -119.46 3.04 -66.45
C PHE I 774 -118.14 3.52 -67.03
N GLY I 775 -117.52 4.50 -66.37
CA GLY I 775 -116.29 5.07 -66.87
C GLY I 775 -115.36 5.55 -65.79
N GLY I 776 -114.39 6.39 -66.17
CA GLY I 776 -113.40 6.90 -65.25
C GLY I 776 -112.18 6.04 -65.10
N VAL I 777 -112.18 4.83 -65.69
CA VAL I 777 -111.06 3.91 -65.62
C VAL I 777 -110.68 3.52 -67.04
N LEU I 778 -109.39 3.60 -67.36
CA LEU I 778 -108.92 3.17 -68.67
C LEU I 778 -109.09 1.66 -68.82
N ARG I 779 -109.62 1.23 -69.96
CA ARG I 779 -109.80 -0.18 -70.25
C ARG I 779 -109.30 -0.50 -71.64
N THR I 780 -108.79 -1.72 -71.81
CA THR I 780 -108.33 -2.16 -73.12
C THR I 780 -109.49 -2.36 -74.08
N VAL I 781 -109.20 -2.22 -75.36
CA VAL I 781 -110.20 -2.32 -76.43
C VAL I 781 -109.78 -3.44 -77.37
N ARG I 782 -110.64 -4.44 -77.53
CA ARG I 782 -110.37 -5.59 -78.38
C ARG I 782 -111.51 -5.74 -79.38
N VAL I 783 -111.16 -5.84 -80.67
CA VAL I 783 -112.12 -6.05 -81.74
C VAL I 783 -111.63 -7.20 -82.60
N LYS I 784 -112.27 -8.35 -82.47
CA LYS I 784 -112.02 -9.48 -83.35
C LYS I 784 -113.37 -10.04 -83.74
N PHE I 785 -113.47 -10.42 -85.02
CA PHE I 785 -114.75 -10.64 -85.67
C PHE I 785 -115.26 -12.07 -85.45
N TYR I 786 -116.58 -12.22 -85.46
CA TYR I 786 -117.25 -13.51 -85.46
C TYR I 786 -118.31 -13.53 -86.56
N ASP I 787 -118.36 -14.62 -87.33
CA ASP I 787 -119.46 -14.81 -88.26
C ASP I 787 -120.59 -15.64 -87.64
N ALA I 788 -120.23 -16.61 -86.79
CA ALA I 788 -121.21 -17.45 -86.11
C ALA I 788 -121.67 -16.76 -84.83
N ARG I 789 -122.37 -17.49 -83.98
CA ARG I 789 -122.85 -16.91 -82.73
C ARG I 789 -121.69 -16.67 -81.78
N PRO I 790 -121.63 -15.53 -81.12
CA PRO I 790 -120.53 -15.25 -80.19
C PRO I 790 -120.70 -15.99 -78.88
N PRO I 791 -119.64 -16.13 -78.09
CA PRO I 791 -119.82 -16.61 -76.72
C PRO I 791 -120.48 -15.55 -75.85
N ASP I 792 -120.98 -16.00 -74.69
CA ASP I 792 -121.73 -15.11 -73.81
C ASP I 792 -120.86 -13.99 -73.25
N ASP I 793 -119.64 -14.32 -72.80
CA ASP I 793 -118.83 -13.35 -72.07
C ASP I 793 -118.40 -12.17 -72.95
N VAL I 794 -118.10 -12.43 -74.22
CA VAL I 794 -117.74 -11.36 -75.13
C VAL I 794 -118.92 -10.44 -75.39
N LEU I 795 -120.07 -11.02 -75.72
CA LEU I 795 -121.26 -10.23 -76.00
C LEU I 795 -121.82 -9.59 -74.75
N GLN I 796 -121.67 -10.24 -73.60
CA GLN I 796 -122.14 -9.71 -72.32
C GLN I 796 -120.88 -9.38 -71.50
N GLY I 797 -120.34 -8.18 -71.72
CA GLY I 797 -119.17 -7.76 -70.98
C GLY I 797 -119.53 -6.88 -69.81
N LEU I 798 -119.56 -7.46 -68.62
CA LEU I 798 -119.99 -6.73 -67.44
C LEU I 798 -118.79 -6.03 -66.80
N PRO I 799 -118.85 -4.72 -66.57
CA PRO I 799 -117.70 -4.01 -65.98
C PRO I 799 -117.37 -4.49 -64.58
N PHE I 800 -118.35 -4.91 -63.80
CA PHE I 800 -118.07 -5.51 -62.51
C PHE I 800 -117.68 -6.97 -62.70
N SER I 801 -116.58 -7.36 -62.05
CA SER I 801 -116.07 -8.72 -62.15
C SER I 801 -115.91 -9.29 -60.75
N TYR I 802 -116.71 -10.31 -60.44
CA TYR I 802 -116.64 -10.92 -59.12
C TYR I 802 -115.35 -11.73 -58.97
N ASP I 803 -114.70 -11.56 -57.83
CA ASP I 803 -113.42 -12.21 -57.56
C ASP I 803 -113.62 -13.61 -56.99
N THR I 814 -117.26 -9.18 -53.34
CA THR I 814 -116.94 -7.86 -53.86
C THR I 814 -116.91 -7.88 -55.38
N ILE I 815 -116.85 -6.70 -56.00
CA ILE I 815 -116.74 -6.56 -57.44
C ILE I 815 -115.61 -5.59 -57.75
N LYS I 816 -115.03 -5.77 -58.94
CA LYS I 816 -114.06 -4.84 -59.49
C LYS I 816 -114.73 -4.06 -60.60
N TYR I 817 -114.78 -2.74 -60.44
CA TYR I 817 -115.66 -1.90 -61.26
C TYR I 817 -115.23 -1.86 -62.73
N ALA I 818 -113.95 -2.08 -63.00
CA ALA I 818 -113.41 -2.00 -64.35
C ALA I 818 -113.09 -3.40 -64.87
N THR I 819 -113.64 -3.74 -66.03
CA THR I 819 -113.37 -5.02 -66.67
C THR I 819 -113.22 -4.80 -68.17
N GLU I 820 -112.21 -5.44 -68.76
CA GLU I 820 -112.02 -5.38 -70.20
C GLU I 820 -113.10 -6.20 -70.91
N THR I 821 -113.49 -5.72 -72.10
CA THR I 821 -114.52 -6.38 -72.90
C THR I 821 -114.07 -6.36 -74.35
N THR I 822 -114.19 -7.51 -75.01
CA THR I 822 -113.92 -7.58 -76.44
C THR I 822 -115.10 -7.01 -77.21
N ILE I 823 -114.83 -6.06 -78.09
CA ILE I 823 -115.88 -5.34 -78.80
C ILE I 823 -116.23 -6.07 -80.08
N PHE I 824 -117.52 -6.27 -80.31
CA PHE I 824 -118.02 -7.23 -81.29
C PHE I 824 -118.56 -6.55 -82.55
N TYR I 825 -118.30 -7.18 -83.69
CA TYR I 825 -118.92 -6.85 -84.96
C TYR I 825 -119.57 -8.10 -85.51
N LEU I 826 -120.81 -7.98 -85.99
CA LEU I 826 -121.56 -9.08 -86.57
C LEU I 826 -121.56 -8.96 -88.08
N ILE I 827 -121.11 -10.02 -88.76
CA ILE I 827 -121.17 -10.14 -90.21
C ILE I 827 -122.31 -11.09 -90.55
N TYR I 828 -123.14 -10.69 -91.52
CA TYR I 828 -124.31 -11.46 -91.90
C TYR I 828 -124.02 -12.27 -93.15
N ASN I 829 -124.21 -13.59 -93.06
CA ASN I 829 -124.05 -14.51 -94.17
C ASN I 829 -125.29 -15.37 -94.28
N VAL I 830 -125.79 -15.54 -95.51
CA VAL I 830 -127.05 -16.24 -95.75
C VAL I 830 -126.92 -17.07 -97.03
N GLU I 831 -127.72 -18.14 -97.10
CA GLU I 831 -127.74 -19.05 -98.24
C GLU I 831 -129.06 -18.94 -98.99
N PHE I 832 -129.06 -19.44 -100.22
CA PHE I 832 -130.25 -19.37 -101.06
C PHE I 832 -131.36 -20.28 -100.55
N SER I 833 -131.02 -21.46 -100.03
CA SER I 833 -132.02 -22.43 -99.61
C SER I 833 -132.56 -22.14 -98.22
N ASN I 834 -132.18 -21.03 -97.60
CA ASN I 834 -132.74 -20.67 -96.30
C ASN I 834 -134.16 -20.16 -96.47
N THR I 835 -135.04 -20.57 -95.57
CA THR I 835 -136.41 -20.10 -95.57
C THR I 835 -136.44 -18.62 -95.20
N PRO I 836 -137.47 -17.89 -95.65
CA PRO I 836 -137.56 -16.46 -95.29
C PRO I 836 -137.68 -16.22 -93.80
N ASP I 837 -138.12 -17.21 -93.02
CA ASP I 837 -138.18 -17.10 -91.56
C ASP I 837 -137.15 -17.97 -90.87
N SER I 838 -136.02 -18.24 -91.53
CA SER I 838 -134.98 -19.08 -90.93
C SER I 838 -134.36 -18.42 -89.72
N LEU I 839 -134.09 -17.11 -89.79
CA LEU I 839 -133.57 -16.39 -88.64
C LEU I 839 -134.66 -15.96 -87.66
N VAL I 840 -135.93 -16.21 -87.96
CA VAL I 840 -137.01 -15.86 -87.05
C VAL I 840 -136.92 -16.75 -85.82
N LEU I 841 -136.71 -16.13 -84.66
CA LEU I 841 -136.56 -16.82 -83.39
C LEU I 841 -137.62 -16.34 -82.41
N ILE I 842 -138.15 -17.28 -81.63
CA ILE I 842 -139.19 -16.93 -80.67
C ILE I 842 -138.65 -16.02 -79.57
N ASN I 843 -137.42 -16.24 -79.14
CA ASN I 843 -136.79 -15.38 -78.14
C ASN I 843 -135.68 -14.57 -78.80
N PRO I 844 -135.78 -13.24 -78.84
CA PRO I 844 -134.73 -12.44 -79.46
C PRO I 844 -133.48 -12.37 -78.60
N THR I 845 -132.34 -12.45 -79.27
CA THR I 845 -131.06 -12.39 -78.57
C THR I 845 -130.73 -10.95 -78.18
N TYR I 846 -130.14 -10.78 -77.00
CA TYR I 846 -129.90 -9.47 -76.42
C TYR I 846 -128.41 -9.26 -76.17
N THR I 847 -128.01 -7.99 -76.16
CA THR I 847 -126.66 -7.59 -75.80
C THR I 847 -126.71 -6.31 -74.96
N MET I 848 -125.66 -6.09 -74.17
CA MET I 848 -125.65 -4.94 -73.27
C MET I 848 -124.46 -4.01 -73.50
N THR I 849 -123.33 -4.55 -73.93
CA THR I 849 -122.09 -3.77 -73.98
C THR I 849 -122.09 -2.83 -75.16
N LYS I 850 -121.80 -1.54 -74.89
CA LYS I 850 -121.55 -0.56 -75.93
C LYS I 850 -120.33 0.28 -75.53
N VAL I 851 -119.71 0.89 -76.53
CA VAL I 851 -118.45 1.60 -76.34
C VAL I 851 -118.32 2.64 -77.44
N PHE I 852 -117.63 3.73 -77.14
CA PHE I 852 -117.36 4.80 -78.09
C PHE I 852 -115.85 4.97 -78.24
N ILE I 853 -115.39 5.11 -79.48
CA ILE I 853 -113.95 5.13 -79.76
C ILE I 853 -113.49 6.40 -80.47
N ASN I 854 -114.40 7.23 -80.99
CA ASN I 854 -114.08 8.56 -81.52
C ASN I 854 -113.08 8.50 -82.68
N LYS I 855 -113.13 7.42 -83.45
CA LYS I 855 -112.33 7.33 -84.67
C LYS I 855 -112.92 6.24 -85.55
N ARG I 856 -112.82 6.42 -86.86
CA ARG I 856 -113.30 5.43 -87.82
C ARG I 856 -112.27 4.30 -87.90
N ILE I 857 -112.51 3.26 -87.10
CA ILE I 857 -111.65 2.08 -87.15
C ILE I 857 -112.12 1.11 -88.22
N VAL I 858 -113.41 0.77 -88.20
CA VAL I 858 -114.00 -0.16 -89.15
C VAL I 858 -115.13 0.56 -89.88
N GLU I 859 -115.11 0.52 -91.20
CA GLU I 859 -116.15 1.17 -92.00
C GLU I 859 -116.34 0.45 -93.31
N ARG I 860 -117.59 0.24 -93.70
CA ARG I 860 -117.89 -0.30 -95.02
C ARG I 860 -117.71 0.78 -96.07
N VAL I 861 -116.86 0.52 -97.06
CA VAL I 861 -116.57 1.46 -98.12
C VAL I 861 -116.91 0.82 -99.46
N ARG I 862 -117.44 1.63 -100.36
CA ARG I 862 -117.73 1.17 -101.70
C ARG I 862 -116.42 1.03 -102.50
N VAL I 863 -116.51 0.36 -103.65
CA VAL I 863 -115.31 0.08 -104.44
C VAL I 863 -114.64 1.38 -104.87
N GLY I 864 -115.44 2.39 -105.22
CA GLY I 864 -114.89 3.69 -105.57
C GLY I 864 -114.16 4.37 -104.44
N GLN I 865 -114.37 3.92 -103.21
CA GLN I 865 -113.67 4.43 -102.04
C GLN I 865 -112.43 3.63 -101.68
N ILE I 866 -112.09 2.60 -102.46
CA ILE I 866 -111.00 1.69 -102.08
C ILE I 866 -109.69 2.45 -101.95
N LEU I 867 -109.39 3.31 -102.91
CA LEU I 867 -108.20 4.16 -102.84
C LEU I 867 -108.51 5.56 -102.33
N ALA I 868 -109.53 5.70 -101.48
CA ALA I 868 -109.88 7.00 -100.91
C ALA I 868 -109.06 7.34 -99.67
N VAL I 869 -107.89 6.73 -99.48
CA VAL I 869 -107.08 6.93 -98.29
C VAL I 869 -105.73 7.57 -98.60
N LEU I 870 -105.45 7.90 -99.85
CA LEU I 870 -104.12 8.35 -100.26
C LEU I 870 -104.06 9.87 -100.16
N ASN I 871 -103.64 10.34 -98.97
CA ASN I 871 -103.54 11.77 -98.73
C ASN I 871 -102.30 12.15 -97.91
N ARG I 872 -101.25 11.35 -97.94
CA ARG I 872 -100.04 11.60 -97.18
C ARG I 872 -98.83 11.54 -98.10
N ARG I 873 -97.83 12.37 -97.81
CA ARG I 873 -96.67 12.53 -98.67
C ARG I 873 -95.44 11.84 -98.06
N PHE I 874 -94.81 10.97 -98.83
CA PHE I 874 -93.68 10.19 -98.39
C PHE I 874 -92.46 10.52 -99.25
N VAL I 875 -91.29 10.53 -98.62
CA VAL I 875 -90.03 10.89 -99.27
C VAL I 875 -89.10 9.68 -99.23
N ALA I 876 -88.51 9.37 -100.38
CA ALA I 876 -87.53 8.29 -100.47
C ALA I 876 -86.34 8.75 -101.29
N TYR I 877 -85.18 8.22 -100.92
CA TYR I 877 -83.97 8.48 -101.69
C TYR I 877 -83.74 7.37 -102.70
N LYS I 878 -83.01 7.70 -103.76
CA LYS I 878 -82.53 6.69 -104.68
C LYS I 878 -81.46 5.86 -104.00
N GLY I 879 -81.37 4.58 -104.39
CA GLY I 879 -80.41 3.68 -103.77
C GLY I 879 -78.95 4.06 -104.00
N LYS I 880 -78.69 4.98 -104.92
CA LYS I 880 -77.32 5.43 -105.18
C LYS I 880 -76.70 6.15 -103.99
N MET I 881 -77.51 6.75 -103.12
CA MET I 881 -76.97 7.41 -101.95
C MET I 881 -76.53 6.40 -100.91
N ARG I 882 -75.57 6.80 -100.09
CA ARG I 882 -75.09 5.99 -98.99
C ARG I 882 -75.53 6.61 -97.66
N ILE I 883 -76.10 5.79 -96.80
CA ILE I 883 -76.59 6.23 -95.50
C ILE I 883 -75.51 5.90 -94.49
N MET I 884 -74.71 6.90 -94.12
CA MET I 884 -73.62 6.72 -93.18
C MET I 884 -73.78 7.67 -92.00
N ASP I 885 -73.54 7.16 -90.81
CA ASP I 885 -73.56 7.94 -89.58
C ASP I 885 -72.14 8.39 -89.26
N ILE I 886 -71.98 9.68 -88.92
CA ILE I 886 -70.61 10.21 -88.65
C ILE I 886 -70.50 10.53 -87.16
N THR I 887 -71.41 9.96 -86.36
CA THR I 887 -71.42 10.27 -84.93
C THR I 887 -70.13 9.83 -84.26
N GLN I 888 -69.50 8.76 -84.75
CA GLN I 888 -68.38 8.14 -84.07
C GLN I 888 -67.09 8.95 -84.19
N SER I 889 -67.03 9.92 -85.11
CA SER I 889 -65.78 10.59 -85.45
C SER I 889 -65.63 11.97 -84.82
N LEU I 890 -66.14 12.16 -83.60
CA LEU I 890 -66.06 13.47 -82.93
C LEU I 890 -64.88 13.42 -81.96
N LYS I 891 -63.68 13.30 -82.52
CA LYS I 891 -62.46 13.12 -81.75
C LYS I 891 -61.58 14.35 -81.90
N MET I 892 -60.84 14.67 -80.84
CA MET I 892 -60.15 15.95 -80.75
C MET I 892 -59.01 16.11 -81.75
N GLY I 893 -58.59 15.03 -82.42
CA GLY I 893 -57.53 15.12 -83.40
C GLY I 893 -57.94 15.73 -84.72
N THR I 894 -59.20 16.12 -84.87
CA THR I 894 -59.71 16.74 -86.07
C THR I 894 -59.71 18.26 -85.89
N LYS I 895 -58.97 18.97 -86.75
CA LYS I 895 -58.91 20.42 -86.67
C LYS I 895 -59.29 21.00 -88.02
N LEU I 896 -60.05 22.09 -88.00
CA LEU I 896 -60.61 22.64 -89.24
C LEU I 896 -59.55 23.38 -90.04
N ALA I 897 -59.50 23.09 -91.34
CA ALA I 897 -58.65 23.85 -92.25
C ALA I 897 -59.08 25.32 -92.29
N ALA I 898 -60.39 25.56 -92.31
CA ALA I 898 -60.93 26.89 -92.07
C ALA I 898 -61.46 26.94 -90.64
N PRO I 899 -60.76 27.60 -89.72
CA PRO I 899 -61.19 27.56 -88.31
C PRO I 899 -62.51 28.27 -88.08
N THR I 900 -63.18 27.89 -87.00
CA THR I 900 -64.43 28.52 -86.61
C THR I 900 -64.21 30.00 -86.32
N VAL I 901 -65.20 30.82 -86.67
CA VAL I 901 -65.11 32.26 -86.50
C VAL I 901 -65.03 32.65 -85.03
N GLN J 7 -85.29 -13.22 11.20
CA GLN J 7 -86.55 -12.58 11.54
C GLN J 7 -86.37 -11.52 12.62
N ARG J 8 -85.53 -11.82 13.60
CA ARG J 8 -85.20 -10.85 14.63
C ARG J 8 -84.19 -9.86 14.07
N PRO J 9 -84.43 -8.55 14.22
CA PRO J 9 -83.61 -7.55 13.51
C PRO J 9 -82.13 -7.54 13.83
N GLU J 10 -81.70 -7.84 15.06
CA GLU J 10 -80.29 -7.70 15.37
C GLU J 10 -79.44 -8.86 14.87
N ARG J 11 -80.05 -9.97 14.48
CA ARG J 11 -79.27 -11.10 13.99
C ARG J 11 -79.01 -11.05 12.49
N ILE J 12 -79.69 -10.18 11.76
CA ILE J 12 -79.44 -10.04 10.33
C ILE J 12 -78.34 -9.01 10.11
N LYS J 13 -77.41 -9.31 9.21
CA LYS J 13 -76.20 -8.52 9.04
C LYS J 13 -76.02 -8.16 7.57
N THR J 14 -75.65 -6.90 7.32
CA THR J 14 -75.51 -6.40 5.96
C THR J 14 -74.09 -6.01 5.59
N THR J 15 -73.23 -5.71 6.55
CA THR J 15 -71.90 -5.22 6.27
C THR J 15 -70.87 -6.30 6.58
N PRO J 16 -69.98 -6.59 5.65
CA PRO J 16 -68.98 -7.65 5.83
C PRO J 16 -67.82 -7.26 6.75
N TYR J 17 -68.15 -6.75 7.92
CA TYR J 17 -67.16 -6.41 8.94
C TYR J 17 -67.30 -7.24 10.20
N LEU J 18 -68.52 -7.73 10.48
CA LEU J 18 -68.80 -8.49 11.69
C LEU J 18 -68.94 -9.98 11.42
N GLU J 19 -68.52 -10.46 10.26
CA GLU J 19 -68.72 -11.85 9.86
C GLU J 19 -67.38 -12.57 9.77
N GLY J 20 -67.33 -13.79 10.31
CA GLY J 20 -66.13 -14.58 10.29
C GLY J 20 -66.45 -16.03 10.61
N ASP J 21 -65.41 -16.86 10.60
CA ASP J 21 -65.58 -18.28 10.87
C ASP J 21 -65.82 -18.51 12.36
N VAL J 22 -66.64 -19.51 12.65
CA VAL J 22 -67.03 -19.81 14.03
C VAL J 22 -65.88 -20.53 14.72
N LEU J 23 -65.56 -20.10 15.93
CA LEU J 23 -64.48 -20.71 16.69
C LEU J 23 -64.96 -21.92 17.50
N SER J 24 -66.04 -21.76 18.25
CA SER J 24 -66.54 -22.83 19.11
C SER J 24 -68.01 -22.55 19.40
N SER J 25 -68.65 -23.50 20.09
CA SER J 25 -70.04 -23.37 20.50
C SER J 25 -70.17 -23.64 21.99
N ASP J 26 -71.35 -23.37 22.52
CA ASP J 26 -71.57 -23.44 23.96
C ASP J 26 -73.06 -23.53 24.24
N SER J 27 -73.38 -24.09 25.41
CA SER J 27 -74.75 -24.20 25.85
C SER J 27 -74.77 -24.07 27.37
N GLY J 28 -75.99 -24.07 27.92
CA GLY J 28 -76.19 -23.98 29.35
C GLY J 28 -75.53 -25.08 30.15
N PRO J 29 -75.91 -26.34 29.93
CA PRO J 29 -75.42 -27.43 30.79
C PRO J 29 -73.91 -27.58 30.84
N LEU J 30 -73.23 -27.42 29.70
CA LEU J 30 -71.78 -27.57 29.68
C LEU J 30 -71.11 -26.52 30.54
N LEU J 31 -71.55 -25.27 30.42
CA LEU J 31 -71.00 -24.20 31.26
C LEU J 31 -71.35 -24.40 32.73
N SER J 32 -72.54 -24.91 33.02
CA SER J 32 -72.91 -25.15 34.42
C SER J 32 -72.00 -26.21 35.04
N VAL J 33 -71.87 -27.37 34.38
CA VAL J 33 -71.04 -28.42 34.94
C VAL J 33 -69.58 -27.98 34.98
N PHE J 34 -69.15 -27.16 34.03
CA PHE J 34 -67.78 -26.67 34.04
C PHE J 34 -67.53 -25.73 35.22
N ALA J 35 -68.46 -24.81 35.48
CA ALA J 35 -68.29 -23.91 36.61
C ALA J 35 -68.27 -24.67 37.92
N LEU J 36 -69.18 -25.64 38.05
CA LEU J 36 -69.19 -26.46 39.26
C LEU J 36 -67.88 -27.22 39.42
N GLN J 37 -67.37 -27.81 38.33
CA GLN J 37 -66.13 -28.57 38.41
C GLN J 37 -64.95 -27.68 38.73
N GLU J 38 -64.90 -26.47 38.16
CA GLU J 38 -63.73 -25.61 38.41
C GLU J 38 -63.71 -25.14 39.85
N ILE J 39 -64.88 -24.80 40.41
CA ILE J 39 -64.93 -24.42 41.82
C ILE J 39 -64.54 -25.62 42.69
N MET J 40 -65.04 -26.80 42.35
CA MET J 40 -64.80 -27.99 43.14
C MET J 40 -63.32 -28.36 43.13
N GLN J 41 -62.69 -28.29 41.95
CA GLN J 41 -61.26 -28.56 41.84
C GLN J 41 -60.44 -27.51 42.57
N LYS J 42 -60.88 -26.24 42.53
CA LYS J 42 -60.14 -25.20 43.25
C LYS J 42 -60.12 -25.50 44.74
N VAL J 43 -61.29 -25.79 45.32
CA VAL J 43 -61.30 -26.04 46.77
C VAL J 43 -60.59 -27.35 47.09
N ARG J 44 -60.69 -28.36 46.21
CA ARG J 44 -59.99 -29.62 46.44
C ARG J 44 -58.48 -29.43 46.43
N GLN J 45 -57.96 -28.67 45.47
CA GLN J 45 -56.54 -28.39 45.42
C GLN J 45 -56.10 -27.56 46.62
N VAL J 46 -56.95 -26.62 47.03
CA VAL J 46 -56.66 -25.82 48.22
C VAL J 46 -56.48 -26.72 49.44
N GLN J 47 -57.40 -27.68 49.60
CA GLN J 47 -57.30 -28.61 50.71
C GLN J 47 -56.07 -29.51 50.59
N ALA J 48 -55.80 -30.02 49.40
CA ALA J 48 -54.73 -31.01 49.22
C ALA J 48 -53.35 -30.39 49.35
N ASP J 49 -53.19 -29.12 48.98
CA ASP J 49 -51.87 -28.51 49.02
C ASP J 49 -51.44 -28.11 50.42
N TYR J 50 -52.22 -28.41 51.45
CA TYR J 50 -51.90 -27.96 52.79
C TYR J 50 -52.44 -28.95 53.81
N MET J 51 -52.32 -28.61 55.09
CA MET J 51 -52.71 -29.48 56.18
C MET J 51 -54.02 -28.97 56.80
N THR J 52 -55.00 -29.85 56.92
CA THR J 52 -56.32 -29.52 57.43
C THR J 52 -56.78 -30.60 58.41
N ALA J 53 -57.40 -30.16 59.51
CA ALA J 53 -57.98 -31.06 60.51
C ALA J 53 -59.44 -30.66 60.71
N THR J 54 -60.35 -31.37 60.05
CA THR J 54 -61.76 -31.04 60.10
C THR J 54 -62.57 -32.31 59.83
N ARG J 55 -63.88 -32.16 59.82
CA ARG J 55 -64.76 -33.28 59.53
C ARG J 55 -64.59 -33.74 58.09
N GLU J 56 -64.59 -35.06 57.89
CA GLU J 56 -64.41 -35.64 56.57
C GLU J 56 -65.63 -35.37 55.71
N VAL J 57 -65.41 -35.09 54.43
CA VAL J 57 -66.49 -34.88 53.47
C VAL J 57 -65.97 -35.19 52.06
N ASP J 58 -66.79 -35.91 51.30
CA ASP J 58 -66.44 -36.35 49.96
C ASP J 58 -66.93 -35.34 48.93
N PHE J 59 -66.30 -35.34 47.77
CA PHE J 59 -66.57 -34.37 46.71
C PHE J 59 -66.89 -35.13 45.42
N THR J 60 -68.16 -35.10 45.04
CA THR J 60 -68.61 -35.69 43.78
C THR J 60 -69.48 -34.70 43.02
N VAL J 61 -69.18 -34.52 41.75
CA VAL J 61 -69.95 -33.63 40.88
C VAL J 61 -71.26 -34.31 40.49
N PRO J 62 -72.40 -33.66 40.70
CA PRO J 62 -73.68 -34.29 40.34
C PRO J 62 -74.19 -33.87 38.97
N ASP J 63 -75.26 -34.53 38.52
CA ASP J 63 -75.88 -34.22 37.24
C ASP J 63 -77.04 -33.25 37.48
N VAL J 64 -76.89 -32.03 36.98
CA VAL J 64 -77.99 -31.06 37.06
C VAL J 64 -79.12 -31.46 36.11
N GLN J 65 -78.79 -32.13 35.00
CA GLN J 65 -79.81 -32.53 34.05
C GLN J 65 -80.73 -33.59 34.66
N LYS J 66 -80.17 -34.52 35.44
CA LYS J 66 -80.99 -35.49 36.15
C LYS J 66 -81.91 -34.80 37.15
N ILE J 67 -81.42 -33.71 37.76
CA ILE J 67 -82.27 -32.91 38.64
C ILE J 67 -83.42 -32.30 37.86
N LEU J 68 -83.13 -31.75 36.67
CA LEU J 68 -84.21 -31.24 35.83
C LEU J 68 -85.21 -32.33 35.49
N ASP J 69 -84.70 -33.52 35.17
CA ASP J 69 -85.57 -34.62 34.76
C ASP J 69 -86.49 -35.06 35.88
N ASP J 70 -85.95 -35.30 37.09
CA ASP J 70 -86.83 -35.79 38.13
C ASP J 70 -87.68 -34.70 38.76
N ILE J 71 -87.27 -33.43 38.69
CA ILE J 71 -88.18 -32.35 39.05
C ILE J 71 -89.36 -32.29 38.08
N LYS J 72 -89.08 -32.44 36.78
CA LYS J 72 -90.18 -32.50 35.80
C LYS J 72 -91.09 -33.69 36.08
N ALA J 73 -90.50 -34.84 36.44
CA ALA J 73 -91.30 -36.02 36.74
C ALA J 73 -92.16 -35.82 37.98
N LEU J 74 -91.58 -35.26 39.05
CA LEU J 74 -92.32 -34.98 40.25
C LEU J 74 -93.40 -33.93 40.04
N ALA J 75 -93.21 -33.04 39.06
CA ALA J 75 -94.25 -32.09 38.72
C ALA J 75 -95.51 -32.80 38.25
N ALA J 76 -95.35 -33.92 37.55
CA ALA J 76 -96.50 -34.72 37.11
C ALA J 76 -97.09 -35.56 38.23
N GLU J 77 -96.37 -35.71 39.35
CA GLU J 77 -96.86 -36.53 40.45
C GLU J 77 -98.07 -35.85 41.08
N GLN J 78 -99.03 -36.66 41.51
CA GLN J 78 -100.27 -36.18 42.08
C GLN J 78 -100.52 -36.89 43.41
N VAL J 79 -101.12 -36.16 44.35
CA VAL J 79 -101.26 -36.61 45.73
C VAL J 79 -102.70 -36.82 46.14
N TYR J 80 -103.59 -37.02 45.17
CA TYR J 80 -104.99 -37.31 45.43
C TYR J 80 -105.30 -38.74 45.02
N LYS J 81 -106.34 -39.31 45.62
CA LYS J 81 -106.80 -40.65 45.27
C LYS J 81 -108.27 -40.62 44.91
N ILE J 82 -108.64 -41.33 43.85
CA ILE J 82 -110.04 -41.48 43.46
C ILE J 82 -110.40 -42.96 43.61
N VAL J 83 -111.25 -43.24 44.60
CA VAL J 83 -111.75 -44.57 44.88
C VAL J 83 -113.24 -44.46 45.13
N LYS J 84 -114.02 -45.37 44.55
CA LYS J 84 -115.45 -45.38 44.78
C LYS J 84 -115.81 -45.65 46.24
N VAL J 85 -115.04 -46.47 46.93
CA VAL J 85 -115.48 -46.99 48.22
C VAL J 85 -114.78 -46.27 49.37
N PRO J 86 -115.50 -45.55 50.22
CA PRO J 86 -114.92 -45.09 51.48
C PRO J 86 -114.72 -46.27 52.43
N SER J 87 -113.62 -46.21 53.17
CA SER J 87 -113.23 -47.34 54.00
C SER J 87 -114.20 -47.53 55.16
N ILE J 88 -114.08 -48.67 55.83
CA ILE J 88 -114.96 -49.02 56.94
C ILE J 88 -114.60 -48.17 58.14
N SER J 89 -115.51 -47.29 58.55
CA SER J 89 -115.21 -46.39 59.66
C SER J 89 -115.17 -47.13 60.98
N PHE J 90 -116.14 -47.99 61.24
CA PHE J 90 -116.27 -48.63 62.54
C PHE J 90 -116.51 -50.13 62.37
N ARG J 91 -116.16 -50.88 63.42
CA ARG J 91 -116.27 -52.33 63.43
C ARG J 91 -117.15 -52.76 64.59
N HIS J 92 -117.96 -53.78 64.35
CA HIS J 92 -118.84 -54.37 65.35
C HIS J 92 -118.33 -55.75 65.75
N ILE J 93 -118.54 -56.10 67.01
CA ILE J 93 -118.19 -57.42 67.53
C ILE J 93 -119.35 -57.94 68.35
N VAL J 94 -119.69 -59.22 68.17
CA VAL J 94 -120.85 -59.82 68.80
C VAL J 94 -120.37 -60.73 69.94
N MET J 95 -120.82 -60.43 71.15
CA MET J 95 -120.61 -61.27 72.32
C MET J 95 -121.76 -62.26 72.44
N GLN J 96 -121.86 -62.93 73.60
CA GLN J 96 -122.92 -63.92 73.80
C GLN J 96 -124.31 -63.29 73.85
N SER J 97 -124.41 -61.98 73.99
CA SER J 97 -125.70 -61.30 73.90
C SER J 97 -125.96 -60.92 72.45
N ARG J 98 -127.10 -61.37 71.91
CA ARG J 98 -127.47 -61.04 70.55
C ARG J 98 -128.23 -59.72 70.45
N ASP J 99 -128.42 -59.02 71.57
CA ASP J 99 -129.11 -57.73 71.57
C ASP J 99 -128.14 -56.55 71.69
N ARG J 100 -127.08 -56.71 72.47
CA ARG J 100 -126.10 -55.66 72.72
C ARG J 100 -124.76 -56.07 72.11
N VAL J 101 -124.16 -55.16 71.35
CA VAL J 101 -122.95 -55.49 70.60
C VAL J 101 -121.88 -54.43 70.82
N LEU J 102 -120.63 -54.85 70.63
CA LEU J 102 -119.46 -54.01 70.82
C LEU J 102 -119.20 -53.18 69.56
N ARG J 103 -118.79 -51.93 69.75
CA ARG J 103 -118.32 -51.09 68.66
C ARG J 103 -116.92 -50.60 68.97
N VAL J 104 -116.03 -50.76 67.99
CA VAL J 104 -114.66 -50.25 68.01
C VAL J 104 -114.50 -49.37 66.78
N ASP J 105 -113.66 -48.35 66.88
CA ASP J 105 -113.30 -47.55 65.72
C ASP J 105 -112.08 -48.16 65.07
N THR J 106 -112.20 -48.49 63.77
CA THR J 106 -111.08 -49.06 63.04
C THR J 106 -109.96 -48.04 62.87
N TYR J 107 -110.31 -46.76 62.77
CA TYR J 107 -109.32 -45.72 62.55
C TYR J 107 -108.34 -45.63 63.71
N TYR J 108 -108.83 -45.79 64.95
CA TYR J 108 -107.94 -45.74 66.11
C TYR J 108 -106.95 -46.90 66.09
N GLU J 109 -107.41 -48.10 65.71
CA GLU J 109 -106.50 -49.24 65.61
C GLU J 109 -105.47 -49.02 64.50
N GLU J 110 -105.91 -48.44 63.37
CA GLU J 110 -104.97 -48.15 62.30
C GLU J 110 -103.91 -47.15 62.75
N MET J 111 -104.32 -46.15 63.52
CA MET J 111 -103.34 -45.24 64.13
C MET J 111 -102.42 -45.98 65.09
N SER J 112 -102.96 -46.95 65.83
CA SER J 112 -102.13 -47.72 66.76
C SER J 112 -101.04 -48.47 66.01
N GLN J 113 -101.37 -49.04 64.86
CA GLN J 113 -100.35 -49.76 64.09
C GLN J 113 -99.37 -48.80 63.41
N VAL J 114 -99.85 -47.66 62.89
CA VAL J 114 -98.96 -46.72 62.23
C VAL J 114 -97.99 -46.13 63.26
N GLY J 115 -96.71 -46.15 62.92
CA GLY J 115 -95.68 -45.74 63.84
C GLY J 115 -95.16 -46.92 64.65
N ASP J 116 -94.23 -46.62 65.54
CA ASP J 116 -93.59 -47.61 66.38
C ASP J 116 -93.58 -47.14 67.83
N VAL J 117 -92.96 -47.93 68.69
CA VAL J 117 -93.04 -47.71 70.13
C VAL J 117 -92.19 -46.51 70.53
N ILE J 118 -92.70 -45.71 71.45
CA ILE J 118 -91.99 -44.56 71.98
C ILE J 118 -90.86 -45.00 72.90
N THR J 119 -89.72 -44.32 72.78
CA THR J 119 -88.59 -44.49 73.68
C THR J 119 -87.99 -43.12 73.94
N GLU J 120 -87.85 -42.77 75.22
CA GLU J 120 -87.39 -41.43 75.58
C GLU J 120 -85.95 -41.19 75.14
N ASP J 121 -85.16 -42.25 75.01
CA ASP J 121 -83.76 -42.08 74.65
C ASP J 121 -83.57 -41.65 73.20
N GLU J 122 -84.56 -41.85 72.33
CA GLU J 122 -84.42 -41.60 70.90
C GLU J 122 -85.32 -40.45 70.46
N PRO J 123 -84.77 -39.24 70.29
CA PRO J 123 -85.60 -38.12 69.83
C PRO J 123 -85.96 -38.20 68.35
N GLU J 124 -84.97 -38.49 67.50
CA GLU J 124 -85.22 -38.50 66.06
C GLU J 124 -86.17 -39.63 65.67
N LYS J 125 -86.14 -40.74 66.39
CA LYS J 125 -87.12 -41.80 66.18
C LYS J 125 -88.51 -41.27 66.52
N PHE J 126 -88.63 -40.50 67.59
CA PHE J 126 -89.92 -39.90 67.94
C PHE J 126 -90.42 -38.97 66.85
N TYR J 127 -89.53 -38.11 66.32
CA TYR J 127 -89.93 -37.21 65.24
C TYR J 127 -90.33 -37.99 63.99
N SER J 128 -89.58 -39.03 63.65
CA SER J 128 -89.89 -39.82 62.45
C SER J 128 -91.23 -40.53 62.61
N THR J 129 -91.49 -41.07 63.80
CA THR J 129 -92.78 -41.72 64.04
C THR J 129 -93.91 -40.71 63.93
N ILE J 130 -93.69 -39.50 64.44
CA ILE J 130 -94.70 -38.45 64.35
C ILE J 130 -95.00 -38.12 62.89
N ILE J 131 -93.96 -37.96 62.08
CA ILE J 131 -94.20 -37.57 60.70
C ILE J 131 -94.81 -38.71 59.90
N LYS J 132 -94.47 -39.97 60.22
CA LYS J 132 -95.17 -41.09 59.58
C LYS J 132 -96.66 -41.08 59.92
N LYS J 133 -97.00 -40.82 61.19
CA LYS J 133 -98.40 -40.76 61.56
C LYS J 133 -99.12 -39.62 60.83
N VAL J 134 -98.46 -38.46 60.71
CA VAL J 134 -99.05 -37.33 59.99
C VAL J 134 -99.27 -37.68 58.53
N ARG J 135 -98.30 -38.34 57.91
CA ARG J 135 -98.44 -38.72 56.51
C ARG J 135 -99.57 -39.73 56.32
N PHE J 136 -99.74 -40.65 57.28
CA PHE J 136 -100.86 -41.57 57.17
C PHE J 136 -102.19 -40.84 57.33
N ILE J 137 -102.25 -39.84 58.22
CA ILE J 137 -103.48 -39.08 58.39
C ILE J 137 -103.83 -38.37 57.09
N ARG J 138 -102.84 -37.72 56.46
CA ARG J 138 -103.13 -37.01 55.22
C ARG J 138 -103.45 -37.96 54.09
N GLY J 139 -102.84 -39.15 54.08
CA GLY J 139 -103.15 -40.13 53.05
C GLY J 139 -104.56 -40.69 53.18
N LYS J 140 -104.98 -40.97 54.41
CA LYS J 140 -106.34 -41.48 54.63
C LYS J 140 -107.38 -40.38 54.58
N GLY J 141 -106.96 -39.11 54.59
CA GLY J 141 -107.91 -38.03 54.47
C GLY J 141 -108.16 -37.58 53.05
N SER J 142 -107.28 -37.93 52.12
CA SER J 142 -107.31 -37.41 50.76
C SER J 142 -107.92 -38.45 49.82
N PHE J 143 -109.20 -38.29 49.51
CA PHE J 143 -109.87 -39.17 48.57
C PHE J 143 -111.13 -38.48 48.07
N ILE J 144 -111.53 -38.86 46.84
CA ILE J 144 -112.72 -38.32 46.19
C ILE J 144 -113.60 -39.48 45.76
N LEU J 145 -114.89 -39.38 46.05
CA LEU J 145 -115.85 -40.43 45.71
C LEU J 145 -116.46 -40.16 44.34
N HIS J 146 -116.62 -41.22 43.56
CA HIS J 146 -117.13 -41.13 42.20
C HIS J 146 -117.82 -42.43 41.82
N ASP J 147 -118.84 -42.32 40.96
CA ASP J 147 -119.53 -43.54 40.44
C ASP J 147 -120.03 -44.43 41.57
N ILE J 148 -121.07 -44.01 42.27
CA ILE J 148 -121.68 -44.88 43.32
C ILE J 148 -122.96 -45.46 42.74
N PRO J 149 -123.08 -46.80 42.57
CA PRO J 149 -124.25 -47.42 41.95
C PRO J 149 -125.52 -47.18 42.79
N THR J 150 -126.68 -47.24 42.15
CA THR J 150 -127.93 -47.06 42.88
C THR J 150 -128.71 -48.37 42.85
N ARG J 151 -129.78 -48.40 43.64
CA ARG J 151 -130.69 -49.54 43.60
C ARG J 151 -132.10 -49.01 43.71
N ASP J 152 -133.03 -49.71 43.05
CA ASP J 152 -134.42 -49.30 42.99
C ASP J 152 -135.27 -50.20 43.89
N HIS J 153 -135.96 -49.59 44.85
CA HIS J 153 -136.81 -50.29 45.80
C HIS J 153 -138.13 -49.55 45.88
N ARG J 154 -139.20 -50.20 45.38
CA ARG J 154 -140.53 -49.61 45.33
C ARG J 154 -140.52 -48.28 44.59
N GLY J 155 -139.69 -48.18 43.55
CA GLY J 155 -139.57 -46.97 42.78
C GLY J 155 -138.70 -45.89 43.40
N MET J 156 -138.11 -46.15 44.56
CA MET J 156 -137.26 -45.18 45.24
C MET J 156 -135.79 -45.58 45.10
N GLU J 157 -134.91 -44.59 45.19
CA GLU J 157 -133.49 -44.82 44.97
C GLU J 157 -132.77 -44.98 46.31
N VAL J 158 -132.01 -46.07 46.45
CA VAL J 158 -131.27 -46.37 47.66
C VAL J 158 -129.82 -46.65 47.32
N ALA J 159 -128.95 -46.51 48.32
CA ALA J 159 -127.54 -46.80 48.20
C ALA J 159 -127.22 -48.14 48.82
N GLU J 160 -126.18 -48.79 48.30
CA GLU J 160 -125.80 -50.11 48.78
C GLU J 160 -125.06 -49.99 50.11
N PRO J 161 -125.19 -50.99 50.99
CA PRO J 161 -124.51 -50.91 52.29
C PRO J 161 -123.00 -50.99 52.20
N GLU J 162 -122.46 -51.42 51.05
CA GLU J 162 -121.02 -51.49 50.89
C GLU J 162 -120.40 -50.10 50.77
N VAL J 163 -121.16 -49.13 50.23
CA VAL J 163 -120.61 -47.79 50.05
C VAL J 163 -120.89 -46.90 51.26
N LEU J 164 -121.81 -47.30 52.15
CA LEU J 164 -122.08 -46.52 53.35
C LEU J 164 -120.89 -46.44 54.28
N GLY J 165 -119.92 -47.33 54.13
CA GLY J 165 -118.74 -47.29 54.98
C GLY J 165 -118.87 -48.06 56.26
N VAL J 166 -119.96 -48.81 56.44
CA VAL J 166 -120.11 -49.72 57.57
C VAL J 166 -120.65 -51.04 57.04
N GLU J 167 -120.14 -52.14 57.59
CA GLU J 167 -120.52 -53.48 57.17
C GLU J 167 -121.24 -54.18 58.32
N PHE J 168 -122.35 -54.88 58.01
CA PHE J 168 -123.07 -55.61 59.03
C PHE J 168 -123.65 -56.94 58.54
N LYS J 169 -122.98 -57.63 57.62
CA LYS J 169 -123.55 -58.85 57.05
C LYS J 169 -123.62 -59.98 58.06
N ASN J 170 -122.61 -60.12 58.93
CA ASN J 170 -122.64 -61.15 59.95
C ASN J 170 -123.62 -60.84 61.07
N VAL J 171 -124.21 -59.64 61.08
CA VAL J 171 -125.17 -59.29 62.11
C VAL J 171 -126.51 -59.98 61.86
N LEU J 172 -126.84 -60.22 60.59
CA LEU J 172 -128.15 -60.78 60.24
C LEU J 172 -128.45 -62.14 60.89
N PRO J 173 -127.55 -63.13 60.92
CA PRO J 173 -127.92 -64.42 61.54
C PRO J 173 -128.27 -64.31 63.02
N VAL J 174 -127.63 -63.41 63.77
CA VAL J 174 -127.85 -63.37 65.22
C VAL J 174 -129.03 -62.50 65.61
N LEU J 175 -129.87 -62.11 64.68
CA LEU J 175 -131.09 -61.36 65.00
C LEU J 175 -132.34 -62.13 64.57
N THR J 176 -133.45 -61.85 65.26
CA THR J 176 -134.73 -62.49 64.98
C THR J 176 -135.46 -61.75 63.84
N ALA J 177 -136.68 -62.21 63.56
CA ALA J 177 -137.40 -61.73 62.38
C ALA J 177 -137.79 -60.26 62.52
N GLU J 178 -138.36 -59.89 63.66
CA GLU J 178 -138.79 -58.51 63.86
C GLU J 178 -137.60 -57.55 63.86
N HIS J 179 -136.50 -57.95 64.51
CA HIS J 179 -135.34 -57.06 64.59
C HIS J 179 -134.63 -56.95 63.26
N ARG J 180 -134.44 -58.06 62.56
CA ARG J 180 -133.83 -57.97 61.23
C ARG J 180 -134.74 -57.19 60.29
N ALA J 181 -136.06 -57.29 60.46
CA ALA J 181 -136.99 -56.51 59.65
C ALA J 181 -136.81 -55.02 59.91
N MET J 182 -136.64 -54.64 61.17
CA MET J 182 -136.28 -53.26 61.49
C MET J 182 -134.98 -52.86 60.80
N ILE J 183 -134.04 -53.79 60.69
CA ILE J 183 -132.76 -53.46 60.08
C ILE J 183 -132.91 -53.23 58.57
N GLN J 184 -133.69 -54.07 57.88
CA GLN J 184 -133.90 -53.76 56.46
C GLN J 184 -134.78 -52.52 56.29
N ASN J 185 -135.63 -52.21 57.28
CA ASN J 185 -136.31 -50.92 57.26
C ASN J 185 -135.33 -49.77 57.36
N ALA J 186 -134.27 -49.94 58.16
CA ALA J 186 -133.21 -48.94 58.21
C ALA J 186 -132.48 -48.84 56.88
N LEU J 187 -132.23 -49.97 56.24
CA LEU J 187 -131.59 -49.96 54.91
C LEU J 187 -132.46 -49.21 53.90
N ASP J 188 -133.77 -49.47 53.91
CA ASP J 188 -134.68 -48.71 53.07
C ASP J 188 -134.72 -47.24 53.47
N GLY J 189 -134.44 -46.93 54.74
CA GLY J 189 -134.31 -45.55 55.15
C GLY J 189 -133.00 -44.93 54.69
N SER J 190 -131.99 -45.75 54.45
CA SER J 190 -130.72 -45.26 53.92
C SER J 190 -130.89 -44.98 52.44
N ILE J 191 -131.28 -43.75 52.10
CA ILE J 191 -131.55 -43.38 50.72
C ILE J 191 -130.55 -42.32 50.30
N ILE J 192 -130.52 -42.07 49.00
CA ILE J 192 -129.68 -41.03 48.42
C ILE J 192 -130.51 -39.77 48.22
N GLU J 193 -130.01 -38.65 48.72
CA GLU J 193 -130.77 -37.41 48.68
C GLU J 193 -130.84 -36.87 47.26
N ASN J 194 -131.79 -35.96 47.04
CA ASN J 194 -132.12 -35.39 45.71
C ASN J 194 -132.18 -36.46 44.63
N GLY J 195 -132.78 -37.61 44.98
CA GLY J 195 -132.80 -38.75 44.08
C GLY J 195 -133.87 -38.69 43.00
N ASN J 196 -134.66 -37.63 42.98
CA ASN J 196 -135.71 -37.52 41.97
C ASN J 196 -135.35 -36.61 40.82
N VAL J 197 -134.12 -36.09 40.77
CA VAL J 197 -133.73 -35.18 39.69
C VAL J 197 -133.42 -35.99 38.44
N ALA J 198 -134.11 -35.65 37.33
CA ALA J 198 -133.95 -36.41 36.09
C ALA J 198 -132.55 -36.20 35.49
N THR J 199 -132.05 -34.98 35.52
CA THR J 199 -130.72 -34.66 35.01
C THR J 199 -129.75 -34.44 36.17
N ARG J 200 -129.86 -35.30 37.18
CA ARG J 200 -129.01 -35.21 38.36
C ARG J 200 -127.54 -35.43 38.01
N ASP J 201 -126.67 -34.68 38.69
CA ASP J 201 -125.23 -34.82 38.51
C ASP J 201 -124.48 -35.18 39.78
N VAL J 202 -125.08 -35.00 40.95
CA VAL J 202 -124.40 -35.20 42.21
C VAL J 202 -125.14 -36.26 43.03
N ASP J 203 -124.37 -37.04 43.78
CA ASP J 203 -124.92 -37.95 44.77
C ASP J 203 -124.44 -37.49 46.15
N VAL J 204 -125.36 -36.97 46.94
CA VAL J 204 -125.08 -36.50 48.30
C VAL J 204 -125.71 -37.48 49.27
N PHE J 205 -124.92 -38.02 50.19
CA PHE J 205 -125.38 -39.13 50.99
C PHE J 205 -124.95 -38.97 52.43
N ILE J 206 -125.80 -39.41 53.35
CA ILE J 206 -125.57 -39.27 54.78
C ILE J 206 -125.07 -40.61 55.33
N GLY J 207 -123.94 -40.56 56.05
CA GLY J 207 -123.37 -41.75 56.64
C GLY J 207 -122.25 -41.39 57.60
N ALA J 208 -121.57 -42.42 58.09
CA ALA J 208 -120.51 -42.25 59.07
C ALA J 208 -119.15 -42.13 58.41
N CYS J 209 -118.24 -41.44 59.10
CA CYS J 209 -116.88 -41.27 58.63
C CYS J 209 -115.99 -40.93 59.82
N SER J 210 -114.68 -41.18 59.65
CA SER J 210 -113.71 -40.78 60.66
C SER J 210 -113.55 -39.27 60.66
N GLU J 211 -113.55 -38.69 61.87
CA GLU J 211 -113.62 -37.23 61.98
C GLU J 211 -112.42 -36.52 61.35
N PRO J 212 -111.17 -36.92 61.56
CA PRO J 212 -110.09 -36.28 60.77
C PRO J 212 -110.21 -36.55 59.28
N VAL J 213 -110.55 -37.79 58.91
CA VAL J 213 -110.72 -38.15 57.51
C VAL J 213 -111.85 -37.35 56.89
N TYR J 214 -112.98 -37.25 57.60
CA TYR J 214 -114.10 -36.46 57.08
C TYR J 214 -113.77 -34.98 57.02
N ARG J 215 -112.98 -34.47 57.98
CA ARG J 215 -112.56 -33.08 57.94
C ARG J 215 -111.71 -32.80 56.70
N ILE J 216 -110.77 -33.70 56.40
CA ILE J 216 -109.93 -33.51 55.23
C ILE J 216 -110.76 -33.67 53.96
N TYR J 217 -111.76 -34.55 53.97
CA TYR J 217 -112.65 -34.68 52.83
C TYR J 217 -113.46 -33.41 52.60
N ASN J 218 -113.96 -32.81 53.67
CA ASN J 218 -114.71 -31.56 53.55
C ASN J 218 -113.83 -30.45 53.01
N ARG J 219 -112.58 -30.37 53.49
CA ARG J 219 -111.68 -29.37 52.95
C ARG J 219 -111.33 -29.65 51.50
N LEU J 220 -111.26 -30.92 51.11
CA LEU J 220 -110.99 -31.27 49.72
C LEU J 220 -112.12 -30.81 48.82
N GLN J 221 -113.36 -31.06 49.21
CA GLN J 221 -114.47 -30.62 48.37
C GLN J 221 -114.61 -29.10 48.38
N GLY J 222 -114.27 -28.45 49.50
CA GLY J 222 -114.19 -26.99 49.49
C GLY J 222 -113.12 -26.49 48.53
N TYR J 223 -111.99 -27.19 48.45
CA TYR J 223 -110.95 -26.83 47.50
C TYR J 223 -111.43 -27.02 46.06
N ILE J 224 -112.20 -28.08 45.81
CA ILE J 224 -112.78 -28.29 44.49
C ILE J 224 -113.71 -27.14 44.12
N GLU J 225 -114.56 -26.74 45.07
CA GLU J 225 -115.52 -25.68 44.77
C GLU J 225 -114.85 -24.31 44.64
N ALA J 226 -113.75 -24.09 45.36
CA ALA J 226 -113.17 -22.76 45.43
C ALA J 226 -112.39 -22.41 44.16
N VAL J 227 -111.36 -23.20 43.84
CA VAL J 227 -110.47 -22.86 42.73
C VAL J 227 -111.17 -23.09 41.41
N GLN J 228 -111.11 -22.11 40.52
CA GLN J 228 -111.80 -22.18 39.24
C GLN J 228 -110.99 -21.40 38.20
N LEU J 229 -111.66 -21.06 37.09
CA LEU J 229 -110.97 -20.61 35.89
C LEU J 229 -110.31 -19.26 36.02
N GLN J 230 -110.80 -18.39 36.93
CA GLN J 230 -110.22 -17.05 37.03
C GLN J 230 -108.78 -17.09 37.52
N GLU J 231 -108.45 -18.04 38.40
CA GLU J 231 -107.06 -18.18 38.82
C GLU J 231 -106.17 -18.63 37.66
N LEU J 232 -106.68 -19.53 36.82
CA LEU J 232 -105.98 -19.86 35.58
C LEU J 232 -105.80 -18.63 34.70
N ARG J 233 -106.81 -17.77 34.65
CA ARG J 233 -106.72 -16.54 33.86
C ARG J 233 -105.61 -15.64 34.38
N ASN J 234 -105.55 -15.46 35.70
CA ASN J 234 -104.50 -14.64 36.29
C ASN J 234 -103.12 -15.25 36.05
N SER J 235 -103.03 -16.57 36.19
CA SER J 235 -101.77 -17.27 35.97
C SER J 235 -101.28 -17.10 34.53
N ILE J 236 -102.20 -17.27 33.57
CA ILE J 236 -101.80 -17.17 32.18
C ILE J 236 -101.55 -15.71 31.82
N GLY J 237 -102.18 -14.77 32.52
CA GLY J 237 -101.85 -13.37 32.32
C GLY J 237 -100.44 -13.03 32.79
N TRP J 238 -100.04 -13.59 33.93
CA TRP J 238 -98.65 -13.42 34.34
C TRP J 238 -97.69 -14.09 33.37
N LEU J 239 -98.08 -15.24 32.82
CA LEU J 239 -97.26 -15.88 31.80
C LEU J 239 -97.13 -14.99 30.57
N GLU J 240 -98.23 -14.33 30.19
CA GLU J 240 -98.18 -13.35 29.10
C GLU J 240 -97.24 -12.21 29.42
N ARG J 241 -97.26 -11.73 30.66
CA ARG J 241 -96.38 -10.63 31.04
C ARG J 241 -94.91 -11.04 30.98
N LEU J 242 -94.59 -12.26 31.44
CA LEU J 242 -93.24 -12.77 31.26
C LEU J 242 -92.86 -12.88 29.79
N GLY J 243 -93.79 -13.32 28.95
CA GLY J 243 -93.51 -13.39 27.53
C GLY J 243 -93.26 -12.02 26.92
N HIS J 244 -94.03 -11.03 27.34
CA HIS J 244 -93.81 -9.66 26.88
C HIS J 244 -92.45 -9.15 27.32
N ARG J 245 -92.03 -9.48 28.54
CA ARG J 245 -90.68 -9.15 28.98
C ARG J 245 -89.64 -9.82 28.11
N LYS J 246 -89.82 -11.11 27.82
CA LYS J 246 -88.79 -11.84 27.11
C LYS J 246 -88.98 -11.77 25.59
N ARG J 247 -90.16 -11.37 25.12
CA ARG J 247 -90.46 -11.12 23.71
C ARG J 247 -90.31 -12.40 22.87
N ILE J 248 -91.14 -13.38 23.21
CA ILE J 248 -91.25 -14.59 22.42
C ILE J 248 -92.19 -14.31 21.25
N THR J 249 -92.16 -15.20 20.26
CA THR J 249 -93.23 -15.24 19.27
C THR J 249 -94.47 -15.89 19.88
N TYR J 250 -95.63 -15.56 19.35
CA TYR J 250 -96.86 -16.18 19.80
C TYR J 250 -97.47 -17.05 18.71
N SER J 251 -98.09 -18.15 19.14
CA SER J 251 -98.90 -18.95 18.24
C SER J 251 -100.15 -18.19 17.86
N GLN J 252 -100.57 -18.33 16.60
CA GLN J 252 -101.83 -17.74 16.16
C GLN J 252 -103.02 -18.40 16.85
N GLU J 253 -102.80 -19.56 17.47
CA GLU J 253 -103.80 -20.20 18.30
C GLU J 253 -104.20 -19.29 19.47
N VAL J 254 -105.50 -19.27 19.77
CA VAL J 254 -106.04 -18.46 20.86
C VAL J 254 -106.73 -19.37 21.87
N LEU J 255 -106.53 -19.05 23.15
CA LEU J 255 -107.17 -19.79 24.24
C LEU J 255 -108.51 -19.11 24.54
N THR J 256 -109.60 -19.83 24.30
CA THR J 256 -110.94 -19.30 24.50
C THR J 256 -111.54 -19.88 25.77
N ASP J 257 -112.00 -18.99 26.66
CA ASP J 257 -112.51 -19.40 27.96
C ASP J 257 -113.89 -20.04 27.84
N PHE J 258 -113.90 -21.25 27.29
CA PHE J 258 -115.11 -22.05 27.19
C PHE J 258 -114.95 -23.28 28.06
N ARG J 259 -115.94 -23.52 28.92
CA ARG J 259 -115.96 -24.69 29.79
C ARG J 259 -116.91 -25.71 29.19
N ARG J 260 -116.40 -26.92 28.95
CA ARG J 260 -117.28 -28.01 28.56
C ARG J 260 -118.11 -28.44 29.76
N GLN J 261 -119.35 -28.86 29.49
CA GLN J 261 -120.30 -29.18 30.54
C GLN J 261 -119.94 -30.44 31.32
N ASP J 262 -118.96 -31.20 30.88
CA ASP J 262 -118.56 -32.45 31.53
C ASP J 262 -117.06 -32.49 31.78
N THR J 263 -116.49 -31.44 32.39
CA THR J 263 -115.09 -31.42 32.77
C THR J 263 -114.93 -31.02 34.23
N ILE J 264 -113.83 -31.46 34.85
CA ILE J 264 -113.47 -31.08 36.21
C ILE J 264 -112.08 -30.47 36.16
N TRP J 265 -111.95 -29.25 36.66
CA TRP J 265 -110.71 -28.49 36.56
C TRP J 265 -110.05 -28.46 37.93
N VAL J 266 -108.89 -29.11 38.05
CA VAL J 266 -108.19 -29.23 39.33
C VAL J 266 -106.74 -28.81 39.13
N LEU J 267 -106.25 -28.00 40.05
CA LEU J 267 -104.89 -27.45 39.99
C LEU J 267 -104.30 -27.47 41.39
N ALA J 268 -103.04 -27.88 41.50
CA ALA J 268 -102.36 -27.98 42.78
C ALA J 268 -101.32 -26.89 42.98
N LEU J 269 -101.24 -25.92 42.08
CA LEU J 269 -100.22 -24.88 42.14
C LEU J 269 -100.86 -23.51 41.98
N GLN J 270 -100.21 -22.52 42.59
CA GLN J 270 -100.53 -21.11 42.39
C GLN J 270 -99.34 -20.47 41.67
N LEU J 271 -99.57 -20.02 40.44
CA LEU J 271 -98.50 -19.64 39.54
C LEU J 271 -97.75 -18.36 39.94
N PRO J 272 -98.38 -17.36 40.56
CA PRO J 272 -97.59 -16.32 41.23
C PRO J 272 -96.69 -16.92 42.30
N VAL J 273 -95.50 -16.37 42.43
CA VAL J 273 -94.44 -16.95 43.24
C VAL J 273 -93.86 -15.88 44.16
N ASN J 274 -93.32 -16.31 45.30
CA ASN J 274 -92.64 -15.42 46.24
C ASN J 274 -91.14 -15.70 46.19
N PRO J 275 -90.33 -14.78 45.67
CA PRO J 275 -88.87 -15.05 45.57
C PRO J 275 -88.17 -15.16 46.91
N GLN J 276 -88.71 -14.53 47.96
CA GLN J 276 -88.02 -14.56 49.24
C GLN J 276 -88.04 -15.96 49.84
N VAL J 277 -89.06 -16.75 49.55
CA VAL J 277 -89.06 -18.16 49.93
C VAL J 277 -87.88 -18.88 49.32
N VAL J 278 -87.56 -18.54 48.07
CA VAL J 278 -86.39 -19.12 47.41
C VAL J 278 -85.11 -18.65 48.09
N TRP J 279 -84.99 -17.34 48.32
CA TRP J 279 -83.72 -16.76 48.77
C TRP J 279 -83.51 -16.82 50.27
N ASP J 280 -84.45 -17.35 51.04
CA ASP J 280 -84.26 -17.47 52.48
C ASP J 280 -83.54 -18.75 52.89
N VAL J 281 -83.25 -19.62 51.93
CA VAL J 281 -82.60 -20.90 52.24
C VAL J 281 -81.16 -20.66 52.68
N PRO J 282 -80.71 -21.24 53.79
CA PRO J 282 -79.34 -20.96 54.26
C PRO J 282 -78.29 -21.56 53.34
N ARG J 283 -77.27 -20.75 53.05
CA ARG J 283 -76.12 -21.13 52.23
C ARG J 283 -76.57 -21.76 50.92
N SER J 284 -77.29 -20.97 50.13
CA SER J 284 -77.94 -21.47 48.93
C SER J 284 -77.75 -20.59 47.71
N SER J 285 -77.01 -19.48 47.82
CA SER J 285 -76.83 -18.59 46.68
C SER J 285 -76.15 -19.32 45.52
N ILE J 286 -75.08 -20.06 45.82
CA ILE J 286 -74.32 -20.76 44.77
C ILE J 286 -75.20 -21.75 44.03
N ALA J 287 -76.12 -22.41 44.74
CA ALA J 287 -77.07 -23.28 44.06
C ALA J 287 -77.94 -22.49 43.09
N ASN J 288 -78.40 -21.32 43.52
CA ASN J 288 -79.23 -20.49 42.66
C ASN J 288 -78.49 -20.06 41.41
N LEU J 289 -77.23 -19.60 41.57
CA LEU J 289 -76.45 -19.21 40.40
C LEU J 289 -76.20 -20.38 39.46
N ILE J 290 -75.81 -21.54 39.99
CA ILE J 290 -75.46 -22.64 39.09
C ILE J 290 -76.68 -23.16 38.36
N MET J 291 -77.83 -23.21 39.04
CA MET J 291 -79.00 -23.68 38.32
C MET J 291 -79.56 -22.58 37.42
N ASN J 292 -79.28 -21.31 37.72
CA ASN J 292 -79.61 -20.25 36.76
C ASN J 292 -78.84 -20.43 35.47
N ILE J 293 -77.55 -20.76 35.58
CA ILE J 293 -76.76 -21.12 34.41
C ILE J 293 -77.39 -22.30 33.69
N ALA J 294 -77.82 -23.31 34.45
CA ALA J 294 -78.39 -24.50 33.84
C ALA J 294 -79.73 -24.21 33.16
N THR J 295 -80.47 -23.21 33.63
CA THR J 295 -81.82 -22.95 33.14
C THR J 295 -81.86 -21.94 32.01
N CYS J 296 -81.41 -20.70 32.28
CA CYS J 296 -81.76 -19.59 31.41
C CYS J 296 -80.75 -19.31 30.32
N LEU J 297 -79.64 -20.02 30.27
CA LEU J 297 -78.61 -19.73 29.27
C LEU J 297 -79.02 -20.33 27.92
N PRO J 298 -79.11 -19.53 26.87
CA PRO J 298 -79.40 -20.07 25.54
C PRO J 298 -78.15 -20.68 24.93
N THR J 299 -78.29 -21.18 23.70
CA THR J 299 -77.20 -21.84 22.99
C THR J 299 -76.47 -20.81 22.14
N GLY J 300 -75.16 -20.68 22.36
CA GLY J 300 -74.41 -19.66 21.66
C GLY J 300 -73.13 -20.16 21.02
N GLU J 301 -72.40 -19.27 20.37
CA GLU J 301 -71.13 -19.64 19.75
C GLU J 301 -70.19 -18.44 19.77
N TYR J 302 -68.92 -18.72 19.51
CA TYR J 302 -67.85 -17.73 19.60
C TYR J 302 -67.36 -17.39 18.20
N ILE J 303 -67.23 -16.10 17.92
CA ILE J 303 -66.91 -15.60 16.58
C ILE J 303 -65.63 -14.77 16.65
N ALA J 304 -64.72 -15.01 15.72
CA ALA J 304 -63.52 -14.22 15.53
C ALA J 304 -63.82 -12.98 14.71
N PRO J 305 -63.07 -11.89 14.90
CA PRO J 305 -63.33 -10.66 14.14
C PRO J 305 -62.83 -10.79 12.71
N ASN J 306 -63.09 -9.74 11.95
CA ASN J 306 -62.72 -9.72 10.54
C ASN J 306 -61.20 -9.74 10.39
N PRO J 307 -60.64 -10.57 9.52
CA PRO J 307 -59.18 -10.56 9.31
C PRO J 307 -58.66 -9.25 8.75
N ARG J 308 -59.49 -8.49 8.03
CA ARG J 308 -59.02 -7.28 7.38
C ARG J 308 -59.00 -6.07 8.31
N ILE J 309 -59.27 -6.25 9.60
CA ILE J 309 -59.11 -5.15 10.54
C ILE J 309 -57.64 -4.80 10.72
N SER J 310 -56.80 -5.82 10.93
CA SER J 310 -55.41 -5.56 11.27
C SER J 310 -54.60 -5.08 10.08
N SER J 311 -54.98 -5.50 8.87
CA SER J 311 -54.18 -5.15 7.70
C SER J 311 -55.10 -4.96 6.50
N ILE J 312 -54.58 -4.26 5.49
CA ILE J 312 -55.24 -4.10 4.21
C ILE J 312 -54.18 -4.21 3.12
N THR J 313 -54.50 -4.91 2.05
CA THR J 313 -53.60 -5.05 0.92
C THR J 313 -53.67 -3.81 0.04
N LEU J 314 -52.60 -3.59 -0.71
CA LEU J 314 -52.56 -2.52 -1.71
C LEU J 314 -52.18 -3.03 -3.09
N THR J 315 -51.33 -4.05 -3.17
CA THR J 315 -50.98 -4.67 -4.44
C THR J 315 -50.65 -6.13 -4.18
N GLN J 316 -50.02 -6.79 -5.17
CA GLN J 316 -49.69 -8.20 -5.03
C GLN J 316 -48.67 -8.43 -3.92
N ARG J 317 -47.67 -7.56 -3.82
CA ARG J 317 -46.55 -7.81 -2.93
C ARG J 317 -46.51 -6.93 -1.69
N ILE J 318 -47.04 -5.72 -1.74
CA ILE J 318 -46.97 -4.76 -0.65
C ILE J 318 -48.27 -4.81 0.12
N THR J 319 -48.19 -4.93 1.45
CA THR J 319 -49.36 -4.99 2.29
C THR J 319 -48.97 -4.52 3.69
N THR J 320 -49.89 -3.80 4.34
CA THR J 320 -49.69 -3.39 5.72
C THR J 320 -49.64 -4.59 6.64
N THR J 321 -49.02 -4.41 7.81
CA THR J 321 -48.94 -5.43 8.84
C THR J 321 -49.47 -4.90 10.15
N GLY J 322 -50.00 -5.79 10.97
CA GLY J 322 -50.60 -5.42 12.24
C GLY J 322 -49.57 -5.11 13.31
N PRO J 323 -49.90 -4.14 14.16
CA PRO J 323 -49.01 -3.84 15.29
C PRO J 323 -48.83 -4.99 16.25
N PHE J 324 -49.83 -5.85 16.39
CA PHE J 324 -49.76 -7.05 17.23
C PHE J 324 -49.69 -8.32 16.39
N ALA J 325 -48.93 -8.26 15.30
CA ALA J 325 -48.84 -9.40 14.39
C ALA J 325 -48.24 -10.62 15.08
N ILE J 326 -47.27 -10.40 15.97
CA ILE J 326 -46.63 -11.51 16.64
C ILE J 326 -47.60 -12.23 17.57
N LEU J 327 -48.58 -11.52 18.12
CA LEU J 327 -49.55 -12.15 19.00
C LEU J 327 -50.80 -12.64 18.28
N THR J 328 -51.13 -12.06 17.12
CA THR J 328 -52.35 -12.45 16.43
C THR J 328 -52.30 -13.90 15.97
N GLY J 329 -51.17 -14.34 15.45
CA GLY J 329 -51.00 -15.73 15.05
C GLY J 329 -50.78 -16.65 16.22
N SER J 330 -51.79 -16.82 17.06
CA SER J 330 -51.70 -17.67 18.24
C SER J 330 -53.03 -18.36 18.47
N THR J 331 -52.98 -19.57 19.00
CA THR J 331 -54.17 -20.40 19.21
C THR J 331 -54.13 -20.98 20.61
N PRO J 332 -55.24 -20.92 21.35
CA PRO J 332 -55.22 -21.35 22.75
C PRO J 332 -55.13 -22.87 22.89
N THR J 333 -54.85 -23.30 24.11
CA THR J 333 -54.92 -24.69 24.50
C THR J 333 -56.25 -24.96 25.20
N ALA J 334 -56.38 -26.14 25.79
CA ALA J 334 -57.59 -26.46 26.56
C ALA J 334 -57.74 -25.53 27.75
N GLN J 335 -56.65 -25.31 28.50
CA GLN J 335 -56.72 -24.46 29.67
C GLN J 335 -57.04 -23.02 29.30
N GLN J 336 -56.45 -22.54 28.20
CA GLN J 336 -56.69 -21.15 27.79
C GLN J 336 -58.13 -20.97 27.28
N LEU J 337 -58.66 -21.97 26.57
CA LEU J 337 -60.07 -21.95 26.19
C LEU J 337 -60.96 -21.92 27.43
N ASN J 338 -60.62 -22.72 28.44
CA ASN J 338 -61.36 -22.73 29.69
C ASN J 338 -61.31 -21.36 30.36
N ASP J 339 -60.14 -20.71 30.32
CA ASP J 339 -60.00 -19.38 30.86
C ASP J 339 -60.89 -18.37 30.13
N VAL J 340 -60.96 -18.49 28.80
CA VAL J 340 -61.83 -17.62 28.01
C VAL J 340 -63.28 -17.80 28.44
N ARG J 341 -63.68 -19.06 28.62
CA ARG J 341 -65.03 -19.33 29.12
C ARG J 341 -65.24 -18.67 30.48
N LYS J 342 -64.26 -18.77 31.37
CA LYS J 342 -64.40 -18.19 32.70
C LYS J 342 -64.53 -16.68 32.63
N ILE J 343 -63.78 -16.04 31.73
CA ILE J 343 -63.87 -14.59 31.56
C ILE J 343 -65.27 -14.20 31.12
N TYR J 344 -65.82 -14.91 30.13
CA TYR J 344 -67.17 -14.53 29.68
C TYR J 344 -68.23 -14.86 30.72
N LEU J 345 -68.01 -15.88 31.56
CA LEU J 345 -68.94 -16.14 32.65
C LEU J 345 -68.93 -15.03 33.68
N ALA J 346 -67.73 -14.55 34.05
CA ALA J 346 -67.64 -13.42 34.97
C ALA J 346 -68.24 -12.18 34.33
N LEU J 347 -68.10 -12.05 33.02
CA LEU J 347 -68.67 -10.91 32.32
C LEU J 347 -70.19 -10.93 32.32
N MET J 348 -70.79 -12.10 32.13
CA MET J 348 -72.23 -12.16 31.91
C MET J 348 -73.03 -11.97 33.19
N PHE J 349 -72.45 -12.30 34.35
CA PHE J 349 -73.04 -11.95 35.65
C PHE J 349 -72.16 -10.95 36.39
N PRO J 350 -72.59 -9.70 36.54
CA PRO J 350 -71.79 -8.70 37.26
C PRO J 350 -72.12 -8.71 38.76
N GLY J 351 -71.09 -8.82 39.58
CA GLY J 351 -71.22 -8.58 41.00
C GLY J 351 -70.98 -9.76 41.90
N GLN J 352 -71.49 -10.92 41.51
CA GLN J 352 -71.40 -12.12 42.35
C GLN J 352 -70.35 -13.11 41.86
N ILE J 353 -69.70 -12.84 40.74
CA ILE J 353 -68.61 -13.67 40.25
C ILE J 353 -67.40 -12.78 40.07
N ILE J 354 -66.29 -13.15 40.71
CA ILE J 354 -65.05 -12.40 40.58
C ILE J 354 -63.95 -13.37 40.16
N LEU J 355 -62.83 -12.81 39.74
CA LEU J 355 -61.78 -13.51 39.03
C LEU J 355 -60.46 -13.36 39.79
N ASP J 356 -59.44 -14.07 39.33
CA ASP J 356 -58.08 -13.89 39.83
C ASP J 356 -57.10 -14.28 38.74
N LEU J 357 -55.83 -13.99 38.99
CA LEU J 357 -54.75 -14.23 38.03
C LEU J 357 -53.86 -15.35 38.54
N LYS J 358 -53.62 -16.35 37.69
CA LYS J 358 -52.86 -17.54 38.05
C LYS J 358 -51.41 -17.38 37.62
N ILE J 359 -50.49 -17.65 38.54
CA ILE J 359 -49.06 -17.74 38.25
C ILE J 359 -48.63 -19.18 38.42
N ASP J 360 -47.76 -19.63 37.52
CA ASP J 360 -47.33 -21.02 37.52
C ASP J 360 -46.00 -21.11 36.78
N PRO J 361 -44.96 -21.65 37.41
CA PRO J 361 -43.64 -21.67 36.77
C PRO J 361 -43.57 -22.50 35.51
N GLY J 362 -44.50 -23.42 35.29
CA GLY J 362 -44.42 -24.36 34.18
C GLY J 362 -44.53 -23.73 32.81
N GLU J 363 -44.98 -22.48 32.72
CA GLU J 363 -45.16 -21.80 31.45
C GLU J 363 -44.17 -20.66 31.32
N ARG J 364 -43.56 -20.55 30.14
CA ARG J 364 -42.64 -19.46 29.81
C ARG J 364 -43.20 -18.69 28.62
N MET J 365 -43.23 -17.37 28.74
CA MET J 365 -43.95 -16.53 27.80
C MET J 365 -43.22 -15.21 27.59
N ASP J 366 -43.55 -14.54 26.49
CA ASP J 366 -43.02 -13.21 26.21
C ASP J 366 -43.55 -12.24 27.26
N PRO J 367 -42.69 -11.41 27.87
CA PRO J 367 -43.18 -10.46 28.88
C PRO J 367 -44.18 -9.43 28.37
N ALA J 368 -44.26 -9.21 27.05
CA ALA J 368 -45.18 -8.21 26.52
C ALA J 368 -46.65 -8.58 26.70
N VAL J 369 -46.95 -9.83 27.05
CA VAL J 369 -48.34 -10.23 27.26
C VAL J 369 -48.95 -9.46 28.42
N ARG J 370 -48.19 -9.25 29.50
CA ARG J 370 -48.72 -8.46 30.62
C ARG J 370 -48.85 -6.99 30.26
N MET J 371 -47.91 -6.48 29.45
CA MET J 371 -47.96 -5.08 29.04
C MET J 371 -49.21 -4.79 28.22
N VAL J 372 -49.56 -5.68 27.29
CA VAL J 372 -50.80 -5.49 26.55
C VAL J 372 -52.00 -5.89 27.42
N ALA J 373 -51.79 -6.79 28.38
CA ALA J 373 -52.87 -7.30 29.20
C ALA J 373 -53.40 -6.23 30.14
N GLY J 374 -52.53 -5.35 30.64
CA GLY J 374 -53.01 -4.25 31.43
C GLY J 374 -53.98 -3.36 30.67
N VAL J 375 -53.63 -3.05 29.42
CA VAL J 375 -54.49 -2.21 28.58
C VAL J 375 -55.83 -2.92 28.34
N VAL J 376 -55.77 -4.20 27.99
CA VAL J 376 -57.03 -4.88 27.66
C VAL J 376 -57.87 -5.08 28.92
N GLY J 377 -57.24 -5.26 30.08
CA GLY J 377 -57.99 -5.35 31.31
C GLY J 377 -58.68 -4.05 31.67
N HIS J 378 -57.98 -2.92 31.50
CA HIS J 378 -58.64 -1.65 31.73
C HIS J 378 -59.72 -1.37 30.69
N LEU J 379 -59.63 -1.98 29.51
CA LEU J 379 -60.68 -1.79 28.52
C LEU J 379 -61.74 -2.88 28.50
N LEU J 380 -61.67 -3.86 29.39
CA LEU J 380 -62.61 -4.97 29.33
C LEU J 380 -63.37 -5.20 30.62
N PHE J 381 -62.89 -4.73 31.76
CA PHE J 381 -63.55 -4.89 33.05
C PHE J 381 -64.28 -3.62 33.47
N THR J 382 -65.22 -3.80 34.39
CA THR J 382 -65.89 -2.71 35.09
C THR J 382 -65.68 -2.90 36.58
N ALA J 383 -65.03 -1.93 37.22
CA ALA J 383 -64.68 -2.04 38.64
C ALA J 383 -65.02 -0.76 39.36
N GLY J 384 -66.23 -0.25 39.14
CA GLY J 384 -66.67 0.94 39.84
C GLY J 384 -68.12 1.25 39.53
N GLY J 385 -68.63 2.23 40.26
CA GLY J 385 -70.03 2.60 40.16
C GLY J 385 -70.80 2.16 41.38
N ARG J 386 -71.74 1.23 41.19
CA ARG J 386 -72.58 0.74 42.28
C ARG J 386 -72.40 -0.75 42.55
N PHE J 387 -71.37 -1.38 42.00
CA PHE J 387 -71.09 -2.79 42.25
C PHE J 387 -69.58 -2.99 42.15
N THR J 388 -69.18 -4.24 42.00
CA THR J 388 -67.79 -4.58 41.75
C THR J 388 -67.71 -5.87 40.95
N ASN J 389 -66.64 -6.03 40.19
CA ASN J 389 -66.35 -7.28 39.50
C ASN J 389 -64.98 -7.85 39.82
N LEU J 390 -64.13 -7.09 40.52
CA LEU J 390 -62.76 -7.49 40.77
C LEU J 390 -62.44 -7.41 42.25
N THR J 391 -61.24 -7.88 42.58
CA THR J 391 -60.61 -7.63 43.88
C THR J 391 -59.49 -6.61 43.70
N GLN J 392 -58.98 -6.13 44.83
CA GLN J 392 -58.02 -5.03 44.80
C GLN J 392 -56.67 -5.46 44.23
N ASN J 393 -56.26 -6.70 44.50
CA ASN J 393 -54.89 -7.11 44.19
C ASN J 393 -54.63 -7.14 42.69
N MET J 394 -55.50 -7.81 41.93
CA MET J 394 -55.24 -7.85 40.50
C MET J 394 -55.52 -6.52 39.83
N ALA J 395 -56.36 -5.69 40.43
CA ALA J 395 -56.51 -4.32 39.93
C ALA J 395 -55.19 -3.56 40.07
N ARG J 396 -54.50 -3.74 41.20
CA ARG J 396 -53.19 -3.13 41.38
C ARG J 396 -52.19 -3.68 40.36
N GLN J 397 -52.23 -4.99 40.11
CA GLN J 397 -51.33 -5.57 39.12
C GLN J 397 -51.61 -5.04 37.72
N LEU J 398 -52.89 -4.88 37.37
CA LEU J 398 -53.24 -4.28 36.09
C LEU J 398 -52.76 -2.83 36.00
N ASP J 399 -52.84 -2.09 37.11
CA ASP J 399 -52.30 -0.74 37.13
C ASP J 399 -50.80 -0.74 36.85
N ILE J 400 -50.08 -1.68 37.49
CA ILE J 400 -48.64 -1.79 37.27
C ILE J 400 -48.36 -2.14 35.81
N ALA J 401 -49.14 -3.05 35.25
CA ALA J 401 -48.93 -3.46 33.86
C ALA J 401 -49.18 -2.30 32.91
N LEU J 402 -50.24 -1.53 33.14
CA LEU J 402 -50.52 -0.38 32.29
C LEU J 402 -49.42 0.67 32.39
N ASN J 403 -48.91 0.88 33.61
CA ASN J 403 -47.80 1.81 33.78
C ASN J 403 -46.56 1.33 33.03
N ASP J 404 -46.29 0.03 33.10
CA ASP J 404 -45.09 -0.49 32.44
C ASP J 404 -45.24 -0.49 30.93
N TYR J 405 -46.46 -0.62 30.42
CA TYR J 405 -46.68 -0.51 28.98
C TYR J 405 -46.50 0.93 28.52
N LEU J 406 -47.12 1.88 29.23
CA LEU J 406 -46.95 3.30 28.91
C LEU J 406 -45.53 3.78 29.20
N LEU J 407 -44.75 2.96 29.88
CA LEU J 407 -43.41 3.31 30.34
C LEU J 407 -42.30 2.69 29.49
N TYR J 408 -42.49 1.47 29.00
CA TYR J 408 -41.53 0.84 28.10
C TYR J 408 -41.88 1.22 26.67
N MET J 409 -41.08 2.09 26.08
CA MET J 409 -41.36 2.62 24.75
C MET J 409 -40.10 2.46 23.90
N TYR J 410 -40.29 2.11 22.63
CA TYR J 410 -39.21 1.64 21.78
C TYR J 410 -38.65 2.72 20.85
N ASN J 411 -39.42 3.77 20.56
CA ASN J 411 -38.92 4.86 19.73
C ASN J 411 -38.03 5.78 20.56
N THR J 412 -37.65 6.93 20.00
CA THR J 412 -36.84 7.88 20.74
C THR J 412 -37.64 8.50 21.87
N ARG J 413 -37.03 8.54 23.04
CA ARG J 413 -37.73 8.79 24.30
C ARG J 413 -38.29 10.20 24.39
N VAL J 414 -39.38 10.34 25.14
CA VAL J 414 -39.93 11.63 25.53
C VAL J 414 -39.78 11.74 27.05
N GLN J 415 -39.85 12.98 27.54
CA GLN J 415 -39.54 13.24 28.93
C GLN J 415 -40.73 12.93 29.82
N VAL J 416 -40.42 12.59 31.07
CA VAL J 416 -41.43 12.26 32.07
C VAL J 416 -41.14 13.07 33.32
N ASN J 417 -42.18 13.43 34.06
CA ASN J 417 -42.05 14.11 35.35
C ASN J 417 -42.72 13.26 36.41
N TYR J 418 -41.93 12.65 37.28
CA TYR J 418 -42.46 11.75 38.29
C TYR J 418 -43.14 12.52 39.42
N GLY J 419 -44.14 11.88 40.02
CA GLY J 419 -44.89 12.49 41.09
C GLY J 419 -44.28 12.22 42.45
N PRO J 420 -44.96 12.65 43.51
CA PRO J 420 -44.41 12.51 44.86
C PRO J 420 -44.32 11.07 45.35
N THR J 421 -45.43 10.32 45.28
CA THR J 421 -45.48 9.01 45.90
C THR J 421 -44.88 7.94 44.99
N GLY J 422 -44.57 6.80 45.58
CA GLY J 422 -43.98 5.66 44.92
C GLY J 422 -44.94 4.68 44.30
N GLU J 423 -46.25 4.93 44.38
CA GLU J 423 -47.21 4.10 43.67
C GLU J 423 -47.03 4.25 42.16
N PRO J 424 -47.37 3.23 41.39
CA PRO J 424 -47.41 3.39 39.94
C PRO J 424 -48.40 4.47 39.52
N LEU J 425 -48.19 4.98 38.31
CA LEU J 425 -49.03 6.00 37.68
C LEU J 425 -48.95 7.35 38.38
N ASP J 426 -47.89 7.63 39.14
CA ASP J 426 -47.68 8.95 39.71
C ASP J 426 -46.65 9.72 38.89
N PHE J 427 -47.08 10.20 37.73
CA PHE J 427 -46.23 10.99 36.85
C PHE J 427 -47.07 11.67 35.79
N GLN J 428 -46.43 12.58 35.06
CA GLN J 428 -47.00 13.21 33.88
C GLN J 428 -46.01 13.06 32.73
N ILE J 429 -46.53 13.13 31.51
CA ILE J 429 -45.78 12.67 30.34
C ILE J 429 -46.07 13.58 29.15
N GLY J 430 -45.08 13.68 28.26
CA GLY J 430 -45.31 14.14 26.91
C GLY J 430 -45.47 15.64 26.77
N ARG J 431 -45.76 16.03 25.52
CA ARG J 431 -45.88 17.44 25.18
C ARG J 431 -47.18 18.04 25.69
N ASN J 432 -48.24 17.25 25.81
CA ASN J 432 -49.52 17.76 26.26
C ASN J 432 -49.62 17.70 27.79
N GLN J 433 -48.60 17.13 28.45
CA GLN J 433 -48.51 17.05 29.89
C GLN J 433 -49.73 16.36 30.50
N TYR J 434 -50.15 15.27 29.87
CA TYR J 434 -51.35 14.57 30.31
C TYR J 434 -51.05 13.74 31.55
N ASP J 435 -51.98 13.76 32.50
CA ASP J 435 -51.81 13.11 33.80
C ASP J 435 -52.37 11.69 33.74
N CYS J 436 -51.56 10.72 34.15
CA CYS J 436 -52.02 9.33 34.19
C CYS J 436 -52.66 8.97 35.52
N ASN J 437 -52.59 9.84 36.52
CA ASN J 437 -53.16 9.53 37.83
C ASN J 437 -54.67 9.33 37.75
N VAL J 438 -55.31 9.88 36.71
CA VAL J 438 -56.74 9.70 36.54
C VAL J 438 -57.10 8.26 36.19
N PHE J 439 -56.19 7.46 35.66
CA PHE J 439 -56.49 6.06 35.42
C PHE J 439 -56.22 5.17 36.62
N ARG J 440 -55.93 5.74 37.79
CA ARG J 440 -55.78 4.92 38.98
C ARG J 440 -57.11 4.33 39.41
N ALA J 441 -57.10 3.03 39.68
CA ALA J 441 -58.32 2.32 40.02
C ALA J 441 -58.62 2.48 41.50
N ASP J 442 -59.85 2.92 41.80
CA ASP J 442 -60.36 2.96 43.17
C ASP J 442 -61.76 2.41 43.15
N PHE J 443 -62.10 1.59 44.15
CA PHE J 443 -63.40 0.93 44.16
C PHE J 443 -64.53 1.93 44.39
N ALA J 444 -64.31 2.92 45.27
CA ALA J 444 -65.36 3.88 45.56
C ALA J 444 -65.61 4.82 44.39
N THR J 445 -64.56 5.16 43.64
CA THR J 445 -64.69 6.08 42.51
C THR J 445 -64.96 5.35 41.19
N GLY J 446 -64.09 4.44 40.80
CA GLY J 446 -64.32 3.61 39.63
C GLY J 446 -63.63 4.04 38.36
N THR J 447 -62.59 4.85 38.44
CA THR J 447 -61.91 5.33 37.24
C THR J 447 -61.18 4.19 36.53
N GLY J 448 -60.85 4.43 35.26
CA GLY J 448 -59.96 3.54 34.53
C GLY J 448 -60.59 2.30 33.96
N TYR J 449 -61.91 2.15 34.02
CA TYR J 449 -62.57 0.97 33.50
C TYR J 449 -63.83 1.39 32.75
N ASN J 450 -64.59 0.39 32.29
CA ASN J 450 -65.75 0.67 31.45
C ASN J 450 -66.86 1.38 32.22
N GLY J 451 -66.94 1.18 33.54
CA GLY J 451 -67.97 1.81 34.34
C GLY J 451 -67.69 3.24 34.75
N TRP J 452 -66.53 3.77 34.42
CA TRP J 452 -66.21 5.14 34.80
C TRP J 452 -66.93 6.16 33.91
N ALA J 453 -67.26 7.30 34.52
CA ALA J 453 -67.82 8.45 33.82
C ALA J 453 -69.12 8.10 33.10
N THR J 454 -69.94 7.28 33.74
CA THR J 454 -71.19 6.83 33.14
C THR J 454 -72.13 6.37 34.25
N ILE J 455 -73.30 5.90 33.85
CA ILE J 455 -74.27 5.29 34.75
C ILE J 455 -74.42 3.83 34.34
N ASP J 456 -74.19 2.92 35.28
CA ASP J 456 -74.06 1.52 34.98
C ASP J 456 -75.33 0.70 35.18
N VAL J 457 -76.32 1.24 35.88
CA VAL J 457 -77.53 0.49 36.21
C VAL J 457 -78.69 1.47 36.30
N GLU J 458 -79.89 1.02 35.93
CA GLU J 458 -81.02 1.94 35.87
C GLU J 458 -82.32 1.20 36.16
N TYR J 459 -83.35 1.99 36.46
CA TYR J 459 -84.66 1.49 36.84
C TYR J 459 -85.71 1.96 35.83
N ARG J 460 -86.73 1.13 35.64
CA ARG J 460 -87.79 1.38 34.66
C ARG J 460 -89.11 0.89 35.23
N GLU J 461 -90.10 0.70 34.35
CA GLU J 461 -91.43 0.15 34.60
C GLU J 461 -91.36 -1.13 35.43
N PRO J 462 -92.42 -1.49 36.17
CA PRO J 462 -92.35 -2.65 37.05
C PRO J 462 -92.06 -3.95 36.31
N ALA J 463 -91.20 -4.76 36.90
CA ALA J 463 -90.75 -6.00 36.30
C ALA J 463 -91.73 -7.14 36.61
N PRO J 464 -91.71 -8.21 35.81
CA PRO J 464 -92.50 -9.40 36.15
C PRO J 464 -92.14 -10.00 37.50
N TYR J 465 -90.86 -9.99 37.88
CA TYR J 465 -90.44 -10.49 39.18
C TYR J 465 -90.23 -9.32 40.13
N VAL J 466 -90.73 -9.45 41.35
CA VAL J 466 -90.74 -8.32 42.28
C VAL J 466 -89.42 -8.15 43.02
N HIS J 467 -88.56 -9.17 43.04
CA HIS J 467 -87.33 -9.08 43.84
C HIS J 467 -86.28 -8.20 43.17
N ALA J 468 -86.28 -8.12 41.85
CA ALA J 468 -85.29 -7.35 41.12
C ALA J 468 -85.96 -6.61 39.97
N GLN J 469 -85.62 -5.33 39.80
CA GLN J 469 -86.15 -4.52 38.72
C GLN J 469 -85.07 -3.89 37.86
N ARG J 470 -83.80 -4.08 38.20
CA ARG J 470 -82.73 -3.31 37.60
C ARG J 470 -82.47 -3.73 36.15
N TYR J 471 -81.89 -2.80 35.39
CA TYR J 471 -81.40 -3.06 34.05
C TYR J 471 -79.96 -2.60 33.99
N ILE J 472 -79.09 -3.44 33.46
CA ILE J 472 -77.65 -3.16 33.45
C ILE J 472 -77.29 -2.40 32.18
N ARG J 473 -76.49 -1.35 32.35
CA ARG J 473 -76.11 -0.44 31.26
C ARG J 473 -74.59 -0.44 31.17
N TYR J 474 -74.04 -1.32 30.34
CA TYR J 474 -72.60 -1.37 30.16
C TYR J 474 -72.14 -0.19 29.30
N CYS J 475 -71.06 0.46 29.75
CA CYS J 475 -70.43 1.61 29.08
C CYS J 475 -71.45 2.65 28.61
N GLY J 476 -72.51 2.83 29.39
CA GLY J 476 -73.52 3.82 29.09
C GLY J 476 -74.36 3.55 27.86
N ILE J 477 -74.36 2.32 27.36
CA ILE J 477 -75.05 1.99 26.12
C ILE J 477 -76.28 1.16 26.43
N ASP J 478 -77.42 1.57 25.89
CA ASP J 478 -78.65 0.81 25.96
C ASP J 478 -78.81 -0.01 24.68
N SER J 479 -79.45 -1.18 24.81
CA SER J 479 -79.65 -2.08 23.68
C SER J 479 -80.56 -1.48 22.61
N ARG J 480 -81.28 -0.42 22.94
CA ARG J 480 -82.17 0.25 21.99
C ARG J 480 -81.41 0.93 20.86
N GLU J 481 -80.09 1.04 20.94
CA GLU J 481 -79.33 1.47 19.78
C GLU J 481 -79.39 0.43 18.66
N LEU J 482 -79.60 -0.85 18.99
CA LEU J 482 -79.70 -1.85 17.94
C LEU J 482 -81.03 -1.78 17.19
N ILE J 483 -82.13 -1.60 17.92
CA ILE J 483 -83.42 -1.45 17.25
C ILE J 483 -83.48 -0.13 16.48
N ASN J 484 -82.76 0.89 16.94
CA ASN J 484 -82.70 2.15 16.22
C ASN J 484 -81.38 2.84 16.52
N PRO J 485 -80.49 2.97 15.54
CA PRO J 485 -79.19 3.60 15.77
C PRO J 485 -79.35 5.07 16.15
N THR J 486 -78.41 5.54 16.97
CA THR J 486 -78.51 6.85 17.60
C THR J 486 -77.54 7.88 17.06
N THR J 487 -76.25 7.58 17.02
CA THR J 487 -75.26 8.50 16.48
C THR J 487 -74.63 7.91 15.24
N TYR J 488 -73.82 8.72 14.55
CA TYR J 488 -73.16 8.28 13.34
C TYR J 488 -72.06 7.27 13.69
N GLY J 489 -71.54 6.61 12.65
CA GLY J 489 -70.59 5.52 12.87
C GLY J 489 -69.34 5.96 13.59
N ILE J 490 -68.79 7.10 13.21
CA ILE J 490 -67.65 7.65 13.94
C ILE J 490 -68.07 8.11 15.33
N GLY J 491 -69.28 8.66 15.46
CA GLY J 491 -69.72 9.31 16.68
C GLY J 491 -70.01 8.40 17.86
N MET J 492 -69.84 7.08 17.71
CA MET J 492 -70.05 6.17 18.82
C MET J 492 -68.78 6.10 19.68
N THR J 493 -68.92 6.44 20.96
CA THR J 493 -67.79 6.38 21.89
C THR J 493 -68.33 6.44 23.32
N TYR J 494 -67.44 6.16 24.27
CA TYR J 494 -67.69 6.38 25.68
C TYR J 494 -66.44 6.97 26.33
N HIS J 495 -66.63 7.53 27.52
CA HIS J 495 -65.69 8.51 28.06
C HIS J 495 -64.33 7.90 28.38
N CYS J 496 -64.32 6.74 29.05
CA CYS J 496 -63.05 6.11 29.40
C CYS J 496 -62.28 5.70 28.16
N TYR J 497 -63.00 5.27 27.13
CA TYR J 497 -62.36 4.95 25.86
C TYR J 497 -61.74 6.21 25.25
N ASN J 498 -62.43 7.35 25.37
CA ASN J 498 -61.90 8.61 24.89
C ASN J 498 -60.63 8.99 25.62
N GLU J 499 -60.62 8.85 26.95
CA GLU J 499 -59.44 9.21 27.73
C GLU J 499 -58.27 8.29 27.39
N MET J 500 -58.55 7.00 27.22
CA MET J 500 -57.53 6.05 26.80
C MET J 500 -56.95 6.42 25.44
N LEU J 501 -57.82 6.76 24.49
CA LEU J 501 -57.35 7.12 23.16
C LEU J 501 -56.50 8.38 23.21
N ARG J 502 -56.93 9.37 23.99
CA ARG J 502 -56.16 10.61 24.11
C ARG J 502 -54.80 10.35 24.73
N MET J 503 -54.71 9.47 25.73
CA MET J 503 -53.42 9.21 26.34
C MET J 503 -52.51 8.42 25.40
N LEU J 504 -53.06 7.41 24.71
CA LEU J 504 -52.23 6.63 23.79
C LEU J 504 -51.71 7.49 22.63
N VAL J 505 -52.55 8.38 22.09
CA VAL J 505 -52.01 9.28 21.06
C VAL J 505 -51.08 10.29 21.71
N ALA J 506 -51.27 10.58 23.00
CA ALA J 506 -50.36 11.47 23.70
C ALA J 506 -49.04 10.80 24.00
N ALA J 507 -49.05 9.47 24.16
CA ALA J 507 -47.84 8.72 24.45
C ALA J 507 -46.97 8.51 23.22
N GLY J 508 -47.29 9.16 22.10
CA GLY J 508 -46.52 8.98 20.89
C GLY J 508 -46.83 7.71 20.14
N LYS J 509 -47.77 6.91 20.63
CA LYS J 509 -48.09 5.61 20.04
C LYS J 509 -49.31 5.78 19.16
N ASP J 510 -49.18 5.40 17.89
CA ASP J 510 -50.19 5.73 16.89
C ASP J 510 -50.82 4.50 16.25
N SER J 511 -50.01 3.51 15.86
CA SER J 511 -50.55 2.33 15.19
C SER J 511 -51.49 1.55 16.10
N GLU J 512 -51.13 1.42 17.37
CA GLU J 512 -52.01 0.78 18.34
C GLU J 512 -53.32 1.56 18.49
N ALA J 513 -53.22 2.89 18.47
CA ALA J 513 -54.42 3.71 18.52
C ALA J 513 -55.30 3.47 17.31
N ALA J 514 -54.69 3.31 16.13
CA ALA J 514 -55.46 3.01 14.93
C ALA J 514 -56.15 1.66 15.03
N TYR J 515 -55.43 0.64 15.53
CA TYR J 515 -56.01 -0.67 15.69
C TYR J 515 -57.20 -0.63 16.64
N PHE J 516 -57.06 0.08 17.76
CA PHE J 516 -58.16 0.15 18.72
C PHE J 516 -59.34 0.95 18.17
N ARG J 517 -59.08 2.04 17.46
CA ARG J 517 -60.17 2.82 16.88
C ARG J 517 -60.92 2.02 15.84
N SER J 518 -60.22 1.17 15.09
CA SER J 518 -60.90 0.23 14.22
C SER J 518 -61.71 -0.78 15.04
N MET J 519 -61.14 -1.24 16.17
CA MET J 519 -61.73 -2.32 16.94
C MET J 519 -63.01 -1.89 17.67
N LEU J 520 -63.13 -0.61 17.97
CA LEU J 520 -64.18 -0.10 18.86
C LEU J 520 -65.63 -0.49 18.52
N PRO J 521 -66.09 -0.45 17.26
CA PRO J 521 -67.47 -0.90 17.00
C PRO J 521 -67.72 -2.36 17.38
N PHE J 522 -66.74 -3.23 17.18
CA PHE J 522 -66.84 -4.60 17.67
C PHE J 522 -67.03 -4.62 19.18
N HIS J 523 -66.31 -3.74 19.87
CA HIS J 523 -66.42 -3.63 21.31
C HIS J 523 -67.85 -3.29 21.73
N MET J 524 -68.43 -2.23 21.16
CA MET J 524 -69.75 -1.89 21.66
C MET J 524 -70.83 -2.84 21.17
N VAL J 525 -70.65 -3.49 20.01
CA VAL J 525 -71.68 -4.45 19.64
C VAL J 525 -71.62 -5.67 20.54
N ARG J 526 -70.42 -6.09 20.95
CA ARG J 526 -70.32 -7.19 21.91
C ARG J 526 -71.00 -6.83 23.22
N PHE J 527 -70.76 -5.61 23.71
CA PHE J 527 -71.41 -5.23 24.96
C PHE J 527 -72.90 -4.97 24.80
N ALA J 528 -73.37 -4.58 23.61
CA ALA J 528 -74.80 -4.49 23.38
C ALA J 528 -75.45 -5.87 23.45
N ARG J 529 -74.78 -6.88 22.89
CA ARG J 529 -75.30 -8.23 22.98
C ARG J 529 -75.31 -8.73 24.42
N ILE J 530 -74.26 -8.42 25.19
CA ILE J 530 -74.26 -8.86 26.59
C ILE J 530 -75.35 -8.13 27.37
N ASN J 531 -75.63 -6.86 27.03
CA ASN J 531 -76.74 -6.16 27.67
C ASN J 531 -78.07 -6.83 27.37
N GLN J 532 -78.27 -7.23 26.10
CA GLN J 532 -79.49 -7.93 25.74
C GLN J 532 -79.62 -9.25 26.50
N ILE J 533 -78.50 -10.00 26.60
CA ILE J 533 -78.53 -11.27 27.29
C ILE J 533 -78.91 -11.08 28.76
N ILE J 534 -78.33 -10.06 29.40
CA ILE J 534 -78.58 -9.85 30.82
C ILE J 534 -80.01 -9.40 31.05
N ASN J 535 -80.48 -8.42 30.28
CA ASN J 535 -81.78 -7.83 30.62
C ASN J 535 -82.95 -8.69 30.17
N GLU J 536 -82.81 -9.46 29.10
CA GLU J 536 -83.95 -10.21 28.58
C GLU J 536 -83.96 -11.68 29.01
N ASP J 537 -82.85 -12.38 28.78
CA ASP J 537 -82.84 -13.83 28.97
C ASP J 537 -82.89 -14.20 30.45
N LEU J 538 -82.11 -13.51 31.27
CA LEU J 538 -81.83 -13.98 32.62
C LEU J 538 -82.88 -13.57 33.65
N HIS J 539 -83.93 -12.87 33.25
CA HIS J 539 -84.96 -12.45 34.19
C HIS J 539 -85.68 -13.68 34.73
N SER J 540 -85.42 -14.01 35.99
CA SER J 540 -86.00 -15.18 36.62
C SER J 540 -86.07 -14.90 38.13
N VAL J 541 -86.77 -15.80 38.83
CA VAL J 541 -86.86 -15.71 40.28
C VAL J 541 -85.50 -15.92 40.94
N PHE J 542 -84.56 -16.55 40.23
CA PHE J 542 -83.23 -16.84 40.75
C PHE J 542 -82.23 -15.75 40.46
N SER J 543 -82.65 -14.64 39.87
CA SER J 543 -81.77 -13.49 39.75
C SER J 543 -81.52 -12.88 41.12
N LEU J 544 -80.36 -12.25 41.27
CA LEU J 544 -80.01 -11.64 42.54
C LEU J 544 -80.93 -10.44 42.81
N PRO J 545 -81.57 -10.40 43.97
CA PRO J 545 -82.42 -9.26 44.30
C PRO J 545 -81.60 -7.99 44.51
N ASP J 546 -82.29 -6.85 44.37
CA ASP J 546 -81.61 -5.56 44.34
C ASP J 546 -80.94 -5.23 45.67
N ASP J 547 -81.53 -5.69 46.79
CA ASP J 547 -80.98 -5.34 48.09
C ASP J 547 -79.58 -5.90 48.28
N MET J 548 -79.41 -7.20 48.05
CA MET J 548 -78.09 -7.81 48.22
C MET J 548 -77.11 -7.32 47.16
N PHE J 549 -77.59 -7.09 45.94
CA PHE J 549 -76.72 -6.58 44.89
C PHE J 549 -76.18 -5.20 45.25
N ASN J 550 -77.02 -4.34 45.82
CA ASN J 550 -76.57 -3.03 46.25
C ASN J 550 -75.78 -3.10 47.56
N ALA J 551 -75.93 -4.18 48.32
CA ALA J 551 -75.22 -4.30 49.58
C ALA J 551 -73.81 -4.87 49.41
N LEU J 552 -73.58 -5.67 48.36
CA LEU J 552 -72.33 -6.43 48.27
C LEU J 552 -71.11 -5.52 48.16
N LEU J 553 -71.20 -4.44 47.37
CA LEU J 553 -70.05 -3.57 47.18
C LEU J 553 -69.58 -2.91 48.47
N PRO J 554 -70.45 -2.30 49.30
CA PRO J 554 -69.97 -1.88 50.62
C PRO J 554 -69.46 -3.02 51.47
N ASP J 555 -70.03 -4.22 51.30
CA ASP J 555 -69.56 -5.37 52.08
C ASP J 555 -68.12 -5.71 51.76
N LEU J 556 -67.78 -5.73 50.47
CA LEU J 556 -66.41 -6.09 50.08
C LEU J 556 -65.44 -4.95 50.35
N ILE J 557 -65.86 -3.71 50.11
CA ILE J 557 -64.93 -2.59 50.29
C ILE J 557 -64.75 -2.25 51.76
N ALA J 558 -65.70 -2.60 52.62
CA ALA J 558 -65.57 -2.36 54.04
C ALA J 558 -65.17 -3.61 54.82
N GLY J 559 -65.08 -4.77 54.15
CA GLY J 559 -64.77 -6.00 54.84
C GLY J 559 -65.88 -6.53 55.70
N ALA J 560 -67.11 -6.03 55.53
CA ALA J 560 -68.22 -6.42 56.37
C ALA J 560 -68.60 -7.88 56.12
N HIS J 561 -69.11 -8.52 57.17
CA HIS J 561 -69.45 -9.94 57.11
C HIS J 561 -70.71 -10.12 56.27
N GLN J 562 -70.62 -11.01 55.27
CA GLN J 562 -71.67 -11.12 54.26
C GLN J 562 -72.25 -12.53 54.24
N ASN J 563 -73.54 -12.61 53.87
CA ASN J 563 -74.23 -13.89 53.80
C ASN J 563 -73.86 -14.69 52.56
N ALA J 564 -73.62 -14.03 51.44
CA ALA J 564 -73.36 -14.70 50.16
C ALA J 564 -72.05 -14.16 49.59
N ASP J 565 -70.98 -14.93 49.72
CA ASP J 565 -69.69 -14.50 49.20
C ASP J 565 -69.72 -14.55 47.68
N PRO J 566 -69.20 -13.54 46.99
CA PRO J 566 -69.01 -13.66 45.54
C PRO J 566 -68.05 -14.79 45.23
N VAL J 567 -68.32 -15.49 44.14
CA VAL J 567 -67.52 -16.65 43.76
C VAL J 567 -66.26 -16.18 43.07
N VAL J 568 -65.11 -16.69 43.52
CA VAL J 568 -63.81 -16.33 42.97
C VAL J 568 -63.43 -17.37 41.92
N LEU J 569 -63.02 -16.91 40.75
CA LEU J 569 -62.51 -17.80 39.71
C LEU J 569 -61.13 -17.30 39.32
N ASP J 570 -60.54 -17.91 38.28
CA ASP J 570 -59.16 -17.62 37.96
C ASP J 570 -58.93 -17.91 36.48
N VAL J 571 -58.16 -17.05 35.81
CA VAL J 571 -57.84 -17.18 34.39
C VAL J 571 -56.36 -16.85 34.18
N SER J 572 -55.92 -16.89 32.93
CA SER J 572 -54.55 -16.61 32.55
C SER J 572 -54.42 -15.20 31.96
N TRP J 573 -53.17 -14.78 31.79
CA TRP J 573 -52.90 -13.43 31.28
C TRP J 573 -53.23 -13.28 29.80
N ILE J 574 -52.81 -14.24 28.97
CA ILE J 574 -53.10 -14.19 27.54
C ILE J 574 -54.59 -14.41 27.30
N SER J 575 -55.29 -14.96 28.29
CA SER J 575 -56.70 -15.28 28.14
C SER J 575 -57.54 -14.03 27.94
N LEU J 576 -57.23 -12.94 28.66
CA LEU J 576 -58.01 -11.73 28.50
C LEU J 576 -57.86 -11.17 27.09
N TRP J 577 -56.65 -11.18 26.54
CA TRP J 577 -56.47 -10.69 25.19
C TRP J 577 -57.18 -11.57 24.18
N PHE J 578 -57.14 -12.89 24.38
CA PHE J 578 -57.85 -13.76 23.46
C PHE J 578 -59.36 -13.55 23.53
N ALA J 579 -59.91 -13.43 24.74
CA ALA J 579 -61.34 -13.15 24.89
C ALA J 579 -61.70 -11.80 24.32
N PHE J 580 -60.76 -10.86 24.29
CA PHE J 580 -61.00 -9.58 23.65
C PHE J 580 -61.20 -9.73 22.14
N ASN J 581 -60.69 -10.81 21.56
CA ASN J 581 -60.79 -11.05 20.12
C ASN J 581 -61.90 -12.03 19.78
N ARG J 582 -63.01 -12.00 20.52
CA ARG J 582 -64.11 -12.93 20.31
C ARG J 582 -65.43 -12.22 20.55
N SER J 583 -66.50 -12.83 20.04
CA SER J 583 -67.85 -12.33 20.27
C SER J 583 -68.78 -13.50 20.46
N PHE J 584 -69.93 -13.25 21.08
CA PHE J 584 -70.88 -14.28 21.44
C PHE J 584 -72.15 -14.10 20.62
N GLU J 585 -72.56 -15.17 19.93
CA GLU J 585 -73.75 -15.18 19.10
C GLU J 585 -74.68 -16.30 19.54
N PRO J 586 -75.80 -15.98 20.19
CA PRO J 586 -76.79 -17.03 20.52
C PRO J 586 -77.74 -17.33 19.36
N THR J 587 -77.34 -18.22 18.44
CA THR J 587 -78.14 -18.45 17.24
C THR J 587 -79.40 -19.24 17.52
N HIS J 588 -79.47 -19.96 18.64
CA HIS J 588 -80.68 -20.63 19.08
C HIS J 588 -80.77 -20.56 20.59
N ARG J 589 -81.99 -20.70 21.10
CA ARG J 589 -82.27 -20.31 22.46
C ARG J 589 -82.65 -21.53 23.30
N ASN J 590 -82.53 -21.41 24.62
CA ASN J 590 -82.74 -22.55 25.50
C ASN J 590 -84.17 -23.06 25.41
N GLU J 591 -84.30 -24.38 25.20
CA GLU J 591 -85.62 -24.94 24.97
C GLU J 591 -86.41 -25.06 26.27
N MET J 592 -85.75 -25.47 27.36
CA MET J 592 -86.44 -25.68 28.63
C MET J 592 -86.94 -24.38 29.22
N LEU J 593 -86.51 -23.24 28.68
CA LEU J 593 -87.11 -21.95 29.03
C LEU J 593 -88.61 -21.95 28.79
N GLU J 594 -89.06 -22.64 27.73
CA GLU J 594 -90.49 -22.72 27.47
C GLU J 594 -91.25 -23.46 28.57
N VAL J 595 -90.56 -24.20 29.43
CA VAL J 595 -91.17 -24.79 30.60
C VAL J 595 -90.50 -24.28 31.88
N ALA J 596 -90.00 -23.06 31.86
CA ALA J 596 -89.21 -22.57 32.99
C ALA J 596 -90.03 -22.31 34.26
N PRO J 597 -91.06 -21.42 34.29
CA PRO J 597 -91.58 -20.94 35.58
C PRO J 597 -92.25 -21.99 36.44
N LEU J 598 -93.17 -22.75 35.85
CA LEU J 598 -93.95 -23.72 36.61
C LEU J 598 -93.06 -24.67 37.40
N ILE J 599 -91.89 -25.00 36.85
CA ILE J 599 -90.91 -25.85 37.52
C ILE J 599 -90.64 -25.33 38.93
N GLU J 600 -90.16 -24.10 39.06
CA GLU J 600 -89.81 -23.65 40.40
C GLU J 600 -91.04 -23.48 41.27
N SER J 601 -92.23 -23.33 40.67
CA SER J 601 -93.46 -23.33 41.45
C SER J 601 -93.54 -24.60 42.27
N VAL J 602 -93.38 -25.76 41.62
CA VAL J 602 -93.33 -27.03 42.33
C VAL J 602 -92.25 -26.98 43.39
N TYR J 603 -91.06 -26.52 42.99
CA TYR J 603 -89.95 -26.34 43.90
C TYR J 603 -90.39 -25.51 45.10
N ALA J 604 -90.97 -24.35 44.83
CA ALA J 604 -91.41 -23.47 45.90
C ALA J 604 -92.40 -24.19 46.80
N SER J 605 -93.36 -24.90 46.20
CA SER J 605 -94.39 -25.56 46.97
C SER J 605 -93.76 -26.55 47.93
N GLU J 606 -92.79 -27.32 47.44
CA GLU J 606 -92.17 -28.33 48.29
C GLU J 606 -91.47 -27.67 49.47
N LEU J 607 -90.77 -26.55 49.20
CA LEU J 607 -90.13 -25.79 50.27
C LEU J 607 -91.15 -25.40 51.32
N SER J 608 -92.29 -24.89 50.87
CA SER J 608 -93.37 -24.52 51.79
C SER J 608 -93.70 -25.68 52.70
N VAL J 609 -93.85 -26.87 52.09
CA VAL J 609 -94.22 -28.06 52.86
C VAL J 609 -93.23 -28.27 53.99
N MET J 610 -91.93 -28.24 53.67
CA MET J 610 -90.93 -28.49 54.70
C MET J 610 -91.06 -27.47 55.82
N LYS J 611 -91.16 -26.19 55.44
CA LYS J 611 -91.25 -25.14 56.44
C LYS J 611 -92.34 -25.46 57.43
N VAL J 612 -93.49 -25.89 56.92
CA VAL J 612 -94.66 -26.16 57.76
C VAL J 612 -94.28 -27.12 58.88
N ASP J 613 -93.86 -28.33 58.52
CA ASP J 613 -93.73 -29.29 59.62
C ASP J 613 -92.52 -28.94 60.46
N MET J 614 -91.55 -28.24 59.87
CA MET J 614 -90.40 -27.77 60.64
C MET J 614 -90.88 -26.96 61.82
N ARG J 615 -91.72 -25.96 61.55
CA ARG J 615 -92.23 -25.13 62.62
C ARG J 615 -92.99 -25.97 63.63
N HIS J 616 -93.83 -26.88 63.13
CA HIS J 616 -94.64 -27.68 64.03
C HIS J 616 -93.77 -28.52 64.94
N LEU J 617 -92.66 -29.04 64.41
CA LEU J 617 -91.83 -29.87 65.25
C LEU J 617 -91.23 -29.05 66.39
N SER J 618 -90.82 -27.82 66.08
CA SER J 618 -90.26 -26.94 67.09
C SER J 618 -91.24 -26.75 68.24
N LEU J 619 -92.55 -26.79 67.94
CA LEU J 619 -93.54 -26.57 68.98
C LEU J 619 -93.37 -27.57 70.13
N MET J 620 -93.19 -28.85 69.83
CA MET J 620 -93.15 -29.76 70.97
C MET J 620 -91.86 -29.64 71.76
N GLN J 621 -90.80 -29.04 71.19
CA GLN J 621 -89.64 -28.76 72.01
C GLN J 621 -89.99 -27.80 73.14
N ARG J 622 -90.88 -26.85 72.84
CA ARG J 622 -91.45 -26.03 73.90
C ARG J 622 -92.53 -26.77 74.69
N ARG J 623 -93.25 -27.70 74.04
CA ARG J 623 -94.38 -28.32 74.71
C ARG J 623 -93.93 -29.32 75.77
N PHE J 624 -92.93 -30.15 75.44
CA PHE J 624 -92.59 -31.30 76.27
C PHE J 624 -91.08 -31.36 76.50
N PRO J 625 -90.59 -30.87 77.63
CA PRO J 625 -89.16 -30.96 77.92
C PRO J 625 -88.74 -32.33 78.43
N ASP J 626 -89.61 -32.98 79.21
CA ASP J 626 -89.26 -34.24 79.86
C ASP J 626 -89.14 -35.37 78.85
N VAL J 627 -90.06 -35.43 77.89
CA VAL J 627 -89.97 -36.44 76.85
C VAL J 627 -88.75 -36.20 75.98
N LEU J 628 -88.41 -34.93 75.75
CA LEU J 628 -87.34 -34.56 74.85
C LEU J 628 -86.20 -33.91 75.60
N ILE J 629 -85.78 -34.53 76.70
CA ILE J 629 -84.62 -34.04 77.46
C ILE J 629 -83.39 -33.99 76.55
N GLN J 630 -83.23 -35.00 75.69
CA GLN J 630 -82.09 -35.06 74.77
C GLN J 630 -82.35 -34.40 73.43
N ALA J 631 -83.23 -33.40 73.38
CA ALA J 631 -83.59 -32.78 72.12
C ALA J 631 -82.47 -31.90 71.59
N ARG J 632 -82.21 -32.02 70.29
CA ARG J 632 -81.30 -31.18 69.53
C ARG J 632 -82.01 -30.92 68.21
N PRO J 633 -82.02 -29.67 67.72
CA PRO J 633 -82.80 -29.36 66.52
C PRO J 633 -82.39 -30.14 65.29
N SER J 634 -81.12 -30.55 65.21
CA SER J 634 -80.67 -31.35 64.08
C SER J 634 -81.43 -32.67 64.00
N HIS J 635 -81.87 -33.21 65.14
CA HIS J 635 -82.65 -34.44 65.15
C HIS J 635 -83.89 -34.32 64.28
N PHE J 636 -84.79 -33.39 64.60
CA PHE J 636 -86.02 -33.30 63.81
C PHE J 636 -85.78 -32.69 62.43
N TRP J 637 -84.73 -31.89 62.27
CA TRP J 637 -84.37 -31.42 60.95
C TRP J 637 -84.02 -32.59 60.02
N LYS J 638 -83.16 -33.48 60.49
CA LYS J 638 -82.83 -34.67 59.71
C LYS J 638 -84.03 -35.59 59.55
N ALA J 639 -84.86 -35.72 60.59
CA ALA J 639 -86.01 -36.61 60.53
C ALA J 639 -87.00 -36.15 59.47
N VAL J 640 -87.24 -34.84 59.36
CA VAL J 640 -88.02 -34.32 58.25
C VAL J 640 -87.33 -34.62 56.94
N LEU J 641 -86.02 -34.40 56.88
CA LEU J 641 -85.33 -34.53 55.60
C LEU J 641 -85.22 -35.98 55.13
N ASN J 642 -85.49 -36.96 55.99
CA ASN J 642 -85.57 -38.33 55.50
C ASN J 642 -86.79 -38.53 54.61
N ASP J 643 -87.96 -38.09 55.08
CA ASP J 643 -89.20 -38.24 54.32
C ASP J 643 -89.42 -36.96 53.52
N SER J 644 -88.79 -36.91 52.35
CA SER J 644 -88.90 -35.77 51.45
C SER J 644 -88.38 -36.20 50.09
N PRO J 645 -88.82 -35.55 49.03
CA PRO J 645 -88.28 -35.86 47.70
C PRO J 645 -86.80 -35.50 47.61
N GLU J 646 -86.01 -36.46 47.12
CA GLU J 646 -84.56 -36.32 47.15
C GLU J 646 -84.03 -35.33 46.13
N ALA J 647 -84.86 -34.87 45.19
CA ALA J 647 -84.36 -33.94 44.18
C ALA J 647 -84.08 -32.56 44.76
N VAL J 648 -85.00 -32.02 45.57
CA VAL J 648 -84.78 -30.71 46.17
C VAL J 648 -83.65 -30.78 47.19
N LYS J 649 -83.59 -31.87 47.94
CA LYS J 649 -82.45 -32.08 48.84
C LYS J 649 -81.14 -32.18 48.07
N ALA J 650 -81.16 -32.72 46.86
CA ALA J 650 -79.96 -32.72 46.03
C ALA J 650 -79.61 -31.32 45.57
N VAL J 651 -80.63 -30.52 45.27
CA VAL J 651 -80.41 -29.11 44.90
C VAL J 651 -79.70 -28.38 46.03
N MET J 652 -80.13 -28.60 47.26
CA MET J 652 -79.53 -27.86 48.37
C MET J 652 -78.22 -28.51 48.83
N ASN J 653 -78.05 -29.81 48.57
CA ASN J 653 -76.76 -30.48 48.72
C ASN J 653 -75.73 -29.99 47.71
N LEU J 654 -76.18 -29.47 46.56
CA LEU J 654 -75.25 -28.89 45.59
C LEU J 654 -74.48 -27.73 46.20
N SER J 655 -75.04 -27.10 47.24
CA SER J 655 -74.26 -26.16 48.04
C SER J 655 -73.09 -26.84 48.74
N HIS J 656 -73.30 -28.06 49.23
CA HIS J 656 -72.36 -28.84 50.04
C HIS J 656 -72.06 -28.20 51.39
N SER J 657 -72.74 -27.11 51.73
CA SER J 657 -72.79 -26.64 53.10
C SER J 657 -73.78 -27.45 53.93
N HIS J 658 -74.50 -28.37 53.27
CA HIS J 658 -75.49 -29.20 53.94
C HIS J 658 -74.87 -30.01 55.07
N ASN J 659 -73.64 -30.50 54.86
CA ASN J 659 -72.97 -31.25 55.91
C ASN J 659 -72.32 -30.32 56.93
N PHE J 660 -72.19 -29.03 56.64
CA PHE J 660 -71.57 -28.08 57.55
C PHE J 660 -72.56 -27.00 58.02
N ILE J 661 -73.86 -27.29 57.95
CA ILE J 661 -74.86 -26.29 58.30
C ILE J 661 -74.94 -26.15 59.82
N ASN J 662 -75.22 -24.93 60.27
CA ASN J 662 -75.22 -24.59 61.68
C ASN J 662 -76.64 -24.57 62.23
N ILE J 663 -76.75 -24.30 63.53
CA ILE J 663 -78.04 -24.19 64.17
C ILE J 663 -78.61 -22.78 64.04
N ARG J 664 -77.74 -21.77 63.93
CA ARG J 664 -78.20 -20.40 63.84
C ARG J 664 -78.99 -20.16 62.55
N ASP J 665 -78.43 -20.61 61.42
CA ASP J 665 -79.15 -20.52 60.15
C ASP J 665 -80.44 -21.31 60.19
N MET J 666 -80.40 -22.47 60.85
CA MET J 666 -81.56 -23.36 60.90
C MET J 666 -82.69 -22.72 61.68
N MET J 667 -82.40 -22.15 62.84
CA MET J 667 -83.47 -21.59 63.65
C MET J 667 -83.88 -20.21 63.10
N ARG J 668 -82.98 -19.57 62.33
CA ARG J 668 -83.36 -18.40 61.55
C ARG J 668 -84.40 -18.76 60.49
N TRP J 669 -84.19 -19.90 59.81
CA TRP J 669 -85.22 -20.45 58.95
C TRP J 669 -86.49 -20.77 59.74
N VAL J 670 -86.33 -21.17 61.00
CA VAL J 670 -87.48 -21.52 61.83
C VAL J 670 -88.37 -20.31 62.08
N MET J 671 -87.80 -19.14 62.41
CA MET J 671 -88.69 -18.01 62.70
C MET J 671 -89.48 -17.57 61.48
N LEU J 672 -88.88 -17.60 60.30
CA LEU J 672 -89.46 -16.91 59.15
C LEU J 672 -90.74 -17.59 58.69
N PRO J 673 -91.87 -16.89 58.70
CA PRO J 673 -93.16 -17.50 58.31
C PRO J 673 -93.52 -17.38 56.84
N SER J 674 -92.58 -17.00 55.97
CA SER J 674 -92.89 -16.83 54.56
C SER J 674 -93.37 -18.13 53.94
N LEU J 675 -94.33 -18.04 53.03
CA LEU J 675 -95.06 -19.21 52.58
C LEU J 675 -95.65 -18.93 51.20
N GLN J 676 -95.78 -19.99 50.40
CA GLN J 676 -96.44 -19.95 49.11
C GLN J 676 -97.48 -21.06 49.05
N PRO J 677 -98.77 -20.76 48.88
CA PRO J 677 -99.80 -21.79 49.04
C PRO J 677 -99.81 -22.81 47.91
N SER J 678 -100.22 -24.02 48.26
CA SER J 678 -100.53 -25.08 47.31
C SER J 678 -101.51 -26.04 47.97
N LEU J 679 -102.07 -26.94 47.15
CA LEU J 679 -103.13 -27.82 47.63
C LEU J 679 -102.65 -28.75 48.74
N LYS J 680 -101.59 -29.52 48.45
CA LYS J 680 -101.05 -30.43 49.46
C LYS J 680 -100.49 -29.65 50.64
N LEU J 681 -100.03 -28.43 50.40
CA LEU J 681 -99.54 -27.60 51.49
C LEU J 681 -100.65 -27.32 52.51
N ALA J 682 -101.79 -26.81 52.04
CA ALA J 682 -102.90 -26.52 52.94
C ALA J 682 -103.46 -27.78 53.56
N LEU J 683 -103.45 -28.89 52.82
CA LEU J 683 -103.86 -30.17 53.41
C LEU J 683 -102.95 -30.55 54.57
N GLU J 684 -101.64 -30.37 54.39
CA GLU J 684 -100.70 -30.61 55.47
C GLU J 684 -100.92 -29.64 56.62
N GLU J 685 -101.24 -28.39 56.29
CA GLU J 685 -101.50 -27.37 57.30
C GLU J 685 -102.63 -27.79 58.23
N GLU J 686 -103.76 -28.19 57.66
CA GLU J 686 -104.87 -28.60 58.49
C GLU J 686 -104.69 -30.00 59.09
N ALA J 687 -103.89 -30.86 58.46
CA ALA J 687 -103.51 -32.10 59.11
C ALA J 687 -102.74 -31.84 60.39
N TRP J 688 -101.77 -30.92 60.34
CA TRP J 688 -101.06 -30.52 61.55
C TRP J 688 -101.96 -29.76 62.52
N ALA J 689 -102.95 -29.03 62.01
CA ALA J 689 -103.90 -28.36 62.88
C ALA J 689 -104.70 -29.36 63.69
N ALA J 690 -105.15 -30.45 63.04
CA ALA J 690 -105.75 -31.55 63.78
C ALA J 690 -104.73 -32.22 64.70
N ALA J 691 -103.47 -32.29 64.26
CA ALA J 691 -102.40 -32.90 65.04
C ALA J 691 -101.98 -32.05 66.24
N ASN J 692 -102.46 -30.80 66.33
CA ASN J 692 -102.25 -30.03 67.55
C ASN J 692 -102.96 -30.67 68.73
N ASP J 693 -104.05 -31.39 68.47
CA ASP J 693 -104.69 -32.22 69.47
C ASP J 693 -103.90 -33.52 69.53
N PHE J 694 -102.99 -33.62 70.50
CA PHE J 694 -102.10 -34.76 70.59
C PHE J 694 -102.82 -36.05 70.95
N GLU J 695 -104.09 -35.97 71.37
CA GLU J 695 -104.90 -37.15 71.62
C GLU J 695 -105.44 -37.79 70.34
N ASP J 696 -105.16 -37.19 69.17
CA ASP J 696 -105.63 -37.75 67.91
C ASP J 696 -104.70 -38.81 67.36
N LEU J 697 -103.58 -39.08 68.03
CA LEU J 697 -102.58 -40.01 67.53
C LEU J 697 -102.13 -41.02 68.58
N MET J 698 -102.89 -41.16 69.68
CA MET J 698 -102.51 -41.98 70.84
C MET J 698 -101.14 -41.60 71.36
N LEU J 699 -101.03 -40.35 71.82
CA LEU J 699 -99.86 -39.90 72.55
C LEU J 699 -100.30 -39.42 73.92
N THR J 700 -101.14 -40.20 74.59
CA THR J 700 -101.76 -39.78 75.84
C THR J 700 -100.76 -39.81 76.98
N ASP J 701 -101.19 -39.22 78.11
CA ASP J 701 -100.39 -39.19 79.33
C ASP J 701 -101.23 -39.42 80.57
N GLN J 702 -102.50 -39.79 80.43
CA GLN J 702 -103.38 -40.03 81.57
C GLN J 702 -103.26 -41.48 82.01
N VAL J 703 -102.51 -41.72 83.07
CA VAL J 703 -102.29 -43.08 83.58
C VAL J 703 -102.53 -43.07 85.09
N TYR J 704 -103.47 -43.90 85.55
CA TYR J 704 -103.87 -43.93 86.95
C TYR J 704 -103.70 -45.35 87.50
N MET J 705 -103.34 -45.45 88.79
CA MET J 705 -102.99 -46.73 89.42
C MET J 705 -103.40 -46.77 90.88
N HIS J 706 -103.94 -47.92 91.30
CA HIS J 706 -104.47 -48.13 92.64
C HIS J 706 -104.77 -49.61 92.84
N ARG J 707 -105.36 -49.94 93.99
CA ARG J 707 -105.80 -51.30 94.27
C ARG J 707 -107.13 -51.56 93.58
N ASP J 708 -107.10 -52.35 92.51
CA ASP J 708 -108.31 -52.71 91.80
C ASP J 708 -108.32 -54.21 91.56
N MET J 709 -109.53 -54.75 91.40
CA MET J 709 -109.74 -56.17 91.29
C MET J 709 -110.78 -56.45 90.20
N LEU J 710 -110.75 -57.66 89.68
CA LEU J 710 -111.74 -58.07 88.70
C LEU J 710 -113.12 -58.13 89.35
N PRO J 711 -114.17 -57.66 88.67
CA PRO J 711 -115.52 -57.90 89.17
C PRO J 711 -115.82 -59.38 89.24
N GLU J 712 -116.59 -59.77 90.25
CA GLU J 712 -116.92 -61.18 90.50
C GLU J 712 -118.43 -61.32 90.54
N PRO J 713 -119.07 -61.35 89.38
CA PRO J 713 -120.53 -61.55 89.36
C PRO J 713 -120.89 -62.94 89.83
N ARG J 714 -122.02 -63.03 90.52
CA ARG J 714 -122.52 -64.33 90.95
C ARG J 714 -123.34 -64.97 89.84
N LEU J 715 -122.94 -66.18 89.44
CA LEU J 715 -123.54 -66.87 88.31
C LEU J 715 -124.91 -67.40 88.74
N ASP J 716 -125.94 -66.58 88.49
CA ASP J 716 -127.30 -66.99 88.83
C ASP J 716 -127.90 -67.87 87.74
N ASP J 717 -128.06 -67.33 86.54
CA ASP J 717 -128.58 -68.08 85.40
C ASP J 717 -127.62 -67.92 84.23
N ILE J 718 -127.35 -69.04 83.55
CA ILE J 718 -126.48 -69.00 82.38
C ILE J 718 -127.13 -68.20 81.25
N GLU J 719 -128.42 -68.45 81.01
CA GLU J 719 -129.12 -67.78 79.92
C GLU J 719 -129.21 -66.28 80.16
N ARG J 720 -129.53 -65.87 81.39
CA ARG J 720 -129.59 -64.45 81.70
C ARG J 720 -128.23 -63.79 81.55
N PHE J 721 -127.17 -64.47 81.99
CA PHE J 721 -125.82 -63.92 81.87
C PHE J 721 -125.41 -63.79 80.42
N ARG J 722 -125.78 -64.77 79.58
CA ARG J 722 -125.50 -64.65 78.15
C ARG J 722 -126.29 -63.51 77.52
N GLN J 723 -127.57 -63.37 77.90
CA GLN J 723 -128.39 -62.30 77.34
C GLN J 723 -127.89 -60.92 77.76
N GLU J 724 -127.26 -60.82 78.94
CA GLU J 724 -126.72 -59.54 79.36
C GLU J 724 -125.35 -59.27 78.73
N GLY J 725 -124.40 -60.18 78.94
CA GLY J 725 -123.07 -60.00 78.40
C GLY J 725 -122.22 -59.00 79.16
N PHE J 726 -121.87 -59.34 80.39
CA PHE J 726 -121.02 -58.47 81.20
C PHE J 726 -119.62 -58.37 80.58
N TYR J 727 -119.03 -57.18 80.67
CA TYR J 727 -117.77 -56.87 80.05
C TYR J 727 -116.93 -56.08 81.04
N TYR J 728 -115.60 -56.09 80.85
CA TYR J 728 -114.74 -55.32 81.72
C TYR J 728 -113.71 -54.56 80.90
N THR J 729 -113.31 -53.40 81.42
CA THR J 729 -112.24 -52.60 80.85
C THR J 729 -111.32 -52.13 81.97
N ASN J 730 -110.01 -52.17 81.70
CA ASN J 730 -109.05 -51.59 82.64
C ASN J 730 -108.95 -50.08 82.52
N MET J 731 -109.50 -49.52 81.44
CA MET J 731 -109.47 -48.08 81.22
C MET J 731 -110.37 -47.34 82.21
N LEU J 732 -110.06 -46.07 82.42
CA LEU J 732 -111.04 -45.15 83.01
C LEU J 732 -112.00 -44.66 81.94
N GLU J 733 -113.30 -44.83 82.19
CA GLU J 733 -114.31 -44.21 81.34
C GLU J 733 -114.28 -42.70 81.48
N ALA J 734 -114.14 -42.20 82.70
CA ALA J 734 -113.95 -40.79 82.99
C ALA J 734 -113.02 -40.64 84.19
N PRO J 735 -112.17 -39.61 84.21
CA PRO J 735 -111.33 -39.38 85.37
C PRO J 735 -112.17 -38.95 86.56
N PRO J 736 -111.94 -39.51 87.74
CA PRO J 736 -112.66 -39.10 88.94
C PRO J 736 -111.99 -37.89 89.60
N GLU J 737 -112.46 -37.60 90.81
CA GLU J 737 -111.98 -36.48 91.60
C GLU J 737 -110.50 -36.62 91.93
N ILE J 738 -109.86 -35.47 92.20
CA ILE J 738 -108.40 -35.38 92.22
C ILE J 738 -107.76 -35.52 93.60
N ASP J 739 -108.55 -35.58 94.68
CA ASP J 739 -107.96 -35.70 96.01
C ASP J 739 -107.17 -37.00 96.14
N ARG J 740 -107.71 -38.09 95.60
CA ARG J 740 -107.01 -39.37 95.67
C ARG J 740 -105.79 -39.40 94.75
N VAL J 741 -105.89 -38.72 93.60
CA VAL J 741 -104.80 -38.75 92.61
C VAL J 741 -103.63 -37.93 93.11
N VAL J 742 -102.43 -38.48 93.00
CA VAL J 742 -101.19 -37.81 93.40
C VAL J 742 -100.33 -37.60 92.16
N GLN J 743 -99.79 -36.40 92.02
CA GLN J 743 -98.93 -36.08 90.90
C GLN J 743 -97.55 -36.69 91.11
N TYR J 744 -96.93 -37.14 90.02
CA TYR J 744 -95.66 -37.82 90.08
C TYR J 744 -94.89 -37.52 88.80
N THR J 745 -93.59 -37.24 88.94
CA THR J 745 -92.81 -36.69 87.84
C THR J 745 -91.60 -37.57 87.54
N TYR J 746 -90.91 -37.20 86.46
CA TYR J 746 -89.75 -37.95 85.99
C TYR J 746 -88.57 -37.82 86.96
N GLU J 747 -88.25 -36.59 87.35
CA GLU J 747 -87.05 -36.34 88.15
C GLU J 747 -87.20 -36.91 89.56
N ILE J 748 -88.39 -36.74 90.15
CA ILE J 748 -88.64 -37.34 91.47
C ILE J 748 -88.60 -38.86 91.38
N ALA J 749 -89.07 -39.41 90.26
CA ALA J 749 -88.98 -40.85 90.05
C ALA J 749 -87.53 -41.32 90.03
N ARG J 750 -86.67 -40.59 89.30
CA ARG J 750 -85.26 -40.94 89.26
C ARG J 750 -84.62 -40.82 90.64
N LEU J 751 -84.98 -39.77 91.38
CA LEU J 751 -84.42 -39.58 92.72
C LEU J 751 -84.82 -40.72 93.65
N GLN J 752 -86.11 -41.07 93.67
CA GLN J 752 -86.57 -42.17 94.52
C GLN J 752 -86.00 -43.50 94.07
N ALA J 753 -85.74 -43.65 92.76
CA ALA J 753 -85.05 -44.84 92.27
C ALA J 753 -83.65 -44.93 92.84
N ASN J 754 -82.94 -43.80 92.90
CA ASN J 754 -81.61 -43.80 93.48
C ASN J 754 -81.65 -44.08 94.98
N MET J 755 -82.61 -43.49 95.69
CA MET J 755 -82.75 -43.81 97.11
C MET J 755 -83.31 -45.22 97.31
N GLY J 756 -84.09 -45.72 96.35
CA GLY J 756 -84.61 -47.06 96.44
C GLY J 756 -85.88 -47.22 97.24
N GLN J 757 -86.40 -46.14 97.82
CA GLN J 757 -87.64 -46.17 98.58
C GLN J 757 -88.86 -46.00 97.68
N PHE J 758 -88.65 -45.99 96.36
CA PHE J 758 -89.76 -45.78 95.42
C PHE J 758 -90.81 -46.88 95.55
N ARG J 759 -90.37 -48.14 95.63
CA ARG J 759 -91.34 -49.22 95.79
C ARG J 759 -91.99 -49.17 97.16
N ALA J 760 -91.28 -48.64 98.16
CA ALA J 760 -91.89 -48.46 99.47
C ALA J 760 -93.02 -47.43 99.43
N ALA J 761 -92.80 -46.32 98.74
CA ALA J 761 -93.85 -45.34 98.56
C ALA J 761 -95.01 -45.92 97.76
N LEU J 762 -94.69 -46.70 96.73
CA LEU J 762 -95.72 -47.39 95.96
C LEU J 762 -96.56 -48.28 96.85
N ARG J 763 -95.92 -49.06 97.72
CA ARG J 763 -96.66 -49.98 98.58
C ARG J 763 -97.49 -49.22 99.61
N ARG J 764 -96.94 -48.13 100.16
CA ARG J 764 -97.68 -47.34 101.16
C ARG J 764 -98.95 -46.75 100.55
N ILE J 765 -98.81 -46.05 99.41
CA ILE J 765 -99.98 -45.44 98.79
C ILE J 765 -100.90 -46.53 98.26
N MET J 766 -100.33 -47.65 97.83
CA MET J 766 -101.09 -48.76 97.26
C MET J 766 -102.00 -49.36 98.32
N ASP J 767 -101.48 -49.50 99.55
CA ASP J 767 -102.30 -49.91 100.68
C ASP J 767 -103.33 -48.85 101.05
N ASP J 768 -102.95 -47.57 100.96
CA ASP J 768 -103.89 -46.51 101.32
C ASP J 768 -105.03 -46.35 100.33
N ASP J 769 -104.96 -47.03 99.17
CA ASP J 769 -106.06 -47.18 98.23
C ASP J 769 -106.44 -45.88 97.53
N ASP J 770 -105.69 -44.82 97.78
CA ASP J 770 -105.89 -43.58 97.03
C ASP J 770 -105.03 -43.62 95.77
N TRP J 771 -105.49 -42.90 94.74
CA TRP J 771 -105.04 -43.25 93.40
C TRP J 771 -103.64 -42.69 93.14
N VAL J 772 -103.01 -43.18 92.08
CA VAL J 772 -101.65 -42.76 91.73
C VAL J 772 -101.61 -42.39 90.26
N ARG J 773 -101.00 -41.24 89.95
CA ARG J 773 -100.81 -40.80 88.57
C ARG J 773 -99.37 -41.06 88.13
N PHE J 774 -99.21 -41.59 86.92
CA PHE J 774 -97.90 -41.74 86.27
C PHE J 774 -98.01 -41.17 84.86
N GLY J 775 -97.78 -39.87 84.73
CA GLY J 775 -97.91 -39.22 83.43
C GLY J 775 -96.84 -38.19 83.13
N GLY J 776 -97.15 -37.27 82.22
CA GLY J 776 -96.20 -36.27 81.78
C GLY J 776 -95.36 -36.70 80.60
N VAL J 777 -95.37 -37.98 80.25
CA VAL J 777 -94.63 -38.50 79.10
C VAL J 777 -95.61 -39.21 78.19
N LEU J 778 -95.57 -38.86 76.90
CA LEU J 778 -96.53 -39.39 75.94
C LEU J 778 -96.23 -40.87 75.66
N ARG J 779 -97.28 -41.67 75.60
CA ARG J 779 -97.14 -43.12 75.50
C ARG J 779 -98.01 -43.67 74.38
N THR J 780 -97.49 -44.69 73.69
CA THR J 780 -98.28 -45.39 72.69
C THR J 780 -99.33 -46.27 73.36
N VAL J 781 -100.48 -46.43 72.69
CA VAL J 781 -101.62 -47.15 73.24
C VAL J 781 -101.99 -48.27 72.29
N ARG J 782 -102.10 -49.49 72.83
CA ARG J 782 -102.46 -50.67 72.05
C ARG J 782 -103.71 -51.31 72.64
N VAL J 783 -104.68 -51.60 71.77
CA VAL J 783 -105.94 -52.20 72.18
C VAL J 783 -106.07 -53.54 71.49
N LYS J 784 -106.12 -54.63 72.26
CA LYS J 784 -106.37 -55.94 71.70
C LYS J 784 -107.18 -56.74 72.71
N PHE J 785 -108.13 -57.51 72.22
CA PHE J 785 -109.16 -58.11 73.07
C PHE J 785 -108.74 -59.48 73.58
N TYR J 786 -109.21 -59.80 74.79
CA TYR J 786 -108.91 -61.05 75.46
C TYR J 786 -110.21 -61.75 75.84
N ASP J 787 -110.22 -63.08 75.71
CA ASP J 787 -111.33 -63.90 76.18
C ASP J 787 -110.88 -64.96 77.19
N ALA J 788 -109.70 -65.54 77.02
CA ALA J 788 -109.13 -66.47 77.97
C ALA J 788 -108.34 -65.70 79.01
N ARG J 789 -107.57 -66.43 79.83
CA ARG J 789 -106.79 -65.76 80.86
C ARG J 789 -105.62 -65.00 80.21
N PRO J 790 -105.42 -63.73 80.57
CA PRO J 790 -104.36 -62.93 79.95
C PRO J 790 -103.01 -63.21 80.59
N PRO J 791 -101.92 -62.83 79.94
CA PRO J 791 -100.61 -62.85 80.60
C PRO J 791 -100.50 -61.71 81.61
N ASP J 792 -99.46 -61.81 82.45
CA ASP J 792 -99.27 -60.86 83.53
C ASP J 792 -98.85 -59.48 83.00
N ASP J 793 -98.06 -59.45 81.92
CA ASP J 793 -97.42 -58.21 81.50
C ASP J 793 -98.44 -57.16 81.05
N VAL J 794 -99.46 -57.58 80.29
CA VAL J 794 -100.47 -56.64 79.84
C VAL J 794 -101.33 -56.18 81.00
N LEU J 795 -101.76 -57.12 81.85
CA LEU J 795 -102.62 -56.77 82.98
C LEU J 795 -101.86 -55.95 84.01
N GLN J 796 -100.58 -56.24 84.21
CA GLN J 796 -99.74 -55.52 85.16
C GLN J 796 -98.72 -54.71 84.35
N GLY J 797 -99.13 -53.52 83.92
CA GLY J 797 -98.25 -52.68 83.14
C GLY J 797 -97.44 -51.72 83.98
N LEU J 798 -96.16 -52.03 84.17
CA LEU J 798 -95.30 -51.19 85.00
C LEU J 798 -94.62 -50.13 84.12
N PRO J 799 -94.92 -48.84 84.33
CA PRO J 799 -94.25 -47.80 83.55
C PRO J 799 -92.75 -47.75 83.80
N PHE J 800 -92.33 -48.03 85.02
CA PHE J 800 -90.90 -48.12 85.29
C PHE J 800 -90.39 -49.45 84.76
N SER J 801 -89.40 -49.37 83.86
CA SER J 801 -88.90 -50.55 83.16
C SER J 801 -87.41 -50.69 83.44
N TYR J 802 -87.04 -51.79 84.06
CA TYR J 802 -85.66 -52.02 84.42
C TYR J 802 -84.85 -52.38 83.18
N ASP J 803 -83.64 -51.84 83.09
CA ASP J 803 -82.79 -52.02 81.93
C ASP J 803 -81.86 -53.22 82.10
N THR J 814 -81.41 -49.20 87.51
CA THR J 814 -82.17 -48.02 87.20
C THR J 814 -83.51 -48.38 86.57
N ILE J 815 -84.40 -47.39 86.47
CA ILE J 815 -85.69 -47.55 85.82
C ILE J 815 -85.91 -46.42 84.83
N LYS J 816 -86.73 -46.70 83.82
CA LYS J 816 -87.16 -45.70 82.86
C LYS J 816 -88.64 -45.40 83.15
N TYR J 817 -88.96 -44.12 83.32
CA TYR J 817 -90.19 -43.74 83.98
C TYR J 817 -91.44 -44.13 83.20
N ALA J 818 -91.41 -44.03 81.88
CA ALA J 818 -92.60 -44.25 81.06
C ALA J 818 -92.43 -45.49 80.21
N THR J 819 -93.48 -46.31 80.16
CA THR J 819 -93.51 -47.50 79.32
C THR J 819 -94.93 -47.68 78.78
N GLU J 820 -95.02 -48.17 77.55
CA GLU J 820 -96.31 -48.43 76.94
C GLU J 820 -97.01 -49.62 77.60
N THR J 821 -98.34 -49.61 77.56
CA THR J 821 -99.13 -50.69 78.13
C THR J 821 -100.31 -50.97 77.21
N THR J 822 -100.49 -52.25 76.87
CA THR J 822 -101.57 -52.68 76.01
C THR J 822 -102.88 -52.67 76.79
N ILE J 823 -103.95 -52.17 76.16
CA ILE J 823 -105.22 -52.00 76.84
C ILE J 823 -105.95 -53.32 76.99
N PHE J 824 -106.50 -53.56 78.19
CA PHE J 824 -107.29 -54.74 78.48
C PHE J 824 -108.77 -54.48 78.21
N TYR J 825 -109.37 -55.32 77.39
CA TYR J 825 -110.82 -55.46 77.31
C TYR J 825 -111.18 -56.92 77.48
N LEU J 826 -112.02 -57.22 78.46
CA LEU J 826 -112.38 -58.59 78.81
C LEU J 826 -113.84 -58.86 78.48
N ILE J 827 -114.07 -59.95 77.74
CA ILE J 827 -115.40 -60.42 77.38
C ILE J 827 -115.70 -61.67 78.19
N TYR J 828 -116.91 -61.76 78.73
CA TYR J 828 -117.31 -62.85 79.60
C TYR J 828 -118.13 -63.87 78.81
N ASN J 829 -117.70 -65.14 78.86
CA ASN J 829 -118.39 -66.23 78.18
C ASN J 829 -118.60 -67.36 79.18
N VAL J 830 -119.77 -67.99 79.13
CA VAL J 830 -120.16 -69.02 80.08
C VAL J 830 -120.99 -70.10 79.38
N GLU J 831 -121.01 -71.28 79.97
CA GLU J 831 -121.75 -72.43 79.46
C GLU J 831 -122.77 -72.90 80.48
N PHE J 832 -123.76 -73.67 80.02
CA PHE J 832 -124.81 -74.19 80.90
C PHE J 832 -124.25 -75.15 81.92
N SER J 833 -123.32 -76.03 81.52
CA SER J 833 -122.78 -77.03 82.43
C SER J 833 -121.85 -76.43 83.48
N ASN J 834 -121.57 -75.13 83.42
CA ASN J 834 -120.79 -74.47 84.45
C ASN J 834 -121.61 -74.32 85.73
N THR J 835 -120.97 -74.62 86.86
CA THR J 835 -121.63 -74.49 88.16
C THR J 835 -121.84 -73.02 88.50
N PRO J 836 -122.79 -72.71 89.39
CA PRO J 836 -122.95 -71.31 89.82
C PRO J 836 -121.73 -70.74 90.52
N ASP J 837 -120.85 -71.58 91.07
CA ASP J 837 -119.63 -71.13 91.71
C ASP J 837 -118.37 -71.57 90.95
N SER J 838 -118.51 -71.91 89.66
CA SER J 838 -117.34 -72.26 88.86
C SER J 838 -116.40 -71.07 88.70
N LEU J 839 -116.96 -69.86 88.56
CA LEU J 839 -116.15 -68.65 88.47
C LEU J 839 -115.57 -68.26 89.82
N VAL J 840 -116.12 -68.79 90.92
CA VAL J 840 -115.67 -68.42 92.25
C VAL J 840 -114.26 -68.96 92.48
N LEU J 841 -113.34 -68.07 92.85
CA LEU J 841 -111.96 -68.42 93.14
C LEU J 841 -111.59 -67.94 94.53
N ILE J 842 -110.77 -68.75 95.21
CA ILE J 842 -110.38 -68.41 96.58
C ILE J 842 -109.48 -67.17 96.61
N ASN J 843 -108.62 -67.00 95.62
CA ASN J 843 -107.79 -65.81 95.51
C ASN J 843 -108.29 -64.94 94.36
N PRO J 844 -108.72 -63.71 94.62
CA PRO J 844 -109.27 -62.88 93.54
C PRO J 844 -108.19 -62.35 92.61
N THR J 845 -108.50 -62.34 91.32
CA THR J 845 -107.58 -61.80 90.34
C THR J 845 -107.54 -60.28 90.44
N TYR J 846 -106.34 -59.71 90.36
CA TYR J 846 -106.11 -58.30 90.59
C TYR J 846 -105.66 -57.60 89.32
N THR J 847 -106.02 -56.31 89.21
CA THR J 847 -105.64 -55.48 88.09
C THR J 847 -105.08 -54.16 88.61
N MET J 848 -104.19 -53.56 87.82
CA MET J 848 -103.48 -52.39 88.33
C MET J 848 -103.37 -51.23 87.34
N THR J 849 -103.43 -51.46 86.03
CA THR J 849 -103.16 -50.41 85.05
C THR J 849 -104.48 -49.77 84.59
N LYS J 850 -104.51 -48.43 84.62
CA LYS J 850 -105.67 -47.68 84.15
C LYS J 850 -105.19 -46.51 83.31
N VAL J 851 -106.08 -46.05 82.43
CA VAL J 851 -105.72 -45.07 81.42
C VAL J 851 -107.00 -44.36 80.96
N PHE J 852 -106.84 -43.14 80.46
CA PHE J 852 -107.96 -42.34 79.98
C PHE J 852 -107.62 -41.79 78.60
N ILE J 853 -108.63 -41.70 77.73
CA ILE J 853 -108.42 -41.31 76.35
C ILE J 853 -109.30 -40.14 75.90
N ASN J 854 -110.37 -39.82 76.62
CA ASN J 854 -111.27 -38.69 76.33
C ASN J 854 -111.93 -38.82 74.96
N LYS J 855 -112.05 -40.05 74.46
CA LYS J 855 -112.70 -40.30 73.18
C LYS J 855 -113.45 -41.63 73.26
N ARG J 856 -114.43 -41.78 72.38
CA ARG J 856 -115.28 -42.98 72.38
C ARG J 856 -114.72 -44.00 71.40
N ILE J 857 -113.76 -44.79 71.89
CA ILE J 857 -113.18 -45.84 71.08
C ILE J 857 -114.06 -47.08 71.09
N VAL J 858 -114.54 -47.47 72.27
CA VAL J 858 -115.23 -48.74 72.48
C VAL J 858 -116.55 -48.46 73.18
N GLU J 859 -117.64 -49.02 72.66
CA GLU J 859 -118.96 -48.70 73.19
C GLU J 859 -119.96 -49.83 72.95
N ARG J 860 -120.84 -50.06 73.92
CA ARG J 860 -121.96 -50.97 73.75
C ARG J 860 -123.10 -50.26 73.04
N VAL J 861 -123.74 -50.96 72.10
CA VAL J 861 -124.97 -50.46 71.51
C VAL J 861 -126.01 -51.56 71.46
N ARG J 862 -127.25 -51.18 71.77
CA ARG J 862 -128.38 -52.06 71.52
C ARG J 862 -128.68 -52.10 70.03
N VAL J 863 -129.69 -52.90 69.68
CA VAL J 863 -130.08 -53.02 68.28
C VAL J 863 -130.63 -51.70 67.75
N GLY J 864 -131.46 -51.01 68.54
CA GLY J 864 -132.18 -49.85 68.07
C GLY J 864 -131.28 -48.68 67.69
N GLN J 865 -129.99 -48.75 68.02
CA GLN J 865 -129.06 -47.68 67.68
C GLN J 865 -127.87 -48.20 66.88
N ILE J 866 -128.02 -49.34 66.20
CA ILE J 866 -126.92 -49.89 65.38
C ILE J 866 -126.49 -48.89 64.32
N LEU J 867 -127.45 -48.26 63.65
CA LEU J 867 -127.15 -47.22 62.66
C LEU J 867 -127.22 -45.81 63.26
N ALA J 868 -126.88 -45.66 64.55
CA ALA J 868 -126.92 -44.36 65.20
C ALA J 868 -125.65 -43.55 64.97
N VAL J 869 -124.89 -43.82 63.91
CA VAL J 869 -123.61 -43.17 63.67
C VAL J 869 -123.59 -42.39 62.37
N LEU J 870 -124.70 -42.35 61.63
CA LEU J 870 -124.70 -41.76 60.29
C LEU J 870 -125.11 -40.30 60.39
N ASN J 871 -124.11 -39.42 60.53
CA ASN J 871 -124.37 -37.99 60.66
C ASN J 871 -123.35 -37.14 59.91
N ARG J 872 -122.81 -37.64 58.81
CA ARG J 872 -121.84 -36.92 57.99
C ARG J 872 -122.30 -36.91 56.54
N ARG J 873 -121.94 -35.86 55.81
CA ARG J 873 -122.40 -35.67 54.45
C ARG J 873 -121.29 -35.92 53.44
N PHE J 874 -121.55 -36.80 52.48
CA PHE J 874 -120.56 -37.20 51.49
C PHE J 874 -121.04 -36.80 50.10
N VAL J 875 -120.11 -36.35 49.26
CA VAL J 875 -120.39 -35.84 47.92
C VAL J 875 -119.68 -36.73 46.91
N ALA J 876 -120.41 -37.20 45.91
CA ALA J 876 -119.83 -38.01 44.85
C ALA J 876 -120.37 -37.57 43.49
N TYR J 877 -119.52 -37.70 42.49
CA TYR J 877 -119.92 -37.44 41.12
C TYR J 877 -120.39 -38.72 40.43
N LYS J 878 -121.07 -38.55 39.32
CA LYS J 878 -121.49 -39.68 38.50
C LYS J 878 -120.30 -40.21 37.72
N GLY J 879 -120.36 -41.49 37.39
CA GLY J 879 -119.30 -42.11 36.60
C GLY J 879 -119.16 -41.55 35.20
N LYS J 880 -120.16 -40.80 34.70
CA LYS J 880 -120.02 -40.12 33.43
C LYS J 880 -118.99 -39.00 33.48
N MET J 881 -118.71 -38.48 34.67
CA MET J 881 -117.94 -37.26 34.85
C MET J 881 -116.45 -37.60 34.78
N ARG J 882 -115.64 -36.70 34.23
CA ARG J 882 -114.21 -37.00 34.05
C ARG J 882 -113.33 -36.12 34.92
N ILE J 883 -112.24 -36.72 35.41
CA ILE J 883 -111.29 -36.07 36.31
C ILE J 883 -109.99 -35.85 35.53
N MET J 884 -109.63 -34.58 35.31
CA MET J 884 -108.45 -34.22 34.55
C MET J 884 -107.73 -33.10 35.28
N ASP J 885 -106.44 -33.28 35.54
CA ASP J 885 -105.62 -32.22 36.14
C ASP J 885 -104.89 -31.50 35.01
N ILE J 886 -104.98 -30.17 35.01
CA ILE J 886 -104.48 -29.40 33.88
C ILE J 886 -103.31 -28.57 34.40
N THR J 887 -102.59 -29.14 35.37
CA THR J 887 -101.43 -28.46 35.92
C THR J 887 -100.27 -28.44 34.93
N GLN J 888 -100.17 -29.46 34.07
CA GLN J 888 -99.02 -29.62 33.19
C GLN J 888 -99.00 -28.60 32.05
N SER J 889 -100.12 -27.94 31.76
CA SER J 889 -100.24 -27.11 30.58
C SER J 889 -100.14 -25.62 30.87
N LEU J 890 -99.30 -25.22 31.84
CA LEU J 890 -99.14 -23.81 32.17
C LEU J 890 -97.90 -23.29 31.44
N LYS J 891 -98.01 -23.24 30.11
CA LYS J 891 -96.89 -22.91 29.24
C LYS J 891 -97.17 -21.59 28.54
N MET J 892 -96.10 -20.83 28.29
CA MET J 892 -96.25 -19.47 27.77
C MET J 892 -96.78 -19.42 26.34
N GLY J 893 -96.81 -20.55 25.64
CA GLY J 893 -97.42 -20.60 24.32
C GLY J 893 -98.93 -20.52 24.33
N THR J 894 -99.55 -20.61 25.51
CA THR J 894 -100.98 -20.40 25.66
C THR J 894 -101.23 -18.92 25.87
N LYS J 895 -101.96 -18.29 24.95
CA LYS J 895 -102.28 -16.88 25.05
C LYS J 895 -103.77 -16.67 24.86
N LEU J 896 -104.33 -15.77 25.65
CA LEU J 896 -105.78 -15.65 25.78
C LEU J 896 -106.43 -15.04 24.54
N ALA J 897 -107.55 -15.62 24.12
CA ALA J 897 -108.41 -14.96 23.15
C ALA J 897 -109.00 -13.69 23.73
N ALA J 898 -109.45 -13.75 24.97
CA ALA J 898 -109.86 -12.56 25.71
C ALA J 898 -108.78 -12.23 26.73
N PRO J 899 -107.98 -11.19 26.49
CA PRO J 899 -106.86 -10.90 27.39
C PRO J 899 -107.33 -10.45 28.77
N THR J 900 -106.44 -10.64 29.75
CA THR J 900 -106.73 -10.22 31.11
C THR J 900 -106.91 -8.71 31.18
N VAL J 901 -107.82 -8.28 32.06
CA VAL J 901 -108.14 -6.87 32.20
C VAL J 901 -106.96 -6.08 32.75
#